data_7TEN
#
_entry.id   7TEN
#
_cell.length_a   112.608
_cell.length_b   137.613
_cell.length_c   138.023
_cell.angle_alpha   60.750
_cell.angle_beta   87.160
_cell.angle_gamma   68.400
#
_symmetry.space_group_name_H-M   'P 1'
#
loop_
_entity.id
_entity.type
_entity.pdbx_description
1 polymer 'Glutamine synthetase'
2 non-polymer "ADENOSINE-5'-DIPHOSPHATE"
3 non-polymer 'L-METHIONINE-S-SULFOXIMINE PHOSPHATE'
#
_entity_poly.entity_id   1
_entity_poly.type   'polypeptide(L)'
_entity_poly.pdbx_seq_one_letter_code
;GSHMAKYTKEDIFRFADEQNVKFIRLQFTDILGIIKNVEIPVSQLKKALDNKIMFDGSSIEGFVRIEESDMYLFPDLDTW
VVFPWTAEKGKVARMICDIYNPDMTPFAGDPRANLKRVLKEMEELGFTEFNLGPEPEFFLFKLDENRRPTLELNDSGGYF
DLAPTDLGENCRRDIVLELEEMGFEIEASHHEVAPGQHEIDFKYEDAITACDSIQTFKLVVKTIARKHGLHATFMPKPLF
GVNGSGMHFNMSLFNEKGNAFFDESGELELSQTAYHFLAGMLKHARGYTAVTNPTINSFKRLVPGYEAPCYIAWSGKNRS
PLVRVPSSRGLSTRLELRSVDPSANPYLAMAVLLKAGLSGIKDELTPPAPVDRNIYGMNEEEREATGIYDLPESLGHALI
ELEKNEIIKDGLGEHIFEHFIEAKTIECDMFRTAVHPWEREQYLEIY
;
_entity_poly.pdbx_strand_id   A,E,B,D,H,J,M,O,Q,S,U,W
#
loop_
_chem_comp.id
_chem_comp.type
_chem_comp.name
_chem_comp.formula
ADP non-polymer ADENOSINE-5'-DIPHOSPHATE 'C10 H15 N5 O10 P2'
P3S non-polymer 'L-METHIONINE-S-SULFOXIMINE PHOSPHATE' 'C5 H13 N2 O6 P S'
#
# COMPACT_ATOMS: atom_id res chain seq x y z
N LYS A 6 -34.86 53.99 -23.25
CA LYS A 6 -35.50 52.69 -23.17
C LYS A 6 -35.29 51.88 -24.45
N TYR A 7 -35.21 50.56 -24.30
CA TYR A 7 -34.94 49.65 -25.40
C TYR A 7 -36.24 49.07 -25.95
N THR A 8 -36.27 48.87 -27.26
CA THR A 8 -37.46 48.40 -27.96
C THR A 8 -37.23 47.00 -28.52
N LYS A 9 -38.33 46.30 -28.76
CA LYS A 9 -38.26 44.99 -29.43
C LYS A 9 -37.69 45.11 -30.83
N GLU A 10 -37.67 46.32 -31.40
CA GLU A 10 -36.96 46.53 -32.66
C GLU A 10 -35.44 46.53 -32.45
N ASP A 11 -34.98 46.90 -31.25
CA ASP A 11 -33.55 46.93 -30.97
C ASP A 11 -32.98 45.54 -30.80
N ILE A 12 -33.78 44.59 -30.32
CA ILE A 12 -33.26 43.27 -30.01
C ILE A 12 -33.24 42.35 -31.24
N PHE A 13 -34.14 42.56 -32.20
CA PHE A 13 -33.99 41.94 -33.50
C PHE A 13 -32.72 42.40 -34.22
N ARG A 14 -32.22 43.58 -33.87
CA ARG A 14 -31.00 44.11 -34.45
C ARG A 14 -29.75 43.45 -33.86
N PHE A 15 -29.66 43.42 -32.54
CA PHE A 15 -28.42 43.02 -31.87
C PHE A 15 -28.11 41.55 -32.09
N ALA A 16 -29.14 40.69 -32.14
CA ALA A 16 -28.92 39.26 -32.31
C ALA A 16 -28.22 38.98 -33.64
N ASP A 17 -28.55 39.73 -34.69
CA ASP A 17 -27.87 39.61 -35.96
C ASP A 17 -26.64 40.50 -36.04
N GLU A 18 -26.46 41.43 -35.11
CA GLU A 18 -25.24 42.23 -35.01
C GLU A 18 -24.17 41.53 -34.18
N GLN A 19 -24.50 41.21 -32.93
CA GLN A 19 -23.61 40.41 -32.10
C GLN A 19 -23.41 39.01 -32.65
N ASN A 20 -24.38 38.52 -33.43
CA ASN A 20 -24.40 37.14 -33.91
C ASN A 20 -24.50 36.16 -32.74
N VAL A 21 -25.35 36.50 -31.77
CA VAL A 21 -25.61 35.57 -30.67
C VAL A 21 -26.42 34.38 -31.17
N LYS A 22 -26.30 33.26 -30.45
CA LYS A 22 -26.87 32.00 -30.87
C LYS A 22 -27.96 31.47 -29.96
N PHE A 23 -27.96 31.83 -28.68
CA PHE A 23 -29.01 31.46 -27.74
C PHE A 23 -29.42 32.68 -26.93
N ILE A 24 -30.67 32.68 -26.50
CA ILE A 24 -31.16 33.65 -25.52
C ILE A 24 -31.55 32.89 -24.25
N ARG A 25 -31.09 33.39 -23.11
CA ARG A 25 -31.40 32.80 -21.82
C ARG A 25 -32.41 33.68 -21.09
N LEU A 26 -33.57 33.12 -20.78
CA LEU A 26 -34.63 33.82 -20.07
C LEU A 26 -34.52 33.51 -18.59
N GLN A 27 -34.31 34.53 -17.76
CA GLN A 27 -33.92 34.34 -16.38
C GLN A 27 -34.93 34.98 -15.44
N PHE A 28 -35.03 34.43 -14.24
CA PHE A 28 -35.82 35.02 -13.16
C PHE A 28 -35.27 34.53 -11.83
N THR A 29 -35.94 34.92 -10.75
CA THR A 29 -35.56 34.53 -9.40
C THR A 29 -36.75 33.87 -8.72
N ASP A 30 -36.50 32.76 -8.04
CA ASP A 30 -37.53 32.17 -7.19
C ASP A 30 -37.60 32.97 -5.89
N ILE A 31 -38.30 32.43 -4.89
CA ILE A 31 -38.55 33.21 -3.69
C ILE A 31 -37.28 33.42 -2.88
N LEU A 32 -36.35 32.48 -2.92
CA LEU A 32 -35.21 32.46 -2.01
C LEU A 32 -33.98 33.19 -2.55
N GLY A 33 -34.10 33.89 -3.66
CA GLY A 33 -32.94 34.48 -4.30
C GLY A 33 -32.19 33.52 -5.19
N ILE A 34 -32.81 32.41 -5.58
CA ILE A 34 -32.17 31.40 -6.40
C ILE A 34 -32.50 31.68 -7.85
N ILE A 35 -31.48 31.99 -8.65
CA ILE A 35 -31.72 32.26 -10.06
C ILE A 35 -32.05 30.97 -10.79
N LYS A 36 -33.06 31.03 -11.66
CA LYS A 36 -33.49 29.90 -12.46
C LYS A 36 -33.78 30.41 -13.87
N ASN A 37 -33.07 29.89 -14.87
CA ASN A 37 -33.26 30.36 -16.24
C ASN A 37 -33.25 29.18 -17.22
N VAL A 38 -33.69 29.47 -18.44
CA VAL A 38 -33.97 28.48 -19.45
C VAL A 38 -33.42 28.96 -20.79
N GLU A 39 -32.67 28.08 -21.47
CA GLU A 39 -31.93 28.45 -22.68
C GLU A 39 -32.73 28.11 -23.93
N ILE A 40 -32.74 29.03 -24.89
CA ILE A 40 -33.47 28.85 -26.16
C ILE A 40 -32.66 29.47 -27.30
N PRO A 41 -32.78 28.97 -28.52
CA PRO A 41 -32.03 29.56 -29.65
C PRO A 41 -32.49 30.98 -29.95
N VAL A 42 -31.75 31.63 -30.86
CA VAL A 42 -32.26 32.84 -31.49
C VAL A 42 -33.38 32.52 -32.47
N SER A 43 -33.53 31.24 -32.82
CA SER A 43 -34.63 30.80 -33.67
C SER A 43 -35.99 31.01 -33.02
N GLN A 44 -36.01 31.19 -31.69
CA GLN A 44 -37.25 31.47 -30.96
C GLN A 44 -37.20 32.84 -30.27
N LEU A 45 -36.35 33.75 -30.75
CA LEU A 45 -36.33 35.10 -30.20
C LEU A 45 -37.69 35.77 -30.31
N LYS A 46 -38.46 35.43 -31.34
CA LYS A 46 -39.76 36.05 -31.54
C LYS A 46 -40.80 35.53 -30.55
N LYS A 47 -40.74 34.25 -30.18
CA LYS A 47 -41.78 33.70 -29.31
C LYS A 47 -41.73 34.29 -27.91
N ALA A 48 -40.53 34.61 -27.42
CA ALA A 48 -40.43 35.26 -26.11
C ALA A 48 -40.77 36.74 -26.19
N LEU A 49 -40.34 37.42 -27.25
CA LEU A 49 -40.75 38.81 -27.43
C LEU A 49 -42.25 38.93 -27.71
N ASP A 50 -42.88 37.88 -28.23
CA ASP A 50 -44.32 37.78 -28.23
C ASP A 50 -44.88 37.31 -26.90
N ASN A 51 -44.02 37.04 -25.92
CA ASN A 51 -44.40 36.56 -24.59
C ASN A 51 -45.05 35.18 -24.64
N LYS A 52 -44.87 34.44 -25.73
CA LYS A 52 -45.54 33.15 -25.93
C LYS A 52 -44.70 31.97 -25.45
N ILE A 53 -43.85 32.16 -24.44
CA ILE A 53 -43.08 31.07 -23.84
C ILE A 53 -43.48 30.98 -22.37
N MET A 54 -43.82 29.77 -21.92
CA MET A 54 -44.24 29.50 -20.55
C MET A 54 -43.31 28.46 -19.91
N PHE A 55 -43.65 28.06 -18.69
CA PHE A 55 -42.84 27.12 -17.92
C PHE A 55 -43.74 26.36 -16.95
N ASP A 56 -43.11 25.63 -16.04
CA ASP A 56 -43.81 24.89 -14.98
C ASP A 56 -43.63 25.66 -13.67
N GLY A 57 -44.72 26.24 -13.16
CA GLY A 57 -44.62 27.03 -11.95
C GLY A 57 -44.50 26.19 -10.68
N SER A 58 -45.05 24.98 -10.70
CA SER A 58 -45.01 24.14 -9.51
C SER A 58 -43.59 23.81 -9.07
N SER A 59 -42.62 23.90 -9.98
CA SER A 59 -41.27 23.48 -9.68
C SER A 59 -40.38 24.63 -9.23
N ILE A 60 -40.75 25.87 -9.52
CA ILE A 60 -40.00 26.98 -8.97
C ILE A 60 -40.32 27.07 -7.48
N GLU A 61 -39.30 26.90 -6.65
CA GLU A 61 -39.50 26.79 -5.21
C GLU A 61 -40.23 28.01 -4.68
N GLY A 62 -41.48 27.81 -4.26
CA GLY A 62 -42.28 28.86 -3.70
C GLY A 62 -43.14 29.65 -4.69
N PHE A 63 -43.09 29.31 -5.98
CA PHE A 63 -43.94 30.01 -6.94
C PHE A 63 -45.41 29.63 -6.76
N VAL A 64 -45.77 28.38 -7.01
CA VAL A 64 -47.16 27.99 -6.91
C VAL A 64 -47.25 26.54 -6.43
N ARG A 65 -48.47 26.02 -6.30
CA ARG A 65 -48.69 24.61 -6.05
C ARG A 65 -49.30 23.95 -7.28
N ILE A 66 -49.09 22.63 -7.39
CA ILE A 66 -49.02 21.91 -8.65
C ILE A 66 -50.30 21.90 -9.49
N GLU A 67 -51.43 22.35 -8.95
CA GLU A 67 -52.66 22.21 -9.71
C GLU A 67 -52.83 23.27 -10.79
N GLU A 68 -52.29 24.47 -10.60
CA GLU A 68 -52.47 25.55 -11.57
C GLU A 68 -51.11 26.04 -12.09
N SER A 69 -50.28 25.09 -12.52
CA SER A 69 -48.86 25.33 -12.71
C SER A 69 -48.56 26.25 -13.89
N ASP A 70 -49.08 25.92 -15.08
CA ASP A 70 -48.67 26.58 -16.32
C ASP A 70 -48.74 28.09 -16.20
N MET A 71 -47.59 28.75 -16.36
CA MET A 71 -47.47 30.19 -16.16
C MET A 71 -46.48 30.76 -17.17
N TYR A 72 -46.68 32.02 -17.53
CA TYR A 72 -46.03 32.64 -18.68
C TYR A 72 -44.69 33.26 -18.32
N LEU A 73 -43.96 33.67 -19.36
CA LEU A 73 -42.68 34.35 -19.23
C LEU A 73 -42.68 35.58 -20.13
N PHE A 74 -42.86 36.77 -19.53
CA PHE A 74 -42.79 38.02 -20.25
C PHE A 74 -41.41 38.62 -20.05
N PRO A 75 -40.63 38.85 -21.11
CA PRO A 75 -39.24 39.30 -20.94
C PRO A 75 -39.07 40.81 -20.95
N ASP A 76 -38.05 41.24 -20.19
CA ASP A 76 -37.65 42.64 -20.09
C ASP A 76 -36.47 42.90 -21.02
N LEU A 77 -36.58 43.98 -21.81
CA LEU A 77 -35.58 44.32 -22.81
C LEU A 77 -34.47 45.20 -22.25
N ASP A 78 -34.80 46.11 -21.33
CA ASP A 78 -33.77 46.89 -20.67
C ASP A 78 -32.84 46.04 -19.82
N THR A 79 -33.01 44.71 -19.86
CA THR A 79 -32.16 43.75 -19.15
C THR A 79 -31.28 42.93 -20.08
N TRP A 80 -31.24 43.26 -21.37
CA TRP A 80 -30.48 42.46 -22.33
C TRP A 80 -28.98 42.66 -22.14
N VAL A 81 -28.26 41.56 -22.01
CA VAL A 81 -26.80 41.57 -22.14
C VAL A 81 -26.36 40.23 -22.70
N VAL A 82 -25.27 40.26 -23.41
CA VAL A 82 -24.62 39.08 -23.98
C VAL A 82 -23.71 38.49 -22.91
N PHE A 83 -23.55 37.18 -22.90
CA PHE A 83 -22.50 36.71 -22.02
C PHE A 83 -21.16 36.81 -22.75
N PRO A 84 -20.09 37.21 -22.07
CA PRO A 84 -18.79 37.31 -22.73
C PRO A 84 -17.94 36.03 -22.75
N TRP A 85 -18.31 35.01 -21.98
CA TRP A 85 -17.52 33.80 -21.87
C TRP A 85 -18.03 32.67 -22.78
N THR A 86 -18.78 33.02 -23.81
CA THR A 86 -19.52 32.06 -24.60
C THR A 86 -19.07 32.11 -26.06
N ALA A 87 -17.95 31.49 -26.40
CA ALA A 87 -17.02 31.92 -27.44
C ALA A 87 -17.69 32.30 -28.77
N GLU A 88 -17.00 32.32 -29.89
CA GLU A 88 -17.77 32.56 -31.10
C GLU A 88 -18.45 31.28 -31.62
N LYS A 89 -18.62 30.25 -30.76
CA LYS A 89 -19.25 29.00 -31.18
C LYS A 89 -20.68 28.84 -30.66
N GLY A 90 -20.99 29.37 -29.47
CA GLY A 90 -22.33 29.24 -28.91
C GLY A 90 -22.85 30.48 -28.21
N LYS A 91 -22.56 31.65 -28.77
CA LYS A 91 -22.73 32.91 -28.05
C LYS A 91 -24.14 33.08 -27.50
N VAL A 92 -24.23 33.77 -26.36
CA VAL A 92 -25.41 33.74 -25.50
C VAL A 92 -25.82 35.17 -25.17
N ALA A 93 -27.11 35.44 -25.29
CA ALA A 93 -27.70 36.71 -24.87
C ALA A 93 -28.72 36.44 -23.78
N ARG A 94 -28.72 37.25 -22.73
CA ARG A 94 -29.62 37.03 -21.61
C ARG A 94 -30.72 38.08 -21.59
N MET A 95 -31.82 37.74 -20.91
CA MET A 95 -32.93 38.66 -20.67
C MET A 95 -33.64 38.26 -19.39
N ILE A 96 -33.60 39.15 -18.39
CA ILE A 96 -34.40 38.94 -17.18
C ILE A 96 -35.87 39.14 -17.51
N CYS A 97 -36.73 38.29 -16.94
CA CYS A 97 -38.15 38.30 -17.25
C CYS A 97 -38.99 38.66 -16.03
N ASP A 98 -40.29 38.82 -16.28
CA ASP A 98 -41.32 38.94 -15.26
C ASP A 98 -42.34 37.81 -15.45
N ILE A 99 -42.99 37.43 -14.36
CA ILE A 99 -43.84 36.24 -14.34
C ILE A 99 -45.30 36.65 -14.42
N TYR A 100 -46.04 36.02 -15.33
CA TYR A 100 -47.45 36.33 -15.53
C TYR A 100 -48.27 35.05 -15.46
N ASN A 101 -49.30 35.07 -14.63
CA ASN A 101 -50.25 33.97 -14.59
C ASN A 101 -50.88 33.80 -15.98
N PRO A 102 -51.26 32.57 -16.35
CA PRO A 102 -51.70 32.33 -17.74
C PRO A 102 -52.78 33.26 -18.25
N ASP A 103 -53.61 33.82 -17.36
CA ASP A 103 -54.62 34.80 -17.77
C ASP A 103 -54.03 36.20 -17.99
N MET A 104 -52.71 36.29 -18.16
CA MET A 104 -51.97 37.53 -18.43
C MET A 104 -52.04 38.53 -17.27
N THR A 105 -52.66 38.14 -16.16
CA THR A 105 -52.44 38.92 -14.95
C THR A 105 -51.09 38.54 -14.33
N PRO A 106 -50.36 39.50 -13.78
CA PRO A 106 -49.05 39.17 -13.21
C PRO A 106 -49.19 38.32 -11.96
N PHE A 107 -48.07 37.86 -11.41
CA PHE A 107 -48.10 36.91 -10.31
C PHE A 107 -47.78 37.64 -9.01
N ALA A 108 -48.72 37.59 -8.06
CA ALA A 108 -48.54 38.27 -6.78
C ALA A 108 -47.37 37.71 -6.00
N GLY A 109 -46.98 36.46 -6.25
CA GLY A 109 -45.81 35.90 -5.60
C GLY A 109 -44.49 36.23 -6.25
N ASP A 110 -44.51 36.78 -7.46
CA ASP A 110 -43.26 37.15 -8.13
C ASP A 110 -42.60 38.30 -7.38
N PRO A 111 -41.33 38.16 -7.00
CA PRO A 111 -40.69 39.22 -6.20
C PRO A 111 -40.43 40.49 -6.97
N ARG A 112 -40.16 40.38 -8.27
CA ARG A 112 -39.77 41.56 -9.05
C ARG A 112 -40.90 42.58 -9.10
N ALA A 113 -42.14 42.12 -9.29
CA ALA A 113 -43.28 43.04 -9.34
C ALA A 113 -43.73 43.48 -7.95
N ASN A 114 -43.40 42.73 -6.90
CA ASN A 114 -43.63 43.21 -5.55
C ASN A 114 -42.85 44.49 -5.31
N LEU A 115 -41.63 44.56 -5.84
CA LEU A 115 -40.85 45.80 -5.80
C LEU A 115 -41.53 46.89 -6.62
N LYS A 116 -41.90 46.57 -7.86
CA LYS A 116 -42.54 47.53 -8.74
C LYS A 116 -43.74 48.19 -8.07
N ARG A 117 -44.50 47.41 -7.29
CA ARG A 117 -45.66 47.94 -6.61
C ARG A 117 -45.28 48.83 -5.43
N VAL A 118 -44.16 48.52 -4.75
CA VAL A 118 -43.70 49.36 -3.66
C VAL A 118 -42.89 50.55 -4.18
N LEU A 119 -42.25 50.42 -5.35
CA LEU A 119 -41.64 51.60 -5.96
C LEU A 119 -42.69 52.57 -6.48
N LYS A 120 -43.95 52.13 -6.61
CA LYS A 120 -45.03 53.06 -6.91
C LYS A 120 -45.53 53.77 -5.66
N GLU A 121 -45.34 53.16 -4.48
CA GLU A 121 -45.60 53.87 -3.23
C GLU A 121 -44.65 55.04 -3.00
N MET A 122 -43.58 55.14 -3.79
CA MET A 122 -42.69 56.29 -3.73
C MET A 122 -42.96 57.30 -4.83
N GLU A 123 -43.83 56.97 -5.80
CA GLU A 123 -44.33 57.98 -6.72
C GLU A 123 -45.46 58.80 -6.11
N GLU A 124 -46.14 58.26 -5.09
CA GLU A 124 -47.14 59.02 -4.36
C GLU A 124 -46.52 59.97 -3.35
N LEU A 125 -45.25 59.80 -3.02
CA LEU A 125 -44.50 60.71 -2.15
C LEU A 125 -43.47 61.53 -2.90
N GLY A 126 -43.40 61.41 -4.23
CA GLY A 126 -42.49 62.23 -5.01
C GLY A 126 -41.02 61.92 -4.83
N PHE A 127 -40.58 60.75 -5.31
CA PHE A 127 -39.17 60.38 -5.27
C PHE A 127 -38.83 59.63 -6.55
N THR A 128 -37.96 60.23 -7.37
CA THR A 128 -37.64 59.67 -8.67
C THR A 128 -36.97 58.30 -8.56
N GLU A 129 -36.12 58.11 -7.54
CA GLU A 129 -35.27 56.92 -7.47
C GLU A 129 -34.99 56.57 -6.02
N PHE A 130 -35.17 55.28 -5.68
CA PHE A 130 -34.74 54.73 -4.40
C PHE A 130 -33.45 53.95 -4.67
N ASN A 131 -32.38 54.71 -4.86
CA ASN A 131 -31.10 54.15 -5.29
C ASN A 131 -30.53 53.21 -4.24
N LEU A 132 -29.76 52.23 -4.72
CA LEU A 132 -29.14 51.23 -3.84
C LEU A 132 -27.77 50.85 -4.38
N GLY A 133 -26.78 50.80 -3.48
CA GLY A 133 -25.48 50.25 -3.79
C GLY A 133 -25.15 49.08 -2.88
N PRO A 134 -24.83 47.92 -3.47
CA PRO A 134 -24.56 46.73 -2.66
C PRO A 134 -23.09 46.51 -2.36
N GLU A 135 -22.84 45.67 -1.35
CA GLU A 135 -21.49 45.20 -1.02
C GLU A 135 -21.57 43.71 -0.73
N PRO A 136 -21.81 42.88 -1.74
CA PRO A 136 -21.80 41.43 -1.50
C PRO A 136 -20.38 40.95 -1.27
N GLU A 137 -20.17 40.32 -0.12
CA GLU A 137 -18.87 39.76 0.24
C GLU A 137 -19.00 38.24 0.21
N PHE A 138 -18.04 37.57 -0.45
CA PHE A 138 -18.07 36.13 -0.57
C PHE A 138 -16.80 35.52 -0.01
N PHE A 139 -16.80 34.18 0.08
CA PHE A 139 -15.62 33.40 0.38
C PHE A 139 -15.19 32.61 -0.84
N LEU A 140 -13.96 32.11 -0.81
CA LEU A 140 -13.44 31.23 -1.85
C LEU A 140 -12.94 29.95 -1.20
N PHE A 141 -13.43 28.82 -1.71
CA PHE A 141 -13.00 27.49 -1.28
C PHE A 141 -12.41 26.76 -2.47
N LYS A 142 -11.26 26.12 -2.27
CA LYS A 142 -10.62 25.40 -3.36
C LYS A 142 -11.54 24.30 -3.88
N LEU A 143 -11.09 23.64 -4.95
CA LEU A 143 -11.83 22.55 -5.55
C LEU A 143 -10.97 21.29 -5.52
N ASP A 144 -11.57 20.18 -5.14
CA ASP A 144 -10.86 18.91 -5.03
C ASP A 144 -10.64 18.31 -6.43
N GLU A 145 -10.16 17.07 -6.48
CA GLU A 145 -9.85 16.45 -7.76
C GLU A 145 -11.09 16.19 -8.61
N ASN A 146 -12.27 16.08 -7.99
CA ASN A 146 -13.50 15.77 -8.71
C ASN A 146 -14.46 16.96 -8.75
N ARG A 147 -13.92 18.18 -8.73
CA ARG A 147 -14.71 19.42 -8.79
C ARG A 147 -15.77 19.46 -7.68
N ARG A 148 -15.31 19.34 -6.44
CA ARG A 148 -16.19 19.35 -5.27
C ARG A 148 -15.65 20.35 -4.26
N PRO A 149 -16.44 21.31 -3.76
CA PRO A 149 -15.88 22.43 -2.99
C PRO A 149 -15.34 22.01 -1.64
N THR A 150 -14.02 22.02 -1.49
CA THR A 150 -13.41 21.50 -0.29
C THR A 150 -13.61 22.46 0.88
N LEU A 151 -13.08 22.06 2.03
CA LEU A 151 -13.06 22.86 3.24
C LEU A 151 -11.70 23.49 3.43
N GLU A 152 -11.12 23.96 2.33
CA GLU A 152 -9.91 24.78 2.37
C GLU A 152 -10.15 26.10 1.66
N LEU A 153 -9.73 27.18 2.32
CA LEU A 153 -9.79 28.52 1.76
C LEU A 153 -8.49 28.78 1.01
N ASN A 154 -8.61 29.12 -0.28
CA ASN A 154 -7.43 29.17 -1.15
C ASN A 154 -6.32 30.03 -0.59
N ASP A 155 -6.65 31.06 0.18
CA ASP A 155 -5.65 31.96 0.74
C ASP A 155 -5.97 32.21 2.22
N SER A 156 -4.92 32.53 2.98
CA SER A 156 -5.01 32.63 4.42
C SER A 156 -4.76 34.06 4.88
N GLY A 157 -5.40 35.03 4.23
CA GLY A 157 -5.01 36.41 4.33
C GLY A 157 -5.86 37.24 5.28
N GLY A 158 -5.61 38.54 5.26
CA GLY A 158 -6.35 39.52 6.02
C GLY A 158 -6.82 40.66 5.12
N TYR A 159 -7.11 41.83 5.70
CA TYR A 159 -7.68 42.91 4.93
C TYR A 159 -6.65 43.53 3.98
N PHE A 160 -7.12 43.93 2.80
CA PHE A 160 -6.38 44.75 1.86
C PHE A 160 -5.03 44.17 1.47
N ASP A 161 -4.83 42.88 1.66
CA ASP A 161 -3.51 42.31 1.41
C ASP A 161 -3.26 42.15 -0.08
N LEU A 162 -2.07 41.67 -0.41
CA LEU A 162 -1.52 41.71 -1.75
C LEU A 162 -1.00 40.33 -2.14
N ALA A 163 -0.64 40.19 -3.41
CA ALA A 163 0.17 39.04 -3.79
C ALA A 163 1.50 39.10 -3.06
N PRO A 164 2.01 37.97 -2.56
CA PRO A 164 1.48 36.62 -2.74
C PRO A 164 0.55 36.12 -1.63
N THR A 165 0.06 37.01 -0.77
CA THR A 165 -0.83 36.60 0.31
C THR A 165 -2.29 36.85 -0.04
N ASP A 166 -2.64 36.69 -1.32
CA ASP A 166 -4.02 36.57 -1.75
C ASP A 166 -4.00 35.81 -3.08
N LEU A 167 -4.34 34.53 -3.03
CA LEU A 167 -4.37 33.74 -4.26
C LEU A 167 -5.28 34.37 -5.30
N GLY A 168 -6.55 34.54 -4.98
CA GLY A 168 -7.50 35.07 -5.95
C GLY A 168 -7.27 36.54 -6.22
N GLU A 169 -6.06 36.88 -6.65
CA GLU A 169 -5.75 38.22 -7.13
C GLU A 169 -6.08 38.35 -8.62
N ASN A 170 -5.66 37.36 -9.41
CA ASN A 170 -6.03 37.31 -10.82
C ASN A 170 -7.45 36.81 -11.02
N CYS A 171 -8.05 36.19 -10.00
CA CYS A 171 -9.46 35.86 -10.01
C CYS A 171 -10.30 37.13 -10.03
N ARG A 172 -10.19 37.92 -8.96
CA ARG A 172 -10.89 39.20 -8.87
C ARG A 172 -10.53 40.12 -10.03
N ARG A 173 -9.50 39.76 -10.78
CA ARG A 173 -9.25 40.42 -12.06
C ARG A 173 -10.23 39.90 -13.11
N ASP A 174 -10.22 38.59 -13.34
CA ASP A 174 -10.99 38.02 -14.44
C ASP A 174 -12.49 38.08 -14.19
N ILE A 175 -12.94 38.27 -12.95
CA ILE A 175 -14.34 38.59 -12.74
C ILE A 175 -14.63 40.00 -13.21
N VAL A 176 -13.78 40.95 -12.82
CA VAL A 176 -14.07 42.36 -13.03
C VAL A 176 -14.19 42.65 -14.52
N LEU A 177 -13.16 42.29 -15.30
CA LEU A 177 -13.24 42.33 -16.75
C LEU A 177 -14.54 41.73 -17.25
N GLU A 178 -14.86 40.52 -16.78
CA GLU A 178 -16.08 39.85 -17.21
C GLU A 178 -17.32 40.63 -16.79
N LEU A 179 -17.29 41.21 -15.58
CA LEU A 179 -18.32 42.17 -15.22
C LEU A 179 -18.24 43.40 -16.11
N GLU A 180 -17.02 43.86 -16.42
CA GLU A 180 -16.85 45.09 -17.20
C GLU A 180 -17.31 44.92 -18.65
N GLU A 181 -17.24 43.70 -19.19
CA GLU A 181 -17.82 43.48 -20.52
C GLU A 181 -19.33 43.64 -20.50
N MET A 182 -19.96 43.30 -19.38
CA MET A 182 -21.41 43.27 -19.25
C MET A 182 -21.96 44.57 -18.68
N GLY A 183 -21.60 45.69 -19.28
CA GLY A 183 -22.17 46.98 -18.92
C GLY A 183 -22.07 47.39 -17.46
N PHE A 184 -21.20 46.76 -16.71
CA PHE A 184 -21.05 47.08 -15.29
C PHE A 184 -20.13 48.27 -15.08
N GLU A 185 -20.39 49.02 -14.03
CA GLU A 185 -19.44 49.98 -13.48
C GLU A 185 -19.04 49.49 -12.10
N ILE A 186 -17.74 49.27 -11.92
CA ILE A 186 -17.22 48.57 -10.76
C ILE A 186 -16.27 49.49 -10.00
N GLU A 187 -16.43 49.56 -8.68
CA GLU A 187 -15.60 50.47 -7.89
C GLU A 187 -14.25 49.88 -7.53
N ALA A 188 -14.24 48.86 -6.66
CA ALA A 188 -13.02 48.49 -5.96
C ALA A 188 -12.97 46.99 -5.70
N SER A 189 -11.80 46.41 -5.89
CA SER A 189 -11.59 44.97 -5.83
C SER A 189 -10.48 44.67 -4.82
N HIS A 190 -10.84 44.09 -3.68
CA HIS A 190 -9.89 43.95 -2.59
C HIS A 190 -10.21 42.72 -1.75
N HIS A 191 -9.23 42.35 -0.91
CA HIS A 191 -9.37 41.28 0.06
C HIS A 191 -10.05 41.82 1.31
N GLU A 192 -10.94 41.02 1.89
CA GLU A 192 -11.72 41.40 3.05
C GLU A 192 -11.04 40.95 4.35
N VAL A 193 -11.79 40.98 5.46
CA VAL A 193 -11.20 40.77 6.79
C VAL A 193 -10.79 39.31 6.97
N ALA A 194 -11.75 38.40 6.91
CA ALA A 194 -11.49 37.00 7.22
C ALA A 194 -10.64 36.33 6.13
N PRO A 195 -9.94 35.25 6.46
CA PRO A 195 -9.08 34.62 5.45
C PRO A 195 -9.89 33.99 4.33
N GLY A 196 -9.33 34.05 3.13
CA GLY A 196 -10.08 33.58 1.96
C GLY A 196 -11.39 34.29 1.78
N GLN A 197 -11.40 35.61 1.97
CA GLN A 197 -12.60 36.42 1.80
C GLN A 197 -12.29 37.53 0.79
N HIS A 198 -13.35 38.04 0.17
CA HIS A 198 -13.17 38.93 -0.97
C HIS A 198 -14.36 39.86 -1.09
N GLU A 199 -14.09 41.11 -1.44
CA GLU A 199 -15.12 42.09 -1.74
C GLU A 199 -14.90 42.66 -3.13
N ILE A 200 -16.00 42.95 -3.81
CA ILE A 200 -15.96 43.64 -5.09
C ILE A 200 -17.10 44.67 -5.11
N ASP A 201 -16.76 45.93 -4.91
CA ASP A 201 -17.76 46.98 -4.83
C ASP A 201 -18.12 47.49 -6.21
N PHE A 202 -19.41 47.62 -6.50
CA PHE A 202 -19.85 48.25 -7.74
C PHE A 202 -20.79 49.41 -7.44
N LYS A 203 -20.66 50.46 -8.24
CA LYS A 203 -21.43 51.68 -8.06
C LYS A 203 -22.93 51.42 -8.22
N TYR A 204 -23.72 52.19 -7.47
CA TYR A 204 -25.15 51.96 -7.33
C TYR A 204 -25.89 52.10 -8.66
N GLU A 205 -27.10 51.56 -8.69
CA GLU A 205 -28.08 51.80 -9.73
C GLU A 205 -29.45 51.67 -9.10
N ASP A 206 -30.48 52.21 -9.78
CA ASP A 206 -31.82 52.21 -9.20
C ASP A 206 -32.30 50.80 -8.92
N ALA A 207 -33.11 50.66 -7.89
CA ALA A 207 -33.32 49.40 -7.17
C ALA A 207 -33.48 48.20 -8.09
N ILE A 208 -34.53 48.18 -8.92
CA ILE A 208 -34.80 47.00 -9.73
C ILE A 208 -33.67 46.69 -10.70
N THR A 209 -32.82 47.67 -10.99
CA THR A 209 -31.68 47.45 -11.87
C THR A 209 -30.42 47.06 -11.11
N ALA A 210 -30.31 47.43 -9.83
CA ALA A 210 -29.27 46.86 -8.99
C ALA A 210 -29.60 45.43 -8.61
N CYS A 211 -30.87 45.18 -8.24
CA CYS A 211 -31.31 43.82 -7.99
C CYS A 211 -31.10 42.92 -9.20
N ASP A 212 -31.25 43.47 -10.42
CA ASP A 212 -30.76 42.78 -11.60
C ASP A 212 -29.25 42.62 -11.56
N SER A 213 -28.55 43.75 -11.41
CA SER A 213 -27.10 43.73 -11.38
C SER A 213 -26.54 42.86 -10.25
N ILE A 214 -27.31 42.62 -9.18
CA ILE A 214 -26.83 41.78 -8.10
C ILE A 214 -26.90 40.31 -8.49
N GLN A 215 -28.12 39.80 -8.71
CA GLN A 215 -28.27 38.39 -9.07
C GLN A 215 -27.40 38.04 -10.26
N THR A 216 -27.18 39.00 -11.15
CA THR A 216 -26.25 38.83 -12.26
C THR A 216 -24.82 38.73 -11.76
N PHE A 217 -24.41 39.66 -10.88
CA PHE A 217 -23.02 39.74 -10.44
C PHE A 217 -22.60 38.46 -9.74
N LYS A 218 -23.52 37.84 -8.97
CA LYS A 218 -23.20 36.59 -8.31
C LYS A 218 -22.91 35.49 -9.34
N LEU A 219 -23.80 35.33 -10.33
CA LEU A 219 -23.58 34.34 -11.40
C LEU A 219 -22.22 34.51 -12.07
N VAL A 220 -21.76 35.75 -12.25
CA VAL A 220 -20.48 35.96 -12.91
C VAL A 220 -19.31 35.56 -12.01
N VAL A 221 -19.47 35.56 -10.69
CA VAL A 221 -18.35 35.16 -9.84
C VAL A 221 -18.38 33.66 -9.55
N LYS A 222 -19.56 33.06 -9.37
CA LYS A 222 -19.63 31.61 -9.22
C LYS A 222 -18.95 30.92 -10.39
N THR A 223 -19.32 31.31 -11.61
CA THR A 223 -18.86 30.64 -12.81
C THR A 223 -17.43 31.00 -13.15
N ILE A 224 -17.02 32.26 -12.93
CA ILE A 224 -15.63 32.63 -13.18
C ILE A 224 -14.72 32.01 -12.13
N ALA A 225 -15.11 32.09 -10.85
CA ALA A 225 -14.31 31.48 -9.81
C ALA A 225 -14.11 29.99 -10.07
N ARG A 226 -15.09 29.36 -10.70
CA ARG A 226 -14.91 27.94 -10.99
C ARG A 226 -14.16 27.74 -12.30
N LYS A 227 -13.80 28.80 -13.00
CA LYS A 227 -12.86 28.69 -14.10
C LYS A 227 -11.47 28.44 -13.52
N HIS A 228 -11.00 29.34 -12.66
CA HIS A 228 -9.76 29.13 -11.91
C HIS A 228 -9.93 27.96 -10.92
N GLY A 229 -11.12 27.38 -10.87
CA GLY A 229 -11.35 26.17 -10.12
C GLY A 229 -11.49 26.46 -8.65
N LEU A 230 -12.46 27.30 -8.31
CA LEU A 230 -12.71 27.69 -6.93
C LEU A 230 -14.21 27.84 -6.73
N HIS A 231 -14.75 27.21 -5.69
CA HIS A 231 -16.14 27.41 -5.38
C HIS A 231 -16.35 28.82 -4.85
N ALA A 232 -17.26 29.56 -5.47
CA ALA A 232 -17.64 30.89 -5.01
C ALA A 232 -18.92 30.76 -4.22
N THR A 233 -18.86 31.09 -2.93
CA THR A 233 -19.99 30.92 -2.04
C THR A 233 -20.30 32.23 -1.32
N PHE A 234 -21.57 32.38 -0.95
CA PHE A 234 -22.04 33.53 -0.20
C PHE A 234 -22.60 33.13 1.16
N MET A 235 -22.09 32.05 1.74
CA MET A 235 -22.62 31.60 3.01
C MET A 235 -22.17 32.58 4.10
N PRO A 236 -23.09 33.07 4.92
CA PRO A 236 -22.75 34.15 5.86
C PRO A 236 -21.61 33.80 6.82
N LYS A 237 -21.76 32.76 7.64
CA LYS A 237 -20.70 32.34 8.56
C LYS A 237 -20.31 30.90 8.22
N PRO A 238 -19.50 30.71 7.19
CA PRO A 238 -19.08 29.36 6.82
C PRO A 238 -18.06 28.79 7.78
N LEU A 239 -17.21 29.64 8.34
CA LEU A 239 -16.26 29.26 9.36
C LEU A 239 -16.60 30.01 10.65
N PHE A 240 -16.45 29.34 11.78
CA PHE A 240 -16.78 29.95 13.06
C PHE A 240 -15.57 30.68 13.61
N GLY A 241 -15.79 31.89 14.10
CA GLY A 241 -14.77 32.68 14.75
C GLY A 241 -14.06 33.70 13.90
N VAL A 242 -14.49 33.88 12.66
CA VAL A 242 -13.89 34.86 11.75
C VAL A 242 -15.02 35.61 11.05
N ASN A 243 -14.64 36.71 10.38
CA ASN A 243 -15.60 37.69 9.90
C ASN A 243 -16.62 37.07 8.97
N GLY A 244 -17.89 37.42 9.18
CA GLY A 244 -18.93 37.00 8.27
C GLY A 244 -19.01 37.91 7.06
N SER A 245 -19.36 37.32 5.92
CA SER A 245 -19.49 38.05 4.66
C SER A 245 -20.97 38.34 4.46
N GLY A 246 -21.39 39.55 4.82
CA GLY A 246 -22.73 40.02 4.55
C GLY A 246 -22.73 41.08 3.45
N MET A 247 -23.94 41.39 2.98
CA MET A 247 -24.12 42.28 1.83
C MET A 247 -24.69 43.60 2.32
N HIS A 248 -23.82 44.61 2.42
CA HIS A 248 -24.24 45.92 2.87
C HIS A 248 -25.22 46.53 1.87
N PHE A 249 -26.11 47.38 2.39
CA PHE A 249 -27.13 48.03 1.58
C PHE A 249 -26.98 49.55 1.71
N ASN A 250 -26.38 50.16 0.69
CA ASN A 250 -26.17 51.60 0.63
C ASN A 250 -27.33 52.19 -0.18
N MET A 251 -28.23 52.90 0.49
CA MET A 251 -29.43 53.41 -0.15
C MET A 251 -29.49 54.94 -0.07
N SER A 252 -30.19 55.54 -1.02
CA SER A 252 -30.34 57.00 -1.08
C SER A 252 -31.50 57.36 -2.01
N LEU A 253 -32.40 58.22 -1.54
CA LEU A 253 -33.53 58.70 -2.32
C LEU A 253 -33.12 59.90 -3.18
N PHE A 254 -33.95 60.20 -4.19
CA PHE A 254 -33.65 61.23 -5.16
C PHE A 254 -34.92 61.95 -5.58
N ASN A 255 -34.78 63.23 -5.91
CA ASN A 255 -35.88 64.03 -6.45
C ASN A 255 -35.30 65.06 -7.41
N GLU A 256 -35.59 64.90 -8.70
CA GLU A 256 -35.15 65.82 -9.75
C GLU A 256 -33.62 65.98 -9.74
N LYS A 257 -32.95 64.86 -10.03
CA LYS A 257 -31.50 64.84 -10.19
C LYS A 257 -30.79 65.37 -8.94
N GLY A 258 -31.42 65.24 -7.79
CA GLY A 258 -30.85 65.72 -6.56
C GLY A 258 -31.05 64.75 -5.42
N ASN A 259 -29.97 64.38 -4.75
CA ASN A 259 -30.08 63.41 -3.66
C ASN A 259 -30.92 64.00 -2.53
N ALA A 260 -31.94 63.25 -2.13
CA ALA A 260 -32.89 63.70 -1.11
C ALA A 260 -32.35 63.54 0.31
N PHE A 261 -31.11 63.08 0.48
CA PHE A 261 -30.53 62.94 1.80
C PHE A 261 -29.42 63.96 2.06
N PHE A 262 -29.15 64.85 1.12
CA PHE A 262 -28.03 65.80 1.25
C PHE A 262 -28.60 67.17 1.59
N ASP A 263 -28.39 67.58 2.83
CA ASP A 263 -28.64 68.96 3.24
C ASP A 263 -27.59 69.29 4.30
N GLU A 264 -26.62 70.12 3.94
CA GLU A 264 -25.43 70.37 4.74
C GLU A 264 -25.69 71.24 5.95
N SER A 265 -26.97 71.49 6.29
CA SER A 265 -27.30 72.26 7.49
C SER A 265 -27.45 71.35 8.71
N GLY A 266 -28.31 70.33 8.61
CA GLY A 266 -28.56 69.46 9.74
C GLY A 266 -27.28 68.87 10.30
N GLU A 267 -27.33 68.52 11.58
CA GLU A 267 -26.15 68.27 12.40
C GLU A 267 -25.02 67.50 11.71
N LEU A 268 -25.36 66.51 10.89
CA LEU A 268 -24.35 65.68 10.23
C LEU A 268 -24.34 65.87 8.72
N GLU A 269 -24.75 67.05 8.24
CA GLU A 269 -24.85 67.34 6.82
C GLU A 269 -25.90 66.46 6.14
N LEU A 270 -26.99 66.15 6.87
CA LEU A 270 -27.97 65.18 6.41
C LEU A 270 -29.35 65.79 6.47
N SER A 271 -30.23 65.32 5.59
CA SER A 271 -31.51 65.96 5.32
C SER A 271 -32.52 65.61 6.42
N GLN A 272 -33.79 65.94 6.18
CA GLN A 272 -34.87 65.56 7.07
C GLN A 272 -35.47 64.21 6.68
N THR A 273 -35.88 64.05 5.42
CA THR A 273 -36.30 62.73 4.95
C THR A 273 -35.21 61.70 5.18
N ALA A 274 -33.94 62.15 5.19
CA ALA A 274 -32.83 61.28 5.53
C ALA A 274 -32.89 60.85 6.99
N TYR A 275 -32.85 61.82 7.91
CA TYR A 275 -32.97 61.52 9.33
C TYR A 275 -34.25 60.74 9.59
N HIS A 276 -35.35 61.20 8.98
CA HIS A 276 -36.67 60.59 9.18
C HIS A 276 -36.70 59.14 8.69
N PHE A 277 -36.03 58.87 7.57
CA PHE A 277 -35.94 57.51 7.04
C PHE A 277 -35.48 56.53 8.10
N LEU A 278 -34.49 56.91 8.91
CA LEU A 278 -33.82 55.97 9.80
C LEU A 278 -34.72 55.52 10.95
N ALA A 279 -35.64 56.38 11.39
CA ALA A 279 -36.66 55.92 12.33
C ALA A 279 -37.55 54.87 11.68
N GLY A 280 -37.85 55.04 10.39
CA GLY A 280 -38.59 54.03 9.66
C GLY A 280 -37.91 52.68 9.63
N MET A 281 -36.60 52.63 9.91
CA MET A 281 -35.90 51.38 10.05
C MET A 281 -35.70 50.99 11.50
N LEU A 282 -35.22 51.91 12.33
CA LEU A 282 -34.88 51.65 13.73
C LEU A 282 -35.96 50.83 14.44
N LYS A 283 -37.17 51.37 14.52
CA LYS A 283 -38.26 50.66 15.16
C LYS A 283 -38.58 49.37 14.39
N HIS A 284 -38.90 49.50 13.11
CA HIS A 284 -39.26 48.39 12.24
C HIS A 284 -38.12 47.40 12.02
N ALA A 285 -36.94 47.62 12.61
CA ALA A 285 -35.80 46.77 12.28
C ALA A 285 -36.00 45.34 12.74
N ARG A 286 -36.55 45.17 13.95
CA ARG A 286 -36.84 43.84 14.45
C ARG A 286 -37.71 43.02 13.48
N GLY A 287 -38.57 43.70 12.73
CA GLY A 287 -39.51 42.99 11.87
C GLY A 287 -38.87 42.40 10.64
N TYR A 288 -38.14 43.21 9.90
CA TYR A 288 -37.59 42.77 8.63
C TYR A 288 -36.30 41.99 8.76
N THR A 289 -35.80 41.78 9.99
CA THR A 289 -34.57 41.03 10.14
C THR A 289 -34.77 39.54 9.89
N ALA A 290 -35.99 39.11 9.57
CA ALA A 290 -36.21 37.80 8.99
C ALA A 290 -36.10 37.79 7.48
N VAL A 291 -36.19 38.96 6.83
CA VAL A 291 -36.14 39.04 5.38
C VAL A 291 -34.74 39.43 4.94
N THR A 292 -34.03 40.17 5.78
CA THR A 292 -32.66 40.52 5.46
C THR A 292 -31.67 39.43 5.85
N ASN A 293 -32.04 38.57 6.79
CA ASN A 293 -31.24 37.39 7.17
C ASN A 293 -32.14 36.17 7.11
N PRO A 294 -32.47 35.69 5.91
CA PRO A 294 -33.43 34.58 5.79
C PRO A 294 -32.75 33.21 5.76
N THR A 295 -31.94 32.92 6.77
CA THR A 295 -31.26 31.63 6.83
C THR A 295 -30.79 31.36 8.24
N ILE A 296 -30.78 30.07 8.60
CA ILE A 296 -30.22 29.65 9.88
C ILE A 296 -28.82 30.21 10.07
N ASN A 297 -28.00 30.16 9.02
CA ASN A 297 -26.58 30.43 9.16
C ASN A 297 -26.27 31.89 9.43
N SER A 298 -27.09 32.82 8.93
CA SER A 298 -26.74 34.23 9.06
C SER A 298 -26.99 34.77 10.46
N PHE A 299 -27.64 34.01 11.33
CA PHE A 299 -27.82 34.41 12.72
C PHE A 299 -26.69 33.95 13.60
N LYS A 300 -25.71 33.26 13.04
CA LYS A 300 -24.42 33.11 13.70
C LYS A 300 -23.44 34.17 13.22
N ARG A 301 -23.74 34.80 12.08
CA ARG A 301 -22.94 35.94 11.62
C ARG A 301 -23.22 37.18 12.45
N LEU A 302 -24.47 37.37 12.86
CA LEU A 302 -24.90 38.58 13.57
C LEU A 302 -24.35 38.67 15.01
N VAL A 303 -23.43 37.78 15.39
CA VAL A 303 -22.83 37.78 16.72
C VAL A 303 -21.94 39.00 16.91
N PRO A 304 -21.44 39.27 18.11
CA PRO A 304 -20.48 40.39 18.29
C PRO A 304 -19.06 40.00 17.90
N GLY A 305 -18.30 41.02 17.51
CA GLY A 305 -16.86 40.92 17.33
C GLY A 305 -16.40 41.10 15.90
N TYR A 306 -17.24 40.74 14.93
CA TYR A 306 -16.81 40.58 13.54
C TYR A 306 -17.35 41.67 12.62
N GLU A 307 -17.49 42.89 13.15
CA GLU A 307 -17.82 44.08 12.36
C GLU A 307 -19.18 43.94 11.67
N ALA A 308 -20.16 43.46 12.41
CA ALA A 308 -21.48 43.18 11.89
C ALA A 308 -22.51 43.62 12.90
N PRO A 309 -23.70 44.03 12.45
CA PRO A 309 -24.69 44.57 13.40
C PRO A 309 -25.15 43.52 14.41
N CYS A 310 -25.07 43.91 15.67
CA CYS A 310 -25.35 43.09 16.84
C CYS A 310 -26.58 43.58 17.59
N TYR A 311 -26.70 44.89 17.77
CA TYR A 311 -27.89 45.54 18.29
C TYR A 311 -28.41 46.53 17.25
N ILE A 312 -29.65 46.95 17.43
CA ILE A 312 -30.28 47.89 16.51
C ILE A 312 -29.87 49.30 16.96
N ALA A 313 -28.86 49.87 16.29
CA ALA A 313 -28.39 51.22 16.60
C ALA A 313 -27.74 51.82 15.36
N TRP A 314 -27.52 53.13 15.42
CA TRP A 314 -26.88 53.88 14.34
C TRP A 314 -25.79 54.77 14.90
N SER A 315 -24.91 55.25 14.03
CA SER A 315 -23.83 56.15 14.41
C SER A 315 -23.07 56.60 13.16
N GLY A 316 -22.16 57.53 13.35
CA GLY A 316 -21.44 58.17 12.27
C GLY A 316 -20.03 57.62 12.08
N LYS A 317 -19.75 57.17 10.85
CA LYS A 317 -18.46 56.62 10.46
C LYS A 317 -18.07 55.37 11.25
N ASN A 318 -19.01 54.79 11.99
CA ASN A 318 -18.75 53.68 12.90
C ASN A 318 -19.36 52.40 12.34
N ARG A 319 -18.60 51.31 12.42
CA ARG A 319 -18.94 50.06 11.74
C ARG A 319 -19.38 48.95 12.69
N SER A 320 -19.71 49.28 13.94
CA SER A 320 -20.37 48.37 14.87
C SER A 320 -21.90 48.25 14.67
N PRO A 321 -22.64 49.35 14.38
CA PRO A 321 -24.10 49.30 14.57
C PRO A 321 -24.87 48.70 13.41
N LEU A 322 -26.20 48.78 13.47
CA LEU A 322 -27.03 48.32 12.37
C LEU A 322 -26.98 49.27 11.18
N VAL A 323 -26.81 50.57 11.44
CA VAL A 323 -26.73 51.60 10.40
C VAL A 323 -25.40 52.32 10.52
N ARG A 324 -24.63 52.35 9.44
CA ARG A 324 -23.43 53.17 9.37
C ARG A 324 -23.73 54.33 8.42
N VAL A 325 -23.09 55.48 8.65
CA VAL A 325 -23.22 56.56 7.67
C VAL A 325 -21.82 56.99 7.20
N PRO A 326 -21.49 56.70 5.94
CA PRO A 326 -20.14 57.00 5.45
C PRO A 326 -19.83 58.49 5.48
N SER A 327 -18.67 58.83 6.06
CA SER A 327 -18.25 60.22 6.22
C SER A 327 -18.38 61.02 4.92
N SER A 328 -18.00 60.42 3.80
CA SER A 328 -18.14 61.09 2.52
C SER A 328 -19.61 61.33 2.22
N ARG A 329 -19.98 62.58 2.10
CA ARG A 329 -21.31 63.00 1.69
C ARG A 329 -21.19 63.79 0.39
N GLY A 330 -22.32 64.34 -0.06
CA GLY A 330 -22.40 64.93 -1.38
C GLY A 330 -23.43 64.18 -2.17
N LEU A 331 -23.08 63.73 -3.37
CA LEU A 331 -23.93 62.74 -4.05
C LEU A 331 -23.65 61.34 -3.53
N SER A 332 -22.50 61.12 -2.88
CA SER A 332 -22.21 59.89 -2.17
C SER A 332 -22.67 59.94 -0.71
N THR A 333 -23.70 60.74 -0.44
CA THR A 333 -24.34 60.79 0.88
C THR A 333 -25.29 59.60 0.98
N ARG A 334 -24.98 58.63 1.82
CA ARG A 334 -25.70 57.36 1.79
C ARG A 334 -25.94 56.80 3.19
N LEU A 335 -26.98 55.97 3.29
CA LEU A 335 -27.30 55.21 4.49
C LEU A 335 -26.89 53.76 4.30
N GLU A 336 -26.23 53.19 5.31
CA GLU A 336 -25.61 51.86 5.21
C GLU A 336 -26.30 50.90 6.17
N LEU A 337 -27.20 50.08 5.65
CA LEU A 337 -27.79 48.99 6.42
C LEU A 337 -26.86 47.78 6.35
N ARG A 338 -26.74 47.05 7.46
CA ARG A 338 -25.67 46.05 7.59
C ARG A 338 -26.12 44.66 8.00
N SER A 339 -27.39 44.44 8.34
CA SER A 339 -27.81 43.13 8.81
C SER A 339 -27.79 42.09 7.70
N VAL A 340 -27.92 42.53 6.45
CA VAL A 340 -28.17 41.61 5.35
C VAL A 340 -26.92 40.79 5.04
N ASP A 341 -27.14 39.55 4.66
CA ASP A 341 -26.21 38.58 4.16
C ASP A 341 -26.58 38.25 2.73
N PRO A 342 -25.62 37.90 1.89
CA PRO A 342 -25.91 37.69 0.46
C PRO A 342 -26.90 36.56 0.19
N SER A 343 -27.37 35.91 1.26
CA SER A 343 -28.43 34.91 1.17
C SER A 343 -29.82 35.51 1.27
N ALA A 344 -29.94 36.83 1.17
CA ALA A 344 -31.24 37.48 1.22
C ALA A 344 -31.71 37.83 -0.19
N ASN A 345 -33.01 38.02 -0.31
CA ASN A 345 -33.67 38.18 -1.60
C ASN A 345 -33.66 39.66 -1.98
N PRO A 346 -32.80 40.07 -2.92
CA PRO A 346 -32.62 41.51 -3.19
C PRO A 346 -33.89 42.22 -3.65
N TYR A 347 -34.93 41.48 -4.02
CA TYR A 347 -36.21 42.11 -4.32
C TYR A 347 -37.03 42.30 -3.05
N LEU A 348 -37.10 41.26 -2.22
CA LEU A 348 -37.82 41.36 -0.96
C LEU A 348 -37.22 42.44 -0.08
N ALA A 349 -35.89 42.50 0.01
CA ALA A 349 -35.24 43.42 0.95
C ALA A 349 -35.58 44.87 0.63
N MET A 350 -35.61 45.25 -0.64
CA MET A 350 -35.83 46.65 -1.00
C MET A 350 -37.28 47.05 -0.76
N ALA A 351 -38.22 46.28 -1.30
CA ALA A 351 -39.63 46.57 -1.05
C ALA A 351 -39.96 46.48 0.43
N VAL A 352 -39.19 45.67 1.18
CA VAL A 352 -39.31 45.66 2.63
C VAL A 352 -38.77 46.96 3.22
N LEU A 353 -37.56 47.36 2.83
CA LEU A 353 -36.92 48.54 3.38
C LEU A 353 -37.52 49.83 2.85
N LEU A 354 -38.10 49.79 1.64
CA LEU A 354 -38.82 50.97 1.17
C LEU A 354 -40.05 51.21 2.03
N LYS A 355 -40.94 50.22 2.12
CA LYS A 355 -42.11 50.36 2.99
C LYS A 355 -41.71 50.49 4.45
N ALA A 356 -40.55 49.94 4.84
CA ALA A 356 -40.06 50.15 6.19
C ALA A 356 -39.69 51.62 6.40
N GLY A 357 -38.81 52.14 5.55
CA GLY A 357 -38.34 53.51 5.70
C GLY A 357 -39.13 54.58 4.98
N LEU A 358 -40.04 54.21 4.08
CA LEU A 358 -41.07 55.19 3.70
C LEU A 358 -42.10 55.34 4.79
N SER A 359 -42.05 54.49 5.82
CA SER A 359 -42.92 54.66 6.97
C SER A 359 -42.40 55.74 7.91
N GLY A 360 -41.12 56.09 7.79
CA GLY A 360 -40.57 57.17 8.59
C GLY A 360 -40.58 58.50 7.88
N ILE A 361 -41.46 58.65 6.89
CA ILE A 361 -41.70 59.94 6.27
C ILE A 361 -43.17 60.33 6.30
N LYS A 362 -44.08 59.38 6.50
CA LYS A 362 -45.46 59.65 6.85
C LYS A 362 -45.72 59.59 8.35
N ASP A 363 -44.85 58.91 9.11
CA ASP A 363 -44.91 58.87 10.56
C ASP A 363 -43.68 59.53 11.18
N GLU A 364 -42.49 59.08 10.79
CA GLU A 364 -41.19 59.72 10.99
C GLU A 364 -40.60 59.58 12.39
N LEU A 365 -41.42 59.28 13.39
CA LEU A 365 -41.04 58.82 14.72
C LEU A 365 -39.70 59.33 15.26
N THR A 366 -39.35 60.61 14.99
CA THR A 366 -38.22 61.31 15.62
C THR A 366 -37.02 60.41 15.90
N PRO A 367 -36.28 60.02 14.87
CA PRO A 367 -35.29 58.93 14.99
C PRO A 367 -34.36 59.12 16.18
N PRO A 368 -33.98 58.02 16.85
CA PRO A 368 -33.11 58.12 18.02
C PRO A 368 -31.71 58.63 17.67
N ALA A 369 -30.95 58.89 18.70
CA ALA A 369 -29.72 59.67 18.66
C ALA A 369 -28.51 58.77 18.46
N PRO A 370 -27.42 59.31 17.88
CA PRO A 370 -26.28 58.44 17.56
C PRO A 370 -25.56 57.95 18.81
N VAL A 371 -25.60 56.64 19.02
CA VAL A 371 -24.69 56.03 19.99
C VAL A 371 -23.41 55.79 19.20
N ASP A 372 -22.58 56.82 19.09
CA ASP A 372 -21.35 56.73 18.31
C ASP A 372 -20.20 56.32 19.22
N ARG A 373 -20.42 55.20 19.87
CA ARG A 373 -19.41 54.48 20.62
C ARG A 373 -18.99 53.25 19.81
N ASN A 374 -18.25 52.35 20.45
CA ASN A 374 -18.05 51.00 19.93
C ASN A 374 -19.06 50.13 20.65
N ILE A 375 -20.24 49.99 20.04
CA ILE A 375 -21.34 49.29 20.69
C ILE A 375 -21.03 47.82 20.87
N TYR A 376 -20.03 47.29 20.15
CA TYR A 376 -19.53 45.94 20.39
C TYR A 376 -19.01 45.77 21.81
N GLY A 377 -18.71 46.85 22.51
CA GLY A 377 -18.07 46.77 23.81
C GLY A 377 -18.91 47.31 24.95
N MET A 378 -20.20 47.00 24.97
CA MET A 378 -21.10 47.42 26.04
C MET A 378 -21.76 46.20 26.65
N ASN A 379 -21.83 46.18 27.99
CA ASN A 379 -22.53 45.11 28.67
C ASN A 379 -24.03 45.41 28.74
N GLU A 380 -24.82 44.38 29.12
CA GLU A 380 -26.27 44.52 29.16
C GLU A 380 -26.72 45.68 30.03
N GLU A 381 -25.93 46.02 31.06
CA GLU A 381 -26.28 47.11 31.97
C GLU A 381 -26.49 48.44 31.26
N GLU A 382 -26.11 48.54 29.99
CA GLU A 382 -26.10 49.82 29.29
C GLU A 382 -26.86 49.76 27.97
N ARG A 383 -26.94 48.56 27.38
CA ARG A 383 -27.71 48.42 26.16
C ARG A 383 -29.17 48.77 26.40
N GLU A 384 -29.74 48.32 27.52
CA GLU A 384 -31.06 48.77 27.93
C GLU A 384 -31.02 50.06 28.73
N ALA A 385 -29.85 50.69 28.88
CA ALA A 385 -29.82 52.08 29.31
C ALA A 385 -30.28 52.99 28.20
N THR A 386 -29.59 52.96 27.06
CA THR A 386 -29.99 53.77 25.91
C THR A 386 -31.27 53.26 25.26
N GLY A 387 -31.69 52.04 25.55
CA GLY A 387 -32.91 51.51 24.96
C GLY A 387 -32.74 50.94 23.57
N ILE A 388 -31.52 50.62 23.17
CA ILE A 388 -31.28 50.07 21.83
C ILE A 388 -31.93 48.70 21.73
N TYR A 389 -32.85 48.56 20.76
CA TYR A 389 -33.46 47.26 20.50
C TYR A 389 -32.39 46.22 20.19
N ASP A 390 -32.58 45.01 20.73
CA ASP A 390 -31.71 43.90 20.43
C ASP A 390 -32.22 43.16 19.20
N LEU A 391 -31.29 42.77 18.33
CA LEU A 391 -31.68 42.00 17.15
C LEU A 391 -32.18 40.62 17.55
N PRO A 392 -33.09 40.04 16.77
CA PRO A 392 -33.54 38.66 17.02
C PRO A 392 -32.38 37.68 17.02
N GLU A 393 -32.58 36.56 17.74
CA GLU A 393 -31.50 35.64 18.05
C GLU A 393 -31.45 34.42 17.14
N SER A 394 -32.44 34.23 16.27
CA SER A 394 -32.47 33.06 15.41
C SER A 394 -33.47 33.33 14.30
N LEU A 395 -33.48 32.46 13.30
CA LEU A 395 -34.53 32.52 12.30
C LEU A 395 -35.89 32.48 12.96
N GLY A 396 -36.13 31.45 13.80
CA GLY A 396 -37.44 31.28 14.42
C GLY A 396 -37.91 32.47 15.22
N HIS A 397 -36.98 33.21 15.83
CA HIS A 397 -37.34 34.46 16.51
C HIS A 397 -37.67 35.56 15.50
N ALA A 398 -36.83 35.73 14.49
CA ALA A 398 -37.07 36.76 13.49
C ALA A 398 -38.39 36.54 12.76
N LEU A 399 -38.92 35.31 12.75
CA LEU A 399 -40.18 35.04 12.09
C LEU A 399 -41.37 35.53 12.90
N ILE A 400 -41.47 35.14 14.18
CA ILE A 400 -42.54 35.71 15.01
C ILE A 400 -42.42 37.22 15.03
N GLU A 401 -41.19 37.74 15.13
CA GLU A 401 -40.98 39.18 15.05
C GLU A 401 -41.40 39.76 13.71
N LEU A 402 -41.61 38.93 12.69
CA LEU A 402 -41.99 39.45 11.38
C LEU A 402 -43.49 39.53 11.20
N GLU A 403 -44.24 38.52 11.63
CA GLU A 403 -45.67 38.48 11.39
C GLU A 403 -46.46 39.41 12.31
N LYS A 404 -45.78 40.38 12.92
CA LYS A 404 -46.42 41.41 13.73
C LYS A 404 -46.37 42.78 13.09
N ASN A 405 -45.25 43.14 12.44
CA ASN A 405 -45.16 44.38 11.69
C ASN A 405 -45.91 44.19 10.36
N GLU A 406 -47.23 44.35 10.43
CA GLU A 406 -48.06 44.05 9.26
C GLU A 406 -47.83 45.01 8.10
N ILE A 407 -46.94 45.98 8.26
CA ILE A 407 -46.57 46.86 7.14
C ILE A 407 -45.42 46.27 6.34
N ILE A 408 -44.41 45.70 6.99
CA ILE A 408 -43.43 44.88 6.28
C ILE A 408 -44.12 43.68 5.65
N LYS A 409 -45.03 43.04 6.39
CA LYS A 409 -45.86 41.99 5.83
C LYS A 409 -46.55 42.47 4.55
N ASP A 410 -47.21 43.62 4.61
CA ASP A 410 -47.78 44.21 3.39
C ASP A 410 -46.68 44.59 2.41
N GLY A 411 -45.49 44.94 2.90
CA GLY A 411 -44.38 45.18 2.00
C GLY A 411 -44.06 43.98 1.13
N LEU A 412 -44.37 42.78 1.61
CA LEU A 412 -44.10 41.54 0.90
C LEU A 412 -45.28 41.05 0.09
N GLY A 413 -46.35 41.83 0.00
CA GLY A 413 -47.59 41.23 -0.47
C GLY A 413 -48.08 40.24 0.57
N GLU A 414 -48.88 39.28 0.12
CA GLU A 414 -49.34 38.24 1.03
C GLU A 414 -48.99 36.84 0.56
N HIS A 415 -49.10 36.56 -0.73
CA HIS A 415 -48.69 35.27 -1.28
C HIS A 415 -47.24 34.95 -0.93
N ILE A 416 -46.33 35.88 -1.20
CA ILE A 416 -44.94 35.74 -0.80
C ILE A 416 -44.85 35.45 0.70
N PHE A 417 -45.69 36.12 1.49
CA PHE A 417 -45.62 35.99 2.93
C PHE A 417 -45.98 34.59 3.40
N GLU A 418 -47.18 34.11 3.05
CA GLU A 418 -47.55 32.76 3.47
C GLU A 418 -46.74 31.67 2.77
N HIS A 419 -46.20 31.95 1.58
CA HIS A 419 -45.25 31.03 0.99
C HIS A 419 -43.91 31.08 1.70
N PHE A 420 -43.63 32.16 2.44
CA PHE A 420 -42.38 32.32 3.16
C PHE A 420 -42.41 31.64 4.52
N ILE A 421 -43.44 31.94 5.34
CA ILE A 421 -43.48 31.42 6.70
C ILE A 421 -43.45 29.89 6.68
N GLU A 422 -44.06 29.27 5.67
CA GLU A 422 -44.05 27.82 5.58
C GLU A 422 -42.64 27.27 5.57
N ALA A 423 -41.84 27.66 4.57
CA ALA A 423 -40.56 27.00 4.33
C ALA A 423 -39.54 27.32 5.42
N LYS A 424 -39.50 28.57 5.90
CA LYS A 424 -38.51 28.90 6.92
C LYS A 424 -38.86 28.27 8.26
N THR A 425 -40.14 28.27 8.63
CA THR A 425 -40.53 27.51 9.81
C THR A 425 -40.18 26.04 9.63
N ILE A 426 -40.35 25.52 8.42
CA ILE A 426 -39.85 24.18 8.09
C ILE A 426 -38.34 24.13 8.28
N GLU A 427 -37.62 25.06 7.65
CA GLU A 427 -36.17 25.11 7.77
C GLU A 427 -35.73 25.28 9.22
N CYS A 428 -36.34 26.25 9.91
CA CYS A 428 -36.06 26.42 11.33
C CYS A 428 -36.42 25.17 12.12
N ASP A 429 -37.51 24.49 11.74
CA ASP A 429 -37.87 23.28 12.47
C ASP A 429 -37.03 22.08 12.02
N MET A 430 -36.60 22.04 10.75
CA MET A 430 -35.74 20.95 10.33
C MET A 430 -34.33 21.06 10.92
N PHE A 431 -33.99 22.21 11.52
CA PHE A 431 -32.74 22.37 12.25
C PHE A 431 -32.94 22.35 13.75
N ARG A 432 -34.12 22.75 14.24
CA ARG A 432 -34.41 22.65 15.66
C ARG A 432 -34.32 21.22 16.16
N THR A 433 -34.75 20.27 15.32
CA THR A 433 -34.94 18.89 15.77
C THR A 433 -33.76 17.98 15.43
N ALA A 434 -32.96 18.34 14.43
CA ALA A 434 -31.88 17.46 14.02
C ALA A 434 -30.77 17.45 15.07
N VAL A 435 -29.86 16.48 14.91
CA VAL A 435 -28.73 16.29 15.81
C VAL A 435 -27.46 16.39 14.98
N HIS A 436 -26.54 17.23 15.43
CA HIS A 436 -25.29 17.45 14.69
C HIS A 436 -24.09 17.18 15.57
N PRO A 437 -22.97 16.77 14.95
CA PRO A 437 -21.82 16.27 15.73
C PRO A 437 -21.32 17.15 16.85
N TRP A 438 -21.77 18.40 16.94
CA TRP A 438 -21.48 19.20 18.12
C TRP A 438 -22.00 18.50 19.38
N GLU A 439 -23.31 18.35 19.47
CA GLU A 439 -23.92 17.75 20.65
C GLU A 439 -23.36 16.37 20.94
N ARG A 440 -22.80 15.70 19.93
CA ARG A 440 -22.19 14.39 20.15
C ARG A 440 -20.82 14.48 20.83
N GLU A 441 -20.08 15.57 20.63
CA GLU A 441 -18.83 15.73 21.39
C GLU A 441 -19.12 16.12 22.83
N GLN A 442 -19.95 17.15 23.03
CA GLN A 442 -20.09 17.82 24.32
C GLN A 442 -20.93 17.03 25.32
N TYR A 443 -21.56 15.93 24.91
CA TYR A 443 -22.41 15.18 25.83
C TYR A 443 -22.21 13.67 25.83
N LEU A 444 -21.71 13.07 24.74
CA LEU A 444 -21.80 11.62 24.57
C LEU A 444 -20.88 10.91 25.55
N GLU A 445 -19.58 11.12 25.41
CA GLU A 445 -18.61 10.55 26.34
C GLU A 445 -18.67 11.24 27.69
N ILE A 446 -19.41 12.35 27.78
CA ILE A 446 -19.50 13.11 29.02
C ILE A 446 -20.47 12.44 30.00
N TYR A 447 -21.71 12.25 29.57
CA TYR A 447 -22.79 11.84 30.48
C TYR A 447 -23.02 10.32 30.51
N LYS B 6 9.02 66.70 -9.83
CA LYS B 6 7.77 66.19 -9.26
C LYS B 6 6.75 65.97 -10.37
N TYR B 7 5.81 65.07 -10.12
CA TYR B 7 4.87 64.63 -11.15
C TYR B 7 3.60 65.48 -11.14
N THR B 8 2.95 65.55 -12.31
CA THR B 8 1.76 66.36 -12.48
C THR B 8 0.50 65.53 -12.34
N LYS B 9 -0.57 66.18 -11.85
CA LYS B 9 -1.90 65.57 -11.84
C LYS B 9 -2.47 65.40 -13.23
N GLU B 10 -1.95 66.12 -14.23
CA GLU B 10 -2.48 66.11 -15.58
C GLU B 10 -1.75 65.18 -16.53
N ASP B 11 -0.44 64.93 -16.32
CA ASP B 11 0.31 64.05 -17.20
C ASP B 11 0.32 62.61 -16.70
N ILE B 12 -0.45 62.31 -15.67
CA ILE B 12 -0.71 60.94 -15.25
C ILE B 12 -2.07 60.46 -15.74
N PHE B 13 -3.07 61.34 -15.68
CA PHE B 13 -4.38 61.06 -16.26
C PHE B 13 -4.26 60.65 -17.72
N ARG B 14 -3.38 61.30 -18.47
CA ARG B 14 -3.11 60.94 -19.86
C ARG B 14 -1.84 60.12 -19.99
N PHE B 15 -1.31 59.59 -18.88
CA PHE B 15 -0.28 58.57 -18.91
C PHE B 15 -0.88 57.17 -19.06
N ALA B 16 -2.21 57.06 -19.09
CA ALA B 16 -2.90 55.79 -19.28
C ALA B 16 -3.11 55.48 -20.75
N ASP B 17 -3.67 56.43 -21.51
CA ASP B 17 -3.91 56.26 -22.93
C ASP B 17 -2.63 56.01 -23.72
N GLU B 18 -1.46 56.21 -23.12
CA GLU B 18 -0.21 55.97 -23.84
C GLU B 18 0.37 54.58 -23.61
N GLN B 19 0.01 53.91 -22.52
CA GLN B 19 0.43 52.53 -22.30
C GLN B 19 -0.74 51.57 -22.11
N ASN B 20 -1.99 52.05 -22.18
CA ASN B 20 -3.19 51.23 -22.08
C ASN B 20 -3.26 50.51 -20.74
N VAL B 21 -3.41 51.29 -19.68
CA VAL B 21 -3.39 50.79 -18.31
C VAL B 21 -4.81 50.43 -17.89
N LYS B 22 -5.01 49.17 -17.48
CA LYS B 22 -6.35 48.64 -17.22
C LYS B 22 -6.79 48.73 -15.75
N PHE B 23 -5.86 48.84 -14.80
CA PHE B 23 -6.22 48.87 -13.38
C PHE B 23 -5.16 49.67 -12.60
N ILE B 24 -5.58 50.13 -11.42
CA ILE B 24 -4.74 50.97 -10.55
C ILE B 24 -4.74 50.35 -9.16
N ARG B 25 -3.59 50.39 -8.48
CA ARG B 25 -3.46 49.84 -7.13
C ARG B 25 -2.95 50.90 -6.17
N LEU B 26 -3.89 51.56 -5.49
CA LEU B 26 -3.54 52.34 -4.31
C LEU B 26 -3.11 51.40 -3.20
N GLN B 27 -1.92 51.63 -2.67
CA GLN B 27 -1.37 50.76 -1.63
C GLN B 27 -0.68 51.61 -0.57
N PHE B 28 -0.79 51.17 0.68
CA PHE B 28 -0.14 51.85 1.80
C PHE B 28 0.43 50.81 2.74
N THR B 29 0.98 51.26 3.86
CA THR B 29 1.70 50.41 4.79
C THR B 29 1.08 50.49 6.17
N ASP B 30 0.86 49.33 6.79
CA ASP B 30 0.31 49.26 8.13
C ASP B 30 1.41 49.61 9.12
N ILE B 31 1.16 49.37 10.41
CA ILE B 31 2.16 49.70 11.42
C ILE B 31 3.32 48.71 11.44
N LEU B 32 3.22 47.60 10.69
CA LEU B 32 4.19 46.52 10.79
C LEU B 32 5.12 46.39 9.60
N GLY B 33 4.79 46.97 8.46
CA GLY B 33 5.53 46.73 7.23
C GLY B 33 4.83 45.81 6.27
N ILE B 34 3.51 45.72 6.34
CA ILE B 34 2.71 44.85 5.48
C ILE B 34 2.08 45.74 4.42
N ILE B 35 2.69 45.74 3.23
CA ILE B 35 2.16 46.46 2.09
C ILE B 35 0.73 46.03 1.87
N LYS B 36 -0.20 46.97 1.95
CA LYS B 36 -1.60 46.71 1.71
C LYS B 36 -1.90 47.06 0.25
N ASN B 37 -3.17 47.07 -0.12
CA ASN B 37 -3.52 47.31 -1.51
C ASN B 37 -4.96 47.79 -1.55
N VAL B 38 -5.41 48.18 -2.74
CA VAL B 38 -6.79 47.99 -3.16
C VAL B 38 -6.80 48.17 -4.66
N GLU B 39 -7.38 47.24 -5.40
CA GLU B 39 -7.36 47.39 -6.84
C GLU B 39 -8.66 47.99 -7.33
N ILE B 40 -8.56 48.80 -8.38
CA ILE B 40 -9.66 49.60 -8.94
C ILE B 40 -9.33 49.78 -10.41
N PRO B 41 -10.32 49.98 -11.28
CA PRO B 41 -10.04 50.14 -12.71
C PRO B 41 -9.58 51.55 -13.07
N VAL B 42 -9.09 51.67 -14.30
CA VAL B 42 -8.81 52.97 -14.89
C VAL B 42 -10.10 53.76 -15.07
N SER B 43 -11.24 53.06 -15.08
CA SER B 43 -12.54 53.70 -14.92
C SER B 43 -12.50 54.82 -13.88
N GLN B 44 -11.98 54.52 -12.70
CA GLN B 44 -12.07 55.38 -11.53
C GLN B 44 -10.90 56.34 -11.40
N LEU B 45 -10.08 56.49 -12.46
CA LEU B 45 -8.78 57.15 -12.33
C LEU B 45 -8.88 58.48 -11.59
N LYS B 46 -9.87 59.29 -11.93
CA LYS B 46 -10.02 60.59 -11.28
C LYS B 46 -10.32 60.44 -9.79
N LYS B 47 -11.41 59.72 -9.46
CA LYS B 47 -11.91 59.66 -8.08
C LYS B 47 -10.80 59.35 -7.08
N ALA B 48 -9.81 58.55 -7.48
CA ALA B 48 -8.66 58.32 -6.63
C ALA B 48 -7.70 59.51 -6.68
N LEU B 49 -7.41 60.02 -7.88
CA LEU B 49 -6.57 61.21 -8.01
C LEU B 49 -7.12 62.39 -7.21
N ASP B 50 -8.44 62.46 -7.06
CA ASP B 50 -9.09 63.51 -6.29
C ASP B 50 -9.34 63.12 -4.85
N ASN B 51 -8.83 61.96 -4.43
CA ASN B 51 -8.66 61.64 -3.02
C ASN B 51 -9.99 61.44 -2.31
N LYS B 52 -10.92 60.78 -3.01
CA LYS B 52 -12.19 60.36 -2.46
C LYS B 52 -12.31 58.84 -2.51
N ILE B 53 -11.21 58.16 -2.21
CA ILE B 53 -11.19 56.70 -2.06
C ILE B 53 -11.21 56.42 -0.56
N MET B 54 -12.41 56.19 -0.04
CA MET B 54 -12.54 55.80 1.34
C MET B 54 -12.10 54.35 1.51
N PHE B 55 -11.89 53.96 2.76
CA PHE B 55 -11.70 52.56 3.11
C PHE B 55 -11.87 52.45 4.62
N ASP B 56 -11.61 51.27 5.16
CA ASP B 56 -11.81 51.00 6.57
C ASP B 56 -10.46 50.82 7.23
N GLY B 57 -10.08 51.78 8.07
CA GLY B 57 -8.92 51.57 8.92
C GLY B 57 -9.18 50.64 10.08
N SER B 58 -10.44 50.28 10.34
CA SER B 58 -10.79 49.55 11.55
C SER B 58 -10.11 48.20 11.61
N SER B 59 -10.04 47.48 10.50
CA SER B 59 -9.46 46.15 10.47
C SER B 59 -7.95 46.15 10.24
N ILE B 60 -7.35 47.31 10.00
CA ILE B 60 -5.92 47.39 9.72
C ILE B 60 -5.17 47.64 11.02
N GLU B 61 -4.15 46.83 11.28
CA GLU B 61 -3.45 46.87 12.55
C GLU B 61 -2.58 48.13 12.60
N GLY B 62 -2.87 49.03 13.53
CA GLY B 62 -2.11 50.25 13.72
C GLY B 62 -2.92 51.54 13.59
N PHE B 63 -4.20 51.49 13.27
CA PHE B 63 -5.02 52.65 12.90
C PHE B 63 -6.25 52.77 13.82
N VAL B 64 -7.20 53.64 13.42
CA VAL B 64 -8.26 54.08 14.34
C VAL B 64 -9.23 52.93 14.64
N ARG B 65 -10.04 53.13 15.67
CA ARG B 65 -11.03 52.17 16.15
C ARG B 65 -12.30 52.21 15.31
N ILE B 66 -13.23 51.29 15.61
CA ILE B 66 -14.35 51.08 14.70
C ILE B 66 -15.43 52.15 14.82
N GLU B 67 -15.42 52.96 15.89
CA GLU B 67 -16.40 54.03 16.01
C GLU B 67 -16.06 55.22 15.12
N GLU B 68 -14.79 55.41 14.80
CA GLU B 68 -14.34 56.34 13.76
C GLU B 68 -13.42 55.53 12.85
N SER B 69 -13.99 54.93 11.81
CA SER B 69 -13.25 54.00 10.95
C SER B 69 -12.99 54.53 9.55
N ASP B 70 -13.89 55.35 9.02
CA ASP B 70 -13.75 55.82 7.65
C ASP B 70 -12.49 56.65 7.50
N MET B 71 -11.66 56.30 6.51
CA MET B 71 -10.44 57.04 6.23
C MET B 71 -10.31 57.20 4.72
N TYR B 72 -9.43 58.09 4.30
CA TYR B 72 -9.29 58.46 2.91
C TYR B 72 -7.88 58.17 2.41
N LEU B 73 -7.76 58.02 1.09
CA LEU B 73 -6.50 57.77 0.41
C LEU B 73 -6.16 58.96 -0.49
N PHE B 74 -4.97 59.53 -0.28
CA PHE B 74 -4.45 60.59 -1.14
C PHE B 74 -3.20 60.04 -1.79
N PRO B 75 -3.17 59.82 -3.12
CA PRO B 75 -1.97 59.24 -3.73
C PRO B 75 -0.83 60.23 -3.81
N ASP B 76 0.40 59.69 -3.84
CA ASP B 76 1.60 60.48 -4.05
C ASP B 76 2.04 60.24 -5.49
N LEU B 77 1.46 61.04 -6.39
CA LEU B 77 1.47 60.76 -7.82
C LEU B 77 2.86 60.56 -8.40
N ASP B 78 3.91 60.94 -7.67
CA ASP B 78 5.26 60.69 -8.19
C ASP B 78 5.59 59.21 -8.19
N THR B 79 4.99 58.44 -7.28
CA THR B 79 5.21 56.99 -7.21
C THR B 79 4.30 56.31 -8.23
N TRP B 80 4.81 56.09 -9.43
CA TRP B 80 4.00 55.55 -10.53
C TRP B 80 4.86 54.59 -11.35
N VAL B 81 4.50 53.31 -11.33
CA VAL B 81 5.10 52.28 -12.18
C VAL B 81 3.98 51.36 -12.65
N VAL B 82 4.27 50.61 -13.72
CA VAL B 82 3.42 49.49 -14.13
C VAL B 82 4.21 48.21 -13.91
N PHE B 83 3.53 47.17 -13.46
CA PHE B 83 4.19 45.90 -13.27
C PHE B 83 4.46 45.23 -14.61
N PRO B 84 5.67 44.72 -14.82
CA PRO B 84 6.02 44.11 -16.11
C PRO B 84 5.53 42.68 -16.27
N TRP B 85 4.57 42.25 -15.46
CA TRP B 85 3.94 40.94 -15.65
C TRP B 85 2.48 41.01 -16.09
N THR B 86 1.68 41.92 -15.52
CA THR B 86 0.32 42.11 -16.04
C THR B 86 0.41 42.83 -17.39
N ALA B 87 0.41 42.07 -18.48
CA ALA B 87 0.80 42.58 -19.79
C ALA B 87 -0.36 42.53 -20.79
N GLU B 88 -0.91 43.70 -21.11
CA GLU B 88 -1.87 43.93 -22.19
C GLU B 88 -3.23 43.28 -21.94
N LYS B 89 -3.28 42.30 -21.03
CA LYS B 89 -4.53 41.76 -20.55
C LYS B 89 -5.06 42.61 -19.41
N GLY B 90 -4.25 42.75 -18.37
CA GLY B 90 -4.60 43.49 -17.17
C GLY B 90 -3.56 44.49 -16.73
N LYS B 91 -2.94 45.22 -17.66
CA LYS B 91 -1.91 46.20 -17.37
C LYS B 91 -2.26 47.00 -16.12
N VAL B 92 -1.40 46.90 -15.09
CA VAL B 92 -1.68 47.44 -13.77
C VAL B 92 -0.83 48.68 -13.54
N ALA B 93 -1.46 49.75 -13.09
CA ALA B 93 -0.76 50.94 -12.60
C ALA B 93 -0.65 50.91 -11.08
N ARG B 94 0.31 51.67 -10.57
CA ARG B 94 0.59 51.69 -9.14
C ARG B 94 0.79 53.13 -8.68
N MET B 95 0.30 53.41 -7.47
CA MET B 95 0.75 54.55 -6.69
C MET B 95 1.01 54.09 -5.26
N ILE B 96 1.40 55.02 -4.42
CA ILE B 96 1.49 54.79 -2.98
C ILE B 96 0.79 55.96 -2.30
N CYS B 97 -0.14 55.66 -1.42
CA CYS B 97 -0.98 56.68 -0.80
C CYS B 97 -0.48 57.00 0.59
N ASP B 98 -0.77 58.22 1.02
CA ASP B 98 -0.66 58.62 2.42
C ASP B 98 -2.07 58.77 2.98
N ILE B 99 -2.18 58.64 4.31
CA ILE B 99 -3.47 58.49 4.96
C ILE B 99 -3.90 59.80 5.61
N TYR B 100 -5.18 60.15 5.43
CA TYR B 100 -5.81 61.33 5.99
C TYR B 100 -7.18 60.99 6.57
N ASN B 101 -7.57 61.77 7.60
CA ASN B 101 -8.83 61.61 8.32
C ASN B 101 -10.02 62.13 7.51
N PRO B 102 -11.25 61.98 8.01
CA PRO B 102 -12.38 62.67 7.35
C PRO B 102 -12.23 64.17 7.31
N ASP B 103 -11.81 64.78 8.41
CA ASP B 103 -11.51 66.20 8.43
C ASP B 103 -10.46 66.58 7.40
N MET B 104 -9.85 65.58 6.76
CA MET B 104 -8.74 65.73 5.82
C MET B 104 -7.52 66.33 6.51
N THR B 105 -7.51 66.32 7.83
CA THR B 105 -6.26 66.34 8.57
C THR B 105 -5.49 65.05 8.30
N PRO B 106 -4.28 65.12 7.75
CA PRO B 106 -3.52 63.89 7.49
C PRO B 106 -3.37 63.08 8.77
N PHE B 107 -3.33 61.75 8.59
CA PHE B 107 -3.55 60.85 9.70
C PHE B 107 -2.36 60.82 10.65
N ALA B 108 -2.66 60.73 11.95
CA ALA B 108 -1.68 60.84 13.01
C ALA B 108 -0.83 59.59 13.20
N GLY B 109 -1.06 58.56 12.40
CA GLY B 109 -0.30 57.34 12.55
C GLY B 109 0.28 56.86 11.24
N ASP B 110 -0.03 57.57 10.16
CA ASP B 110 0.52 57.27 8.84
C ASP B 110 2.04 57.15 8.95
N PRO B 111 2.61 55.95 8.74
CA PRO B 111 4.05 55.80 8.92
C PRO B 111 4.87 56.54 7.88
N ARG B 112 4.33 56.73 6.68
CA ARG B 112 5.02 57.51 5.66
C ARG B 112 4.90 59.01 5.91
N ALA B 113 3.90 59.45 6.67
CA ALA B 113 3.87 60.83 7.14
C ALA B 113 4.97 61.08 8.15
N ASN B 114 5.06 60.23 9.17
CA ASN B 114 6.07 60.38 10.22
C ASN B 114 7.46 60.55 9.64
N LEU B 115 7.78 59.79 8.59
CA LEU B 115 9.07 59.98 7.92
C LEU B 115 9.09 61.25 7.08
N LYS B 116 8.02 61.51 6.33
CA LYS B 116 7.90 62.79 5.65
C LYS B 116 7.91 63.96 6.62
N ARG B 117 7.60 63.70 7.90
CA ARG B 117 7.55 64.73 8.92
C ARG B 117 8.91 64.98 9.58
N VAL B 118 9.63 63.92 9.93
CA VAL B 118 10.96 64.07 10.51
C VAL B 118 11.99 64.24 9.41
N LEU B 119 11.53 64.37 8.17
CA LEU B 119 12.45 64.66 7.07
C LEU B 119 12.79 66.14 6.98
N LYS B 120 12.02 67.02 7.63
CA LYS B 120 12.29 68.44 7.62
C LYS B 120 12.91 68.92 8.93
N GLU B 121 13.27 68.00 9.82
CA GLU B 121 14.07 68.31 11.00
C GLU B 121 15.56 68.24 10.72
N MET B 122 15.95 67.72 9.56
CA MET B 122 17.26 68.01 8.99
C MET B 122 17.19 69.19 8.04
N GLU B 123 15.98 69.61 7.67
CA GLU B 123 15.80 70.80 6.85
C GLU B 123 16.14 72.07 7.62
N GLU B 124 15.63 72.20 8.84
CA GLU B 124 15.87 73.40 9.61
C GLU B 124 17.31 73.55 10.06
N LEU B 125 18.19 72.62 9.67
CA LEU B 125 19.63 72.75 9.91
C LEU B 125 20.45 72.46 8.65
N GLY B 126 19.83 72.55 7.47
CA GLY B 126 20.56 72.48 6.22
C GLY B 126 20.95 71.11 5.66
N PHE B 127 19.98 70.31 5.21
CA PHE B 127 20.31 69.08 4.51
C PHE B 127 19.35 68.84 3.35
N THR B 128 19.90 68.47 2.18
CA THR B 128 19.13 68.35 0.95
C THR B 128 18.27 67.09 0.94
N GLU B 129 18.91 65.93 1.10
CA GLU B 129 18.29 64.62 0.96
C GLU B 129 18.84 63.75 2.08
N PHE B 130 18.02 62.84 2.60
CA PHE B 130 18.53 61.83 3.52
C PHE B 130 18.72 60.53 2.73
N ASN B 131 19.98 60.23 2.41
CA ASN B 131 20.31 59.08 1.59
C ASN B 131 20.17 57.79 2.39
N LEU B 132 19.57 56.78 1.78
CA LEU B 132 19.52 55.43 2.35
C LEU B 132 19.68 54.41 1.24
N GLY B 133 20.59 53.45 1.44
CA GLY B 133 20.70 52.30 0.57
C GLY B 133 20.78 51.00 1.35
N PRO B 134 19.77 50.14 1.22
CA PRO B 134 19.75 48.87 1.96
C PRO B 134 20.24 47.66 1.18
N GLU B 135 20.88 46.74 1.92
CA GLU B 135 21.32 45.46 1.38
C GLU B 135 20.51 44.35 2.04
N PRO B 136 19.26 44.11 1.62
CA PRO B 136 18.39 43.17 2.34
C PRO B 136 18.61 41.73 1.88
N GLU B 137 19.09 40.89 2.80
CA GLU B 137 19.18 39.46 2.60
C GLU B 137 17.80 38.79 2.78
N PHE B 138 17.57 37.70 2.04
CA PHE B 138 16.37 36.89 2.21
C PHE B 138 16.72 35.41 2.08
N PHE B 139 15.82 34.54 2.56
CA PHE B 139 15.94 33.09 2.42
C PHE B 139 14.92 32.57 1.40
N LEU B 140 15.27 31.47 0.72
CA LEU B 140 14.45 30.92 -0.36
C LEU B 140 14.17 29.44 -0.07
N PHE B 141 12.89 29.12 0.12
CA PHE B 141 12.44 27.77 0.47
C PHE B 141 11.66 27.16 -0.70
N LYS B 142 11.78 25.84 -0.86
CA LYS B 142 11.05 25.11 -1.89
C LYS B 142 9.55 25.03 -1.55
N LEU B 143 8.80 24.37 -2.43
CA LEU B 143 7.35 24.20 -2.27
C LEU B 143 6.98 22.73 -2.41
N ASP B 144 5.68 22.45 -2.52
CA ASP B 144 5.20 21.08 -2.60
C ASP B 144 4.05 21.01 -3.60
N GLU B 145 3.38 19.85 -3.65
CA GLU B 145 2.17 19.68 -4.44
C GLU B 145 1.13 20.75 -4.07
N ASN B 146 0.98 20.99 -2.77
CA ASN B 146 0.04 21.97 -2.24
C ASN B 146 0.38 23.39 -2.69
N ARG B 147 1.57 23.62 -3.25
CA ARG B 147 2.11 24.97 -3.46
C ARG B 147 2.06 25.76 -2.15
N ARG B 148 2.75 25.24 -1.15
CA ARG B 148 2.88 25.84 0.17
C ARG B 148 4.32 25.68 0.63
N PRO B 149 4.76 26.49 1.62
CA PRO B 149 6.17 26.46 2.03
C PRO B 149 6.65 25.14 2.62
N THR B 150 7.93 25.05 2.95
CA THR B 150 8.56 23.79 3.38
C THR B 150 9.64 24.10 4.41
N LEU B 151 10.52 23.12 4.64
CA LEU B 151 11.67 23.28 5.52
C LEU B 151 13.00 23.16 4.78
N GLU B 152 12.99 22.95 3.47
CA GLU B 152 14.20 22.74 2.68
C GLU B 152 14.35 23.85 1.65
N LEU B 153 15.60 24.22 1.38
CA LEU B 153 15.95 25.50 0.78
C LEU B 153 16.52 25.29 -0.61
N ASN B 154 16.23 26.23 -1.52
CA ASN B 154 16.41 26.01 -2.95
C ASN B 154 17.78 25.45 -3.30
N ASP B 155 18.78 25.73 -2.48
CA ASP B 155 20.07 25.06 -2.64
C ASP B 155 20.80 25.11 -1.30
N SER B 156 21.69 24.14 -1.13
CA SER B 156 22.70 24.22 -0.10
C SER B 156 23.93 24.89 -0.71
N GLY B 157 24.16 26.16 -0.36
CA GLY B 157 25.22 26.93 -0.96
C GLY B 157 25.90 27.82 0.05
N GLY B 158 26.85 28.61 -0.45
CA GLY B 158 27.58 29.54 0.38
C GLY B 158 27.78 30.89 -0.31
N TYR B 159 28.56 31.75 0.33
CA TYR B 159 28.85 33.07 -0.24
C TYR B 159 29.45 32.94 -1.63
N PHE B 160 28.79 33.55 -2.62
CA PHE B 160 29.31 33.75 -3.97
C PHE B 160 29.41 32.48 -4.80
N ASP B 161 28.92 31.34 -4.32
CA ASP B 161 29.15 30.10 -5.04
C ASP B 161 28.46 30.14 -6.41
N LEU B 162 28.72 29.11 -7.21
CA LEU B 162 28.31 29.07 -8.61
C LEU B 162 27.25 28.00 -8.83
N ALA B 163 26.39 28.23 -9.82
CA ALA B 163 25.58 27.14 -10.31
C ALA B 163 26.52 26.08 -10.88
N PRO B 164 26.38 24.81 -10.49
CA PRO B 164 25.21 24.28 -9.79
C PRO B 164 25.15 24.43 -8.26
N THR B 165 26.22 24.84 -7.57
CA THR B 165 26.15 24.92 -6.11
C THR B 165 25.13 25.96 -5.65
N ASP B 166 24.94 27.02 -6.43
CA ASP B 166 23.86 27.97 -6.21
C ASP B 166 22.76 27.74 -7.24
N LEU B 167 21.51 27.93 -6.82
CA LEU B 167 20.36 27.60 -7.66
C LEU B 167 19.33 28.71 -7.78
N GLY B 168 19.58 29.87 -7.21
CA GLY B 168 18.81 31.03 -7.59
C GLY B 168 19.42 31.81 -8.74
N GLU B 169 20.55 31.33 -9.25
CA GLU B 169 21.33 31.97 -10.31
C GLU B 169 20.44 32.45 -11.43
N ASN B 170 19.45 31.64 -11.82
CA ASN B 170 18.45 32.03 -12.80
C ASN B 170 17.19 32.59 -12.16
N CYS B 171 17.01 32.40 -10.86
CA CYS B 171 15.92 33.07 -10.15
C CYS B 171 16.21 34.56 -10.02
N ARG B 172 17.31 34.91 -9.35
CA ARG B 172 17.58 36.32 -9.07
C ARG B 172 17.75 37.13 -10.34
N ARG B 173 18.22 36.50 -11.42
CA ARG B 173 18.29 37.22 -12.69
C ARG B 173 16.90 37.64 -13.15
N ASP B 174 15.94 36.71 -13.12
CA ASP B 174 14.58 37.05 -13.50
C ASP B 174 13.91 37.91 -12.44
N ILE B 175 14.45 37.95 -11.23
CA ILE B 175 13.97 38.90 -10.23
C ILE B 175 14.47 40.31 -10.53
N VAL B 176 15.80 40.47 -10.62
CA VAL B 176 16.35 41.82 -10.74
C VAL B 176 15.79 42.53 -11.96
N LEU B 177 15.82 41.88 -13.12
CA LEU B 177 15.32 42.50 -14.35
C LEU B 177 13.79 42.45 -14.37
N GLU B 178 13.19 42.13 -13.23
CA GLU B 178 11.81 42.51 -12.97
C GLU B 178 11.72 43.86 -12.28
N LEU B 179 12.68 44.17 -11.41
CA LEU B 179 12.78 45.53 -10.87
C LEU B 179 13.45 46.47 -11.86
N GLU B 180 14.35 45.95 -12.69
CA GLU B 180 15.11 46.80 -13.61
C GLU B 180 14.20 47.50 -14.58
N GLU B 181 13.24 46.77 -15.16
CA GLU B 181 12.14 47.38 -15.87
C GLU B 181 11.48 48.47 -15.02
N MET B 182 11.08 48.11 -13.80
CA MET B 182 10.26 48.95 -12.94
C MET B 182 10.95 50.25 -12.53
N GLY B 183 12.25 50.39 -12.78
CA GLY B 183 12.95 51.61 -12.39
C GLY B 183 13.88 51.53 -11.19
N PHE B 184 14.75 50.53 -11.16
CA PHE B 184 15.74 50.38 -10.11
C PHE B 184 17.13 50.42 -10.70
N GLU B 185 18.09 50.92 -9.94
CA GLU B 185 19.51 50.88 -10.31
C GLU B 185 20.17 49.77 -9.51
N ILE B 186 20.01 48.54 -10.01
CA ILE B 186 20.39 47.35 -9.27
C ILE B 186 21.90 47.22 -9.29
N GLU B 187 22.53 47.30 -8.12
CA GLU B 187 23.97 47.17 -8.05
C GLU B 187 24.40 45.72 -8.21
N ALA B 188 23.98 44.85 -7.29
CA ALA B 188 24.48 43.48 -7.27
C ALA B 188 23.37 42.48 -7.00
N SER B 189 23.47 41.31 -7.63
CA SER B 189 22.67 40.14 -7.30
C SER B 189 23.63 38.96 -7.14
N HIS B 190 23.42 38.16 -6.10
CA HIS B 190 24.34 37.07 -5.77
C HIS B 190 23.77 36.27 -4.61
N HIS B 191 24.52 35.25 -4.22
CA HIS B 191 24.13 34.33 -3.16
C HIS B 191 24.91 34.67 -1.89
N GLU B 192 24.18 34.95 -0.81
CA GLU B 192 24.82 35.29 0.47
C GLU B 192 25.29 34.02 1.18
N VAL B 193 25.72 34.18 2.43
CA VAL B 193 26.52 33.17 3.13
C VAL B 193 25.72 31.89 3.32
N ALA B 194 24.49 32.01 3.82
CA ALA B 194 23.70 30.88 4.29
C ALA B 194 22.93 30.25 3.13
N PRO B 195 22.82 28.91 3.10
CA PRO B 195 22.16 28.24 1.98
C PRO B 195 20.76 28.76 1.73
N GLY B 196 20.45 29.00 0.45
CA GLY B 196 19.17 29.56 0.08
C GLY B 196 18.99 31.01 0.41
N GLN B 197 20.00 31.69 0.95
CA GLN B 197 19.91 33.10 1.30
C GLN B 197 20.64 33.94 0.27
N HIS B 198 19.95 34.94 -0.27
CA HIS B 198 20.47 35.72 -1.39
C HIS B 198 20.34 37.21 -1.09
N GLU B 199 21.26 37.98 -1.67
CA GLU B 199 21.31 39.43 -1.51
C GLU B 199 21.15 40.05 -2.88
N ILE B 200 20.17 40.95 -3.02
CA ILE B 200 20.10 41.86 -4.15
C ILE B 200 19.92 43.27 -3.60
N ASP B 201 20.86 44.15 -3.92
CA ASP B 201 20.89 45.51 -3.40
C ASP B 201 21.01 46.50 -4.56
N PHE B 202 20.74 47.77 -4.28
CA PHE B 202 20.74 48.79 -5.32
C PHE B 202 21.38 50.08 -4.79
N LYS B 203 21.31 51.14 -5.59
CA LYS B 203 21.84 52.44 -5.19
C LYS B 203 20.90 53.13 -4.22
N TYR B 204 21.47 53.89 -3.31
CA TYR B 204 20.78 54.67 -2.29
C TYR B 204 19.74 55.61 -2.88
N GLU B 205 18.82 56.10 -2.05
CA GLU B 205 17.81 57.04 -2.52
C GLU B 205 17.38 57.96 -1.38
N ASP B 206 16.60 58.97 -1.74
CA ASP B 206 15.94 59.82 -0.76
C ASP B 206 15.19 58.98 0.26
N ALA B 207 15.03 59.53 1.47
CA ALA B 207 14.53 58.73 2.59
C ALA B 207 13.19 58.09 2.26
N ILE B 208 12.18 58.90 1.92
CA ILE B 208 10.88 58.30 1.64
C ILE B 208 10.91 57.49 0.35
N THR B 209 11.71 57.90 -0.63
CA THR B 209 11.67 57.21 -1.92
C THR B 209 12.60 56.02 -1.98
N ALA B 210 13.54 55.89 -1.04
CA ALA B 210 14.29 54.64 -0.91
C ALA B 210 13.42 53.58 -0.26
N CYS B 211 12.77 53.95 0.85
CA CYS B 211 11.88 53.01 1.51
C CYS B 211 10.58 52.82 0.74
N ASP B 212 10.19 53.82 -0.07
CA ASP B 212 9.21 53.55 -1.12
C ASP B 212 9.71 52.46 -2.05
N SER B 213 10.97 52.54 -2.44
CA SER B 213 11.57 51.52 -3.28
C SER B 213 11.84 50.21 -2.52
N ILE B 214 11.76 50.21 -1.19
CA ILE B 214 11.97 48.97 -0.44
C ILE B 214 10.75 48.06 -0.56
N GLN B 215 9.58 48.54 -0.11
CA GLN B 215 8.34 47.77 -0.21
C GLN B 215 8.11 47.25 -1.62
N THR B 216 8.64 47.95 -2.63
CA THR B 216 8.64 47.41 -3.98
C THR B 216 9.52 46.17 -4.08
N PHE B 217 10.72 46.22 -3.49
CA PHE B 217 11.65 45.11 -3.63
C PHE B 217 11.17 43.89 -2.87
N LYS B 218 10.55 44.08 -1.70
CA LYS B 218 10.03 42.95 -0.95
C LYS B 218 8.92 42.25 -1.73
N LEU B 219 7.89 42.99 -2.11
CA LEU B 219 6.81 42.43 -2.93
C LEU B 219 7.36 41.73 -4.16
N VAL B 220 8.20 42.44 -4.93
CA VAL B 220 8.65 41.92 -6.21
C VAL B 220 9.44 40.64 -6.01
N VAL B 221 10.29 40.59 -4.98
CA VAL B 221 11.00 39.35 -4.66
C VAL B 221 10.01 38.27 -4.21
N LYS B 222 9.01 38.64 -3.41
CA LYS B 222 7.99 37.68 -2.99
C LYS B 222 7.30 37.06 -4.20
N THR B 223 7.06 37.84 -5.25
CA THR B 223 6.21 37.38 -6.34
C THR B 223 7.00 36.56 -7.36
N ILE B 224 8.14 37.07 -7.82
CA ILE B 224 8.93 36.34 -8.79
C ILE B 224 9.57 35.09 -8.21
N ALA B 225 9.50 34.91 -6.89
CA ALA B 225 10.07 33.71 -6.29
C ALA B 225 9.24 32.47 -6.60
N ARG B 226 7.93 32.52 -6.37
CA ARG B 226 7.13 31.33 -6.61
C ARG B 226 6.70 31.19 -8.06
N LYS B 227 6.91 32.21 -8.89
CA LYS B 227 6.87 31.99 -10.33
C LYS B 227 7.96 31.04 -10.76
N HIS B 228 9.05 30.97 -9.98
CA HIS B 228 10.12 29.98 -10.17
C HIS B 228 10.03 28.86 -9.13
N GLY B 229 8.85 28.64 -8.55
CA GLY B 229 8.61 27.52 -7.67
C GLY B 229 9.03 27.69 -6.23
N LEU B 230 9.60 28.84 -5.87
CA LEU B 230 10.24 29.02 -4.57
C LEU B 230 9.47 29.98 -3.66
N HIS B 231 9.75 29.87 -2.38
CA HIS B 231 9.15 30.73 -1.36
C HIS B 231 10.13 31.83 -0.94
N ALA B 232 9.64 33.06 -0.89
CA ALA B 232 10.46 34.22 -0.57
C ALA B 232 10.11 34.71 0.83
N THR B 233 10.94 34.36 1.81
CA THR B 233 10.76 34.85 3.17
C THR B 233 11.77 35.95 3.47
N PHE B 234 11.30 37.02 4.09
CA PHE B 234 12.15 38.01 4.74
C PHE B 234 12.16 37.81 6.24
N MET B 235 12.11 36.56 6.65
CA MET B 235 12.26 36.23 8.06
C MET B 235 13.70 36.52 8.47
N PRO B 236 13.91 36.99 9.69
CA PRO B 236 15.27 37.35 10.12
C PRO B 236 16.14 36.15 10.47
N LYS B 237 15.55 35.12 11.08
CA LYS B 237 16.28 33.93 11.49
C LYS B 237 15.34 32.74 11.42
N PRO B 238 15.17 32.14 10.24
CA PRO B 238 14.31 30.97 10.13
C PRO B 238 15.01 29.66 10.46
N LEU B 239 16.32 29.59 10.26
CA LEU B 239 17.09 28.40 10.57
C LEU B 239 18.08 28.69 11.68
N PHE B 240 18.63 27.61 12.23
CA PHE B 240 19.68 27.70 13.22
C PHE B 240 21.04 27.61 12.55
N GLY B 241 22.04 28.17 13.22
CA GLY B 241 23.43 27.98 12.84
C GLY B 241 23.88 28.61 11.55
N VAL B 242 23.01 29.35 10.85
CA VAL B 242 23.39 30.03 9.62
C VAL B 242 23.12 31.52 9.76
N ASN B 243 23.89 32.30 9.00
CA ASN B 243 23.78 33.76 9.00
C ASN B 243 22.33 34.20 8.90
N GLY B 244 21.97 35.20 9.70
CA GLY B 244 20.67 35.80 9.58
C GLY B 244 20.53 36.55 8.28
N SER B 245 19.34 37.08 8.05
CA SER B 245 19.07 37.95 6.92
C SER B 245 18.88 39.36 7.45
N GLY B 246 19.76 40.27 7.04
CA GLY B 246 19.74 41.65 7.50
C GLY B 246 19.43 42.60 6.36
N MET B 247 18.57 43.59 6.63
CA MET B 247 18.34 44.69 5.71
C MET B 247 19.31 45.80 6.10
N HIS B 248 20.54 45.65 5.60
CA HIS B 248 21.63 46.55 5.97
C HIS B 248 21.22 48.00 5.78
N PHE B 249 21.82 48.88 6.56
CA PHE B 249 21.53 50.30 6.47
C PHE B 249 22.81 51.05 6.15
N ASN B 250 22.93 51.48 4.89
CA ASN B 250 23.83 52.55 4.51
C ASN B 250 23.02 53.85 4.46
N MET B 251 23.57 54.92 5.05
CA MET B 251 22.93 56.21 4.92
C MET B 251 24.00 57.30 4.88
N SER B 252 23.56 58.50 4.52
CA SER B 252 24.45 59.65 4.38
C SER B 252 23.59 60.90 4.23
N LEU B 253 24.17 62.04 4.59
CA LEU B 253 23.48 63.32 4.56
C LEU B 253 24.11 64.21 3.50
N PHE B 254 23.27 64.92 2.76
CA PHE B 254 23.68 65.67 1.58
C PHE B 254 23.46 67.17 1.77
N ASN B 255 24.37 67.96 1.17
CA ASN B 255 24.30 69.42 1.33
C ASN B 255 24.99 70.09 0.15
N GLU B 256 24.19 70.66 -0.76
CA GLU B 256 24.66 71.56 -1.83
C GLU B 256 25.79 70.94 -2.65
N LYS B 257 25.46 69.84 -3.34
CA LYS B 257 26.38 69.06 -4.16
C LYS B 257 27.64 68.71 -3.38
N GLY B 258 27.43 68.01 -2.26
CA GLY B 258 28.49 67.51 -1.43
C GLY B 258 27.95 66.51 -0.42
N ASN B 259 28.62 65.37 -0.29
CA ASN B 259 28.25 64.36 0.69
C ASN B 259 28.78 64.82 2.04
N ALA B 260 27.90 65.34 2.90
CA ALA B 260 28.31 66.05 4.10
C ALA B 260 29.24 65.24 5.01
N PHE B 261 29.41 63.94 4.74
CA PHE B 261 30.37 63.13 5.47
C PHE B 261 31.76 63.16 4.86
N PHE B 262 31.89 63.58 3.60
CA PHE B 262 33.18 63.59 2.93
C PHE B 262 34.09 64.67 3.51
N ASP B 263 35.35 64.30 3.72
CA ASP B 263 36.41 65.21 4.17
C ASP B 263 37.55 65.02 3.18
N GLU B 264 37.51 65.82 2.11
CA GLU B 264 38.15 65.55 0.82
C GLU B 264 39.57 64.99 0.87
N SER B 265 40.42 65.47 1.77
CA SER B 265 41.84 65.11 1.71
C SER B 265 42.37 64.74 3.10
N GLY B 266 41.61 63.94 3.83
CA GLY B 266 42.03 63.46 5.13
C GLY B 266 42.69 62.10 5.06
N GLU B 267 42.88 61.52 6.24
CA GLU B 267 43.23 60.11 6.41
C GLU B 267 42.05 59.34 7.01
N LEU B 268 40.96 60.04 7.27
CA LEU B 268 39.69 59.47 7.69
C LEU B 268 38.57 59.76 6.72
N GLU B 269 38.70 60.78 5.87
CA GLU B 269 37.70 61.19 4.88
C GLU B 269 36.30 61.36 5.48
N LEU B 270 36.20 61.57 6.78
CA LEU B 270 34.91 61.58 7.48
C LEU B 270 34.82 62.84 8.31
N SER B 271 33.86 63.71 7.98
CA SER B 271 33.66 64.98 8.67
C SER B 271 33.42 64.77 10.17
N GLN B 272 33.58 65.85 10.95
CA GLN B 272 33.20 65.77 12.34
C GLN B 272 31.70 65.93 12.53
N THR B 273 30.98 66.33 11.48
CA THR B 273 29.53 66.21 11.48
C THR B 273 29.11 64.75 11.30
N ALA B 274 29.78 64.04 10.39
CA ALA B 274 29.62 62.59 10.31
C ALA B 274 29.98 61.93 11.64
N TYR B 275 31.22 62.13 12.09
CA TYR B 275 31.69 61.57 13.35
C TYR B 275 30.70 61.80 14.49
N HIS B 276 29.98 62.92 14.48
CA HIS B 276 28.99 63.14 15.53
C HIS B 276 27.74 62.28 15.34
N PHE B 277 27.39 61.96 14.10
CA PHE B 277 26.23 61.13 13.82
C PHE B 277 26.39 59.73 14.40
N LEU B 278 27.62 59.20 14.41
CA LEU B 278 27.87 57.89 14.98
C LEU B 278 27.40 57.83 16.43
N ALA B 279 27.98 58.69 17.28
CA ALA B 279 27.53 58.80 18.66
C ALA B 279 26.04 59.09 18.75
N GLY B 280 25.51 59.79 17.75
CA GLY B 280 24.07 60.04 17.72
C GLY B 280 23.25 58.77 17.85
N MET B 281 23.54 57.78 17.01
CA MET B 281 22.90 56.48 17.17
C MET B 281 23.55 55.67 18.28
N LEU B 282 24.88 55.54 18.26
CA LEU B 282 25.58 54.67 19.21
C LEU B 282 25.10 54.91 20.64
N LYS B 283 24.84 56.16 21.00
CA LYS B 283 24.29 56.45 22.32
C LYS B 283 22.86 55.95 22.46
N HIS B 284 22.01 56.26 21.47
CA HIS B 284 20.62 55.86 21.53
C HIS B 284 20.38 54.46 20.97
N ALA B 285 21.45 53.75 20.60
CA ALA B 285 21.31 52.41 20.04
C ALA B 285 20.35 51.55 20.85
N ARG B 286 20.59 51.43 22.16
CA ARG B 286 19.80 50.54 23.01
C ARG B 286 18.34 50.96 23.13
N GLY B 287 17.96 52.07 22.51
CA GLY B 287 16.62 52.59 22.74
C GLY B 287 15.67 52.39 21.58
N TYR B 288 16.19 52.41 20.37
CA TYR B 288 15.37 52.31 19.17
C TYR B 288 15.63 51.03 18.37
N THR B 289 16.37 50.08 18.92
CA THR B 289 16.56 48.80 18.24
C THR B 289 15.33 47.91 18.31
N ALA B 290 14.45 48.13 19.30
CA ALA B 290 13.15 47.48 19.27
C ALA B 290 12.34 47.88 18.04
N VAL B 291 12.74 48.94 17.35
CA VAL B 291 12.14 49.32 16.08
C VAL B 291 13.03 48.84 14.94
N THR B 292 14.33 48.72 15.19
CA THR B 292 15.19 48.15 14.15
C THR B 292 15.06 46.64 14.04
N ASN B 293 14.61 45.97 15.11
CA ASN B 293 14.33 44.54 15.08
C ASN B 293 13.13 44.29 15.98
N PRO B 294 11.91 44.36 15.44
CA PRO B 294 10.72 44.35 16.30
C PRO B 294 10.13 42.98 16.62
N THR B 295 10.55 41.94 15.91
CA THR B 295 9.96 40.62 16.09
C THR B 295 10.76 39.78 17.08
N ILE B 296 10.06 38.86 17.77
CA ILE B 296 10.70 38.07 18.81
C ILE B 296 11.77 37.16 18.21
N ASN B 297 11.62 36.77 16.95
CA ASN B 297 12.64 35.96 16.29
C ASN B 297 13.88 36.78 15.96
N SER B 298 13.72 38.09 15.77
CA SER B 298 14.82 38.96 15.37
C SER B 298 16.04 38.76 16.28
N PHE B 299 15.82 38.69 17.59
CA PHE B 299 16.91 38.74 18.56
C PHE B 299 17.75 37.48 18.55
N LYS B 300 17.26 36.41 17.93
CA LYS B 300 18.05 35.20 17.72
C LYS B 300 19.02 35.35 16.56
N ARG B 301 18.83 36.34 15.70
CA ARG B 301 19.87 36.67 14.72
C ARG B 301 20.92 37.58 15.34
N LEU B 302 20.52 38.39 16.33
CA LEU B 302 21.41 39.35 16.99
C LEU B 302 22.22 38.58 18.05
N VAL B 303 23.29 37.96 17.59
CA VAL B 303 24.17 37.11 18.41
C VAL B 303 25.55 37.09 17.76
N PRO B 304 26.59 36.62 18.44
CA PRO B 304 27.93 36.60 17.82
C PRO B 304 28.00 35.63 16.65
N GLY B 305 29.14 35.70 15.96
CA GLY B 305 29.55 34.70 15.00
C GLY B 305 28.85 34.72 13.66
N TYR B 306 27.66 35.30 13.56
CA TYR B 306 26.87 35.20 12.35
C TYR B 306 26.89 36.49 11.53
N GLU B 307 28.00 37.23 11.61
CA GLU B 307 28.17 38.50 10.94
C GLU B 307 27.00 39.43 11.28
N ALA B 308 26.76 39.59 12.58
CA ALA B 308 25.62 40.34 13.06
C ALA B 308 26.00 41.04 14.35
N PRO B 309 25.55 42.28 14.55
CA PRO B 309 25.97 43.04 15.73
C PRO B 309 25.41 42.43 17.01
N CYS B 310 26.31 42.17 17.96
CA CYS B 310 25.89 41.87 19.32
C CYS B 310 26.15 43.01 20.28
N TYR B 311 27.06 43.93 19.96
CA TYR B 311 27.48 44.96 20.88
C TYR B 311 27.39 46.32 20.20
N ILE B 312 27.12 47.35 21.00
CA ILE B 312 27.10 48.73 20.52
C ILE B 312 28.55 49.19 20.44
N ALA B 313 29.08 49.21 19.22
CA ALA B 313 30.48 49.54 18.97
C ALA B 313 30.62 49.69 17.46
N TRP B 314 31.74 50.25 17.03
CA TRP B 314 31.95 50.49 15.61
C TRP B 314 33.42 50.28 15.26
N SER B 315 33.66 50.07 13.98
CA SER B 315 35.01 49.96 13.43
C SER B 315 34.92 50.06 11.90
N GLY B 316 36.09 50.19 11.28
CA GLY B 316 36.18 50.43 9.85
C GLY B 316 36.46 49.17 9.05
N LYS B 317 35.92 49.14 7.83
CA LYS B 317 36.02 48.00 6.89
C LYS B 317 35.90 46.67 7.62
N ASN B 318 34.91 46.60 8.52
CA ASN B 318 34.78 45.52 9.49
C ASN B 318 33.30 45.23 9.67
N ARG B 319 32.91 43.96 9.53
CA ARG B 319 31.51 43.59 9.54
C ARG B 319 31.05 42.92 10.83
N SER B 320 31.85 42.97 11.89
CA SER B 320 31.39 42.62 13.23
C SER B 320 30.67 43.76 13.94
N PRO B 321 31.18 44.99 13.94
CA PRO B 321 30.61 46.02 14.82
C PRO B 321 29.24 46.49 14.37
N LEU B 322 28.52 47.10 15.32
CA LEU B 322 27.17 47.58 15.05
C LEU B 322 27.16 48.52 13.85
N VAL B 323 28.14 49.42 13.77
CA VAL B 323 28.24 50.35 12.66
C VAL B 323 29.55 50.08 11.92
N ARG B 324 29.43 49.65 10.67
CA ARG B 324 30.58 49.36 9.82
C ARG B 324 30.94 50.59 8.99
N VAL B 325 32.24 50.79 8.80
CA VAL B 325 32.73 51.94 8.05
C VAL B 325 33.30 51.47 6.72
N PRO B 326 32.51 51.50 5.64
CA PRO B 326 33.04 51.11 4.33
C PRO B 326 34.16 52.04 3.89
N SER B 327 35.29 51.46 3.53
CA SER B 327 36.46 52.24 3.16
C SER B 327 36.34 52.89 1.79
N SER B 328 35.28 52.58 1.04
CA SER B 328 34.95 53.32 -0.18
C SER B 328 34.23 54.59 0.21
N ARG B 329 34.84 55.75 -0.03
CA ARG B 329 34.23 57.00 0.38
C ARG B 329 33.82 57.87 -0.79
N GLY B 330 34.75 58.30 -1.65
CA GLY B 330 34.43 59.17 -2.77
C GLY B 330 33.33 60.15 -2.42
N LEU B 331 32.24 60.15 -3.18
CA LEU B 331 30.98 60.64 -2.66
C LEU B 331 30.16 59.54 -2.00
N SER B 332 30.50 58.28 -2.26
CA SER B 332 29.79 57.11 -1.76
C SER B 332 30.09 56.87 -0.29
N THR B 333 30.69 57.86 0.36
CA THR B 333 30.89 57.84 1.80
C THR B 333 29.57 57.54 2.50
N ARG B 334 29.66 56.74 3.56
CA ARG B 334 28.47 56.30 4.28
C ARG B 334 28.90 55.70 5.60
N LEU B 335 27.99 55.72 6.56
CA LEU B 335 28.10 54.92 7.77
C LEU B 335 27.04 53.82 7.71
N GLU B 336 27.44 52.58 7.97
CA GLU B 336 26.59 51.42 7.71
C GLU B 336 26.23 50.74 9.03
N LEU B 337 25.04 51.04 9.54
CA LEU B 337 24.50 50.34 10.69
C LEU B 337 23.87 49.02 10.22
N ARG B 338 24.35 47.91 10.77
CA ARG B 338 23.91 46.58 10.34
C ARG B 338 22.95 45.92 11.32
N SER B 339 22.41 46.67 12.28
CA SER B 339 21.56 46.09 13.31
C SER B 339 20.09 45.99 12.90
N VAL B 340 19.80 45.98 11.60
CA VAL B 340 18.44 45.84 11.11
C VAL B 340 18.31 44.51 10.38
N ASP B 341 17.11 43.92 10.47
CA ASP B 341 16.70 42.79 9.64
C ASP B 341 15.41 43.15 8.93
N PRO B 342 15.16 42.58 7.74
CA PRO B 342 14.06 43.09 6.89
C PRO B 342 12.68 42.77 7.41
N SER B 343 12.47 43.04 8.70
CA SER B 343 11.15 43.00 9.33
C SER B 343 10.70 44.37 9.81
N ALA B 344 11.65 45.21 10.22
CA ALA B 344 11.35 46.56 10.70
C ALA B 344 10.66 47.37 9.62
N ASN B 345 9.97 48.42 10.07
CA ASN B 345 9.17 49.24 9.17
C ASN B 345 10.06 50.30 8.54
N PRO B 346 10.30 50.25 7.22
CA PRO B 346 11.24 51.21 6.60
C PRO B 346 10.88 52.67 6.85
N TYR B 347 9.62 53.05 6.70
CA TYR B 347 9.26 54.45 6.95
C TYR B 347 9.39 54.85 8.41
N LEU B 348 9.77 53.96 9.32
CA LEU B 348 9.91 54.30 10.73
C LEU B 348 11.22 53.91 11.38
N ALA B 349 12.02 53.03 10.78
CA ALA B 349 13.37 52.85 11.29
C ALA B 349 14.32 53.91 10.77
N MET B 350 13.88 54.72 9.81
CA MET B 350 14.63 55.88 9.34
C MET B 350 14.30 57.10 10.19
N ALA B 351 13.02 57.26 10.54
CA ALA B 351 12.64 58.25 11.53
C ALA B 351 13.38 58.02 12.83
N VAL B 352 13.26 56.81 13.39
CA VAL B 352 13.82 56.50 14.70
C VAL B 352 15.32 56.25 14.67
N LEU B 353 15.96 56.29 13.48
CA LEU B 353 17.41 56.34 13.33
C LEU B 353 17.91 57.75 13.06
N LEU B 354 17.08 58.61 12.47
CA LEU B 354 17.43 60.01 12.24
C LEU B 354 17.23 60.79 13.51
N LYS B 355 16.02 60.71 14.09
CA LYS B 355 15.64 61.51 15.23
C LYS B 355 16.63 61.34 16.38
N ALA B 356 17.39 60.26 16.37
CA ALA B 356 18.44 60.00 17.34
C ALA B 356 19.81 60.38 16.82
N GLY B 357 20.12 60.03 15.57
CA GLY B 357 21.46 60.26 15.05
C GLY B 357 21.81 61.73 14.88
N LEU B 358 20.88 62.52 14.33
CA LEU B 358 21.12 63.96 14.27
C LEU B 358 20.92 64.63 15.62
N SER B 359 20.40 63.90 16.61
CA SER B 359 20.56 64.36 17.98
C SER B 359 21.97 64.12 18.51
N GLY B 360 22.78 63.34 17.78
CA GLY B 360 24.20 63.29 18.06
C GLY B 360 24.96 64.50 17.55
N ILE B 361 24.30 65.32 16.73
CA ILE B 361 24.90 66.54 16.21
C ILE B 361 24.28 67.78 16.85
N LYS B 362 22.96 67.77 17.03
CA LYS B 362 22.33 68.85 17.79
C LYS B 362 22.92 68.93 19.20
N ASP B 363 23.17 67.79 19.82
CA ASP B 363 23.87 67.74 21.09
C ASP B 363 25.38 67.54 20.92
N GLU B 364 25.83 67.27 19.71
CA GLU B 364 27.25 67.29 19.33
C GLU B 364 28.11 66.38 20.22
N LEU B 365 27.67 65.16 20.40
CA LEU B 365 28.39 64.22 21.23
C LEU B 365 29.59 63.67 20.48
N THR B 366 30.38 62.81 21.14
CA THR B 366 31.62 62.29 20.56
C THR B 366 31.60 60.76 20.55
N PRO B 367 31.81 60.11 19.41
CA PRO B 367 31.64 58.67 19.33
C PRO B 367 32.89 57.96 19.99
N PRO B 368 32.64 56.79 20.53
CA PRO B 368 33.74 56.12 21.25
C PRO B 368 34.88 55.63 20.36
N ALA B 369 35.82 54.93 20.97
CA ALA B 369 36.93 54.35 20.24
C ALA B 369 36.40 53.38 19.19
N PRO B 370 36.82 53.49 17.92
CA PRO B 370 36.56 52.41 16.97
C PRO B 370 37.38 51.20 17.35
N VAL B 371 36.69 50.10 17.65
CA VAL B 371 37.33 48.89 18.14
C VAL B 371 37.56 47.99 16.92
N ASP B 372 38.73 48.16 16.30
CA ASP B 372 39.05 47.42 15.09
C ASP B 372 39.72 46.09 15.40
N ARG B 373 39.08 45.34 16.29
CA ARG B 373 39.30 43.93 16.49
C ARG B 373 37.99 43.23 16.22
N ASN B 374 38.02 41.91 16.14
CA ASN B 374 36.77 41.18 16.19
C ASN B 374 36.12 41.43 17.56
N ILE B 375 34.92 42.00 17.54
CA ILE B 375 34.28 42.35 18.81
C ILE B 375 33.79 41.11 19.53
N TYR B 376 33.37 40.09 18.78
CA TYR B 376 32.94 38.83 19.42
C TYR B 376 34.05 38.25 20.27
N GLY B 377 35.29 38.33 19.79
CA GLY B 377 36.43 37.73 20.48
C GLY B 377 36.70 38.29 21.87
N MET B 378 36.09 39.42 22.23
CA MET B 378 36.42 40.06 23.49
C MET B 378 35.87 39.27 24.66
N ASN B 379 36.69 39.14 25.71
CA ASN B 379 36.28 38.42 26.90
C ASN B 379 35.07 39.09 27.55
N GLU B 380 34.33 38.29 28.33
CA GLU B 380 33.07 38.76 28.93
C GLU B 380 33.22 40.13 29.57
N GLU B 381 34.38 40.42 30.16
CA GLU B 381 34.59 41.68 30.84
C GLU B 381 35.75 42.49 30.31
N GLU B 382 36.56 41.94 29.40
CA GLU B 382 37.54 42.76 28.71
C GLU B 382 36.86 43.84 27.88
N ARG B 383 35.68 43.53 27.35
CA ARG B 383 34.85 44.55 26.70
C ARG B 383 33.99 45.32 27.69
N GLU B 384 33.96 44.90 28.96
CA GLU B 384 33.36 45.75 29.98
C GLU B 384 34.26 46.96 30.26
N ALA B 385 35.56 46.84 29.97
CA ALA B 385 36.50 47.92 30.22
C ALA B 385 36.49 48.96 29.10
N THR B 386 36.46 48.51 27.85
CA THR B 386 36.34 49.44 26.73
C THR B 386 34.93 50.04 26.64
N GLY B 387 34.02 49.73 27.58
CA GLY B 387 32.73 50.36 27.66
C GLY B 387 31.71 49.89 26.64
N ILE B 388 32.10 49.02 25.70
CA ILE B 388 31.16 48.55 24.70
C ILE B 388 30.20 47.60 25.39
N TYR B 389 29.01 48.09 25.67
CA TYR B 389 28.00 47.27 26.29
C TYR B 389 27.21 46.53 25.22
N ASP B 390 26.21 45.77 25.67
CA ASP B 390 25.54 44.77 24.86
C ASP B 390 24.15 45.24 24.43
N LEU B 391 23.74 44.78 23.25
CA LEU B 391 22.40 45.04 22.75
C LEU B 391 21.36 44.36 23.64
N PRO B 392 20.09 44.78 23.56
CA PRO B 392 19.08 44.22 24.45
C PRO B 392 18.84 42.74 24.18
N GLU B 393 18.41 42.02 25.24
CA GLU B 393 18.42 40.56 25.20
C GLU B 393 17.18 39.98 24.54
N SER B 394 16.01 40.18 25.15
CA SER B 394 14.75 39.74 24.56
C SER B 394 13.97 40.96 24.10
N LEU B 395 12.97 40.71 23.24
CA LEU B 395 12.06 41.79 22.92
C LEU B 395 11.43 42.37 24.18
N GLY B 396 11.19 41.54 25.20
CA GLY B 396 10.77 42.05 26.49
C GLY B 396 11.76 43.05 27.07
N HIS B 397 13.06 42.80 26.91
CA HIS B 397 14.04 43.70 27.49
C HIS B 397 14.24 44.94 26.61
N ALA B 398 14.19 44.78 25.30
CA ALA B 398 14.29 45.91 24.39
C ALA B 398 13.03 46.76 24.35
N LEU B 399 11.90 46.24 24.85
CA LEU B 399 10.67 47.03 24.87
C LEU B 399 10.70 48.05 25.99
N ILE B 400 11.10 47.63 27.20
CA ILE B 400 11.30 48.56 28.30
C ILE B 400 12.19 49.71 27.87
N GLU B 401 13.33 49.36 27.24
CA GLU B 401 14.33 50.35 26.85
C GLU B 401 13.82 51.33 25.81
N LEU B 402 12.77 50.99 25.05
CA LEU B 402 12.20 52.00 24.16
C LEU B 402 11.28 52.95 24.94
N GLU B 403 10.41 52.39 25.79
CA GLU B 403 9.46 53.21 26.54
C GLU B 403 10.16 54.31 27.34
N LYS B 404 11.43 54.09 27.71
CA LYS B 404 12.15 55.03 28.56
C LYS B 404 12.92 56.07 27.77
N ASN B 405 13.49 55.69 26.63
CA ASN B 405 14.24 56.65 25.82
C ASN B 405 13.30 57.72 25.26
N GLU B 406 13.55 58.97 25.64
CA GLU B 406 12.70 60.09 25.23
C GLU B 406 13.00 60.50 23.80
N ILE B 407 14.28 60.45 23.41
CA ILE B 407 14.71 60.92 22.09
C ILE B 407 13.91 60.24 21.00
N ILE B 408 13.98 58.91 20.94
CA ILE B 408 13.35 58.18 19.85
C ILE B 408 11.84 58.06 20.05
N LYS B 409 11.37 58.20 21.30
CA LYS B 409 9.93 58.13 21.56
C LYS B 409 9.19 59.27 20.87
N ASP B 410 9.83 60.43 20.72
CA ASP B 410 9.23 61.59 20.08
C ASP B 410 9.53 61.67 18.60
N GLY B 411 10.40 60.81 18.08
CA GLY B 411 10.59 60.69 16.65
C GLY B 411 9.83 59.49 16.15
N LEU B 412 8.73 59.20 16.84
CA LEU B 412 7.94 58.02 16.57
C LEU B 412 6.44 58.30 16.51
N GLY B 413 5.97 59.40 17.07
CA GLY B 413 4.55 59.71 17.10
C GLY B 413 3.92 59.37 18.43
N GLU B 414 2.86 60.10 18.78
CA GLU B 414 2.10 59.82 19.99
C GLU B 414 1.04 58.75 19.78
N HIS B 415 0.54 58.61 18.55
CA HIS B 415 -0.40 57.54 18.24
C HIS B 415 0.29 56.31 17.66
N ILE B 416 1.55 56.42 17.26
CA ILE B 416 2.28 55.28 16.75
C ILE B 416 2.98 54.53 17.88
N PHE B 417 3.55 55.25 18.85
CA PHE B 417 4.15 54.60 20.01
C PHE B 417 3.09 53.96 20.90
N GLU B 418 1.89 54.54 20.96
CA GLU B 418 0.85 54.02 21.83
C GLU B 418 0.24 52.72 21.28
N HIS B 419 0.11 52.60 19.96
CA HIS B 419 -0.45 51.41 19.34
C HIS B 419 0.61 50.47 18.79
N PHE B 420 1.89 50.70 19.11
CA PHE B 420 2.98 49.78 18.78
C PHE B 420 3.53 49.09 20.02
N ILE B 421 3.51 49.76 21.18
CA ILE B 421 3.92 49.09 22.41
C ILE B 421 2.87 48.09 22.87
N GLU B 422 1.59 48.36 22.61
CA GLU B 422 0.54 47.45 23.05
C GLU B 422 0.61 46.12 22.31
N ALA B 423 0.83 46.18 20.99
CA ALA B 423 0.89 44.95 20.20
C ALA B 423 2.11 44.12 20.57
N LYS B 424 3.30 44.73 20.56
CA LYS B 424 4.51 43.94 20.76
C LYS B 424 4.58 43.32 22.14
N THR B 425 3.87 43.87 23.12
CA THR B 425 3.77 43.19 24.41
C THR B 425 2.88 41.96 24.32
N ILE B 426 1.69 42.10 23.76
CA ILE B 426 0.88 40.91 23.53
C ILE B 426 1.51 40.03 22.46
N GLU B 427 2.25 40.60 21.51
CA GLU B 427 3.04 39.76 20.64
C GLU B 427 4.18 39.09 21.41
N CYS B 428 4.75 39.79 22.39
CA CYS B 428 5.74 39.17 23.25
C CYS B 428 5.12 38.24 24.29
N ASP B 429 3.81 38.35 24.54
CA ASP B 429 3.21 37.60 25.64
C ASP B 429 2.86 36.18 25.22
N MET B 430 2.19 36.03 24.06
CA MET B 430 1.97 34.70 23.50
C MET B 430 3.25 33.88 23.50
N PHE B 431 4.36 34.53 23.14
CA PHE B 431 5.65 33.86 23.16
C PHE B 431 6.03 33.41 24.57
N ARG B 432 5.73 34.24 25.57
CA ARG B 432 6.13 33.88 26.92
C ARG B 432 5.23 32.79 27.51
N THR B 433 3.98 32.72 27.07
CA THR B 433 3.02 31.82 27.71
C THR B 433 2.92 30.45 27.05
N ALA B 434 3.15 30.36 25.74
CA ALA B 434 3.08 29.06 25.09
C ALA B 434 4.31 28.23 25.43
N VAL B 435 4.17 26.91 25.30
CA VAL B 435 5.29 25.98 25.44
C VAL B 435 5.66 25.47 24.06
N HIS B 436 6.94 25.36 23.80
CA HIS B 436 7.41 24.94 22.51
C HIS B 436 8.00 23.53 22.58
N PRO B 437 7.94 22.78 21.48
CA PRO B 437 8.50 21.42 21.48
C PRO B 437 9.94 21.33 21.95
N TRP B 438 10.66 22.46 22.01
CA TRP B 438 12.00 22.45 22.59
C TRP B 438 11.98 21.87 24.00
N GLU B 439 10.90 22.10 24.74
CA GLU B 439 10.88 21.86 26.18
C GLU B 439 10.50 20.42 26.54
N ARG B 440 9.49 19.85 25.87
CA ARG B 440 9.30 18.41 26.02
C ARG B 440 10.54 17.65 25.59
N GLU B 441 11.22 18.14 24.55
CA GLU B 441 12.49 17.56 24.13
C GLU B 441 13.53 17.58 25.25
N GLN B 442 13.45 18.58 26.13
CA GLN B 442 14.48 18.80 27.14
C GLN B 442 14.08 18.39 28.55
N TYR B 443 12.78 18.34 28.85
CA TYR B 443 12.31 18.20 30.22
C TYR B 443 11.41 16.99 30.46
N LEU B 444 10.66 16.57 29.43
CA LEU B 444 9.61 15.57 29.60
C LEU B 444 10.12 14.25 30.16
N GLU B 445 10.93 13.54 29.39
CA GLU B 445 11.32 12.19 29.74
C GLU B 445 12.35 12.14 30.86
N ILE B 446 12.84 13.28 31.32
CA ILE B 446 13.89 13.30 32.32
C ILE B 446 13.40 13.75 33.70
N TYR B 447 12.30 14.51 33.77
CA TYR B 447 11.76 14.92 35.07
C TYR B 447 10.35 14.36 35.31
N LYS C 6 16.76 5.02 66.34
CA LYS C 6 17.66 4.99 65.19
C LYS C 6 18.19 3.58 64.95
N TYR C 7 18.55 3.32 63.70
CA TYR C 7 19.07 2.02 63.27
C TYR C 7 20.58 2.02 63.38
N THR C 8 21.14 0.85 63.70
CA THR C 8 22.60 0.68 63.74
C THR C 8 23.04 -0.31 62.67
N LYS C 9 24.37 -0.44 62.53
CA LYS C 9 24.96 -1.37 61.59
C LYS C 9 24.67 -2.83 61.93
N GLU C 10 24.09 -3.10 63.11
CA GLU C 10 23.83 -4.46 63.56
C GLU C 10 22.44 -4.96 63.23
N ASP C 11 21.47 -4.06 63.07
CA ASP C 11 20.13 -4.42 62.63
C ASP C 11 19.95 -4.25 61.12
N ILE C 12 21.01 -3.88 60.39
CA ILE C 12 20.97 -3.97 58.93
C ILE C 12 21.38 -5.34 58.43
N PHE C 13 22.17 -6.07 59.22
CA PHE C 13 22.46 -7.47 58.89
C PHE C 13 21.20 -8.33 58.99
N ARG C 14 20.29 -8.00 59.89
CA ARG C 14 19.06 -8.77 60.08
C ARG C 14 17.91 -8.27 59.20
N PHE C 15 18.15 -7.31 58.32
CA PHE C 15 17.22 -7.01 57.24
C PHE C 15 17.69 -7.55 55.90
N ALA C 16 19.00 -7.72 55.71
CA ALA C 16 19.45 -8.46 54.55
C ALA C 16 19.18 -9.95 54.68
N ASP C 17 19.22 -10.46 55.91
CA ASP C 17 19.10 -11.89 56.16
C ASP C 17 17.67 -12.33 56.46
N GLU C 18 16.88 -11.50 57.16
CA GLU C 18 15.48 -11.86 57.38
C GLU C 18 14.66 -11.66 56.11
N GLN C 19 14.68 -10.44 55.56
CA GLN C 19 13.93 -10.13 54.35
C GLN C 19 14.44 -10.91 53.14
N ASN C 20 15.61 -11.54 53.23
CA ASN C 20 16.20 -12.30 52.13
C ASN C 20 16.36 -11.48 50.86
N VAL C 21 16.81 -10.22 51.03
CA VAL C 21 17.18 -9.43 49.87
C VAL C 21 18.41 -10.03 49.21
N LYS C 22 18.64 -9.62 47.95
CA LYS C 22 19.79 -10.08 47.18
C LYS C 22 20.68 -8.96 46.68
N PHE C 23 20.26 -7.69 46.83
CA PHE C 23 21.02 -6.55 46.36
C PHE C 23 20.68 -5.34 47.22
N ILE C 24 21.57 -4.35 47.20
CA ILE C 24 21.34 -3.07 47.87
C ILE C 24 21.65 -1.95 46.89
N ARG C 25 20.68 -1.06 46.68
CA ARG C 25 20.83 0.06 45.76
C ARG C 25 21.31 1.28 46.55
N LEU C 26 22.49 1.77 46.23
CA LEU C 26 23.12 2.87 46.96
C LEU C 26 22.87 4.15 46.17
N GLN C 27 21.84 4.90 46.56
CA GLN C 27 21.34 6.01 45.77
C GLN C 27 21.86 7.34 46.29
N PHE C 28 21.65 8.39 45.48
CA PHE C 28 21.73 9.78 45.93
C PHE C 28 21.20 10.67 44.82
N THR C 29 21.25 11.99 45.06
CA THR C 29 20.70 13.00 44.18
C THR C 29 21.79 13.99 43.83
N ASP C 30 21.98 14.25 42.54
CA ASP C 30 22.92 15.27 42.10
C ASP C 30 22.29 16.64 42.36
N ILE C 31 22.89 17.71 41.85
CA ILE C 31 22.38 19.04 42.19
C ILE C 31 21.01 19.27 41.54
N LEU C 32 20.81 18.80 40.30
CA LEU C 32 19.60 19.14 39.57
C LEU C 32 18.36 18.43 40.09
N GLY C 33 18.44 17.66 41.17
CA GLY C 33 17.29 16.92 41.64
C GLY C 33 17.04 15.64 40.89
N ILE C 34 18.05 15.09 40.22
CA ILE C 34 17.95 13.86 39.44
C ILE C 34 18.64 12.76 40.22
N ILE C 35 17.84 11.79 40.69
CA ILE C 35 18.36 10.70 41.48
C ILE C 35 19.27 9.81 40.63
N LYS C 36 20.42 9.42 41.19
CA LYS C 36 21.34 8.49 40.57
C LYS C 36 21.72 7.43 41.59
N ASN C 37 21.71 6.17 41.19
CA ASN C 37 21.88 5.09 42.15
C ASN C 37 22.90 4.11 41.60
N VAL C 38 23.27 3.13 42.42
CA VAL C 38 24.20 2.08 42.01
C VAL C 38 23.88 0.82 42.81
N GLU C 39 24.08 -0.32 42.17
CA GLU C 39 23.55 -1.61 42.61
C GLU C 39 24.71 -2.53 42.93
N ILE C 40 24.70 -3.10 44.13
CA ILE C 40 25.76 -4.00 44.56
C ILE C 40 25.13 -5.31 45.02
N PRO C 41 25.79 -6.45 44.82
CA PRO C 41 25.32 -7.67 45.48
C PRO C 41 25.47 -7.54 46.98
N VAL C 42 24.61 -8.25 47.71
CA VAL C 42 24.66 -8.27 49.16
C VAL C 42 26.04 -8.71 49.62
N SER C 43 26.79 -9.36 48.71
CA SER C 43 28.16 -9.77 49.00
C SER C 43 29.02 -8.60 49.47
N GLN C 44 28.66 -7.37 49.08
CA GLN C 44 29.43 -6.19 49.46
C GLN C 44 28.77 -5.34 50.54
N LEU C 45 27.63 -5.79 51.09
CA LEU C 45 26.89 -5.00 52.07
C LEU C 45 27.81 -4.48 53.17
N LYS C 46 28.69 -5.34 53.67
CA LYS C 46 29.54 -4.99 54.80
C LYS C 46 30.68 -4.07 54.41
N LYS C 47 30.89 -3.82 53.13
CA LYS C 47 31.87 -2.82 52.70
C LYS C 47 31.26 -1.43 52.66
N ALA C 48 30.07 -1.31 52.05
CA ALA C 48 29.39 -0.02 52.04
C ALA C 48 29.17 0.50 53.45
N LEU C 49 28.67 -0.34 54.36
CA LEU C 49 28.46 0.10 55.72
C LEU C 49 29.75 0.51 56.42
N ASP C 50 30.90 0.05 55.94
CA ASP C 50 32.16 0.61 56.41
C ASP C 50 32.56 1.87 55.63
N ASN C 51 31.64 2.39 54.82
CA ASN C 51 31.74 3.69 54.17
C ASN C 51 32.86 3.76 53.14
N LYS C 52 33.47 2.64 52.79
CA LYS C 52 34.66 2.61 51.95
C LYS C 52 34.35 2.55 50.47
N ILE C 53 33.20 3.07 50.04
CA ILE C 53 32.71 2.91 48.67
C ILE C 53 32.72 4.26 47.96
N MET C 54 33.25 4.29 46.73
CA MET C 54 33.52 5.52 46.00
C MET C 54 33.15 5.37 44.53
N PHE C 55 33.07 6.50 43.83
CA PHE C 55 32.52 6.55 42.47
C PHE C 55 33.33 7.55 41.63
N ASP C 56 32.83 7.86 40.44
CA ASP C 56 33.34 8.97 39.64
C ASP C 56 32.54 10.22 39.97
N GLY C 57 33.20 11.23 40.54
CA GLY C 57 32.52 12.47 40.82
C GLY C 57 32.33 13.36 39.60
N SER C 58 33.23 13.26 38.63
CA SER C 58 33.21 14.17 37.48
C SER C 58 31.96 14.04 36.63
N SER C 59 31.32 12.88 36.63
CA SER C 59 30.16 12.65 35.79
C SER C 59 28.84 12.89 36.51
N ILE C 60 28.85 13.07 37.83
CA ILE C 60 27.67 13.55 38.51
C ILE C 60 27.53 15.04 38.24
N GLU C 61 26.44 15.43 37.60
CA GLU C 61 26.28 16.80 37.13
C GLU C 61 26.26 17.76 38.31
N GLY C 62 27.32 18.54 38.45
CA GLY C 62 27.42 19.56 39.48
C GLY C 62 28.18 19.19 40.73
N PHE C 63 29.04 18.17 40.69
CA PHE C 63 29.73 17.82 41.93
C PHE C 63 31.17 18.32 42.00
N VAL C 64 32.05 17.80 41.15
CA VAL C 64 33.48 18.01 41.30
C VAL C 64 34.12 17.86 39.93
N ARG C 65 35.32 18.43 39.80
CA ARG C 65 36.01 18.41 38.52
C ARG C 65 36.94 17.21 38.44
N ILE C 66 37.44 16.97 37.22
CA ILE C 66 38.04 15.68 36.89
C ILE C 66 39.40 15.49 37.57
N GLU C 67 40.11 16.59 37.87
CA GLU C 67 41.42 16.47 38.50
C GLU C 67 41.35 15.83 39.88
N GLU C 68 40.18 15.83 40.52
CA GLU C 68 39.96 15.18 41.81
C GLU C 68 38.65 14.39 41.78
N SER C 69 38.49 13.56 40.75
CA SER C 69 37.20 12.91 40.47
C SER C 69 36.71 12.10 41.66
N ASP C 70 37.46 11.07 42.04
CA ASP C 70 37.05 10.11 43.05
C ASP C 70 36.46 10.80 44.27
N MET C 71 35.33 10.27 44.75
CA MET C 71 34.70 10.76 45.97
C MET C 71 33.98 9.62 46.67
N TYR C 72 33.81 9.78 47.98
CA TYR C 72 33.38 8.70 48.86
C TYR C 72 31.87 8.71 49.04
N LEU C 73 31.36 7.53 49.38
CA LEU C 73 29.94 7.34 49.71
C LEU C 73 29.87 6.63 51.06
N PHE C 74 29.20 7.27 52.01
CA PHE C 74 28.98 6.73 53.35
C PHE C 74 27.48 6.48 53.47
N PRO C 75 26.99 5.27 53.69
CA PRO C 75 25.53 5.06 53.66
C PRO C 75 24.82 5.54 54.93
N ASP C 76 23.54 5.88 54.76
CA ASP C 76 22.63 6.14 55.87
C ASP C 76 21.78 4.91 56.13
N LEU C 77 21.58 4.62 57.41
CA LEU C 77 21.07 3.33 57.85
C LEU C 77 19.56 3.36 58.09
N ASP C 78 19.05 4.46 58.65
CA ASP C 78 17.61 4.57 58.89
C ASP C 78 16.79 4.61 57.60
N THR C 79 17.44 4.79 56.45
CA THR C 79 16.75 4.94 55.18
C THR C 79 16.52 3.61 54.47
N TRP C 80 16.90 2.50 55.08
CA TRP C 80 16.77 1.18 54.44
C TRP C 80 15.31 0.88 54.12
N VAL C 81 15.04 0.51 52.86
CA VAL C 81 13.72 0.04 52.47
C VAL C 81 13.85 -1.03 51.38
N VAL C 82 13.42 -2.25 51.69
CA VAL C 82 13.39 -3.32 50.71
C VAL C 82 12.42 -2.96 49.58
N PHE C 83 12.70 -3.48 48.37
CA PHE C 83 11.94 -3.13 47.17
C PHE C 83 10.85 -4.16 46.88
N PRO C 84 9.59 -3.76 46.75
CA PRO C 84 8.48 -4.73 46.64
C PRO C 84 8.06 -5.10 45.21
N TRP C 85 8.70 -4.56 44.18
CA TRP C 85 8.56 -5.05 42.81
C TRP C 85 9.42 -6.30 42.68
N THR C 86 10.00 -6.52 41.49
CA THR C 86 10.82 -7.71 41.28
C THR C 86 11.63 -7.97 42.54
N ALA C 87 11.20 -9.02 43.26
CA ALA C 87 11.77 -9.45 44.53
C ALA C 87 11.96 -10.94 44.58
N GLU C 88 11.36 -11.67 43.65
CA GLU C 88 11.66 -13.08 43.40
C GLU C 88 12.86 -13.23 42.48
N LYS C 89 13.04 -12.31 41.52
CA LYS C 89 14.16 -12.38 40.60
C LYS C 89 15.44 -12.26 41.42
N GLY C 90 15.61 -11.10 42.02
CA GLY C 90 16.46 -10.94 43.18
C GLY C 90 15.84 -9.82 44.00
N LYS C 91 15.45 -10.10 45.24
CA LYS C 91 14.87 -9.02 46.04
C LYS C 91 15.88 -7.91 46.19
N VAL C 92 15.37 -6.68 46.22
CA VAL C 92 16.24 -5.52 46.17
C VAL C 92 16.06 -4.74 47.47
N ALA C 93 17.10 -4.00 47.83
CA ALA C 93 17.07 -3.10 48.97
C ALA C 93 17.71 -1.79 48.53
N ARG C 94 17.57 -0.77 49.36
CA ARG C 94 18.22 0.49 49.04
C ARG C 94 18.52 1.25 50.32
N MET C 95 19.70 1.86 50.37
CA MET C 95 20.10 2.79 51.42
C MET C 95 20.64 4.03 50.75
N ILE C 96 20.00 5.18 51.01
CA ILE C 96 20.41 6.45 50.41
C ILE C 96 21.35 7.15 51.38
N CYS C 97 22.19 8.04 50.85
CA CYS C 97 22.97 8.85 51.77
C CYS C 97 23.64 10.04 51.09
N ASP C 98 24.63 10.59 51.80
CA ASP C 98 25.30 11.85 51.51
C ASP C 98 26.76 11.57 51.17
N ILE C 99 27.34 12.46 50.39
CA ILE C 99 28.63 12.21 49.76
C ILE C 99 29.74 12.98 50.46
N TYR C 100 30.87 12.31 50.64
CA TYR C 100 32.06 12.93 51.19
C TYR C 100 33.18 12.98 50.16
N ASN C 101 33.97 14.04 50.27
CA ASN C 101 35.17 14.19 49.47
C ASN C 101 36.22 13.21 50.01
N PRO C 102 37.17 12.75 49.16
CA PRO C 102 38.10 11.70 49.64
C PRO C 102 39.11 12.14 50.69
N ASP C 103 38.65 12.83 51.72
CA ASP C 103 39.44 13.07 52.91
C ASP C 103 38.57 12.92 54.16
N MET C 104 37.39 12.32 54.01
CA MET C 104 36.38 12.19 55.04
C MET C 104 35.82 13.55 55.42
N THR C 105 35.71 14.46 54.45
CA THR C 105 35.05 15.74 54.64
C THR C 105 33.75 15.76 53.85
N PRO C 106 32.67 16.26 54.44
CA PRO C 106 31.40 16.31 53.70
C PRO C 106 31.55 17.16 52.45
N PHE C 107 31.09 16.62 51.33
CA PHE C 107 31.13 17.40 50.11
C PHE C 107 30.18 18.59 50.22
N ALA C 108 30.61 19.72 49.67
CA ALA C 108 29.78 20.91 49.64
C ALA C 108 28.80 20.89 48.47
N GLY C 109 29.05 20.06 47.45
CA GLY C 109 28.11 19.86 46.36
C GLY C 109 27.02 18.85 46.63
N ASP C 110 27.10 18.14 47.76
CA ASP C 110 26.01 17.29 48.20
C ASP C 110 24.87 18.15 48.71
N PRO C 111 23.72 18.17 48.04
CA PRO C 111 22.61 19.02 48.52
C PRO C 111 22.07 18.59 49.88
N ARG C 112 22.00 17.27 50.11
CA ARG C 112 21.58 16.74 51.41
C ARG C 112 22.34 17.39 52.55
N ALA C 113 23.67 17.30 52.53
CA ALA C 113 24.49 17.95 53.54
C ALA C 113 24.20 19.44 53.62
N ASN C 114 23.93 20.07 52.47
CA ASN C 114 23.54 21.48 52.49
C ASN C 114 22.24 21.70 53.23
N LEU C 115 21.38 20.68 53.28
CA LEU C 115 20.19 20.82 54.11
C LEU C 115 20.51 20.61 55.59
N LYS C 116 21.32 19.60 55.92
CA LYS C 116 21.68 19.36 57.31
C LYS C 116 22.55 20.47 57.89
N ARG C 117 23.19 21.29 57.04
CA ARG C 117 23.92 22.44 57.56
C ARG C 117 22.96 23.56 57.93
N VAL C 118 22.01 23.87 57.04
CA VAL C 118 20.99 24.87 57.34
C VAL C 118 19.98 24.38 58.37
N LEU C 119 19.98 23.08 58.68
CA LEU C 119 19.09 22.61 59.74
C LEU C 119 19.60 22.96 61.13
N LYS C 120 20.92 23.08 61.30
CA LYS C 120 21.48 23.44 62.60
C LYS C 120 21.27 24.91 62.95
N GLU C 121 20.69 25.70 62.05
CA GLU C 121 20.37 27.09 62.34
C GLU C 121 18.97 27.27 62.90
N MET C 122 18.24 26.19 63.13
CA MET C 122 16.96 26.25 63.85
C MET C 122 17.02 25.53 65.18
N GLU C 123 18.20 25.04 65.58
CA GLU C 123 18.43 24.56 66.94
C GLU C 123 18.93 25.69 67.84
N GLU C 124 19.78 26.56 67.31
CA GLU C 124 20.15 27.77 68.03
C GLU C 124 18.93 28.64 68.27
N LEU C 125 17.97 28.62 67.34
CA LEU C 125 16.68 29.28 67.50
C LEU C 125 15.65 28.40 68.19
N GLY C 126 16.01 27.15 68.50
CA GLY C 126 15.14 26.28 69.27
C GLY C 126 13.98 25.67 68.54
N PHE C 127 14.24 24.82 67.55
CA PHE C 127 13.17 24.14 66.83
C PHE C 127 13.57 22.70 66.58
N THR C 128 12.64 21.77 66.86
CA THR C 128 12.94 20.34 66.91
C THR C 128 12.64 19.61 65.60
N GLU C 129 11.74 20.13 64.78
CA GLU C 129 11.45 19.54 63.48
C GLU C 129 11.04 20.63 62.50
N PHE C 130 11.53 20.53 61.27
CA PHE C 130 11.05 21.38 60.18
C PHE C 130 10.18 20.53 59.27
N ASN C 131 8.93 20.33 59.68
CA ASN C 131 8.05 19.41 58.97
C ASN C 131 7.67 19.96 57.60
N LEU C 132 7.50 19.05 56.64
CA LEU C 132 7.11 19.39 55.28
C LEU C 132 6.14 18.35 54.74
N GLY C 133 5.04 18.82 54.16
CA GLY C 133 4.15 17.98 53.39
C GLY C 133 4.11 18.37 51.92
N PRO C 134 4.62 17.50 51.05
CA PRO C 134 4.62 17.79 49.60
C PRO C 134 3.44 17.19 48.85
N GLU C 135 3.05 17.87 47.77
CA GLU C 135 2.00 17.38 46.86
C GLU C 135 2.52 17.38 45.42
N PRO C 136 3.41 16.46 45.07
CA PRO C 136 3.99 16.49 43.72
C PRO C 136 3.01 16.04 42.66
N GLU C 137 2.46 16.98 41.89
CA GLU C 137 1.43 16.67 40.89
C GLU C 137 2.11 16.29 39.58
N PHE C 138 1.65 15.19 38.99
CA PHE C 138 2.29 14.62 37.80
C PHE C 138 1.24 14.33 36.73
N PHE C 139 1.74 14.05 35.53
CA PHE C 139 0.94 13.71 34.36
C PHE C 139 1.22 12.26 33.96
N LEU C 140 0.39 11.73 33.05
CA LEU C 140 0.55 10.37 32.54
C LEU C 140 0.29 10.34 31.04
N PHE C 141 1.27 9.87 30.27
CA PHE C 141 1.20 9.85 28.82
C PHE C 141 1.32 8.42 28.30
N LYS C 142 0.57 8.12 27.24
CA LYS C 142 0.62 6.80 26.61
C LYS C 142 2.03 6.50 26.12
N LEU C 143 2.35 5.21 26.04
CA LEU C 143 3.60 4.74 25.45
C LEU C 143 3.31 4.15 24.09
N ASP C 144 4.12 4.52 23.10
CA ASP C 144 3.85 4.09 21.73
C ASP C 144 4.24 2.63 21.57
N GLU C 145 4.20 2.11 20.34
CA GLU C 145 4.49 0.70 20.13
C GLU C 145 5.92 0.36 20.56
N ASN C 146 6.86 1.28 20.33
CA ASN C 146 8.27 1.07 20.67
C ASN C 146 8.65 1.69 22.01
N ARG C 147 7.72 1.74 22.97
CA ARG C 147 7.94 2.28 24.31
C ARG C 147 8.65 3.63 24.28
N ARG C 148 8.07 4.58 23.54
CA ARG C 148 8.56 5.95 23.51
C ARG C 148 7.38 6.88 23.81
N PRO C 149 7.47 7.69 24.87
CA PRO C 149 6.28 8.41 25.37
C PRO C 149 5.71 9.37 24.35
N THR C 150 4.40 9.26 24.13
CA THR C 150 3.71 9.97 23.08
C THR C 150 2.97 11.19 23.63
N LEU C 151 2.57 12.06 22.71
CA LEU C 151 1.89 13.32 23.01
C LEU C 151 0.47 13.11 23.51
N GLU C 152 -0.06 11.90 23.48
CA GLU C 152 -1.41 11.63 23.97
C GLU C 152 -1.36 11.31 25.46
N LEU C 153 -2.30 11.87 26.20
CA LEU C 153 -2.44 11.56 27.63
C LEU C 153 -3.39 10.38 27.82
N ASN C 154 -3.31 9.79 29.01
CA ASN C 154 -4.08 8.58 29.27
C ASN C 154 -5.58 8.86 29.23
N ASP C 155 -6.02 9.93 29.88
CA ASP C 155 -7.44 10.24 30.01
C ASP C 155 -7.70 11.69 29.67
N SER C 156 -8.99 12.03 29.58
CA SER C 156 -9.46 13.40 29.39
C SER C 156 -10.19 13.89 30.64
N GLY C 157 -9.66 13.56 31.80
CA GLY C 157 -10.41 13.72 33.03
C GLY C 157 -10.34 15.11 33.63
N GLY C 158 -11.35 15.40 34.45
CA GLY C 158 -11.40 16.61 35.24
C GLY C 158 -10.92 16.38 36.66
N TYR C 159 -11.28 17.32 37.53
CA TYR C 159 -10.91 17.23 38.93
C TYR C 159 -11.79 16.21 39.65
N PHE C 160 -11.16 15.30 40.40
CA PHE C 160 -11.86 14.34 41.26
C PHE C 160 -12.78 13.41 40.46
N ASP C 161 -12.34 12.98 39.27
CA ASP C 161 -13.24 12.26 38.39
C ASP C 161 -13.13 10.74 38.59
N LEU C 162 -14.00 10.02 37.90
CA LEU C 162 -14.27 8.60 38.15
C LEU C 162 -14.23 7.79 36.87
N ALA C 163 -14.17 6.47 37.04
CA ALA C 163 -14.33 5.57 35.90
C ALA C 163 -15.71 5.79 35.28
N PRO C 164 -15.80 5.82 33.94
CA PRO C 164 -14.75 5.53 32.97
C PRO C 164 -13.80 6.69 32.63
N THR C 165 -13.94 7.81 33.33
CA THR C 165 -13.21 9.02 32.97
C THR C 165 -12.03 9.27 33.91
N ASP C 166 -11.33 8.20 34.31
CA ASP C 166 -10.00 8.34 34.89
C ASP C 166 -9.26 7.02 34.64
N LEU C 167 -8.39 7.01 33.64
CA LEU C 167 -7.76 5.75 33.22
C LEU C 167 -6.65 5.30 34.16
N GLY C 168 -6.06 6.21 34.94
CA GLY C 168 -5.16 5.81 35.99
C GLY C 168 -5.89 5.65 37.31
N GLU C 169 -6.85 4.73 37.35
CA GLU C 169 -7.63 4.50 38.56
C GLU C 169 -7.00 3.41 39.40
N ASN C 170 -6.91 2.19 38.85
CA ASN C 170 -6.10 1.14 39.43
C ASN C 170 -4.62 1.30 39.11
N CYS C 171 -4.29 2.25 38.24
CA CYS C 171 -2.88 2.61 38.01
C CYS C 171 -2.32 3.38 39.20
N ARG C 172 -2.98 4.48 39.58
CA ARG C 172 -2.60 5.17 40.82
C ARG C 172 -2.67 4.22 42.00
N ARG C 173 -3.74 3.43 42.08
CA ARG C 173 -3.87 2.39 43.10
C ARG C 173 -2.60 1.56 43.21
N ASP C 174 -2.10 1.06 42.07
CA ASP C 174 -0.89 0.25 42.10
C ASP C 174 0.30 1.03 42.64
N ILE C 175 0.33 2.35 42.42
CA ILE C 175 1.38 3.18 43.01
C ILE C 175 1.24 3.21 44.52
N VAL C 176 0.04 3.52 45.01
CA VAL C 176 -0.17 3.69 46.45
C VAL C 176 0.21 2.42 47.20
N LEU C 177 0.03 1.25 46.56
CA LEU C 177 0.35 -0.01 47.23
C LEU C 177 1.85 -0.19 47.38
N GLU C 178 2.62 0.06 46.33
CA GLU C 178 4.08 -0.01 46.44
C GLU C 178 4.61 0.98 47.46
N LEU C 179 3.97 2.14 47.58
CA LEU C 179 4.33 3.08 48.65
C LEU C 179 3.91 2.53 50.00
N GLU C 180 2.71 1.95 50.09
CA GLU C 180 2.26 1.34 51.34
C GLU C 180 3.26 0.31 51.84
N GLU C 181 3.71 -0.57 50.95
CA GLU C 181 4.72 -1.56 51.34
C GLU C 181 6.01 -0.89 51.78
N MET C 182 6.34 0.26 51.18
CA MET C 182 7.54 1.00 51.55
C MET C 182 7.28 1.96 52.70
N GLY C 183 6.68 1.45 53.77
CA GLY C 183 6.52 2.17 55.01
C GLY C 183 5.73 3.47 54.97
N PHE C 184 5.15 3.81 53.82
CA PHE C 184 4.47 5.09 53.68
C PHE C 184 3.18 5.11 54.50
N GLU C 185 2.66 6.33 54.69
CA GLU C 185 1.40 6.59 55.38
C GLU C 185 0.69 7.61 54.48
N ILE C 186 -0.16 7.12 53.59
CA ILE C 186 -0.59 7.87 52.43
C ILE C 186 -1.97 8.46 52.68
N GLU C 187 -2.15 9.73 52.31
CA GLU C 187 -3.28 10.55 52.73
C GLU C 187 -4.47 10.50 51.77
N ALA C 188 -4.22 10.63 50.47
CA ALA C 188 -5.30 10.67 49.48
C ALA C 188 -4.76 10.34 48.10
N SER C 189 -5.64 9.88 47.23
CA SER C 189 -5.29 9.53 45.86
C SER C 189 -6.38 10.04 44.94
N HIS C 190 -6.04 11.00 44.08
CA HIS C 190 -7.08 11.66 43.30
C HIS C 190 -6.53 12.19 41.98
N HIS C 191 -7.41 12.20 40.98
CA HIS C 191 -7.18 12.91 39.73
C HIS C 191 -7.22 14.42 40.00
N GLU C 192 -6.63 15.18 39.09
CA GLU C 192 -6.47 16.62 39.29
C GLU C 192 -7.18 17.38 38.15
N VAL C 193 -6.96 18.69 38.11
CA VAL C 193 -7.81 19.60 37.36
C VAL C 193 -7.63 19.41 35.86
N ALA C 194 -6.39 19.44 35.38
CA ALA C 194 -6.15 19.37 33.95
C ALA C 194 -6.28 17.92 33.45
N PRO C 195 -6.57 17.74 32.16
CA PRO C 195 -6.61 16.38 31.61
C PRO C 195 -5.30 15.65 31.84
N GLY C 196 -5.40 14.42 32.35
CA GLY C 196 -4.22 13.62 32.62
C GLY C 196 -3.42 14.01 33.83
N GLN C 197 -3.96 14.87 34.70
CA GLN C 197 -3.25 15.35 35.87
C GLN C 197 -3.59 14.48 37.07
N HIS C 198 -2.58 14.15 37.88
CA HIS C 198 -2.77 13.25 39.00
C HIS C 198 -2.02 13.76 40.22
N GLU C 199 -2.60 13.51 41.40
CA GLU C 199 -2.01 13.86 42.68
C GLU C 199 -2.21 12.68 43.63
N ILE C 200 -1.19 12.39 44.44
CA ILE C 200 -1.27 11.31 45.43
C ILE C 200 -0.61 11.83 46.71
N ASP C 201 -1.41 11.99 47.77
CA ASP C 201 -1.02 12.71 48.96
C ASP C 201 -0.53 11.76 50.05
N PHE C 202 0.60 12.09 50.66
CA PHE C 202 1.15 11.34 51.79
C PHE C 202 1.52 12.27 52.93
N LYS C 203 1.49 11.72 54.15
CA LYS C 203 1.66 12.52 55.35
C LYS C 203 3.07 13.10 55.45
N TYR C 204 3.17 14.26 56.08
CA TYR C 204 4.45 14.94 56.23
C TYR C 204 5.41 14.13 57.09
N GLU C 205 6.70 14.41 56.92
CA GLU C 205 7.74 13.91 57.80
C GLU C 205 8.70 15.07 58.05
N ASP C 206 9.68 14.83 58.92
CA ASP C 206 10.65 15.87 59.19
C ASP C 206 11.40 16.22 57.90
N ALA C 207 12.16 17.32 57.98
CA ALA C 207 12.66 18.00 56.78
C ALA C 207 13.32 17.03 55.81
N ILE C 208 14.39 16.37 56.24
CA ILE C 208 15.18 15.54 55.34
C ILE C 208 14.57 14.18 55.07
N THR C 209 13.62 13.73 55.88
CA THR C 209 12.92 12.49 55.58
C THR C 209 11.77 12.70 54.62
N ALA C 210 11.27 13.92 54.46
CA ALA C 210 10.29 14.18 53.43
C ALA C 210 10.97 14.31 52.07
N CYS C 211 12.06 15.08 52.01
CA CYS C 211 12.93 15.09 50.84
C CYS C 211 13.31 13.66 50.46
N ASP C 212 13.66 12.84 51.45
CA ASP C 212 13.91 11.43 51.21
C ASP C 212 12.66 10.75 50.64
N SER C 213 11.54 10.90 51.34
CA SER C 213 10.29 10.30 50.85
C SER C 213 9.76 11.01 49.60
N ILE C 214 10.37 12.12 49.16
CA ILE C 214 9.98 12.78 47.92
C ILE C 214 10.67 12.11 46.74
N GLN C 215 12.00 12.14 46.74
CA GLN C 215 12.73 11.51 45.63
C GLN C 215 12.48 10.01 45.59
N THR C 216 12.14 9.42 46.74
CA THR C 216 11.60 8.07 46.76
C THR C 216 10.30 8.00 45.97
N PHE C 217 9.46 9.04 46.07
CA PHE C 217 8.12 8.98 45.50
C PHE C 217 8.15 8.91 43.98
N LYS C 218 8.99 9.73 43.34
CA LYS C 218 9.00 9.78 41.88
C LYS C 218 9.39 8.45 41.25
N LEU C 219 10.25 7.67 41.93
CA LEU C 219 10.65 6.38 41.38
C LEU C 219 9.50 5.38 41.42
N VAL C 220 8.71 5.41 42.49
CA VAL C 220 7.58 4.50 42.59
C VAL C 220 6.56 4.80 41.50
N VAL C 221 6.44 6.06 41.08
CA VAL C 221 5.44 6.38 40.07
C VAL C 221 6.00 6.25 38.65
N LYS C 222 7.28 6.56 38.42
CA LYS C 222 7.79 6.51 37.06
C LYS C 222 8.05 5.08 36.60
N THR C 223 8.33 4.15 37.51
CA THR C 223 8.39 2.75 37.13
C THR C 223 7.00 2.12 37.10
N ILE C 224 6.20 2.33 38.15
CA ILE C 224 4.92 1.64 38.24
C ILE C 224 3.93 2.13 37.20
N ALA C 225 4.04 3.40 36.78
CA ALA C 225 3.20 3.85 35.67
C ALA C 225 3.63 3.21 34.36
N ARG C 226 4.90 2.83 34.23
CA ARG C 226 5.39 2.18 33.03
C ARG C 226 5.13 0.68 33.06
N LYS C 227 4.59 0.15 34.16
CA LYS C 227 3.98 -1.18 34.16
C LYS C 227 2.51 -1.14 33.76
N HIS C 228 1.89 0.04 33.75
CA HIS C 228 0.59 0.22 33.14
C HIS C 228 0.70 0.79 31.73
N GLY C 229 1.91 0.87 31.19
CA GLY C 229 2.11 1.39 29.85
C GLY C 229 2.10 2.89 29.75
N LEU C 230 2.20 3.61 30.86
CA LEU C 230 2.16 5.05 30.86
C LEU C 230 3.52 5.61 31.30
N HIS C 231 3.88 6.76 30.73
CA HIS C 231 5.09 7.47 31.13
C HIS C 231 4.70 8.67 31.98
N ALA C 232 5.10 8.65 33.25
CA ALA C 232 4.82 9.76 34.16
C ALA C 232 5.90 10.83 33.99
N THR C 233 5.47 12.08 34.07
CA THR C 233 6.39 13.21 33.98
C THR C 233 6.05 14.20 35.08
N PHE C 234 7.07 14.97 35.49
CA PHE C 234 6.88 16.03 36.46
C PHE C 234 7.20 17.39 35.87
N MET C 235 7.35 17.48 34.56
CA MET C 235 7.46 18.77 33.90
C MET C 235 6.28 19.66 34.29
N PRO C 236 6.51 20.93 34.58
CA PRO C 236 5.48 21.75 35.23
C PRO C 236 4.25 22.00 34.38
N LYS C 237 4.43 22.45 33.14
CA LYS C 237 3.33 22.70 32.20
C LYS C 237 3.66 22.00 30.89
N PRO C 238 3.48 20.68 30.82
CA PRO C 238 3.72 19.99 29.55
C PRO C 238 2.76 20.41 28.46
N LEU C 239 1.56 20.85 28.83
CA LEU C 239 0.52 21.26 27.90
C LEU C 239 0.21 22.73 28.13
N PHE C 240 0.29 23.52 27.07
CA PHE C 240 -0.09 24.93 27.17
C PHE C 240 -1.59 25.05 27.21
N GLY C 241 -2.11 25.72 28.25
CA GLY C 241 -3.52 26.04 28.34
C GLY C 241 -4.29 25.27 29.40
N VAL C 242 -3.64 24.35 30.12
CA VAL C 242 -4.31 23.60 31.17
C VAL C 242 -3.42 23.66 32.41
N ASN C 243 -4.04 23.38 33.57
CA ASN C 243 -3.35 23.47 34.85
C ASN C 243 -2.02 22.76 34.80
N GLY C 244 -0.95 23.54 34.94
CA GLY C 244 0.33 22.96 35.26
C GLY C 244 0.28 22.16 36.55
N SER C 245 1.24 21.27 36.70
CA SER C 245 1.29 20.41 37.88
C SER C 245 2.47 20.86 38.74
N GLY C 246 2.16 21.58 39.82
CA GLY C 246 3.17 22.06 40.75
C GLY C 246 3.09 21.31 42.07
N MET C 247 4.23 21.24 42.76
CA MET C 247 4.39 20.41 43.96
C MET C 247 4.28 21.31 45.19
N HIS C 248 3.07 21.43 45.74
CA HIS C 248 2.84 22.31 46.88
C HIS C 248 3.67 21.86 48.08
N PHE C 249 4.33 22.83 48.72
CA PHE C 249 5.16 22.60 49.90
C PHE C 249 4.41 23.09 51.15
N ASN C 250 3.95 22.15 51.97
CA ASN C 250 3.29 22.43 53.24
C ASN C 250 4.30 22.30 54.36
N MET C 251 4.61 23.40 55.04
CA MET C 251 5.64 23.38 56.07
C MET C 251 5.09 23.86 57.42
N SER C 252 5.66 23.32 58.49
CA SER C 252 5.34 23.71 59.85
C SER C 252 6.58 23.52 60.72
N LEU C 253 6.77 24.42 61.68
CA LEU C 253 7.85 24.29 62.65
C LEU C 253 7.33 23.65 63.93
N PHE C 254 8.18 22.88 64.58
CA PHE C 254 7.77 22.16 65.78
C PHE C 254 8.74 22.42 66.93
N ASN C 255 8.19 22.37 68.15
CA ASN C 255 8.93 22.73 69.35
C ASN C 255 8.39 21.86 70.49
N GLU C 256 9.05 20.74 70.75
CA GLU C 256 8.69 19.82 71.83
C GLU C 256 7.20 19.49 71.81
N LYS C 257 6.81 18.80 70.74
CA LYS C 257 5.47 18.26 70.56
C LYS C 257 4.42 19.37 70.49
N GLY C 258 4.85 20.62 70.40
CA GLY C 258 3.97 21.73 70.11
C GLY C 258 4.29 22.27 68.72
N ASN C 259 3.27 22.36 67.89
CA ASN C 259 3.41 23.04 66.61
C ASN C 259 3.53 24.53 66.91
N ALA C 260 4.72 25.09 66.69
CA ALA C 260 4.95 26.49 67.04
C ALA C 260 4.08 27.45 66.24
N PHE C 261 3.34 26.96 65.25
CA PHE C 261 2.46 27.79 64.44
C PHE C 261 1.02 27.81 64.94
N PHE C 262 0.67 27.01 65.94
CA PHE C 262 -0.70 26.91 66.44
C PHE C 262 -0.87 27.78 67.67
N ASP C 263 -1.60 28.88 67.51
CA ASP C 263 -2.03 29.70 68.64
C ASP C 263 -3.37 30.32 68.24
N GLU C 264 -4.44 29.77 68.76
CA GLU C 264 -5.81 30.12 68.39
C GLU C 264 -6.22 31.52 68.86
N SER C 265 -5.29 32.33 69.35
CA SER C 265 -5.61 33.70 69.76
C SER C 265 -5.53 34.67 68.58
N GLY C 266 -4.38 34.72 67.91
CA GLY C 266 -4.19 35.66 66.82
C GLY C 266 -5.22 35.49 65.73
N GLU C 267 -5.44 36.58 64.97
CA GLU C 267 -6.61 36.77 64.11
C GLU C 267 -7.07 35.54 63.33
N LEU C 268 -6.14 34.75 62.81
CA LEU C 268 -6.49 33.56 62.03
C LEU C 268 -6.10 32.28 62.75
N GLU C 269 -6.21 32.27 64.08
CA GLU C 269 -5.82 31.16 64.94
C GLU C 269 -4.36 30.78 64.75
N LEU C 270 -3.54 31.73 64.30
CA LEU C 270 -2.15 31.49 63.94
C LEU C 270 -1.20 32.15 64.93
N SER C 271 0.00 31.57 65.03
CA SER C 271 0.99 32.00 66.00
C SER C 271 1.87 33.11 65.44
N GLN C 272 2.81 33.58 66.27
CA GLN C 272 3.70 34.68 65.88
C GLN C 272 4.93 34.21 65.14
N THR C 273 5.53 33.09 65.55
CA THR C 273 6.61 32.52 64.77
C THR C 273 6.17 32.13 63.36
N ALA C 274 4.85 32.12 63.11
CA ALA C 274 4.26 31.75 61.83
C ALA C 274 3.99 32.96 60.95
N TYR C 275 3.35 34.00 61.49
CA TYR C 275 3.17 35.24 60.73
C TYR C 275 4.51 35.81 60.33
N HIS C 276 5.50 35.67 61.21
CA HIS C 276 6.86 36.11 60.93
C HIS C 276 7.48 35.31 59.80
N PHE C 277 7.17 34.01 59.75
CA PHE C 277 7.74 33.13 58.74
C PHE C 277 7.30 33.52 57.34
N LEU C 278 6.05 33.94 57.19
CA LEU C 278 5.54 34.38 55.89
C LEU C 278 6.46 35.43 55.29
N ALA C 279 6.58 36.58 55.96
CA ALA C 279 7.39 37.68 55.42
C ALA C 279 8.83 37.26 55.21
N GLY C 280 9.32 36.30 56.00
CA GLY C 280 10.61 35.72 55.71
C GLY C 280 10.71 35.24 54.29
N MET C 281 9.62 34.69 53.76
CA MET C 281 9.56 34.27 52.36
C MET C 281 9.04 35.37 51.45
N LEU C 282 8.01 36.11 51.88
CA LEU C 282 7.32 37.05 51.00
C LEU C 282 8.16 38.25 50.57
N LYS C 283 9.32 38.50 51.19
CA LYS C 283 10.20 39.53 50.67
C LYS C 283 11.35 38.95 49.86
N HIS C 284 11.87 37.78 50.26
CA HIS C 284 12.87 37.06 49.48
C HIS C 284 12.25 36.05 48.51
N ALA C 285 10.98 36.20 48.17
CA ALA C 285 10.35 35.26 47.24
C ALA C 285 10.86 35.46 45.82
N ARG C 286 11.08 36.72 45.42
CA ARG C 286 11.75 36.98 44.15
C ARG C 286 13.09 36.26 44.09
N GLY C 287 13.78 36.15 45.22
CA GLY C 287 15.05 35.46 45.27
C GLY C 287 14.95 34.01 44.84
N TYR C 288 14.21 33.20 45.60
CA TYR C 288 14.32 31.76 45.43
C TYR C 288 13.43 31.21 44.33
N THR C 289 12.68 32.05 43.62
CA THR C 289 11.93 31.49 42.50
C THR C 289 12.78 31.14 41.32
N ALA C 290 14.11 31.18 41.47
CA ALA C 290 15.01 30.46 40.58
C ALA C 290 15.40 29.11 41.15
N VAL C 291 15.40 28.98 42.47
CA VAL C 291 15.60 27.68 43.10
C VAL C 291 14.33 26.85 43.06
N THR C 292 13.25 27.39 43.62
CA THR C 292 11.98 26.68 43.76
C THR C 292 11.27 26.47 42.43
N ASN C 293 11.73 27.13 41.36
CA ASN C 293 11.16 26.97 40.02
C ASN C 293 12.30 26.93 39.01
N PRO C 294 13.20 25.95 39.12
CA PRO C 294 14.50 25.99 38.44
C PRO C 294 14.47 25.42 37.02
N THR C 295 13.49 25.82 36.23
CA THR C 295 13.37 25.26 34.88
C THR C 295 12.54 26.20 34.03
N ILE C 296 12.99 26.40 32.80
CA ILE C 296 12.34 27.28 31.82
C ILE C 296 10.85 27.00 31.77
N ASN C 297 10.48 25.73 31.89
CA ASN C 297 9.08 25.35 31.70
C ASN C 297 8.19 25.88 32.81
N SER C 298 8.68 25.89 34.06
CA SER C 298 7.79 26.27 35.16
C SER C 298 7.41 27.75 35.10
N PHE C 299 8.18 28.57 34.39
CA PHE C 299 7.78 29.96 34.18
C PHE C 299 6.62 30.08 33.20
N LYS C 300 6.24 28.97 32.57
CA LYS C 300 4.96 28.88 31.88
C LYS C 300 3.84 28.43 32.80
N ARG C 301 4.16 27.88 33.97
CA ARG C 301 3.10 27.53 34.91
C ARG C 301 2.76 28.70 35.82
N LEU C 302 3.73 29.54 36.12
CA LEU C 302 3.62 30.69 37.00
C LEU C 302 2.81 31.82 36.39
N VAL C 303 2.10 31.52 35.29
CA VAL C 303 1.27 32.50 34.60
C VAL C 303 -0.17 32.32 35.06
N PRO C 304 -1.00 33.36 35.03
CA PRO C 304 -2.21 33.37 35.86
C PRO C 304 -3.38 32.59 35.27
N GLY C 305 -4.15 32.01 36.18
CA GLY C 305 -5.41 31.37 35.84
C GLY C 305 -5.48 29.88 36.08
N TYR C 306 -4.36 29.21 36.36
CA TYR C 306 -4.33 27.76 36.47
C TYR C 306 -3.98 27.32 37.88
N GLU C 307 -4.54 28.04 38.86
CA GLU C 307 -4.41 27.75 40.28
C GLU C 307 -2.95 27.58 40.68
N ALA C 308 -2.11 28.41 40.08
CA ALA C 308 -0.68 28.55 40.31
C ALA C 308 -0.36 30.00 40.66
N PRO C 309 0.60 30.25 41.55
CA PRO C 309 0.84 31.63 41.98
C PRO C 309 1.66 32.41 40.97
N CYS C 310 1.29 33.68 40.80
CA CYS C 310 2.01 34.57 39.91
C CYS C 310 2.47 35.86 40.59
N TYR C 311 1.94 36.20 41.76
CA TYR C 311 2.37 37.39 42.49
C TYR C 311 2.62 37.02 43.94
N ILE C 312 3.37 37.87 44.62
CA ILE C 312 3.84 37.60 45.98
C ILE C 312 2.84 38.21 46.95
N ALA C 313 2.02 37.36 47.54
CA ALA C 313 1.02 37.75 48.53
C ALA C 313 0.59 36.48 49.25
N TRP C 314 -0.40 36.62 50.12
CA TRP C 314 -0.91 35.48 50.86
C TRP C 314 -2.37 35.74 51.20
N SER C 315 -3.03 34.70 51.67
CA SER C 315 -4.44 34.79 52.05
C SER C 315 -4.79 33.54 52.84
N GLY C 316 -5.96 33.60 53.48
CA GLY C 316 -6.56 32.42 54.07
C GLY C 316 -7.42 31.70 53.05
N LYS C 317 -7.13 30.42 52.85
CA LYS C 317 -7.92 29.46 52.08
C LYS C 317 -7.89 29.70 50.57
N ASN C 318 -7.22 30.74 50.08
CA ASN C 318 -7.28 31.15 48.69
C ASN C 318 -6.19 30.45 47.89
N ARG C 319 -6.56 29.89 46.74
CA ARG C 319 -5.61 29.18 45.89
C ARG C 319 -5.07 30.04 44.75
N SER C 320 -5.22 31.36 44.85
CA SER C 320 -4.59 32.35 43.98
C SER C 320 -3.17 32.77 44.40
N PRO C 321 -2.89 33.04 45.70
CA PRO C 321 -1.64 33.73 46.03
C PRO C 321 -0.44 32.82 46.25
N LEU C 322 0.70 33.42 46.61
CA LEU C 322 1.93 32.67 46.85
C LEU C 322 1.88 31.84 48.13
N VAL C 323 1.05 32.21 49.10
CA VAL C 323 0.89 31.46 50.33
C VAL C 323 -0.59 31.33 50.62
N ARG C 324 -1.04 30.11 50.93
CA ARG C 324 -2.43 29.84 51.22
C ARG C 324 -2.52 29.23 52.62
N VAL C 325 -3.51 29.65 53.38
CA VAL C 325 -3.63 29.20 54.76
C VAL C 325 -4.75 28.18 54.82
N PRO C 326 -4.44 26.89 54.91
CA PRO C 326 -5.49 25.86 54.96
C PRO C 326 -6.52 26.13 56.04
N SER C 327 -7.80 26.03 55.68
CA SER C 327 -8.88 26.26 56.64
C SER C 327 -8.82 25.31 57.82
N SER C 328 -8.12 24.18 57.70
CA SER C 328 -7.84 23.33 58.84
C SER C 328 -6.54 23.74 59.49
N ARG C 329 -6.48 23.60 60.81
CA ARG C 329 -5.42 24.14 61.63
C ARG C 329 -5.24 23.17 62.81
N GLY C 330 -4.61 23.64 63.87
CA GLY C 330 -4.33 22.78 65.01
C GLY C 330 -2.95 22.19 64.88
N LEU C 331 -2.85 20.87 65.03
CA LEU C 331 -1.58 20.22 64.75
C LEU C 331 -1.33 20.18 63.24
N SER C 332 -2.38 19.96 62.45
CA SER C 332 -2.31 19.97 60.99
C SER C 332 -2.10 21.38 60.42
N THR C 333 -1.84 22.35 61.29
CA THR C 333 -1.48 23.69 60.86
C THR C 333 -0.20 23.66 60.04
N ARG C 334 -0.13 24.55 59.05
CA ARG C 334 0.89 24.51 58.01
C ARG C 334 0.76 25.76 57.15
N LEU C 335 1.81 26.03 56.37
CA LEU C 335 1.83 27.15 55.45
C LEU C 335 2.13 26.62 54.05
N GLU C 336 1.19 26.80 53.13
CA GLU C 336 1.26 26.24 51.79
C GLU C 336 1.92 27.24 50.85
N LEU C 337 3.03 26.84 50.23
CA LEU C 337 3.74 27.64 49.23
C LEU C 337 3.48 27.03 47.85
N ARG C 338 2.84 27.78 46.97
CA ARG C 338 2.25 27.21 45.77
C ARG C 338 3.16 27.29 44.54
N SER C 339 4.36 27.88 44.65
CA SER C 339 5.20 28.08 43.48
C SER C 339 6.12 26.90 43.18
N VAL C 340 6.51 26.14 44.21
CA VAL C 340 7.38 24.99 44.00
C VAL C 340 6.72 23.96 43.08
N ASP C 341 7.47 23.50 42.08
CA ASP C 341 6.99 22.49 41.16
C ASP C 341 7.92 21.27 41.18
N PRO C 342 7.41 20.08 40.83
CA PRO C 342 8.18 18.85 41.07
C PRO C 342 9.44 18.75 40.23
N SER C 343 9.75 19.81 39.47
CA SER C 343 11.04 19.97 38.84
C SER C 343 12.03 20.75 39.72
N ALA C 344 11.65 21.05 40.96
CA ALA C 344 12.59 21.65 41.90
C ALA C 344 13.49 20.57 42.49
N ASN C 345 14.47 21.01 43.28
CA ASN C 345 15.33 20.11 44.02
C ASN C 345 14.86 20.09 45.46
N PRO C 346 14.27 18.99 45.95
CA PRO C 346 13.63 19.02 47.27
C PRO C 346 14.61 19.14 48.43
N TYR C 347 15.92 19.23 48.20
CA TYR C 347 16.87 19.58 49.26
C TYR C 347 17.20 21.06 49.24
N LEU C 348 17.67 21.57 48.10
CA LEU C 348 17.92 22.99 47.94
C LEU C 348 16.69 23.82 48.27
N ALA C 349 15.50 23.25 48.20
CA ALA C 349 14.28 24.02 48.48
C ALA C 349 14.18 24.36 49.96
N MET C 350 14.34 23.35 50.82
CA MET C 350 14.19 23.55 52.26
C MET C 350 15.29 24.46 52.81
N ALA C 351 16.54 24.21 52.41
CA ALA C 351 17.63 25.08 52.84
C ALA C 351 17.40 26.52 52.39
N VAL C 352 16.93 26.68 51.14
CA VAL C 352 16.66 28.00 50.61
C VAL C 352 15.39 28.62 51.19
N LEU C 353 14.43 27.82 51.63
CA LEU C 353 13.22 28.38 52.21
C LEU C 353 13.28 28.49 53.73
N LEU C 354 14.03 27.60 54.39
CA LEU C 354 14.20 27.72 55.83
C LEU C 354 14.93 29.01 56.17
N LYS C 355 16.12 29.19 55.60
CA LYS C 355 16.91 30.39 55.82
C LYS C 355 16.11 31.64 55.45
N ALA C 356 15.47 31.62 54.28
CA ALA C 356 14.54 32.68 53.92
C ALA C 356 13.47 32.85 54.98
N GLY C 357 12.84 31.75 55.39
CA GLY C 357 11.85 31.81 56.43
C GLY C 357 12.41 32.26 57.76
N LEU C 358 13.35 31.48 58.32
CA LEU C 358 13.97 31.83 59.60
C LEU C 358 14.59 33.22 59.59
N SER C 359 14.86 33.78 58.42
CA SER C 359 15.23 35.19 58.34
C SER C 359 14.16 36.08 58.93
N GLY C 360 12.92 35.61 58.95
CA GLY C 360 11.84 36.36 59.54
C GLY C 360 11.48 35.88 60.93
N ILE C 361 12.48 35.50 61.73
CA ILE C 361 12.22 35.24 63.15
C ILE C 361 13.22 36.09 63.94
N LYS C 362 14.36 36.36 63.33
CA LYS C 362 15.36 37.24 63.90
C LYS C 362 15.09 38.71 63.62
N ASP C 363 14.36 38.99 62.54
CA ASP C 363 13.83 40.32 62.22
C ASP C 363 12.31 40.31 62.16
N GLU C 364 11.74 39.30 61.50
CA GLU C 364 10.32 38.99 61.42
C GLU C 364 9.60 39.92 60.45
N LEU C 365 10.21 41.06 60.13
CA LEU C 365 9.84 41.98 59.05
C LEU C 365 8.34 42.08 58.75
N THR C 366 7.49 42.17 59.79
CA THR C 366 6.13 42.71 59.74
C THR C 366 5.34 42.35 58.48
N PRO C 367 4.87 41.11 58.33
CA PRO C 367 4.27 40.68 57.05
C PRO C 367 3.10 41.54 56.62
N PRO C 368 2.79 41.55 55.32
CA PRO C 368 1.71 42.42 54.82
C PRO C 368 0.32 41.90 55.17
N ALA C 369 -0.70 42.55 54.61
CA ALA C 369 -2.10 42.17 54.76
C ALA C 369 -2.48 41.11 53.73
N PRO C 370 -3.35 40.16 54.08
CA PRO C 370 -3.72 39.11 53.12
C PRO C 370 -4.59 39.71 52.01
N VAL C 371 -4.11 39.60 50.78
CA VAL C 371 -4.99 39.84 49.65
C VAL C 371 -6.03 38.73 49.63
N ASP C 372 -7.25 39.03 50.07
CA ASP C 372 -8.26 38.02 50.33
C ASP C 372 -9.28 37.91 49.19
N ARG C 373 -8.88 38.29 47.99
CA ARG C 373 -9.66 38.10 46.77
C ARG C 373 -9.08 36.95 45.97
N ASN C 374 -9.54 36.81 44.72
CA ASN C 374 -8.80 36.07 43.70
C ASN C 374 -7.77 37.01 43.12
N ILE C 375 -6.49 36.78 43.43
CA ILE C 375 -5.44 37.72 43.04
C ILE C 375 -5.11 37.66 41.56
N TYR C 376 -5.80 36.80 40.79
CA TYR C 376 -5.50 36.68 39.37
C TYR C 376 -5.96 37.91 38.59
N GLY C 377 -7.08 38.50 38.99
CA GLY C 377 -7.70 39.53 38.18
C GLY C 377 -7.62 40.94 38.73
N MET C 378 -6.47 41.35 39.24
CA MET C 378 -6.26 42.71 39.71
C MET C 378 -5.23 43.39 38.81
N ASN C 379 -5.56 44.59 38.34
CA ASN C 379 -4.78 45.29 37.32
C ASN C 379 -3.35 45.57 37.80
N GLU C 380 -2.49 45.92 36.84
CA GLU C 380 -1.20 46.50 37.18
C GLU C 380 -1.36 47.79 37.96
N GLU C 381 -2.53 48.43 37.87
CA GLU C 381 -2.85 49.61 38.66
C GLU C 381 -3.18 49.29 40.11
N GLU C 382 -3.42 48.01 40.44
CA GLU C 382 -3.74 47.62 41.80
C GLU C 382 -2.76 46.63 42.39
N ARG C 383 -2.11 45.79 41.56
CA ARG C 383 -0.90 45.13 42.02
C ARG C 383 0.07 46.15 42.57
N GLU C 384 0.23 47.25 41.84
CA GLU C 384 0.94 48.41 42.36
C GLU C 384 0.31 48.91 43.66
N ALA C 385 -1.01 49.11 43.66
CA ALA C 385 -1.68 49.75 44.80
C ALA C 385 -1.35 49.07 46.12
N THR C 386 -1.39 47.74 46.15
CA THR C 386 -0.96 47.03 47.34
C THR C 386 0.56 47.07 47.48
N GLY C 387 1.26 47.05 46.35
CA GLY C 387 2.70 46.89 46.36
C GLY C 387 3.17 45.46 46.20
N ILE C 388 2.31 44.55 45.75
CA ILE C 388 2.70 43.16 45.59
C ILE C 388 3.76 43.08 44.50
N TYR C 389 4.97 42.66 44.89
CA TYR C 389 5.99 42.31 43.92
C TYR C 389 5.42 41.33 42.89
N ASP C 390 5.86 41.46 41.64
CA ASP C 390 5.50 40.50 40.61
C ASP C 390 6.53 39.37 40.56
N LEU C 391 6.07 38.18 40.16
CA LEU C 391 7.06 37.12 40.20
C LEU C 391 7.84 37.06 38.89
N PRO C 392 9.10 36.62 38.98
CA PRO C 392 10.01 36.63 37.83
C PRO C 392 9.48 36.14 36.49
N GLU C 393 9.65 36.99 35.48
CA GLU C 393 9.11 36.74 34.14
C GLU C 393 9.59 35.39 33.59
N SER C 394 10.90 35.14 33.67
CA SER C 394 11.54 33.97 33.09
C SER C 394 12.56 33.46 34.11
N LEU C 395 13.41 32.53 33.68
CA LEU C 395 14.57 32.17 34.49
C LEU C 395 15.67 33.21 34.38
N GLY C 396 15.80 33.85 33.22
CA GLY C 396 16.74 34.94 33.06
C GLY C 396 16.60 35.94 34.18
N HIS C 397 15.39 36.49 34.35
CA HIS C 397 15.14 37.45 35.43
C HIS C 397 15.28 36.78 36.79
N ALA C 398 14.69 35.59 36.95
CA ALA C 398 14.68 34.92 38.24
C ALA C 398 16.08 34.64 38.77
N LEU C 399 17.08 34.53 37.89
CA LEU C 399 18.44 34.24 38.32
C LEU C 399 19.08 35.46 38.97
N ILE C 400 19.18 36.57 38.24
CA ILE C 400 19.77 37.80 38.78
C ILE C 400 19.04 38.26 40.03
N GLU C 401 17.79 37.84 40.23
CA GLU C 401 17.06 38.15 41.44
C GLU C 401 17.49 37.29 42.63
N LEU C 402 18.39 36.34 42.46
CA LEU C 402 18.88 35.52 43.57
C LEU C 402 20.32 35.84 43.97
N GLU C 403 21.21 36.03 43.00
CA GLU C 403 22.55 36.50 43.32
C GLU C 403 22.52 37.85 44.03
N LYS C 404 21.34 38.47 44.16
CA LYS C 404 21.13 39.67 44.93
C LYS C 404 20.62 39.39 46.34
N ASN C 405 19.89 38.29 46.54
CA ASN C 405 19.50 37.84 47.87
C ASN C 405 20.60 36.90 48.38
N GLU C 406 21.47 37.45 49.23
CA GLU C 406 22.63 36.73 49.71
C GLU C 406 22.37 36.05 51.04
N ILE C 407 21.12 36.00 51.49
CA ILE C 407 20.76 35.05 52.53
C ILE C 407 20.33 33.73 51.90
N ILE C 408 19.87 33.79 50.65
CA ILE C 408 19.53 32.59 49.91
C ILE C 408 20.78 31.95 49.31
N LYS C 409 21.62 32.77 48.65
CA LYS C 409 22.94 32.32 48.22
C LYS C 409 23.71 31.63 49.33
N ASP C 410 23.40 31.95 50.60
CA ASP C 410 24.11 31.38 51.73
C ASP C 410 23.47 30.11 52.25
N GLY C 411 22.17 29.92 52.02
CA GLY C 411 21.54 28.65 52.32
C GLY C 411 21.90 27.60 51.30
N LEU C 412 22.77 27.96 50.37
CA LEU C 412 23.21 27.12 49.26
C LEU C 412 24.68 26.78 49.33
N GLY C 413 25.34 27.00 50.48
CA GLY C 413 26.78 26.91 50.47
C GLY C 413 27.36 27.86 49.44
N GLU C 414 28.51 27.50 48.91
CA GLU C 414 29.09 28.20 47.77
C GLU C 414 29.18 27.31 46.55
N HIS C 415 29.74 26.11 46.72
CA HIS C 415 29.87 25.14 45.64
C HIS C 415 28.54 24.95 44.91
N ILE C 416 27.47 24.74 45.68
CA ILE C 416 26.17 24.47 45.06
C ILE C 416 25.61 25.73 44.39
N PHE C 417 25.86 26.91 44.97
CA PHE C 417 25.43 28.12 44.27
C PHE C 417 26.22 28.32 43.00
N GLU C 418 27.54 28.15 43.06
CA GLU C 418 28.40 28.47 41.92
C GLU C 418 28.06 27.60 40.71
N HIS C 419 28.01 26.28 40.92
CA HIS C 419 27.65 25.37 39.83
C HIS C 419 26.24 25.59 39.33
N PHE C 420 25.40 26.32 40.06
CA PHE C 420 23.99 26.47 39.69
C PHE C 420 23.76 27.67 38.79
N ILE C 421 24.13 28.87 39.24
CA ILE C 421 24.02 30.04 38.37
C ILE C 421 24.83 29.80 37.11
N GLU C 422 25.93 29.05 37.21
CA GLU C 422 26.64 28.56 36.04
C GLU C 422 25.70 27.75 35.15
N ALA C 423 25.17 26.65 35.69
CA ALA C 423 24.42 25.69 34.88
C ALA C 423 23.12 26.29 34.36
N LYS C 424 22.37 26.98 35.22
CA LYS C 424 21.08 27.50 34.79
C LYS C 424 21.19 28.71 33.87
N THR C 425 22.30 29.44 33.91
CA THR C 425 22.55 30.43 32.86
C THR C 425 22.97 29.75 31.57
N ILE C 426 23.51 28.53 31.65
CA ILE C 426 23.83 27.76 30.45
C ILE C 426 22.55 27.34 29.75
N GLU C 427 21.68 26.60 30.45
CA GLU C 427 20.39 26.23 29.89
C GLU C 427 19.60 27.45 29.46
N CYS C 428 19.60 28.50 30.27
CA CYS C 428 18.85 29.71 29.94
C CYS C 428 19.39 30.36 28.67
N ASP C 429 20.72 30.42 28.54
CA ASP C 429 21.31 30.91 27.29
C ASP C 429 21.11 29.92 26.15
N MET C 430 21.12 28.63 26.46
CA MET C 430 20.87 27.59 25.46
C MET C 430 19.57 27.87 24.70
N PHE C 431 18.51 28.16 25.44
CA PHE C 431 17.15 28.28 24.91
C PHE C 431 16.88 29.64 24.28
N ARG C 432 17.57 30.68 24.75
CA ARG C 432 17.36 32.03 24.23
C ARG C 432 17.86 32.18 22.80
N THR C 433 18.91 31.43 22.43
CA THR C 433 19.48 31.55 21.10
C THR C 433 18.85 30.58 20.09
N ALA C 434 17.99 29.68 20.53
CA ALA C 434 17.50 28.60 19.69
C ALA C 434 16.23 28.99 18.95
N VAL C 435 16.12 28.57 17.70
CA VAL C 435 14.97 28.84 16.87
C VAL C 435 14.05 27.62 16.96
N HIS C 436 13.02 27.72 17.79
CA HIS C 436 12.03 26.67 17.84
C HIS C 436 10.73 27.13 17.19
N PRO C 437 9.94 26.20 16.63
CA PRO C 437 9.03 26.56 15.53
C PRO C 437 7.82 27.43 15.85
N TRP C 438 7.67 28.00 17.05
CA TRP C 438 6.65 29.02 17.19
C TRP C 438 7.00 30.27 16.39
N GLU C 439 8.28 30.48 16.13
CA GLU C 439 8.73 31.64 15.38
C GLU C 439 8.67 31.43 13.88
N ARG C 440 8.64 30.17 13.42
CA ARG C 440 8.52 29.89 12.00
C ARG C 440 7.07 30.09 11.53
N GLU C 441 6.10 29.54 12.27
CA GLU C 441 4.70 29.77 11.93
C GLU C 441 4.40 31.26 11.87
N GLN C 442 4.68 31.96 12.97
CA GLN C 442 4.26 33.35 13.12
C GLN C 442 4.92 34.27 12.09
N TYR C 443 6.13 33.94 11.64
CA TYR C 443 6.89 34.95 10.91
C TYR C 443 7.32 34.52 9.50
N LEU C 444 7.73 33.26 9.32
CA LEU C 444 8.24 32.80 8.02
C LEU C 444 7.25 33.11 6.89
N GLU C 445 6.03 32.64 7.03
CA GLU C 445 5.06 32.73 5.94
C GLU C 445 4.53 34.14 5.74
N ILE C 446 4.79 35.05 6.67
CA ILE C 446 4.07 36.32 6.75
C ILE C 446 4.93 37.49 6.30
N TYR C 447 6.19 37.55 6.73
CA TYR C 447 7.06 38.66 6.32
C TYR C 447 7.82 38.34 5.04
N LYS D 6 -30.61 3.32 61.14
CA LYS D 6 -29.38 3.96 60.68
C LYS D 6 -28.18 3.08 60.96
N TYR D 7 -27.15 3.24 60.13
CA TYR D 7 -25.88 2.57 60.38
C TYR D 7 -25.19 3.23 61.57
N THR D 8 -24.22 2.51 62.13
CA THR D 8 -23.46 3.03 63.26
C THR D 8 -22.23 3.79 62.77
N LYS D 9 -21.38 4.19 63.71
CA LYS D 9 -20.04 4.69 63.43
C LYS D 9 -18.95 3.72 63.86
N GLU D 10 -19.04 3.19 65.10
CA GLU D 10 -18.05 2.24 65.58
C GLU D 10 -18.22 0.87 64.92
N ASP D 11 -19.45 0.35 64.86
CA ASP D 11 -19.70 -0.89 64.13
C ASP D 11 -19.34 -0.74 62.65
N ILE D 12 -19.15 0.49 62.17
CA ILE D 12 -18.57 0.66 60.83
C ILE D 12 -17.05 0.67 60.89
N PHE D 13 -16.47 1.31 61.92
CA PHE D 13 -15.02 1.39 62.03
C PHE D 13 -14.37 0.01 62.05
N ARG D 14 -15.06 -0.99 62.60
CA ARG D 14 -14.57 -2.36 62.56
C ARG D 14 -15.22 -3.19 61.46
N PHE D 15 -16.23 -2.64 60.77
CA PHE D 15 -16.88 -3.34 59.66
C PHE D 15 -15.92 -3.61 58.51
N ALA D 16 -14.75 -2.98 58.49
CA ALA D 16 -13.77 -3.22 57.45
C ALA D 16 -12.92 -4.46 57.73
N ASP D 17 -12.55 -4.68 59.00
CA ASP D 17 -11.70 -5.82 59.33
C ASP D 17 -12.41 -7.14 59.03
N GLU D 18 -13.74 -7.16 59.11
CA GLU D 18 -14.48 -8.36 58.76
C GLU D 18 -14.35 -8.67 57.27
N GLN D 19 -14.33 -7.65 56.43
CA GLN D 19 -14.19 -7.86 54.99
C GLN D 19 -12.80 -7.53 54.44
N ASN D 20 -11.95 -6.83 55.22
CA ASN D 20 -10.60 -6.45 54.80
C ASN D 20 -10.64 -5.57 53.54
N VAL D 21 -11.22 -4.38 53.72
CA VAL D 21 -11.35 -3.41 52.64
C VAL D 21 -10.15 -2.47 52.67
N LYS D 22 -9.66 -2.11 51.48
CA LYS D 22 -8.36 -1.45 51.33
C LYS D 22 -8.44 0.01 50.92
N PHE D 23 -9.42 0.41 50.10
CA PHE D 23 -9.47 1.78 49.58
C PHE D 23 -10.89 2.31 49.63
N ILE D 24 -11.08 3.43 50.33
CA ILE D 24 -12.38 4.08 50.47
C ILE D 24 -12.53 5.10 49.35
N ARG D 25 -13.77 5.36 48.95
CA ARG D 25 -14.06 6.36 47.93
C ARG D 25 -15.20 7.25 48.42
N LEU D 26 -14.83 8.43 48.92
CA LEU D 26 -15.81 9.46 49.23
C LEU D 26 -16.30 10.08 47.94
N GLN D 27 -17.62 10.23 47.81
CA GLN D 27 -18.19 10.77 46.59
C GLN D 27 -19.36 11.67 46.92
N PHE D 28 -19.67 12.53 45.95
CA PHE D 28 -20.70 13.54 46.08
C PHE D 28 -21.11 13.94 44.67
N THR D 29 -21.79 15.07 44.54
CA THR D 29 -22.24 15.49 43.22
C THR D 29 -22.13 17.00 43.09
N ASP D 30 -21.64 17.43 41.93
CA ASP D 30 -21.67 18.82 41.49
C ASP D 30 -23.05 19.17 40.95
N ILE D 31 -23.14 20.26 40.20
CA ILE D 31 -24.43 20.84 39.82
C ILE D 31 -24.94 20.29 38.50
N LEU D 32 -24.26 19.27 37.96
CA LEU D 32 -24.64 18.76 36.64
C LEU D 32 -25.18 17.33 36.64
N GLY D 33 -24.87 16.54 37.66
CA GLY D 33 -25.30 15.15 37.68
C GLY D 33 -24.10 14.21 37.72
N ILE D 34 -22.91 14.80 37.85
CA ILE D 34 -21.64 14.08 37.74
C ILE D 34 -21.25 13.50 39.09
N ILE D 35 -20.72 12.28 39.05
CA ILE D 35 -20.23 11.60 40.25
C ILE D 35 -18.75 11.96 40.40
N LYS D 36 -18.47 12.93 41.26
CA LYS D 36 -17.09 13.26 41.60
C LYS D 36 -16.65 12.42 42.80
N ASN D 37 -15.34 12.16 42.87
CA ASN D 37 -14.84 11.14 43.80
C ASN D 37 -13.45 11.50 44.30
N VAL D 38 -13.04 10.86 45.39
CA VAL D 38 -11.66 10.91 45.85
C VAL D 38 -11.29 9.63 46.59
N GLU D 39 -10.24 8.95 46.13
CA GLU D 39 -9.81 7.71 46.76
C GLU D 39 -8.87 7.99 47.93
N ILE D 40 -9.06 7.25 49.02
CA ILE D 40 -8.21 7.32 50.20
C ILE D 40 -8.07 5.91 50.77
N PRO D 41 -6.95 5.59 51.40
CA PRO D 41 -6.81 4.26 52.02
C PRO D 41 -7.65 4.12 53.28
N VAL D 42 -7.57 2.93 53.88
CA VAL D 42 -8.29 2.64 55.12
C VAL D 42 -7.52 3.14 56.33
N SER D 43 -6.23 3.42 56.18
CA SER D 43 -5.48 4.12 57.21
C SER D 43 -6.16 5.43 57.60
N GLN D 44 -6.50 6.23 56.59
CA GLN D 44 -7.10 7.55 56.77
C GLN D 44 -8.58 7.48 57.07
N LEU D 45 -9.06 6.34 57.57
CA LEU D 45 -10.49 6.11 57.76
C LEU D 45 -11.12 7.09 58.73
N LYS D 46 -10.69 7.06 59.99
CA LYS D 46 -11.27 7.97 60.98
C LYS D 46 -11.14 9.43 60.57
N LYS D 47 -10.22 9.76 59.67
CA LYS D 47 -10.10 11.14 59.21
C LYS D 47 -11.22 11.53 58.26
N ALA D 48 -11.94 10.56 57.69
CA ALA D 48 -13.19 10.82 57.02
C ALA D 48 -14.40 10.56 57.91
N LEU D 49 -14.26 9.64 58.88
CA LEU D 49 -15.29 9.48 59.89
C LEU D 49 -15.34 10.68 60.82
N ASP D 50 -14.19 11.29 61.10
CA ASP D 50 -14.12 12.55 61.83
C ASP D 50 -14.11 13.75 60.90
N ASN D 51 -14.61 13.59 59.67
CA ASN D 51 -15.10 14.66 58.81
C ASN D 51 -14.02 15.63 58.35
N LYS D 52 -12.75 15.25 58.46
CA LYS D 52 -11.63 16.19 58.28
C LYS D 52 -10.94 16.02 56.93
N ILE D 53 -11.67 15.81 55.85
CA ILE D 53 -11.09 15.64 54.51
C ILE D 53 -11.27 16.96 53.76
N MET D 54 -10.16 17.64 53.47
CA MET D 54 -10.18 18.87 52.70
C MET D 54 -10.09 18.56 51.20
N PHE D 55 -10.66 19.45 50.39
CA PHE D 55 -10.52 19.35 48.94
C PHE D 55 -10.74 20.74 48.35
N ASP D 56 -10.53 20.85 47.03
CA ASP D 56 -10.54 22.13 46.33
C ASP D 56 -11.90 22.33 45.67
N GLY D 57 -12.71 23.22 46.24
CA GLY D 57 -14.03 23.49 45.70
C GLY D 57 -14.02 24.34 44.43
N SER D 58 -12.91 25.06 44.17
CA SER D 58 -12.89 26.00 43.06
C SER D 58 -13.01 25.30 41.70
N SER D 59 -12.57 24.05 41.60
CA SER D 59 -12.55 23.34 40.34
C SER D 59 -13.66 22.31 40.21
N ILE D 60 -14.55 22.23 41.19
CA ILE D 60 -15.77 21.45 41.08
C ILE D 60 -16.86 22.41 40.65
N GLU D 61 -17.16 22.43 39.36
CA GLU D 61 -18.10 23.37 38.79
C GLU D 61 -19.45 23.21 39.48
N GLY D 62 -19.96 24.30 40.04
CA GLY D 62 -21.12 24.28 40.90
C GLY D 62 -20.84 24.65 42.33
N PHE D 63 -19.58 24.83 42.71
CA PHE D 63 -19.13 25.03 44.08
C PHE D 63 -18.43 26.39 44.16
N VAL D 64 -17.75 26.67 45.28
CA VAL D 64 -17.28 28.03 45.56
C VAL D 64 -16.14 28.42 44.62
N ARG D 65 -15.93 29.74 44.50
CA ARG D 65 -14.87 30.32 43.69
C ARG D 65 -13.52 30.14 44.40
N ILE D 66 -12.45 30.58 43.73
CA ILE D 66 -11.10 30.27 44.19
C ILE D 66 -10.62 31.17 45.33
N GLU D 67 -11.40 32.20 45.72
CA GLU D 67 -10.93 33.01 46.85
C GLU D 67 -11.28 32.39 48.19
N GLU D 68 -12.41 31.69 48.30
CA GLU D 68 -12.75 30.92 49.50
C GLU D 68 -12.91 29.48 49.04
N SER D 69 -11.79 28.76 48.98
CA SER D 69 -11.71 27.54 48.16
C SER D 69 -12.03 26.27 48.94
N ASP D 70 -11.37 26.06 50.08
CA ASP D 70 -11.42 24.77 50.76
C ASP D 70 -12.82 24.47 51.28
N MET D 71 -13.20 23.20 51.20
CA MET D 71 -14.47 22.71 51.71
C MET D 71 -14.25 21.29 52.23
N TYR D 72 -15.23 20.78 52.97
CA TYR D 72 -15.09 19.51 53.67
C TYR D 72 -16.15 18.51 53.23
N LEU D 73 -15.90 17.24 53.56
CA LEU D 73 -16.76 16.12 53.15
C LEU D 73 -17.22 15.34 54.39
N PHE D 74 -18.53 15.36 54.66
CA PHE D 74 -19.10 14.56 55.75
C PHE D 74 -19.85 13.39 55.15
N PRO D 75 -19.58 12.16 55.57
CA PRO D 75 -20.26 11.02 54.95
C PRO D 75 -21.66 10.78 55.50
N ASP D 76 -22.47 10.13 54.66
CA ASP D 76 -23.73 9.51 55.07
C ASP D 76 -23.42 8.03 55.27
N LEU D 77 -23.08 7.66 56.50
CA LEU D 77 -22.47 6.36 56.78
C LEU D 77 -23.39 5.20 56.43
N ASP D 78 -24.59 5.49 55.93
CA ASP D 78 -25.58 4.48 55.59
C ASP D 78 -25.51 4.04 54.14
N THR D 79 -25.06 4.92 53.23
CA THR D 79 -24.84 4.51 51.85
C THR D 79 -23.55 3.73 51.67
N TRP D 80 -22.97 3.26 52.78
CA TRP D 80 -21.86 2.32 52.73
C TRP D 80 -22.24 1.09 51.94
N VAL D 81 -21.46 0.80 50.90
CA VAL D 81 -21.53 -0.44 50.16
C VAL D 81 -20.11 -0.91 49.94
N VAL D 82 -19.94 -1.99 49.18
CA VAL D 82 -18.63 -2.42 48.70
C VAL D 82 -18.71 -2.61 47.20
N PHE D 83 -17.67 -2.17 46.50
CA PHE D 83 -17.58 -2.46 45.07
C PHE D 83 -17.16 -3.91 44.88
N PRO D 84 -17.92 -4.70 44.12
CA PRO D 84 -17.59 -6.13 43.98
C PRO D 84 -16.34 -6.38 43.16
N TRP D 85 -16.25 -5.72 42.01
CA TRP D 85 -15.17 -5.98 41.05
C TRP D 85 -13.78 -5.76 41.61
N THR D 86 -13.66 -5.19 42.81
CA THR D 86 -12.39 -4.76 43.35
C THR D 86 -11.68 -5.84 44.16
N ALA D 87 -12.12 -7.10 44.07
CA ALA D 87 -11.48 -8.15 44.86
C ALA D 87 -10.09 -8.47 44.31
N GLU D 88 -9.14 -8.69 45.24
CA GLU D 88 -7.77 -9.15 45.02
C GLU D 88 -6.86 -8.08 44.42
N LYS D 89 -7.43 -6.97 44.00
CA LYS D 89 -6.67 -5.82 43.53
C LYS D 89 -6.97 -4.64 44.42
N GLY D 90 -7.13 -4.91 45.71
CA GLY D 90 -7.44 -3.91 46.70
C GLY D 90 -8.93 -3.77 46.84
N LYS D 91 -9.49 -4.28 47.93
CA LYS D 91 -10.92 -4.15 48.14
C LYS D 91 -11.25 -2.68 48.38
N VAL D 92 -12.37 -2.24 47.84
CA VAL D 92 -12.67 -0.83 47.68
C VAL D 92 -14.06 -0.55 48.24
N ALA D 93 -14.14 0.45 49.12
CA ALA D 93 -15.36 0.83 49.80
C ALA D 93 -15.89 2.15 49.25
N ARG D 94 -17.08 2.52 49.69
CA ARG D 94 -17.76 3.69 49.16
C ARG D 94 -18.66 4.28 50.22
N MET D 95 -18.71 5.62 50.25
CA MET D 95 -19.74 6.36 50.99
C MET D 95 -19.94 7.70 50.31
N ILE D 96 -21.18 8.18 50.32
CA ILE D 96 -21.59 9.38 49.61
C ILE D 96 -21.62 10.54 50.59
N CYS D 97 -20.75 11.53 50.37
CA CYS D 97 -20.50 12.57 51.35
C CYS D 97 -21.49 13.73 51.25
N ASP D 98 -21.46 14.56 52.28
CA ASP D 98 -22.24 15.78 52.40
C ASP D 98 -21.23 16.92 52.46
N ILE D 99 -21.21 17.76 51.42
CA ILE D 99 -20.23 18.85 51.39
C ILE D 99 -20.64 19.92 52.39
N TYR D 100 -19.69 20.34 53.23
CA TYR D 100 -19.98 21.29 54.29
C TYR D 100 -19.02 22.47 54.23
N ASN D 101 -19.58 23.65 54.47
CA ASN D 101 -18.78 24.84 54.68
C ASN D 101 -17.84 24.62 55.87
N PRO D 102 -16.68 25.27 55.89
CA PRO D 102 -15.73 24.97 56.98
C PRO D 102 -16.15 25.49 58.34
N ASP D 103 -17.14 26.38 58.42
CA ASP D 103 -17.66 26.77 59.72
C ASP D 103 -18.56 25.74 60.33
N MET D 104 -18.59 24.53 59.75
CA MET D 104 -19.40 23.37 60.15
C MET D 104 -20.85 23.50 59.67
N THR D 105 -21.20 24.58 58.95
CA THR D 105 -22.51 24.73 58.33
C THR D 105 -22.56 23.99 57.01
N PRO D 106 -23.70 23.40 56.66
CA PRO D 106 -23.79 22.66 55.39
C PRO D 106 -23.77 23.63 54.22
N PHE D 107 -23.01 23.25 53.18
CA PHE D 107 -22.86 24.12 52.01
C PHE D 107 -24.22 24.43 51.38
N ALA D 108 -24.33 25.62 50.78
CA ALA D 108 -25.59 26.03 50.18
C ALA D 108 -25.79 25.43 48.79
N GLY D 109 -24.70 25.16 48.08
CA GLY D 109 -24.81 24.62 46.74
C GLY D 109 -24.53 23.14 46.66
N ASP D 110 -24.67 22.45 47.79
CA ASP D 110 -24.60 21.00 47.83
C ASP D 110 -25.96 20.45 47.41
N PRO D 111 -26.06 19.80 46.24
CA PRO D 111 -27.40 19.39 45.77
C PRO D 111 -28.11 18.45 46.72
N ARG D 112 -27.37 17.51 47.32
CA ARG D 112 -27.96 16.62 48.31
C ARG D 112 -28.57 17.40 49.47
N ALA D 113 -28.07 18.62 49.72
CA ALA D 113 -28.62 19.43 50.80
C ALA D 113 -29.96 20.03 50.45
N ASN D 114 -30.13 20.52 49.20
CA ASN D 114 -31.41 21.07 48.81
C ASN D 114 -32.49 20.00 48.72
N LEU D 115 -32.13 18.80 48.27
CA LEU D 115 -33.09 17.70 48.35
C LEU D 115 -33.30 17.26 49.79
N LYS D 116 -32.27 17.35 50.63
CA LYS D 116 -32.43 17.05 52.05
C LYS D 116 -33.22 18.13 52.77
N ARG D 117 -33.31 19.33 52.20
CA ARG D 117 -33.93 20.47 52.85
C ARG D 117 -35.41 20.62 52.46
N VAL D 118 -35.74 20.44 51.18
CA VAL D 118 -37.14 20.35 50.79
C VAL D 118 -37.74 19.00 51.11
N LEU D 119 -36.95 18.06 51.63
CA LEU D 119 -37.43 16.80 52.18
C LEU D 119 -38.10 16.98 53.53
N LYS D 120 -38.29 18.23 53.95
CA LYS D 120 -39.05 18.54 55.15
C LYS D 120 -40.23 19.46 54.88
N GLU D 121 -40.38 19.99 53.66
CA GLU D 121 -41.58 20.73 53.29
C GLU D 121 -42.79 19.83 53.18
N MET D 122 -42.59 18.54 53.01
CA MET D 122 -43.65 17.54 53.03
C MET D 122 -43.80 16.89 54.41
N GLU D 123 -43.07 17.38 55.41
CA GLU D 123 -43.10 16.77 56.73
C GLU D 123 -44.30 17.26 57.53
N GLU D 124 -44.44 18.58 57.68
CA GLU D 124 -45.60 19.11 58.39
C GLU D 124 -46.90 18.58 57.81
N LEU D 125 -46.98 18.44 56.49
CA LEU D 125 -48.15 17.87 55.83
C LEU D 125 -48.41 16.44 56.28
N GLY D 126 -47.41 15.78 56.89
CA GLY D 126 -47.58 14.47 57.46
C GLY D 126 -47.33 13.35 56.48
N PHE D 127 -46.15 13.32 55.88
CA PHE D 127 -45.81 12.33 54.86
C PHE D 127 -44.64 11.49 55.35
N THR D 128 -44.76 10.17 55.23
CA THR D 128 -43.70 9.29 55.70
C THR D 128 -42.47 9.39 54.80
N GLU D 129 -42.65 9.25 53.48
CA GLU D 129 -41.55 9.26 52.53
C GLU D 129 -42.01 9.82 51.19
N PHE D 130 -41.04 9.96 50.26
CA PHE D 130 -41.25 10.42 48.88
C PHE D 130 -40.58 9.44 47.95
N ASN D 131 -41.31 8.42 47.49
CA ASN D 131 -40.71 7.36 46.70
C ASN D 131 -40.34 7.83 45.30
N LEU D 132 -39.15 7.43 44.85
CA LEU D 132 -38.71 7.63 43.48
C LEU D 132 -38.30 6.29 42.88
N GLY D 133 -38.83 5.97 41.70
CA GLY D 133 -38.36 4.83 40.94
C GLY D 133 -38.03 5.21 39.51
N PRO D 134 -36.74 5.18 39.16
CA PRO D 134 -36.30 5.67 37.86
C PRO D 134 -36.15 4.58 36.80
N GLU D 135 -36.38 4.99 35.55
CA GLU D 135 -36.21 4.13 34.37
C GLU D 135 -35.12 4.72 33.48
N PRO D 136 -33.87 4.66 33.89
CA PRO D 136 -32.79 5.30 33.10
C PRO D 136 -32.41 4.45 31.90
N GLU D 137 -32.80 4.91 30.71
CA GLU D 137 -32.47 4.22 29.47
C GLU D 137 -31.10 4.69 28.97
N PHE D 138 -30.41 3.80 28.25
CA PHE D 138 -29.10 4.15 27.73
C PHE D 138 -28.80 3.35 26.46
N PHE D 139 -27.86 3.88 25.67
CA PHE D 139 -27.33 3.20 24.50
C PHE D 139 -25.94 2.64 24.80
N LEU D 140 -25.55 1.64 24.02
CA LEU D 140 -24.19 1.11 24.06
C LEU D 140 -23.51 1.36 22.72
N PHE D 141 -22.21 1.60 22.76
CA PHE D 141 -21.44 1.91 21.56
C PHE D 141 -20.12 1.15 21.58
N LYS D 142 -19.73 0.63 20.42
CA LYS D 142 -18.51 -0.15 20.30
C LYS D 142 -17.28 0.72 20.51
N LEU D 143 -16.14 0.04 20.68
CA LEU D 143 -14.85 0.67 20.89
C LEU D 143 -13.89 0.28 19.76
N ASP D 144 -12.79 1.01 19.65
CA ASP D 144 -11.76 0.73 18.67
C ASP D 144 -10.43 0.44 19.37
N GLU D 145 -9.45 -0.01 18.59
CA GLU D 145 -8.15 -0.39 19.15
C GLU D 145 -7.59 0.66 20.10
N ASN D 146 -7.95 1.92 19.87
CA ASN D 146 -7.64 3.00 20.81
C ASN D 146 -8.38 2.84 22.14
N ARG D 147 -9.48 2.08 22.14
CA ARG D 147 -10.47 2.03 23.22
C ARG D 147 -11.21 3.35 23.37
N ARG D 148 -11.39 4.07 22.25
CA ARG D 148 -12.25 5.25 22.11
C ARG D 148 -13.54 4.88 21.39
N PRO D 149 -14.67 5.37 21.87
CA PRO D 149 -15.96 4.96 21.28
C PRO D 149 -16.09 5.36 19.82
N THR D 150 -17.06 4.75 19.16
CA THR D 150 -17.27 4.93 17.72
C THR D 150 -18.72 5.26 17.41
N LEU D 151 -19.09 5.29 16.14
CA LEU D 151 -20.44 5.65 15.74
C LEU D 151 -21.27 4.43 15.31
N GLU D 152 -20.78 3.22 15.54
CA GLU D 152 -21.59 2.02 15.39
C GLU D 152 -22.04 1.54 16.77
N LEU D 153 -23.30 1.14 16.86
CA LEU D 153 -23.89 0.72 18.12
C LEU D 153 -23.70 -0.77 18.34
N ASN D 154 -23.83 -1.19 19.61
CA ASN D 154 -23.49 -2.56 19.97
C ASN D 154 -24.34 -3.57 19.21
N ASP D 155 -25.58 -3.21 18.88
CA ASP D 155 -26.44 -4.10 18.12
C ASP D 155 -27.48 -3.27 17.38
N SER D 156 -27.94 -3.82 16.26
CA SER D 156 -29.16 -3.33 15.61
C SER D 156 -30.32 -4.04 16.26
N GLY D 157 -30.99 -3.38 17.20
CA GLY D 157 -32.02 -3.99 18.01
C GLY D 157 -33.42 -3.45 17.73
N GLY D 158 -34.38 -4.09 18.36
CA GLY D 158 -35.75 -3.63 18.41
C GLY D 158 -36.24 -3.80 19.84
N TYR D 159 -37.54 -3.81 20.06
CA TYR D 159 -38.05 -4.01 21.41
C TYR D 159 -37.87 -5.47 21.82
N PHE D 160 -37.30 -5.67 23.01
CA PHE D 160 -37.31 -6.97 23.69
C PHE D 160 -36.53 -8.08 23.00
N ASP D 161 -35.94 -7.81 21.84
CA ASP D 161 -35.54 -8.88 20.95
C ASP D 161 -34.53 -9.84 21.60
N LEU D 162 -34.62 -11.10 21.19
CA LEU D 162 -33.73 -12.15 21.63
C LEU D 162 -32.36 -12.00 20.97
N ALA D 163 -31.36 -12.66 21.55
CA ALA D 163 -30.12 -12.90 20.84
C ALA D 163 -30.38 -13.90 19.71
N PRO D 164 -29.66 -13.79 18.58
CA PRO D 164 -28.52 -12.93 18.29
C PRO D 164 -28.91 -11.56 17.75
N THR D 165 -30.18 -11.21 17.84
CA THR D 165 -30.61 -9.88 17.39
C THR D 165 -30.17 -8.81 18.38
N ASP D 166 -30.44 -9.00 19.66
CA ASP D 166 -29.87 -8.15 20.70
C ASP D 166 -28.60 -8.79 21.23
N LEU D 167 -27.56 -7.99 21.39
CA LEU D 167 -26.22 -8.48 21.62
C LEU D 167 -25.68 -8.19 23.00
N GLY D 168 -26.12 -7.13 23.65
CA GLY D 168 -25.74 -6.86 25.03
C GLY D 168 -26.53 -7.71 26.01
N GLU D 169 -27.19 -8.74 25.46
CA GLU D 169 -27.92 -9.70 26.28
C GLU D 169 -27.04 -10.24 27.41
N ASN D 170 -25.80 -10.63 27.08
CA ASN D 170 -24.86 -11.07 28.09
C ASN D 170 -24.18 -9.91 28.80
N CYS D 171 -24.14 -8.72 28.19
CA CYS D 171 -23.60 -7.55 28.88
C CYS D 171 -24.56 -7.08 29.96
N ARG D 172 -25.87 -7.08 29.66
CA ARG D 172 -26.86 -6.62 30.63
C ARG D 172 -26.90 -7.53 31.84
N ARG D 173 -27.10 -8.83 31.61
CA ARG D 173 -26.95 -9.83 32.66
C ARG D 173 -25.74 -9.50 33.52
N ASP D 174 -24.61 -9.21 32.88
CA ASP D 174 -23.39 -8.89 33.61
C ASP D 174 -23.46 -7.55 34.33
N ILE D 175 -24.44 -6.70 34.01
CA ILE D 175 -24.58 -5.43 34.71
C ILE D 175 -25.51 -5.56 35.91
N VAL D 176 -26.61 -6.31 35.76
CA VAL D 176 -27.62 -6.37 36.82
C VAL D 176 -27.07 -7.06 38.06
N LEU D 177 -26.48 -8.24 37.88
CA LEU D 177 -25.90 -8.95 39.02
C LEU D 177 -24.77 -8.16 39.67
N GLU D 178 -24.06 -7.35 38.89
CA GLU D 178 -23.06 -6.46 39.45
C GLU D 178 -23.69 -5.37 40.29
N LEU D 179 -24.93 -4.97 39.97
CA LEU D 179 -25.69 -4.14 40.87
C LEU D 179 -26.30 -4.97 41.99
N GLU D 180 -26.97 -6.07 41.61
CA GLU D 180 -27.73 -6.87 42.55
C GLU D 180 -26.84 -7.42 43.67
N GLU D 181 -25.58 -7.70 43.37
CA GLU D 181 -24.62 -8.00 44.43
C GLU D 181 -24.48 -6.82 45.39
N MET D 182 -24.35 -5.61 44.84
CA MET D 182 -24.21 -4.40 45.64
C MET D 182 -25.46 -4.03 46.41
N GLY D 183 -26.50 -4.85 46.36
CA GLY D 183 -27.71 -4.57 47.12
C GLY D 183 -28.66 -3.67 46.36
N PHE D 184 -29.14 -4.12 45.20
CA PHE D 184 -30.13 -3.40 44.43
C PHE D 184 -31.33 -4.29 44.15
N GLU D 185 -32.52 -3.68 44.15
CA GLU D 185 -33.77 -4.41 44.04
C GLU D 185 -34.15 -4.46 42.56
N ILE D 186 -33.49 -5.35 41.83
CA ILE D 186 -33.52 -5.31 40.37
C ILE D 186 -34.85 -5.88 39.86
N GLU D 187 -35.61 -5.04 39.14
CA GLU D 187 -36.88 -5.47 38.58
C GLU D 187 -36.68 -6.28 37.30
N ALA D 188 -36.11 -5.67 36.26
CA ALA D 188 -36.04 -6.30 34.95
C ALA D 188 -34.86 -5.77 34.17
N SER D 189 -34.50 -6.48 33.11
CA SER D 189 -33.41 -6.10 32.21
C SER D 189 -33.74 -6.60 30.81
N HIS D 190 -33.57 -5.75 29.81
CA HIS D 190 -34.02 -6.06 28.46
C HIS D 190 -33.47 -5.02 27.49
N HIS D 191 -33.99 -5.06 26.26
CA HIS D 191 -33.65 -4.16 25.18
C HIS D 191 -34.81 -3.18 24.97
N GLU D 192 -34.49 -1.92 24.70
CA GLU D 192 -35.52 -0.92 24.45
C GLU D 192 -35.77 -0.83 22.93
N VAL D 193 -36.49 0.20 22.49
CA VAL D 193 -37.02 0.24 21.13
C VAL D 193 -35.92 0.60 20.12
N ALA D 194 -35.12 1.60 20.43
CA ALA D 194 -34.16 2.12 19.46
C ALA D 194 -32.96 1.19 19.32
N PRO D 195 -32.39 1.10 18.10
CA PRO D 195 -31.18 0.29 17.92
C PRO D 195 -30.09 0.72 18.89
N GLY D 196 -29.40 -0.28 19.45
CA GLY D 196 -28.31 -0.07 20.39
C GLY D 196 -28.73 0.31 21.79
N GLN D 197 -30.02 0.34 22.08
CA GLN D 197 -30.53 0.88 23.33
C GLN D 197 -30.93 -0.22 24.31
N HIS D 198 -30.80 0.09 25.59
CA HIS D 198 -31.07 -0.85 26.67
C HIS D 198 -31.75 -0.13 27.82
N GLU D 199 -32.41 -0.91 28.67
CA GLU D 199 -33.06 -0.40 29.87
C GLU D 199 -32.90 -1.42 30.98
N ILE D 200 -32.45 -0.96 32.14
CA ILE D 200 -32.46 -1.73 33.37
C ILE D 200 -33.18 -0.90 34.42
N ASP D 201 -34.00 -1.55 35.24
CA ASP D 201 -34.82 -0.85 36.21
C ASP D 201 -34.73 -1.55 37.55
N PHE D 202 -35.28 -0.90 38.57
CA PHE D 202 -35.21 -1.41 39.93
C PHE D 202 -36.36 -0.80 40.73
N LYS D 203 -36.52 -1.29 41.96
CA LYS D 203 -37.62 -0.87 42.80
C LYS D 203 -37.36 0.51 43.40
N TYR D 204 -38.44 1.26 43.58
CA TYR D 204 -38.40 2.58 44.20
C TYR D 204 -37.87 2.50 45.64
N GLU D 205 -37.29 3.61 46.08
CA GLU D 205 -36.84 3.76 47.45
C GLU D 205 -37.07 5.21 47.89
N ASP D 206 -36.62 5.54 49.09
CA ASP D 206 -36.70 6.90 49.60
C ASP D 206 -35.98 7.86 48.65
N ALA D 207 -36.44 9.11 48.64
CA ALA D 207 -35.98 10.09 47.66
C ALA D 207 -34.46 10.25 47.68
N ILE D 208 -33.91 10.69 48.82
CA ILE D 208 -32.48 10.91 48.87
C ILE D 208 -31.70 9.60 48.80
N THR D 209 -32.34 8.47 49.08
CA THR D 209 -31.66 7.19 48.91
C THR D 209 -31.96 6.57 47.54
N ALA D 210 -32.88 7.16 46.78
CA ALA D 210 -33.14 6.71 45.41
C ALA D 210 -32.17 7.33 44.43
N CYS D 211 -31.83 8.60 44.61
CA CYS D 211 -30.90 9.27 43.71
C CYS D 211 -29.48 8.76 43.91
N ASP D 212 -29.07 8.54 45.16
CA ASP D 212 -27.83 7.81 45.40
C ASP D 212 -27.79 6.55 44.56
N SER D 213 -28.87 5.78 44.61
CA SER D 213 -29.03 4.56 43.81
C SER D 213 -29.18 4.88 42.32
N ILE D 214 -29.21 6.16 41.94
CA ILE D 214 -29.24 6.51 40.52
C ILE D 214 -27.82 6.79 40.05
N GLN D 215 -27.12 7.71 40.72
CA GLN D 215 -25.73 7.97 40.36
C GLN D 215 -24.88 6.72 40.47
N THR D 216 -25.18 5.85 41.45
CA THR D 216 -24.47 4.59 41.57
C THR D 216 -24.73 3.71 40.35
N PHE D 217 -26.00 3.59 39.96
CA PHE D 217 -26.37 2.76 38.82
C PHE D 217 -25.71 3.24 37.54
N LYS D 218 -25.57 4.56 37.37
CA LYS D 218 -24.95 5.09 36.17
C LYS D 218 -23.48 4.65 36.07
N LEU D 219 -22.70 4.89 37.12
CA LEU D 219 -21.30 4.47 37.10
C LEU D 219 -21.16 2.99 36.75
N VAL D 220 -22.00 2.16 37.35
CA VAL D 220 -21.81 0.72 37.27
C VAL D 220 -22.09 0.22 35.86
N VAL D 221 -23.09 0.79 35.19
CA VAL D 221 -23.28 0.53 33.77
C VAL D 221 -22.05 0.95 32.97
N LYS D 222 -21.66 2.22 33.15
CA LYS D 222 -20.53 2.77 32.39
C LYS D 222 -19.24 1.98 32.61
N THR D 223 -19.04 1.42 33.80
CA THR D 223 -17.82 0.67 34.07
C THR D 223 -17.89 -0.74 33.50
N ILE D 224 -19.02 -1.43 33.67
CA ILE D 224 -19.11 -2.80 33.17
C ILE D 224 -19.19 -2.81 31.64
N ALA D 225 -19.80 -1.79 31.03
CA ALA D 225 -19.97 -1.82 29.58
C ALA D 225 -18.65 -1.70 28.85
N ARG D 226 -17.70 -0.93 29.38
CA ARG D 226 -16.36 -0.97 28.82
C ARG D 226 -15.47 -1.98 29.51
N LYS D 227 -16.06 -2.84 30.33
CA LYS D 227 -15.46 -4.14 30.60
C LYS D 227 -15.81 -5.11 29.48
N HIS D 228 -16.99 -4.93 28.87
CA HIS D 228 -17.43 -5.69 27.69
C HIS D 228 -17.11 -4.95 26.40
N GLY D 229 -16.10 -4.08 26.39
CA GLY D 229 -15.63 -3.44 25.18
C GLY D 229 -16.57 -2.42 24.57
N LEU D 230 -17.58 -1.97 25.29
CA LEU D 230 -18.56 -1.01 24.80
C LEU D 230 -18.48 0.30 25.59
N HIS D 231 -19.15 1.32 25.09
CA HIS D 231 -19.26 2.59 25.82
C HIS D 231 -20.72 2.93 25.99
N ALA D 232 -21.16 3.00 27.26
CA ALA D 232 -22.53 3.35 27.59
C ALA D 232 -22.62 4.85 27.83
N THR D 233 -23.60 5.49 27.20
CA THR D 233 -23.87 6.90 27.42
C THR D 233 -25.31 7.08 27.89
N PHE D 234 -25.53 8.14 28.65
CA PHE D 234 -26.88 8.55 29.06
C PHE D 234 -27.28 9.84 28.35
N MET D 235 -26.73 10.07 27.16
CA MET D 235 -27.18 11.15 26.29
C MET D 235 -28.64 10.94 25.91
N PRO D 236 -29.44 12.00 25.83
CA PRO D 236 -30.89 11.83 25.64
C PRO D 236 -31.30 11.58 24.20
N LYS D 237 -30.43 11.84 23.23
CA LYS D 237 -30.76 11.61 21.82
C LYS D 237 -29.46 11.57 21.02
N PRO D 238 -28.72 10.46 21.05
CA PRO D 238 -27.45 10.40 20.31
C PRO D 238 -27.66 10.41 18.81
N LEU D 239 -28.52 9.53 18.31
CA LEU D 239 -28.82 9.47 16.88
C LEU D 239 -30.04 10.32 16.57
N PHE D 240 -30.29 10.48 15.27
CA PHE D 240 -31.52 11.11 14.79
C PHE D 240 -32.56 10.05 14.48
N GLY D 241 -33.82 10.34 14.81
CA GLY D 241 -34.93 9.55 14.33
C GLY D 241 -35.04 8.14 14.88
N VAL D 242 -34.36 7.82 15.97
CA VAL D 242 -34.66 6.62 16.75
C VAL D 242 -34.87 7.07 18.18
N ASN D 243 -35.58 6.24 18.94
CA ASN D 243 -35.96 6.57 20.33
C ASN D 243 -34.81 7.23 21.07
N GLY D 244 -35.10 8.30 21.79
CA GLY D 244 -34.10 8.81 22.69
C GLY D 244 -33.93 7.85 23.85
N SER D 245 -33.33 8.32 24.95
CA SER D 245 -33.36 7.55 26.19
C SER D 245 -33.78 8.50 27.29
N GLY D 246 -34.77 8.09 28.07
CA GLY D 246 -35.29 8.93 29.13
C GLY D 246 -35.22 8.23 30.46
N MET D 247 -35.16 9.03 31.52
CA MET D 247 -35.23 8.53 32.89
C MET D 247 -36.63 8.84 33.43
N HIS D 248 -37.57 7.94 33.14
CA HIS D 248 -38.91 8.10 33.64
C HIS D 248 -38.91 8.24 35.15
N PHE D 249 -39.87 8.99 35.66
CA PHE D 249 -39.92 9.33 37.07
C PHE D 249 -41.23 8.80 37.65
N ASN D 250 -41.18 7.57 38.17
CA ASN D 250 -42.28 7.05 38.97
C ASN D 250 -42.11 7.56 40.40
N MET D 251 -43.03 8.37 40.87
CA MET D 251 -42.99 8.92 42.22
C MET D 251 -44.24 8.55 42.99
N SER D 252 -44.15 8.64 44.31
CA SER D 252 -45.31 8.44 45.17
C SER D 252 -45.00 8.96 46.56
N LEU D 253 -46.05 9.05 47.38
CA LEU D 253 -45.98 9.54 48.74
C LEU D 253 -46.43 8.46 49.71
N PHE D 254 -45.89 8.49 50.92
CA PHE D 254 -46.16 7.47 51.93
C PHE D 254 -46.70 8.11 53.21
N ASN D 255 -47.71 7.47 53.79
CA ASN D 255 -48.37 8.03 54.98
C ASN D 255 -48.98 6.89 55.79
N GLU D 256 -48.27 6.46 56.84
CA GLU D 256 -48.79 5.58 57.88
C GLU D 256 -49.37 4.28 57.30
N LYS D 257 -48.48 3.52 56.65
CA LYS D 257 -48.82 2.20 56.10
C LYS D 257 -50.04 2.27 55.17
N GLY D 258 -49.89 3.10 54.14
CA GLY D 258 -50.88 3.24 53.10
C GLY D 258 -50.40 4.26 52.08
N ASN D 259 -50.42 3.90 50.79
CA ASN D 259 -49.90 4.78 49.77
C ASN D 259 -50.82 6.00 49.62
N ALA D 260 -50.25 7.19 49.81
CA ALA D 260 -51.03 8.41 49.78
C ALA D 260 -51.76 8.62 48.46
N PHE D 261 -51.47 7.83 47.42
CA PHE D 261 -52.17 7.89 46.15
C PHE D 261 -53.24 6.83 46.03
N PHE D 262 -53.63 6.21 47.15
CA PHE D 262 -54.54 5.08 47.15
C PHE D 262 -55.89 5.51 47.72
N ASP D 263 -56.93 5.39 46.90
CA ASP D 263 -58.32 5.54 47.33
C ASP D 263 -58.96 4.19 47.02
N GLU D 264 -58.84 3.27 47.99
CA GLU D 264 -58.97 1.83 47.70
C GLU D 264 -60.22 1.48 46.90
N SER D 265 -61.23 2.35 46.87
CA SER D 265 -62.48 2.05 46.18
C SER D 265 -62.94 3.26 45.36
N GLY D 266 -62.03 3.82 44.55
CA GLY D 266 -62.40 4.78 43.53
C GLY D 266 -62.42 4.17 42.15
N GLU D 267 -62.79 5.00 41.16
CA GLU D 267 -62.77 4.54 39.78
C GLU D 267 -61.37 4.60 39.20
N LEU D 268 -60.66 5.69 39.45
CA LEU D 268 -59.31 5.85 38.96
C LEU D 268 -58.29 5.34 39.96
N GLU D 269 -58.76 4.74 41.07
CA GLU D 269 -57.93 4.16 42.12
C GLU D 269 -56.83 5.14 42.54
N LEU D 270 -57.15 6.42 42.47
CA LEU D 270 -56.24 7.49 42.82
C LEU D 270 -56.84 8.32 43.94
N SER D 271 -56.01 8.66 44.92
CA SER D 271 -56.42 9.55 45.99
C SER D 271 -56.73 10.92 45.42
N GLN D 272 -57.18 11.84 46.26
CA GLN D 272 -57.45 13.21 45.82
C GLN D 272 -56.37 14.18 46.28
N THR D 273 -55.34 13.70 46.99
CA THR D 273 -54.08 14.40 47.03
C THR D 273 -53.21 14.05 45.83
N ALA D 274 -53.42 12.86 45.26
CA ALA D 274 -52.77 12.49 44.01
C ALA D 274 -53.19 13.42 42.88
N TYR D 275 -54.50 13.50 42.63
CA TYR D 275 -55.01 14.35 41.56
C TYR D 275 -54.52 15.79 41.70
N HIS D 276 -54.39 16.27 42.94
CA HIS D 276 -53.77 17.57 43.16
C HIS D 276 -52.28 17.56 42.83
N PHE D 277 -51.59 16.45 43.10
CA PHE D 277 -50.19 16.35 42.72
C PHE D 277 -50.00 16.53 41.22
N LEU D 278 -50.99 16.10 40.42
CA LEU D 278 -50.94 16.42 38.99
C LEU D 278 -50.94 17.92 38.73
N ALA D 279 -52.03 18.60 39.13
CA ALA D 279 -52.13 20.04 38.96
C ALA D 279 -50.90 20.71 39.54
N GLY D 280 -50.31 20.09 40.56
CA GLY D 280 -49.04 20.53 41.09
C GLY D 280 -47.85 20.21 40.21
N MET D 281 -48.00 19.32 39.24
CA MET D 281 -46.98 19.13 38.24
C MET D 281 -47.29 19.80 36.90
N LEU D 282 -48.51 19.69 36.40
CA LEU D 282 -48.78 20.19 35.06
C LEU D 282 -48.81 21.72 34.98
N LYS D 283 -49.07 22.41 36.08
CA LYS D 283 -48.96 23.86 36.05
C LYS D 283 -47.54 24.28 35.74
N HIS D 284 -46.59 23.84 36.56
CA HIS D 284 -45.22 24.33 36.50
C HIS D 284 -44.34 23.55 35.53
N ALA D 285 -44.90 22.58 34.81
CA ALA D 285 -44.13 21.84 33.82
C ALA D 285 -43.34 22.78 32.93
N ARG D 286 -44.00 23.83 32.42
CA ARG D 286 -43.38 24.82 31.56
C ARG D 286 -42.20 25.52 32.21
N GLY D 287 -41.98 25.36 33.51
CA GLY D 287 -41.00 26.15 34.21
C GLY D 287 -39.80 25.42 34.77
N TYR D 288 -39.93 24.16 35.13
CA TYR D 288 -38.82 23.45 35.76
C TYR D 288 -38.11 22.49 34.82
N THR D 289 -38.53 22.42 33.55
CA THR D 289 -37.93 21.47 32.63
C THR D 289 -36.50 21.83 32.24
N ALA D 290 -36.10 23.10 32.38
CA ALA D 290 -34.70 23.44 32.24
C ALA D 290 -33.84 22.77 33.30
N VAL D 291 -34.44 22.35 34.41
CA VAL D 291 -33.78 21.50 35.39
C VAL D 291 -33.87 20.03 34.99
N THR D 292 -35.08 19.56 34.65
CA THR D 292 -35.23 18.16 34.25
C THR D 292 -34.51 17.87 32.93
N ASN D 293 -34.42 18.87 32.05
CA ASN D 293 -33.78 18.74 30.74
C ASN D 293 -32.73 19.83 30.64
N PRO D 294 -31.56 19.63 31.25
CA PRO D 294 -30.58 20.71 31.38
C PRO D 294 -29.72 20.94 30.16
N THR D 295 -29.86 20.16 29.08
CA THR D 295 -28.90 20.21 28.00
C THR D 295 -29.51 20.76 26.73
N ILE D 296 -28.64 21.16 25.79
CA ILE D 296 -29.10 21.55 24.47
C ILE D 296 -29.80 20.38 23.79
N ASN D 297 -29.27 19.17 23.98
CA ASN D 297 -29.74 18.00 23.25
C ASN D 297 -31.04 17.44 23.82
N SER D 298 -31.32 17.67 25.10
CA SER D 298 -32.52 17.13 25.72
C SER D 298 -33.78 17.54 24.97
N PHE D 299 -33.74 18.67 24.28
CA PHE D 299 -34.90 19.22 23.60
C PHE D 299 -35.01 18.75 22.17
N LYS D 300 -34.02 18.01 21.68
CA LYS D 300 -34.12 17.27 20.43
C LYS D 300 -34.71 15.88 20.63
N ARG D 301 -34.76 15.39 21.87
CA ARG D 301 -35.49 14.18 22.19
C ARG D 301 -36.96 14.46 22.47
N LEU D 302 -37.26 15.60 23.08
CA LEU D 302 -38.64 15.98 23.38
C LEU D 302 -39.33 16.50 22.11
N VAL D 303 -39.30 15.66 21.08
CA VAL D 303 -40.06 15.84 19.86
C VAL D 303 -41.02 14.66 19.76
N PRO D 304 -42.11 14.77 19.02
CA PRO D 304 -43.08 13.69 18.99
C PRO D 304 -42.66 12.56 18.05
N GLY D 305 -43.18 11.37 18.35
CA GLY D 305 -43.03 10.21 17.49
C GLY D 305 -42.34 9.03 18.16
N TYR D 306 -41.45 9.31 19.11
CA TYR D 306 -40.56 8.29 19.66
C TYR D 306 -40.86 8.04 21.14
N GLU D 307 -42.15 7.99 21.46
CA GLU D 307 -42.62 7.65 22.80
C GLU D 307 -42.07 8.64 23.83
N ALA D 308 -41.86 9.87 23.39
CA ALA D 308 -41.29 10.92 24.20
C ALA D 308 -42.31 12.04 24.43
N PRO D 309 -42.28 12.68 25.60
CA PRO D 309 -43.30 13.67 25.93
C PRO D 309 -43.04 14.98 25.18
N CYS D 310 -44.04 15.42 24.42
CA CYS D 310 -43.96 16.62 23.61
C CYS D 310 -44.90 17.72 24.06
N TYR D 311 -45.81 17.44 25.00
CA TYR D 311 -46.84 18.39 25.41
C TYR D 311 -47.05 18.25 26.91
N ILE D 312 -47.78 19.20 27.50
CA ILE D 312 -48.08 19.18 28.92
C ILE D 312 -49.50 18.65 29.09
N ALA D 313 -49.62 17.41 29.55
CA ALA D 313 -50.91 16.76 29.77
C ALA D 313 -50.64 15.45 30.49
N TRP D 314 -51.69 14.64 30.66
CA TRP D 314 -51.56 13.34 31.29
C TRP D 314 -52.64 12.41 30.75
N SER D 315 -52.46 11.13 31.02
CA SER D 315 -53.36 10.07 30.57
C SER D 315 -52.91 8.76 31.19
N GLY D 316 -53.83 7.80 31.26
CA GLY D 316 -53.53 6.50 31.84
C GLY D 316 -53.07 5.52 30.77
N LYS D 317 -52.16 4.63 31.17
CA LYS D 317 -51.56 3.58 30.32
C LYS D 317 -51.23 4.09 28.92
N ASN D 318 -50.86 5.37 28.83
CA ASN D 318 -50.63 6.08 27.58
C ASN D 318 -49.28 6.78 27.64
N ARG D 319 -48.44 6.53 26.64
CA ARG D 319 -47.06 6.99 26.67
C ARG D 319 -46.81 8.29 25.90
N SER D 320 -47.75 8.70 25.05
CA SER D 320 -47.64 10.00 24.38
C SER D 320 -47.71 11.18 25.35
N PRO D 321 -48.46 11.17 26.45
CA PRO D 321 -48.55 12.37 27.29
C PRO D 321 -47.29 12.59 28.14
N LEU D 322 -47.34 13.65 28.95
CA LEU D 322 -46.23 13.97 29.85
C LEU D 322 -46.27 13.10 31.09
N VAL D 323 -47.44 12.93 31.69
CA VAL D 323 -47.62 12.05 32.84
C VAL D 323 -48.51 10.90 32.41
N ARG D 324 -47.91 9.73 32.18
CA ARG D 324 -48.66 8.50 32.17
C ARG D 324 -48.98 8.10 33.59
N VAL D 325 -50.13 7.46 33.79
CA VAL D 325 -50.46 6.80 35.04
C VAL D 325 -50.59 5.31 34.76
N PRO D 326 -49.78 4.47 35.38
CA PRO D 326 -49.79 3.04 35.07
C PRO D 326 -51.02 2.33 35.63
N SER D 327 -51.46 1.32 34.88
CA SER D 327 -52.72 0.63 35.21
C SER D 327 -52.62 -0.09 36.55
N SER D 328 -51.58 -0.91 36.73
CA SER D 328 -51.41 -1.64 37.98
C SER D 328 -51.16 -0.66 39.13
N ARG D 329 -52.08 -0.59 40.09
CA ARG D 329 -51.98 0.39 41.15
C ARG D 329 -51.57 -0.24 42.47
N GLY D 330 -52.39 -1.10 43.06
CA GLY D 330 -52.16 -1.57 44.42
C GLY D 330 -51.57 -0.48 45.30
N LEU D 331 -50.55 -0.83 46.05
CA LEU D 331 -49.72 0.17 46.72
C LEU D 331 -48.64 0.73 45.81
N SER D 332 -48.40 0.08 44.67
CA SER D 332 -47.53 0.60 43.62
C SER D 332 -48.22 1.67 42.78
N THR D 333 -49.34 2.21 43.25
CA THR D 333 -49.99 3.35 42.62
C THR D 333 -48.99 4.48 42.43
N ARG D 334 -48.86 4.95 41.20
CA ARG D 334 -47.79 5.86 40.84
C ARG D 334 -48.26 6.81 39.75
N LEU D 335 -47.51 7.88 39.56
CA LEU D 335 -47.69 8.80 38.44
C LEU D 335 -46.34 9.01 37.77
N GLU D 336 -46.27 8.67 36.49
CA GLU D 336 -45.00 8.59 35.74
C GLU D 336 -44.87 9.80 34.82
N LEU D 337 -44.21 10.85 35.32
CA LEU D 337 -43.67 11.88 34.44
C LEU D 337 -42.52 11.28 33.64
N ARG D 338 -42.57 11.43 32.31
CA ARG D 338 -41.60 10.78 31.45
C ARG D 338 -40.71 11.77 30.69
N SER D 339 -40.67 13.03 31.13
CA SER D 339 -39.94 14.07 30.44
C SER D 339 -38.54 14.28 31.00
N VAL D 340 -38.07 13.39 31.86
CA VAL D 340 -36.74 13.49 32.46
C VAL D 340 -35.82 12.53 31.72
N ASP D 341 -34.73 13.05 31.17
CA ASP D 341 -33.76 12.14 30.55
C ASP D 341 -32.52 12.04 31.42
N PRO D 342 -31.72 10.97 31.25
CA PRO D 342 -30.63 10.72 32.21
C PRO D 342 -29.45 11.64 32.03
N SER D 343 -29.73 12.93 31.89
CA SER D 343 -28.76 13.99 32.04
C SER D 343 -29.00 14.82 33.28
N ALA D 344 -30.23 14.83 33.78
CA ALA D 344 -30.64 15.70 34.87
C ALA D 344 -29.96 15.29 36.17
N ASN D 345 -30.22 16.10 37.19
CA ASN D 345 -29.62 15.95 38.50
C ASN D 345 -30.66 15.38 39.44
N PRO D 346 -30.55 14.10 39.83
CA PRO D 346 -31.61 13.50 40.65
C PRO D 346 -31.76 14.15 42.01
N TYR D 347 -30.72 14.82 42.52
CA TYR D 347 -30.83 15.63 43.72
C TYR D 347 -31.53 16.96 43.48
N LEU D 348 -31.73 17.34 42.22
CA LEU D 348 -32.44 18.56 41.86
C LEU D 348 -33.83 18.29 41.30
N ALA D 349 -33.94 17.30 40.40
CA ALA D 349 -35.24 17.00 39.79
C ALA D 349 -36.27 16.65 40.85
N MET D 350 -35.89 15.77 41.80
CA MET D 350 -36.74 15.50 42.95
C MET D 350 -37.10 16.79 43.68
N ALA D 351 -36.07 17.53 44.11
CA ALA D 351 -36.27 18.72 44.93
C ALA D 351 -37.20 19.73 44.25
N VAL D 352 -37.23 19.73 42.93
CA VAL D 352 -38.08 20.64 42.18
C VAL D 352 -39.48 20.09 41.98
N LEU D 353 -39.60 18.77 41.81
CA LEU D 353 -40.90 18.17 41.55
C LEU D 353 -41.78 18.19 42.78
N LEU D 354 -41.24 17.70 43.91
CA LEU D 354 -41.98 17.76 45.16
C LEU D 354 -42.46 19.17 45.45
N LYS D 355 -41.54 20.14 45.43
CA LYS D 355 -41.90 21.54 45.66
C LYS D 355 -43.01 21.97 44.71
N ALA D 356 -42.80 21.77 43.41
CA ALA D 356 -43.85 22.06 42.44
C ALA D 356 -45.09 21.23 42.75
N GLY D 357 -44.91 19.93 43.00
CA GLY D 357 -46.04 19.03 43.12
C GLY D 357 -46.83 19.18 44.41
N LEU D 358 -46.20 19.62 45.49
CA LEU D 358 -46.95 19.99 46.68
C LEU D 358 -47.30 21.47 46.69
N SER D 359 -46.98 22.19 45.61
CA SER D 359 -47.57 23.50 45.39
C SER D 359 -48.99 23.40 44.84
N GLY D 360 -49.43 22.21 44.43
CA GLY D 360 -50.79 21.96 44.04
C GLY D 360 -51.62 21.31 45.11
N ILE D 361 -51.06 21.08 46.30
CA ILE D 361 -51.79 20.49 47.42
C ILE D 361 -51.95 21.47 48.57
N LYS D 362 -50.86 22.18 48.94
CA LYS D 362 -51.03 23.30 49.84
C LYS D 362 -51.87 24.41 49.23
N ASP D 363 -52.12 24.35 47.92
CA ASP D 363 -52.86 25.38 47.19
C ASP D 363 -54.22 24.91 46.73
N GLU D 364 -54.43 23.60 46.60
CA GLU D 364 -55.71 23.03 46.15
C GLU D 364 -56.01 23.44 44.71
N LEU D 365 -55.02 23.26 43.84
CA LEU D 365 -55.21 23.46 42.41
C LEU D 365 -56.10 22.36 41.83
N THR D 366 -56.69 22.65 40.67
CA THR D 366 -57.48 21.65 39.97
C THR D 366 -56.82 21.26 38.66
N PRO D 367 -56.66 19.96 38.38
CA PRO D 367 -55.83 19.54 37.25
C PRO D 367 -56.63 19.41 35.96
N PRO D 368 -55.95 19.50 34.80
CA PRO D 368 -56.64 19.53 33.51
C PRO D 368 -57.30 18.21 33.12
N ALA D 369 -57.84 18.18 31.90
CA ALA D 369 -58.53 17.01 31.38
C ALA D 369 -57.53 15.93 30.98
N PRO D 370 -57.74 14.68 31.37
CA PRO D 370 -56.97 13.58 30.77
C PRO D 370 -57.26 13.48 29.28
N VAL D 371 -56.21 13.56 28.48
CA VAL D 371 -56.31 13.44 27.04
C VAL D 371 -55.93 12.00 26.70
N ASP D 372 -56.93 11.11 26.68
CA ASP D 372 -56.69 9.69 26.49
C ASP D 372 -56.67 9.34 25.00
N ARG D 373 -55.67 9.92 24.33
CA ARG D 373 -55.39 9.65 22.94
C ARG D 373 -53.90 9.85 22.73
N ASN D 374 -53.37 9.33 21.63
CA ASN D 374 -51.98 9.60 21.28
C ASN D 374 -51.91 11.06 20.86
N ILE D 375 -51.40 11.90 21.77
CA ILE D 375 -51.46 13.34 21.58
C ILE D 375 -50.77 13.80 20.31
N TYR D 376 -49.81 13.02 19.82
CA TYR D 376 -49.04 13.41 18.64
C TYR D 376 -49.95 13.72 17.46
N GLY D 377 -50.93 12.84 17.20
CA GLY D 377 -51.80 12.97 16.03
C GLY D 377 -52.71 14.18 16.06
N MET D 378 -52.75 14.92 17.17
CA MET D 378 -53.65 16.05 17.28
C MET D 378 -53.17 17.23 16.44
N ASN D 379 -54.10 17.90 15.77
CA ASN D 379 -53.77 19.13 15.07
C ASN D 379 -53.36 20.21 16.07
N GLU D 380 -52.72 21.27 15.54
CA GLU D 380 -52.06 22.26 16.40
C GLU D 380 -53.09 23.11 17.15
N GLU D 381 -53.90 23.87 16.43
CA GLU D 381 -54.95 24.61 17.12
C GLU D 381 -56.03 23.70 17.67
N GLU D 382 -56.06 22.43 17.25
CA GLU D 382 -56.98 21.47 17.85
C GLU D 382 -56.62 21.21 19.31
N ARG D 383 -55.34 20.92 19.57
CA ARG D 383 -54.92 20.78 20.96
C ARG D 383 -55.00 22.12 21.67
N GLU D 384 -54.86 23.24 20.93
CA GLU D 384 -55.03 24.55 21.53
C GLU D 384 -56.49 24.81 21.90
N ALA D 385 -57.42 24.21 21.16
CA ALA D 385 -58.83 24.23 21.57
C ALA D 385 -59.01 23.46 22.87
N THR D 386 -58.32 22.32 22.99
CA THR D 386 -58.25 21.62 24.27
C THR D 386 -57.40 22.38 25.27
N GLY D 387 -56.60 23.35 24.83
CA GLY D 387 -55.87 24.22 25.73
C GLY D 387 -54.54 23.70 26.22
N ILE D 388 -54.20 22.45 25.89
CA ILE D 388 -52.91 21.91 26.29
C ILE D 388 -51.81 22.70 25.61
N TYR D 389 -50.92 23.29 26.41
CA TYR D 389 -49.80 24.04 25.87
C TYR D 389 -48.67 23.08 25.50
N ASP D 390 -47.68 23.60 24.80
CA ASP D 390 -46.56 22.79 24.36
C ASP D 390 -45.34 23.04 25.25
N LEU D 391 -44.47 22.05 25.33
CA LEU D 391 -43.27 22.14 26.16
C LEU D 391 -42.26 23.10 25.51
N PRO D 392 -41.28 23.58 26.27
CA PRO D 392 -40.29 24.50 25.71
C PRO D 392 -39.47 23.87 24.58
N GLU D 393 -39.33 24.61 23.50
CA GLU D 393 -38.64 24.10 22.32
C GLU D 393 -37.12 23.97 22.54
N SER D 394 -36.46 25.08 22.86
CA SER D 394 -35.01 25.06 23.08
C SER D 394 -34.67 25.45 24.52
N LEU D 395 -33.54 24.92 25.00
CA LEU D 395 -33.06 25.24 26.35
C LEU D 395 -33.01 26.74 26.59
N GLY D 396 -32.68 27.53 25.57
CA GLY D 396 -32.75 28.97 25.70
C GLY D 396 -34.14 29.46 26.05
N HIS D 397 -35.16 28.82 25.50
CA HIS D 397 -36.52 29.10 25.94
C HIS D 397 -36.86 28.40 27.25
N ALA D 398 -36.05 27.41 27.64
CA ALA D 398 -36.27 26.74 28.92
C ALA D 398 -35.64 27.50 30.07
N LEU D 399 -34.58 28.26 29.81
CA LEU D 399 -33.95 29.06 30.85
C LEU D 399 -34.77 30.31 31.16
N ILE D 400 -35.16 31.04 30.11
CA ILE D 400 -36.09 32.16 30.28
C ILE D 400 -37.31 31.71 31.07
N GLU D 401 -37.79 30.49 30.81
CA GLU D 401 -38.98 29.99 31.48
C GLU D 401 -38.72 29.71 32.96
N LEU D 402 -37.63 29.00 33.26
CA LEU D 402 -37.32 28.68 34.66
C LEU D 402 -37.26 29.93 35.51
N GLU D 403 -36.50 30.93 35.03
CA GLU D 403 -36.23 32.13 35.82
C GLU D 403 -37.52 32.75 36.35
N LYS D 404 -38.60 32.71 35.57
CA LYS D 404 -39.84 33.33 35.99
C LYS D 404 -40.46 32.58 37.15
N ASN D 405 -40.49 31.25 37.09
CA ASN D 405 -41.17 30.46 38.10
C ASN D 405 -40.44 30.57 39.43
N GLU D 406 -41.15 31.05 40.45
CA GLU D 406 -40.58 31.23 41.79
C GLU D 406 -40.64 29.95 42.62
N ILE D 407 -41.72 29.18 42.47
CA ILE D 407 -41.98 28.02 43.31
C ILE D 407 -40.81 27.05 43.25
N ILE D 408 -40.38 26.70 42.03
CA ILE D 408 -39.26 25.79 41.89
C ILE D 408 -37.93 26.50 42.07
N LYS D 409 -37.89 27.83 41.95
CA LYS D 409 -36.65 28.56 42.15
C LYS D 409 -36.21 28.51 43.62
N ASP D 410 -37.14 28.65 44.55
CA ASP D 410 -36.79 28.57 45.96
C ASP D 410 -36.93 27.17 46.53
N GLY D 411 -37.40 26.22 45.73
CA GLY D 411 -37.09 24.84 46.02
C GLY D 411 -35.74 24.44 45.48
N LEU D 412 -35.00 25.41 44.96
CA LEU D 412 -33.74 25.20 44.26
C LEU D 412 -32.56 25.88 44.92
N GLY D 413 -32.76 26.63 45.99
CA GLY D 413 -31.66 27.32 46.63
C GLY D 413 -31.27 28.58 45.87
N GLU D 414 -30.96 29.65 46.61
CA GLU D 414 -30.51 30.88 45.99
C GLU D 414 -29.20 30.67 45.24
N HIS D 415 -28.28 29.91 45.83
CA HIS D 415 -26.96 29.73 45.24
C HIS D 415 -27.03 28.88 43.97
N ILE D 416 -27.78 27.78 44.01
CA ILE D 416 -27.79 26.84 42.89
C ILE D 416 -28.39 27.48 41.65
N PHE D 417 -29.50 28.20 41.80
CA PHE D 417 -30.06 28.96 40.69
C PHE D 417 -29.07 29.98 40.15
N GLU D 418 -28.32 30.62 41.04
CA GLU D 418 -27.38 31.65 40.61
C GLU D 418 -26.23 31.06 39.81
N HIS D 419 -25.81 29.84 40.14
CA HIS D 419 -24.72 29.18 39.43
C HIS D 419 -25.20 28.30 38.28
N PHE D 420 -26.45 27.86 38.31
CA PHE D 420 -26.96 27.00 37.25
C PHE D 420 -27.24 27.80 35.98
N ILE D 421 -28.07 28.84 36.09
CA ILE D 421 -28.46 29.60 34.91
C ILE D 421 -27.27 30.31 34.26
N GLU D 422 -26.20 30.54 35.01
CA GLU D 422 -25.03 31.17 34.41
C GLU D 422 -24.24 30.18 33.57
N ALA D 423 -24.09 28.94 34.05
CA ALA D 423 -23.37 27.94 33.28
C ALA D 423 -24.18 27.48 32.06
N LYS D 424 -25.48 27.28 32.23
CA LYS D 424 -26.27 26.77 31.13
C LYS D 424 -26.52 27.82 30.05
N THR D 425 -26.29 29.11 30.34
CA THR D 425 -26.38 30.10 29.27
C THR D 425 -25.12 30.16 28.43
N ILE D 426 -23.94 29.90 29.01
CA ILE D 426 -22.74 29.79 28.20
C ILE D 426 -22.73 28.45 27.47
N GLU D 427 -23.09 27.37 28.17
CA GLU D 427 -23.35 26.11 27.49
C GLU D 427 -24.37 26.31 26.37
N CYS D 428 -25.36 27.16 26.61
CA CYS D 428 -26.27 27.56 25.54
C CYS D 428 -25.59 28.45 24.52
N ASP D 429 -24.47 29.09 24.86
CA ASP D 429 -23.94 30.13 23.97
C ASP D 429 -23.09 29.53 22.86
N MET D 430 -22.10 28.69 23.21
CA MET D 430 -21.27 28.01 22.21
C MET D 430 -22.14 27.46 21.10
N PHE D 431 -23.31 26.92 21.48
CA PHE D 431 -24.16 26.22 20.54
C PHE D 431 -24.77 27.17 19.53
N ARG D 432 -25.26 28.33 19.98
CA ARG D 432 -25.86 29.28 19.05
C ARG D 432 -24.81 30.08 18.28
N THR D 433 -23.55 30.07 18.71
CA THR D 433 -22.51 30.73 17.93
C THR D 433 -21.83 29.74 16.99
N ALA D 434 -21.29 28.65 17.53
CA ALA D 434 -20.58 27.67 16.72
C ALA D 434 -21.47 27.17 15.59
N VAL D 435 -20.89 27.04 14.41
CA VAL D 435 -21.60 26.47 13.27
C VAL D 435 -21.32 24.98 13.26
N HIS D 436 -22.30 24.26 12.95
CA HIS D 436 -22.22 22.84 12.77
C HIS D 436 -22.22 22.50 11.29
N PRO D 437 -21.65 21.37 10.87
CA PRO D 437 -21.60 21.06 9.43
C PRO D 437 -22.97 21.05 8.77
N TRP D 438 -24.06 21.00 9.53
CA TRP D 438 -25.39 21.18 8.98
C TRP D 438 -25.47 22.38 8.04
N GLU D 439 -25.13 23.55 8.57
CA GLU D 439 -25.27 24.78 7.80
C GLU D 439 -24.37 24.76 6.56
N ARG D 440 -23.17 24.19 6.68
CA ARG D 440 -22.31 24.02 5.50
C ARG D 440 -22.92 23.06 4.50
N GLU D 441 -23.59 22.01 4.99
CA GLU D 441 -24.27 21.08 4.10
C GLU D 441 -25.37 21.77 3.32
N GLN D 442 -26.13 22.65 3.98
CA GLN D 442 -27.41 23.12 3.49
C GLN D 442 -27.38 24.54 2.92
N TYR D 443 -26.22 25.21 2.92
CA TYR D 443 -26.17 26.56 2.39
C TYR D 443 -24.96 26.89 1.52
N LEU D 444 -23.89 26.10 1.56
CA LEU D 444 -22.61 26.55 1.00
C LEU D 444 -22.61 26.45 -0.53
N GLU D 445 -23.14 25.36 -1.08
CA GLU D 445 -23.04 25.10 -2.51
C GLU D 445 -24.30 25.57 -3.25
N ILE D 446 -25.29 26.06 -2.52
CA ILE D 446 -26.51 26.62 -3.09
C ILE D 446 -26.45 28.14 -3.13
N TYR D 447 -26.18 28.77 -2.00
CA TYR D 447 -25.99 30.22 -1.96
C TYR D 447 -24.56 30.57 -2.39
N LYS E 6 -49.72 -32.06 34.33
CA LYS E 6 -49.69 -30.61 34.42
C LYS E 6 -48.72 -30.16 35.50
N TYR E 7 -48.42 -28.86 35.50
CA TYR E 7 -47.42 -28.27 36.39
C TYR E 7 -48.09 -27.26 37.31
N THR E 8 -48.00 -27.50 38.62
CA THR E 8 -48.51 -26.56 39.60
C THR E 8 -47.49 -25.46 39.88
N LYS E 9 -47.97 -24.37 40.45
CA LYS E 9 -47.08 -23.29 40.84
C LYS E 9 -46.01 -23.75 41.84
N GLU E 10 -46.36 -24.72 42.68
CA GLU E 10 -45.46 -25.28 43.67
C GLU E 10 -44.37 -26.15 43.06
N ASP E 11 -44.46 -26.51 41.77
CA ASP E 11 -43.34 -27.16 41.11
C ASP E 11 -42.24 -26.16 40.78
N ILE E 12 -42.61 -25.01 40.19
CA ILE E 12 -41.61 -24.09 39.65
C ILE E 12 -40.64 -23.64 40.73
N PHE E 13 -41.14 -23.12 41.85
CA PHE E 13 -40.22 -22.78 42.94
C PHE E 13 -39.35 -23.97 43.29
N ARG E 14 -39.96 -25.14 43.45
CA ARG E 14 -39.20 -26.35 43.74
C ARG E 14 -38.08 -26.54 42.72
N PHE E 15 -38.40 -26.38 41.42
CA PHE E 15 -37.41 -26.61 40.38
C PHE E 15 -36.35 -25.52 40.35
N ALA E 16 -36.69 -24.30 40.75
CA ALA E 16 -35.71 -23.23 40.80
C ALA E 16 -34.66 -23.51 41.87
N ASP E 17 -35.10 -23.63 43.13
CA ASP E 17 -34.20 -24.00 44.21
C ASP E 17 -33.66 -25.42 44.03
N GLU E 18 -34.19 -26.18 43.09
CA GLU E 18 -33.65 -27.50 42.76
C GLU E 18 -32.52 -27.40 41.75
N GLN E 19 -32.81 -26.90 40.55
CA GLN E 19 -31.80 -26.83 39.50
C GLN E 19 -30.89 -25.61 39.64
N ASN E 20 -31.14 -24.78 40.64
CA ASN E 20 -30.31 -23.60 40.95
C ASN E 20 -30.27 -22.63 39.76
N VAL E 21 -31.45 -22.19 39.35
CA VAL E 21 -31.54 -21.18 38.30
C VAL E 21 -31.32 -19.80 38.91
N LYS E 22 -30.92 -18.85 38.07
CA LYS E 22 -30.54 -17.52 38.50
C LYS E 22 -31.41 -16.41 37.94
N PHE E 23 -31.95 -16.57 36.73
CA PHE E 23 -32.75 -15.53 36.10
C PHE E 23 -33.83 -16.18 35.25
N ILE E 24 -34.98 -15.51 35.13
CA ILE E 24 -36.16 -16.05 34.46
C ILE E 24 -36.50 -15.19 33.26
N ARG E 25 -36.85 -15.83 32.14
CA ARG E 25 -37.22 -15.16 30.90
C ARG E 25 -38.70 -15.42 30.58
N LEU E 26 -39.38 -14.39 30.11
CA LEU E 26 -40.79 -14.46 29.71
C LEU E 26 -40.87 -14.26 28.19
N GLN E 27 -40.84 -15.35 27.44
CA GLN E 27 -40.94 -15.28 26.00
C GLN E 27 -42.39 -15.31 25.56
N PHE E 28 -42.68 -14.57 24.49
CA PHE E 28 -43.89 -14.76 23.70
C PHE E 28 -43.51 -14.46 22.26
N THR E 29 -44.51 -14.28 21.39
CA THR E 29 -44.24 -14.12 19.97
C THR E 29 -45.10 -13.00 19.40
N ASP E 30 -44.49 -12.14 18.59
CA ASP E 30 -45.20 -11.00 18.01
C ASP E 30 -46.02 -11.45 16.81
N ILE E 31 -46.51 -10.49 16.03
CA ILE E 31 -47.43 -10.79 14.94
C ILE E 31 -46.73 -11.50 13.79
N LEU E 32 -45.44 -11.26 13.61
CA LEU E 32 -44.72 -11.69 12.43
C LEU E 32 -43.94 -12.98 12.64
N GLY E 33 -43.84 -13.45 13.89
CA GLY E 33 -43.19 -14.71 14.21
C GLY E 33 -41.97 -14.53 15.08
N ILE E 34 -41.87 -13.37 15.73
CA ILE E 34 -40.63 -12.88 16.29
C ILE E 34 -40.70 -13.10 17.79
N ILE E 35 -40.02 -14.13 18.28
CA ILE E 35 -39.99 -14.42 19.71
C ILE E 35 -39.28 -13.28 20.44
N LYS E 36 -40.00 -12.65 21.39
CA LYS E 36 -39.50 -11.50 22.15
C LYS E 36 -39.68 -11.76 23.64
N ASN E 37 -38.60 -11.60 24.41
CA ASN E 37 -38.64 -11.96 25.83
C ASN E 37 -38.03 -10.86 26.68
N VAL E 38 -37.99 -11.12 27.99
CA VAL E 38 -37.56 -10.16 29.01
C VAL E 38 -36.99 -10.96 30.17
N GLU E 39 -36.06 -10.36 30.91
CA GLU E 39 -35.36 -11.03 32.00
C GLU E 39 -35.76 -10.45 33.36
N ILE E 40 -35.90 -11.35 34.34
CA ILE E 40 -36.08 -10.98 35.74
C ILE E 40 -35.25 -11.91 36.61
N PRO E 41 -34.86 -11.45 37.80
CA PRO E 41 -34.16 -12.33 38.73
C PRO E 41 -35.09 -13.41 39.27
N VAL E 42 -34.48 -14.42 39.89
CA VAL E 42 -35.24 -15.36 40.70
C VAL E 42 -35.83 -14.72 41.93
N SER E 43 -35.43 -13.48 42.23
CA SER E 43 -36.08 -12.68 43.25
C SER E 43 -37.45 -12.20 42.79
N GLN E 44 -37.70 -12.17 41.49
CA GLN E 44 -39.01 -11.84 40.93
C GLN E 44 -39.88 -13.06 40.67
N LEU E 45 -39.38 -14.27 40.95
CA LEU E 45 -40.05 -15.48 40.49
C LEU E 45 -41.51 -15.53 40.91
N LYS E 46 -41.80 -15.20 42.17
CA LYS E 46 -43.18 -15.28 42.62
C LYS E 46 -44.04 -14.17 42.03
N LYS E 47 -43.46 -13.00 41.75
CA LYS E 47 -44.27 -11.87 41.28
C LYS E 47 -44.81 -12.13 39.88
N ALA E 48 -44.01 -12.75 39.02
CA ALA E 48 -44.48 -13.08 37.67
C ALA E 48 -45.56 -14.16 37.72
N LEU E 49 -45.42 -15.13 38.63
CA LEU E 49 -46.47 -16.13 38.79
C LEU E 49 -47.72 -15.56 39.41
N ASP E 50 -47.63 -14.39 40.03
CA ASP E 50 -48.83 -13.64 40.36
C ASP E 50 -49.36 -12.90 39.15
N ASN E 51 -48.68 -13.02 38.01
CA ASN E 51 -49.13 -12.43 36.75
C ASN E 51 -49.34 -10.92 36.88
N LYS E 52 -48.52 -10.31 37.73
CA LYS E 52 -48.54 -8.88 38.02
C LYS E 52 -47.30 -8.21 37.44
N ILE E 53 -46.92 -8.63 36.24
CA ILE E 53 -45.71 -8.15 35.57
C ILE E 53 -46.12 -7.74 34.16
N MET E 54 -45.86 -6.48 33.80
CA MET E 54 -46.42 -5.88 32.59
C MET E 54 -45.35 -5.16 31.78
N PHE E 55 -45.54 -5.16 30.46
CA PHE E 55 -44.62 -4.64 29.45
C PHE E 55 -45.33 -3.57 28.61
N ASP E 56 -44.59 -2.96 27.67
CA ASP E 56 -45.10 -1.87 26.84
C ASP E 56 -45.80 -2.47 25.62
N GLY E 57 -47.13 -2.35 25.58
CA GLY E 57 -47.90 -3.00 24.53
C GLY E 57 -47.73 -2.35 23.17
N SER E 58 -47.60 -1.03 23.13
CA SER E 58 -47.45 -0.36 21.85
C SER E 58 -46.14 -0.71 21.16
N SER E 59 -45.25 -1.43 21.82
CA SER E 59 -43.88 -1.58 21.37
C SER E 59 -43.58 -2.91 20.68
N ILE E 60 -44.53 -3.83 20.63
CA ILE E 60 -44.41 -5.07 19.88
C ILE E 60 -45.37 -4.95 18.69
N GLU E 61 -44.88 -5.32 17.50
CA GLU E 61 -45.60 -5.02 16.27
C GLU E 61 -46.90 -5.80 16.16
N GLY E 62 -47.99 -5.08 15.89
CA GLY E 62 -49.29 -5.66 15.66
C GLY E 62 -50.15 -5.88 16.88
N PHE E 63 -49.64 -5.55 18.07
CA PHE E 63 -50.40 -5.83 19.29
C PHE E 63 -51.45 -4.75 19.56
N VAL E 64 -51.01 -3.53 19.89
CA VAL E 64 -51.94 -2.49 20.28
C VAL E 64 -51.35 -1.10 20.03
N ARG E 65 -52.16 -0.06 20.21
CA ARG E 65 -51.71 1.32 20.08
C ARG E 65 -51.28 1.90 21.42
N ILE E 66 -50.77 3.13 21.38
CA ILE E 66 -50.03 3.70 22.51
C ILE E 66 -50.93 4.30 23.59
N GLU E 67 -52.21 4.52 23.30
CA GLU E 67 -53.10 5.02 24.33
C GLU E 67 -53.58 3.94 25.31
N GLU E 68 -53.47 2.66 24.95
CA GLU E 68 -53.68 1.59 25.91
C GLU E 68 -52.44 0.70 25.94
N SER E 69 -51.29 1.33 26.14
CA SER E 69 -50.00 0.66 26.15
C SER E 69 -49.96 -0.53 27.11
N ASP E 70 -50.19 -0.26 28.40
CA ASP E 70 -49.94 -1.24 29.47
C ASP E 70 -50.64 -2.58 29.21
N MET E 71 -49.88 -3.66 29.20
CA MET E 71 -50.41 -5.00 28.94
C MET E 71 -49.63 -6.04 29.73
N TYR E 72 -50.35 -7.00 30.32
CA TYR E 72 -49.83 -7.99 31.24
C TYR E 72 -49.28 -9.23 30.52
N LEU E 73 -48.47 -9.99 31.26
CA LEU E 73 -47.80 -11.21 30.80
C LEU E 73 -48.15 -12.36 31.73
N PHE E 74 -49.00 -13.29 31.31
CA PHE E 74 -49.32 -14.44 32.16
C PHE E 74 -48.57 -15.65 31.65
N PRO E 75 -47.71 -16.25 32.46
CA PRO E 75 -46.87 -17.35 31.97
C PRO E 75 -47.64 -18.64 31.82
N ASP E 76 -47.04 -19.58 31.11
CA ASP E 76 -47.57 -20.93 30.96
C ASP E 76 -46.56 -21.86 31.61
N LEU E 77 -46.87 -22.29 32.84
CA LEU E 77 -45.93 -23.05 33.66
C LEU E 77 -45.53 -24.37 33.01
N ASP E 78 -46.32 -24.88 32.06
CA ASP E 78 -45.97 -26.11 31.37
C ASP E 78 -44.77 -25.94 30.43
N THR E 79 -44.26 -24.73 30.27
CA THR E 79 -43.21 -24.44 29.28
C THR E 79 -41.82 -24.32 29.90
N TRP E 80 -41.70 -24.36 31.22
CA TRP E 80 -40.44 -24.14 31.93
C TRP E 80 -39.31 -25.00 31.38
N VAL E 81 -38.26 -24.34 30.88
CA VAL E 81 -37.04 -25.03 30.48
C VAL E 81 -35.81 -24.16 30.72
N VAL E 82 -34.85 -24.69 31.49
CA VAL E 82 -33.60 -23.99 31.76
C VAL E 82 -32.79 -23.91 30.47
N PHE E 83 -32.09 -22.79 30.28
CA PHE E 83 -31.25 -22.60 29.10
C PHE E 83 -29.86 -23.19 29.36
N PRO E 84 -29.44 -24.21 28.59
CA PRO E 84 -28.30 -25.05 29.00
C PRO E 84 -26.93 -24.61 28.52
N TRP E 85 -26.76 -23.36 28.05
CA TRP E 85 -25.43 -22.93 27.66
C TRP E 85 -24.63 -22.44 28.87
N THR E 86 -23.46 -21.86 28.57
CA THR E 86 -22.40 -21.72 29.56
C THR E 86 -22.79 -20.69 30.60
N ALA E 87 -23.77 -21.08 31.41
CA ALA E 87 -24.34 -20.23 32.44
C ALA E 87 -24.39 -21.05 33.73
N GLU E 88 -23.26 -21.16 34.41
CA GLU E 88 -23.26 -21.66 35.77
C GLU E 88 -23.83 -20.61 36.71
N LYS E 89 -23.29 -19.39 36.62
CA LYS E 89 -23.75 -18.24 37.39
C LYS E 89 -24.92 -17.52 36.72
N GLY E 90 -25.07 -17.66 35.42
CA GLY E 90 -26.18 -17.04 34.74
C GLY E 90 -27.21 -18.06 34.26
N LYS E 91 -27.32 -19.19 34.98
CA LYS E 91 -28.30 -20.21 34.61
C LYS E 91 -29.68 -19.58 34.48
N VAL E 92 -30.40 -19.97 33.43
CA VAL E 92 -31.61 -19.29 33.02
C VAL E 92 -32.79 -20.22 33.24
N ALA E 93 -34.00 -19.67 33.08
CA ALA E 93 -35.23 -20.44 33.10
C ALA E 93 -36.28 -19.62 32.36
N ARG E 94 -36.99 -20.24 31.42
CA ARG E 94 -37.93 -19.50 30.59
C ARG E 94 -39.34 -20.03 30.80
N MET E 95 -40.31 -19.25 30.32
CA MET E 95 -41.72 -19.62 30.35
C MET E 95 -42.41 -18.83 29.26
N ILE E 96 -43.05 -19.52 28.33
CA ILE E 96 -43.74 -18.82 27.25
C ILE E 96 -45.07 -18.29 27.74
N CYS E 97 -45.33 -17.01 27.50
CA CYS E 97 -46.39 -16.26 28.14
C CYS E 97 -47.62 -16.15 27.26
N ASP E 98 -48.79 -16.28 27.87
CA ASP E 98 -50.01 -15.80 27.27
C ASP E 98 -50.18 -14.32 27.65
N ILE E 99 -50.73 -13.54 26.72
CA ILE E 99 -50.81 -12.09 26.88
C ILE E 99 -52.22 -11.73 27.32
N TYR E 100 -52.34 -10.93 28.37
CA TYR E 100 -53.62 -10.37 28.78
C TYR E 100 -53.53 -8.85 28.95
N ASN E 101 -54.68 -8.29 29.24
CA ASN E 101 -55.16 -6.92 29.16
C ASN E 101 -54.93 -6.22 30.50
N PRO E 102 -55.34 -4.96 30.66
CA PRO E 102 -55.52 -4.38 31.99
C PRO E 102 -56.85 -4.72 32.66
N ASP E 103 -57.63 -5.63 32.09
CA ASP E 103 -58.82 -6.18 32.71
C ASP E 103 -58.81 -7.71 32.68
N MET E 104 -57.64 -8.29 32.46
CA MET E 104 -57.37 -9.71 32.63
C MET E 104 -58.02 -10.59 31.57
N THR E 105 -58.81 -10.03 30.67
CA THR E 105 -59.38 -10.83 29.58
C THR E 105 -58.31 -11.17 28.57
N PRO E 106 -58.29 -12.39 28.04
CA PRO E 106 -57.29 -12.73 27.00
C PRO E 106 -57.29 -11.73 25.86
N PHE E 107 -56.08 -11.36 25.43
CA PHE E 107 -55.95 -10.32 24.42
C PHE E 107 -56.23 -10.91 23.04
N ALA E 108 -57.10 -10.25 22.28
CA ALA E 108 -57.46 -10.74 20.96
C ALA E 108 -56.22 -10.93 20.09
N GLY E 109 -55.24 -10.04 20.23
CA GLY E 109 -54.06 -10.10 19.40
C GLY E 109 -53.07 -11.19 19.80
N ASP E 110 -53.11 -11.62 21.04
CA ASP E 110 -52.17 -12.65 21.46
C ASP E 110 -52.36 -13.89 20.58
N PRO E 111 -51.37 -14.29 19.78
CA PRO E 111 -51.57 -15.42 18.88
C PRO E 111 -51.54 -16.77 19.58
N ARG E 112 -50.91 -16.85 20.75
CA ARG E 112 -51.06 -18.02 21.60
C ARG E 112 -52.51 -18.22 22.01
N ALA E 113 -53.24 -17.14 22.24
CA ALA E 113 -54.67 -17.25 22.50
C ALA E 113 -55.42 -17.75 21.27
N ASN E 114 -55.09 -17.23 20.10
CA ASN E 114 -55.82 -17.57 18.88
C ASN E 114 -55.78 -19.07 18.61
N LEU E 115 -54.58 -19.66 18.62
CA LEU E 115 -54.44 -21.10 18.45
C LEU E 115 -55.37 -21.86 19.40
N LYS E 116 -55.21 -21.64 20.70
CA LYS E 116 -56.04 -22.32 21.69
C LYS E 116 -57.52 -22.08 21.42
N ARG E 117 -57.89 -20.85 21.04
CA ARG E 117 -59.29 -20.55 20.81
C ARG E 117 -59.88 -21.45 19.74
N VAL E 118 -59.20 -21.58 18.60
CA VAL E 118 -59.68 -22.46 17.54
C VAL E 118 -59.47 -23.92 17.91
N LEU E 119 -58.55 -24.22 18.83
CA LEU E 119 -58.40 -25.59 19.30
C LEU E 119 -59.68 -26.12 19.93
N LYS E 120 -60.49 -25.24 20.52
CA LYS E 120 -61.75 -25.64 21.11
C LYS E 120 -62.86 -25.82 20.08
N GLU E 121 -62.52 -25.74 18.80
CA GLU E 121 -63.44 -26.06 17.72
C GLU E 121 -63.28 -27.48 17.20
N MET E 122 -62.27 -28.21 17.68
CA MET E 122 -62.19 -29.65 17.48
C MET E 122 -62.58 -30.42 18.72
N GLU E 123 -62.62 -29.77 19.88
CA GLU E 123 -63.26 -30.33 21.06
C GLU E 123 -64.75 -30.53 20.83
N GLU E 124 -65.32 -29.91 19.79
CA GLU E 124 -66.71 -30.13 19.40
C GLU E 124 -66.83 -30.78 18.03
N LEU E 125 -65.75 -31.33 17.50
CA LEU E 125 -65.80 -32.31 16.42
C LEU E 125 -65.21 -33.64 16.88
N GLY E 126 -64.84 -33.74 18.15
CA GLY E 126 -64.44 -34.99 18.76
C GLY E 126 -63.02 -35.44 18.45
N PHE E 127 -62.02 -34.64 18.83
CA PHE E 127 -60.64 -35.01 18.56
C PHE E 127 -59.78 -34.65 19.77
N THR E 128 -58.92 -35.58 20.17
CA THR E 128 -58.14 -35.42 21.40
C THR E 128 -57.10 -34.31 21.25
N GLU E 129 -56.38 -34.28 20.14
CA GLU E 129 -55.21 -33.43 19.99
C GLU E 129 -55.12 -32.94 18.55
N PHE E 130 -54.14 -32.06 18.31
CA PHE E 130 -53.75 -31.60 16.97
C PHE E 130 -52.22 -31.66 16.90
N ASN E 131 -51.71 -32.82 16.52
CA ASN E 131 -50.26 -33.01 16.49
C ASN E 131 -49.68 -32.32 15.25
N LEU E 132 -48.43 -31.88 15.38
CA LEU E 132 -47.73 -31.23 14.27
C LEU E 132 -46.25 -31.57 14.32
N GLY E 133 -45.76 -32.22 13.27
CA GLY E 133 -44.34 -32.42 13.10
C GLY E 133 -43.79 -31.55 11.99
N PRO E 134 -43.11 -30.46 12.37
CA PRO E 134 -42.59 -29.53 11.36
C PRO E 134 -41.15 -29.82 10.96
N GLU E 135 -40.79 -29.45 9.73
CA GLU E 135 -39.42 -29.55 9.22
C GLU E 135 -38.87 -28.17 8.89
N PRO E 136 -38.42 -27.40 9.88
CA PRO E 136 -37.87 -26.08 9.54
C PRO E 136 -36.48 -26.15 8.96
N GLU E 137 -36.38 -26.00 7.64
CA GLU E 137 -35.10 -26.04 6.96
C GLU E 137 -34.46 -24.66 7.03
N PHE E 138 -33.17 -24.60 7.35
CA PHE E 138 -32.48 -23.32 7.48
C PHE E 138 -31.14 -23.34 6.76
N PHE E 139 -30.60 -22.14 6.54
CA PHE E 139 -29.32 -21.93 5.88
C PHE E 139 -28.27 -21.49 6.89
N LEU E 140 -27.01 -21.86 6.61
CA LEU E 140 -25.87 -21.45 7.41
C LEU E 140 -24.97 -20.52 6.61
N PHE E 141 -24.62 -19.37 7.19
CA PHE E 141 -23.76 -18.38 6.56
C PHE E 141 -22.56 -18.11 7.45
N LYS E 142 -21.42 -17.84 6.81
CA LYS E 142 -20.24 -17.43 7.56
C LYS E 142 -20.47 -16.05 8.18
N LEU E 143 -19.54 -15.65 9.05
CA LEU E 143 -19.56 -14.35 9.68
C LEU E 143 -18.22 -13.66 9.43
N ASP E 144 -18.25 -12.34 9.33
CA ASP E 144 -17.04 -11.58 9.02
C ASP E 144 -16.19 -11.39 10.27
N GLU E 145 -15.13 -10.58 10.17
CA GLU E 145 -14.33 -10.28 11.34
C GLU E 145 -15.13 -9.55 12.41
N ASN E 146 -16.09 -8.71 12.00
CA ASN E 146 -16.94 -7.96 12.92
C ASN E 146 -18.34 -8.57 13.01
N ARG E 147 -18.43 -9.89 12.94
CA ARG E 147 -19.62 -10.65 13.32
C ARG E 147 -20.88 -10.13 12.63
N ARG E 148 -20.72 -9.68 11.40
CA ARG E 148 -21.89 -9.32 10.62
C ARG E 148 -22.12 -10.36 9.53
N PRO E 149 -23.36 -10.68 9.22
CA PRO E 149 -23.63 -11.77 8.26
C PRO E 149 -23.05 -11.48 6.89
N THR E 150 -22.21 -12.39 6.41
CA THR E 150 -21.65 -12.29 5.07
C THR E 150 -22.66 -12.81 4.05
N LEU E 151 -22.20 -13.09 2.83
CA LEU E 151 -23.05 -13.79 1.87
C LEU E 151 -22.38 -15.08 1.38
N GLU E 152 -21.45 -15.64 2.16
CA GLU E 152 -20.94 -16.97 1.91
C GLU E 152 -21.55 -17.96 2.89
N LEU E 153 -21.64 -19.21 2.46
CA LEU E 153 -22.18 -20.30 3.27
C LEU E 153 -21.04 -21.29 3.55
N ASN E 154 -21.16 -21.99 4.69
CA ASN E 154 -20.00 -22.70 5.22
C ASN E 154 -19.52 -23.77 4.25
N ASP E 155 -20.44 -24.52 3.66
CA ASP E 155 -20.03 -25.64 2.82
C ASP E 155 -20.76 -25.60 1.47
N SER E 156 -20.29 -26.43 0.54
CA SER E 156 -20.86 -26.58 -0.79
C SER E 156 -21.33 -28.01 -1.03
N GLY E 157 -22.04 -28.57 -0.03
CA GLY E 157 -22.57 -29.91 -0.14
C GLY E 157 -24.00 -29.96 -0.65
N GLY E 158 -24.48 -31.18 -0.89
CA GLY E 158 -25.82 -31.41 -1.38
C GLY E 158 -26.69 -32.18 -0.41
N TYR E 159 -27.68 -32.91 -0.94
CA TYR E 159 -28.56 -33.70 -0.09
C TYR E 159 -27.78 -34.87 0.52
N PHE E 160 -27.78 -34.93 1.86
CA PHE E 160 -27.28 -36.08 2.60
C PHE E 160 -25.76 -36.25 2.50
N ASP E 161 -25.02 -35.15 2.29
CA ASP E 161 -23.60 -35.30 1.98
C ASP E 161 -22.78 -35.52 3.25
N LEU E 162 -21.50 -35.85 3.08
CA LEU E 162 -20.65 -36.29 4.16
C LEU E 162 -19.40 -35.43 4.34
N ALA E 163 -18.92 -35.40 5.58
CA ALA E 163 -17.64 -34.78 5.88
C ALA E 163 -16.53 -35.47 5.08
N PRO E 164 -15.58 -34.72 4.51
CA PRO E 164 -15.36 -33.27 4.69
C PRO E 164 -16.02 -32.38 3.64
N THR E 165 -17.32 -32.55 3.37
CA THR E 165 -18.01 -31.64 2.47
C THR E 165 -19.33 -31.18 3.06
N ASP E 166 -19.42 -31.13 4.40
CA ASP E 166 -20.57 -30.54 5.08
C ASP E 166 -20.01 -29.91 6.36
N LEU E 167 -19.65 -28.63 6.25
CA LEU E 167 -18.90 -27.98 7.33
C LEU E 167 -19.70 -27.99 8.63
N GLY E 168 -21.02 -27.82 8.54
CA GLY E 168 -21.85 -27.79 9.72
C GLY E 168 -22.15 -29.16 10.31
N GLU E 169 -21.12 -29.97 10.50
CA GLU E 169 -21.29 -31.29 11.10
C GLU E 169 -20.93 -31.32 12.58
N ASN E 170 -20.07 -30.41 13.04
CA ASN E 170 -19.99 -30.13 14.47
C ASN E 170 -21.07 -29.15 14.90
N CYS E 171 -21.60 -28.37 13.95
CA CYS E 171 -22.62 -27.39 14.25
C CYS E 171 -23.92 -28.08 14.63
N ARG E 172 -24.50 -28.86 13.70
CA ARG E 172 -25.75 -29.53 14.00
C ARG E 172 -25.61 -30.49 15.17
N ARG E 173 -24.45 -31.16 15.26
CA ARG E 173 -24.16 -31.97 16.45
C ARG E 173 -24.39 -31.16 17.71
N ASP E 174 -23.81 -29.95 17.78
CA ASP E 174 -23.99 -29.10 18.95
C ASP E 174 -25.37 -28.48 19.02
N ILE E 175 -26.07 -28.36 17.89
CA ILE E 175 -27.46 -27.92 17.94
C ILE E 175 -28.34 -29.01 18.55
N VAL E 176 -28.17 -30.24 18.08
CA VAL E 176 -29.08 -31.31 18.49
C VAL E 176 -28.90 -31.62 19.97
N LEU E 177 -27.67 -31.71 20.45
CA LEU E 177 -27.43 -32.06 21.85
C LEU E 177 -28.10 -31.08 22.80
N GLU E 178 -27.89 -29.78 22.57
CA GLU E 178 -28.51 -28.77 23.42
C GLU E 178 -30.03 -28.90 23.44
N LEU E 179 -30.63 -29.24 22.30
CA LEU E 179 -32.07 -29.47 22.27
C LEU E 179 -32.45 -30.68 23.12
N GLU E 180 -31.72 -31.79 22.99
CA GLU E 180 -32.01 -32.97 23.80
C GLU E 180 -32.00 -32.67 25.30
N GLU E 181 -31.36 -31.59 25.73
CA GLU E 181 -31.45 -31.17 27.13
C GLU E 181 -32.73 -30.41 27.43
N MET E 182 -33.35 -29.80 26.43
CA MET E 182 -34.50 -28.94 26.64
C MET E 182 -35.82 -29.67 26.49
N GLY E 183 -35.84 -30.97 26.79
CA GLY E 183 -37.05 -31.74 26.73
C GLY E 183 -37.43 -32.21 25.34
N PHE E 184 -36.55 -32.06 24.37
CA PHE E 184 -36.82 -32.51 23.01
C PHE E 184 -36.45 -33.98 22.85
N GLU E 185 -37.10 -34.61 21.87
CA GLU E 185 -36.75 -35.93 21.37
C GLU E 185 -36.48 -35.77 19.88
N ILE E 186 -35.23 -35.98 19.48
CA ILE E 186 -34.75 -35.59 18.16
C ILE E 186 -34.79 -36.80 17.24
N GLU E 187 -35.30 -36.58 16.02
CA GLU E 187 -35.41 -37.65 15.03
C GLU E 187 -34.15 -37.77 14.17
N ALA E 188 -33.67 -36.67 13.62
CA ALA E 188 -32.50 -36.73 12.74
C ALA E 188 -31.93 -35.34 12.54
N SER E 189 -30.75 -35.30 11.90
CA SER E 189 -30.04 -34.06 11.62
C SER E 189 -29.18 -34.29 10.38
N HIS E 190 -29.39 -33.48 9.33
CA HIS E 190 -28.70 -33.74 8.07
C HIS E 190 -28.66 -32.47 7.22
N HIS E 191 -28.18 -32.65 5.98
CA HIS E 191 -28.02 -31.60 4.97
C HIS E 191 -29.14 -31.71 3.95
N GLU E 192 -29.65 -30.57 3.50
CA GLU E 192 -30.75 -30.53 2.55
C GLU E 192 -30.22 -30.31 1.12
N VAL E 193 -31.13 -29.98 0.20
CA VAL E 193 -30.85 -29.99 -1.24
C VAL E 193 -29.70 -29.05 -1.58
N ALA E 194 -29.85 -27.77 -1.26
CA ALA E 194 -28.98 -26.68 -1.68
C ALA E 194 -27.79 -26.55 -0.73
N PRO E 195 -26.70 -25.90 -1.19
CA PRO E 195 -25.51 -25.81 -0.33
C PRO E 195 -25.76 -24.95 0.89
N GLY E 196 -25.20 -25.38 2.02
CA GLY E 196 -25.38 -24.65 3.27
C GLY E 196 -26.78 -24.64 3.80
N GLN E 197 -27.62 -25.57 3.38
CA GLN E 197 -28.97 -25.73 3.91
C GLN E 197 -28.97 -26.88 4.90
N HIS E 198 -29.90 -26.85 5.85
CA HIS E 198 -29.88 -27.85 6.92
C HIS E 198 -31.29 -28.14 7.40
N GLU E 199 -31.61 -29.43 7.50
CA GLU E 199 -32.86 -29.90 8.07
C GLU E 199 -32.57 -30.59 9.39
N ILE E 200 -33.25 -30.16 10.44
CA ILE E 200 -33.27 -30.86 11.73
C ILE E 200 -34.73 -31.10 12.08
N ASP E 201 -35.07 -32.35 12.41
CA ASP E 201 -36.45 -32.76 12.61
C ASP E 201 -36.67 -33.23 14.04
N PHE E 202 -37.89 -33.05 14.54
CA PHE E 202 -38.24 -33.49 15.89
C PHE E 202 -39.66 -34.07 15.89
N LYS E 203 -39.89 -35.00 16.81
CA LYS E 203 -41.18 -35.71 16.88
C LYS E 203 -42.32 -34.71 17.07
N TYR E 204 -43.47 -35.07 16.51
CA TYR E 204 -44.65 -34.21 16.54
C TYR E 204 -45.08 -33.89 17.97
N GLU E 205 -45.92 -32.87 18.10
CA GLU E 205 -46.48 -32.47 19.38
C GLU E 205 -47.74 -31.67 19.12
N ASP E 206 -48.55 -31.54 20.16
CA ASP E 206 -49.72 -30.66 20.06
C ASP E 206 -49.28 -29.26 19.69
N ALA E 207 -50.18 -28.52 19.04
CA ALA E 207 -49.80 -27.26 18.40
C ALA E 207 -49.18 -26.30 19.41
N ILE E 208 -49.90 -25.98 20.49
CA ILE E 208 -49.44 -24.99 21.45
C ILE E 208 -48.19 -25.47 22.18
N THR E 209 -47.74 -26.68 21.89
CA THR E 209 -46.50 -27.22 22.44
C THR E 209 -45.50 -27.63 21.38
N ALA E 210 -45.95 -28.05 20.19
CA ALA E 210 -45.02 -28.19 19.08
C ALA E 210 -44.54 -26.82 18.60
N CYS E 211 -45.43 -25.83 18.63
CA CYS E 211 -45.05 -24.48 18.22
C CYS E 211 -44.18 -23.81 19.27
N ASP E 212 -44.38 -24.16 20.55
CA ASP E 212 -43.42 -23.74 21.58
C ASP E 212 -42.09 -24.44 21.42
N SER E 213 -42.11 -25.65 20.84
CA SER E 213 -40.90 -26.34 20.43
C SER E 213 -40.37 -25.86 19.08
N ILE E 214 -41.01 -24.85 18.50
CA ILE E 214 -40.56 -24.23 17.25
C ILE E 214 -39.94 -22.86 17.51
N GLN E 215 -40.67 -21.99 18.22
CA GLN E 215 -40.09 -20.74 18.67
C GLN E 215 -38.81 -20.99 19.46
N THR E 216 -38.81 -22.07 20.25
CA THR E 216 -37.58 -22.48 20.93
C THR E 216 -36.52 -22.95 19.95
N PHE E 217 -36.94 -23.51 18.82
CA PHE E 217 -36.00 -24.12 17.88
C PHE E 217 -35.14 -23.06 17.19
N LYS E 218 -35.79 -22.04 16.60
CA LYS E 218 -35.04 -21.04 15.86
C LYS E 218 -34.00 -20.36 16.73
N LEU E 219 -34.38 -19.95 17.93
CA LEU E 219 -33.44 -19.36 18.87
C LEU E 219 -32.22 -20.25 19.10
N VAL E 220 -32.45 -21.51 19.47
CA VAL E 220 -31.33 -22.39 19.84
C VAL E 220 -30.61 -22.96 18.63
N VAL E 221 -31.03 -22.62 17.41
CA VAL E 221 -30.15 -22.71 16.26
C VAL E 221 -29.54 -21.35 15.94
N LYS E 222 -30.30 -20.27 16.13
CA LYS E 222 -29.73 -18.93 15.92
C LYS E 222 -28.52 -18.69 16.81
N THR E 223 -28.57 -19.16 18.06
CA THR E 223 -27.49 -18.89 18.99
C THR E 223 -26.39 -19.94 18.97
N ILE E 224 -26.75 -21.23 18.98
CA ILE E 224 -25.71 -22.26 19.00
C ILE E 224 -24.93 -22.25 17.68
N ALA E 225 -25.58 -21.90 16.57
CA ALA E 225 -24.84 -21.75 15.32
C ALA E 225 -23.93 -20.53 15.37
N ARG E 226 -24.38 -19.47 16.03
CA ARG E 226 -23.52 -18.31 16.19
C ARG E 226 -22.45 -18.55 17.25
N LYS E 227 -22.46 -19.72 17.90
CA LYS E 227 -21.35 -20.10 18.76
C LYS E 227 -20.27 -20.86 18.01
N HIS E 228 -20.62 -21.48 16.88
CA HIS E 228 -19.63 -21.95 15.93
C HIS E 228 -19.24 -20.87 14.93
N GLY E 229 -19.65 -19.63 15.17
CA GLY E 229 -19.25 -18.53 14.32
C GLY E 229 -19.92 -18.48 12.97
N LEU E 230 -21.23 -18.76 12.93
CA LEU E 230 -22.00 -18.69 11.69
C LEU E 230 -23.40 -18.17 12.02
N HIS E 231 -23.89 -17.20 11.25
CA HIS E 231 -25.24 -16.68 11.44
C HIS E 231 -26.22 -17.49 10.62
N ALA E 232 -27.32 -17.88 11.26
CA ALA E 232 -28.30 -18.76 10.65
C ALA E 232 -29.55 -17.99 10.26
N THR E 233 -30.15 -18.36 9.14
CA THR E 233 -31.33 -17.68 8.64
C THR E 233 -32.50 -18.63 8.50
N PHE E 234 -33.69 -18.08 8.64
CA PHE E 234 -34.91 -18.70 8.17
C PHE E 234 -35.54 -17.79 7.13
N MET E 235 -34.71 -17.29 6.22
CA MET E 235 -35.16 -16.62 5.01
C MET E 235 -35.51 -17.68 3.96
N PRO E 236 -36.61 -17.51 3.25
CA PRO E 236 -37.12 -18.59 2.40
C PRO E 236 -36.21 -19.00 1.26
N LYS E 237 -35.90 -18.04 0.36
CA LYS E 237 -34.99 -18.25 -0.76
C LYS E 237 -33.96 -17.12 -0.74
N PRO E 238 -32.91 -17.26 0.08
CA PRO E 238 -31.89 -16.21 0.11
C PRO E 238 -31.03 -16.17 -1.14
N LEU E 239 -30.99 -17.23 -1.93
CA LEU E 239 -30.25 -17.26 -3.18
C LEU E 239 -31.21 -17.67 -4.28
N PHE E 240 -31.20 -16.94 -5.39
CA PHE E 240 -31.93 -17.37 -6.56
C PHE E 240 -31.33 -18.65 -7.11
N GLY E 241 -32.19 -19.54 -7.61
CA GLY E 241 -31.71 -20.71 -8.34
C GLY E 241 -31.29 -21.89 -7.51
N VAL E 242 -31.67 -21.94 -6.23
CA VAL E 242 -31.46 -23.12 -5.40
C VAL E 242 -32.65 -23.25 -4.45
N ASN E 243 -32.91 -24.48 -4.01
CA ASN E 243 -34.10 -24.77 -3.23
C ASN E 243 -34.27 -23.76 -2.12
N GLY E 244 -35.37 -23.02 -2.15
CA GLY E 244 -35.78 -22.29 -0.98
C GLY E 244 -36.10 -23.26 0.13
N SER E 245 -35.70 -22.90 1.35
CA SER E 245 -35.99 -23.76 2.49
C SER E 245 -37.43 -23.56 2.91
N GLY E 246 -38.24 -24.60 2.75
CA GLY E 246 -39.57 -24.61 3.32
C GLY E 246 -39.55 -25.17 4.72
N MET E 247 -40.72 -25.17 5.35
CA MET E 247 -40.89 -25.75 6.68
C MET E 247 -42.09 -26.68 6.62
N HIS E 248 -41.89 -27.90 6.12
CA HIS E 248 -42.99 -28.82 5.87
C HIS E 248 -43.81 -29.01 7.13
N PHE E 249 -45.13 -29.09 6.97
CA PHE E 249 -46.07 -29.15 8.07
C PHE E 249 -46.75 -30.52 8.10
N ASN E 250 -46.24 -31.41 8.95
CA ASN E 250 -46.82 -32.74 9.11
C ASN E 250 -47.72 -32.71 10.34
N MET E 251 -48.99 -33.06 10.15
CA MET E 251 -50.01 -32.91 11.18
C MET E 251 -50.88 -34.16 11.26
N SER E 252 -51.64 -34.25 12.35
CA SER E 252 -52.54 -35.38 12.60
C SER E 252 -53.49 -35.02 13.72
N LEU E 253 -54.74 -35.46 13.59
CA LEU E 253 -55.74 -35.35 14.64
C LEU E 253 -55.86 -36.68 15.36
N PHE E 254 -56.01 -36.64 16.68
CA PHE E 254 -55.98 -37.85 17.47
C PHE E 254 -57.30 -38.01 18.24
N ASN E 255 -57.73 -39.26 18.40
CA ASN E 255 -59.09 -39.60 18.86
C ASN E 255 -59.02 -40.76 19.85
N GLU E 256 -59.11 -40.44 21.15
CA GLU E 256 -59.04 -41.43 22.23
C GLU E 256 -57.94 -42.45 21.96
N LYS E 257 -56.72 -41.91 21.82
CA LYS E 257 -55.51 -42.67 21.48
C LYS E 257 -55.51 -43.15 20.02
N GLY E 258 -56.08 -42.36 19.11
CA GLY E 258 -56.20 -42.81 17.74
C GLY E 258 -55.81 -41.85 16.64
N ASN E 259 -54.98 -42.33 15.70
CA ASN E 259 -54.55 -41.57 14.54
C ASN E 259 -55.71 -41.42 13.55
N ALA E 260 -56.55 -40.39 13.74
CA ALA E 260 -57.87 -40.31 13.10
C ALA E 260 -57.81 -40.21 11.58
N PHE E 261 -56.63 -40.30 10.99
CA PHE E 261 -56.47 -40.37 9.54
C PHE E 261 -56.19 -41.79 9.06
N PHE E 262 -56.34 -42.79 9.91
CA PHE E 262 -55.82 -44.13 9.66
C PHE E 262 -56.95 -45.15 9.69
N ASP E 263 -57.31 -45.66 8.52
CA ASP E 263 -58.21 -46.81 8.39
C ASP E 263 -57.71 -47.60 7.19
N GLU E 264 -57.27 -48.85 7.41
CA GLU E 264 -56.53 -49.53 6.35
C GLU E 264 -57.44 -50.10 5.26
N SER E 265 -58.39 -49.30 4.77
CA SER E 265 -59.20 -49.70 3.63
C SER E 265 -59.14 -48.70 2.49
N GLY E 266 -59.43 -47.42 2.73
CA GLY E 266 -59.83 -46.56 1.63
C GLY E 266 -58.72 -46.08 0.71
N GLU E 267 -58.61 -46.77 -0.41
CA GLU E 267 -57.79 -46.44 -1.59
C GLU E 267 -56.29 -46.34 -1.32
N LEU E 268 -55.90 -46.09 -0.07
CA LEU E 268 -54.49 -46.00 0.27
C LEU E 268 -54.18 -46.39 1.72
N GLU E 269 -55.16 -46.89 2.47
CA GLU E 269 -55.12 -47.01 3.93
C GLU E 269 -55.29 -45.64 4.59
N LEU E 270 -56.07 -44.77 3.98
CA LEU E 270 -56.39 -43.46 4.53
C LEU E 270 -57.88 -43.39 4.89
N SER E 271 -58.18 -42.60 5.92
CA SER E 271 -59.52 -42.55 6.51
C SER E 271 -60.46 -41.63 5.73
N GLN E 272 -61.59 -41.28 6.35
CA GLN E 272 -62.51 -40.31 5.75
C GLN E 272 -62.47 -38.95 6.43
N THR E 273 -62.24 -38.87 7.74
CA THR E 273 -61.90 -37.58 8.33
C THR E 273 -60.66 -36.98 7.67
N ALA E 274 -59.86 -37.80 7.00
CA ALA E 274 -58.65 -37.37 6.31
C ALA E 274 -58.94 -37.00 4.85
N TYR E 275 -59.47 -37.97 4.08
CA TYR E 275 -59.81 -37.71 2.68
C TYR E 275 -60.62 -36.43 2.50
N HIS E 276 -61.35 -36.04 3.54
CA HIS E 276 -62.16 -34.84 3.58
C HIS E 276 -61.35 -33.59 3.94
N PHE E 277 -60.47 -33.74 4.93
CA PHE E 277 -59.54 -32.69 5.32
C PHE E 277 -58.89 -32.02 4.13
N LEU E 278 -58.47 -32.83 3.14
CA LEU E 278 -57.72 -32.29 2.01
C LEU E 278 -58.55 -31.27 1.23
N ALA E 279 -59.80 -31.62 0.92
CA ALA E 279 -60.65 -30.73 0.14
C ALA E 279 -60.86 -29.39 0.81
N GLY E 280 -60.72 -29.34 2.14
CA GLY E 280 -60.75 -28.07 2.85
C GLY E 280 -59.54 -27.22 2.53
N MET E 281 -58.35 -27.76 2.78
CA MET E 281 -57.13 -27.13 2.31
C MET E 281 -57.23 -26.80 0.83
N LEU E 282 -57.42 -27.83 0.00
CA LEU E 282 -57.50 -27.74 -1.45
C LEU E 282 -58.37 -26.58 -1.89
N LYS E 283 -59.53 -26.41 -1.26
CA LYS E 283 -60.42 -25.31 -1.61
C LYS E 283 -59.93 -23.99 -1.02
N HIS E 284 -59.55 -24.00 0.26
CA HIS E 284 -59.12 -22.80 0.97
C HIS E 284 -57.64 -22.51 0.81
N ALA E 285 -56.90 -23.29 0.01
CA ALA E 285 -55.46 -23.08 -0.09
C ALA E 285 -55.13 -21.76 -0.78
N ARG E 286 -55.94 -21.37 -1.77
CA ARG E 286 -55.85 -20.07 -2.39
C ARG E 286 -55.76 -18.96 -1.36
N GLY E 287 -56.57 -19.07 -0.31
CA GLY E 287 -56.76 -17.99 0.62
C GLY E 287 -55.97 -18.02 1.91
N TYR E 288 -55.02 -18.95 2.09
CA TYR E 288 -54.21 -18.95 3.31
C TYR E 288 -52.71 -18.88 3.04
N THR E 289 -52.30 -18.45 1.84
CA THR E 289 -50.87 -18.44 1.53
C THR E 289 -50.17 -17.17 2.01
N ALA E 290 -50.89 -16.10 2.31
CA ALA E 290 -50.26 -14.96 2.95
C ALA E 290 -50.00 -15.20 4.43
N VAL E 291 -50.54 -16.27 5.00
CA VAL E 291 -50.26 -16.62 6.39
C VAL E 291 -49.25 -17.75 6.47
N THR E 292 -49.43 -18.80 5.65
CA THR E 292 -48.42 -19.83 5.54
C THR E 292 -47.12 -19.29 4.98
N ASN E 293 -47.16 -18.19 4.24
CA ASN E 293 -45.99 -17.61 3.58
C ASN E 293 -46.07 -16.10 3.66
N PRO E 294 -45.90 -15.55 4.85
CA PRO E 294 -46.17 -14.10 5.08
C PRO E 294 -45.05 -13.17 4.64
N THR E 295 -44.48 -13.38 3.46
CA THR E 295 -43.36 -12.56 3.05
C THR E 295 -43.28 -12.50 1.54
N ILE E 296 -42.80 -11.35 1.03
CA ILE E 296 -42.57 -11.16 -0.40
C ILE E 296 -41.64 -12.24 -0.92
N ASN E 297 -40.66 -12.64 -0.11
CA ASN E 297 -39.57 -13.48 -0.59
C ASN E 297 -39.98 -14.93 -0.78
N SER E 298 -40.91 -15.44 0.04
CA SER E 298 -41.31 -16.84 -0.09
C SER E 298 -42.00 -17.11 -1.41
N PHE E 299 -42.62 -16.09 -2.01
CA PHE E 299 -43.13 -16.15 -3.38
C PHE E 299 -42.03 -16.28 -4.41
N LYS E 300 -40.77 -16.34 -3.98
CA LYS E 300 -39.68 -16.65 -4.90
C LYS E 300 -39.21 -18.09 -4.76
N ARG E 301 -39.43 -18.70 -3.59
CA ARG E 301 -39.39 -20.15 -3.49
C ARG E 301 -40.54 -20.78 -4.26
N LEU E 302 -41.63 -20.02 -4.46
CA LEU E 302 -42.86 -20.55 -5.04
C LEU E 302 -42.89 -20.40 -6.55
N VAL E 303 -41.73 -20.45 -7.18
CA VAL E 303 -41.59 -20.88 -8.58
C VAL E 303 -41.27 -22.37 -8.50
N PRO E 304 -41.43 -23.14 -9.56
CA PRO E 304 -41.23 -24.59 -9.48
C PRO E 304 -39.80 -25.00 -9.80
N GLY E 305 -39.52 -26.29 -9.59
CA GLY E 305 -38.26 -26.90 -9.93
C GLY E 305 -37.38 -27.23 -8.74
N TYR E 306 -37.58 -26.55 -7.61
CA TYR E 306 -36.76 -26.74 -6.42
C TYR E 306 -37.59 -27.34 -5.28
N GLU E 307 -38.46 -28.29 -5.63
CA GLU E 307 -39.18 -29.12 -4.67
C GLU E 307 -40.05 -28.29 -3.74
N ALA E 308 -40.66 -27.24 -4.29
CA ALA E 308 -41.59 -26.39 -3.56
C ALA E 308 -42.95 -26.44 -4.22
N PRO E 309 -44.02 -26.17 -3.47
CA PRO E 309 -45.36 -26.13 -4.08
C PRO E 309 -45.50 -24.95 -5.03
N CYS E 310 -46.17 -25.19 -6.15
CA CYS E 310 -46.46 -24.16 -7.13
C CYS E 310 -47.93 -24.08 -7.50
N TYR E 311 -48.62 -25.22 -7.62
CA TYR E 311 -50.06 -25.23 -7.90
C TYR E 311 -50.78 -26.05 -6.84
N ILE E 312 -52.09 -25.82 -6.76
CA ILE E 312 -52.90 -26.34 -5.66
C ILE E 312 -53.48 -27.67 -6.14
N ALA E 313 -52.72 -28.75 -5.92
CA ALA E 313 -53.16 -30.11 -6.19
C ALA E 313 -52.37 -31.03 -5.29
N TRP E 314 -52.79 -32.29 -5.22
CA TRP E 314 -52.20 -33.23 -4.27
C TRP E 314 -51.92 -34.57 -4.95
N SER E 315 -50.98 -35.32 -4.35
CA SER E 315 -50.56 -36.61 -4.87
C SER E 315 -49.88 -37.39 -3.74
N GLY E 316 -49.49 -38.62 -4.05
CA GLY E 316 -48.88 -39.51 -3.07
C GLY E 316 -47.42 -39.78 -3.39
N LYS E 317 -46.61 -39.90 -2.33
CA LYS E 317 -45.18 -40.19 -2.40
C LYS E 317 -44.39 -39.10 -3.14
N ASN E 318 -45.00 -37.93 -3.33
CA ASN E 318 -44.58 -37.01 -4.37
C ASN E 318 -44.33 -35.63 -3.77
N ARG E 319 -43.14 -35.07 -4.04
CA ARG E 319 -42.70 -33.84 -3.41
C ARG E 319 -42.94 -32.61 -4.27
N SER E 320 -43.49 -32.79 -5.45
CA SER E 320 -43.89 -31.70 -6.34
C SER E 320 -45.18 -31.00 -5.94
N PRO E 321 -46.21 -31.70 -5.40
CA PRO E 321 -47.49 -31.03 -5.16
C PRO E 321 -47.53 -30.18 -3.90
N LEU E 322 -48.74 -29.69 -3.59
CA LEU E 322 -48.94 -28.92 -2.37
C LEU E 322 -48.90 -29.84 -1.14
N VAL E 323 -49.56 -30.99 -1.22
CA VAL E 323 -49.66 -31.93 -0.12
C VAL E 323 -49.07 -33.26 -0.57
N ARG E 324 -48.00 -33.68 0.08
CA ARG E 324 -47.51 -35.04 -0.09
C ARG E 324 -47.99 -35.87 1.09
N VAL E 325 -48.11 -37.17 0.87
CA VAL E 325 -48.46 -38.13 1.91
C VAL E 325 -47.33 -39.13 2.06
N PRO E 326 -46.51 -39.02 3.11
CA PRO E 326 -45.45 -40.01 3.35
C PRO E 326 -45.97 -41.44 3.30
N SER E 327 -45.33 -42.25 2.46
CA SER E 327 -45.69 -43.66 2.31
C SER E 327 -45.88 -44.34 3.66
N SER E 328 -44.92 -44.17 4.57
CA SER E 328 -45.07 -44.75 5.91
C SER E 328 -46.32 -44.22 6.58
N ARG E 329 -47.10 -45.15 7.13
CA ARG E 329 -48.39 -44.82 7.70
C ARG E 329 -48.51 -45.48 9.07
N GLY E 330 -49.72 -45.53 9.62
CA GLY E 330 -49.93 -46.01 10.98
C GLY E 330 -50.00 -44.83 11.95
N LEU E 331 -49.17 -44.87 12.99
CA LEU E 331 -48.95 -43.67 13.77
C LEU E 331 -48.15 -42.66 12.98
N SER E 332 -47.32 -43.14 12.05
CA SER E 332 -46.52 -42.31 11.17
C SER E 332 -47.34 -41.74 10.01
N THR E 333 -48.67 -41.85 10.07
CA THR E 333 -49.55 -41.38 9.00
C THR E 333 -49.73 -39.87 9.13
N ARG E 334 -49.17 -39.12 8.16
CA ARG E 334 -49.21 -37.67 8.24
C ARG E 334 -49.71 -37.07 6.93
N LEU E 335 -50.23 -35.86 7.03
CA LEU E 335 -50.48 -34.99 5.89
C LEU E 335 -49.34 -33.97 5.80
N GLU E 336 -48.53 -34.07 4.75
CA GLU E 336 -47.39 -33.18 4.58
C GLU E 336 -47.82 -31.99 3.73
N LEU E 337 -47.71 -30.79 4.31
CA LEU E 337 -48.02 -29.53 3.65
C LEU E 337 -46.71 -28.76 3.44
N ARG E 338 -46.33 -28.54 2.19
CA ARG E 338 -45.04 -27.95 1.88
C ARG E 338 -45.10 -26.46 1.59
N SER E 339 -46.27 -25.83 1.69
CA SER E 339 -46.36 -24.42 1.31
C SER E 339 -45.70 -23.51 2.34
N VAL E 340 -45.68 -23.92 3.61
CA VAL E 340 -45.13 -23.09 4.69
C VAL E 340 -43.61 -23.01 4.60
N ASP E 341 -43.07 -21.81 4.81
CA ASP E 341 -41.65 -21.53 4.90
C ASP E 341 -41.35 -20.88 6.25
N PRO E 342 -40.12 -21.01 6.75
CA PRO E 342 -39.87 -20.74 8.18
C PRO E 342 -39.87 -19.27 8.60
N SER E 343 -40.41 -18.38 7.77
CA SER E 343 -40.69 -17.04 8.25
C SER E 343 -42.05 -16.93 8.93
N ALA E 344 -42.93 -17.90 8.71
CA ALA E 344 -44.33 -17.78 9.06
C ALA E 344 -44.55 -17.84 10.56
N ASN E 345 -45.80 -17.59 10.96
CA ASN E 345 -46.21 -17.51 12.35
C ASN E 345 -46.93 -18.78 12.73
N PRO E 346 -46.29 -19.71 13.44
CA PRO E 346 -46.91 -21.03 13.68
C PRO E 346 -48.11 -20.98 14.60
N TYR E 347 -48.43 -19.83 15.19
CA TYR E 347 -49.67 -19.70 15.91
C TYR E 347 -50.80 -19.20 15.03
N LEU E 348 -50.46 -18.45 13.98
CA LEU E 348 -51.43 -18.09 12.96
C LEU E 348 -51.56 -19.13 11.86
N ALA E 349 -50.49 -19.89 11.60
CA ALA E 349 -50.54 -20.91 10.55
C ALA E 349 -51.39 -22.10 10.98
N MET E 350 -51.10 -22.66 12.15
CA MET E 350 -51.93 -23.75 12.66
C MET E 350 -53.38 -23.31 12.84
N ALA E 351 -53.58 -22.16 13.48
CA ALA E 351 -54.93 -21.63 13.69
C ALA E 351 -55.73 -21.61 12.38
N VAL E 352 -55.09 -21.20 11.29
CA VAL E 352 -55.80 -21.00 10.03
C VAL E 352 -56.11 -22.32 9.34
N LEU E 353 -55.13 -23.21 9.24
CA LEU E 353 -55.35 -24.46 8.50
C LEU E 353 -56.36 -25.36 9.19
N LEU E 354 -56.43 -25.31 10.52
CA LEU E 354 -57.51 -26.01 11.24
C LEU E 354 -58.87 -25.58 10.70
N LYS E 355 -59.09 -24.27 10.55
CA LYS E 355 -60.36 -23.79 10.02
C LYS E 355 -60.46 -23.89 8.50
N ALA E 356 -59.41 -24.34 7.82
CA ALA E 356 -59.56 -24.75 6.43
C ALA E 356 -59.98 -26.22 6.34
N GLY E 357 -59.32 -27.08 7.13
CA GLY E 357 -59.61 -28.50 7.07
C GLY E 357 -60.73 -28.97 7.98
N LEU E 358 -61.04 -28.23 9.05
CA LEU E 358 -62.24 -28.55 9.81
C LEU E 358 -63.49 -28.08 9.09
N SER E 359 -63.36 -27.08 8.20
CA SER E 359 -64.40 -26.80 7.21
C SER E 359 -64.50 -27.90 6.13
N GLY E 360 -63.72 -28.96 6.31
CA GLY E 360 -63.77 -30.14 5.46
C GLY E 360 -64.06 -31.40 6.26
N ILE E 361 -64.73 -31.27 7.40
CA ILE E 361 -65.29 -32.42 8.10
C ILE E 361 -66.75 -32.13 8.37
N LYS E 362 -67.10 -30.84 8.46
CA LYS E 362 -68.50 -30.45 8.59
C LYS E 362 -69.18 -30.24 7.24
N ASP E 363 -68.41 -30.16 6.14
CA ASP E 363 -68.96 -30.34 4.81
C ASP E 363 -68.22 -31.42 4.03
N GLU E 364 -66.89 -31.49 4.19
CA GLU E 364 -66.02 -32.55 3.66
C GLU E 364 -65.69 -32.39 2.17
N LEU E 365 -66.43 -31.54 1.46
CA LEU E 365 -66.20 -30.98 0.13
C LEU E 365 -65.44 -31.90 -0.86
N THR E 366 -65.68 -33.23 -0.83
CA THR E 366 -65.40 -34.12 -1.98
C THR E 366 -64.07 -33.87 -2.71
N PRO E 367 -62.94 -34.30 -2.16
CA PRO E 367 -61.61 -33.82 -2.65
C PRO E 367 -61.37 -34.14 -4.12
N PRO E 368 -60.65 -33.25 -4.83
CA PRO E 368 -60.27 -33.52 -6.22
C PRO E 368 -59.20 -34.59 -6.39
N ALA E 369 -58.79 -34.83 -7.66
CA ALA E 369 -58.06 -36.03 -8.11
C ALA E 369 -56.58 -35.97 -7.77
N PRO E 370 -55.97 -37.12 -7.45
CA PRO E 370 -54.52 -37.19 -7.19
C PRO E 370 -53.72 -37.23 -8.48
N VAL E 371 -52.91 -36.19 -8.69
CA VAL E 371 -52.06 -36.11 -9.88
C VAL E 371 -50.73 -36.74 -9.53
N ASP E 372 -50.63 -38.06 -9.78
CA ASP E 372 -49.43 -38.82 -9.47
C ASP E 372 -48.34 -38.67 -10.54
N ARG E 373 -48.41 -37.62 -11.35
CA ARG E 373 -47.30 -37.20 -12.18
C ARG E 373 -46.32 -36.41 -11.30
N ASN E 374 -45.39 -35.71 -11.94
CA ASN E 374 -44.62 -34.65 -11.30
C ASN E 374 -45.15 -33.34 -11.87
N ILE E 375 -45.93 -32.61 -11.07
CA ILE E 375 -46.76 -31.54 -11.58
C ILE E 375 -45.93 -30.42 -12.21
N TYR E 376 -44.64 -30.34 -11.89
CA TYR E 376 -43.75 -29.38 -12.53
C TYR E 376 -43.68 -29.55 -14.04
N GLY E 377 -44.16 -30.67 -14.58
CA GLY E 377 -43.90 -30.99 -15.97
C GLY E 377 -45.13 -31.01 -16.87
N MET E 378 -46.08 -30.12 -16.61
CA MET E 378 -47.27 -30.00 -17.44
C MET E 378 -47.25 -28.63 -18.13
N ASN E 379 -48.34 -28.31 -18.82
CA ASN E 379 -48.41 -27.06 -19.56
C ASN E 379 -49.67 -26.28 -19.17
N GLU E 380 -49.66 -24.99 -19.51
CA GLU E 380 -50.81 -24.14 -19.22
C GLU E 380 -52.10 -24.72 -19.79
N GLU E 381 -52.00 -25.53 -20.84
CA GLU E 381 -53.15 -26.26 -21.35
C GLU E 381 -53.37 -27.58 -20.62
N GLU E 382 -52.39 -28.04 -19.83
CA GLU E 382 -52.51 -29.28 -19.09
C GLU E 382 -52.91 -29.06 -17.63
N ARG E 383 -52.45 -27.97 -17.01
CA ARG E 383 -53.02 -27.55 -15.74
C ARG E 383 -54.52 -27.35 -15.87
N GLU E 384 -54.93 -26.63 -16.92
CA GLU E 384 -56.33 -26.37 -17.19
C GLU E 384 -57.11 -27.62 -17.59
N ALA E 385 -56.41 -28.66 -18.07
CA ALA E 385 -57.09 -29.91 -18.39
C ALA E 385 -57.72 -30.52 -17.14
N THR E 386 -56.93 -30.69 -16.08
CA THR E 386 -57.49 -31.05 -14.79
C THR E 386 -58.30 -29.88 -14.22
N GLY E 387 -57.75 -28.68 -14.30
CA GLY E 387 -58.38 -27.52 -13.70
C GLY E 387 -57.78 -27.21 -12.35
N ILE E 388 -56.46 -27.37 -12.24
CA ILE E 388 -55.78 -27.28 -10.95
C ILE E 388 -55.47 -25.82 -10.64
N TYR E 389 -55.90 -25.37 -9.47
CA TYR E 389 -55.61 -24.01 -9.04
C TYR E 389 -54.10 -23.79 -8.93
N ASP E 390 -53.65 -22.66 -9.45
CA ASP E 390 -52.28 -22.21 -9.27
C ASP E 390 -52.22 -21.35 -8.03
N LEU E 391 -51.25 -21.63 -7.15
CA LEU E 391 -51.02 -20.77 -5.99
C LEU E 391 -50.81 -19.35 -6.51
N PRO E 392 -51.20 -18.32 -5.75
CA PRO E 392 -51.24 -16.95 -6.31
C PRO E 392 -49.88 -16.41 -6.75
N GLU E 393 -49.90 -15.19 -7.29
CA GLU E 393 -48.74 -14.63 -7.97
C GLU E 393 -47.71 -14.04 -7.01
N SER E 394 -48.16 -13.44 -5.91
CA SER E 394 -47.32 -12.52 -5.16
C SER E 394 -47.93 -12.29 -3.79
N LEU E 395 -47.20 -11.55 -2.95
CA LEU E 395 -47.83 -11.01 -1.75
C LEU E 395 -48.95 -10.05 -2.12
N GLY E 396 -48.97 -9.56 -3.35
CA GLY E 396 -50.09 -8.78 -3.82
C GLY E 396 -51.37 -9.58 -3.89
N HIS E 397 -51.41 -10.60 -4.76
CA HIS E 397 -52.61 -11.42 -4.86
C HIS E 397 -52.87 -12.17 -3.56
N ALA E 398 -51.83 -12.78 -2.99
CA ALA E 398 -52.03 -13.53 -1.75
C ALA E 398 -52.54 -12.66 -0.61
N LEU E 399 -52.56 -11.34 -0.77
CA LEU E 399 -53.25 -10.52 0.23
C LEU E 399 -54.73 -10.33 -0.09
N ILE E 400 -55.10 -10.18 -1.36
CA ILE E 400 -56.52 -10.06 -1.68
C ILE E 400 -57.20 -11.42 -1.61
N GLU E 401 -56.52 -12.48 -2.06
CA GLU E 401 -57.07 -13.82 -1.99
C GLU E 401 -57.39 -14.25 -0.55
N LEU E 402 -56.86 -13.56 0.44
CA LEU E 402 -57.13 -13.87 1.85
C LEU E 402 -58.35 -13.14 2.39
N GLU E 403 -58.53 -11.86 2.07
CA GLU E 403 -59.68 -11.14 2.56
C GLU E 403 -60.95 -11.52 1.82
N LYS E 404 -60.91 -12.64 1.09
CA LYS E 404 -62.09 -13.30 0.56
C LYS E 404 -62.51 -14.49 1.42
N ASN E 405 -61.60 -15.40 1.73
CA ASN E 405 -62.00 -16.61 2.45
C ASN E 405 -62.38 -16.26 3.88
N GLU E 406 -63.68 -15.98 4.09
CA GLU E 406 -64.14 -15.47 5.37
C GLU E 406 -64.17 -16.52 6.47
N ILE E 407 -64.01 -17.80 6.12
CA ILE E 407 -63.77 -18.79 7.15
C ILE E 407 -62.32 -18.76 7.59
N ILE E 408 -61.40 -18.41 6.68
CA ILE E 408 -59.99 -18.28 7.05
C ILE E 408 -59.76 -17.00 7.84
N LYS E 409 -60.39 -15.89 7.40
CA LYS E 409 -60.28 -14.64 8.15
C LYS E 409 -60.75 -14.82 9.58
N ASP E 410 -61.70 -15.73 9.82
CA ASP E 410 -62.19 -16.03 11.15
C ASP E 410 -61.29 -17.03 11.90
N GLY E 411 -60.19 -17.45 11.29
CA GLY E 411 -59.23 -18.30 11.97
C GLY E 411 -58.11 -17.50 12.58
N LEU E 412 -57.87 -16.31 12.03
CA LEU E 412 -56.92 -15.37 12.61
C LEU E 412 -57.55 -14.48 13.67
N GLY E 413 -58.86 -14.31 13.66
CA GLY E 413 -59.52 -13.31 14.48
C GLY E 413 -59.76 -12.05 13.67
N GLU E 414 -60.43 -11.10 14.32
CA GLU E 414 -60.76 -9.84 13.68
C GLU E 414 -59.79 -8.71 14.04
N HIS E 415 -58.95 -8.90 15.06
CA HIS E 415 -57.96 -7.91 15.43
C HIS E 415 -56.55 -8.34 15.07
N ILE E 416 -56.36 -9.63 14.79
CA ILE E 416 -55.12 -10.16 14.26
C ILE E 416 -55.04 -10.02 12.74
N PHE E 417 -56.19 -10.16 12.06
CA PHE E 417 -56.24 -9.88 10.63
C PHE E 417 -56.22 -8.38 10.37
N GLU E 418 -56.77 -7.59 11.26
CA GLU E 418 -56.75 -6.14 11.14
C GLU E 418 -55.37 -5.54 11.38
N HIS E 419 -54.47 -6.27 12.02
CA HIS E 419 -53.12 -5.78 12.24
C HIS E 419 -52.09 -6.61 11.48
N PHE E 420 -52.55 -7.51 10.61
CA PHE E 420 -51.67 -8.27 9.73
C PHE E 420 -51.82 -7.90 8.27
N ILE E 421 -52.98 -7.40 7.84
CA ILE E 421 -53.04 -6.86 6.48
C ILE E 421 -52.32 -5.53 6.41
N GLU E 422 -52.46 -4.70 7.45
CA GLU E 422 -51.83 -3.38 7.43
C GLU E 422 -50.31 -3.51 7.46
N ALA E 423 -49.79 -4.46 8.23
CA ALA E 423 -48.34 -4.62 8.37
C ALA E 423 -47.72 -5.24 7.12
N LYS E 424 -48.48 -5.96 6.32
CA LYS E 424 -48.01 -6.45 5.04
C LYS E 424 -48.32 -5.48 3.91
N THR E 425 -49.42 -4.75 4.00
CA THR E 425 -49.79 -3.79 2.96
C THR E 425 -48.68 -2.77 2.72
N ILE E 426 -48.22 -2.12 3.79
CA ILE E 426 -47.14 -1.16 3.65
C ILE E 426 -45.84 -1.86 3.31
N GLU E 427 -45.53 -2.97 4.00
CA GLU E 427 -44.35 -3.75 3.64
C GLU E 427 -44.38 -4.19 2.18
N CYS E 428 -45.57 -4.55 1.69
CA CYS E 428 -45.71 -4.84 0.26
C CYS E 428 -45.51 -3.58 -0.57
N ASP E 429 -46.08 -2.46 -0.13
CA ASP E 429 -45.90 -1.20 -0.84
C ASP E 429 -44.46 -0.73 -0.79
N MET E 430 -43.76 -1.00 0.31
CA MET E 430 -42.38 -0.58 0.49
C MET E 430 -41.44 -1.23 -0.53
N PHE E 431 -41.84 -2.38 -1.09
CA PHE E 431 -41.12 -3.07 -2.15
C PHE E 431 -41.64 -2.69 -3.53
N ARG E 432 -42.96 -2.48 -3.65
CA ARG E 432 -43.57 -2.17 -4.93
C ARG E 432 -43.00 -0.89 -5.54
N THR E 433 -42.61 0.06 -4.70
CA THR E 433 -42.16 1.36 -5.15
C THR E 433 -40.64 1.44 -5.34
N ALA E 434 -39.88 0.64 -4.61
CA ALA E 434 -38.43 0.76 -4.61
C ALA E 434 -37.83 0.27 -5.91
N VAL E 435 -36.63 0.76 -6.21
CA VAL E 435 -35.89 0.39 -7.42
C VAL E 435 -34.66 -0.39 -6.98
N HIS E 436 -34.65 -1.69 -7.26
CA HIS E 436 -33.49 -2.51 -6.89
C HIS E 436 -32.57 -2.73 -8.08
N PRO E 437 -31.31 -3.14 -7.83
CA PRO E 437 -30.29 -3.09 -8.90
C PRO E 437 -30.65 -3.82 -10.18
N TRP E 438 -31.41 -4.91 -10.09
CA TRP E 438 -31.81 -5.65 -11.29
C TRP E 438 -32.43 -4.71 -12.33
N GLU E 439 -33.12 -3.66 -11.88
CA GLU E 439 -33.74 -2.73 -12.81
C GLU E 439 -32.71 -1.91 -13.57
N ARG E 440 -31.58 -1.58 -12.96
CA ARG E 440 -30.61 -0.76 -13.68
C ARG E 440 -29.73 -1.59 -14.61
N GLU E 441 -29.35 -2.81 -14.22
CA GLU E 441 -28.58 -3.67 -15.10
C GLU E 441 -29.28 -3.86 -16.44
N GLN E 442 -30.55 -4.28 -16.38
CA GLN E 442 -31.28 -4.64 -17.60
C GLN E 442 -31.65 -3.42 -18.43
N TYR E 443 -31.68 -2.24 -17.84
CA TYR E 443 -32.19 -1.11 -18.61
C TYR E 443 -31.24 0.08 -18.70
N LEU E 444 -30.48 0.38 -17.65
CA LEU E 444 -29.71 1.63 -17.62
C LEU E 444 -28.78 1.72 -18.82
N GLU E 445 -27.82 0.80 -18.92
CA GLU E 445 -26.92 0.82 -20.06
C GLU E 445 -27.60 0.42 -21.37
N ILE E 446 -28.87 0.05 -21.34
CA ILE E 446 -29.56 -0.48 -22.51
C ILE E 446 -30.49 0.54 -23.15
N TYR E 447 -31.38 1.15 -22.36
CA TYR E 447 -32.33 2.10 -22.93
C TYR E 447 -31.82 3.54 -22.86
N LYS F 6 -22.49 -63.85 11.49
CA LYS F 6 -23.38 -62.71 11.39
C LYS F 6 -23.35 -61.86 12.65
N TYR F 7 -23.81 -60.61 12.53
CA TYR F 7 -23.89 -59.69 13.66
C TYR F 7 -25.32 -59.67 14.20
N THR F 8 -25.44 -59.67 15.53
CA THR F 8 -26.74 -59.79 16.18
C THR F 8 -27.55 -58.52 16.01
N LYS F 9 -28.88 -58.67 15.89
CA LYS F 9 -29.74 -57.49 15.93
C LYS F 9 -29.92 -56.98 17.36
N GLU F 10 -29.83 -57.86 18.35
CA GLU F 10 -30.10 -57.51 19.74
C GLU F 10 -28.89 -56.92 20.45
N ASP F 11 -27.72 -57.56 20.34
CA ASP F 11 -26.54 -57.07 21.05
C ASP F 11 -26.07 -55.73 20.51
N ILE F 12 -26.50 -55.33 19.32
CA ILE F 12 -26.21 -53.98 18.82
C ILE F 12 -26.96 -52.95 19.65
N PHE F 13 -28.25 -53.17 19.89
CA PHE F 13 -29.07 -52.21 20.61
C PHE F 13 -28.50 -51.87 21.97
N ARG F 14 -27.99 -52.88 22.68
CA ARG F 14 -27.29 -52.62 23.94
C ARG F 14 -25.79 -52.47 23.75
N PHE F 15 -25.26 -52.73 22.54
CA PHE F 15 -23.90 -52.28 22.21
C PHE F 15 -23.78 -50.77 22.30
N ALA F 16 -24.90 -50.04 22.27
CA ALA F 16 -24.90 -48.64 22.60
C ALA F 16 -24.47 -48.47 24.05
N ASP F 17 -25.26 -49.02 24.98
CA ASP F 17 -25.05 -48.79 26.41
C ASP F 17 -23.69 -49.29 26.90
N GLU F 18 -22.97 -50.07 26.10
CA GLU F 18 -21.66 -50.55 26.51
C GLU F 18 -20.53 -49.64 26.09
N GLN F 19 -20.70 -48.87 25.02
CA GLN F 19 -19.68 -47.93 24.56
C GLN F 19 -20.13 -46.48 24.68
N ASN F 20 -21.33 -46.25 25.22
CA ASN F 20 -21.89 -44.92 25.37
C ASN F 20 -21.93 -44.15 24.05
N VAL F 21 -22.54 -44.76 23.05
CA VAL F 21 -22.68 -44.14 21.73
C VAL F 21 -23.86 -43.17 21.78
N LYS F 22 -23.57 -41.89 21.62
CA LYS F 22 -24.60 -40.86 21.64
C LYS F 22 -25.26 -40.62 20.29
N PHE F 23 -24.62 -41.02 19.18
CA PHE F 23 -25.16 -40.80 17.85
C PHE F 23 -24.81 -41.97 16.93
N ILE F 24 -25.77 -42.38 16.13
CA ILE F 24 -25.62 -43.47 15.16
C ILE F 24 -25.79 -42.89 13.77
N ARG F 25 -25.06 -43.43 12.79
CA ARG F 25 -25.05 -42.89 11.44
C ARG F 25 -25.39 -43.97 10.42
N LEU F 26 -26.33 -43.65 9.52
CA LEU F 26 -26.71 -44.51 8.40
C LEU F 26 -26.11 -43.93 7.13
N GLN F 27 -25.20 -44.68 6.51
CA GLN F 27 -24.57 -44.26 5.26
C GLN F 27 -24.92 -45.23 4.14
N PHE F 28 -24.82 -44.73 2.91
CA PHE F 28 -24.88 -45.60 1.74
C PHE F 28 -24.07 -44.95 0.62
N THR F 29 -24.28 -45.39 -0.61
CA THR F 29 -23.53 -44.90 -1.74
C THR F 29 -24.48 -44.71 -2.93
N ASP F 30 -24.26 -43.65 -3.70
CA ASP F 30 -25.05 -43.36 -4.89
C ASP F 30 -24.37 -43.95 -6.12
N ILE F 31 -24.90 -43.61 -7.30
CA ILE F 31 -24.49 -44.25 -8.54
C ILE F 31 -23.10 -43.82 -8.98
N LEU F 32 -22.64 -42.66 -8.51
CA LEU F 32 -21.38 -42.08 -8.99
C LEU F 32 -20.21 -42.33 -8.04
N GLY F 33 -20.44 -42.97 -6.90
CA GLY F 33 -19.41 -43.28 -5.93
C GLY F 33 -19.42 -42.42 -4.69
N ILE F 34 -20.44 -41.58 -4.52
CA ILE F 34 -20.46 -40.52 -3.51
C ILE F 34 -21.20 -41.01 -2.27
N ILE F 35 -20.52 -40.98 -1.12
CA ILE F 35 -20.94 -41.72 0.07
C ILE F 35 -21.83 -40.79 0.90
N LYS F 36 -23.14 -40.92 0.70
CA LYS F 36 -24.10 -40.11 1.45
C LYS F 36 -24.20 -40.62 2.89
N ASN F 37 -25.10 -40.00 3.67
CA ASN F 37 -25.10 -40.16 5.12
C ASN F 37 -26.40 -39.59 5.68
N VAL F 38 -26.71 -39.94 6.94
CA VAL F 38 -27.67 -39.20 7.75
C VAL F 38 -27.46 -39.55 9.22
N GLU F 39 -27.43 -38.53 10.07
CA GLU F 39 -27.17 -38.69 11.49
C GLU F 39 -28.47 -38.87 12.26
N ILE F 40 -28.44 -39.76 13.26
CA ILE F 40 -29.52 -39.98 14.21
C ILE F 40 -28.92 -40.34 15.56
N PRO F 41 -29.59 -40.03 16.67
CA PRO F 41 -29.01 -40.28 17.99
C PRO F 41 -29.26 -41.70 18.48
N VAL F 42 -28.71 -42.04 19.66
CA VAL F 42 -29.02 -43.32 20.29
C VAL F 42 -30.52 -43.46 20.50
N SER F 43 -31.22 -42.34 20.64
CA SER F 43 -32.68 -42.33 20.77
C SER F 43 -33.33 -43.13 19.65
N GLN F 44 -33.11 -42.73 18.41
CA GLN F 44 -33.77 -43.35 17.27
C GLN F 44 -33.12 -44.65 16.82
N LEU F 45 -32.28 -45.26 17.66
CA LEU F 45 -31.59 -46.49 17.29
C LEU F 45 -32.57 -47.56 16.81
N LYS F 46 -33.66 -47.76 17.56
CA LYS F 46 -34.57 -48.85 17.23
C LYS F 46 -35.31 -48.61 15.92
N LYS F 47 -35.80 -47.38 15.68
CA LYS F 47 -36.54 -47.13 14.45
C LYS F 47 -35.70 -47.44 13.21
N ALA F 48 -34.37 -47.30 13.31
CA ALA F 48 -33.50 -47.51 12.16
C ALA F 48 -33.23 -48.98 11.93
N LEU F 49 -32.93 -49.72 12.99
CA LEU F 49 -32.88 -51.18 12.87
C LEU F 49 -34.24 -51.73 12.46
N ASP F 50 -35.32 -51.01 12.78
CA ASP F 50 -36.68 -51.44 12.51
C ASP F 50 -37.19 -51.02 11.14
N ASN F 51 -36.35 -50.38 10.32
CA ASN F 51 -36.56 -50.25 8.88
C ASN F 51 -37.73 -49.35 8.50
N LYS F 52 -38.16 -48.46 9.39
CA LYS F 52 -39.13 -47.44 9.04
C LYS F 52 -38.49 -46.06 8.85
N ILE F 53 -37.18 -46.04 8.65
CA ILE F 53 -36.43 -44.81 8.40
C ILE F 53 -36.41 -44.56 6.90
N MET F 54 -36.96 -43.43 6.48
CA MET F 54 -37.19 -43.12 5.08
C MET F 54 -36.51 -41.80 4.74
N PHE F 55 -36.31 -41.56 3.45
CA PHE F 55 -35.72 -40.29 3.04
C PHE F 55 -36.17 -39.95 1.62
N ASP F 56 -35.72 -38.79 1.15
CA ASP F 56 -35.99 -38.33 -0.21
C ASP F 56 -35.00 -38.99 -1.15
N GLY F 57 -35.44 -40.05 -1.83
CA GLY F 57 -34.63 -40.61 -2.89
C GLY F 57 -34.51 -39.70 -4.09
N SER F 58 -35.45 -38.76 -4.26
CA SER F 58 -35.45 -37.92 -5.44
C SER F 58 -34.30 -36.91 -5.44
N SER F 59 -33.79 -36.54 -4.26
CA SER F 59 -32.70 -35.59 -4.16
C SER F 59 -31.32 -36.25 -4.26
N ILE F 60 -31.26 -37.49 -4.72
CA ILE F 60 -30.00 -38.20 -4.95
C ILE F 60 -29.94 -38.61 -6.41
N GLU F 61 -28.76 -38.47 -7.00
CA GLU F 61 -28.58 -38.76 -8.40
C GLU F 61 -28.33 -40.25 -8.57
N GLY F 62 -29.19 -40.91 -9.35
CA GLY F 62 -29.15 -42.34 -9.55
C GLY F 62 -30.38 -43.09 -9.08
N PHE F 63 -31.27 -42.42 -8.36
CA PHE F 63 -32.43 -43.02 -7.69
C PHE F 63 -33.71 -42.49 -8.33
N VAL F 64 -34.85 -42.76 -7.67
CA VAL F 64 -36.16 -42.62 -8.32
C VAL F 64 -36.51 -41.15 -8.56
N ARG F 65 -37.51 -40.93 -9.43
CA ARG F 65 -38.07 -39.62 -9.72
C ARG F 65 -38.79 -39.06 -8.48
N ILE F 66 -39.29 -37.82 -8.61
CA ILE F 66 -39.90 -37.15 -7.48
C ILE F 66 -41.38 -37.48 -7.32
N GLU F 67 -42.05 -37.95 -8.38
CA GLU F 67 -43.46 -38.35 -8.23
C GLU F 67 -43.59 -39.53 -7.29
N GLU F 68 -42.75 -40.54 -7.44
CA GLU F 68 -42.60 -41.59 -6.45
C GLU F 68 -41.21 -41.41 -5.84
N SER F 69 -41.13 -40.56 -4.81
CA SER F 69 -39.85 -40.16 -4.23
C SER F 69 -39.34 -41.15 -3.20
N ASP F 70 -40.18 -41.48 -2.23
CA ASP F 70 -39.72 -42.04 -0.96
C ASP F 70 -38.98 -43.37 -1.15
N MET F 71 -38.02 -43.60 -0.26
CA MET F 71 -37.40 -44.91 -0.07
C MET F 71 -37.10 -45.06 1.41
N TYR F 72 -36.84 -46.29 1.83
CA TYR F 72 -36.45 -46.58 3.20
C TYR F 72 -34.96 -46.88 3.28
N LEU F 73 -34.45 -46.91 4.51
CA LEU F 73 -33.07 -47.27 4.78
C LEU F 73 -33.04 -48.55 5.59
N PHE F 74 -32.47 -49.61 5.02
CA PHE F 74 -32.34 -50.90 5.71
C PHE F 74 -30.88 -51.09 6.06
N PRO F 75 -30.47 -50.84 7.30
CA PRO F 75 -29.05 -50.93 7.64
C PRO F 75 -28.52 -52.34 7.52
N ASP F 76 -27.20 -52.44 7.44
CA ASP F 76 -26.50 -53.73 7.45
C ASP F 76 -25.74 -53.76 8.78
N LEU F 77 -26.40 -54.33 9.80
CA LEU F 77 -25.87 -54.37 11.16
C LEU F 77 -24.47 -54.97 11.20
N ASP F 78 -24.07 -55.67 10.15
CA ASP F 78 -22.72 -56.23 10.08
C ASP F 78 -21.66 -55.15 9.96
N THR F 79 -21.99 -54.00 9.35
CA THR F 79 -21.03 -52.91 9.17
C THR F 79 -21.17 -51.91 10.31
N TRP F 80 -20.59 -52.26 11.46
CA TRP F 80 -20.67 -51.42 12.66
C TRP F 80 -19.27 -51.01 13.08
N VAL F 81 -19.03 -49.70 13.09
CA VAL F 81 -17.83 -49.11 13.68
C VAL F 81 -18.24 -47.83 14.42
N VAL F 82 -17.42 -47.45 15.39
CA VAL F 82 -17.59 -46.19 16.11
C VAL F 82 -16.47 -45.26 15.69
N PHE F 83 -16.81 -44.01 15.40
CA PHE F 83 -15.82 -43.06 14.91
C PHE F 83 -14.85 -42.67 16.02
N PRO F 84 -13.56 -43.02 15.90
CA PRO F 84 -12.63 -42.85 17.03
C PRO F 84 -12.30 -41.41 17.34
N TRP F 85 -12.56 -40.47 16.43
CA TRP F 85 -12.20 -39.08 16.71
C TRP F 85 -13.28 -38.39 17.54
N THR F 86 -14.54 -38.62 17.22
CA THR F 86 -15.63 -38.16 18.08
C THR F 86 -15.49 -38.82 19.44
N ALA F 87 -15.23 -38.02 20.47
CA ALA F 87 -14.95 -38.54 21.82
C ALA F 87 -15.70 -37.70 22.84
N GLU F 88 -16.80 -38.25 23.36
CA GLU F 88 -17.61 -37.71 24.45
C GLU F 88 -18.42 -36.48 24.09
N LYS F 89 -18.10 -35.83 22.97
CA LYS F 89 -18.93 -34.73 22.50
C LYS F 89 -20.22 -35.35 22.00
N GLY F 90 -20.06 -36.14 20.95
CA GLY F 90 -21.00 -37.17 20.60
C GLY F 90 -20.20 -38.37 20.15
N LYS F 91 -20.22 -39.44 20.94
CA LYS F 91 -19.67 -40.69 20.44
C LYS F 91 -20.55 -41.13 19.28
N VAL F 92 -19.91 -41.55 18.19
CA VAL F 92 -20.65 -41.85 16.97
C VAL F 92 -20.45 -43.32 16.61
N ALA F 93 -21.49 -43.93 16.06
CA ALA F 93 -21.43 -45.28 15.54
C ALA F 93 -21.99 -45.31 14.12
N ARG F 94 -21.69 -46.38 13.40
CA ARG F 94 -21.89 -46.43 11.96
C ARG F 94 -22.60 -47.71 11.54
N MET F 95 -23.42 -47.59 10.50
CA MET F 95 -23.93 -48.72 9.74
C MET F 95 -24.07 -48.30 8.28
N ILE F 96 -23.96 -49.28 7.38
CA ILE F 96 -24.05 -49.04 5.94
C ILE F 96 -25.36 -49.63 5.45
N CYS F 97 -26.27 -48.77 5.03
CA CYS F 97 -27.60 -49.22 4.65
C CYS F 97 -27.63 -49.71 3.21
N ASP F 98 -28.61 -50.56 2.94
CA ASP F 98 -29.12 -50.81 1.61
C ASP F 98 -30.44 -50.05 1.48
N ILE F 99 -30.79 -49.65 0.26
CA ILE F 99 -31.98 -48.85 0.03
C ILE F 99 -33.02 -49.68 -0.69
N TYR F 100 -34.28 -49.46 -0.33
CA TYR F 100 -35.43 -50.25 -0.76
C TYR F 100 -36.57 -49.33 -1.15
N ASN F 101 -37.41 -49.84 -2.05
CA ASN F 101 -38.61 -49.16 -2.49
C ASN F 101 -39.63 -49.02 -1.36
N PRO F 102 -40.73 -48.29 -1.56
CA PRO F 102 -41.78 -48.31 -0.52
C PRO F 102 -42.49 -49.67 -0.45
N ASP F 103 -42.44 -50.47 -1.51
CA ASP F 103 -43.04 -51.80 -1.47
C ASP F 103 -42.47 -52.66 -0.37
N MET F 104 -41.22 -52.41 0.03
CA MET F 104 -40.27 -53.33 0.71
C MET F 104 -39.45 -54.25 -0.20
N THR F 105 -39.61 -54.21 -1.52
CA THR F 105 -38.72 -54.94 -2.41
C THR F 105 -37.36 -54.26 -2.49
N PRO F 106 -36.28 -55.03 -2.64
CA PRO F 106 -34.95 -54.41 -2.70
C PRO F 106 -34.80 -53.53 -3.93
N PHE F 107 -34.32 -52.31 -3.73
CA PHE F 107 -34.38 -51.31 -4.79
C PHE F 107 -33.57 -51.76 -6.00
N ALA F 108 -34.16 -51.60 -7.18
CA ALA F 108 -33.57 -52.01 -8.44
C ALA F 108 -32.35 -51.17 -8.84
N GLY F 109 -32.07 -50.08 -8.13
CA GLY F 109 -31.01 -49.19 -8.56
C GLY F 109 -29.91 -48.99 -7.53
N ASP F 110 -30.12 -49.49 -6.31
CA ASP F 110 -29.13 -49.56 -5.25
C ASP F 110 -27.85 -50.21 -5.77
N PRO F 111 -26.74 -49.49 -5.87
CA PRO F 111 -25.52 -50.12 -6.40
C PRO F 111 -24.86 -51.09 -5.44
N ARG F 112 -25.43 -51.31 -4.25
CA ARG F 112 -24.91 -52.35 -3.34
C ARG F 112 -25.64 -53.67 -3.49
N ALA F 113 -26.95 -53.64 -3.79
CA ALA F 113 -27.68 -54.87 -4.01
C ALA F 113 -27.31 -55.52 -5.34
N ASN F 114 -26.93 -54.72 -6.34
CA ASN F 114 -26.40 -55.29 -7.57
C ASN F 114 -25.16 -56.13 -7.28
N LEU F 115 -24.24 -55.62 -6.47
CA LEU F 115 -23.12 -56.44 -6.02
C LEU F 115 -23.61 -57.69 -5.29
N LYS F 116 -24.66 -57.56 -4.49
CA LYS F 116 -25.17 -58.70 -3.74
C LYS F 116 -26.01 -59.65 -4.60
N ARG F 117 -26.45 -59.22 -5.78
CA ARG F 117 -27.22 -60.13 -6.64
C ARG F 117 -26.35 -60.83 -7.66
N VAL F 118 -25.18 -60.28 -8.01
CA VAL F 118 -24.19 -61.01 -8.79
C VAL F 118 -23.11 -61.59 -7.90
N LEU F 119 -23.24 -61.47 -6.58
CA LEU F 119 -22.49 -62.32 -5.67
C LEU F 119 -23.10 -63.72 -5.56
N LYS F 120 -24.18 -63.98 -6.31
CA LYS F 120 -24.83 -65.28 -6.34
C LYS F 120 -24.64 -66.01 -7.65
N GLU F 121 -24.18 -65.34 -8.70
CA GLU F 121 -23.77 -65.99 -9.94
C GLU F 121 -22.41 -66.66 -9.82
N MET F 122 -21.74 -66.49 -8.67
CA MET F 122 -20.53 -67.21 -8.35
C MET F 122 -20.79 -68.49 -7.56
N GLU F 123 -21.87 -68.51 -6.78
CA GLU F 123 -22.19 -69.68 -5.96
C GLU F 123 -22.78 -70.81 -6.79
N GLU F 124 -23.47 -70.45 -7.87
CA GLU F 124 -24.04 -71.44 -8.79
C GLU F 124 -22.98 -72.13 -9.63
N LEU F 125 -21.77 -71.59 -9.67
CA LEU F 125 -20.63 -72.27 -10.25
C LEU F 125 -19.62 -72.68 -9.18
N GLY F 126 -20.04 -72.73 -7.92
CA GLY F 126 -19.20 -73.18 -6.83
C GLY F 126 -18.08 -72.26 -6.38
N PHE F 127 -18.41 -71.12 -5.77
CA PHE F 127 -17.40 -70.22 -5.26
C PHE F 127 -17.79 -69.69 -3.89
N THR F 128 -16.83 -69.66 -2.97
CA THR F 128 -17.07 -69.14 -1.63
C THR F 128 -17.24 -67.63 -1.64
N GLU F 129 -16.20 -66.91 -2.04
CA GLU F 129 -16.10 -65.47 -1.87
C GLU F 129 -15.23 -64.88 -2.97
N PHE F 130 -15.17 -63.55 -3.00
CA PHE F 130 -14.43 -62.79 -4.00
C PHE F 130 -13.44 -61.89 -3.25
N ASN F 131 -12.15 -62.17 -3.39
CA ASN F 131 -11.14 -61.44 -2.63
C ASN F 131 -10.75 -60.17 -3.35
N LEU F 132 -10.72 -59.06 -2.61
CA LEU F 132 -10.37 -57.77 -3.18
C LEU F 132 -9.60 -56.95 -2.16
N GLY F 133 -8.38 -56.56 -2.52
CA GLY F 133 -7.64 -55.56 -1.77
C GLY F 133 -7.19 -54.44 -2.68
N PRO F 134 -7.75 -53.25 -2.49
CA PRO F 134 -7.37 -52.11 -3.32
C PRO F 134 -6.21 -51.31 -2.73
N GLU F 135 -5.31 -50.89 -3.62
CA GLU F 135 -4.31 -49.89 -3.28
C GLU F 135 -4.83 -48.56 -3.79
N PRO F 136 -5.50 -47.76 -2.97
CA PRO F 136 -6.05 -46.49 -3.46
C PRO F 136 -5.04 -45.35 -3.39
N GLU F 137 -4.81 -44.69 -4.52
CA GLU F 137 -3.77 -43.67 -4.64
C GLU F 137 -4.41 -42.30 -4.52
N PHE F 138 -3.83 -41.43 -3.69
CA PHE F 138 -4.39 -40.11 -3.45
C PHE F 138 -3.29 -39.05 -3.40
N PHE F 139 -3.70 -37.82 -3.69
CA PHE F 139 -2.87 -36.62 -3.59
C PHE F 139 -3.25 -35.79 -2.38
N LEU F 140 -2.31 -34.98 -1.91
CA LEU F 140 -2.53 -34.04 -0.81
C LEU F 140 -2.08 -32.65 -1.23
N PHE F 141 -2.97 -31.67 -1.05
CA PHE F 141 -2.69 -30.26 -1.30
C PHE F 141 -2.68 -29.49 0.00
N LYS F 142 -2.15 -28.28 -0.03
CA LYS F 142 -2.13 -27.43 1.15
C LYS F 142 -3.43 -26.62 1.25
N LEU F 143 -3.59 -25.93 2.37
CA LEU F 143 -4.76 -25.12 2.67
C LEU F 143 -4.36 -23.68 3.00
N ASP F 144 -5.24 -22.75 2.62
CA ASP F 144 -5.04 -21.33 2.85
C ASP F 144 -5.86 -20.87 4.05
N GLU F 145 -5.75 -19.57 4.36
CA GLU F 145 -6.50 -18.91 5.43
C GLU F 145 -7.96 -19.33 5.41
N ASN F 146 -8.52 -19.43 4.21
CA ASN F 146 -9.90 -19.87 4.01
C ASN F 146 -10.14 -21.29 4.50
N ARG F 147 -9.10 -22.02 4.86
CA ARG F 147 -9.17 -23.47 5.07
C ARG F 147 -9.94 -24.13 3.92
N ARG F 148 -9.42 -23.90 2.72
CA ARG F 148 -10.02 -24.31 1.47
C ARG F 148 -8.89 -24.74 0.56
N PRO F 149 -9.19 -25.48 -0.50
CA PRO F 149 -8.12 -26.02 -1.37
C PRO F 149 -7.27 -24.92 -2.01
N THR F 150 -6.21 -25.39 -2.64
CA THR F 150 -5.18 -24.58 -3.27
C THR F 150 -4.89 -25.26 -4.60
N LEU F 151 -3.71 -25.03 -5.14
CA LEU F 151 -3.27 -25.81 -6.27
C LEU F 151 -1.88 -26.42 -6.08
N GLU F 152 -1.26 -26.26 -4.90
CA GLU F 152 0.07 -26.81 -4.66
C GLU F 152 0.03 -28.05 -3.76
N LEU F 153 1.16 -28.75 -3.68
CA LEU F 153 1.23 -30.08 -3.10
C LEU F 153 1.84 -30.03 -1.70
N ASN F 154 1.46 -31.01 -0.86
CA ASN F 154 1.96 -31.02 0.51
C ASN F 154 3.48 -31.20 0.53
N ASP F 155 4.01 -32.04 -0.36
CA ASP F 155 5.44 -32.10 -0.58
C ASP F 155 5.70 -32.37 -2.05
N SER F 156 6.80 -31.81 -2.56
CA SER F 156 7.34 -32.20 -3.85
C SER F 156 8.35 -33.31 -3.60
N GLY F 157 7.81 -34.48 -3.26
CA GLY F 157 8.60 -35.65 -2.95
C GLY F 157 8.42 -36.77 -3.96
N GLY F 158 9.11 -37.87 -3.69
CA GLY F 158 9.18 -38.99 -4.61
C GLY F 158 8.84 -40.31 -3.94
N TYR F 159 8.87 -41.36 -4.76
CA TYR F 159 8.54 -42.71 -4.32
C TYR F 159 9.38 -43.12 -3.13
N PHE F 160 8.70 -43.43 -2.02
CA PHE F 160 9.28 -43.86 -0.75
C PHE F 160 10.10 -42.79 -0.03
N ASP F 161 10.24 -41.59 -0.60
CA ASP F 161 11.23 -40.65 -0.09
C ASP F 161 10.91 -40.25 1.35
N LEU F 162 11.94 -39.80 2.06
CA LEU F 162 11.92 -39.57 3.50
C LEU F 162 11.70 -38.10 3.85
N ALA F 163 11.10 -37.87 5.02
CA ALA F 163 11.12 -36.55 5.61
C ALA F 163 12.56 -36.08 5.75
N PRO F 164 12.90 -34.88 5.27
CA PRO F 164 11.98 -33.80 4.89
C PRO F 164 11.45 -33.82 3.45
N THR F 165 12.03 -34.62 2.55
CA THR F 165 11.53 -34.66 1.17
C THR F 165 10.05 -34.99 1.12
N ASP F 166 9.58 -35.83 2.04
CA ASP F 166 8.20 -36.26 2.11
C ASP F 166 7.58 -35.65 3.36
N LEU F 167 6.52 -34.86 3.17
CA LEU F 167 5.92 -34.06 4.23
C LEU F 167 4.54 -34.58 4.64
N GLY F 168 4.13 -35.71 4.11
CA GLY F 168 2.99 -36.44 4.64
C GLY F 168 3.37 -37.57 5.57
N GLU F 169 4.66 -37.69 5.91
CA GLU F 169 5.12 -38.81 6.72
C GLU F 169 4.36 -38.90 8.03
N ASN F 170 4.26 -37.79 8.75
CA ASN F 170 3.53 -37.78 10.01
C ASN F 170 2.03 -37.64 9.82
N CYS F 171 1.57 -37.41 8.59
CA CYS F 171 0.15 -37.35 8.31
C CYS F 171 -0.43 -38.73 8.02
N ARG F 172 0.23 -39.50 7.16
CA ARG F 172 -0.29 -40.81 6.81
C ARG F 172 -0.28 -41.74 8.03
N ARG F 173 0.72 -41.61 8.89
CA ARG F 173 0.69 -42.36 10.14
C ARG F 173 -0.58 -42.03 10.91
N ASP F 174 -0.90 -40.74 11.02
CA ASP F 174 -2.16 -40.33 11.64
C ASP F 174 -3.37 -40.71 10.81
N ILE F 175 -3.19 -41.23 9.60
CA ILE F 175 -4.28 -41.86 8.87
C ILE F 175 -4.47 -43.31 9.32
N VAL F 176 -3.38 -44.06 9.45
CA VAL F 176 -3.49 -45.51 9.59
C VAL F 176 -3.98 -45.90 10.99
N LEU F 177 -3.44 -45.27 12.03
CA LEU F 177 -3.89 -45.59 13.38
C LEU F 177 -5.27 -45.02 13.66
N GLU F 178 -5.83 -44.22 12.76
CA GLU F 178 -7.26 -43.96 12.75
C GLU F 178 -8.01 -45.03 11.98
N LEU F 179 -7.38 -45.65 10.98
CA LEU F 179 -7.92 -46.84 10.33
C LEU F 179 -7.76 -48.07 11.22
N GLU F 180 -6.58 -48.23 11.82
CA GLU F 180 -6.31 -49.43 12.61
C GLU F 180 -7.18 -49.49 13.87
N GLU F 181 -7.64 -48.34 14.37
CA GLU F 181 -8.58 -48.34 15.48
C GLU F 181 -9.92 -48.93 15.07
N MET F 182 -10.36 -48.67 13.84
CA MET F 182 -11.66 -49.12 13.34
C MET F 182 -11.67 -50.56 12.85
N GLY F 183 -10.63 -51.35 13.15
CA GLY F 183 -10.59 -52.72 12.67
C GLY F 183 -10.14 -52.84 11.23
N PHE F 184 -8.90 -52.46 10.96
CA PHE F 184 -8.34 -52.51 9.63
C PHE F 184 -7.04 -53.31 9.63
N GLU F 185 -6.72 -53.90 8.49
CA GLU F 185 -5.51 -54.70 8.27
C GLU F 185 -4.55 -53.86 7.44
N ILE F 186 -3.74 -53.03 8.10
CA ILE F 186 -2.93 -52.01 7.44
C ILE F 186 -1.61 -52.63 7.00
N GLU F 187 -1.39 -52.70 5.68
CA GLU F 187 -0.19 -53.36 5.16
C GLU F 187 1.02 -52.43 5.17
N ALA F 188 0.95 -51.31 4.45
CA ALA F 188 2.14 -50.49 4.26
C ALA F 188 1.73 -49.05 4.02
N SER F 189 2.54 -48.12 4.54
CA SER F 189 2.41 -46.70 4.27
C SER F 189 3.67 -46.22 3.57
N HIS F 190 3.50 -45.57 2.42
CA HIS F 190 4.61 -45.04 1.66
C HIS F 190 4.13 -43.89 0.79
N HIS F 191 5.09 -43.14 0.29
CA HIS F 191 4.85 -41.99 -0.58
C HIS F 191 5.04 -42.42 -2.02
N GLU F 192 4.04 -42.18 -2.86
CA GLU F 192 4.03 -42.68 -4.23
C GLU F 192 4.95 -41.81 -5.08
N VAL F 193 4.91 -42.01 -6.40
CA VAL F 193 5.94 -41.47 -7.30
C VAL F 193 5.78 -39.97 -7.48
N ALA F 194 4.58 -39.53 -7.84
CA ALA F 194 4.34 -38.13 -8.17
C ALA F 194 4.51 -37.26 -6.93
N PRO F 195 4.75 -35.96 -7.10
CA PRO F 195 4.88 -35.08 -5.93
C PRO F 195 3.57 -35.00 -5.17
N GLY F 196 3.63 -35.26 -3.87
CA GLY F 196 2.46 -35.17 -3.02
C GLY F 196 1.49 -36.33 -3.10
N GLN F 197 1.85 -37.40 -3.79
CA GLN F 197 0.99 -38.57 -3.87
C GLN F 197 1.33 -39.56 -2.77
N HIS F 198 0.30 -40.14 -2.16
CA HIS F 198 0.46 -41.05 -1.04
C HIS F 198 -0.39 -42.29 -1.23
N GLU F 199 0.14 -43.44 -0.80
CA GLU F 199 -0.52 -44.73 -0.89
C GLU F 199 -0.59 -45.35 0.49
N ILE F 200 -1.77 -45.83 0.88
CA ILE F 200 -1.94 -46.61 2.10
C ILE F 200 -2.84 -47.79 1.75
N ASP F 201 -2.26 -48.99 1.70
CA ASP F 201 -2.95 -50.17 1.19
C ASP F 201 -3.17 -51.21 2.28
N PHE F 202 -4.23 -51.99 2.14
CA PHE F 202 -4.62 -52.97 3.14
C PHE F 202 -4.94 -54.32 2.51
N LYS F 203 -5.05 -55.33 3.39
CA LYS F 203 -5.33 -56.71 2.99
C LYS F 203 -6.62 -56.80 2.20
N TYR F 204 -6.66 -57.77 1.29
CA TYR F 204 -7.85 -58.15 0.54
C TYR F 204 -9.00 -58.54 1.46
N GLU F 205 -10.22 -58.58 0.92
CA GLU F 205 -11.37 -59.04 1.70
C GLU F 205 -12.50 -59.39 0.75
N ASP F 206 -13.60 -59.85 1.32
CA ASP F 206 -14.81 -60.18 0.58
C ASP F 206 -15.26 -59.00 -0.27
N ALA F 207 -16.01 -59.27 -1.34
CA ALA F 207 -16.49 -58.21 -2.22
C ALA F 207 -17.24 -57.14 -1.42
N ILE F 208 -18.35 -57.53 -0.80
CA ILE F 208 -19.24 -56.55 -0.19
C ILE F 208 -18.68 -56.01 1.12
N THR F 209 -17.45 -56.39 1.49
CA THR F 209 -16.89 -55.95 2.76
C THR F 209 -15.57 -55.19 2.66
N ALA F 210 -14.79 -55.35 1.59
CA ALA F 210 -13.66 -54.46 1.37
C ALA F 210 -14.05 -53.26 0.52
N CYS F 211 -15.11 -53.40 -0.28
CA CYS F 211 -15.67 -52.24 -0.96
C CYS F 211 -16.44 -51.36 0.03
N ASP F 212 -17.11 -51.97 1.01
CA ASP F 212 -17.55 -51.20 2.18
C ASP F 212 -16.37 -50.52 2.85
N SER F 213 -15.23 -51.21 2.93
CA SER F 213 -14.02 -50.61 3.50
C SER F 213 -13.36 -49.62 2.55
N ILE F 214 -13.76 -49.58 1.27
CA ILE F 214 -13.21 -48.56 0.36
C ILE F 214 -13.84 -47.21 0.64
N GLN F 215 -15.18 -47.13 0.58
CA GLN F 215 -15.85 -45.86 0.86
C GLN F 215 -15.49 -45.32 2.23
N THR F 216 -15.14 -46.19 3.17
CA THR F 216 -14.69 -45.75 4.48
C THR F 216 -13.28 -45.15 4.41
N PHE F 217 -12.39 -45.79 3.64
CA PHE F 217 -11.01 -45.32 3.55
C PHE F 217 -10.92 -43.91 2.98
N LYS F 218 -11.74 -43.61 1.97
CA LYS F 218 -11.71 -42.27 1.40
C LYS F 218 -12.13 -41.21 2.41
N LEU F 219 -13.12 -41.53 3.26
CA LEU F 219 -13.54 -40.56 4.27
C LEU F 219 -12.43 -40.27 5.26
N VAL F 220 -11.93 -41.31 5.94
CA VAL F 220 -10.99 -41.09 7.02
C VAL F 220 -9.68 -40.50 6.49
N VAL F 221 -9.29 -40.86 5.27
CA VAL F 221 -8.18 -40.15 4.64
C VAL F 221 -8.54 -38.68 4.44
N LYS F 222 -9.64 -38.42 3.70
CA LYS F 222 -10.01 -37.04 3.39
C LYS F 222 -10.28 -36.23 4.65
N THR F 223 -10.99 -36.81 5.63
CA THR F 223 -11.29 -36.06 6.85
C THR F 223 -10.03 -35.82 7.68
N ILE F 224 -9.26 -36.87 7.94
CA ILE F 224 -8.07 -36.72 8.79
C ILE F 224 -7.01 -35.87 8.11
N ALA F 225 -6.91 -35.96 6.78
CA ALA F 225 -5.97 -35.11 6.04
C ALA F 225 -6.20 -33.63 6.39
N ARG F 226 -7.45 -33.19 6.37
CA ARG F 226 -7.75 -31.79 6.65
C ARG F 226 -7.63 -31.45 8.13
N LYS F 227 -7.42 -32.44 8.98
CA LYS F 227 -7.01 -32.17 10.35
C LYS F 227 -5.53 -31.79 10.41
N HIS F 228 -4.78 -32.07 9.35
CA HIS F 228 -3.36 -31.76 9.26
C HIS F 228 -3.11 -30.71 8.18
N GLY F 229 -4.01 -29.75 8.06
CA GLY F 229 -3.84 -28.62 7.17
C GLY F 229 -3.91 -28.93 5.69
N LEU F 230 -4.12 -30.17 5.29
CA LEU F 230 -4.08 -30.54 3.89
C LEU F 230 -5.45 -31.00 3.40
N HIS F 231 -5.62 -31.07 2.09
CA HIS F 231 -6.85 -31.57 1.48
C HIS F 231 -6.54 -32.80 0.64
N ALA F 232 -7.11 -33.94 1.02
CA ALA F 232 -6.97 -35.15 0.24
C ALA F 232 -7.97 -35.16 -0.90
N THR F 233 -7.50 -35.44 -2.11
CA THR F 233 -8.41 -35.69 -3.21
C THR F 233 -7.99 -36.95 -3.97
N PHE F 234 -8.99 -37.75 -4.33
CA PHE F 234 -8.82 -38.99 -5.08
C PHE F 234 -9.12 -38.80 -6.56
N MET F 235 -8.81 -37.62 -7.10
CA MET F 235 -9.01 -37.36 -8.52
C MET F 235 -8.10 -38.26 -9.35
N PRO F 236 -8.49 -38.58 -10.60
CA PRO F 236 -7.64 -39.44 -11.43
C PRO F 236 -6.31 -38.84 -11.87
N LYS F 237 -6.29 -37.62 -12.39
CA LYS F 237 -5.05 -36.99 -12.88
C LYS F 237 -5.12 -35.49 -12.71
N PRO F 238 -4.84 -34.99 -11.50
CA PRO F 238 -5.00 -33.56 -11.21
C PRO F 238 -3.91 -32.68 -11.80
N LEU F 239 -2.95 -33.25 -12.53
CA LEU F 239 -1.69 -32.59 -12.82
C LEU F 239 -1.30 -32.89 -14.25
N PHE F 240 -0.03 -32.69 -14.57
CA PHE F 240 0.53 -33.11 -15.84
C PHE F 240 1.97 -33.58 -15.63
N GLY F 241 2.40 -34.51 -16.49
CA GLY F 241 3.79 -34.93 -16.51
C GLY F 241 4.24 -35.74 -15.32
N VAL F 242 3.34 -36.11 -14.41
CA VAL F 242 3.66 -36.97 -13.28
C VAL F 242 2.59 -38.05 -13.19
N ASN F 243 2.90 -39.11 -12.44
CA ASN F 243 2.06 -40.31 -12.38
C ASN F 243 0.62 -39.96 -12.04
N GLY F 244 -0.30 -40.81 -12.47
CA GLY F 244 -1.71 -40.63 -12.14
C GLY F 244 -1.99 -41.04 -10.70
N SER F 245 -3.28 -41.26 -10.44
CA SER F 245 -3.72 -41.85 -9.19
C SER F 245 -4.56 -43.07 -9.54
N GLY F 246 -4.13 -44.23 -9.08
CA GLY F 246 -4.77 -45.47 -9.46
C GLY F 246 -5.18 -46.36 -8.30
N MET F 247 -6.49 -46.57 -8.16
CA MET F 247 -7.02 -47.48 -7.15
C MET F 247 -6.80 -48.90 -7.67
N HIS F 248 -5.58 -49.40 -7.44
CA HIS F 248 -5.21 -50.75 -7.86
C HIS F 248 -6.22 -51.76 -7.35
N PHE F 249 -6.61 -52.70 -8.20
CA PHE F 249 -7.55 -53.74 -7.81
C PHE F 249 -6.83 -55.08 -7.85
N ASN F 250 -6.81 -55.78 -6.72
CA ASN F 250 -6.27 -57.12 -6.63
C ASN F 250 -7.43 -58.11 -6.52
N MET F 251 -7.41 -59.15 -7.36
CA MET F 251 -8.55 -60.04 -7.48
C MET F 251 -8.14 -61.50 -7.30
N SER F 252 -8.93 -62.23 -6.52
CA SER F 252 -8.83 -63.68 -6.43
C SER F 252 -10.15 -64.20 -5.88
N LEU F 253 -10.63 -65.31 -6.44
CA LEU F 253 -11.82 -65.97 -5.92
C LEU F 253 -11.40 -67.14 -5.04
N PHE F 254 -12.29 -67.56 -4.14
CA PHE F 254 -11.93 -68.52 -3.11
C PHE F 254 -12.89 -69.70 -3.10
N ASN F 255 -12.33 -70.89 -2.90
CA ASN F 255 -13.04 -72.15 -3.08
C ASN F 255 -12.52 -73.16 -2.06
N GLU F 256 -13.27 -73.36 -0.97
CA GLU F 256 -13.00 -74.42 0.01
C GLU F 256 -11.55 -74.39 0.52
N LYS F 257 -11.20 -73.28 1.15
CA LYS F 257 -9.88 -73.10 1.76
C LYS F 257 -8.77 -73.41 0.76
N GLY F 258 -8.73 -72.60 -0.29
CA GLY F 258 -7.67 -72.65 -1.27
C GLY F 258 -7.85 -71.54 -2.29
N ASN F 259 -6.78 -70.80 -2.58
CA ASN F 259 -6.87 -69.71 -3.55
C ASN F 259 -7.13 -70.31 -4.92
N ALA F 260 -8.28 -69.95 -5.50
CA ALA F 260 -8.74 -70.57 -6.74
C ALA F 260 -7.79 -70.29 -7.90
N PHE F 261 -6.71 -69.55 -7.65
CA PHE F 261 -5.72 -69.29 -8.68
C PHE F 261 -4.42 -70.05 -8.46
N PHE F 262 -4.10 -70.40 -7.21
CA PHE F 262 -2.90 -71.14 -6.86
C PHE F 262 -2.77 -72.42 -7.69
N ASP F 263 -1.55 -72.74 -8.10
CA ASP F 263 -1.21 -74.05 -8.67
C ASP F 263 0.16 -74.43 -8.08
N GLU F 264 0.15 -75.16 -6.96
CA GLU F 264 1.38 -75.42 -6.22
C GLU F 264 2.47 -76.06 -7.08
N SER F 265 2.10 -76.69 -8.21
CA SER F 265 3.08 -77.45 -8.99
C SER F 265 2.94 -77.20 -10.50
N GLY F 266 2.43 -76.04 -10.88
CA GLY F 266 2.39 -75.68 -12.29
C GLY F 266 3.72 -75.16 -12.75
N GLU F 267 3.70 -74.47 -13.89
CA GLU F 267 4.85 -73.67 -14.29
C GLU F 267 4.63 -72.19 -14.04
N LEU F 268 3.37 -71.73 -14.01
CA LEU F 268 3.05 -70.35 -13.71
C LEU F 268 2.22 -70.21 -12.44
N GLU F 269 2.08 -71.29 -11.65
CA GLU F 269 1.36 -71.28 -10.38
C GLU F 269 -0.05 -70.70 -10.51
N LEU F 270 -0.68 -70.88 -11.67
CA LEU F 270 -1.98 -70.29 -11.92
C LEU F 270 -2.95 -71.37 -12.40
N SER F 271 -4.24 -71.07 -12.25
CA SER F 271 -5.30 -72.01 -12.54
C SER F 271 -5.69 -71.96 -14.01
N GLN F 272 -6.26 -73.07 -14.49
CA GLN F 272 -6.96 -73.10 -15.76
C GLN F 272 -8.34 -72.46 -15.65
N THR F 273 -8.59 -71.77 -14.53
CA THR F 273 -9.68 -70.84 -14.37
C THR F 273 -9.21 -69.40 -14.27
N ALA F 274 -8.09 -69.18 -13.56
CA ALA F 274 -7.42 -67.88 -13.56
C ALA F 274 -7.10 -67.45 -14.99
N TYR F 275 -6.35 -68.28 -15.72
CA TYR F 275 -6.12 -68.02 -17.14
C TYR F 275 -7.42 -67.84 -17.90
N HIS F 276 -8.49 -68.50 -17.45
CA HIS F 276 -9.82 -68.25 -18.02
C HIS F 276 -10.44 -66.99 -17.46
N PHE F 277 -10.15 -66.66 -16.20
CA PHE F 277 -10.57 -65.40 -15.62
C PHE F 277 -9.84 -64.23 -16.27
N LEU F 278 -8.57 -64.43 -16.60
CA LEU F 278 -7.76 -63.38 -17.22
C LEU F 278 -8.35 -62.96 -18.56
N ALA F 279 -8.64 -63.93 -19.43
CA ALA F 279 -9.19 -63.62 -20.74
C ALA F 279 -10.67 -63.30 -20.70
N GLY F 280 -11.34 -63.59 -19.59
CA GLY F 280 -12.70 -63.09 -19.42
C GLY F 280 -12.76 -61.59 -19.57
N MET F 281 -11.83 -60.89 -18.91
CA MET F 281 -11.72 -59.44 -19.07
C MET F 281 -10.87 -59.07 -20.28
N LEU F 282 -9.80 -59.82 -20.54
CA LEU F 282 -8.76 -59.33 -21.44
C LEU F 282 -9.23 -59.18 -22.87
N LYS F 283 -10.30 -59.86 -23.26
CA LYS F 283 -10.96 -59.54 -24.52
C LYS F 283 -12.06 -58.51 -24.37
N HIS F 284 -12.44 -58.20 -23.12
CA HIS F 284 -13.64 -57.42 -22.81
C HIS F 284 -13.35 -56.00 -22.37
N ALA F 285 -12.09 -55.67 -22.04
CA ALA F 285 -11.76 -54.38 -21.43
C ALA F 285 -12.37 -53.22 -22.20
N ARG F 286 -12.22 -53.24 -23.52
CA ARG F 286 -12.76 -52.17 -24.35
C ARG F 286 -14.23 -51.91 -24.07
N GLY F 287 -14.93 -52.89 -23.52
CA GLY F 287 -16.34 -52.72 -23.24
C GLY F 287 -16.60 -51.93 -21.97
N TYR F 288 -15.95 -52.32 -20.87
CA TYR F 288 -16.41 -51.96 -19.54
C TYR F 288 -15.48 -50.95 -18.83
N THR F 289 -14.62 -50.26 -19.57
CA THR F 289 -13.82 -49.24 -18.89
C THR F 289 -14.67 -48.04 -18.48
N ALA F 290 -15.89 -47.92 -19.00
CA ALA F 290 -16.78 -46.82 -18.64
C ALA F 290 -17.23 -46.89 -17.19
N VAL F 291 -16.88 -47.95 -16.45
CA VAL F 291 -17.27 -48.10 -15.07
C VAL F 291 -16.07 -48.01 -14.13
N THR F 292 -14.94 -48.59 -14.50
CA THR F 292 -13.72 -48.46 -13.72
C THR F 292 -13.07 -47.09 -13.89
N ASN F 293 -13.52 -46.31 -14.86
CA ASN F 293 -13.00 -44.96 -15.12
C ASN F 293 -14.17 -44.09 -15.56
N PRO F 294 -15.06 -43.75 -14.63
CA PRO F 294 -16.32 -43.09 -15.02
C PRO F 294 -16.16 -41.66 -15.50
N THR F 295 -15.00 -41.03 -15.31
CA THR F 295 -14.82 -39.61 -15.56
C THR F 295 -14.12 -39.35 -16.87
N ILE F 296 -14.27 -38.13 -17.37
CA ILE F 296 -13.49 -37.69 -18.52
C ILE F 296 -12.03 -37.58 -18.14
N ASN F 297 -11.75 -37.02 -16.97
CA ASN F 297 -10.39 -36.90 -16.46
C ASN F 297 -9.71 -38.26 -16.34
N SER F 298 -10.48 -39.34 -16.29
CA SER F 298 -9.90 -40.67 -16.15
C SER F 298 -8.95 -41.01 -17.27
N PHE F 299 -9.16 -40.43 -18.46
CA PHE F 299 -8.45 -40.88 -19.65
C PHE F 299 -7.18 -40.08 -19.90
N LYS F 300 -7.12 -38.87 -19.37
CA LYS F 300 -5.87 -38.10 -19.38
C LYS F 300 -4.80 -38.78 -18.54
N ARG F 301 -5.20 -39.73 -17.68
CA ARG F 301 -4.29 -40.60 -16.94
C ARG F 301 -3.94 -41.85 -17.74
N LEU F 302 -4.89 -42.42 -18.47
CA LEU F 302 -4.66 -43.64 -19.24
C LEU F 302 -3.82 -43.28 -20.46
N VAL F 303 -2.57 -42.94 -20.18
CA VAL F 303 -1.56 -42.57 -21.17
C VAL F 303 -0.23 -43.19 -20.76
N PRO F 304 0.66 -43.42 -21.72
CA PRO F 304 1.90 -44.16 -21.41
C PRO F 304 2.78 -43.45 -20.38
N GLY F 305 3.80 -44.17 -19.94
CA GLY F 305 4.89 -43.63 -19.16
C GLY F 305 4.70 -43.50 -17.67
N TYR F 306 3.49 -43.15 -17.23
CA TYR F 306 3.24 -42.81 -15.83
C TYR F 306 2.65 -43.98 -15.06
N GLU F 307 3.04 -45.20 -15.43
CA GLU F 307 2.70 -46.44 -14.72
C GLU F 307 1.20 -46.69 -14.70
N ALA F 308 0.47 -46.15 -15.67
CA ALA F 308 -0.91 -46.54 -15.86
C ALA F 308 -1.04 -47.27 -17.19
N PRO F 309 -1.95 -48.24 -17.29
CA PRO F 309 -2.10 -48.98 -18.55
C PRO F 309 -2.61 -48.09 -19.66
N CYS F 310 -2.24 -48.45 -20.90
CA CYS F 310 -2.66 -47.73 -22.08
C CYS F 310 -3.35 -48.61 -23.11
N TYR F 311 -3.19 -49.93 -23.03
CA TYR F 311 -3.71 -50.84 -24.05
C TYR F 311 -4.30 -52.06 -23.35
N ILE F 312 -4.72 -53.05 -24.15
CA ILE F 312 -5.31 -54.28 -23.62
C ILE F 312 -4.32 -55.45 -23.77
N ALA F 313 -3.57 -55.71 -22.70
CA ALA F 313 -2.55 -56.76 -22.74
C ALA F 313 -2.26 -57.18 -21.29
N TRP F 314 -1.23 -58.01 -21.10
CA TRP F 314 -0.92 -58.47 -19.75
C TRP F 314 0.51 -58.96 -19.69
N SER F 315 0.99 -59.12 -18.47
CA SER F 315 2.19 -59.89 -18.14
C SER F 315 2.27 -59.98 -16.62
N GLY F 316 3.33 -60.61 -16.13
CA GLY F 316 3.52 -60.83 -14.70
C GLY F 316 4.66 -59.98 -14.16
N LYS F 317 4.51 -59.54 -12.91
CA LYS F 317 5.46 -58.68 -12.18
C LYS F 317 5.89 -57.46 -13.01
N ASN F 318 5.06 -57.09 -14.00
CA ASN F 318 5.32 -55.99 -14.91
C ASN F 318 4.12 -55.04 -14.83
N ARG F 319 4.41 -53.73 -14.80
CA ARG F 319 3.39 -52.75 -14.48
C ARG F 319 2.82 -51.98 -15.66
N SER F 320 3.47 -52.02 -16.82
CA SER F 320 2.83 -51.51 -18.03
C SER F 320 1.49 -52.17 -18.34
N PRO F 321 1.31 -53.49 -18.28
CA PRO F 321 0.11 -54.12 -18.85
C PRO F 321 -1.17 -53.81 -18.09
N LEU F 322 -2.28 -53.92 -18.83
CA LEU F 322 -3.60 -53.62 -18.26
C LEU F 322 -3.90 -54.50 -17.05
N VAL F 323 -3.36 -55.71 -17.00
CA VAL F 323 -3.48 -56.59 -15.85
C VAL F 323 -2.07 -57.07 -15.48
N ARG F 324 -1.58 -56.63 -14.32
CA ARG F 324 -0.31 -57.10 -13.80
C ARG F 324 -0.54 -58.30 -12.90
N VAL F 325 0.23 -59.37 -13.12
CA VAL F 325 0.19 -60.55 -12.28
C VAL F 325 1.36 -60.45 -11.30
N PRO F 326 1.11 -60.23 -10.01
CA PRO F 326 2.23 -60.05 -9.07
C PRO F 326 3.02 -61.34 -8.89
N SER F 327 4.35 -61.18 -8.85
CA SER F 327 5.24 -62.33 -8.81
C SER F 327 4.99 -63.23 -7.60
N SER F 328 4.47 -62.66 -6.50
CA SER F 328 4.22 -63.46 -5.30
C SER F 328 2.93 -64.25 -5.47
N ARG F 329 2.96 -65.53 -5.09
CA ARG F 329 1.79 -66.38 -5.18
C ARG F 329 1.28 -66.78 -3.80
N GLY F 330 2.09 -67.50 -3.02
CA GLY F 330 1.68 -68.06 -1.75
C GLY F 330 0.24 -68.54 -1.79
N LEU F 331 -0.53 -68.18 -0.76
CA LEU F 331 -1.97 -68.16 -0.89
C LEU F 331 -2.44 -66.88 -1.55
N SER F 332 -1.64 -65.83 -1.43
CA SER F 332 -2.03 -64.45 -1.75
C SER F 332 -2.07 -64.20 -3.24
N THR F 333 -2.08 -65.27 -4.03
CA THR F 333 -2.08 -65.16 -5.49
C THR F 333 -3.27 -64.32 -5.95
N ARG F 334 -3.05 -63.56 -7.03
CA ARG F 334 -3.96 -62.50 -7.45
C ARG F 334 -3.51 -62.00 -8.81
N LEU F 335 -4.45 -61.38 -9.54
CA LEU F 335 -4.14 -60.70 -10.78
C LEU F 335 -4.63 -59.25 -10.66
N GLU F 336 -3.70 -58.31 -10.82
CA GLU F 336 -3.92 -56.92 -10.42
C GLU F 336 -4.30 -56.11 -11.65
N LEU F 337 -5.60 -56.08 -11.96
CA LEU F 337 -6.11 -55.19 -12.99
C LEU F 337 -5.91 -53.75 -12.53
N ARG F 338 -4.94 -53.06 -13.12
CA ARG F 338 -4.47 -51.77 -12.62
C ARG F 338 -5.18 -50.59 -13.26
N SER F 339 -6.21 -50.83 -14.07
CA SER F 339 -6.87 -49.79 -14.85
C SER F 339 -8.08 -49.21 -14.14
N VAL F 340 -8.03 -49.12 -12.81
CA VAL F 340 -9.10 -48.50 -12.02
C VAL F 340 -8.48 -47.37 -11.23
N ASP F 341 -9.04 -46.17 -11.37
CA ASP F 341 -8.67 -45.06 -10.53
C ASP F 341 -9.78 -44.77 -9.53
N PRO F 342 -9.49 -44.09 -8.43
CA PRO F 342 -10.51 -43.93 -7.38
C PRO F 342 -11.57 -42.90 -7.71
N SER F 343 -12.05 -42.94 -8.96
CA SER F 343 -13.33 -42.34 -9.32
C SER F 343 -14.42 -43.38 -9.44
N ALA F 344 -14.04 -44.64 -9.68
CA ALA F 344 -15.00 -45.70 -9.90
C ALA F 344 -15.84 -45.94 -8.65
N ASN F 345 -17.09 -46.35 -8.89
CA ASN F 345 -17.96 -46.77 -7.80
C ASN F 345 -17.61 -48.20 -7.41
N PRO F 346 -17.17 -48.44 -6.16
CA PRO F 346 -16.57 -49.75 -5.82
C PRO F 346 -17.55 -50.91 -5.73
N TYR F 347 -18.86 -50.65 -5.67
CA TYR F 347 -19.81 -51.76 -5.70
C TYR F 347 -20.23 -52.14 -7.11
N LEU F 348 -20.03 -51.24 -8.08
CA LEU F 348 -20.31 -51.54 -9.48
C LEU F 348 -19.06 -51.83 -10.29
N ALA F 349 -17.89 -51.52 -9.76
CA ALA F 349 -16.65 -51.98 -10.39
C ALA F 349 -16.53 -53.49 -10.25
N MET F 350 -16.73 -54.01 -9.04
CA MET F 350 -16.67 -55.46 -8.82
C MET F 350 -17.76 -56.18 -9.59
N ALA F 351 -19.00 -55.65 -9.54
CA ALA F 351 -20.09 -56.25 -10.29
C ALA F 351 -19.72 -56.44 -11.75
N VAL F 352 -18.99 -55.49 -12.31
CA VAL F 352 -18.62 -55.55 -13.72
C VAL F 352 -17.47 -56.52 -13.95
N LEU F 353 -16.58 -56.70 -12.97
CA LEU F 353 -15.42 -57.56 -13.21
C LEU F 353 -15.79 -59.03 -13.07
N LEU F 354 -16.53 -59.39 -12.03
CA LEU F 354 -17.06 -60.75 -11.93
C LEU F 354 -17.83 -61.13 -13.18
N LYS F 355 -18.84 -60.32 -13.53
CA LYS F 355 -19.74 -60.63 -14.64
C LYS F 355 -18.98 -60.88 -15.93
N ALA F 356 -18.16 -59.93 -16.35
CA ALA F 356 -17.37 -60.13 -17.56
C ALA F 356 -16.14 -60.99 -17.33
N GLY F 357 -15.77 -61.23 -16.08
CA GLY F 357 -14.66 -62.11 -15.80
C GLY F 357 -15.09 -63.56 -15.69
N LEU F 358 -16.29 -63.81 -15.18
CA LEU F 358 -16.76 -65.17 -15.09
C LEU F 358 -17.55 -65.63 -16.32
N SER F 359 -17.57 -64.81 -17.37
CA SER F 359 -17.97 -65.26 -18.69
C SER F 359 -16.78 -65.82 -19.48
N GLY F 360 -15.63 -65.98 -18.84
CA GLY F 360 -14.44 -66.52 -19.47
C GLY F 360 -14.10 -67.91 -18.99
N ILE F 361 -14.85 -68.38 -17.99
CA ILE F 361 -14.84 -69.78 -17.60
C ILE F 361 -16.13 -70.48 -18.01
N LYS F 362 -17.27 -69.82 -17.80
CA LYS F 362 -18.56 -70.25 -18.35
C LYS F 362 -18.50 -70.35 -19.88
N ASP F 363 -17.43 -69.84 -20.51
CA ASP F 363 -17.20 -70.06 -21.92
C ASP F 363 -15.78 -70.56 -22.21
N GLU F 364 -14.93 -70.70 -21.19
CA GLU F 364 -13.58 -71.22 -21.34
C GLU F 364 -12.80 -70.52 -22.46
N LEU F 365 -12.55 -69.23 -22.23
CA LEU F 365 -11.73 -68.41 -23.13
C LEU F 365 -10.26 -68.61 -22.81
N THR F 366 -9.41 -68.28 -23.79
CA THR F 366 -7.96 -68.41 -23.62
C THR F 366 -7.26 -67.06 -23.76
N PRO F 367 -6.30 -66.76 -22.88
CA PRO F 367 -5.72 -65.41 -22.85
C PRO F 367 -4.66 -65.24 -23.92
N PRO F 368 -4.45 -64.00 -24.38
CA PRO F 368 -3.39 -63.73 -25.36
C PRO F 368 -2.00 -63.89 -24.76
N ALA F 369 -0.97 -63.61 -25.57
CA ALA F 369 0.41 -63.93 -25.19
C ALA F 369 0.96 -62.82 -24.30
N PRO F 370 1.50 -63.14 -23.11
CA PRO F 370 1.92 -62.09 -22.17
C PRO F 370 3.02 -61.22 -22.72
N VAL F 371 2.70 -59.95 -23.01
CA VAL F 371 3.66 -59.02 -23.60
C VAL F 371 4.65 -58.62 -22.50
N ASP F 372 5.81 -59.29 -22.47
CA ASP F 372 6.79 -59.11 -21.42
C ASP F 372 7.87 -58.12 -21.84
N ARG F 373 7.44 -56.88 -22.09
CA ARG F 373 8.35 -55.79 -22.39
C ARG F 373 7.73 -54.50 -21.87
N ASN F 374 8.34 -53.37 -22.19
CA ASN F 374 7.72 -52.08 -21.93
C ASN F 374 6.68 -51.87 -23.01
N ILE F 375 5.41 -52.15 -22.69
CA ILE F 375 4.34 -52.06 -23.66
C ILE F 375 4.29 -50.68 -24.29
N TYR F 376 4.60 -49.65 -23.51
CA TYR F 376 4.74 -48.31 -24.06
C TYR F 376 5.71 -48.29 -25.23
N GLY F 377 6.78 -49.07 -25.12
CA GLY F 377 7.80 -49.10 -26.15
C GLY F 377 7.51 -50.00 -27.33
N MET F 378 6.24 -50.24 -27.64
CA MET F 378 5.84 -50.97 -28.83
C MET F 378 5.37 -49.98 -29.88
N ASN F 379 5.66 -50.29 -31.14
CA ASN F 379 5.39 -49.36 -32.23
C ASN F 379 3.89 -49.35 -32.56
N GLU F 380 3.39 -48.18 -32.97
CA GLU F 380 1.96 -47.95 -33.13
C GLU F 380 1.29 -48.92 -34.11
N GLU F 381 2.06 -49.65 -34.90
CA GLU F 381 1.52 -50.77 -35.67
C GLU F 381 2.24 -52.08 -35.39
N GLU F 382 3.28 -52.06 -34.55
CA GLU F 382 3.89 -53.29 -34.05
C GLU F 382 3.24 -53.79 -32.77
N ARG F 383 2.13 -53.15 -32.35
CA ARG F 383 1.24 -53.73 -31.35
C ARG F 383 -0.15 -53.98 -31.91
N GLU F 384 -0.58 -53.26 -32.95
CA GLU F 384 -1.59 -53.83 -33.84
C GLU F 384 -1.14 -55.19 -34.33
N ALA F 385 0.18 -55.38 -34.47
CA ALA F 385 0.75 -56.68 -34.84
C ALA F 385 0.30 -57.78 -33.88
N THR F 386 0.64 -57.65 -32.60
CA THR F 386 0.31 -58.68 -31.63
C THR F 386 -1.18 -58.65 -31.25
N GLY F 387 -2.02 -57.95 -32.02
CA GLY F 387 -3.43 -57.96 -31.78
C GLY F 387 -3.88 -57.31 -30.48
N ILE F 388 -2.93 -56.89 -29.65
CA ILE F 388 -3.28 -56.04 -28.52
C ILE F 388 -3.81 -54.72 -29.05
N TYR F 389 -5.05 -54.39 -28.68
CA TYR F 389 -5.70 -53.17 -29.16
C TYR F 389 -5.48 -52.05 -28.14
N ASP F 390 -5.91 -50.85 -28.52
CA ASP F 390 -5.75 -49.69 -27.65
C ASP F 390 -7.01 -49.48 -26.82
N LEU F 391 -6.84 -49.35 -25.51
CA LEU F 391 -7.91 -48.98 -24.60
C LEU F 391 -8.58 -47.73 -25.15
N PRO F 392 -9.89 -47.57 -24.95
CA PRO F 392 -10.61 -46.46 -25.59
C PRO F 392 -10.00 -45.11 -25.26
N GLU F 393 -10.24 -44.15 -26.16
CA GLU F 393 -9.54 -42.87 -26.15
C GLU F 393 -10.21 -41.83 -25.27
N SER F 394 -11.48 -41.52 -25.56
CA SER F 394 -12.23 -40.52 -24.81
C SER F 394 -13.49 -41.15 -24.24
N LEU F 395 -13.98 -40.56 -23.14
CA LEU F 395 -15.11 -41.16 -22.44
C LEU F 395 -16.34 -41.26 -23.33
N GLY F 396 -16.48 -40.35 -24.31
CA GLY F 396 -17.53 -40.48 -25.29
C GLY F 396 -17.35 -41.66 -26.23
N HIS F 397 -16.11 -42.10 -26.44
CA HIS F 397 -15.87 -43.29 -27.25
C HIS F 397 -16.15 -44.58 -26.48
N ALA F 398 -15.90 -44.57 -25.17
CA ALA F 398 -16.11 -45.73 -24.34
C ALA F 398 -17.50 -45.77 -23.71
N LEU F 399 -18.37 -44.83 -24.05
CA LEU F 399 -19.80 -44.95 -23.80
C LEU F 399 -20.58 -45.40 -25.03
N ILE F 400 -19.91 -45.55 -26.17
CA ILE F 400 -20.43 -46.37 -27.25
C ILE F 400 -20.12 -47.84 -27.02
N GLU F 401 -18.84 -48.14 -26.75
CA GLU F 401 -18.38 -49.52 -26.62
C GLU F 401 -19.11 -50.27 -25.51
N LEU F 402 -19.44 -49.59 -24.42
CA LEU F 402 -20.24 -50.24 -23.38
C LEU F 402 -21.71 -50.29 -23.77
N GLU F 403 -22.21 -49.22 -24.40
CA GLU F 403 -23.57 -49.22 -24.90
C GLU F 403 -23.85 -50.42 -25.79
N LYS F 404 -22.82 -51.02 -26.39
CA LYS F 404 -22.93 -52.21 -27.23
C LYS F 404 -22.67 -53.50 -26.48
N ASN F 405 -21.72 -53.51 -25.56
CA ASN F 405 -21.42 -54.71 -24.80
C ASN F 405 -22.63 -55.10 -23.94
N GLU F 406 -22.83 -56.41 -23.79
CA GLU F 406 -24.06 -56.95 -23.24
C GLU F 406 -23.90 -57.73 -21.95
N ILE F 407 -22.79 -58.44 -21.74
CA ILE F 407 -22.53 -59.08 -20.45
C ILE F 407 -22.57 -58.06 -19.33
N ILE F 408 -21.93 -56.91 -19.52
CA ILE F 408 -21.88 -55.91 -18.48
C ILE F 408 -23.01 -54.88 -18.56
N LYS F 409 -23.67 -54.75 -19.72
CA LYS F 409 -24.96 -54.08 -19.75
C LYS F 409 -25.97 -54.82 -18.88
N ASP F 410 -25.76 -56.12 -18.66
CA ASP F 410 -26.69 -56.93 -17.91
C ASP F 410 -26.27 -57.18 -16.46
N GLY F 411 -24.98 -57.03 -16.13
CA GLY F 411 -24.55 -57.16 -14.76
C GLY F 411 -24.53 -55.83 -14.05
N LEU F 412 -25.21 -54.86 -14.64
CA LEU F 412 -25.27 -53.49 -14.16
C LEU F 412 -26.69 -53.06 -13.87
N GLY F 413 -27.62 -54.02 -13.79
CA GLY F 413 -29.03 -53.71 -13.69
C GLY F 413 -29.56 -53.06 -14.95
N GLU F 414 -30.87 -52.94 -15.06
CA GLU F 414 -31.47 -52.19 -16.16
C GLU F 414 -31.68 -50.73 -15.78
N HIS F 415 -31.64 -50.42 -14.49
CA HIS F 415 -31.89 -49.09 -13.94
C HIS F 415 -30.63 -48.27 -13.79
N ILE F 416 -29.52 -48.89 -13.43
CA ILE F 416 -28.24 -48.17 -13.44
C ILE F 416 -27.85 -47.81 -14.86
N PHE F 417 -27.81 -48.80 -15.76
CA PHE F 417 -27.51 -48.46 -17.14
C PHE F 417 -28.51 -47.47 -17.72
N GLU F 418 -29.77 -47.55 -17.31
CA GLU F 418 -30.73 -46.54 -17.76
C GLU F 418 -30.35 -45.16 -17.23
N HIS F 419 -29.92 -45.10 -15.96
CA HIS F 419 -29.68 -43.82 -15.30
C HIS F 419 -28.20 -43.53 -15.05
N PHE F 420 -27.28 -44.40 -15.47
CA PHE F 420 -25.86 -44.06 -15.47
C PHE F 420 -25.37 -43.59 -16.82
N ILE F 421 -26.05 -44.00 -17.89
CA ILE F 421 -25.64 -43.54 -19.22
C ILE F 421 -26.16 -42.13 -19.49
N GLU F 422 -27.30 -41.75 -18.91
CA GLU F 422 -27.73 -40.36 -19.05
C GLU F 422 -26.80 -39.43 -18.28
N ALA F 423 -26.29 -39.90 -17.13
CA ALA F 423 -25.39 -39.09 -16.32
C ALA F 423 -24.09 -38.81 -17.07
N LYS F 424 -23.35 -39.85 -17.43
CA LYS F 424 -22.05 -39.65 -18.06
C LYS F 424 -22.18 -39.17 -19.51
N THR F 425 -23.38 -39.03 -20.05
CA THR F 425 -23.55 -38.35 -21.33
C THR F 425 -23.92 -36.88 -21.17
N ILE F 426 -24.50 -36.49 -20.04
CA ILE F 426 -24.50 -35.07 -19.69
C ILE F 426 -23.21 -34.68 -18.99
N GLU F 427 -22.54 -35.64 -18.35
CA GLU F 427 -21.21 -35.43 -17.77
C GLU F 427 -20.10 -35.51 -18.81
N CYS F 428 -20.47 -35.57 -20.09
CA CYS F 428 -19.55 -35.38 -21.19
C CYS F 428 -20.06 -34.33 -22.16
N ASP F 429 -21.34 -33.94 -22.05
CA ASP F 429 -21.91 -32.93 -22.94
C ASP F 429 -21.28 -31.57 -22.71
N MET F 430 -21.13 -31.17 -21.45
CA MET F 430 -20.53 -29.89 -21.08
C MET F 430 -19.14 -29.76 -21.68
N PHE F 431 -18.24 -30.66 -21.27
CA PHE F 431 -16.85 -30.77 -21.71
C PHE F 431 -16.70 -30.49 -23.20
N ARG F 432 -17.55 -31.11 -24.01
CA ARG F 432 -17.41 -30.97 -25.45
C ARG F 432 -17.77 -29.56 -25.91
N THR F 433 -18.77 -28.94 -25.28
CA THR F 433 -19.24 -27.65 -25.76
C THR F 433 -18.52 -26.48 -25.10
N ALA F 434 -17.62 -26.75 -24.16
CA ALA F 434 -16.92 -25.71 -23.43
C ALA F 434 -15.77 -25.12 -24.25
N VAL F 435 -15.26 -23.99 -23.78
CA VAL F 435 -13.95 -23.49 -24.15
C VAL F 435 -13.15 -23.31 -22.86
N HIS F 436 -11.99 -23.93 -22.80
CA HIS F 436 -11.05 -23.86 -21.70
C HIS F 436 -9.91 -22.93 -22.06
N PRO F 437 -9.27 -22.28 -21.09
CA PRO F 437 -8.12 -21.40 -21.42
C PRO F 437 -7.01 -22.07 -22.22
N TRP F 438 -7.04 -23.40 -22.39
CA TRP F 438 -6.10 -24.04 -23.33
C TRP F 438 -6.35 -23.56 -24.75
N GLU F 439 -7.60 -23.25 -25.09
CA GLU F 439 -7.99 -22.93 -26.45
C GLU F 439 -7.84 -21.44 -26.76
N ARG F 440 -7.94 -20.59 -25.75
CA ARG F 440 -7.61 -19.19 -25.92
C ARG F 440 -6.11 -19.02 -26.09
N GLU F 441 -5.31 -19.81 -25.35
CA GLU F 441 -3.86 -19.71 -25.43
C GLU F 441 -3.31 -20.32 -26.71
N GLN F 442 -4.03 -21.22 -27.36
CA GLN F 442 -3.53 -21.87 -28.56
C GLN F 442 -4.06 -21.26 -29.85
N TYR F 443 -5.04 -20.35 -29.77
CA TYR F 443 -5.64 -19.83 -31.00
C TYR F 443 -5.85 -18.33 -31.07
N LEU F 444 -5.96 -17.61 -29.95
CA LEU F 444 -6.47 -16.23 -30.00
C LEU F 444 -5.54 -15.27 -30.73
N GLU F 445 -4.34 -15.06 -30.18
CA GLU F 445 -3.41 -14.13 -30.80
C GLU F 445 -3.00 -14.60 -32.19
N ILE F 446 -2.81 -15.90 -32.36
CA ILE F 446 -2.13 -16.41 -33.54
C ILE F 446 -3.09 -16.55 -34.72
N TYR F 447 -4.33 -16.98 -34.47
CA TYR F 447 -5.33 -17.02 -35.54
C TYR F 447 -6.18 -15.75 -35.52
N LYS G 6 -4.15 -7.88 -68.43
CA LYS G 6 -3.04 -8.33 -67.62
C LYS G 6 -2.13 -7.16 -67.22
N TYR G 7 -1.17 -7.44 -66.34
CA TYR G 7 -0.09 -6.51 -66.01
C TYR G 7 1.21 -7.06 -66.56
N THR G 8 2.02 -6.20 -67.19
CA THR G 8 3.34 -6.60 -67.68
C THR G 8 4.43 -6.00 -66.80
N LYS G 9 5.66 -6.48 -67.00
CA LYS G 9 6.78 -6.07 -66.15
C LYS G 9 7.13 -4.59 -66.33
N GLU G 10 7.20 -4.12 -67.58
CA GLU G 10 7.67 -2.77 -67.87
C GLU G 10 6.80 -1.70 -67.25
N ASP G 11 5.71 -2.11 -66.59
CA ASP G 11 4.80 -1.19 -65.92
C ASP G 11 4.88 -1.23 -64.40
N ILE G 12 5.46 -2.29 -63.83
CA ILE G 12 5.67 -2.34 -62.39
C ILE G 12 6.61 -1.22 -61.95
N PHE G 13 7.64 -0.93 -62.75
CA PHE G 13 8.54 0.16 -62.45
C PHE G 13 7.87 1.50 -62.75
N ARG G 14 6.99 1.52 -63.77
CA ARG G 14 6.13 2.68 -63.98
C ARG G 14 5.36 3.01 -62.71
N PHE G 15 4.88 1.99 -61.99
CA PHE G 15 4.26 2.23 -60.69
C PHE G 15 5.29 2.52 -59.61
N ALA G 16 6.39 1.76 -59.58
CA ALA G 16 7.41 1.96 -58.57
C ALA G 16 7.98 3.38 -58.63
N ASP G 17 8.39 3.81 -59.82
CA ASP G 17 9.04 5.11 -59.95
C ASP G 17 8.03 6.25 -59.81
N GLU G 18 6.81 6.07 -60.32
CA GLU G 18 5.78 7.09 -60.20
C GLU G 18 5.39 7.33 -58.75
N GLN G 19 4.79 6.32 -58.12
CA GLN G 19 4.23 6.48 -56.78
C GLN G 19 5.29 6.65 -55.71
N ASN G 20 6.57 6.55 -56.08
CA ASN G 20 7.70 6.59 -55.15
C ASN G 20 7.48 5.66 -53.95
N VAL G 21 7.07 4.43 -54.26
CA VAL G 21 7.13 3.37 -53.27
C VAL G 21 8.59 3.19 -52.86
N LYS G 22 8.80 2.66 -51.66
CA LYS G 22 10.15 2.47 -51.16
C LYS G 22 10.49 1.03 -50.81
N PHE G 23 9.50 0.14 -50.67
CA PHE G 23 9.78 -1.23 -50.28
C PHE G 23 8.78 -2.15 -50.94
N ILE G 24 9.19 -3.40 -51.15
CA ILE G 24 8.34 -4.42 -51.75
C ILE G 24 8.37 -5.64 -50.83
N ARG G 25 7.20 -6.00 -50.30
CA ARG G 25 7.03 -7.14 -49.42
C ARG G 25 6.51 -8.31 -50.24
N LEU G 26 7.32 -9.36 -50.38
CA LEU G 26 6.89 -10.58 -51.07
C LEU G 26 6.16 -11.47 -50.06
N GLN G 27 4.87 -11.64 -50.26
CA GLN G 27 4.04 -12.41 -49.35
C GLN G 27 3.55 -13.70 -49.98
N PHE G 28 3.36 -14.71 -49.14
CA PHE G 28 2.70 -15.95 -49.53
C PHE G 28 2.01 -16.52 -48.30
N THR G 29 1.13 -17.48 -48.53
CA THR G 29 0.44 -18.18 -47.46
C THR G 29 0.99 -19.60 -47.36
N ASP G 30 1.13 -20.10 -46.13
CA ASP G 30 1.62 -21.46 -45.93
C ASP G 30 0.43 -22.43 -45.87
N ILE G 31 0.67 -23.69 -45.49
CA ILE G 31 -0.43 -24.65 -45.49
C ILE G 31 -1.41 -24.45 -44.34
N LEU G 32 -1.11 -23.56 -43.39
CA LEU G 32 -1.96 -23.35 -42.23
C LEU G 32 -2.79 -22.07 -42.35
N GLY G 33 -3.02 -21.57 -43.57
CA GLY G 33 -3.69 -20.30 -43.73
C GLY G 33 -2.91 -19.11 -43.22
N ILE G 34 -1.64 -19.30 -42.87
CA ILE G 34 -0.82 -18.27 -42.26
C ILE G 34 -0.08 -17.52 -43.36
N ILE G 35 -0.07 -16.20 -43.27
CA ILE G 35 0.60 -15.36 -44.26
C ILE G 35 1.98 -14.99 -43.76
N LYS G 36 2.99 -15.28 -44.57
CA LYS G 36 4.38 -14.94 -44.29
C LYS G 36 4.92 -14.11 -45.45
N ASN G 37 5.69 -13.07 -45.14
CA ASN G 37 6.21 -12.19 -46.17
C ASN G 37 7.60 -11.72 -45.80
N VAL G 38 8.27 -11.10 -46.78
CA VAL G 38 9.66 -10.68 -46.62
C VAL G 38 9.84 -9.31 -47.26
N GLU G 39 10.51 -8.41 -46.55
CA GLU G 39 10.64 -7.01 -46.95
C GLU G 39 11.96 -6.81 -47.68
N ILE G 40 11.89 -6.39 -48.95
CA ILE G 40 13.07 -5.97 -49.68
C ILE G 40 12.87 -4.51 -50.05
N PRO G 41 13.95 -3.78 -50.31
CA PRO G 41 13.81 -2.38 -50.74
C PRO G 41 13.28 -2.32 -52.17
N VAL G 42 12.98 -1.10 -52.61
CA VAL G 42 12.89 -0.86 -54.04
C VAL G 42 14.20 -1.23 -54.71
N SER G 43 15.28 -1.24 -53.93
CA SER G 43 16.63 -1.50 -54.42
C SER G 43 16.81 -2.93 -54.94
N GLN G 44 15.83 -3.81 -54.76
CA GLN G 44 15.90 -5.18 -55.28
C GLN G 44 14.69 -5.51 -56.14
N LEU G 45 14.07 -4.50 -56.74
CA LEU G 45 12.88 -4.74 -57.56
C LEU G 45 13.23 -5.41 -58.87
N LYS G 46 14.39 -5.04 -59.46
CA LYS G 46 14.86 -5.72 -60.67
C LYS G 46 15.28 -7.16 -60.43
N LYS G 47 15.28 -7.62 -59.18
CA LYS G 47 15.59 -8.99 -58.84
C LYS G 47 14.35 -9.82 -58.54
N ALA G 48 13.34 -9.22 -57.91
CA ALA G 48 12.11 -9.93 -57.59
C ALA G 48 11.39 -10.39 -58.85
N LEU G 49 11.16 -9.46 -59.80
CA LEU G 49 10.46 -9.81 -61.02
C LEU G 49 11.24 -10.74 -61.92
N ASP G 50 12.58 -10.77 -61.81
CA ASP G 50 13.37 -11.78 -62.50
C ASP G 50 13.16 -13.18 -61.93
N ASN G 51 12.28 -13.34 -60.94
CA ASN G 51 11.96 -14.60 -60.30
C ASN G 51 13.15 -15.20 -59.56
N LYS G 52 14.27 -14.48 -59.48
CA LYS G 52 15.53 -15.02 -58.98
C LYS G 52 15.69 -14.88 -57.46
N ILE G 53 14.59 -14.78 -56.73
CA ILE G 53 14.61 -14.59 -55.28
C ILE G 53 14.09 -15.85 -54.61
N MET G 54 14.75 -16.27 -53.53
CA MET G 54 14.42 -17.52 -52.85
C MET G 54 14.64 -17.36 -51.34
N PHE G 55 14.23 -18.38 -50.59
CA PHE G 55 14.14 -18.27 -49.13
C PHE G 55 14.51 -19.59 -48.50
N ASP G 56 14.18 -19.73 -47.22
CA ASP G 56 14.42 -20.94 -46.44
C ASP G 56 13.14 -21.77 -46.43
N GLY G 57 13.19 -22.94 -47.06
CA GLY G 57 12.00 -23.76 -47.17
C GLY G 57 11.67 -24.57 -45.94
N SER G 58 12.63 -24.79 -45.04
CA SER G 58 12.41 -25.59 -43.85
C SER G 58 11.81 -24.80 -42.70
N SER G 59 11.48 -23.53 -42.91
CA SER G 59 10.94 -22.68 -41.86
C SER G 59 9.45 -22.42 -41.98
N ILE G 60 8.91 -22.51 -43.18
CA ILE G 60 7.49 -22.24 -43.41
C ILE G 60 6.69 -23.49 -43.12
N GLU G 61 5.68 -23.36 -42.28
CA GLU G 61 4.96 -24.50 -41.72
C GLU G 61 4.27 -25.36 -42.77
N GLY G 62 4.78 -26.57 -42.96
CA GLY G 62 4.15 -27.56 -43.81
C GLY G 62 4.70 -27.69 -45.22
N PHE G 63 5.84 -27.08 -45.51
CA PHE G 63 6.30 -26.99 -46.90
C PHE G 63 7.22 -28.13 -47.30
N VAL G 64 8.41 -28.19 -46.70
CA VAL G 64 9.50 -29.02 -47.20
C VAL G 64 10.48 -29.24 -46.07
N ARG G 65 11.30 -30.27 -46.18
CA ARG G 65 12.19 -30.63 -45.10
C ARG G 65 13.48 -29.82 -45.19
N ILE G 66 14.36 -30.04 -44.21
CA ILE G 66 15.58 -29.25 -44.10
C ILE G 66 16.59 -29.64 -45.15
N GLU G 67 16.47 -30.84 -45.74
CA GLU G 67 17.52 -31.35 -46.62
C GLU G 67 17.54 -30.64 -47.98
N GLU G 68 16.38 -30.20 -48.48
CA GLU G 68 16.29 -29.41 -49.70
C GLU G 68 15.53 -28.13 -49.45
N SER G 69 15.95 -27.40 -48.41
CA SER G 69 15.22 -26.22 -47.95
C SER G 69 15.03 -25.19 -49.05
N ASP G 70 16.14 -24.76 -49.68
CA ASP G 70 16.12 -23.62 -50.61
C ASP G 70 15.02 -23.75 -51.66
N MET G 71 14.18 -22.72 -51.76
CA MET G 71 13.04 -22.72 -52.67
C MET G 71 12.80 -21.30 -53.18
N TYR G 72 12.49 -21.18 -54.47
CA TYR G 72 12.37 -19.89 -55.12
C TYR G 72 11.00 -19.27 -54.92
N LEU G 73 10.98 -17.93 -54.94
CA LEU G 73 9.75 -17.13 -54.90
C LEU G 73 9.51 -16.53 -56.28
N PHE G 74 8.33 -16.78 -56.85
CA PHE G 74 7.96 -16.23 -58.15
C PHE G 74 6.75 -15.32 -58.01
N PRO G 75 6.87 -14.03 -58.33
CA PRO G 75 5.77 -13.10 -58.05
C PRO G 75 4.72 -13.08 -59.15
N ASP G 76 3.46 -13.06 -58.73
CA ASP G 76 2.36 -12.72 -59.63
C ASP G 76 2.32 -11.20 -59.77
N LEU G 77 2.44 -10.72 -61.00
CA LEU G 77 2.53 -9.29 -61.24
C LEU G 77 1.25 -8.56 -60.85
N ASP G 78 0.10 -9.19 -61.05
CA ASP G 78 -1.19 -8.51 -60.93
C ASP G 78 -1.60 -8.28 -59.48
N THR G 79 -0.90 -8.85 -58.51
CA THR G 79 -1.22 -8.66 -57.11
C THR G 79 -0.44 -7.51 -56.47
N TRP G 80 0.14 -6.63 -57.29
CA TRP G 80 0.74 -5.41 -56.76
C TRP G 80 -0.34 -4.47 -56.27
N VAL G 81 -0.20 -4.02 -55.03
CA VAL G 81 -1.03 -2.94 -54.49
C VAL G 81 -0.24 -2.30 -53.36
N VAL G 82 -0.24 -0.97 -53.33
CA VAL G 82 0.61 -0.23 -52.41
C VAL G 82 -0.08 -0.13 -51.06
N PHE G 83 0.63 -0.55 -50.01
CA PHE G 83 0.13 -0.44 -48.65
C PHE G 83 -0.14 1.05 -48.34
N PRO G 84 -1.38 1.45 -48.07
CA PRO G 84 -1.65 2.86 -47.80
C PRO G 84 -1.14 3.36 -46.45
N TRP G 85 -0.67 2.47 -45.58
CA TRP G 85 -0.35 2.86 -44.20
C TRP G 85 1.14 3.14 -43.99
N THR G 86 1.80 3.70 -45.00
CA THR G 86 3.19 4.17 -44.86
C THR G 86 3.36 5.43 -45.73
N ALA G 87 3.35 6.60 -45.08
CA ALA G 87 3.56 7.86 -45.78
C ALA G 87 4.98 7.96 -46.33
N GLU G 88 5.31 9.08 -47.00
CA GLU G 88 6.46 9.20 -47.88
C GLU G 88 7.72 8.46 -47.42
N LYS G 89 8.08 8.59 -46.13
CA LYS G 89 9.32 8.02 -45.61
C LYS G 89 9.58 6.57 -46.05
N GLY G 90 8.61 5.69 -45.85
CA GLY G 90 8.86 4.28 -46.09
C GLY G 90 7.81 3.53 -46.88
N LYS G 91 7.26 4.16 -47.92
CA LYS G 91 6.14 3.64 -48.69
C LYS G 91 6.31 2.15 -49.00
N VAL G 92 5.25 1.38 -48.75
CA VAL G 92 5.29 -0.07 -48.85
C VAL G 92 4.41 -0.52 -50.00
N ALA G 93 4.96 -1.34 -50.88
CA ALA G 93 4.20 -2.11 -51.85
C ALA G 93 4.30 -3.59 -51.46
N ARG G 94 3.62 -4.43 -52.22
CA ARG G 94 3.68 -5.86 -52.00
C ARG G 94 3.24 -6.57 -53.27
N MET G 95 3.63 -7.84 -53.36
CA MET G 95 3.10 -8.75 -54.37
C MET G 95 2.99 -10.13 -53.74
N ILE G 96 2.09 -10.94 -54.28
CA ILE G 96 1.88 -12.30 -53.82
C ILE G 96 2.65 -13.23 -54.73
N CYS G 97 3.78 -13.73 -54.23
CA CYS G 97 4.59 -14.67 -54.99
C CYS G 97 4.03 -16.08 -54.82
N ASP G 98 4.37 -16.94 -55.76
CA ASP G 98 4.10 -18.36 -55.65
C ASP G 98 5.42 -19.11 -55.47
N ILE G 99 5.31 -20.31 -54.89
CA ILE G 99 6.49 -21.08 -54.54
C ILE G 99 6.93 -21.89 -55.75
N TYR G 100 8.22 -21.84 -56.05
CA TYR G 100 8.84 -22.72 -57.01
C TYR G 100 9.99 -23.47 -56.36
N ASN G 101 10.34 -24.61 -56.95
CA ASN G 101 11.39 -25.47 -56.44
C ASN G 101 12.71 -24.84 -56.88
N PRO G 102 13.86 -25.34 -56.43
CA PRO G 102 15.12 -24.83 -56.99
C PRO G 102 15.33 -25.17 -58.45
N ASP G 103 14.64 -26.19 -58.98
CA ASP G 103 14.71 -26.56 -60.39
C ASP G 103 13.85 -25.67 -61.27
N MET G 104 13.15 -24.69 -60.70
CA MET G 104 12.30 -23.71 -61.36
C MET G 104 10.99 -24.30 -61.87
N THR G 105 10.74 -25.62 -61.66
CA THR G 105 9.39 -26.16 -61.76
C THR G 105 8.64 -25.91 -60.45
N PRO G 106 7.28 -25.89 -60.47
CA PRO G 106 6.53 -25.51 -59.25
C PRO G 106 6.55 -26.57 -58.17
N PHE G 107 5.77 -26.34 -57.11
CA PHE G 107 5.84 -27.08 -55.87
C PHE G 107 4.45 -27.56 -55.47
N ALA G 108 4.36 -28.81 -55.02
CA ALA G 108 3.08 -29.42 -54.69
C ALA G 108 2.58 -29.09 -53.29
N GLY G 109 3.33 -28.29 -52.52
CA GLY G 109 2.91 -27.94 -51.18
C GLY G 109 2.30 -26.56 -51.08
N ASP G 110 2.68 -25.69 -52.00
CA ASP G 110 2.12 -24.34 -52.06
C ASP G 110 0.65 -24.41 -52.43
N PRO G 111 -0.28 -24.06 -51.53
CA PRO G 111 -1.70 -24.17 -51.86
C PRO G 111 -2.13 -23.23 -52.98
N ARG G 112 -1.41 -22.13 -53.18
CA ARG G 112 -1.83 -21.18 -54.20
C ARG G 112 -1.82 -21.81 -55.59
N ALA G 113 -0.86 -22.70 -55.85
CA ALA G 113 -0.86 -23.45 -57.09
C ALA G 113 -1.84 -24.61 -57.06
N ASN G 114 -2.11 -25.16 -55.87
CA ASN G 114 -3.09 -26.23 -55.74
C ASN G 114 -4.43 -25.84 -56.32
N LEU G 115 -4.96 -24.68 -55.91
CA LEU G 115 -6.16 -24.16 -56.55
C LEU G 115 -5.91 -23.86 -58.02
N LYS G 116 -4.77 -23.26 -58.34
CA LYS G 116 -4.41 -23.00 -59.73
C LYS G 116 -4.42 -24.28 -60.57
N ARG G 117 -4.35 -25.45 -59.94
CA ARG G 117 -4.46 -26.74 -60.59
C ARG G 117 -5.91 -27.21 -60.68
N VAL G 118 -6.63 -27.14 -59.57
CA VAL G 118 -8.02 -27.59 -59.53
C VAL G 118 -8.89 -26.70 -60.40
N LEU G 119 -8.42 -25.49 -60.73
CA LEU G 119 -9.21 -24.55 -61.53
C LEU G 119 -9.18 -24.87 -63.02
N LYS G 120 -8.14 -25.54 -63.52
CA LYS G 120 -8.12 -25.92 -64.93
C LYS G 120 -9.00 -27.12 -65.21
N GLU G 121 -9.81 -27.54 -64.23
CA GLU G 121 -10.74 -28.64 -64.38
C GLU G 121 -12.17 -28.17 -64.59
N MET G 122 -12.41 -26.86 -64.59
CA MET G 122 -13.61 -26.30 -65.19
C MET G 122 -13.33 -25.65 -66.54
N GLU G 123 -12.06 -25.35 -66.85
CA GLU G 123 -11.66 -25.12 -68.23
C GLU G 123 -11.91 -26.36 -69.09
N GLU G 124 -12.14 -27.52 -68.47
CA GLU G 124 -12.48 -28.74 -69.20
C GLU G 124 -13.92 -29.18 -68.94
N LEU G 125 -14.75 -28.29 -68.41
CA LEU G 125 -16.20 -28.47 -68.38
C LEU G 125 -16.97 -27.24 -68.84
N GLY G 126 -16.30 -26.10 -69.07
CA GLY G 126 -16.95 -24.91 -69.58
C GLY G 126 -17.36 -23.89 -68.54
N PHE G 127 -16.44 -23.47 -67.69
CA PHE G 127 -16.72 -22.42 -66.70
C PHE G 127 -15.56 -21.44 -66.67
N THR G 128 -15.79 -20.23 -67.21
CA THR G 128 -14.74 -19.22 -67.24
C THR G 128 -14.29 -18.82 -65.84
N GLU G 129 -15.17 -18.92 -64.85
CA GLU G 129 -14.93 -18.37 -63.53
C GLU G 129 -15.57 -19.24 -62.46
N PHE G 130 -14.91 -19.30 -61.30
CA PHE G 130 -15.47 -19.88 -60.08
C PHE G 130 -15.44 -18.77 -59.04
N ASN G 131 -16.59 -18.10 -58.88
CA ASN G 131 -16.63 -16.91 -58.05
C ASN G 131 -16.75 -17.27 -56.58
N LEU G 132 -16.16 -16.42 -55.73
CA LEU G 132 -16.27 -16.56 -54.28
C LEU G 132 -16.25 -15.18 -53.67
N GLY G 133 -17.29 -14.86 -52.90
CA GLY G 133 -17.27 -13.69 -52.06
C GLY G 133 -17.61 -14.04 -50.63
N PRO G 134 -16.63 -13.91 -49.72
CA PRO G 134 -16.81 -14.38 -48.35
C PRO G 134 -17.41 -13.30 -47.45
N GLU G 135 -17.85 -13.74 -46.27
CA GLU G 135 -18.19 -12.86 -45.17
C GLU G 135 -17.37 -13.30 -43.96
N PRO G 136 -16.12 -12.86 -43.88
CA PRO G 136 -15.27 -13.24 -42.73
C PRO G 136 -15.58 -12.39 -41.52
N GLU G 137 -16.17 -13.01 -40.50
CA GLU G 137 -16.59 -12.33 -39.28
C GLU G 137 -15.51 -12.50 -38.21
N PHE G 138 -15.31 -11.45 -37.40
CA PHE G 138 -14.24 -11.43 -36.42
C PHE G 138 -14.73 -10.83 -35.11
N PHE G 139 -13.93 -10.99 -34.05
CA PHE G 139 -14.20 -10.42 -32.74
C PHE G 139 -13.08 -9.46 -32.35
N LEU G 140 -13.43 -8.45 -31.56
CA LEU G 140 -12.52 -7.37 -31.17
C LEU G 140 -12.26 -7.42 -29.67
N PHE G 141 -11.09 -7.93 -29.29
CA PHE G 141 -10.70 -7.95 -27.88
C PHE G 141 -9.91 -6.69 -27.53
N LYS G 142 -9.92 -6.35 -26.25
CA LYS G 142 -9.16 -5.21 -25.77
C LYS G 142 -7.70 -5.58 -25.53
N LEU G 143 -6.83 -4.61 -25.76
CA LEU G 143 -5.43 -4.68 -25.35
C LEU G 143 -5.26 -4.12 -23.94
N ASP G 144 -4.21 -4.58 -23.28
CA ASP G 144 -3.83 -4.03 -21.98
C ASP G 144 -2.98 -2.78 -22.16
N GLU G 145 -2.31 -2.34 -21.09
CA GLU G 145 -1.36 -1.24 -21.19
C GLU G 145 -0.01 -1.68 -21.72
N ASN G 146 0.23 -2.98 -21.83
CA ASN G 146 1.51 -3.49 -22.35
C ASN G 146 1.30 -4.25 -23.66
N ARG G 147 0.30 -3.83 -24.43
CA ARG G 147 0.15 -4.16 -25.85
C ARG G 147 0.24 -5.67 -26.10
N ARG G 148 -0.69 -6.40 -25.48
CA ARG G 148 -0.88 -7.84 -25.58
C ARG G 148 -2.32 -8.20 -25.24
N PRO G 149 -2.98 -9.02 -26.06
CA PRO G 149 -4.44 -9.11 -26.00
C PRO G 149 -4.95 -9.62 -24.67
N THR G 150 -6.07 -9.05 -24.21
CA THR G 150 -6.70 -9.42 -22.95
C THR G 150 -8.10 -9.98 -23.22
N LEU G 151 -8.85 -10.18 -22.12
CA LEU G 151 -10.03 -11.02 -22.07
C LEU G 151 -11.35 -10.28 -22.32
N GLU G 152 -11.39 -8.97 -22.15
CA GLU G 152 -12.64 -8.23 -22.31
C GLU G 152 -12.91 -7.93 -23.77
N LEU G 153 -14.16 -7.60 -24.07
CA LEU G 153 -14.62 -7.35 -25.43
C LEU G 153 -14.97 -5.87 -25.57
N ASN G 154 -14.63 -5.29 -26.73
CA ASN G 154 -14.65 -3.83 -26.84
C ASN G 154 -16.03 -3.28 -26.50
N ASP G 155 -17.06 -3.72 -27.21
CA ASP G 155 -18.43 -3.44 -26.81
C ASP G 155 -19.09 -4.75 -26.37
N SER G 156 -20.35 -4.64 -25.98
CA SER G 156 -21.16 -5.82 -25.71
C SER G 156 -22.58 -5.64 -26.25
N GLY G 157 -22.67 -5.20 -27.51
CA GLY G 157 -23.94 -5.10 -28.21
C GLY G 157 -24.31 -6.37 -28.95
N GLY G 158 -25.23 -6.23 -29.90
CA GLY G 158 -25.74 -7.37 -30.66
C GLY G 158 -25.82 -7.15 -32.16
N TYR G 159 -26.47 -8.06 -32.88
CA TYR G 159 -26.49 -7.99 -34.34
C TYR G 159 -27.07 -6.68 -34.82
N PHE G 160 -26.28 -5.98 -35.65
CA PHE G 160 -26.71 -4.78 -36.36
C PHE G 160 -26.87 -3.56 -35.44
N ASP G 161 -26.13 -3.50 -34.34
CA ASP G 161 -26.33 -2.45 -33.37
C ASP G 161 -25.79 -1.11 -33.89
N LEU G 162 -25.77 -0.11 -33.00
CA LEU G 162 -25.47 1.27 -33.34
C LEU G 162 -24.56 1.88 -32.28
N ALA G 163 -24.01 3.03 -32.62
CA ALA G 163 -23.46 3.90 -31.60
C ALA G 163 -24.57 4.25 -30.61
N PRO G 164 -24.29 4.24 -29.31
CA PRO G 164 -22.95 4.01 -28.77
C PRO G 164 -22.67 2.60 -28.26
N THR G 165 -23.58 1.65 -28.48
CA THR G 165 -23.41 0.30 -27.96
C THR G 165 -22.42 -0.52 -28.78
N ASP G 166 -21.97 -0.02 -29.93
CA ASP G 166 -21.14 -0.76 -30.88
C ASP G 166 -19.82 0.01 -31.01
N LEU G 167 -18.82 -0.38 -30.22
CA LEU G 167 -17.68 0.51 -29.99
C LEU G 167 -16.73 0.57 -31.18
N GLY G 168 -16.85 -0.32 -32.15
CA GLY G 168 -15.93 -0.30 -33.28
C GLY G 168 -16.39 0.54 -34.46
N GLU G 169 -17.31 1.48 -34.19
CA GLU G 169 -17.93 2.28 -35.25
C GLU G 169 -16.88 2.93 -36.14
N ASN G 170 -16.07 3.82 -35.59
CA ASN G 170 -14.97 4.42 -36.34
C ASN G 170 -13.77 3.49 -36.47
N CYS G 171 -13.84 2.31 -35.88
CA CYS G 171 -12.82 1.29 -36.10
C CYS G 171 -13.07 0.54 -37.39
N ARG G 172 -14.34 0.28 -37.72
CA ARG G 172 -14.66 -0.34 -39.00
C ARG G 172 -14.53 0.67 -40.12
N ARG G 173 -15.15 1.84 -39.94
CA ARG G 173 -14.96 2.98 -40.83
C ARG G 173 -13.49 3.08 -41.25
N ASP G 174 -12.58 3.04 -40.28
CA ASP G 174 -11.15 3.15 -40.55
C ASP G 174 -10.62 1.91 -41.26
N ILE G 175 -11.17 0.74 -40.97
CA ILE G 175 -10.77 -0.48 -41.66
C ILE G 175 -11.28 -0.48 -43.09
N VAL G 176 -12.58 -0.23 -43.27
CA VAL G 176 -13.16 -0.19 -44.61
C VAL G 176 -12.44 0.83 -45.48
N LEU G 177 -12.15 2.00 -44.91
CA LEU G 177 -11.36 3.01 -45.59
C LEU G 177 -10.12 2.40 -46.23
N GLU G 178 -9.27 1.77 -45.41
CA GLU G 178 -8.01 1.20 -45.89
C GLU G 178 -8.23 0.18 -47.01
N LEU G 179 -9.28 -0.61 -46.91
CA LEU G 179 -9.54 -1.59 -47.96
C LEU G 179 -9.93 -0.90 -49.26
N GLU G 180 -10.73 0.16 -49.18
CA GLU G 180 -11.16 0.85 -50.39
C GLU G 180 -9.98 1.48 -51.13
N GLU G 181 -9.04 2.07 -50.38
CA GLU G 181 -7.81 2.57 -51.00
C GLU G 181 -7.07 1.47 -51.73
N MET G 182 -7.22 0.22 -51.29
CA MET G 182 -6.55 -0.93 -51.88
C MET G 182 -7.40 -1.64 -52.92
N GLY G 183 -8.00 -0.91 -53.86
CA GLY G 183 -8.75 -1.54 -54.95
C GLY G 183 -9.76 -2.58 -54.51
N PHE G 184 -10.47 -2.32 -53.43
CA PHE G 184 -11.50 -3.22 -52.91
C PHE G 184 -12.86 -2.56 -53.05
N GLU G 185 -13.78 -3.22 -53.75
CA GLU G 185 -15.18 -2.83 -53.66
C GLU G 185 -15.78 -3.50 -52.43
N ILE G 186 -16.20 -2.70 -51.46
CA ILE G 186 -16.67 -3.21 -50.18
C ILE G 186 -18.18 -3.02 -50.12
N GLU G 187 -18.90 -4.05 -49.65
CA GLU G 187 -20.35 -4.00 -49.65
C GLU G 187 -20.90 -3.20 -48.48
N ALA G 188 -20.60 -3.64 -47.26
CA ALA G 188 -21.28 -3.10 -46.08
C ALA G 188 -20.48 -3.46 -44.83
N SER G 189 -20.62 -2.62 -43.81
CA SER G 189 -19.91 -2.78 -42.55
C SER G 189 -20.92 -2.81 -41.41
N HIS G 190 -20.75 -3.75 -40.48
CA HIS G 190 -21.66 -3.87 -39.35
C HIS G 190 -21.08 -4.76 -38.26
N HIS G 191 -21.63 -4.59 -37.06
CA HIS G 191 -21.48 -5.50 -35.94
C HIS G 191 -22.22 -6.81 -36.24
N GLU G 192 -21.87 -7.86 -35.51
CA GLU G 192 -22.55 -9.15 -35.64
C GLU G 192 -23.16 -9.54 -34.29
N VAL G 193 -23.70 -10.76 -34.20
CA VAL G 193 -24.61 -11.18 -33.15
C VAL G 193 -23.96 -11.13 -31.77
N ALA G 194 -22.93 -11.96 -31.57
CA ALA G 194 -22.30 -12.06 -30.26
C ALA G 194 -21.63 -10.74 -29.90
N PRO G 195 -21.31 -10.51 -28.62
CA PRO G 195 -20.80 -9.19 -28.22
C PRO G 195 -19.40 -8.95 -28.75
N GLY G 196 -19.20 -7.82 -29.42
CA GLY G 196 -17.92 -7.48 -30.00
C GLY G 196 -17.63 -8.18 -31.30
N GLN G 197 -18.61 -8.84 -31.89
CA GLN G 197 -18.44 -9.46 -33.19
C GLN G 197 -18.58 -8.41 -34.29
N HIS G 198 -17.80 -8.55 -35.35
CA HIS G 198 -17.90 -7.65 -36.49
C HIS G 198 -17.71 -8.41 -37.78
N GLU G 199 -18.25 -7.83 -38.84
CA GLU G 199 -18.30 -8.44 -40.16
C GLU G 199 -18.27 -7.31 -41.17
N ILE G 200 -17.52 -7.51 -42.25
CA ILE G 200 -17.43 -6.51 -43.31
C ILE G 200 -17.53 -7.25 -44.63
N ASP G 201 -18.66 -7.11 -45.33
CA ASP G 201 -18.89 -7.79 -46.59
C ASP G 201 -18.27 -7.00 -47.73
N PHE G 202 -17.61 -7.71 -48.64
CA PHE G 202 -17.07 -7.12 -49.85
C PHE G 202 -17.53 -7.93 -51.06
N LYS G 203 -17.40 -7.31 -52.24
CA LYS G 203 -17.81 -7.97 -53.47
C LYS G 203 -16.89 -9.16 -53.77
N TYR G 204 -17.48 -10.17 -54.42
CA TYR G 204 -16.79 -11.41 -54.73
C TYR G 204 -15.62 -11.16 -55.68
N GLU G 205 -14.85 -12.22 -55.91
CA GLU G 205 -13.75 -12.18 -56.86
C GLU G 205 -13.43 -13.61 -57.28
N ASP G 206 -12.92 -13.75 -58.51
CA ASP G 206 -12.55 -15.06 -59.00
C ASP G 206 -11.51 -15.68 -58.08
N ALA G 207 -11.59 -17.01 -57.95
CA ALA G 207 -10.98 -17.74 -56.84
C ALA G 207 -9.62 -17.23 -56.39
N ILE G 208 -8.65 -17.16 -57.31
CA ILE G 208 -7.30 -16.81 -56.91
C ILE G 208 -7.15 -15.34 -56.55
N THR G 209 -8.05 -14.47 -57.00
CA THR G 209 -8.00 -13.08 -56.59
C THR G 209 -8.81 -12.79 -55.34
N ALA G 210 -9.77 -13.67 -55.01
CA ALA G 210 -10.53 -13.52 -53.77
C ALA G 210 -9.78 -14.07 -52.58
N CYS G 211 -9.20 -15.27 -52.73
CA CYS G 211 -8.35 -15.83 -51.68
C CYS G 211 -7.18 -14.91 -51.39
N ASP G 212 -6.56 -14.37 -52.44
CA ASP G 212 -5.65 -13.24 -52.28
C ASP G 212 -6.32 -12.14 -51.46
N SER G 213 -7.51 -11.71 -51.88
CA SER G 213 -8.25 -10.67 -51.17
C SER G 213 -8.76 -11.14 -49.82
N ILE G 214 -8.71 -12.43 -49.51
CA ILE G 214 -9.10 -12.91 -48.19
C ILE G 214 -7.97 -12.69 -47.19
N GLN G 215 -6.77 -13.17 -47.51
CA GLN G 215 -5.60 -12.89 -46.67
C GLN G 215 -5.37 -11.39 -46.53
N THR G 216 -5.49 -10.65 -47.65
CA THR G 216 -5.41 -9.20 -47.59
C THR G 216 -6.33 -8.63 -46.52
N PHE G 217 -7.51 -9.24 -46.35
CA PHE G 217 -8.46 -8.75 -45.35
C PHE G 217 -7.99 -9.02 -43.93
N LYS G 218 -7.29 -10.12 -43.69
CA LYS G 218 -6.82 -10.38 -42.33
C LYS G 218 -5.72 -9.40 -41.93
N LEU G 219 -4.77 -9.11 -42.82
CA LEU G 219 -3.71 -8.17 -42.47
C LEU G 219 -4.27 -6.79 -42.14
N VAL G 220 -5.12 -6.25 -43.01
CA VAL G 220 -5.68 -4.92 -42.76
C VAL G 220 -6.37 -4.87 -41.40
N VAL G 221 -7.37 -5.72 -41.21
CA VAL G 221 -8.21 -5.57 -40.01
C VAL G 221 -7.46 -5.99 -38.76
N LYS G 222 -6.50 -6.91 -38.87
CA LYS G 222 -5.71 -7.26 -37.69
C LYS G 222 -4.83 -6.10 -37.27
N THR G 223 -4.09 -5.51 -38.22
CA THR G 223 -3.27 -4.34 -37.90
C THR G 223 -4.14 -3.13 -37.55
N ILE G 224 -5.09 -2.78 -38.42
CA ILE G 224 -5.85 -1.54 -38.23
C ILE G 224 -6.60 -1.56 -36.90
N ALA G 225 -6.98 -2.75 -36.42
CA ALA G 225 -7.50 -2.86 -35.06
C ALA G 225 -6.45 -2.41 -34.04
N ARG G 226 -5.21 -2.91 -34.19
CA ARG G 226 -4.13 -2.57 -33.26
C ARG G 226 -3.63 -1.13 -33.45
N LYS G 227 -4.27 -0.36 -34.32
CA LYS G 227 -4.14 1.08 -34.35
C LYS G 227 -5.37 1.78 -33.81
N HIS G 228 -6.32 1.02 -33.27
CA HIS G 228 -7.39 1.55 -32.41
C HIS G 228 -7.37 0.83 -31.06
N GLY G 229 -6.18 0.39 -30.64
CA GLY G 229 -6.00 -0.20 -29.33
C GLY G 229 -6.76 -1.49 -29.10
N LEU G 230 -6.80 -2.37 -30.09
CA LEU G 230 -7.60 -3.58 -30.02
C LEU G 230 -6.86 -4.75 -30.65
N HIS G 231 -7.04 -5.93 -30.07
CA HIS G 231 -6.60 -7.17 -30.70
C HIS G 231 -7.70 -7.68 -31.61
N ALA G 232 -7.34 -8.03 -32.85
CA ALA G 232 -8.27 -8.61 -33.80
C ALA G 232 -8.03 -10.09 -33.89
N THR G 233 -9.09 -10.88 -33.78
CA THR G 233 -9.00 -12.33 -33.81
C THR G 233 -10.02 -12.91 -34.78
N PHE G 234 -9.69 -14.08 -35.31
CA PHE G 234 -10.61 -14.86 -36.13
C PHE G 234 -10.84 -16.25 -35.57
N MET G 235 -10.63 -16.43 -34.26
CA MET G 235 -10.89 -17.72 -33.64
C MET G 235 -12.33 -18.14 -33.90
N PRO G 236 -12.59 -19.43 -34.13
CA PRO G 236 -13.96 -19.83 -34.51
C PRO G 236 -14.99 -19.55 -33.43
N LYS G 237 -14.75 -20.02 -32.20
CA LYS G 237 -15.54 -19.62 -31.04
C LYS G 237 -14.57 -19.26 -29.93
N PRO G 238 -14.21 -17.97 -29.80
CA PRO G 238 -13.32 -17.58 -28.71
C PRO G 238 -13.99 -17.58 -27.35
N LEU G 239 -15.32 -17.48 -27.30
CA LEU G 239 -16.06 -17.52 -26.06
C LEU G 239 -17.16 -18.57 -26.15
N PHE G 240 -17.48 -19.15 -24.99
CA PHE G 240 -18.59 -20.07 -24.88
C PHE G 240 -19.91 -19.32 -24.74
N GLY G 241 -21.00 -19.97 -25.15
CA GLY G 241 -22.33 -19.45 -24.92
C GLY G 241 -22.75 -18.29 -25.81
N VAL G 242 -21.93 -17.91 -26.80
CA VAL G 242 -22.27 -16.85 -27.74
C VAL G 242 -21.77 -17.24 -29.12
N ASN G 243 -22.36 -16.60 -30.13
CA ASN G 243 -22.13 -16.95 -31.53
C ASN G 243 -20.64 -17.07 -31.83
N GLY G 244 -20.31 -18.06 -32.67
CA GLY G 244 -19.03 -18.04 -33.32
C GLY G 244 -19.03 -17.10 -34.50
N SER G 245 -17.83 -16.75 -34.95
CA SER G 245 -17.66 -16.00 -36.19
C SER G 245 -17.05 -16.96 -37.20
N GLY G 246 -17.84 -17.31 -38.22
CA GLY G 246 -17.37 -18.14 -39.30
C GLY G 246 -17.36 -17.34 -40.60
N MET G 247 -16.68 -17.89 -41.59
CA MET G 247 -16.52 -17.25 -42.89
C MET G 247 -17.43 -18.00 -43.87
N HIS G 248 -18.65 -17.50 -44.03
CA HIS G 248 -19.53 -18.07 -45.06
C HIS G 248 -18.81 -18.10 -46.39
N PHE G 249 -19.20 -19.05 -47.23
CA PHE G 249 -18.62 -19.14 -48.57
C PHE G 249 -19.74 -18.98 -49.59
N ASN G 250 -19.79 -17.80 -50.22
CA ASN G 250 -20.78 -17.49 -51.25
C ASN G 250 -20.12 -17.66 -52.61
N MET G 251 -20.73 -18.47 -53.47
CA MET G 251 -20.05 -18.92 -54.68
C MET G 251 -21.02 -19.06 -55.84
N SER G 252 -20.46 -19.05 -57.05
CA SER G 252 -21.21 -19.27 -58.28
C SER G 252 -20.26 -19.66 -59.39
N LEU G 253 -20.80 -20.38 -60.37
CA LEU G 253 -20.10 -20.74 -61.60
C LEU G 253 -20.56 -19.83 -62.73
N PHE G 254 -19.75 -19.75 -63.79
CA PHE G 254 -19.98 -18.75 -64.83
C PHE G 254 -19.71 -19.32 -66.21
N ASN G 255 -20.41 -18.77 -67.21
CA ASN G 255 -20.18 -19.15 -68.60
C ASN G 255 -20.64 -18.02 -69.52
N GLU G 256 -19.67 -17.32 -70.12
CA GLU G 256 -19.89 -16.37 -71.22
C GLU G 256 -20.93 -15.31 -70.85
N LYS G 257 -20.55 -14.50 -69.85
CA LYS G 257 -21.41 -13.46 -69.28
C LYS G 257 -22.76 -14.03 -68.85
N GLY G 258 -22.75 -15.29 -68.43
CA GLY G 258 -23.94 -15.95 -67.94
C GLY G 258 -23.69 -16.63 -66.61
N ASN G 259 -24.48 -16.24 -65.61
CA ASN G 259 -24.41 -16.90 -64.31
C ASN G 259 -24.95 -18.31 -64.42
N ALA G 260 -24.08 -19.29 -64.18
CA ALA G 260 -24.43 -20.69 -64.45
C ALA G 260 -25.54 -21.21 -63.56
N PHE G 261 -25.91 -20.50 -62.50
CA PHE G 261 -26.88 -20.98 -61.53
C PHE G 261 -28.28 -20.43 -61.76
N PHE G 262 -28.47 -19.57 -62.75
CA PHE G 262 -29.73 -18.86 -62.94
C PHE G 262 -30.44 -19.41 -64.16
N ASP G 263 -31.59 -20.03 -63.92
CA ASP G 263 -32.54 -20.39 -64.96
C ASP G 263 -33.89 -20.32 -64.26
N GLU G 264 -34.60 -19.20 -64.43
CA GLU G 264 -35.73 -18.96 -63.53
C GLU G 264 -36.92 -19.87 -63.87
N SER G 265 -36.68 -21.16 -63.80
CA SER G 265 -37.69 -22.20 -63.95
C SER G 265 -37.62 -23.26 -62.85
N GLY G 266 -36.41 -23.62 -62.39
CA GLY G 266 -36.27 -24.80 -61.56
C GLY G 266 -36.43 -24.60 -60.06
N GLU G 267 -37.66 -24.78 -59.58
CA GLU G 267 -38.08 -24.91 -58.19
C GLU G 267 -37.77 -23.69 -57.33
N LEU G 268 -36.79 -22.89 -57.73
CA LEU G 268 -36.45 -21.70 -56.96
C LEU G 268 -35.87 -20.60 -57.85
N GLU G 269 -35.92 -20.74 -59.18
CA GLU G 269 -35.15 -19.97 -60.16
C GLU G 269 -33.67 -20.38 -60.18
N LEU G 270 -33.40 -21.66 -59.91
CA LEU G 270 -32.05 -22.20 -59.95
C LEU G 270 -31.84 -23.10 -61.16
N SER G 271 -30.59 -23.21 -61.60
CA SER G 271 -30.23 -23.91 -62.82
C SER G 271 -30.06 -25.40 -62.57
N GLN G 272 -29.53 -26.13 -63.56
CA GLN G 272 -29.31 -27.56 -63.42
C GLN G 272 -27.97 -27.85 -62.75
N THR G 273 -26.87 -27.32 -63.30
CA THR G 273 -25.59 -27.43 -62.61
C THR G 273 -25.61 -26.71 -61.27
N ALA G 274 -26.52 -25.75 -61.10
CA ALA G 274 -26.72 -25.11 -59.80
C ALA G 274 -27.19 -26.12 -58.76
N TYR G 275 -28.37 -26.73 -59.00
CA TYR G 275 -28.88 -27.75 -58.11
C TYR G 275 -27.89 -28.89 -57.98
N HIS G 276 -27.28 -29.27 -59.11
CA HIS G 276 -26.30 -30.34 -59.14
C HIS G 276 -25.16 -30.10 -58.16
N PHE G 277 -24.88 -28.83 -57.85
CA PHE G 277 -23.74 -28.47 -57.03
C PHE G 277 -23.99 -28.78 -55.56
N LEU G 278 -25.24 -28.69 -55.10
CA LEU G 278 -25.55 -28.98 -53.71
C LEU G 278 -25.18 -30.42 -53.35
N ALA G 279 -25.60 -31.38 -54.19
CA ALA G 279 -25.32 -32.78 -53.92
C ALA G 279 -23.82 -33.04 -53.85
N GLY G 280 -23.03 -32.29 -54.62
CA GLY G 280 -21.59 -32.44 -54.54
C GLY G 280 -21.04 -32.00 -53.19
N MET G 281 -21.48 -30.83 -52.71
CA MET G 281 -21.16 -30.45 -51.35
C MET G 281 -21.79 -31.40 -50.35
N LEU G 282 -23.02 -31.83 -50.64
CA LEU G 282 -23.86 -32.45 -49.60
C LEU G 282 -23.33 -33.81 -49.20
N LYS G 283 -23.01 -34.68 -50.16
CA LYS G 283 -22.66 -36.05 -49.84
C LYS G 283 -21.23 -36.14 -49.29
N HIS G 284 -20.27 -35.52 -49.99
CA HIS G 284 -18.88 -35.49 -49.53
C HIS G 284 -18.68 -34.71 -48.24
N ALA G 285 -19.73 -34.10 -47.66
CA ALA G 285 -19.52 -33.04 -46.68
C ALA G 285 -18.80 -33.53 -45.43
N ARG G 286 -19.12 -34.74 -44.97
CA ARG G 286 -18.45 -35.30 -43.79
C ARG G 286 -16.94 -35.23 -43.88
N GLY G 287 -16.39 -35.19 -45.10
CA GLY G 287 -14.97 -35.39 -45.29
C GLY G 287 -14.13 -34.16 -45.58
N TYR G 288 -14.72 -32.98 -45.69
CA TYR G 288 -13.93 -31.77 -45.93
C TYR G 288 -14.09 -30.74 -44.82
N THR G 289 -14.62 -31.11 -43.66
CA THR G 289 -14.73 -30.16 -42.57
C THR G 289 -13.46 -30.07 -41.73
N ALA G 290 -12.46 -30.91 -42.03
CA ALA G 290 -11.11 -30.71 -41.53
C ALA G 290 -10.25 -29.95 -42.53
N VAL G 291 -10.87 -29.24 -43.47
CA VAL G 291 -10.18 -28.29 -44.33
C VAL G 291 -10.88 -26.95 -44.17
N THR G 292 -12.17 -27.00 -43.80
CA THR G 292 -12.97 -25.81 -43.57
C THR G 292 -13.04 -25.43 -42.10
N ASN G 293 -12.87 -26.40 -41.20
CA ASN G 293 -12.79 -26.15 -39.76
C ASN G 293 -11.62 -26.97 -39.20
N PRO G 294 -10.38 -26.64 -39.61
CA PRO G 294 -9.23 -27.46 -39.22
C PRO G 294 -8.59 -27.05 -37.90
N THR G 295 -9.40 -26.79 -36.87
CA THR G 295 -8.87 -26.18 -35.66
C THR G 295 -9.79 -26.56 -34.51
N ILE G 296 -9.21 -27.24 -33.50
CA ILE G 296 -10.00 -27.90 -32.45
C ILE G 296 -11.13 -27.02 -31.95
N ASN G 297 -10.90 -25.70 -31.91
CA ASN G 297 -11.93 -24.80 -31.39
C ASN G 297 -13.17 -24.79 -32.27
N SER G 298 -12.99 -24.88 -33.59
CA SER G 298 -14.12 -24.76 -34.50
C SER G 298 -15.19 -25.81 -34.21
N PHE G 299 -14.79 -26.94 -33.66
CA PHE G 299 -15.74 -27.98 -33.28
C PHE G 299 -16.44 -27.65 -31.99
N LYS G 300 -16.28 -26.42 -31.49
CA LYS G 300 -17.09 -25.91 -30.40
C LYS G 300 -18.01 -24.78 -30.85
N ARG G 301 -17.83 -24.26 -32.07
CA ARG G 301 -18.77 -23.31 -32.67
C ARG G 301 -19.84 -24.00 -33.51
N LEU G 302 -19.53 -25.16 -34.05
CA LEU G 302 -20.39 -25.92 -34.94
C LEU G 302 -21.59 -26.55 -34.19
N VAL G 303 -21.83 -26.08 -32.97
CA VAL G 303 -22.88 -26.55 -32.07
C VAL G 303 -24.15 -25.73 -32.28
N PRO G 304 -25.32 -26.25 -31.91
CA PRO G 304 -26.58 -25.61 -32.34
C PRO G 304 -26.97 -24.41 -31.49
N GLY G 305 -27.79 -23.54 -32.10
CA GLY G 305 -28.32 -22.37 -31.44
C GLY G 305 -27.57 -21.08 -31.70
N TYR G 306 -26.44 -21.15 -32.39
CA TYR G 306 -25.61 -19.98 -32.69
C TYR G 306 -25.55 -19.74 -34.20
N GLU G 307 -26.67 -19.98 -34.88
CA GLU G 307 -26.84 -19.76 -36.31
C GLU G 307 -25.78 -20.47 -37.15
N ALA G 308 -25.05 -21.41 -36.53
CA ALA G 308 -23.99 -22.13 -37.21
C ALA G 308 -24.48 -23.52 -37.58
N PRO G 309 -24.30 -23.94 -38.83
CA PRO G 309 -24.75 -25.28 -39.23
C PRO G 309 -24.14 -26.36 -38.36
N CYS G 310 -24.98 -27.34 -37.99
CA CYS G 310 -24.52 -28.52 -37.27
C CYS G 310 -24.88 -29.81 -37.96
N TYR G 311 -25.75 -29.79 -38.97
CA TYR G 311 -26.12 -30.98 -39.73
C TYR G 311 -26.00 -30.71 -41.22
N ILE G 312 -25.65 -31.75 -41.96
CA ILE G 312 -25.41 -31.64 -43.40
C ILE G 312 -26.76 -31.60 -44.09
N ALA G 313 -27.12 -30.45 -44.65
CA ALA G 313 -28.41 -30.24 -45.29
C ALA G 313 -28.36 -28.92 -46.07
N TRP G 314 -29.53 -28.47 -46.50
CA TRP G 314 -29.71 -27.15 -47.10
C TRP G 314 -31.16 -26.73 -46.89
N SER G 315 -31.44 -25.45 -47.14
CA SER G 315 -32.82 -24.95 -47.04
C SER G 315 -32.86 -23.54 -47.62
N GLY G 316 -34.07 -23.01 -47.73
CA GLY G 316 -34.30 -21.71 -48.31
C GLY G 316 -34.38 -20.61 -47.27
N LYS G 317 -33.66 -19.52 -47.52
CA LYS G 317 -33.65 -18.33 -46.69
C LYS G 317 -33.25 -18.63 -45.25
N ASN G 318 -32.71 -19.81 -44.99
CA ASN G 318 -32.61 -20.37 -43.65
C ASN G 318 -31.13 -20.56 -43.30
N ARG G 319 -30.72 -20.03 -42.16
CA ARG G 319 -29.31 -20.01 -41.77
C ARG G 319 -28.93 -21.10 -40.77
N SER G 320 -29.87 -21.95 -40.40
CA SER G 320 -29.56 -23.14 -39.62
C SER G 320 -28.82 -24.22 -40.41
N PRO G 321 -29.07 -24.42 -41.71
CA PRO G 321 -28.43 -25.52 -42.43
C PRO G 321 -27.01 -25.20 -42.88
N LEU G 322 -26.40 -26.17 -43.56
CA LEU G 322 -25.02 -26.10 -44.05
C LEU G 322 -24.91 -25.45 -45.42
N VAL G 323 -26.00 -25.28 -46.14
CA VAL G 323 -26.02 -24.47 -47.35
C VAL G 323 -27.22 -23.54 -47.27
N ARG G 324 -27.01 -22.28 -47.62
CA ARG G 324 -28.08 -21.29 -47.61
C ARG G 324 -28.29 -20.80 -49.02
N VAL G 325 -29.55 -20.56 -49.38
CA VAL G 325 -29.82 -19.90 -50.64
C VAL G 325 -30.34 -18.51 -50.36
N PRO G 326 -29.49 -17.51 -50.46
CA PRO G 326 -29.97 -16.13 -50.42
C PRO G 326 -31.16 -15.89 -51.32
N SER G 327 -32.24 -15.37 -50.74
CA SER G 327 -33.48 -15.12 -51.49
C SER G 327 -33.24 -14.29 -52.74
N SER G 328 -32.16 -13.52 -52.79
CA SER G 328 -31.79 -12.82 -54.01
C SER G 328 -31.37 -13.81 -55.09
N ARG G 329 -31.70 -13.49 -56.34
CA ARG G 329 -31.19 -14.23 -57.48
C ARG G 329 -30.91 -13.25 -58.61
N GLY G 330 -30.70 -13.77 -59.81
CA GLY G 330 -30.19 -13.00 -60.92
C GLY G 330 -28.73 -13.35 -61.09
N LEU G 331 -27.88 -12.34 -61.33
CA LEU G 331 -26.44 -12.56 -61.20
C LEU G 331 -26.04 -12.82 -59.75
N SER G 332 -26.88 -12.44 -58.80
CA SER G 332 -26.74 -12.65 -57.35
C SER G 332 -27.04 -14.07 -56.95
N THR G 333 -27.16 -14.98 -57.91
CA THR G 333 -27.60 -16.34 -57.65
C THR G 333 -26.42 -17.15 -57.13
N ARG G 334 -26.43 -17.42 -55.82
CA ARG G 334 -25.30 -18.04 -55.14
C ARG G 334 -25.76 -19.08 -54.13
N LEU G 335 -24.89 -20.06 -53.88
CA LEU G 335 -25.05 -21.01 -52.80
C LEU G 335 -24.08 -20.65 -51.67
N GLU G 336 -24.57 -20.68 -50.44
CA GLU G 336 -23.86 -20.16 -49.27
C GLU G 336 -23.55 -21.31 -48.32
N LEU G 337 -22.42 -21.99 -48.54
CA LEU G 337 -21.96 -23.00 -47.60
C LEU G 337 -21.40 -22.31 -46.36
N ARG G 338 -21.88 -22.70 -45.19
CA ARG G 338 -21.67 -21.93 -43.97
C ARG G 338 -20.75 -22.60 -42.96
N SER G 339 -20.14 -23.74 -43.30
CA SER G 339 -19.35 -24.46 -42.31
C SER G 339 -17.95 -23.89 -42.12
N VAL G 340 -17.44 -23.13 -43.08
CA VAL G 340 -16.05 -22.67 -43.04
C VAL G 340 -15.91 -21.51 -42.06
N ASP G 341 -14.91 -21.64 -41.05
CA ASP G 341 -14.51 -20.44 -40.32
C ASP G 341 -13.15 -19.95 -40.80
N PRO G 342 -12.87 -18.63 -40.71
CA PRO G 342 -11.70 -18.07 -41.40
C PRO G 342 -10.35 -18.58 -40.93
N SER G 343 -10.34 -19.44 -39.90
CA SER G 343 -9.14 -20.16 -39.52
C SER G 343 -8.87 -21.36 -40.42
N ALA G 344 -9.63 -21.50 -41.50
CA ALA G 344 -9.37 -22.51 -42.50
C ALA G 344 -8.22 -22.03 -43.38
N ASN G 345 -8.02 -22.70 -44.52
CA ASN G 345 -6.99 -22.28 -45.47
C ASN G 345 -7.70 -21.88 -46.75
N PRO G 346 -8.00 -20.59 -46.96
CA PRO G 346 -8.88 -20.22 -48.09
C PRO G 346 -8.31 -20.56 -49.45
N TYR G 347 -7.04 -20.95 -49.55
CA TYR G 347 -6.53 -21.54 -50.77
C TYR G 347 -6.76 -23.05 -50.82
N LEU G 348 -6.80 -23.69 -49.64
CA LEU G 348 -7.21 -25.09 -49.55
C LEU G 348 -8.71 -25.26 -49.67
N ALA G 349 -9.47 -24.23 -49.30
CA ALA G 349 -10.93 -24.37 -49.22
C ALA G 349 -11.58 -24.36 -50.59
N MET G 350 -11.13 -23.49 -51.49
CA MET G 350 -11.76 -23.43 -52.81
C MET G 350 -11.36 -24.63 -53.66
N ALA G 351 -10.13 -25.13 -53.49
CA ALA G 351 -9.74 -26.34 -54.19
C ALA G 351 -10.55 -27.54 -53.74
N VAL G 352 -11.02 -27.55 -52.50
CA VAL G 352 -11.72 -28.70 -51.94
C VAL G 352 -13.24 -28.62 -52.14
N LEU G 353 -13.78 -27.46 -52.53
CA LEU G 353 -15.18 -27.36 -52.91
C LEU G 353 -15.41 -27.48 -54.40
N LEU G 354 -14.46 -27.03 -55.22
CA LEU G 354 -14.61 -27.21 -56.65
C LEU G 354 -14.48 -28.67 -57.05
N LYS G 355 -13.59 -29.42 -56.38
CA LYS G 355 -13.53 -30.86 -56.65
C LYS G 355 -14.72 -31.59 -56.05
N ALA G 356 -15.18 -31.17 -54.87
CA ALA G 356 -16.43 -31.71 -54.36
C ALA G 356 -17.62 -31.24 -55.19
N GLY G 357 -17.49 -30.08 -55.84
CA GLY G 357 -18.59 -29.48 -56.56
C GLY G 357 -18.64 -29.81 -58.04
N LEU G 358 -17.50 -29.78 -58.72
CA LEU G 358 -17.48 -30.24 -60.11
C LEU G 358 -17.84 -31.72 -60.19
N SER G 359 -17.59 -32.47 -59.11
CA SER G 359 -18.06 -33.85 -59.02
C SER G 359 -19.57 -33.93 -59.22
N GLY G 360 -20.29 -32.96 -58.66
CA GLY G 360 -21.73 -32.88 -58.76
C GLY G 360 -22.27 -32.36 -60.08
N ILE G 361 -21.41 -32.16 -61.08
CA ILE G 361 -21.87 -31.87 -62.43
C ILE G 361 -21.57 -33.04 -63.37
N LYS G 362 -20.51 -33.81 -63.11
CA LYS G 362 -20.17 -34.98 -63.91
C LYS G 362 -20.76 -36.28 -63.37
N ASP G 363 -21.19 -36.31 -62.11
CA ASP G 363 -22.09 -37.34 -61.60
C ASP G 363 -23.48 -36.80 -61.34
N GLU G 364 -23.55 -35.62 -60.72
CA GLU G 364 -24.72 -34.79 -60.50
C GLU G 364 -25.63 -35.28 -59.39
N LEU G 365 -25.50 -36.56 -59.02
CA LEU G 365 -25.98 -37.17 -57.78
C LEU G 365 -27.24 -36.57 -57.13
N THR G 366 -28.28 -36.27 -57.91
CA THR G 366 -29.65 -36.05 -57.41
C THR G 366 -29.75 -35.27 -56.10
N PRO G 367 -29.63 -33.95 -56.14
CA PRO G 367 -29.52 -33.16 -54.92
C PRO G 367 -30.74 -33.33 -54.02
N PRO G 368 -30.51 -33.51 -52.71
CA PRO G 368 -31.60 -33.84 -51.79
C PRO G 368 -32.64 -32.74 -51.72
N ALA G 369 -33.82 -33.13 -51.26
CA ALA G 369 -34.96 -32.24 -51.13
C ALA G 369 -34.86 -31.43 -49.84
N PRO G 370 -35.30 -30.17 -49.86
CA PRO G 370 -34.94 -29.24 -48.78
C PRO G 370 -35.45 -29.71 -47.42
N VAL G 371 -34.58 -29.59 -46.42
CA VAL G 371 -35.03 -29.62 -45.02
C VAL G 371 -35.37 -28.18 -44.68
N ASP G 372 -36.57 -27.76 -45.09
CA ASP G 372 -36.98 -26.37 -45.07
C ASP G 372 -37.64 -25.96 -43.77
N ARG G 373 -37.40 -26.70 -42.71
CA ARG G 373 -37.83 -26.32 -41.38
C ARG G 373 -36.63 -25.66 -40.69
N ASN G 374 -36.75 -25.41 -39.39
CA ASN G 374 -35.64 -24.92 -38.59
C ASN G 374 -34.85 -26.13 -38.12
N ILE G 375 -33.84 -26.53 -38.90
CA ILE G 375 -33.12 -27.77 -38.65
C ILE G 375 -32.51 -27.82 -37.27
N TYR G 376 -32.43 -26.69 -36.58
CA TYR G 376 -32.02 -26.67 -35.18
C TYR G 376 -33.07 -27.28 -34.27
N GLY G 377 -34.29 -27.46 -34.74
CA GLY G 377 -35.38 -27.91 -33.90
C GLY G 377 -35.92 -29.29 -34.21
N MET G 378 -35.02 -30.25 -34.43
CA MET G 378 -35.41 -31.61 -34.77
C MET G 378 -34.82 -32.58 -33.75
N ASN G 379 -35.47 -33.73 -33.63
CA ASN G 379 -35.09 -34.79 -32.71
C ASN G 379 -34.12 -35.76 -33.40
N GLU G 380 -33.56 -36.69 -32.62
CA GLU G 380 -32.87 -37.81 -33.26
C GLU G 380 -33.87 -38.78 -33.87
N GLU G 381 -35.09 -38.80 -33.35
CA GLU G 381 -36.21 -39.49 -33.99
C GLU G 381 -36.63 -38.81 -35.29
N GLU G 382 -35.97 -37.72 -35.68
CA GLU G 382 -36.33 -36.99 -36.88
C GLU G 382 -35.16 -36.69 -37.80
N ARG G 383 -33.91 -36.72 -37.32
CA ARG G 383 -32.77 -36.52 -38.22
C ARG G 383 -32.45 -37.80 -38.98
N GLU G 384 -32.49 -38.95 -38.29
CA GLU G 384 -32.51 -40.23 -38.97
C GLU G 384 -33.62 -40.29 -40.02
N ALA G 385 -34.71 -39.56 -39.78
CA ALA G 385 -35.86 -39.60 -40.68
C ALA G 385 -35.51 -39.07 -42.06
N THR G 386 -34.90 -37.88 -42.14
CA THR G 386 -34.49 -37.38 -43.44
C THR G 386 -33.41 -38.26 -44.05
N GLY G 387 -32.48 -38.73 -43.23
CA GLY G 387 -31.22 -39.24 -43.73
C GLY G 387 -30.15 -38.18 -43.78
N ILE G 388 -30.31 -37.09 -43.02
CA ILE G 388 -29.31 -36.02 -42.98
C ILE G 388 -28.06 -36.56 -42.31
N TYR G 389 -26.96 -36.63 -43.06
CA TYR G 389 -25.65 -36.81 -42.46
C TYR G 389 -25.46 -35.78 -41.34
N ASP G 390 -24.73 -36.20 -40.30
CA ASP G 390 -24.33 -35.27 -39.26
C ASP G 390 -22.87 -34.87 -39.47
N LEU G 391 -22.57 -33.61 -39.23
CA LEU G 391 -21.20 -33.13 -39.34
C LEU G 391 -20.33 -33.80 -38.28
N PRO G 392 -19.02 -33.90 -38.52
CA PRO G 392 -18.15 -34.59 -37.58
C PRO G 392 -18.19 -33.95 -36.19
N GLU G 393 -17.72 -34.71 -35.21
CA GLU G 393 -17.84 -34.35 -33.80
C GLU G 393 -16.63 -33.59 -33.28
N SER G 394 -15.43 -33.92 -33.76
CA SER G 394 -14.20 -33.31 -33.29
C SER G 394 -13.23 -33.23 -34.46
N LEU G 395 -12.02 -32.74 -34.18
CA LEU G 395 -11.01 -32.65 -35.22
C LEU G 395 -10.54 -34.03 -35.65
N GLY G 396 -10.33 -34.94 -34.69
CA GLY G 396 -9.87 -36.27 -35.03
C GLY G 396 -10.91 -37.09 -35.76
N HIS G 397 -12.18 -36.96 -35.36
CA HIS G 397 -13.23 -37.67 -36.09
C HIS G 397 -13.42 -37.09 -37.48
N ALA G 398 -13.12 -35.80 -37.67
CA ALA G 398 -13.24 -35.20 -38.99
C ALA G 398 -12.07 -35.57 -39.89
N LEU G 399 -10.89 -35.79 -39.31
CA LEU G 399 -9.74 -36.16 -40.13
C LEU G 399 -9.88 -37.58 -40.68
N ILE G 400 -10.38 -38.51 -39.86
CA ILE G 400 -10.63 -39.87 -40.34
C ILE G 400 -11.68 -39.85 -41.43
N GLU G 401 -12.65 -38.92 -41.36
CA GLU G 401 -13.63 -38.78 -42.42
C GLU G 401 -13.03 -38.10 -43.65
N LEU G 402 -12.00 -37.28 -43.47
CA LEU G 402 -11.32 -36.69 -44.61
C LEU G 402 -10.57 -37.74 -45.41
N GLU G 403 -9.80 -38.58 -44.73
CA GLU G 403 -8.99 -39.58 -45.42
C GLU G 403 -9.81 -40.72 -46.00
N LYS G 404 -11.13 -40.64 -45.95
CA LYS G 404 -11.98 -41.57 -46.68
C LYS G 404 -12.29 -41.06 -48.08
N ASN G 405 -12.28 -39.75 -48.29
CA ASN G 405 -12.52 -39.16 -49.61
C ASN G 405 -11.18 -39.02 -50.34
N GLU G 406 -10.87 -39.98 -51.19
CA GLU G 406 -9.70 -39.84 -52.06
C GLU G 406 -9.96 -38.90 -53.23
N ILE G 407 -11.19 -38.40 -53.38
CA ILE G 407 -11.43 -37.26 -54.26
C ILE G 407 -11.22 -35.94 -53.52
N ILE G 408 -11.31 -35.94 -52.19
CA ILE G 408 -10.83 -34.81 -51.41
C ILE G 408 -9.33 -34.91 -51.21
N LYS G 409 -8.82 -36.14 -51.08
CA LYS G 409 -7.37 -36.33 -51.06
C LYS G 409 -6.74 -35.96 -52.40
N ASP G 410 -7.47 -36.15 -53.51
CA ASP G 410 -7.03 -35.69 -54.82
C ASP G 410 -7.27 -34.21 -55.04
N GLY G 411 -7.80 -33.49 -54.06
CA GLY G 411 -8.01 -32.06 -54.19
C GLY G 411 -6.84 -31.27 -53.66
N LEU G 412 -6.18 -31.80 -52.63
CA LEU G 412 -5.03 -31.16 -52.02
C LEU G 412 -3.73 -31.50 -52.72
N GLY G 413 -3.75 -32.33 -53.76
CA GLY G 413 -2.55 -33.05 -54.08
C GLY G 413 -2.25 -33.98 -52.91
N GLU G 414 -1.04 -34.54 -52.93
CA GLU G 414 -0.61 -35.41 -51.86
C GLU G 414 0.40 -34.77 -50.92
N HIS G 415 1.20 -33.82 -51.40
CA HIS G 415 2.16 -33.16 -50.53
C HIS G 415 1.45 -32.41 -49.41
N ILE G 416 0.44 -31.62 -49.76
CA ILE G 416 -0.29 -30.87 -48.75
C ILE G 416 -1.00 -31.82 -47.80
N PHE G 417 -1.54 -32.92 -48.32
CA PHE G 417 -2.30 -33.84 -47.48
C PHE G 417 -1.41 -34.68 -46.57
N GLU G 418 -0.26 -35.11 -47.05
CA GLU G 418 0.60 -35.96 -46.23
C GLU G 418 1.22 -35.21 -45.07
N HIS G 419 1.40 -33.89 -45.21
CA HIS G 419 1.82 -33.08 -44.07
C HIS G 419 0.65 -32.70 -43.19
N PHE G 420 -0.56 -32.61 -43.76
CA PHE G 420 -1.68 -32.02 -43.03
C PHE G 420 -2.19 -32.96 -41.94
N ILE G 421 -2.42 -34.22 -42.29
CA ILE G 421 -2.79 -35.20 -41.25
C ILE G 421 -1.64 -35.34 -40.26
N GLU G 422 -0.40 -35.34 -40.75
CA GLU G 422 0.77 -35.25 -39.89
C GLU G 422 0.64 -34.09 -38.92
N ALA G 423 0.53 -32.86 -39.46
CA ALA G 423 0.55 -31.65 -38.64
C ALA G 423 -0.77 -31.37 -37.93
N LYS G 424 -1.80 -32.20 -38.13
CA LYS G 424 -3.06 -32.03 -37.41
C LYS G 424 -3.37 -33.17 -36.45
N THR G 425 -2.94 -34.40 -36.75
CA THR G 425 -2.93 -35.43 -35.72
C THR G 425 -2.17 -34.96 -34.50
N ILE G 426 -1.16 -34.12 -34.72
CA ILE G 426 -0.23 -33.72 -33.67
C ILE G 426 -0.89 -32.76 -32.68
N GLU G 427 -1.55 -31.73 -33.21
CA GLU G 427 -2.23 -30.78 -32.32
C GLU G 427 -3.43 -31.42 -31.64
N CYS G 428 -4.13 -32.31 -32.32
CA CYS G 428 -5.32 -32.94 -31.75
C CYS G 428 -4.96 -33.96 -30.68
N ASP G 429 -3.86 -34.70 -30.87
CA ASP G 429 -3.41 -35.60 -29.82
C ASP G 429 -2.71 -34.85 -28.70
N MET G 430 -2.14 -33.68 -29.01
CA MET G 430 -1.51 -32.86 -27.97
C MET G 430 -2.53 -32.40 -26.95
N PHE G 431 -3.79 -32.24 -27.35
CA PHE G 431 -4.87 -31.69 -26.55
C PHE G 431 -5.70 -32.76 -25.85
N ARG G 432 -5.88 -33.93 -26.47
CA ARG G 432 -6.48 -35.07 -25.77
C ARG G 432 -5.51 -35.62 -24.73
N THR G 433 -4.26 -35.86 -25.12
CA THR G 433 -3.25 -36.29 -24.14
C THR G 433 -3.14 -35.31 -22.99
N ALA G 434 -3.47 -34.04 -23.23
CA ALA G 434 -3.27 -33.02 -22.23
C ALA G 434 -4.50 -32.87 -21.36
N VAL G 435 -4.42 -31.94 -20.42
CA VAL G 435 -5.44 -31.64 -19.45
C VAL G 435 -5.96 -30.26 -19.82
N HIS G 436 -6.92 -29.74 -19.07
CA HIS G 436 -7.26 -28.32 -19.03
C HIS G 436 -8.14 -28.09 -17.81
N PRO G 437 -8.26 -26.84 -17.34
CA PRO G 437 -8.75 -26.62 -15.97
C PRO G 437 -10.17 -27.12 -15.73
N TRP G 438 -11.05 -27.04 -16.74
CA TRP G 438 -12.45 -27.45 -16.63
C TRP G 438 -12.58 -28.74 -15.83
N GLU G 439 -11.64 -29.66 -16.04
CA GLU G 439 -11.64 -30.91 -15.30
C GLU G 439 -11.25 -30.72 -13.84
N ARG G 440 -10.50 -29.67 -13.49
CA ARG G 440 -10.14 -29.48 -12.09
C ARG G 440 -11.30 -28.97 -11.27
N GLU G 441 -12.03 -27.97 -11.78
CA GLU G 441 -13.13 -27.40 -11.00
C GLU G 441 -14.22 -28.43 -10.74
N GLN G 442 -14.45 -29.34 -11.69
CA GLN G 442 -15.60 -30.23 -11.66
C GLN G 442 -15.29 -31.57 -11.00
N TYR G 443 -14.02 -31.92 -10.84
CA TYR G 443 -13.64 -33.23 -10.31
C TYR G 443 -12.76 -33.15 -9.08
N LEU G 444 -11.81 -32.21 -9.03
CA LEU G 444 -10.75 -32.21 -8.02
C LEU G 444 -11.30 -32.38 -6.61
N GLU G 445 -12.15 -31.45 -6.17
CA GLU G 445 -12.73 -31.58 -4.84
C GLU G 445 -13.67 -32.77 -4.75
N ILE G 446 -14.43 -33.04 -5.83
CA ILE G 446 -15.53 -33.99 -5.77
C ILE G 446 -15.04 -35.41 -5.49
N TYR G 447 -14.28 -35.98 -6.42
CA TYR G 447 -13.85 -37.37 -6.27
C TYR G 447 -12.47 -37.48 -5.62
N LYS H 6 -41.90 15.74 -51.23
CA LYS H 6 -41.09 14.53 -51.26
C LYS H 6 -39.72 14.80 -51.88
N TYR H 7 -38.69 14.27 -51.25
CA TYR H 7 -37.36 14.34 -51.83
C TYR H 7 -37.27 13.40 -53.03
N THR H 8 -36.39 13.72 -53.96
CA THR H 8 -36.24 12.91 -55.16
C THR H 8 -35.32 11.72 -54.91
N LYS H 9 -35.29 10.82 -55.89
CA LYS H 9 -34.37 9.69 -55.92
C LYS H 9 -33.08 10.04 -56.65
N GLU H 10 -33.19 10.85 -57.72
CA GLU H 10 -32.03 11.21 -58.53
C GLU H 10 -31.22 12.32 -57.87
N ASP H 11 -31.88 13.39 -57.42
CA ASP H 11 -31.17 14.48 -56.74
C ASP H 11 -30.64 14.05 -55.38
N ILE H 12 -30.98 12.84 -54.92
CA ILE H 12 -30.30 12.26 -53.76
C ILE H 12 -28.96 11.65 -54.17
N PHE H 13 -28.93 10.98 -55.32
CA PHE H 13 -27.68 10.45 -55.84
C PHE H 13 -26.62 11.54 -55.95
N ARG H 14 -27.01 12.71 -56.45
CA ARG H 14 -26.12 13.86 -56.53
C ARG H 14 -26.16 14.74 -55.29
N PHE H 15 -26.89 14.32 -54.25
CA PHE H 15 -26.78 14.95 -52.93
C PHE H 15 -25.46 14.58 -52.25
N ALA H 16 -24.85 13.48 -52.67
CA ALA H 16 -23.59 13.04 -52.09
C ALA H 16 -22.39 13.69 -52.74
N ASP H 17 -22.53 14.28 -53.94
CA ASP H 17 -21.41 14.91 -54.60
C ASP H 17 -21.26 16.39 -54.23
N GLU H 18 -22.33 17.04 -53.80
CA GLU H 18 -22.23 18.39 -53.28
C GLU H 18 -21.76 18.43 -51.83
N GLN H 19 -21.71 17.27 -51.16
CA GLN H 19 -21.23 17.19 -49.79
C GLN H 19 -20.23 16.06 -49.58
N ASN H 20 -19.77 15.42 -50.65
CA ASN H 20 -18.86 14.25 -50.66
C ASN H 20 -19.10 13.27 -49.52
N VAL H 21 -20.35 12.78 -49.46
CA VAL H 21 -20.74 11.82 -48.44
C VAL H 21 -20.07 10.47 -48.73
N LYS H 22 -19.26 9.99 -47.78
CA LYS H 22 -18.49 8.77 -48.01
C LYS H 22 -19.13 7.51 -47.43
N PHE H 23 -20.16 7.64 -46.59
CA PHE H 23 -20.97 6.50 -46.17
C PHE H 23 -22.43 6.93 -46.04
N ILE H 24 -23.33 5.97 -46.22
CA ILE H 24 -24.74 6.14 -45.88
C ILE H 24 -25.11 5.06 -44.87
N ARG H 25 -25.91 5.45 -43.89
CA ARG H 25 -26.35 4.56 -42.83
C ARG H 25 -27.83 4.29 -43.03
N LEU H 26 -28.18 3.08 -43.47
CA LEU H 26 -29.56 2.62 -43.43
C LEU H 26 -29.90 2.24 -42.00
N GLN H 27 -31.00 2.77 -41.47
CA GLN H 27 -31.38 2.44 -40.10
C GLN H 27 -32.88 2.23 -39.96
N PHE H 28 -33.26 1.21 -39.20
CA PHE H 28 -34.64 0.93 -38.83
C PHE H 28 -34.72 0.63 -37.33
N THR H 29 -35.86 0.13 -36.86
CA THR H 29 -36.09 -0.02 -35.43
C THR H 29 -36.68 -1.38 -35.10
N ASP H 30 -36.16 -2.02 -34.06
CA ASP H 30 -36.62 -3.35 -33.66
C ASP H 30 -37.91 -3.22 -32.83
N ILE H 31 -38.33 -4.31 -32.19
CA ILE H 31 -39.60 -4.29 -31.48
C ILE H 31 -39.51 -3.49 -30.17
N LEU H 32 -38.35 -3.46 -29.53
CA LEU H 32 -38.22 -2.91 -28.18
C LEU H 32 -37.78 -1.45 -28.16
N GLY H 33 -37.77 -0.77 -29.30
CA GLY H 33 -37.42 0.64 -29.36
C GLY H 33 -35.98 0.93 -29.67
N ILE H 34 -35.19 -0.08 -30.03
CA ILE H 34 -33.73 0.03 -30.11
C ILE H 34 -33.30 0.17 -31.57
N ILE H 35 -32.45 1.16 -31.84
CA ILE H 35 -32.10 1.52 -33.21
C ILE H 35 -30.95 0.63 -33.67
N LYS H 36 -31.25 -0.31 -34.56
CA LYS H 36 -30.25 -1.10 -35.27
C LYS H 36 -29.82 -0.39 -36.54
N ASN H 37 -28.66 -0.77 -37.09
CA ASN H 37 -28.08 -0.03 -38.19
C ASN H 37 -27.24 -0.92 -39.09
N VAL H 38 -27.07 -0.46 -40.33
CA VAL H 38 -26.12 -1.05 -41.28
C VAL H 38 -25.44 0.09 -42.04
N GLU H 39 -24.11 0.06 -42.09
CA GLU H 39 -23.32 1.08 -42.75
C GLU H 39 -22.80 0.54 -44.08
N ILE H 40 -22.87 1.39 -45.11
CA ILE H 40 -22.39 1.07 -46.46
C ILE H 40 -21.69 2.28 -47.04
N PRO H 41 -20.73 2.07 -47.92
CA PRO H 41 -20.02 3.20 -48.53
C PRO H 41 -20.90 3.92 -49.53
N VAL H 42 -20.44 5.08 -49.97
CA VAL H 42 -21.05 5.75 -51.11
C VAL H 42 -20.98 4.89 -52.35
N SER H 43 -20.21 3.80 -52.30
CA SER H 43 -20.06 2.92 -53.47
C SER H 43 -21.34 2.13 -53.77
N GLN H 44 -22.11 1.79 -52.74
CA GLN H 44 -23.29 0.93 -52.90
C GLN H 44 -24.60 1.71 -52.95
N LEU H 45 -24.56 3.00 -53.29
CA LEU H 45 -25.73 3.85 -53.08
C LEU H 45 -26.92 3.44 -53.94
N LYS H 46 -26.70 3.12 -55.21
CA LYS H 46 -27.82 2.67 -56.03
C LYS H 46 -28.33 1.31 -55.57
N LYS H 47 -27.43 0.45 -55.11
CA LYS H 47 -27.82 -0.88 -54.64
C LYS H 47 -28.82 -0.83 -53.50
N ALA H 48 -28.89 0.29 -52.77
CA ALA H 48 -29.83 0.50 -51.68
C ALA H 48 -31.04 1.32 -52.10
N LEU H 49 -30.83 2.35 -52.93
CA LEU H 49 -31.96 3.15 -53.40
C LEU H 49 -32.87 2.36 -54.32
N ASP H 50 -32.32 1.37 -55.04
CA ASP H 50 -33.11 0.38 -55.75
C ASP H 50 -33.39 -0.87 -54.92
N ASN H 51 -33.26 -0.76 -53.60
CA ASN H 51 -33.97 -1.64 -52.68
C ASN H 51 -33.44 -3.08 -52.72
N LYS H 52 -32.12 -3.20 -52.85
CA LYS H 52 -31.52 -4.53 -52.99
C LYS H 52 -30.51 -4.79 -51.88
N ILE H 53 -30.87 -4.47 -50.63
CA ILE H 53 -29.99 -4.62 -49.47
C ILE H 53 -30.68 -5.53 -48.46
N MET H 54 -30.23 -6.77 -48.35
CA MET H 54 -30.82 -7.74 -47.45
C MET H 54 -30.11 -7.70 -46.10
N PHE H 55 -30.58 -8.53 -45.17
CA PHE H 55 -29.92 -8.70 -43.88
C PHE H 55 -30.40 -10.01 -43.26
N ASP H 56 -30.00 -10.25 -42.02
CA ASP H 56 -30.37 -11.45 -41.26
C ASP H 56 -31.50 -11.08 -40.31
N GLY H 57 -32.72 -11.43 -40.70
CA GLY H 57 -33.87 -11.09 -39.86
C GLY H 57 -33.86 -11.79 -38.51
N SER H 58 -33.28 -12.99 -38.45
CA SER H 58 -33.47 -13.86 -37.28
C SER H 58 -32.97 -13.21 -36.00
N SER H 59 -31.86 -12.48 -36.07
CA SER H 59 -31.19 -12.01 -34.86
C SER H 59 -31.65 -10.63 -34.42
N ILE H 60 -32.58 -10.01 -35.12
CA ILE H 60 -33.18 -8.76 -34.68
C ILE H 60 -34.44 -9.12 -33.90
N GLU H 61 -34.44 -8.82 -32.60
CA GLU H 61 -35.47 -9.35 -31.72
C GLU H 61 -36.79 -8.68 -32.05
N GLY H 62 -37.70 -9.43 -32.67
CA GLY H 62 -39.00 -8.92 -33.05
C GLY H 62 -39.39 -9.27 -34.48
N PHE H 63 -38.59 -10.09 -35.15
CA PHE H 63 -38.73 -10.36 -36.58
C PHE H 63 -38.91 -11.87 -36.80
N VAL H 64 -38.81 -12.30 -38.07
CA VAL H 64 -39.09 -13.67 -38.47
C VAL H 64 -38.11 -14.64 -37.81
N ARG H 65 -38.45 -15.92 -37.81
CA ARG H 65 -37.54 -16.97 -37.37
C ARG H 65 -36.43 -17.18 -38.39
N ILE H 66 -35.44 -17.98 -38.00
CA ILE H 66 -34.26 -18.20 -38.83
C ILE H 66 -34.56 -19.04 -40.07
N GLU H 67 -35.73 -19.66 -40.16
CA GLU H 67 -36.09 -20.33 -41.41
C GLU H 67 -36.34 -19.32 -42.52
N GLU H 68 -37.25 -18.38 -42.30
CA GLU H 68 -37.46 -17.30 -43.26
C GLU H 68 -36.66 -16.07 -42.81
N SER H 69 -35.33 -16.19 -42.92
CA SER H 69 -34.44 -15.15 -42.39
C SER H 69 -34.35 -13.95 -43.33
N ASP H 70 -34.04 -14.20 -44.61
CA ASP H 70 -33.75 -13.12 -45.55
C ASP H 70 -34.87 -12.08 -45.56
N MET H 71 -34.48 -10.82 -45.42
CA MET H 71 -35.40 -9.69 -45.41
C MET H 71 -34.68 -8.50 -46.02
N TYR H 72 -35.41 -7.73 -46.83
CA TYR H 72 -34.84 -6.62 -47.58
C TYR H 72 -35.16 -5.30 -46.88
N LEU H 73 -34.45 -4.25 -47.30
CA LEU H 73 -34.55 -2.93 -46.68
C LEU H 73 -34.76 -1.86 -47.74
N PHE H 74 -35.82 -1.06 -47.57
CA PHE H 74 -36.21 -0.07 -48.56
C PHE H 74 -36.16 1.32 -47.91
N PRO H 75 -35.40 2.27 -48.45
CA PRO H 75 -35.19 3.53 -47.73
C PRO H 75 -36.29 4.57 -47.95
N ASP H 76 -36.47 5.40 -46.93
CA ASP H 76 -37.39 6.54 -46.95
C ASP H 76 -36.56 7.78 -47.28
N LEU H 77 -36.54 8.16 -48.56
CA LEU H 77 -35.61 9.13 -49.10
C LEU H 77 -35.80 10.55 -48.56
N ASP H 78 -36.81 10.77 -47.73
CA ASP H 78 -37.01 12.05 -47.06
C ASP H 78 -36.22 12.14 -45.78
N THR H 79 -35.92 11.01 -45.16
CA THR H 79 -35.11 10.99 -43.93
C THR H 79 -33.63 11.01 -44.26
N TRP H 80 -33.21 11.95 -45.12
CA TRP H 80 -31.81 12.09 -45.50
C TRP H 80 -31.24 13.27 -44.71
N VAL H 81 -30.47 12.95 -43.69
CA VAL H 81 -29.57 13.92 -43.08
C VAL H 81 -28.18 13.32 -43.11
N VAL H 82 -27.19 14.18 -42.95
CA VAL H 82 -25.81 13.74 -42.81
C VAL H 82 -25.43 13.84 -41.35
N PHE H 83 -24.59 12.91 -40.90
CA PHE H 83 -24.19 12.92 -39.50
C PHE H 83 -23.10 13.99 -39.30
N PRO H 84 -23.41 15.06 -38.57
CA PRO H 84 -22.49 16.21 -38.53
C PRO H 84 -21.20 15.95 -37.78
N TRP H 85 -21.11 14.89 -36.97
CA TRP H 85 -19.90 14.62 -36.20
C TRP H 85 -18.94 13.65 -36.90
N THR H 86 -19.37 13.02 -38.00
CA THR H 86 -18.48 12.18 -38.79
C THR H 86 -17.90 12.93 -39.99
N ALA H 87 -17.83 14.26 -39.91
CA ALA H 87 -16.87 14.97 -40.73
C ALA H 87 -15.47 14.50 -40.34
N GLU H 88 -14.52 14.72 -41.27
CA GLU H 88 -13.09 14.47 -41.06
C GLU H 88 -12.73 12.98 -41.07
N LYS H 89 -13.70 12.08 -40.99
CA LYS H 89 -13.41 10.65 -41.11
C LYS H 89 -14.06 10.12 -42.38
N GLY H 90 -15.37 10.15 -42.45
CA GLY H 90 -16.10 10.07 -43.69
C GLY H 90 -17.43 10.71 -43.42
N LYS H 91 -17.79 11.74 -44.17
CA LYS H 91 -19.09 12.35 -43.99
C LYS H 91 -20.15 11.28 -44.15
N VAL H 92 -20.91 11.04 -43.08
CA VAL H 92 -21.82 9.91 -43.00
C VAL H 92 -23.24 10.43 -43.06
N ALA H 93 -24.00 9.96 -44.06
CA ALA H 93 -25.39 10.38 -44.23
C ALA H 93 -26.30 9.62 -43.29
N ARG H 94 -27.60 9.67 -43.55
CA ARG H 94 -28.54 8.80 -42.84
C ARG H 94 -29.77 8.64 -43.72
N MET H 95 -30.36 7.45 -43.66
CA MET H 95 -31.64 7.15 -44.31
C MET H 95 -32.36 6.06 -43.54
N ILE H 96 -33.63 6.30 -43.20
CA ILE H 96 -34.45 5.32 -42.50
C ILE H 96 -35.13 4.40 -43.50
N CYS H 97 -35.22 3.13 -43.13
CA CYS H 97 -35.76 2.07 -43.97
C CYS H 97 -37.05 1.52 -43.38
N ASP H 98 -37.87 0.93 -44.24
CA ASP H 98 -38.94 0.03 -43.84
C ASP H 98 -38.54 -1.39 -44.19
N ILE H 99 -39.00 -2.33 -43.37
CA ILE H 99 -38.60 -3.73 -43.49
C ILE H 99 -39.60 -4.49 -44.37
N TYR H 100 -39.09 -5.13 -45.42
CA TYR H 100 -39.92 -5.88 -46.36
C TYR H 100 -39.49 -7.34 -46.40
N ASN H 101 -40.47 -8.23 -46.41
CA ASN H 101 -40.22 -9.63 -46.68
C ASN H 101 -39.84 -9.79 -48.15
N PRO H 102 -39.15 -10.88 -48.50
CA PRO H 102 -38.74 -11.06 -49.91
C PRO H 102 -39.88 -11.41 -50.86
N ASP H 103 -41.11 -11.48 -50.37
CA ASP H 103 -42.24 -11.58 -51.27
C ASP H 103 -42.63 -10.24 -51.86
N MET H 104 -41.81 -9.21 -51.63
CA MET H 104 -42.09 -7.81 -51.90
C MET H 104 -43.35 -7.34 -51.18
N THR H 105 -43.95 -8.19 -50.35
CA THR H 105 -44.98 -7.79 -49.42
C THR H 105 -44.31 -7.16 -48.20
N PRO H 106 -44.69 -5.93 -47.81
CA PRO H 106 -44.11 -5.34 -46.61
C PRO H 106 -44.33 -6.23 -45.39
N PHE H 107 -43.60 -5.95 -44.32
CA PHE H 107 -43.63 -6.78 -43.13
C PHE H 107 -44.62 -6.19 -42.14
N ALA H 108 -45.70 -6.92 -41.83
CA ALA H 108 -46.72 -6.49 -40.90
C ALA H 108 -46.21 -6.44 -39.46
N GLY H 109 -44.97 -6.90 -39.24
CA GLY H 109 -44.28 -6.72 -37.99
C GLY H 109 -43.30 -5.56 -37.99
N ASP H 110 -43.24 -4.78 -39.06
CA ASP H 110 -42.41 -3.59 -39.09
C ASP H 110 -43.05 -2.53 -38.20
N PRO H 111 -42.37 -2.07 -37.15
CA PRO H 111 -42.97 -1.02 -36.30
C PRO H 111 -43.34 0.24 -37.05
N ARG H 112 -42.59 0.59 -38.10
CA ARG H 112 -42.88 1.78 -38.88
C ARG H 112 -43.92 1.54 -39.97
N ALA H 113 -44.27 0.28 -40.23
CA ALA H 113 -45.41 0.01 -41.10
C ALA H 113 -46.72 0.09 -40.32
N ASN H 114 -46.73 -0.42 -39.08
CA ASN H 114 -47.94 -0.48 -38.28
C ASN H 114 -48.42 0.88 -37.81
N LEU H 115 -47.61 1.93 -37.98
CA LEU H 115 -48.09 3.30 -37.91
C LEU H 115 -48.40 3.85 -39.29
N LYS H 116 -47.61 3.45 -40.29
CA LYS H 116 -47.90 3.82 -41.68
C LYS H 116 -49.24 3.26 -42.15
N ARG H 117 -49.82 2.30 -41.44
CA ARG H 117 -51.15 1.83 -41.80
C ARG H 117 -52.25 2.46 -40.96
N VAL H 118 -52.08 2.56 -39.64
CA VAL H 118 -53.13 3.16 -38.81
C VAL H 118 -53.19 4.67 -38.95
N LEU H 119 -52.23 5.29 -39.64
CA LEU H 119 -52.36 6.71 -39.96
C LEU H 119 -53.32 6.94 -41.12
N LYS H 120 -53.78 5.87 -41.78
CA LYS H 120 -54.74 5.95 -42.86
C LYS H 120 -56.17 5.76 -42.40
N GLU H 121 -56.39 5.48 -41.12
CA GLU H 121 -57.76 5.34 -40.62
C GLU H 121 -58.39 6.70 -40.33
N MET H 122 -57.57 7.69 -39.94
CA MET H 122 -58.02 9.07 -39.95
C MET H 122 -58.14 9.63 -41.36
N GLU H 123 -57.58 8.93 -42.35
CA GLU H 123 -57.83 9.27 -43.75
C GLU H 123 -59.25 8.93 -44.14
N GLU H 124 -59.73 7.75 -43.73
CA GLU H 124 -61.11 7.37 -44.00
C GLU H 124 -62.13 8.27 -43.32
N LEU H 125 -61.68 9.15 -42.40
CA LEU H 125 -62.59 9.99 -41.65
C LEU H 125 -62.08 11.43 -41.54
N GLY H 126 -61.20 11.85 -42.46
CA GLY H 126 -60.91 13.26 -42.67
C GLY H 126 -60.09 14.07 -41.69
N PHE H 127 -58.78 13.84 -41.62
CA PHE H 127 -57.87 14.70 -40.87
C PHE H 127 -56.56 14.83 -41.64
N THR H 128 -55.97 16.03 -41.61
CA THR H 128 -54.77 16.28 -42.40
C THR H 128 -53.54 15.57 -41.83
N GLU H 129 -53.26 15.76 -40.54
CA GLU H 129 -52.02 15.26 -39.94
C GLU H 129 -52.27 14.86 -38.50
N PHE H 130 -51.25 14.23 -37.90
CA PHE H 130 -51.26 13.86 -36.49
C PHE H 130 -50.01 14.44 -35.85
N ASN H 131 -50.14 15.57 -35.17
CA ASN H 131 -48.99 16.33 -34.71
C ASN H 131 -48.51 15.84 -33.34
N LEU H 132 -47.26 15.39 -33.28
CA LEU H 132 -46.63 14.96 -32.04
C LEU H 132 -45.45 15.87 -31.74
N GLY H 133 -45.49 16.53 -30.58
CA GLY H 133 -44.32 17.15 -30.03
C GLY H 133 -44.01 16.55 -28.66
N PRO H 134 -42.95 15.78 -28.58
CA PRO H 134 -42.63 15.06 -27.35
C PRO H 134 -41.76 15.88 -26.40
N GLU H 135 -41.59 15.34 -25.19
CA GLU H 135 -40.67 15.89 -24.19
C GLU H 135 -39.82 14.76 -23.63
N PRO H 136 -38.86 14.26 -24.41
CA PRO H 136 -38.01 13.16 -23.90
C PRO H 136 -37.03 13.63 -22.84
N GLU H 137 -37.28 13.29 -21.59
CA GLU H 137 -36.39 13.66 -20.49
C GLU H 137 -35.29 12.60 -20.36
N PHE H 138 -34.14 13.03 -19.86
CA PHE H 138 -32.99 12.13 -19.78
C PHE H 138 -32.05 12.53 -18.64
N PHE H 139 -31.53 11.51 -17.94
CA PHE H 139 -30.49 11.68 -16.95
C PHE H 139 -29.11 11.50 -17.60
N LEU H 140 -28.07 11.88 -16.85
CA LEU H 140 -26.70 11.79 -17.32
C LEU H 140 -25.81 11.33 -16.16
N PHE H 141 -24.97 10.34 -16.42
CA PHE H 141 -24.12 9.76 -15.39
C PHE H 141 -22.65 9.89 -15.76
N LYS H 142 -21.81 10.12 -14.75
CA LYS H 142 -20.37 10.18 -14.94
C LYS H 142 -19.84 8.82 -15.39
N LEU H 143 -18.80 8.84 -16.22
CA LEU H 143 -18.07 7.65 -16.62
C LEU H 143 -16.86 7.43 -15.72
N ASP H 144 -16.04 6.45 -16.06
CA ASP H 144 -14.93 6.05 -15.22
C ASP H 144 -13.63 6.08 -16.03
N GLU H 145 -12.58 5.48 -15.47
CA GLU H 145 -11.40 5.19 -16.25
C GLU H 145 -11.72 4.16 -17.35
N ASN H 146 -12.60 3.21 -17.04
CA ASN H 146 -13.07 2.27 -18.04
C ASN H 146 -13.83 2.94 -19.17
N ARG H 147 -14.33 4.15 -18.94
CA ARG H 147 -15.42 4.75 -19.75
C ARG H 147 -16.60 3.79 -19.82
N ARG H 148 -17.00 3.29 -18.65
CA ARG H 148 -18.17 2.41 -18.48
C ARG H 148 -19.06 3.04 -17.42
N PRO H 149 -20.27 3.48 -17.76
CA PRO H 149 -21.02 4.40 -16.89
C PRO H 149 -21.25 3.89 -15.47
N THR H 150 -21.45 4.83 -14.55
CA THR H 150 -21.64 4.58 -13.13
C THR H 150 -22.83 5.38 -12.61
N LEU H 151 -23.32 5.01 -11.42
CA LEU H 151 -24.51 5.59 -10.83
C LEU H 151 -24.19 6.82 -9.98
N GLU H 152 -23.42 7.74 -10.56
CA GLU H 152 -23.14 9.03 -9.92
C GLU H 152 -23.47 10.10 -10.94
N LEU H 153 -24.46 10.93 -10.62
CA LEU H 153 -25.03 11.82 -11.61
C LEU H 153 -24.10 12.99 -11.89
N ASN H 154 -24.38 13.71 -12.99
CA ASN H 154 -23.49 14.80 -13.41
C ASN H 154 -23.56 15.99 -12.47
N ASP H 155 -24.66 16.14 -11.73
CA ASP H 155 -24.79 17.24 -10.77
C ASP H 155 -25.94 16.93 -9.81
N SER H 156 -25.82 17.44 -8.59
CA SER H 156 -26.91 17.36 -7.62
C SER H 156 -27.77 18.61 -7.72
N GLY H 157 -28.32 18.79 -8.93
CA GLY H 157 -28.96 20.03 -9.32
C GLY H 157 -30.46 20.03 -9.11
N GLY H 158 -31.14 20.86 -9.91
CA GLY H 158 -32.56 21.03 -9.74
C GLY H 158 -33.18 21.73 -10.94
N TYR H 159 -34.51 21.88 -10.86
CA TYR H 159 -35.32 22.42 -11.94
C TYR H 159 -34.96 23.87 -12.22
N PHE H 160 -34.43 24.13 -13.42
CA PHE H 160 -34.06 25.45 -13.94
C PHE H 160 -32.81 26.04 -13.28
N ASP H 161 -32.18 25.33 -12.35
CA ASP H 161 -31.03 25.89 -11.65
C ASP H 161 -29.86 26.11 -12.63
N LEU H 162 -28.84 26.81 -12.15
CA LEU H 162 -27.77 27.34 -13.00
C LEU H 162 -26.41 26.75 -12.69
N ALA H 163 -25.50 26.88 -13.64
CA ALA H 163 -24.08 26.77 -13.35
C ALA H 163 -23.73 27.74 -12.23
N PRO H 164 -23.04 27.28 -11.17
CA PRO H 164 -22.27 26.04 -11.06
C PRO H 164 -23.08 24.77 -10.79
N THR H 165 -24.38 24.88 -10.51
CA THR H 165 -25.14 23.72 -10.09
C THR H 165 -25.55 22.82 -11.24
N ASP H 166 -25.46 23.30 -12.48
CA ASP H 166 -25.88 22.57 -13.66
C ASP H 166 -24.65 22.28 -14.52
N LEU H 167 -24.21 21.02 -14.52
CA LEU H 167 -22.98 20.63 -15.19
C LEU H 167 -23.22 20.02 -16.58
N GLY H 168 -24.44 20.16 -17.11
CA GLY H 168 -24.74 19.79 -18.47
C GLY H 168 -25.10 21.03 -19.27
N GLU H 169 -25.00 22.18 -18.61
CA GLU H 169 -25.20 23.45 -19.28
C GLU H 169 -24.35 23.55 -20.54
N ASN H 170 -23.10 23.12 -20.46
CA ASN H 170 -22.23 23.05 -21.63
C ASN H 170 -22.43 21.78 -22.43
N CYS H 171 -23.18 20.81 -21.90
CA CYS H 171 -23.42 19.54 -22.56
C CYS H 171 -24.72 19.55 -23.37
N ARG H 172 -25.85 19.91 -22.73
CA ARG H 172 -27.09 20.09 -23.47
C ARG H 172 -26.87 21.01 -24.66
N ARG H 173 -26.15 22.11 -24.44
CA ARG H 173 -25.94 23.07 -25.52
C ARG H 173 -25.20 22.44 -26.68
N ASP H 174 -24.25 21.56 -26.41
CA ASP H 174 -23.62 20.85 -27.51
C ASP H 174 -24.55 19.85 -28.14
N ILE H 175 -25.54 19.37 -27.39
CA ILE H 175 -26.52 18.44 -27.96
C ILE H 175 -27.53 19.18 -28.83
N VAL H 176 -27.91 20.40 -28.46
CA VAL H 176 -28.94 21.09 -29.25
C VAL H 176 -28.36 21.60 -30.56
N LEU H 177 -27.11 22.08 -30.53
CA LEU H 177 -26.51 22.55 -31.78
C LEU H 177 -26.10 21.38 -32.69
N GLU H 178 -25.95 20.18 -32.13
CA GLU H 178 -25.75 19.00 -32.97
C GLU H 178 -27.05 18.49 -33.56
N LEU H 179 -28.18 18.72 -32.89
CA LEU H 179 -29.48 18.34 -33.43
C LEU H 179 -29.98 19.38 -34.44
N GLU H 180 -29.75 20.66 -34.15
CA GLU H 180 -30.21 21.71 -35.05
C GLU H 180 -29.46 21.68 -36.37
N GLU H 181 -28.18 21.29 -36.34
CA GLU H 181 -27.45 21.05 -37.58
C GLU H 181 -28.10 19.97 -38.44
N MET H 182 -28.96 19.13 -37.84
CA MET H 182 -29.70 18.10 -38.55
C MET H 182 -31.13 18.54 -38.87
N GLY H 183 -31.36 19.85 -38.99
CA GLY H 183 -32.61 20.36 -39.51
C GLY H 183 -33.80 20.31 -38.57
N PHE H 184 -33.59 20.50 -37.28
CA PHE H 184 -34.68 20.54 -36.31
C PHE H 184 -35.11 21.98 -36.07
N GLU H 185 -36.08 22.14 -35.16
CA GLU H 185 -36.41 23.45 -34.59
C GLU H 185 -36.62 23.19 -33.10
N ILE H 186 -35.66 23.61 -32.29
CA ILE H 186 -35.60 23.26 -30.87
C ILE H 186 -36.27 24.36 -30.07
N GLU H 187 -37.27 23.99 -29.27
CA GLU H 187 -37.98 24.97 -28.46
C GLU H 187 -37.08 25.51 -27.35
N ALA H 188 -36.63 24.64 -26.44
CA ALA H 188 -35.91 25.10 -25.27
C ALA H 188 -34.97 24.00 -24.78
N SER H 189 -34.09 24.39 -23.87
CA SER H 189 -33.16 23.49 -23.19
C SER H 189 -33.08 23.88 -21.73
N HIS H 190 -33.07 22.87 -20.85
CA HIS H 190 -33.05 23.11 -19.41
C HIS H 190 -32.89 21.82 -18.61
N HIS H 191 -32.83 21.99 -17.28
CA HIS H 191 -32.58 20.91 -16.33
C HIS H 191 -33.86 20.64 -15.56
N GLU H 192 -34.33 19.39 -15.56
CA GLU H 192 -35.59 19.05 -14.93
C GLU H 192 -35.39 18.91 -13.41
N VAL H 193 -36.48 18.64 -12.69
CA VAL H 193 -36.51 18.78 -11.24
C VAL H 193 -35.60 17.80 -10.52
N ALA H 194 -35.26 16.68 -11.13
CA ALA H 194 -34.38 15.76 -10.44
C ALA H 194 -32.92 16.09 -10.73
N PRO H 195 -32.01 15.67 -9.87
CA PRO H 195 -30.58 15.88 -10.16
C PRO H 195 -30.15 15.08 -11.38
N GLY H 196 -29.30 15.70 -12.19
CA GLY H 196 -28.87 15.08 -13.43
C GLY H 196 -29.94 14.92 -14.47
N GLN H 197 -31.17 15.38 -14.20
CA GLN H 197 -32.28 15.22 -15.13
C GLN H 197 -32.37 16.46 -16.01
N HIS H 198 -32.29 16.25 -17.33
CA HIS H 198 -32.38 17.35 -18.28
C HIS H 198 -33.51 17.07 -19.27
N GLU H 199 -33.97 18.14 -19.93
CA GLU H 199 -35.07 18.05 -20.88
C GLU H 199 -34.80 18.97 -22.06
N ILE H 200 -34.84 18.41 -23.27
CA ILE H 200 -34.68 19.15 -24.52
C ILE H 200 -35.95 18.89 -25.34
N ASP H 201 -36.78 19.92 -25.51
CA ASP H 201 -37.99 19.79 -26.30
C ASP H 201 -37.95 20.66 -27.55
N PHE H 202 -38.49 20.13 -28.64
CA PHE H 202 -38.53 20.77 -29.94
C PHE H 202 -39.98 20.96 -30.40
N LYS H 203 -40.14 21.43 -31.63
CA LYS H 203 -41.46 21.71 -32.18
C LYS H 203 -42.05 20.46 -32.84
N TYR H 204 -43.36 20.29 -32.68
CA TYR H 204 -44.10 19.13 -33.19
C TYR H 204 -43.89 18.94 -34.69
N GLU H 205 -44.21 17.74 -35.17
CA GLU H 205 -44.07 17.42 -36.58
C GLU H 205 -45.11 16.38 -36.97
N ASP H 206 -45.18 16.10 -38.27
CA ASP H 206 -45.98 14.99 -38.76
C ASP H 206 -45.68 13.72 -37.99
N ALA H 207 -46.73 12.95 -37.69
CA ALA H 207 -46.65 11.88 -36.70
C ALA H 207 -45.44 10.98 -36.89
N ILE H 208 -45.26 10.47 -38.11
CA ILE H 208 -44.15 9.55 -38.35
C ILE H 208 -42.83 10.29 -38.41
N THR H 209 -42.81 11.47 -39.05
CA THR H 209 -41.58 12.25 -39.10
C THR H 209 -41.31 12.99 -37.80
N ALA H 210 -42.27 13.00 -36.87
CA ALA H 210 -41.95 13.32 -35.48
C ALA H 210 -41.40 12.10 -34.76
N CYS H 211 -41.86 10.91 -35.15
CA CYS H 211 -41.34 9.69 -34.55
C CYS H 211 -39.93 9.38 -35.06
N ASP H 212 -39.72 9.48 -36.37
CA ASP H 212 -38.36 9.39 -36.92
C ASP H 212 -37.44 10.36 -36.18
N SER H 213 -37.89 11.60 -36.00
CA SER H 213 -37.10 12.60 -35.30
C SER H 213 -36.84 12.21 -33.85
N ILE H 214 -37.67 11.36 -33.26
CA ILE H 214 -37.42 10.93 -31.89
C ILE H 214 -36.32 9.87 -31.85
N GLN H 215 -36.24 8.99 -32.85
CA GLN H 215 -35.12 8.06 -32.90
C GLN H 215 -33.83 8.76 -33.33
N THR H 216 -33.93 9.95 -33.92
CA THR H 216 -32.75 10.78 -34.13
C THR H 216 -32.25 11.34 -32.80
N PHE H 217 -33.13 12.04 -32.09
CA PHE H 217 -32.79 12.71 -30.83
C PHE H 217 -32.02 11.78 -29.90
N LYS H 218 -32.54 10.58 -29.64
CA LYS H 218 -31.93 9.70 -28.67
C LYS H 218 -30.53 9.26 -29.08
N LEU H 219 -30.24 9.20 -30.37
CA LEU H 219 -28.90 8.85 -30.81
C LEU H 219 -27.93 10.03 -30.70
N VAL H 220 -28.43 11.25 -30.85
CA VAL H 220 -27.58 12.43 -30.67
C VAL H 220 -27.30 12.67 -29.20
N VAL H 221 -28.33 12.61 -28.35
CA VAL H 221 -28.15 12.81 -26.93
C VAL H 221 -27.16 11.80 -26.36
N LYS H 222 -27.07 10.62 -26.96
CA LYS H 222 -26.15 9.61 -26.43
C LYS H 222 -24.72 9.80 -26.95
N THR H 223 -24.54 9.94 -28.26
CA THR H 223 -23.18 10.03 -28.80
C THR H 223 -22.50 11.33 -28.37
N ILE H 224 -23.27 12.41 -28.20
CA ILE H 224 -22.70 13.70 -27.82
C ILE H 224 -22.48 13.82 -26.32
N ALA H 225 -22.98 12.86 -25.53
CA ALA H 225 -22.70 12.82 -24.10
C ALA H 225 -21.46 11.98 -23.80
N ARG H 226 -21.38 10.79 -24.41
CA ARG H 226 -20.17 9.99 -24.30
C ARG H 226 -18.98 10.67 -24.95
N LYS H 227 -19.21 11.87 -25.50
CA LYS H 227 -18.19 12.81 -25.91
C LYS H 227 -17.94 13.89 -24.86
N HIS H 228 -18.83 14.02 -23.88
CA HIS H 228 -18.67 14.97 -22.78
C HIS H 228 -18.24 14.31 -21.48
N GLY H 229 -17.73 13.08 -21.55
CA GLY H 229 -17.42 12.30 -20.37
C GLY H 229 -18.63 11.70 -19.68
N LEU H 230 -19.82 11.93 -20.22
CA LEU H 230 -21.07 11.49 -19.61
C LEU H 230 -21.66 10.32 -20.39
N HIS H 231 -22.77 9.79 -19.89
CA HIS H 231 -23.57 8.79 -20.58
C HIS H 231 -25.04 9.11 -20.32
N ALA H 232 -25.83 9.10 -21.39
CA ALA H 232 -27.21 9.55 -21.35
C ALA H 232 -28.14 8.35 -21.29
N THR H 233 -29.02 8.33 -20.29
CA THR H 233 -29.94 7.22 -20.06
C THR H 233 -31.37 7.67 -20.31
N PHE H 234 -32.13 6.84 -21.04
CA PHE H 234 -33.57 7.02 -21.22
C PHE H 234 -34.36 5.99 -20.43
N MET H 235 -33.79 5.58 -19.30
CA MET H 235 -34.44 4.69 -18.35
C MET H 235 -35.36 5.50 -17.43
N PRO H 236 -36.59 5.07 -17.23
CA PRO H 236 -37.61 5.95 -16.64
C PRO H 236 -37.47 6.23 -15.15
N LYS H 237 -37.00 5.28 -14.35
CA LYS H 237 -36.84 5.48 -12.91
C LYS H 237 -35.56 4.81 -12.43
N PRO H 238 -34.41 5.48 -12.59
CA PRO H 238 -33.13 4.85 -12.25
C PRO H 238 -32.78 4.94 -10.77
N LEU H 239 -33.48 5.79 -10.02
CA LEU H 239 -33.21 6.04 -8.61
C LEU H 239 -34.53 5.86 -7.87
N PHE H 240 -34.51 6.02 -6.55
CA PHE H 240 -35.75 6.02 -5.78
C PHE H 240 -36.02 7.40 -5.19
N GLY H 241 -37.29 7.78 -5.19
CA GLY H 241 -37.72 9.02 -4.56
C GLY H 241 -37.32 10.29 -5.29
N VAL H 242 -37.29 10.25 -6.63
CA VAL H 242 -36.91 11.40 -7.45
C VAL H 242 -37.72 11.34 -8.73
N ASN H 243 -37.92 12.51 -9.35
CA ASN H 243 -38.64 12.59 -10.61
C ASN H 243 -38.10 11.58 -11.61
N GLY H 244 -39.02 10.92 -12.31
CA GLY H 244 -38.64 10.05 -13.40
C GLY H 244 -38.55 10.82 -14.71
N SER H 245 -38.00 10.16 -15.72
CA SER H 245 -37.88 10.75 -17.05
C SER H 245 -39.05 10.27 -17.90
N GLY H 246 -39.91 11.20 -18.29
CA GLY H 246 -41.10 10.87 -19.05
C GLY H 246 -41.20 11.63 -20.35
N MET H 247 -41.48 10.90 -21.43
CA MET H 247 -41.59 11.48 -22.77
C MET H 247 -43.03 11.89 -22.99
N HIS H 248 -43.34 13.16 -22.67
CA HIS H 248 -44.69 13.67 -22.84
C HIS H 248 -45.18 13.48 -24.26
N PHE H 249 -46.50 13.36 -24.42
CA PHE H 249 -47.12 13.18 -25.73
C PHE H 249 -48.08 14.33 -25.95
N ASN H 250 -47.61 15.38 -26.63
CA ASN H 250 -48.47 16.47 -27.07
C ASN H 250 -49.07 16.11 -28.42
N MET H 251 -50.37 15.85 -28.44
CA MET H 251 -51.08 15.39 -29.63
C MET H 251 -52.05 16.47 -30.08
N SER H 252 -52.16 16.62 -31.41
CA SER H 252 -53.14 17.52 -31.99
C SER H 252 -53.29 17.18 -33.47
N LEU H 253 -54.53 16.99 -33.90
CA LEU H 253 -54.80 16.67 -35.30
C LEU H 253 -54.98 17.96 -36.09
N PHE H 254 -54.43 17.99 -37.30
CA PHE H 254 -54.61 19.13 -38.19
C PHE H 254 -55.66 18.81 -39.24
N ASN H 255 -56.36 19.85 -39.70
CA ASN H 255 -57.46 19.65 -40.65
C ASN H 255 -57.64 20.94 -41.45
N GLU H 256 -57.09 20.96 -42.67
CA GLU H 256 -57.32 22.05 -43.63
C GLU H 256 -56.90 23.40 -43.04
N LYS H 257 -55.64 23.50 -42.67
CA LYS H 257 -55.07 24.70 -42.04
C LYS H 257 -55.97 25.19 -40.92
N GLY H 258 -56.10 24.33 -39.91
CA GLY H 258 -56.80 24.66 -38.69
C GLY H 258 -56.65 23.53 -37.70
N ASN H 259 -56.32 23.86 -36.47
CA ASN H 259 -56.17 22.83 -35.45
C ASN H 259 -57.53 22.22 -35.18
N ALA H 260 -57.65 20.90 -35.40
CA ALA H 260 -58.90 20.20 -35.16
C ALA H 260 -59.42 20.40 -33.73
N PHE H 261 -58.55 20.80 -32.80
CA PHE H 261 -58.91 20.90 -31.40
C PHE H 261 -59.33 22.31 -31.01
N PHE H 262 -59.30 23.26 -31.95
CA PHE H 262 -59.56 24.66 -31.67
C PHE H 262 -61.04 24.96 -31.87
N ASP H 263 -61.72 25.33 -30.79
CA ASP H 263 -63.04 25.95 -30.87
C ASP H 263 -62.86 27.42 -30.52
N GLU H 264 -63.07 28.29 -31.50
CA GLU H 264 -62.64 29.68 -31.38
C GLU H 264 -63.33 30.42 -30.23
N SER H 265 -64.57 30.07 -29.91
CA SER H 265 -65.30 30.78 -28.85
C SER H 265 -66.07 29.81 -27.95
N GLY H 266 -65.45 28.69 -27.58
CA GLY H 266 -65.94 27.90 -26.47
C GLY H 266 -65.36 28.39 -25.17
N GLU H 267 -65.81 27.79 -24.06
CA GLU H 267 -65.24 28.18 -22.78
C GLU H 267 -63.86 27.57 -22.60
N LEU H 268 -63.76 26.25 -22.75
CA LEU H 268 -62.46 25.59 -22.76
C LEU H 268 -61.84 25.55 -24.15
N GLU H 269 -62.41 26.29 -25.10
CA GLU H 269 -61.86 26.51 -26.44
C GLU H 269 -61.38 25.21 -27.07
N LEU H 270 -62.11 24.12 -26.83
CA LEU H 270 -61.72 22.79 -27.29
C LEU H 270 -62.91 22.18 -28.01
N SER H 271 -62.74 21.89 -29.30
CA SER H 271 -63.82 21.31 -30.08
C SER H 271 -64.29 19.99 -29.46
N GLN H 272 -65.58 19.69 -29.65
CA GLN H 272 -66.10 18.40 -29.22
C GLN H 272 -65.47 17.24 -29.97
N THR H 273 -64.56 17.52 -30.90
CA THR H 273 -63.68 16.46 -31.41
C THR H 273 -62.65 16.07 -30.35
N ALA H 274 -61.96 17.07 -29.79
CA ALA H 274 -60.99 16.79 -28.74
C ALA H 274 -61.64 16.13 -27.53
N TYR H 275 -62.87 16.54 -27.21
CA TYR H 275 -63.52 16.02 -26.00
C TYR H 275 -63.90 14.56 -26.13
N HIS H 276 -64.27 14.12 -27.33
CA HIS H 276 -64.43 12.71 -27.58
C HIS H 276 -63.11 12.03 -27.94
N PHE H 277 -62.08 12.79 -28.26
CA PHE H 277 -60.73 12.24 -28.32
C PHE H 277 -60.26 11.79 -26.93
N LEU H 278 -60.49 12.62 -25.92
CA LEU H 278 -60.08 12.31 -24.55
C LEU H 278 -60.67 10.98 -24.08
N ALA H 279 -62.01 10.88 -24.11
CA ALA H 279 -62.67 9.65 -23.68
C ALA H 279 -62.18 8.44 -24.46
N GLY H 280 -61.55 8.64 -25.60
CA GLY H 280 -60.92 7.54 -26.30
C GLY H 280 -59.85 6.86 -25.47
N MET H 281 -58.76 7.58 -25.20
CA MET H 281 -57.65 6.96 -24.46
C MET H 281 -58.04 6.62 -23.04
N LEU H 282 -58.89 7.45 -22.42
CA LEU H 282 -59.17 7.27 -21.00
C LEU H 282 -59.97 5.99 -20.76
N LYS H 283 -61.00 5.76 -21.57
CA LYS H 283 -61.66 4.46 -21.61
C LYS H 283 -60.63 3.35 -21.75
N HIS H 284 -59.69 3.52 -22.67
CA HIS H 284 -58.77 2.46 -23.03
C HIS H 284 -57.46 2.50 -22.26
N ALA H 285 -57.30 3.47 -21.34
CA ALA H 285 -56.02 3.70 -20.68
C ALA H 285 -55.42 2.42 -20.11
N ARG H 286 -56.24 1.61 -19.44
CA ARG H 286 -55.71 0.43 -18.78
C ARG H 286 -55.13 -0.57 -19.77
N GLY H 287 -55.65 -0.59 -20.98
CA GLY H 287 -55.19 -1.56 -21.94
C GLY H 287 -53.79 -1.23 -22.43
N TYR H 288 -53.69 -0.09 -23.10
CA TYR H 288 -52.56 0.18 -23.97
C TYR H 288 -51.29 0.61 -23.25
N THR H 289 -51.37 1.08 -22.01
CA THR H 289 -50.17 1.58 -21.35
C THR H 289 -49.12 0.50 -21.17
N ALA H 290 -49.54 -0.77 -21.10
CA ALA H 290 -48.60 -1.88 -21.14
C ALA H 290 -47.65 -1.74 -22.33
N VAL H 291 -48.12 -1.15 -23.42
CA VAL H 291 -47.25 -0.86 -24.56
C VAL H 291 -46.43 0.40 -24.29
N THR H 292 -47.11 1.52 -23.98
CA THR H 292 -46.41 2.80 -23.87
C THR H 292 -45.47 2.85 -22.67
N ASN H 293 -45.42 1.82 -21.84
CA ASN H 293 -44.45 1.68 -20.76
C ASN H 293 -44.00 0.24 -20.68
N PRO H 294 -43.23 -0.21 -21.67
CA PRO H 294 -42.98 -1.64 -21.85
C PRO H 294 -41.97 -2.24 -20.88
N THR H 295 -41.30 -1.46 -20.05
CA THR H 295 -40.30 -1.98 -19.14
C THR H 295 -40.86 -2.07 -17.73
N ILE H 296 -40.50 -3.13 -17.01
CA ILE H 296 -40.98 -3.33 -15.64
C ILE H 296 -40.74 -2.08 -14.81
N ASN H 297 -39.60 -1.42 -15.02
CA ASN H 297 -39.26 -0.24 -14.23
C ASN H 297 -40.15 0.94 -14.54
N SER H 298 -40.70 0.99 -15.77
CA SER H 298 -41.61 2.08 -16.12
C SER H 298 -42.78 2.18 -15.17
N PHE H 299 -43.15 1.10 -14.48
CA PHE H 299 -44.18 1.17 -13.47
C PHE H 299 -43.62 1.61 -12.12
N LYS H 300 -42.36 1.27 -11.85
CA LYS H 300 -41.68 1.79 -10.66
C LYS H 300 -41.57 3.31 -10.72
N ARG H 301 -41.91 3.93 -11.86
CA ARG H 301 -41.93 5.38 -12.04
C ARG H 301 -43.32 5.97 -11.95
N LEU H 302 -44.35 5.19 -12.26
CA LEU H 302 -45.71 5.70 -12.33
C LEU H 302 -46.32 5.71 -10.93
N VAL H 303 -45.64 6.37 -10.00
CA VAL H 303 -46.01 6.36 -8.59
C VAL H 303 -46.52 7.74 -8.20
N PRO H 304 -47.23 7.88 -7.08
CA PRO H 304 -47.79 9.19 -6.73
C PRO H 304 -46.74 10.12 -6.13
N GLY H 305 -46.53 11.27 -6.77
CA GLY H 305 -45.75 12.33 -6.15
C GLY H 305 -44.64 12.96 -6.97
N TYR H 306 -44.21 12.28 -8.03
CA TYR H 306 -43.04 12.67 -8.80
C TYR H 306 -43.43 13.20 -10.17
N GLU H 307 -44.48 14.04 -10.17
CA GLU H 307 -45.10 14.68 -11.32
C GLU H 307 -45.62 13.68 -12.34
N ALA H 308 -45.61 12.40 -12.01
CA ALA H 308 -46.05 11.32 -12.88
C ALA H 308 -47.47 10.93 -12.56
N PRO H 309 -48.25 10.55 -13.57
CA PRO H 309 -49.65 10.18 -13.32
C PRO H 309 -49.77 8.78 -12.74
N CYS H 310 -50.67 8.65 -11.76
CA CYS H 310 -51.00 7.36 -11.18
C CYS H 310 -52.44 6.95 -11.42
N TYR H 311 -53.33 7.88 -11.76
CA TYR H 311 -54.75 7.61 -11.88
C TYR H 311 -55.22 8.04 -13.26
N ILE H 312 -56.23 7.34 -13.78
CA ILE H 312 -56.76 7.63 -15.12
C ILE H 312 -57.73 8.81 -14.99
N ALA H 313 -57.29 9.97 -15.46
CA ALA H 313 -58.08 11.20 -15.35
C ALA H 313 -57.43 12.24 -16.25
N TRP H 314 -57.89 13.48 -16.13
CA TRP H 314 -57.40 14.59 -16.93
C TRP H 314 -57.82 15.89 -16.26
N SER H 315 -57.15 16.98 -16.63
CA SER H 315 -57.49 18.30 -16.10
C SER H 315 -56.79 19.34 -16.96
N GLY H 316 -56.89 20.60 -16.55
CA GLY H 316 -56.32 21.72 -17.27
C GLY H 316 -55.12 22.30 -16.52
N LYS H 317 -54.03 22.50 -17.26
CA LYS H 317 -52.75 23.03 -16.77
C LYS H 317 -52.35 22.45 -15.42
N ASN H 318 -52.62 21.17 -15.20
CA ASN H 318 -52.33 20.48 -13.96
C ASN H 318 -51.53 19.24 -14.29
N ARG H 319 -50.46 18.97 -13.53
CA ARG H 319 -49.48 17.96 -13.87
C ARG H 319 -49.60 16.69 -13.02
N SER H 320 -50.72 16.49 -12.35
CA SER H 320 -51.06 15.22 -11.71
C SER H 320 -51.71 14.19 -12.65
N PRO H 321 -52.64 14.56 -13.54
CA PRO H 321 -53.45 13.54 -14.23
C PRO H 321 -52.72 12.85 -15.38
N LEU H 322 -53.42 11.87 -15.96
CA LEU H 322 -52.87 11.13 -17.10
C LEU H 322 -52.73 12.03 -18.32
N VAL H 323 -53.64 12.98 -18.52
CA VAL H 323 -53.56 13.94 -19.61
C VAL H 323 -53.71 15.34 -19.04
N ARG H 324 -52.86 16.25 -19.50
CA ARG H 324 -52.90 17.66 -19.14
C ARG H 324 -53.30 18.48 -20.35
N VAL H 325 -54.08 19.54 -20.12
CA VAL H 325 -54.41 20.51 -21.16
C VAL H 325 -53.57 21.76 -20.92
N PRO H 326 -52.58 22.06 -21.76
CA PRO H 326 -51.82 23.31 -21.61
C PRO H 326 -52.74 24.52 -21.69
N SER H 327 -52.61 25.40 -20.69
CA SER H 327 -53.44 26.58 -20.62
C SER H 327 -53.28 27.49 -21.83
N SER H 328 -52.20 27.33 -22.59
CA SER H 328 -52.05 27.98 -23.88
C SER H 328 -52.49 27.04 -24.99
N ARG H 329 -53.36 27.53 -25.86
CA ARG H 329 -53.84 26.71 -26.97
C ARG H 329 -53.50 27.28 -28.34
N GLY H 330 -53.97 28.46 -28.69
CA GLY H 330 -53.82 28.99 -30.04
C GLY H 330 -53.96 27.98 -31.15
N LEU H 331 -53.06 28.01 -32.12
CA LEU H 331 -52.89 26.95 -33.10
C LEU H 331 -51.96 25.85 -32.60
N SER H 332 -51.35 26.04 -31.43
CA SER H 332 -50.58 25.02 -30.75
C SER H 332 -51.43 24.18 -29.80
N THR H 333 -52.76 24.28 -29.91
CA THR H 333 -53.65 23.57 -29.00
C THR H 333 -53.39 22.08 -29.03
N ARG H 334 -53.21 21.50 -27.84
CA ARG H 334 -52.81 20.11 -27.72
C ARG H 334 -53.27 19.61 -26.36
N LEU H 335 -53.45 18.30 -26.26
CA LEU H 335 -53.64 17.66 -24.96
C LEU H 335 -52.44 16.77 -24.68
N GLU H 336 -51.98 16.81 -23.43
CA GLU H 336 -50.66 16.29 -23.06
C GLU H 336 -50.84 14.97 -22.33
N LEU H 337 -50.78 13.88 -23.08
CA LEU H 337 -50.68 12.56 -22.45
C LEU H 337 -49.28 12.40 -21.89
N ARG H 338 -49.16 12.29 -20.57
CA ARG H 338 -47.87 12.24 -19.91
C ARG H 338 -47.57 10.88 -19.31
N SER H 339 -48.40 9.87 -19.58
CA SER H 339 -48.10 8.51 -19.15
C SER H 339 -47.16 7.78 -20.11
N VAL H 340 -46.48 8.51 -20.98
CA VAL H 340 -45.51 7.93 -21.90
C VAL H 340 -44.12 8.19 -21.37
N ASP H 341 -43.29 7.15 -21.30
CA ASP H 341 -41.89 7.28 -20.95
C ASP H 341 -41.04 6.83 -22.13
N PRO H 342 -39.80 7.33 -22.23
CA PRO H 342 -38.99 7.06 -23.44
C PRO H 342 -38.31 5.70 -23.45
N SER H 343 -39.02 4.65 -23.04
CA SER H 343 -38.61 3.28 -23.34
C SER H 343 -39.54 2.61 -24.34
N ALA H 344 -40.75 3.13 -24.50
CA ALA H 344 -41.68 2.63 -25.49
C ALA H 344 -41.16 2.91 -26.90
N ASN H 345 -41.88 2.35 -27.87
CA ASN H 345 -41.57 2.58 -29.27
C ASN H 345 -42.42 3.75 -29.75
N PRO H 346 -41.81 4.89 -30.11
CA PRO H 346 -42.62 6.00 -30.65
C PRO H 346 -43.52 5.60 -31.80
N TYR H 347 -43.03 4.76 -32.72
CA TYR H 347 -43.85 4.26 -33.82
C TYR H 347 -45.09 3.54 -33.30
N LEU H 348 -44.97 2.80 -32.19
CA LEU H 348 -46.04 1.97 -31.67
C LEU H 348 -46.95 2.69 -30.67
N ALA H 349 -46.40 3.56 -29.83
CA ALA H 349 -47.25 4.35 -28.95
C ALA H 349 -48.18 5.26 -29.74
N MET H 350 -47.68 5.81 -30.85
CA MET H 350 -48.50 6.71 -31.67
C MET H 350 -49.62 5.94 -32.35
N ALA H 351 -49.29 4.81 -32.97
CA ALA H 351 -50.29 4.00 -33.65
C ALA H 351 -51.40 3.57 -32.70
N VAL H 352 -51.01 2.99 -31.57
CA VAL H 352 -51.97 2.56 -30.56
C VAL H 352 -52.85 3.72 -30.13
N LEU H 353 -52.23 4.83 -29.73
CA LEU H 353 -53.00 5.94 -29.20
C LEU H 353 -53.76 6.70 -30.28
N LEU H 354 -53.32 6.62 -31.54
CA LEU H 354 -54.17 7.12 -32.62
C LEU H 354 -55.48 6.35 -32.66
N LYS H 355 -55.40 5.03 -32.75
CA LYS H 355 -56.56 4.17 -32.89
C LYS H 355 -57.53 4.37 -31.73
N ALA H 356 -57.08 4.03 -30.51
CA ALA H 356 -57.95 4.11 -29.35
C ALA H 356 -58.28 5.56 -29.01
N GLY H 357 -57.70 6.50 -29.74
CA GLY H 357 -57.99 7.90 -29.57
C GLY H 357 -59.09 8.37 -30.50
N LEU H 358 -59.02 7.98 -31.78
CA LEU H 358 -60.09 8.32 -32.71
C LEU H 358 -61.28 7.37 -32.57
N SER H 359 -61.06 6.20 -31.95
CA SER H 359 -62.16 5.36 -31.51
C SER H 359 -63.10 6.09 -30.56
N GLY H 360 -62.68 7.22 -30.01
CA GLY H 360 -63.50 7.99 -29.11
C GLY H 360 -64.36 9.03 -29.80
N ILE H 361 -63.94 9.50 -30.97
CA ILE H 361 -64.77 10.40 -31.78
C ILE H 361 -65.74 9.60 -32.65
N LYS H 362 -65.25 8.50 -33.22
CA LYS H 362 -66.09 7.59 -33.98
C LYS H 362 -67.24 7.05 -33.13
N ASP H 363 -66.89 6.38 -32.03
CA ASP H 363 -67.89 5.96 -31.06
C ASP H 363 -68.49 7.15 -30.32
N GLU H 364 -67.87 8.33 -30.40
CA GLU H 364 -68.38 9.56 -29.81
C GLU H 364 -68.52 9.48 -28.30
N LEU H 365 -67.61 8.75 -27.64
CA LEU H 365 -67.64 8.59 -26.19
C LEU H 365 -67.57 9.93 -25.48
N THR H 366 -68.37 10.08 -24.42
CA THR H 366 -68.48 11.30 -23.64
C THR H 366 -67.42 11.32 -22.52
N PRO H 367 -66.77 12.45 -22.28
CA PRO H 367 -65.54 12.46 -21.46
C PRO H 367 -65.83 12.69 -20.00
N PRO H 368 -65.08 12.01 -19.10
CA PRO H 368 -65.35 12.09 -17.66
C PRO H 368 -65.03 13.45 -17.05
N ALA H 369 -65.13 13.52 -15.73
CA ALA H 369 -64.97 14.79 -15.01
C ALA H 369 -63.52 15.26 -15.05
N PRO H 370 -63.26 16.55 -15.31
CA PRO H 370 -61.91 17.08 -15.20
C PRO H 370 -61.51 17.30 -13.75
N VAL H 371 -60.69 16.41 -13.20
CA VAL H 371 -60.44 16.42 -11.75
C VAL H 371 -59.36 17.48 -11.48
N ASP H 372 -59.81 18.66 -11.08
CA ASP H 372 -58.93 19.83 -10.96
C ASP H 372 -58.54 20.06 -9.50
N ARG H 373 -57.64 19.20 -9.03
CA ARG H 373 -57.02 19.35 -7.71
C ARG H 373 -55.74 18.50 -7.71
N ASN H 374 -55.22 18.21 -6.53
CA ASN H 374 -54.11 17.27 -6.41
C ASN H 374 -54.67 15.85 -6.39
N ILE H 375 -54.45 15.10 -7.48
CA ILE H 375 -54.90 13.72 -7.54
C ILE H 375 -54.14 12.84 -6.57
N TYR H 376 -52.91 13.20 -6.21
CA TYR H 376 -52.18 12.42 -5.23
C TYR H 376 -52.72 12.60 -3.82
N GLY H 377 -53.41 13.71 -3.55
CA GLY H 377 -53.90 13.99 -2.22
C GLY H 377 -55.32 13.53 -1.97
N MET H 378 -55.73 12.40 -2.54
CA MET H 378 -57.10 11.94 -2.42
C MET H 378 -57.15 10.56 -1.79
N ASN H 379 -58.07 10.38 -0.84
CA ASN H 379 -58.20 9.13 -0.09
C ASN H 379 -58.39 7.95 -1.03
N GLU H 380 -58.00 6.76 -0.55
CA GLU H 380 -58.28 5.53 -1.28
C GLU H 380 -59.75 5.45 -1.68
N GLU H 381 -60.63 5.91 -0.80
CA GLU H 381 -62.07 5.82 -1.06
C GLU H 381 -62.71 7.17 -1.37
N GLU H 382 -61.97 8.26 -1.36
CA GLU H 382 -62.53 9.52 -1.82
C GLU H 382 -62.26 9.79 -3.30
N ARG H 383 -61.40 9.00 -3.94
CA ARG H 383 -61.36 8.98 -5.40
C ARG H 383 -62.10 7.81 -6.00
N GLU H 384 -62.40 6.78 -5.21
CA GLU H 384 -63.19 5.65 -5.68
C GLU H 384 -64.68 5.99 -5.80
N ALA H 385 -65.13 7.12 -5.25
CA ALA H 385 -66.48 7.60 -5.52
C ALA H 385 -66.53 8.37 -6.84
N THR H 386 -65.41 8.99 -7.21
CA THR H 386 -65.30 9.76 -8.45
C THR H 386 -65.00 8.88 -9.66
N GLY H 387 -64.98 7.55 -9.50
CA GLY H 387 -64.91 6.63 -10.62
C GLY H 387 -63.55 6.46 -11.24
N ILE H 388 -62.70 7.48 -11.10
CA ILE H 388 -61.32 7.37 -11.54
C ILE H 388 -60.63 6.26 -10.77
N TYR H 389 -59.82 5.47 -11.46
CA TYR H 389 -59.18 4.32 -10.85
C TYR H 389 -57.74 4.22 -11.34
N ASP H 390 -56.93 3.49 -10.58
CA ASP H 390 -55.48 3.48 -10.78
C ASP H 390 -55.10 2.84 -12.10
N LEU H 391 -54.00 3.34 -12.67
CA LEU H 391 -53.34 2.67 -13.78
C LEU H 391 -52.66 1.40 -13.31
N PRO H 392 -52.57 0.37 -14.16
CA PRO H 392 -52.10 -0.94 -13.70
C PRO H 392 -50.66 -0.89 -13.19
N GLU H 393 -50.40 -1.66 -12.13
CA GLU H 393 -49.19 -1.51 -11.32
C GLU H 393 -48.03 -2.41 -11.73
N SER H 394 -48.31 -3.64 -12.17
CA SER H 394 -47.25 -4.55 -12.59
C SER H 394 -47.39 -4.82 -14.08
N LEU H 395 -46.26 -5.18 -14.72
CA LEU H 395 -46.33 -5.47 -16.15
C LEU H 395 -47.23 -6.66 -16.43
N GLY H 396 -47.21 -7.65 -15.54
CA GLY H 396 -48.16 -8.75 -15.66
C GLY H 396 -49.60 -8.27 -15.63
N HIS H 397 -49.92 -7.35 -14.73
CA HIS H 397 -51.28 -6.81 -14.66
C HIS H 397 -51.61 -6.03 -15.91
N ALA H 398 -50.67 -5.18 -16.36
CA ALA H 398 -50.95 -4.33 -17.51
C ALA H 398 -50.98 -5.14 -18.80
N LEU H 399 -50.20 -6.22 -18.90
CA LEU H 399 -50.27 -7.07 -20.08
C LEU H 399 -51.59 -7.83 -20.15
N ILE H 400 -52.11 -8.27 -18.99
CA ILE H 400 -53.42 -8.93 -18.96
C ILE H 400 -54.50 -7.97 -19.48
N GLU H 401 -54.50 -6.73 -18.98
CA GLU H 401 -55.49 -5.73 -19.36
C GLU H 401 -55.25 -5.13 -20.74
N LEU H 402 -54.13 -5.43 -21.38
CA LEU H 402 -53.93 -5.06 -22.79
C LEU H 402 -54.41 -6.18 -23.68
N GLU H 403 -53.89 -7.39 -23.44
CA GLU H 403 -54.32 -8.54 -24.22
C GLU H 403 -55.84 -8.69 -24.18
N LYS H 404 -56.45 -8.40 -23.02
CA LYS H 404 -57.90 -8.29 -22.94
C LYS H 404 -58.44 -7.30 -23.96
N ASN H 405 -57.84 -6.12 -24.04
CA ASN H 405 -58.34 -5.10 -24.95
C ASN H 405 -58.16 -5.53 -26.39
N GLU H 406 -59.21 -5.33 -27.18
CA GLU H 406 -59.22 -5.67 -28.60
C GLU H 406 -59.00 -4.47 -29.50
N ILE H 407 -59.54 -3.32 -29.11
CA ILE H 407 -59.48 -2.14 -29.96
C ILE H 407 -58.03 -1.73 -30.21
N ILE H 408 -57.17 -1.86 -29.21
CA ILE H 408 -55.75 -1.61 -29.43
C ILE H 408 -54.99 -2.87 -29.87
N LYS H 409 -55.53 -4.06 -29.60
CA LYS H 409 -54.87 -5.29 -30.02
C LYS H 409 -54.92 -5.48 -31.53
N ASP H 410 -55.85 -4.83 -32.22
CA ASP H 410 -55.99 -4.92 -33.66
C ASP H 410 -55.32 -3.77 -34.39
N GLY H 411 -54.64 -2.89 -33.67
CA GLY H 411 -53.82 -1.87 -34.31
C GLY H 411 -52.37 -2.12 -33.97
N LEU H 412 -52.15 -3.26 -33.32
CA LEU H 412 -50.82 -3.73 -32.98
C LEU H 412 -50.34 -4.82 -33.92
N GLY H 413 -51.15 -5.21 -34.90
CA GLY H 413 -50.75 -6.23 -35.85
C GLY H 413 -50.80 -7.61 -35.24
N GLU H 414 -51.26 -8.59 -36.02
CA GLU H 414 -51.17 -9.98 -35.57
C GLU H 414 -49.74 -10.36 -35.22
N HIS H 415 -48.78 -10.04 -36.11
CA HIS H 415 -47.42 -10.48 -35.88
C HIS H 415 -46.71 -9.71 -34.78
N ILE H 416 -47.09 -8.46 -34.52
CA ILE H 416 -46.38 -7.70 -33.50
C ILE H 416 -46.88 -8.06 -32.10
N PHE H 417 -48.20 -8.14 -31.91
CA PHE H 417 -48.72 -8.46 -30.58
C PHE H 417 -48.29 -9.84 -30.12
N GLU H 418 -48.45 -10.86 -30.98
CA GLU H 418 -48.04 -12.20 -30.59
C GLU H 418 -46.54 -12.29 -30.34
N HIS H 419 -45.76 -11.51 -31.09
CA HIS H 419 -44.32 -11.45 -30.87
C HIS H 419 -43.94 -10.51 -29.72
N PHE H 420 -44.90 -9.75 -29.18
CA PHE H 420 -44.65 -8.75 -28.16
C PHE H 420 -44.91 -9.26 -26.74
N ILE H 421 -46.07 -9.89 -26.53
CA ILE H 421 -46.42 -10.32 -25.19
C ILE H 421 -45.58 -11.50 -24.75
N GLU H 422 -45.19 -12.39 -25.68
CA GLU H 422 -44.26 -13.44 -25.34
C GLU H 422 -42.88 -12.90 -24.97
N ALA H 423 -42.53 -11.71 -25.46
CA ALA H 423 -41.28 -11.05 -25.09
C ALA H 423 -41.41 -10.26 -23.79
N LYS H 424 -42.57 -9.64 -23.55
CA LYS H 424 -42.77 -8.88 -22.32
C LYS H 424 -43.07 -9.80 -21.13
N THR H 425 -43.80 -10.89 -21.36
CA THR H 425 -44.05 -11.85 -20.29
C THR H 425 -42.76 -12.53 -19.86
N ILE H 426 -42.00 -13.08 -20.82
CA ILE H 426 -40.79 -13.81 -20.44
C ILE H 426 -39.73 -12.87 -19.90
N GLU H 427 -39.74 -11.61 -20.34
CA GLU H 427 -38.94 -10.61 -19.66
C GLU H 427 -39.38 -10.46 -18.21
N CYS H 428 -40.68 -10.61 -17.95
CA CYS H 428 -41.23 -10.38 -16.64
C CYS H 428 -41.08 -11.61 -15.75
N ASP H 429 -41.00 -12.81 -16.33
CA ASP H 429 -40.79 -14.00 -15.51
C ASP H 429 -39.39 -14.01 -14.91
N MET H 430 -38.39 -13.52 -15.64
CA MET H 430 -37.09 -13.28 -15.05
C MET H 430 -37.21 -12.49 -13.76
N PHE H 431 -38.06 -11.46 -13.77
CA PHE H 431 -38.28 -10.64 -12.59
C PHE H 431 -38.93 -11.45 -11.47
N ARG H 432 -40.07 -12.08 -11.77
CA ARG H 432 -40.84 -12.73 -10.72
C ARG H 432 -40.05 -13.87 -10.08
N THR H 433 -39.23 -14.57 -10.86
CA THR H 433 -38.43 -15.65 -10.29
C THR H 433 -37.28 -15.12 -9.44
N ALA H 434 -36.73 -13.95 -9.79
CA ALA H 434 -35.43 -13.54 -9.26
C ALA H 434 -35.54 -12.88 -7.89
N VAL H 435 -34.50 -13.10 -7.07
CA VAL H 435 -34.38 -12.44 -5.78
C VAL H 435 -33.34 -11.33 -5.92
N HIS H 436 -33.64 -10.18 -5.35
CA HIS H 436 -32.79 -9.02 -5.39
C HIS H 436 -32.14 -8.80 -4.04
N PRO H 437 -31.01 -8.09 -3.99
CA PRO H 437 -30.41 -7.78 -2.68
C PRO H 437 -31.31 -6.98 -1.75
N TRP H 438 -32.40 -6.38 -2.25
CA TRP H 438 -33.44 -5.84 -1.38
C TRP H 438 -33.87 -6.89 -0.36
N GLU H 439 -34.16 -8.10 -0.85
CA GLU H 439 -34.75 -9.13 -0.02
C GLU H 439 -33.75 -9.69 0.98
N ARG H 440 -32.46 -9.69 0.64
CA ARG H 440 -31.47 -10.08 1.64
C ARG H 440 -31.42 -9.06 2.78
N GLU H 441 -31.29 -7.78 2.44
CA GLU H 441 -31.35 -6.73 3.44
C GLU H 441 -32.55 -6.89 4.36
N GLN H 442 -33.71 -7.19 3.78
CA GLN H 442 -34.96 -7.11 4.52
C GLN H 442 -35.23 -8.30 5.43
N TYR H 443 -34.60 -9.45 5.20
CA TYR H 443 -35.04 -10.66 5.89
C TYR H 443 -33.89 -11.41 6.54
N LEU H 444 -32.70 -11.36 5.94
CA LEU H 444 -31.67 -12.37 6.18
C LEU H 444 -31.22 -12.46 7.63
N GLU H 445 -31.39 -11.41 8.42
CA GLU H 445 -30.89 -11.42 9.78
C GLU H 445 -31.96 -11.33 10.85
N ILE H 446 -33.18 -10.92 10.52
CA ILE H 446 -34.23 -10.83 11.52
C ILE H 446 -35.01 -12.12 11.69
N TYR H 447 -35.05 -12.97 10.67
CA TYR H 447 -35.74 -14.26 10.76
C TYR H 447 -34.77 -15.37 11.13
N LYS I 6 45.94 43.21 -27.43
CA LYS I 6 45.40 43.28 -26.08
C LYS I 6 43.99 43.83 -26.08
N TYR I 7 43.27 43.58 -25.00
CA TYR I 7 41.87 44.01 -24.86
C TYR I 7 41.84 45.24 -23.95
N THR I 8 41.52 46.40 -24.51
CA THR I 8 41.41 47.61 -23.70
C THR I 8 39.97 47.81 -23.25
N LYS I 9 39.81 48.65 -22.22
CA LYS I 9 38.50 48.94 -21.65
C LYS I 9 37.53 49.51 -22.68
N GLU I 10 38.03 50.04 -23.79
CA GLU I 10 37.16 50.65 -24.79
C GLU I 10 36.51 49.60 -25.67
N ASP I 11 37.24 48.56 -26.05
CA ASP I 11 36.67 47.47 -26.84
C ASP I 11 35.56 46.76 -26.08
N ILE I 12 35.62 46.77 -24.75
CA ILE I 12 34.74 45.95 -23.92
C ILE I 12 33.45 46.68 -23.58
N PHE I 13 33.53 47.98 -23.32
CA PHE I 13 32.35 48.83 -23.45
C PHE I 13 31.70 48.57 -24.79
N ARG I 14 32.51 48.55 -25.85
CA ARG I 14 32.01 48.32 -27.20
C ARG I 14 31.44 46.92 -27.36
N PHE I 15 32.17 45.90 -26.87
CA PHE I 15 31.72 44.51 -26.99
C PHE I 15 30.30 44.32 -26.50
N ALA I 16 29.90 45.04 -25.44
CA ALA I 16 28.60 44.82 -24.83
C ALA I 16 27.46 45.14 -25.78
N ASP I 17 27.42 46.39 -26.28
CA ASP I 17 26.33 46.84 -27.13
C ASP I 17 26.21 46.01 -28.40
N GLU I 18 27.29 45.32 -28.79
CA GLU I 18 27.26 44.49 -29.99
C GLU I 18 26.40 43.25 -29.79
N GLN I 19 26.83 42.39 -28.86
CA GLN I 19 26.20 41.10 -28.63
C GLN I 19 24.93 41.20 -27.79
N ASN I 20 24.68 42.36 -27.19
CA ASN I 20 23.54 42.58 -26.28
C ASN I 20 23.72 41.78 -24.99
N VAL I 21 24.95 41.73 -24.46
CA VAL I 21 25.13 41.18 -23.12
C VAL I 21 24.38 42.07 -22.14
N LYS I 22 23.89 41.46 -21.05
CA LYS I 22 23.00 42.13 -20.12
C LYS I 22 23.42 42.01 -18.66
N PHE I 23 24.24 41.02 -18.30
CA PHE I 23 24.81 40.93 -16.97
C PHE I 23 26.32 40.80 -17.10
N ILE I 24 27.01 41.07 -15.99
CA ILE I 24 28.45 40.86 -15.91
C ILE I 24 28.75 39.97 -14.72
N ARG I 25 29.52 38.91 -14.95
CA ARG I 25 29.90 37.97 -13.90
C ARG I 25 31.38 38.19 -13.59
N LEU I 26 31.64 38.71 -12.40
CA LEU I 26 33.00 38.90 -11.89
C LEU I 26 33.32 37.72 -10.98
N GLN I 27 34.10 36.78 -11.49
CA GLN I 27 34.40 35.54 -10.78
C GLN I 27 35.78 35.62 -10.14
N PHE I 28 36.03 34.70 -9.23
CA PHE I 28 37.39 34.46 -8.77
C PHE I 28 37.46 33.13 -8.05
N THR I 29 38.68 32.64 -7.89
CA THR I 29 38.96 31.37 -7.26
C THR I 29 39.47 31.62 -5.84
N ASP I 30 38.90 30.90 -4.88
CA ASP I 30 39.39 30.99 -3.51
C ASP I 30 40.62 30.10 -3.32
N ILE I 31 41.01 29.84 -2.08
CA ILE I 31 42.25 29.14 -1.84
C ILE I 31 42.19 27.67 -2.27
N LEU I 32 40.99 27.08 -2.35
CA LEU I 32 40.86 25.64 -2.45
C LEU I 32 40.56 25.12 -3.85
N GLY I 33 40.14 25.98 -4.78
CA GLY I 33 39.67 25.56 -6.09
C GLY I 33 38.22 25.89 -6.34
N ILE I 34 37.57 26.57 -5.41
CA ILE I 34 36.12 26.72 -5.38
C ILE I 34 35.78 28.04 -6.06
N ILE I 35 35.28 27.97 -7.28
CA ILE I 35 35.05 29.17 -8.07
C ILE I 35 33.85 29.94 -7.52
N LYS I 36 34.08 31.16 -7.07
CA LYS I 36 33.04 32.06 -6.61
C LYS I 36 32.90 33.22 -7.59
N ASN I 37 31.74 33.90 -7.56
CA ASN I 37 31.51 35.02 -8.46
C ASN I 37 30.36 35.86 -7.92
N VAL I 38 29.95 36.86 -8.71
CA VAL I 38 28.87 37.77 -8.35
C VAL I 38 28.35 38.44 -9.61
N GLU I 39 27.04 38.65 -9.66
CA GLU I 39 26.30 39.02 -10.87
C GLU I 39 25.85 40.47 -10.77
N ILE I 40 26.06 41.23 -11.84
CA ILE I 40 25.71 42.65 -11.92
C ILE I 40 25.27 43.00 -13.33
N PRO I 41 24.34 43.93 -13.53
CA PRO I 41 23.89 44.26 -14.89
C PRO I 41 24.98 44.98 -15.67
N VAL I 42 24.72 45.16 -16.97
CA VAL I 42 25.55 46.05 -17.79
C VAL I 42 25.56 47.45 -17.21
N SER I 43 24.56 47.77 -16.39
CA SER I 43 24.43 49.10 -15.80
C SER I 43 25.60 49.46 -14.89
N GLN I 44 26.32 48.46 -14.37
CA GLN I 44 27.45 48.71 -13.48
C GLN I 44 28.79 48.38 -14.11
N LEU I 45 28.80 47.84 -15.33
CA LEU I 45 30.00 47.39 -16.02
C LEU I 45 31.12 48.41 -15.89
N LYS I 46 30.76 49.70 -15.82
CA LYS I 46 31.77 50.74 -15.70
C LYS I 46 32.26 50.94 -14.27
N LYS I 47 31.41 50.70 -13.27
CA LYS I 47 31.91 50.65 -11.90
C LYS I 47 32.82 49.44 -11.69
N ALA I 48 32.72 48.42 -12.54
CA ALA I 48 33.64 47.29 -12.48
C ALA I 48 35.00 47.64 -13.08
N LEU I 49 35.00 48.11 -14.33
CA LEU I 49 36.27 48.38 -15.00
C LEU I 49 37.06 49.48 -14.30
N ASP I 50 36.37 50.36 -13.57
CA ASP I 50 37.04 51.34 -12.71
C ASP I 50 37.72 50.71 -11.52
N ASN I 51 37.55 49.40 -11.31
CA ASN I 51 38.15 48.68 -10.19
C ASN I 51 37.58 49.14 -8.86
N LYS I 52 36.33 49.60 -8.87
CA LYS I 52 35.65 50.16 -7.71
C LYS I 52 34.43 49.35 -7.34
N ILE I 53 34.55 48.01 -7.35
CA ILE I 53 33.52 47.14 -6.80
C ILE I 53 34.17 46.33 -5.68
N MET I 54 33.60 46.43 -4.48
CA MET I 54 34.12 45.76 -3.30
C MET I 54 33.30 44.51 -3.00
N PHE I 55 33.90 43.56 -2.32
CA PHE I 55 33.21 42.34 -1.94
C PHE I 55 33.62 41.98 -0.52
N ASP I 56 33.15 40.82 -0.07
CA ASP I 56 33.35 40.32 1.28
C ASP I 56 34.61 39.46 1.35
N GLY I 57 35.58 39.87 2.15
CA GLY I 57 36.79 39.09 2.30
C GLY I 57 36.63 37.93 3.27
N SER I 58 35.86 38.13 4.33
CA SER I 58 35.84 37.19 5.44
C SER I 58 34.99 35.95 5.19
N SER I 59 34.05 36.00 4.25
CA SER I 59 33.21 34.84 3.95
C SER I 59 33.65 34.13 2.67
N ILE I 60 34.86 34.39 2.19
CA ILE I 60 35.52 33.57 1.19
C ILE I 60 36.65 32.84 1.91
N GLU I 61 36.72 31.52 1.72
CA GLU I 61 37.59 30.71 2.56
C GLU I 61 39.05 30.99 2.24
N GLY I 62 39.83 31.26 3.27
CA GLY I 62 41.27 31.43 3.14
C GLY I 62 41.75 32.84 2.93
N PHE I 63 40.84 33.81 2.74
CA PHE I 63 41.29 35.12 2.31
C PHE I 63 41.81 35.96 3.48
N VAL I 64 40.90 36.38 4.35
CA VAL I 64 41.22 37.44 5.30
C VAL I 64 40.40 37.25 6.57
N ARG I 65 40.60 38.13 7.54
CA ARG I 65 39.82 38.13 8.77
C ARG I 65 38.69 39.15 8.66
N ILE I 66 37.82 39.16 9.68
CA ILE I 66 36.71 40.12 9.66
C ILE I 66 37.19 41.51 10.05
N GLU I 67 38.12 41.61 11.01
CA GLU I 67 38.58 42.90 11.50
C GLU I 67 39.05 43.83 10.39
N GLU I 68 39.43 43.27 9.24
CA GLU I 68 39.74 44.02 8.03
C GLU I 68 39.02 43.38 6.84
N SER I 69 37.71 43.23 6.97
CA SER I 69 36.91 42.52 5.99
C SER I 69 37.04 43.05 4.56
N ASP I 70 36.58 44.28 4.34
CA ASP I 70 36.38 44.82 2.99
C ASP I 70 37.60 44.62 2.10
N MET I 71 37.34 44.24 0.85
CA MET I 71 38.41 44.14 -0.14
C MET I 71 37.82 44.40 -1.52
N TYR I 72 38.71 44.65 -2.49
CA TYR I 72 38.36 45.14 -3.82
C TYR I 72 38.52 44.03 -4.86
N LEU I 73 38.04 44.34 -6.08
CA LEU I 73 38.02 43.38 -7.19
C LEU I 73 38.47 44.07 -8.47
N PHE I 74 39.59 43.60 -9.04
CA PHE I 74 40.14 44.23 -10.23
C PHE I 74 39.94 43.31 -11.43
N PRO I 75 39.16 43.72 -12.42
CA PRO I 75 38.87 42.82 -13.55
C PRO I 75 40.08 42.62 -14.47
N ASP I 76 40.22 41.38 -14.95
CA ASP I 76 41.12 41.05 -16.04
C ASP I 76 40.28 40.94 -17.30
N LEU I 77 40.57 41.78 -18.29
CA LEU I 77 39.70 41.96 -19.43
C LEU I 77 40.00 41.01 -20.59
N ASP I 78 41.12 40.28 -20.56
CA ASP I 78 41.41 39.34 -21.63
C ASP I 78 40.51 38.12 -21.56
N THR I 79 40.11 37.71 -20.36
CA THR I 79 39.31 36.51 -20.18
C THR I 79 37.88 36.65 -20.68
N TRP I 80 37.48 37.84 -21.13
CA TRP I 80 36.09 38.11 -21.52
C TRP I 80 35.54 37.04 -22.44
N VAL I 81 34.47 36.39 -21.99
CA VAL I 81 33.71 35.46 -22.82
C VAL I 81 32.24 35.58 -22.45
N VAL I 82 31.39 35.65 -23.47
CA VAL I 82 29.95 35.60 -23.27
C VAL I 82 29.53 34.18 -22.95
N PHE I 83 28.64 34.03 -21.96
CA PHE I 83 28.13 32.71 -21.62
C PHE I 83 27.06 32.33 -22.63
N PRO I 84 27.29 31.31 -23.45
CA PRO I 84 26.40 31.08 -24.60
C PRO I 84 25.03 30.53 -24.24
N TRP I 85 24.84 30.00 -23.04
CA TRP I 85 23.62 29.27 -22.70
C TRP I 85 22.51 30.15 -22.15
N THR I 86 22.64 31.48 -22.24
CA THR I 86 21.60 32.39 -21.79
C THR I 86 21.12 33.25 -22.95
N ALA I 87 20.82 32.61 -24.09
CA ALA I 87 20.53 33.32 -25.32
C ALA I 87 19.35 34.28 -25.18
N GLU I 88 19.60 35.55 -25.53
CA GLU I 88 18.63 36.59 -25.82
C GLU I 88 17.89 37.21 -24.65
N LYS I 89 17.82 36.52 -23.51
CA LYS I 89 16.87 36.98 -22.48
C LYS I 89 17.58 37.87 -21.46
N GLY I 90 18.44 37.28 -20.65
CA GLY I 90 19.53 38.03 -20.06
C GLY I 90 20.78 37.35 -20.54
N LYS I 91 21.46 37.96 -21.51
CA LYS I 91 22.75 37.44 -21.91
C LYS I 91 23.75 37.80 -20.84
N VAL I 92 24.76 36.94 -20.66
CA VAL I 92 25.76 37.13 -19.63
C VAL I 92 27.15 37.07 -20.26
N ALA I 93 28.14 37.48 -19.47
CA ALA I 93 29.53 37.57 -19.91
C ALA I 93 30.41 37.62 -18.66
N ARG I 94 31.51 36.87 -18.68
CA ARG I 94 32.31 36.67 -17.47
C ARG I 94 33.70 37.26 -17.64
N MET I 95 34.28 37.68 -16.52
CA MET I 95 35.66 38.14 -16.43
C MET I 95 36.24 37.65 -15.11
N ILE I 96 37.54 37.34 -15.13
CA ILE I 96 38.21 36.64 -14.04
C ILE I 96 39.10 37.63 -13.30
N CYS I 97 38.71 38.01 -12.09
CA CYS I 97 39.28 39.15 -11.41
C CYS I 97 40.55 38.78 -10.63
N ASP I 98 41.19 39.83 -10.12
CA ASP I 98 42.25 39.72 -9.14
C ASP I 98 41.86 40.56 -7.93
N ILE I 99 42.43 40.23 -6.78
CA ILE I 99 42.04 40.82 -5.51
C ILE I 99 43.11 41.82 -5.08
N TYR I 100 42.67 43.02 -4.70
CA TYR I 100 43.51 44.04 -4.11
C TYR I 100 42.85 44.53 -2.82
N ASN I 101 43.68 44.88 -1.83
CA ASN I 101 43.23 45.28 -0.50
C ASN I 101 42.49 46.62 -0.58
N PRO I 102 41.96 47.16 0.55
CA PRO I 102 41.32 48.48 0.47
C PRO I 102 42.27 49.62 0.12
N ASP I 103 43.55 49.28 -0.09
CA ASP I 103 44.59 50.25 -0.42
C ASP I 103 45.11 50.04 -1.84
N MET I 104 44.28 49.46 -2.72
CA MET I 104 44.56 49.31 -4.14
C MET I 104 45.83 48.53 -4.44
N THR I 105 46.39 47.78 -3.46
CA THR I 105 47.53 46.87 -3.51
C THR I 105 47.06 45.43 -3.51
N PRO I 106 47.67 44.52 -4.27
CA PRO I 106 47.09 43.18 -4.42
C PRO I 106 47.12 42.38 -3.13
N PHE I 107 46.54 41.19 -3.17
CA PHE I 107 46.44 40.33 -2.00
C PHE I 107 47.58 39.32 -2.03
N ALA I 108 48.41 39.32 -0.98
CA ALA I 108 49.41 38.28 -0.85
C ALA I 108 48.80 36.89 -0.75
N GLY I 109 47.49 36.80 -0.48
CA GLY I 109 46.79 35.53 -0.43
C GLY I 109 45.97 35.24 -1.65
N ASP I 110 45.88 36.19 -2.56
CA ASP I 110 45.19 35.96 -3.82
C ASP I 110 45.91 34.86 -4.58
N PRO I 111 45.24 33.76 -4.94
CA PRO I 111 45.94 32.65 -5.62
C PRO I 111 46.34 32.98 -7.04
N ARG I 112 45.75 34.01 -7.64
CA ARG I 112 46.14 34.43 -8.98
C ARG I 112 47.44 35.23 -8.94
N ALA I 113 47.53 36.18 -8.01
CA ALA I 113 48.76 36.96 -7.84
C ALA I 113 49.92 36.11 -7.36
N ASN I 114 49.65 34.98 -6.70
CA ASN I 114 50.75 34.10 -6.31
C ASN I 114 51.35 33.41 -7.51
N LEU I 115 50.52 32.94 -8.44
CA LEU I 115 51.04 32.45 -9.71
C LEU I 115 51.78 33.56 -10.45
N LYS I 116 51.18 34.74 -10.54
CA LYS I 116 51.88 35.89 -11.10
C LYS I 116 53.26 36.06 -10.49
N ARG I 117 53.34 36.01 -9.16
CA ARG I 117 54.62 36.21 -8.47
C ARG I 117 55.63 35.16 -8.88
N VAL I 118 55.26 33.88 -8.76
CA VAL I 118 56.19 32.80 -9.08
C VAL I 118 56.48 32.69 -10.57
N LEU I 119 55.72 33.38 -11.43
CA LEU I 119 56.07 33.40 -12.84
C LEU I 119 57.25 34.31 -13.13
N LYS I 120 57.42 35.40 -12.37
CA LYS I 120 58.53 36.31 -12.60
C LYS I 120 59.88 35.67 -12.33
N GLU I 121 59.91 34.47 -11.74
CA GLU I 121 61.16 33.78 -11.47
C GLU I 121 61.74 33.11 -12.70
N MET I 122 60.97 32.98 -13.78
CA MET I 122 61.53 32.58 -15.07
C MET I 122 61.90 33.79 -15.92
N GLU I 123 61.30 34.95 -15.65
CA GLU I 123 61.63 36.15 -16.41
C GLU I 123 63.08 36.56 -16.19
N GLU I 124 63.67 36.16 -15.06
CA GLU I 124 65.07 36.43 -14.75
C GLU I 124 65.99 35.26 -15.09
N LEU I 125 65.45 34.07 -15.33
CA LEU I 125 66.20 32.94 -15.85
C LEU I 125 65.94 32.70 -17.32
N GLY I 126 65.13 33.56 -17.96
CA GLY I 126 64.96 33.51 -19.41
C GLY I 126 64.09 32.41 -19.98
N PHE I 127 62.78 32.48 -19.76
CA PHE I 127 61.85 31.59 -20.43
C PHE I 127 60.61 32.36 -20.88
N THR I 128 60.30 32.26 -22.17
CA THR I 128 59.15 32.96 -22.74
C THR I 128 57.85 32.52 -22.10
N GLU I 129 57.56 31.22 -22.16
CA GLU I 129 56.25 30.67 -21.86
C GLU I 129 56.40 29.37 -21.08
N PHE I 130 55.42 29.11 -20.23
CA PHE I 130 55.31 27.85 -19.50
C PHE I 130 53.95 27.24 -19.83
N ASN I 131 53.94 26.38 -20.83
CA ASN I 131 52.69 25.81 -21.31
C ASN I 131 52.19 24.73 -20.36
N LEU I 132 50.87 24.55 -20.34
CA LEU I 132 50.20 23.52 -19.56
C LEU I 132 49.01 22.98 -20.34
N GLY I 133 48.95 21.67 -20.50
CA GLY I 133 47.79 21.03 -21.08
C GLY I 133 47.20 20.00 -20.13
N PRO I 134 46.01 20.27 -19.62
CA PRO I 134 45.40 19.37 -18.64
C PRO I 134 44.40 18.38 -19.23
N GLU I 135 44.23 17.25 -18.56
CA GLU I 135 43.29 16.20 -18.95
C GLU I 135 42.31 15.95 -17.81
N PRO I 136 41.33 16.82 -17.62
CA PRO I 136 40.41 16.62 -16.49
C PRO I 136 39.42 15.51 -16.74
N GLU I 137 39.66 14.36 -16.12
CA GLU I 137 38.72 13.26 -16.17
C GLU I 137 37.68 13.48 -15.09
N PHE I 138 36.40 13.37 -15.45
CA PHE I 138 35.34 13.48 -14.46
C PHE I 138 34.43 12.26 -14.51
N PHE I 139 33.69 12.06 -13.43
CA PHE I 139 32.62 11.08 -13.38
C PHE I 139 31.26 11.76 -13.57
N LEU I 140 30.31 10.99 -14.08
CA LEU I 140 28.92 11.42 -14.18
C LEU I 140 28.05 10.47 -13.36
N PHE I 141 27.10 11.03 -12.63
CA PHE I 141 26.12 10.27 -11.89
C PHE I 141 24.72 10.64 -12.34
N LYS I 142 23.79 9.69 -12.19
CA LYS I 142 22.39 9.99 -12.40
C LYS I 142 21.92 11.04 -11.38
N LEU I 143 20.74 11.59 -11.62
CA LEU I 143 20.05 12.44 -10.67
C LEU I 143 18.81 11.73 -10.14
N ASP I 144 18.18 12.35 -9.13
CA ASP I 144 16.91 11.87 -8.63
C ASP I 144 15.77 12.61 -9.35
N GLU I 145 14.53 12.38 -8.90
CA GLU I 145 13.39 13.09 -9.46
C GLU I 145 13.36 14.55 -9.03
N ASN I 146 13.84 14.84 -7.81
CA ASN I 146 13.76 16.17 -7.23
C ASN I 146 15.02 16.99 -7.42
N ARG I 147 15.87 16.59 -8.37
CA ARG I 147 17.15 17.27 -8.67
C ARG I 147 18.11 17.20 -7.47
N ARG I 148 18.53 15.96 -7.17
CA ARG I 148 19.52 15.71 -6.13
C ARG I 148 20.35 14.49 -6.49
N PRO I 149 21.67 14.66 -6.64
CA PRO I 149 22.51 13.60 -7.26
C PRO I 149 22.50 12.28 -6.50
N THR I 150 22.10 11.22 -7.21
CA THR I 150 22.17 9.87 -6.67
C THR I 150 23.57 9.30 -6.82
N LEU I 151 23.70 7.99 -6.62
CA LEU I 151 24.97 7.30 -6.67
C LEU I 151 25.12 6.35 -7.85
N GLU I 152 24.06 6.15 -8.63
CA GLU I 152 24.20 5.42 -9.89
C GLU I 152 24.95 6.26 -10.91
N LEU I 153 25.64 5.59 -11.82
CA LEU I 153 26.33 6.24 -12.93
C LEU I 153 25.51 6.11 -14.20
N ASN I 154 25.78 6.97 -15.17
CA ASN I 154 24.92 7.02 -16.35
C ASN I 154 25.18 5.87 -17.32
N ASP I 155 26.36 5.25 -17.26
CA ASP I 155 26.65 4.16 -18.18
C ASP I 155 27.77 3.30 -17.61
N SER I 156 27.69 2.00 -17.92
CA SER I 156 28.65 1.02 -17.44
C SER I 156 29.78 0.77 -18.42
N GLY I 157 30.16 1.79 -19.19
CA GLY I 157 31.11 1.62 -20.26
C GLY I 157 32.55 1.48 -19.80
N GLY I 158 33.43 1.28 -20.78
CA GLY I 158 34.85 1.19 -20.52
C GLY I 158 35.62 2.27 -21.22
N TYR I 159 36.95 2.14 -21.26
CA TYR I 159 37.79 3.08 -22.00
C TYR I 159 37.41 3.06 -23.48
N PHE I 160 37.00 4.22 -24.01
CA PHE I 160 36.79 4.47 -25.43
C PHE I 160 35.54 3.81 -26.00
N ASP I 161 34.63 3.27 -25.18
CA ASP I 161 33.55 2.46 -25.72
C ASP I 161 32.51 3.30 -26.43
N LEU I 162 31.64 2.62 -27.17
CA LEU I 162 30.72 3.26 -28.11
C LEU I 162 29.29 3.26 -27.59
N ALA I 163 28.48 4.11 -28.18
CA ALA I 163 27.04 4.08 -27.92
C ALA I 163 26.44 2.86 -28.61
N PRO I 164 25.55 2.11 -27.94
CA PRO I 164 25.06 2.55 -26.63
C PRO I 164 25.63 1.87 -25.37
N THR I 165 26.95 1.74 -25.24
CA THR I 165 27.54 1.47 -23.92
C THR I 165 28.03 2.76 -23.27
N ASP I 166 27.49 3.90 -23.68
CA ASP I 166 27.93 5.20 -23.17
C ASP I 166 26.75 6.17 -23.32
N LEU I 167 26.00 6.35 -22.24
CA LEU I 167 24.81 7.19 -22.31
C LEU I 167 25.18 8.66 -22.51
N GLY I 168 26.32 9.09 -22.00
CA GLY I 168 26.72 10.48 -22.10
C GLY I 168 27.46 10.84 -23.37
N GLU I 169 27.25 10.04 -24.42
CA GLU I 169 27.88 10.32 -25.71
C GLU I 169 27.52 11.73 -26.19
N ASN I 170 26.23 12.04 -26.22
CA ASN I 170 25.77 13.40 -26.46
C ASN I 170 25.60 14.19 -25.16
N CYS I 171 26.26 13.77 -24.09
CA CYS I 171 26.51 14.69 -23.00
C CYS I 171 27.85 15.39 -23.19
N ARG I 172 28.92 14.62 -23.39
CA ARG I 172 30.21 15.20 -23.69
C ARG I 172 30.17 16.00 -24.99
N ARG I 173 29.47 15.47 -26.00
CA ARG I 173 29.31 16.20 -27.26
C ARG I 173 28.82 17.63 -27.01
N ASP I 174 27.76 17.77 -26.21
CA ASP I 174 27.28 19.09 -25.86
C ASP I 174 28.23 19.81 -24.92
N ILE I 175 28.88 19.08 -24.01
CA ILE I 175 29.92 19.68 -23.18
C ILE I 175 30.97 20.34 -24.05
N VAL I 176 31.34 19.69 -25.15
CA VAL I 176 32.37 20.23 -26.03
C VAL I 176 31.88 21.48 -26.74
N LEU I 177 30.58 21.53 -27.07
CA LEU I 177 30.10 22.60 -27.92
C LEU I 177 30.04 23.93 -27.19
N GLU I 178 29.55 23.95 -25.95
CA GLU I 178 29.58 25.19 -25.17
C GLU I 178 31.00 25.68 -24.96
N LEU I 179 31.98 24.78 -24.96
CA LEU I 179 33.37 25.19 -24.92
C LEU I 179 33.85 25.70 -26.28
N GLU I 180 33.31 25.15 -27.37
CA GLU I 180 33.72 25.59 -28.71
C GLU I 180 33.30 27.02 -29.01
N GLU I 181 32.31 27.56 -28.31
CA GLU I 181 31.93 28.96 -28.45
C GLU I 181 32.38 29.82 -27.30
N MET I 182 32.90 29.23 -26.23
CA MET I 182 33.55 29.99 -25.17
C MET I 182 35.05 30.12 -25.36
N GLY I 183 35.52 29.96 -26.60
CA GLY I 183 36.90 30.25 -26.93
C GLY I 183 37.88 29.09 -26.75
N PHE I 184 37.40 27.86 -26.71
CA PHE I 184 38.28 26.72 -26.52
C PHE I 184 38.68 26.09 -27.85
N GLU I 185 39.93 25.66 -27.93
CA GLU I 185 40.39 24.74 -28.97
C GLU I 185 40.41 23.37 -28.34
N ILE I 186 39.36 22.59 -28.60
CA ILE I 186 39.14 21.32 -27.89
C ILE I 186 39.94 20.25 -28.61
N GLU I 187 40.66 19.42 -27.85
CA GLU I 187 41.54 18.44 -28.46
C GLU I 187 40.82 17.13 -28.78
N ALA I 188 40.26 16.47 -27.76
CA ALA I 188 39.61 15.19 -27.98
C ALA I 188 38.59 14.91 -26.89
N SER I 189 37.57 14.14 -27.24
CA SER I 189 36.51 13.71 -26.32
C SER I 189 36.45 12.20 -26.29
N HIS I 190 36.19 11.63 -25.11
CA HIS I 190 36.04 10.18 -24.95
C HIS I 190 35.64 9.71 -23.57
N HIS I 191 35.52 8.39 -23.44
CA HIS I 191 35.22 7.69 -22.20
C HIS I 191 36.52 7.24 -21.54
N GLU I 192 36.49 7.09 -20.22
CA GLU I 192 37.68 6.73 -19.48
C GLU I 192 37.53 5.30 -18.93
N VAL I 193 38.51 4.89 -18.11
CA VAL I 193 38.61 3.49 -17.70
C VAL I 193 37.41 3.07 -16.86
N ALA I 194 37.23 3.71 -15.70
CA ALA I 194 36.14 3.34 -14.82
C ALA I 194 34.79 3.70 -15.43
N PRO I 195 33.75 2.94 -15.15
CA PRO I 195 32.46 3.20 -15.80
C PRO I 195 31.87 4.53 -15.35
N GLY I 196 31.21 5.21 -16.27
CA GLY I 196 30.70 6.54 -16.00
C GLY I 196 31.78 7.59 -15.88
N GLN I 197 32.88 7.43 -16.61
CA GLN I 197 34.01 8.35 -16.59
C GLN I 197 34.23 8.95 -17.97
N HIS I 198 34.68 10.20 -17.99
CA HIS I 198 34.66 10.99 -19.22
C HIS I 198 35.84 11.94 -19.22
N GLU I 199 36.71 11.78 -20.21
CA GLU I 199 37.85 12.68 -20.40
C GLU I 199 37.62 13.51 -21.65
N ILE I 200 37.76 14.82 -21.51
CA ILE I 200 37.69 15.76 -22.64
C ILE I 200 38.92 16.65 -22.56
N ASP I 201 39.86 16.46 -23.48
CA ASP I 201 41.13 17.18 -23.46
C ASP I 201 41.05 18.45 -24.30
N PHE I 202 41.76 19.49 -23.86
CA PHE I 202 41.89 20.70 -24.63
C PHE I 202 43.37 21.11 -24.72
N LYS I 203 43.75 21.71 -25.85
CA LYS I 203 45.13 22.03 -26.12
C LYS I 203 45.66 23.09 -25.15
N TYR I 204 46.96 23.04 -24.91
CA TYR I 204 47.61 23.81 -23.86
C TYR I 204 47.42 25.31 -24.05
N GLU I 205 47.37 26.03 -22.93
CA GLU I 205 47.44 27.47 -22.88
C GLU I 205 48.61 27.86 -21.97
N ASP I 206 48.93 29.16 -21.94
CA ASP I 206 49.96 29.60 -21.02
C ASP I 206 49.50 29.42 -19.57
N ALA I 207 50.42 29.68 -18.64
CA ALA I 207 50.21 29.35 -17.24
C ALA I 207 48.87 29.84 -16.70
N ILE I 208 48.67 31.16 -16.69
CA ILE I 208 47.48 31.72 -16.05
C ILE I 208 46.25 31.73 -16.95
N THR I 209 46.41 31.42 -18.24
CA THR I 209 45.26 31.28 -19.11
C THR I 209 44.74 29.84 -19.11
N ALA I 210 45.63 28.85 -18.95
CA ALA I 210 45.15 27.47 -18.86
C ALA I 210 44.41 27.22 -17.56
N CYS I 211 44.86 27.82 -16.46
CA CYS I 211 44.12 27.75 -15.21
C CYS I 211 42.73 28.36 -15.36
N ASP I 212 42.68 29.55 -15.94
CA ASP I 212 41.40 30.20 -16.18
C ASP I 212 40.52 29.33 -17.08
N SER I 213 41.12 28.72 -18.10
CA SER I 213 40.41 27.82 -18.98
C SER I 213 40.21 26.43 -18.38
N ILE I 214 40.90 26.11 -17.28
CA ILE I 214 40.53 24.93 -16.49
C ILE I 214 39.25 25.20 -15.72
N GLN I 215 39.26 26.27 -14.93
CA GLN I 215 38.10 26.59 -14.09
C GLN I 215 36.87 26.89 -14.93
N THR I 216 37.06 27.46 -16.12
CA THR I 216 35.95 27.62 -17.05
C THR I 216 35.43 26.28 -17.53
N PHE I 217 36.29 25.27 -17.61
CA PHE I 217 35.88 23.95 -18.06
C PHE I 217 34.88 23.31 -17.09
N LYS I 218 35.17 23.37 -15.79
CA LYS I 218 34.31 22.70 -14.81
C LYS I 218 32.98 23.41 -14.63
N LEU I 219 32.98 24.76 -14.61
CA LEU I 219 31.71 25.48 -14.63
C LEU I 219 30.84 25.00 -15.79
N VAL I 220 31.46 24.69 -16.92
CA VAL I 220 30.70 24.32 -18.11
C VAL I 220 30.45 22.81 -18.22
N VAL I 221 31.27 21.97 -17.61
CA VAL I 221 30.88 20.56 -17.57
C VAL I 221 29.85 20.32 -16.47
N LYS I 222 29.98 20.97 -15.31
CA LYS I 222 28.99 20.77 -14.25
C LYS I 222 27.62 21.30 -14.66
N THR I 223 27.57 22.52 -15.20
CA THR I 223 26.28 23.10 -15.57
C THR I 223 25.62 22.32 -16.71
N ILE I 224 26.35 22.10 -17.81
CA ILE I 224 25.74 21.46 -18.98
C ILE I 224 25.24 20.07 -18.63
N ALA I 225 26.00 19.33 -17.82
CA ALA I 225 25.62 17.95 -17.51
C ALA I 225 24.35 17.90 -16.65
N ARG I 226 24.18 18.84 -15.73
CA ARG I 226 22.94 18.89 -14.96
C ARG I 226 21.79 19.45 -15.79
N LYS I 227 22.05 19.79 -17.05
CA LYS I 227 21.03 19.97 -18.08
C LYS I 227 20.79 18.68 -18.86
N HIS I 228 21.57 17.63 -18.60
CA HIS I 228 21.30 16.28 -19.05
C HIS I 228 20.70 15.41 -17.97
N GLY I 229 20.17 16.01 -16.91
CA GLY I 229 19.74 15.21 -15.77
C GLY I 229 20.86 14.38 -15.19
N LEU I 230 22.07 14.93 -15.17
CA LEU I 230 23.26 14.19 -14.78
C LEU I 230 24.13 15.10 -13.93
N HIS I 231 24.67 14.56 -12.83
CA HIS I 231 25.57 15.33 -11.98
C HIS I 231 27.01 14.97 -12.32
N ALA I 232 27.81 15.99 -12.62
CA ALA I 232 29.22 15.81 -12.93
C ALA I 232 30.05 16.01 -11.67
N THR I 233 31.04 15.14 -11.47
CA THR I 233 31.94 15.29 -10.33
C THR I 233 33.38 15.16 -10.77
N PHE I 234 34.24 15.88 -10.07
CA PHE I 234 35.68 15.74 -10.16
C PHE I 234 36.26 15.21 -8.86
N MET I 235 35.52 14.31 -8.21
CA MET I 235 36.11 13.65 -7.06
C MET I 235 37.21 12.71 -7.55
N PRO I 236 38.27 12.54 -6.77
CA PRO I 236 39.37 11.68 -7.24
C PRO I 236 39.01 10.19 -7.25
N LYS I 237 38.14 9.75 -6.35
CA LYS I 237 37.67 8.37 -6.35
C LYS I 237 36.35 8.29 -5.60
N PRO I 238 35.22 8.52 -6.26
CA PRO I 238 33.93 8.41 -5.55
C PRO I 238 33.57 6.96 -5.25
N LEU I 239 34.04 6.05 -6.10
CA LEU I 239 33.83 4.63 -5.90
C LEU I 239 35.15 4.01 -5.44
N PHE I 240 35.07 2.93 -4.68
CA PHE I 240 36.25 2.13 -4.39
C PHE I 240 36.42 1.05 -5.45
N GLY I 241 37.68 0.73 -5.73
CA GLY I 241 38.01 -0.39 -6.59
C GLY I 241 38.10 -0.08 -8.07
N VAL I 242 37.82 1.16 -8.48
CA VAL I 242 37.80 1.54 -9.88
C VAL I 242 38.86 2.61 -10.11
N ASN I 243 39.23 2.79 -11.38
CA ASN I 243 40.12 3.88 -11.75
C ASN I 243 39.58 5.19 -11.21
N GLY I 244 40.44 5.92 -10.50
CA GLY I 244 40.12 7.27 -10.15
C GLY I 244 40.16 8.15 -11.39
N SER I 245 39.79 9.40 -11.22
CA SER I 245 39.95 10.39 -12.26
C SER I 245 41.10 11.32 -11.88
N GLY I 246 42.08 11.43 -12.77
CA GLY I 246 43.19 12.33 -12.54
C GLY I 246 43.34 13.33 -13.67
N MET I 247 43.52 14.59 -13.32
CA MET I 247 43.65 15.65 -14.32
C MET I 247 45.12 15.81 -14.65
N HIS I 248 45.58 15.09 -15.68
CA HIS I 248 46.99 15.08 -16.02
C HIS I 248 47.50 16.49 -16.28
N PHE I 249 48.76 16.71 -15.95
CA PHE I 249 49.44 18.00 -16.14
C PHE I 249 50.48 17.82 -17.24
N ASN I 250 50.23 18.44 -18.40
CA ASN I 250 51.16 18.37 -19.52
C ASN I 250 51.77 19.76 -19.70
N MET I 251 52.91 19.97 -19.05
CA MET I 251 53.59 21.26 -19.07
C MET I 251 54.81 21.22 -19.99
N SER I 252 55.14 22.39 -20.55
CA SER I 252 56.28 22.53 -21.46
C SER I 252 56.77 23.96 -21.40
N LEU I 253 58.09 24.13 -21.43
CA LEU I 253 58.73 25.44 -21.35
C LEU I 253 59.22 25.85 -22.73
N PHE I 254 59.10 27.14 -23.03
CA PHE I 254 59.43 27.67 -24.35
C PHE I 254 60.45 28.80 -24.26
N ASN I 255 61.27 28.89 -25.30
CA ASN I 255 62.27 29.95 -25.44
C ASN I 255 62.30 30.38 -26.90
N GLU I 256 61.65 31.51 -27.19
CA GLU I 256 61.72 32.14 -28.50
C GLU I 256 61.24 31.20 -29.61
N LYS I 257 59.96 30.83 -29.51
CA LYS I 257 59.32 29.80 -30.33
C LYS I 257 60.13 28.50 -30.34
N GLY I 258 60.99 28.33 -29.33
CA GLY I 258 61.70 27.10 -29.12
C GLY I 258 61.25 26.48 -27.83
N ASN I 259 60.49 25.39 -27.93
CA ASN I 259 60.19 24.59 -26.76
C ASN I 259 61.53 24.19 -26.14
N ALA I 260 61.80 24.68 -24.93
CA ALA I 260 63.13 24.49 -24.35
C ALA I 260 63.38 23.07 -23.89
N PHE I 261 62.48 22.14 -24.20
CA PHE I 261 62.66 20.74 -23.87
C PHE I 261 63.06 19.89 -25.06
N PHE I 262 62.91 20.38 -26.28
CA PHE I 262 63.18 19.59 -27.47
C PHE I 262 64.56 19.97 -28.01
N ASP I 263 65.50 19.05 -27.91
CA ASP I 263 66.83 19.16 -28.50
C ASP I 263 67.21 17.75 -28.90
N GLU I 264 67.15 17.46 -30.19
CA GLU I 264 67.07 16.08 -30.67
C GLU I 264 68.39 15.35 -30.53
N SER I 265 68.97 15.37 -29.32
CA SER I 265 70.19 14.62 -29.04
C SER I 265 70.01 13.61 -27.90
N GLY I 266 69.58 14.06 -26.72
CA GLY I 266 69.87 13.31 -25.52
C GLY I 266 68.89 12.21 -25.13
N GLU I 267 69.21 11.01 -25.59
CA GLU I 267 68.66 9.72 -25.17
C GLU I 267 67.19 9.51 -25.51
N LEU I 268 66.43 10.61 -25.63
CA LEU I 268 65.03 10.54 -26.07
C LEU I 268 64.60 11.82 -26.79
N GLU I 269 65.53 12.52 -27.43
CA GLU I 269 65.29 13.83 -28.04
C GLU I 269 64.78 14.85 -27.02
N LEU I 270 65.18 14.68 -25.76
CA LEU I 270 64.89 15.65 -24.71
C LEU I 270 66.14 16.48 -24.43
N SER I 271 65.91 17.68 -23.91
CA SER I 271 66.99 18.65 -23.74
C SER I 271 67.58 18.57 -22.33
N GLN I 272 68.70 19.29 -22.15
CA GLN I 272 69.27 19.42 -20.82
C GLN I 272 68.29 20.12 -19.88
N THR I 273 67.73 21.25 -20.32
CA THR I 273 66.70 21.90 -19.52
C THR I 273 65.51 20.97 -19.26
N ALA I 274 65.26 20.03 -20.19
CA ALA I 274 64.16 19.10 -20.03
C ALA I 274 64.46 18.07 -18.95
N TYR I 275 65.51 17.28 -19.15
CA TYR I 275 65.94 16.31 -18.13
C TYR I 275 66.15 16.99 -16.79
N HIS I 276 66.89 18.10 -16.78
CA HIS I 276 67.12 18.87 -15.56
C HIS I 276 65.82 19.11 -14.80
N PHE I 277 64.79 19.53 -15.53
CA PHE I 277 63.52 19.90 -14.92
C PHE I 277 62.97 18.76 -14.07
N LEU I 278 63.03 17.53 -14.59
CA LEU I 278 62.51 16.37 -13.85
C LEU I 278 63.09 16.30 -12.45
N ALA I 279 64.41 16.46 -12.34
CA ALA I 279 65.12 16.27 -11.07
C ALA I 279 64.47 17.07 -9.95
N GLY I 280 64.14 18.33 -10.21
CA GLY I 280 63.54 19.16 -9.18
C GLY I 280 62.33 18.52 -8.53
N MET I 281 61.37 18.08 -9.34
CA MET I 281 60.16 17.49 -8.80
C MET I 281 60.43 16.11 -8.20
N LEU I 282 61.29 15.32 -8.87
CA LEU I 282 61.48 13.92 -8.49
C LEU I 282 61.86 13.79 -7.02
N LYS I 283 62.78 14.63 -6.53
CA LYS I 283 63.06 14.62 -5.10
C LYS I 283 61.97 15.38 -4.35
N HIS I 284 61.64 16.58 -4.82
CA HIS I 284 60.71 17.46 -4.11
C HIS I 284 59.28 16.95 -4.10
N ALA I 285 58.94 15.94 -4.92
CA ALA I 285 57.54 15.51 -5.02
C ALA I 285 56.97 15.14 -3.67
N ARG I 286 57.80 14.61 -2.77
CA ARG I 286 57.37 14.31 -1.41
C ARG I 286 56.88 15.55 -0.68
N GLY I 287 57.11 16.74 -1.23
CA GLY I 287 56.67 17.96 -0.57
C GLY I 287 55.45 18.60 -1.20
N TYR I 288 55.14 18.25 -2.44
CA TYR I 288 54.07 18.96 -3.13
C TYR I 288 52.82 18.14 -3.38
N THR I 289 52.79 16.86 -3.02
CA THR I 289 51.55 16.11 -3.11
C THR I 289 50.63 16.34 -1.92
N ALA I 290 50.91 17.36 -1.11
CA ALA I 290 49.90 17.96 -0.25
C ALA I 290 49.19 19.12 -0.92
N VAL I 291 49.79 19.68 -1.97
CA VAL I 291 49.16 20.69 -2.79
C VAL I 291 48.51 20.09 -4.03
N THR I 292 49.21 19.18 -4.69
CA THR I 292 48.71 18.55 -5.90
C THR I 292 47.67 17.46 -5.62
N ASN I 293 47.50 17.05 -4.36
CA ASN I 293 46.48 16.09 -3.95
C ASN I 293 45.95 16.49 -2.59
N PRO I 294 45.24 17.63 -2.51
CA PRO I 294 44.91 18.26 -1.22
C PRO I 294 43.57 17.79 -0.65
N THR I 295 43.35 16.48 -0.61
CA THR I 295 42.05 15.95 -0.24
C THR I 295 42.14 14.46 0.07
N ILE I 296 41.56 14.06 1.20
CA ILE I 296 41.70 12.70 1.71
C ILE I 296 41.35 11.69 0.62
N ASN I 297 40.26 11.95 -0.09
CA ASN I 297 39.75 11.02 -1.09
C ASN I 297 40.78 10.73 -2.18
N SER I 298 41.78 11.60 -2.36
CA SER I 298 42.76 11.41 -3.42
C SER I 298 43.91 10.50 -3.02
N PHE I 299 44.06 10.20 -1.73
CA PHE I 299 45.03 9.20 -1.31
C PHE I 299 44.46 7.80 -1.42
N LYS I 300 43.15 7.67 -1.59
CA LYS I 300 42.55 6.42 -2.03
C LYS I 300 42.75 6.20 -3.52
N ARG I 301 43.00 7.27 -4.26
CA ARG I 301 43.32 7.19 -5.68
C ARG I 301 44.73 6.69 -5.92
N LEU I 302 45.68 7.13 -5.08
CA LEU I 302 47.13 6.94 -5.16
C LEU I 302 47.58 5.49 -4.87
N VAL I 303 46.69 4.51 -4.77
CA VAL I 303 47.08 3.11 -4.58
C VAL I 303 47.54 2.56 -5.93
N PRO I 304 48.30 1.46 -5.98
CA PRO I 304 48.74 0.93 -7.28
C PRO I 304 47.66 0.08 -7.95
N GLY I 305 47.74 0.01 -9.27
CA GLY I 305 46.91 -0.88 -10.05
C GLY I 305 45.79 -0.22 -10.84
N TYR I 306 45.66 1.10 -10.79
CA TYR I 306 44.58 1.81 -11.49
C TYR I 306 45.13 2.99 -12.28
N GLU I 307 46.32 2.81 -12.87
CA GLU I 307 46.96 3.83 -13.72
C GLU I 307 47.15 5.15 -12.98
N ALA I 308 47.40 5.07 -11.67
CA ALA I 308 47.74 6.21 -10.85
C ALA I 308 49.16 6.06 -10.30
N PRO I 309 49.88 7.16 -10.12
CA PRO I 309 51.24 7.05 -9.58
C PRO I 309 51.21 6.71 -8.10
N CYS I 310 52.14 5.83 -7.70
CA CYS I 310 52.28 5.45 -6.30
C CYS I 310 53.68 5.67 -5.76
N TYR I 311 54.70 5.71 -6.62
CA TYR I 311 56.07 6.01 -6.21
C TYR I 311 56.63 7.06 -7.15
N ILE I 312 57.60 7.83 -6.65
CA ILE I 312 58.18 8.94 -7.41
C ILE I 312 59.29 8.39 -8.29
N ALA I 313 58.95 8.08 -9.54
CA ALA I 313 59.94 7.74 -10.56
C ALA I 313 59.35 8.15 -11.90
N TRP I 314 60.10 7.88 -12.97
CA TRP I 314 59.64 8.24 -14.30
C TRP I 314 60.02 7.14 -15.29
N SER I 315 59.46 7.25 -16.48
CA SER I 315 59.70 6.34 -17.60
C SER I 315 59.09 6.96 -18.84
N GLY I 316 59.37 6.34 -19.98
CA GLY I 316 58.94 6.85 -21.27
C GLY I 316 57.84 5.99 -21.86
N LYS I 317 56.75 6.66 -22.24
CA LYS I 317 55.50 6.09 -22.75
C LYS I 317 54.73 5.32 -21.68
N ASN I 318 55.21 5.28 -20.44
CA ASN I 318 54.70 4.41 -19.40
C ASN I 318 53.77 5.18 -18.47
N ARG I 319 52.63 4.57 -18.12
CA ARG I 319 51.62 5.22 -17.30
C ARG I 319 51.68 4.82 -15.83
N SER I 320 52.68 4.04 -15.42
CA SER I 320 52.90 3.71 -14.02
C SER I 320 53.62 4.78 -13.18
N PRO I 321 54.63 5.49 -13.70
CA PRO I 321 55.43 6.35 -12.82
C PRO I 321 54.86 7.77 -12.68
N LEU I 322 55.36 8.45 -11.66
CA LEU I 322 54.86 9.78 -11.31
C LEU I 322 55.00 10.78 -12.45
N VAL I 323 55.94 10.57 -13.38
CA VAL I 323 56.13 11.47 -14.51
C VAL I 323 56.31 10.64 -15.78
N ARG I 324 55.33 10.70 -16.68
CA ARG I 324 55.42 10.10 -18.00
C ARG I 324 55.80 11.19 -19.01
N VAL I 325 56.73 10.87 -19.90
CA VAL I 325 56.98 11.67 -21.10
C VAL I 325 56.24 11.02 -22.25
N PRO I 326 55.31 11.71 -22.90
CA PRO I 326 54.64 11.10 -24.06
C PRO I 326 55.60 10.97 -25.23
N SER I 327 55.52 9.84 -25.92
CA SER I 327 56.43 9.54 -27.02
C SER I 327 56.33 10.54 -28.16
N SER I 328 55.33 11.43 -28.16
CA SER I 328 55.30 12.51 -29.14
C SER I 328 56.17 13.66 -28.64
N ARG I 329 56.89 14.30 -29.57
CA ARG I 329 57.80 15.39 -29.23
C ARG I 329 57.76 16.42 -30.35
N GLY I 330 58.75 17.32 -30.34
CA GLY I 330 58.73 18.50 -31.17
C GLY I 330 58.28 19.67 -30.33
N LEU I 331 57.43 20.55 -30.88
CA LEU I 331 56.62 21.38 -30.00
C LEU I 331 55.68 20.51 -29.16
N SER I 332 55.39 19.30 -29.63
CA SER I 332 54.66 18.28 -28.88
C SER I 332 55.53 17.61 -27.82
N THR I 333 56.77 18.05 -27.63
CA THR I 333 57.55 17.58 -26.50
C THR I 333 56.97 18.12 -25.20
N ARG I 334 56.82 17.24 -24.22
CA ARG I 334 56.21 17.63 -22.96
C ARG I 334 56.62 16.64 -21.88
N LEU I 335 56.30 17.00 -20.65
CA LEU I 335 56.38 16.11 -19.50
C LEU I 335 54.99 16.02 -18.88
N GLU I 336 54.65 14.84 -18.38
CA GLU I 336 53.31 14.58 -17.83
C GLU I 336 53.47 14.11 -16.38
N LEU I 337 53.03 14.95 -15.44
CA LEU I 337 52.91 14.55 -14.05
C LEU I 337 51.51 14.00 -13.84
N ARG I 338 51.41 12.81 -13.25
CA ARG I 338 50.12 12.19 -13.03
C ARG I 338 49.70 12.20 -11.57
N SER I 339 50.47 12.86 -10.71
CA SER I 339 50.11 12.91 -9.30
C SER I 339 48.93 13.82 -9.04
N VAL I 340 48.67 14.79 -9.92
CA VAL I 340 47.60 15.75 -9.72
C VAL I 340 46.26 15.14 -10.10
N ASP I 341 45.26 15.39 -9.28
CA ASP I 341 43.87 15.07 -9.53
C ASP I 341 43.05 16.35 -9.65
N PRO I 342 41.83 16.28 -10.21
CA PRO I 342 41.05 17.51 -10.40
C PRO I 342 40.52 18.13 -9.12
N SER I 343 41.01 17.67 -7.97
CA SER I 343 40.58 18.19 -6.67
C SER I 343 41.61 19.13 -6.04
N ALA I 344 42.33 19.89 -6.87
CA ALA I 344 43.40 20.75 -6.37
C ALA I 344 43.30 22.12 -7.04
N ASN I 345 44.01 23.08 -6.45
CA ASN I 345 44.02 24.45 -6.94
C ASN I 345 45.04 24.56 -8.06
N PRO I 346 44.62 24.84 -9.30
CA PRO I 346 45.60 24.84 -10.41
C PRO I 346 46.67 25.90 -10.30
N TYR I 347 46.30 27.10 -9.86
CA TYR I 347 47.29 28.16 -9.67
C TYR I 347 48.30 27.78 -8.60
N LEU I 348 47.82 27.29 -7.45
CA LEU I 348 48.73 26.85 -6.40
C LEU I 348 49.55 25.64 -6.84
N ALA I 349 48.92 24.71 -7.56
CA ALA I 349 49.68 23.61 -8.15
C ALA I 349 50.79 24.15 -9.04
N MET I 350 50.49 25.18 -9.83
CA MET I 350 51.48 25.75 -10.73
C MET I 350 52.57 26.45 -9.95
N ALA I 351 52.20 27.41 -9.11
CA ALA I 351 53.17 28.10 -8.25
C ALA I 351 54.04 27.11 -7.48
N VAL I 352 53.56 25.90 -7.26
CA VAL I 352 54.30 24.89 -6.50
C VAL I 352 55.22 24.07 -7.42
N LEU I 353 54.73 23.63 -8.57
CA LEU I 353 55.57 22.83 -9.46
C LEU I 353 56.59 23.67 -10.22
N LEU I 354 56.46 25.00 -10.21
CA LEU I 354 57.41 25.85 -10.91
C LEU I 354 58.70 25.99 -10.12
N LYS I 355 58.59 26.45 -8.86
CA LYS I 355 59.76 26.50 -7.99
C LYS I 355 60.30 25.11 -7.67
N ALA I 356 59.51 24.08 -7.86
CA ALA I 356 59.98 22.71 -7.72
C ALA I 356 60.52 22.15 -9.03
N GLY I 357 60.50 22.93 -10.10
CA GLY I 357 61.14 22.51 -11.33
C GLY I 357 62.22 23.47 -11.74
N LEU I 358 62.03 24.75 -11.38
CA LEU I 358 63.11 25.71 -11.54
C LEU I 358 64.29 25.37 -10.65
N SER I 359 64.03 24.81 -9.46
CA SER I 359 65.11 24.31 -8.61
C SER I 359 65.86 23.17 -9.27
N GLY I 360 65.21 22.47 -10.21
CA GLY I 360 65.88 21.53 -11.07
C GLY I 360 66.55 22.14 -12.26
N ILE I 361 66.75 23.46 -12.25
CA ILE I 361 67.46 24.17 -13.31
C ILE I 361 68.71 24.86 -12.77
N LYS I 362 68.60 25.55 -11.64
CA LYS I 362 69.71 26.30 -11.06
C LYS I 362 70.54 25.48 -10.08
N ASP I 363 70.10 24.26 -9.76
CA ASP I 363 70.96 23.20 -9.24
C ASP I 363 70.93 21.96 -10.13
N GLU I 364 69.75 21.60 -10.61
CA GLU I 364 69.55 20.67 -11.72
C GLU I 364 69.74 19.21 -11.32
N LEU I 365 70.38 18.98 -10.17
CA LEU I 365 70.30 17.78 -9.33
C LEU I 365 70.06 16.44 -10.04
N THR I 366 70.80 16.18 -11.13
CA THR I 366 70.96 14.83 -11.69
C THR I 366 69.68 13.98 -11.70
N PRO I 367 68.72 14.28 -12.59
CA PRO I 367 67.46 13.51 -12.61
C PRO I 367 67.71 12.02 -12.79
N PRO I 368 67.05 11.18 -12.00
CA PRO I 368 67.32 9.73 -12.03
C PRO I 368 66.99 9.11 -13.38
N ALA I 369 67.46 7.87 -13.55
CA ALA I 369 67.31 7.10 -14.76
C ALA I 369 65.91 6.51 -14.88
N PRO I 370 65.39 6.34 -16.10
CA PRO I 370 63.99 5.94 -16.25
C PRO I 370 63.73 4.57 -15.65
N VAL I 371 62.76 4.52 -14.73
CA VAL I 371 62.32 3.23 -14.19
C VAL I 371 61.30 2.69 -15.19
N ASP I 372 61.81 1.95 -16.18
CA ASP I 372 61.06 1.57 -17.36
C ASP I 372 60.38 0.21 -17.21
N ARG I 373 60.03 -0.16 -15.99
CA ARG I 373 59.28 -1.36 -15.68
C ARG I 373 57.82 -1.02 -15.41
N ASN I 374 57.05 -2.01 -14.95
CA ASN I 374 55.73 -1.78 -14.39
C ASN I 374 55.90 -1.51 -12.91
N ILE I 375 55.78 -0.25 -12.50
CA ILE I 375 56.16 0.15 -11.16
C ILE I 375 55.27 -0.48 -10.08
N TYR I 376 54.08 -0.96 -10.46
CA TYR I 376 53.23 -1.66 -9.50
C TYR I 376 53.75 -3.05 -9.20
N GLY I 377 54.61 -3.59 -10.06
CA GLY I 377 55.02 -4.97 -9.93
C GLY I 377 56.44 -5.16 -9.46
N MET I 378 56.97 -4.19 -8.74
CA MET I 378 58.27 -4.30 -8.08
C MET I 378 58.04 -4.22 -6.58
N ASN I 379 58.58 -5.19 -5.84
CA ASN I 379 58.22 -5.36 -4.44
C ASN I 379 58.88 -4.28 -3.58
N GLU I 380 58.57 -4.29 -2.29
CA GLU I 380 59.16 -3.32 -1.37
C GLU I 380 60.67 -3.53 -1.24
N GLU I 381 61.14 -4.76 -1.43
CA GLU I 381 62.58 -4.97 -1.59
C GLU I 381 63.09 -4.21 -2.81
N GLU I 382 62.28 -4.13 -3.87
CA GLU I 382 62.71 -3.55 -5.14
C GLU I 382 62.35 -2.09 -5.31
N ARG I 383 61.42 -1.56 -4.51
CA ARG I 383 61.32 -0.12 -4.37
C ARG I 383 62.61 0.44 -3.78
N GLU I 384 62.94 0.00 -2.56
CA GLU I 384 64.21 0.28 -1.92
C GLU I 384 65.41 -0.01 -2.82
N ALA I 385 65.26 -0.87 -3.83
CA ALA I 385 66.37 -1.17 -4.73
C ALA I 385 66.86 0.08 -5.44
N THR I 386 66.00 0.70 -6.27
CA THR I 386 66.37 1.98 -6.88
C THR I 386 66.50 3.05 -5.81
N GLY I 387 65.78 2.89 -4.70
CA GLY I 387 65.62 3.97 -3.74
C GLY I 387 64.48 4.88 -4.08
N ILE I 388 63.55 4.43 -4.93
CA ILE I 388 62.39 5.22 -5.33
C ILE I 388 61.54 5.55 -4.11
N TYR I 389 61.44 6.84 -3.81
CA TYR I 389 60.60 7.31 -2.73
C TYR I 389 59.16 6.83 -2.91
N ASP I 390 58.55 6.44 -1.80
CA ASP I 390 57.13 6.10 -1.80
C ASP I 390 56.34 7.37 -1.50
N LEU I 391 55.30 7.62 -2.28
CA LEU I 391 54.50 8.84 -2.12
C LEU I 391 53.92 8.90 -0.71
N PRO I 392 53.66 10.12 -0.20
CA PRO I 392 53.08 10.27 1.13
C PRO I 392 51.80 9.44 1.30
N GLU I 393 51.68 8.82 2.47
CA GLU I 393 50.65 7.81 2.70
C GLU I 393 49.27 8.44 2.81
N SER I 394 49.17 9.61 3.46
CA SER I 394 47.89 10.24 3.74
C SER I 394 48.05 11.74 3.52
N LEU I 395 47.00 12.49 3.87
CA LEU I 395 47.10 13.94 3.85
C LEU I 395 47.94 14.44 5.03
N GLY I 396 47.80 13.79 6.19
CA GLY I 396 48.64 14.17 7.32
C GLY I 396 50.12 13.99 7.04
N HIS I 397 50.50 12.80 6.54
CA HIS I 397 51.87 12.59 6.14
C HIS I 397 52.28 13.52 5.01
N ALA I 398 51.32 13.97 4.21
CA ALA I 398 51.64 14.88 3.11
C ALA I 398 51.93 16.29 3.61
N LEU I 399 51.22 16.74 4.66
CA LEU I 399 51.40 18.11 5.13
C LEU I 399 52.78 18.30 5.76
N ILE I 400 53.13 17.47 6.75
CA ILE I 400 54.39 17.65 7.44
C ILE I 400 55.57 17.47 6.49
N GLU I 401 55.46 16.58 5.51
CA GLU I 401 56.50 16.47 4.50
C GLU I 401 56.56 17.68 3.58
N LEU I 402 55.57 18.56 3.62
CA LEU I 402 55.62 19.82 2.89
C LEU I 402 56.33 20.91 3.69
N GLU I 403 55.96 21.10 4.96
CA GLU I 403 56.53 22.21 5.71
C GLU I 403 58.02 22.04 6.00
N LYS I 404 58.61 20.90 5.64
CA LYS I 404 60.06 20.77 5.63
C LYS I 404 60.66 21.31 4.35
N ASN I 405 59.88 21.35 3.28
CA ASN I 405 60.31 21.94 2.00
C ASN I 405 60.08 23.44 2.08
N GLU I 406 61.04 24.14 2.66
CA GLU I 406 60.91 25.59 2.78
C GLU I 406 61.19 26.32 1.48
N ILE I 407 61.30 25.58 0.37
CA ILE I 407 61.31 26.17 -0.97
C ILE I 407 59.96 26.01 -1.66
N ILE I 408 59.17 25.01 -1.28
CA ILE I 408 57.82 24.89 -1.82
C ILE I 408 56.83 25.72 -1.01
N LYS I 409 57.09 25.88 0.29
CA LYS I 409 56.38 26.89 1.07
C LYS I 409 56.59 28.28 0.51
N ASP I 410 57.73 28.51 -0.16
CA ASP I 410 58.03 29.81 -0.74
C ASP I 410 57.37 30.02 -2.09
N GLY I 411 56.97 28.93 -2.76
CA GLY I 411 56.10 29.06 -3.91
C GLY I 411 54.67 29.44 -3.57
N LEU I 412 54.30 29.34 -2.30
CA LEU I 412 52.96 29.67 -1.84
C LEU I 412 52.85 31.10 -1.32
N GLY I 413 53.91 31.65 -0.76
CA GLY I 413 53.79 32.79 0.10
C GLY I 413 53.50 32.34 1.53
N GLU I 414 53.37 33.31 2.42
CA GLU I 414 53.13 32.99 3.82
C GLU I 414 51.67 33.15 4.22
N HIS I 415 50.97 34.12 3.64
CA HIS I 415 49.52 34.17 3.82
C HIS I 415 48.89 32.87 3.34
N ILE I 416 49.28 32.41 2.16
CA ILE I 416 48.71 31.19 1.60
C ILE I 416 49.09 29.98 2.44
N PHE I 417 50.39 29.80 2.73
CA PHE I 417 50.80 28.61 3.47
C PHE I 417 50.18 28.56 4.86
N GLU I 418 50.15 29.70 5.56
CA GLU I 418 49.63 29.71 6.93
C GLU I 418 48.15 29.37 6.99
N HIS I 419 47.40 29.63 5.91
CA HIS I 419 45.99 29.29 5.88
C HIS I 419 45.74 27.88 5.35
N PHE I 420 46.58 27.39 4.45
CA PHE I 420 46.34 26.07 3.85
C PHE I 420 46.65 24.95 4.85
N ILE I 421 47.78 25.05 5.55
CA ILE I 421 48.06 24.05 6.58
C ILE I 421 47.02 24.14 7.70
N GLU I 422 46.52 25.35 7.96
CA GLU I 422 45.47 25.53 8.96
C GLU I 422 44.26 24.66 8.65
N ALA I 423 43.68 24.84 7.47
CA ALA I 423 42.41 24.18 7.15
C ALA I 423 42.60 22.67 7.01
N LYS I 424 43.60 22.24 6.25
CA LYS I 424 43.83 20.82 6.07
C LYS I 424 44.16 20.12 7.39
N THR I 425 44.66 20.86 8.38
CA THR I 425 44.87 20.27 9.70
C THR I 425 43.54 20.11 10.45
N ILE I 426 42.66 21.09 10.35
CA ILE I 426 41.34 20.95 10.96
C ILE I 426 40.49 19.97 10.15
N GLU I 427 40.76 19.84 8.85
CA GLU I 427 40.00 18.89 8.03
C GLU I 427 40.55 17.48 8.17
N CYS I 428 41.86 17.30 8.03
CA CYS I 428 42.44 15.97 8.25
C CYS I 428 42.17 15.49 9.66
N ASP I 429 42.05 16.42 10.61
CA ASP I 429 41.58 16.06 11.94
C ASP I 429 40.14 15.59 11.91
N MET I 430 39.32 16.19 11.05
CA MET I 430 37.89 15.87 11.04
C MET I 430 37.65 14.40 10.69
N PHE I 431 38.36 13.89 9.69
CA PHE I 431 38.18 12.51 9.28
C PHE I 431 38.91 11.53 10.18
N ARG I 432 40.00 11.96 10.82
CA ARG I 432 40.74 11.07 11.71
C ARG I 432 39.92 10.71 12.95
N THR I 433 39.01 11.58 13.35
CA THR I 433 38.22 11.36 14.55
C THR I 433 36.88 10.67 14.27
N ALA I 434 36.33 10.84 13.07
CA ALA I 434 34.99 10.36 12.78
C ALA I 434 34.95 8.83 12.83
N VAL I 435 33.73 8.32 13.02
CA VAL I 435 33.49 6.87 13.14
C VAL I 435 32.51 6.52 12.02
N HIS I 436 33.04 6.07 10.89
CA HIS I 436 32.25 5.85 9.68
C HIS I 436 31.79 4.40 9.58
N PRO I 437 30.83 4.11 8.70
CA PRO I 437 30.27 2.75 8.62
C PRO I 437 31.28 1.61 8.47
N TRP I 438 32.34 1.76 7.68
CA TRP I 438 33.30 0.66 7.50
C TRP I 438 33.76 0.07 8.83
N GLU I 439 33.82 0.88 9.88
CA GLU I 439 34.37 0.41 11.15
C GLU I 439 33.35 -0.33 11.99
N ARG I 440 32.10 0.14 12.05
CA ARG I 440 31.05 -0.64 12.66
C ARG I 440 30.97 -2.03 12.04
N GLU I 441 30.96 -2.09 10.71
CA GLU I 441 30.85 -3.35 9.98
C GLU I 441 31.85 -4.37 10.51
N GLN I 442 33.14 -4.06 10.42
CA GLN I 442 34.18 -5.03 10.70
C GLN I 442 34.35 -5.34 12.19
N TYR I 443 33.74 -4.56 13.09
CA TYR I 443 34.12 -4.60 14.49
C TYR I 443 32.97 -4.74 15.49
N LEU I 444 31.73 -4.42 15.12
CA LEU I 444 30.65 -4.43 16.11
C LEU I 444 30.19 -5.85 16.43
N GLU I 445 29.64 -6.55 15.44
CA GLU I 445 29.21 -7.93 15.64
C GLU I 445 30.40 -8.87 15.74
N ILE I 446 31.61 -8.39 15.45
CA ILE I 446 32.81 -9.19 15.53
C ILE I 446 33.54 -9.01 16.85
N TYR I 447 33.33 -7.90 17.55
CA TYR I 447 33.86 -7.73 18.90
C TYR I 447 32.72 -7.43 19.86
N LYS J 6 41.03 3.95 -54.56
CA LYS J 6 41.35 4.52 -53.26
C LYS J 6 40.89 5.98 -53.16
N TYR J 7 41.01 6.54 -51.96
CA TYR J 7 40.56 7.90 -51.68
C TYR J 7 41.74 8.86 -51.59
N THR J 8 41.55 10.08 -52.09
CA THR J 8 42.58 11.10 -51.99
C THR J 8 42.59 11.71 -50.60
N LYS J 9 43.79 12.04 -50.12
CA LYS J 9 43.93 12.62 -48.78
C LYS J 9 43.30 14.01 -48.69
N GLU J 10 43.25 14.74 -49.81
CA GLU J 10 42.74 16.10 -49.83
C GLU J 10 41.25 16.20 -50.15
N ASP J 11 40.70 15.30 -50.98
CA ASP J 11 39.26 15.40 -51.23
C ASP J 11 38.45 15.01 -50.00
N ILE J 12 39.10 14.60 -48.91
CA ILE J 12 38.44 14.45 -47.62
C ILE J 12 38.42 15.78 -46.87
N PHE J 13 39.47 16.58 -47.04
CA PHE J 13 39.64 17.80 -46.25
C PHE J 13 38.51 18.79 -46.50
N ARG J 14 38.24 19.12 -47.76
CA ARG J 14 37.10 19.97 -48.08
C ARG J 14 35.80 19.19 -48.17
N PHE J 15 35.84 17.87 -47.95
CA PHE J 15 34.65 17.04 -47.89
C PHE J 15 33.89 17.20 -46.56
N ALA J 16 34.30 18.15 -45.73
CA ALA J 16 33.50 18.59 -44.60
C ALA J 16 33.03 20.03 -44.75
N ASP J 17 33.69 20.83 -45.60
CA ASP J 17 33.11 22.08 -46.04
C ASP J 17 31.82 21.87 -46.83
N GLU J 18 31.66 20.69 -47.44
CA GLU J 18 30.49 20.39 -48.25
C GLU J 18 29.33 19.83 -47.45
N GLN J 19 29.58 19.30 -46.25
CA GLN J 19 28.52 18.78 -45.40
C GLN J 19 28.42 19.48 -44.06
N ASN J 20 29.35 20.38 -43.76
CA ASN J 20 29.42 21.04 -42.44
C ASN J 20 29.41 20.01 -41.31
N VAL J 21 30.15 18.93 -41.52
CA VAL J 21 30.50 17.99 -40.45
C VAL J 21 31.17 18.77 -39.33
N LYS J 22 30.64 18.64 -38.12
CA LYS J 22 31.25 19.29 -36.96
C LYS J 22 32.05 18.34 -36.08
N PHE J 23 31.99 17.04 -36.32
CA PHE J 23 32.68 16.08 -35.47
C PHE J 23 33.17 14.89 -36.30
N ILE J 24 34.36 14.41 -35.97
CA ILE J 24 34.97 13.25 -36.61
C ILE J 24 35.14 12.16 -35.55
N ARG J 25 34.82 10.92 -35.90
CA ARG J 25 34.99 9.80 -34.99
C ARG J 25 36.03 8.84 -35.55
N LEU J 26 37.05 8.53 -34.76
CA LEU J 26 38.01 7.49 -35.08
C LEU J 26 37.66 6.22 -34.34
N GLN J 27 37.75 5.08 -35.03
CA GLN J 27 37.31 3.82 -34.44
C GLN J 27 38.10 2.66 -35.02
N PHE J 28 38.24 1.60 -34.23
CA PHE J 28 38.91 0.38 -34.64
C PHE J 28 38.26 -0.80 -33.91
N THR J 29 38.93 -1.95 -33.94
CA THR J 29 38.40 -3.19 -33.38
C THR J 29 39.37 -3.77 -32.37
N ASP J 30 38.92 -3.96 -31.14
CA ASP J 30 39.74 -4.61 -30.13
C ASP J 30 39.76 -6.11 -30.40
N ILE J 31 40.53 -6.85 -29.59
CA ILE J 31 40.75 -8.26 -29.87
C ILE J 31 39.48 -9.09 -29.67
N LEU J 32 38.47 -8.55 -28.99
CA LEU J 32 37.28 -9.31 -28.66
C LEU J 32 36.06 -8.94 -29.51
N GLY J 33 36.18 -7.93 -30.38
CA GLY J 33 35.07 -7.48 -31.19
C GLY J 33 34.38 -6.23 -30.69
N ILE J 34 34.92 -5.58 -29.67
CA ILE J 34 34.30 -4.41 -29.06
C ILE J 34 34.78 -3.16 -29.79
N ILE J 35 33.88 -2.55 -30.56
CA ILE J 35 34.20 -1.38 -31.38
C ILE J 35 34.42 -0.20 -30.45
N LYS J 36 35.67 0.25 -30.33
CA LYS J 36 36.02 1.36 -29.46
C LYS J 36 36.27 2.61 -30.30
N ASN J 37 35.88 3.76 -29.75
CA ASN J 37 35.74 5.01 -30.48
C ASN J 37 36.59 6.10 -29.84
N VAL J 38 36.74 7.23 -30.55
CA VAL J 38 37.23 8.46 -29.93
C VAL J 38 36.71 9.66 -30.72
N GLU J 39 36.12 10.62 -30.02
CA GLU J 39 35.52 11.77 -30.66
C GLU J 39 36.56 12.89 -30.77
N ILE J 40 36.86 13.30 -32.00
CA ILE J 40 37.73 14.44 -32.25
C ILE J 40 37.05 15.35 -33.27
N PRO J 41 37.18 16.66 -33.15
CA PRO J 41 36.39 17.59 -33.96
C PRO J 41 36.92 17.70 -35.39
N VAL J 42 36.18 18.48 -36.18
CA VAL J 42 36.52 18.72 -37.57
C VAL J 42 37.82 19.49 -37.71
N SER J 43 38.27 20.18 -36.66
CA SER J 43 39.57 20.83 -36.71
C SER J 43 40.70 19.80 -36.77
N GLN J 44 40.68 18.85 -35.84
CA GLN J 44 41.72 17.84 -35.64
C GLN J 44 41.72 16.76 -36.73
N LEU J 45 41.00 16.98 -37.83
CA LEU J 45 41.16 16.13 -39.02
C LEU J 45 42.61 16.14 -39.48
N LYS J 46 43.22 17.33 -39.54
CA LYS J 46 44.61 17.46 -39.98
C LYS J 46 45.55 16.63 -39.11
N LYS J 47 45.36 16.67 -37.79
CA LYS J 47 46.22 15.88 -36.92
C LYS J 47 45.99 14.39 -37.11
N ALA J 48 44.74 13.99 -37.34
CA ALA J 48 44.43 12.58 -37.51
C ALA J 48 44.85 12.07 -38.88
N LEU J 49 44.67 12.87 -39.92
CA LEU J 49 45.11 12.44 -41.25
C LEU J 49 46.63 12.50 -41.40
N ASP J 50 47.31 13.24 -40.54
CA ASP J 50 48.76 13.17 -40.44
C ASP J 50 49.22 12.10 -39.45
N ASN J 51 48.28 11.40 -38.81
CA ASN J 51 48.56 10.22 -38.00
C ASN J 51 49.20 10.55 -36.65
N LYS J 52 48.85 11.70 -36.07
CA LYS J 52 49.43 12.15 -34.81
C LYS J 52 48.51 11.97 -33.60
N ILE J 53 47.43 11.21 -33.73
CA ILE J 53 46.51 10.96 -32.62
C ILE J 53 46.98 9.74 -31.86
N MET J 54 47.37 9.93 -30.60
CA MET J 54 47.76 8.84 -29.73
C MET J 54 46.61 8.45 -28.80
N PHE J 55 46.79 7.32 -28.12
CA PHE J 55 45.79 6.83 -27.17
C PHE J 55 46.49 5.91 -26.17
N ASP J 56 45.71 5.39 -25.23
CA ASP J 56 46.20 4.42 -24.24
C ASP J 56 46.00 3.00 -24.76
N GLY J 57 47.09 2.40 -25.25
CA GLY J 57 47.04 1.00 -25.63
C GLY J 57 46.98 0.05 -24.45
N SER J 58 47.39 0.51 -23.26
CA SER J 58 47.38 -0.35 -22.09
C SER J 58 45.98 -0.84 -21.77
N SER J 59 45.04 0.08 -21.59
CA SER J 59 43.72 -0.26 -21.07
C SER J 59 42.74 -0.73 -22.13
N ILE J 60 43.24 -1.19 -23.28
CA ILE J 60 42.42 -1.86 -24.28
C ILE J 60 42.67 -3.35 -24.18
N GLU J 61 41.58 -4.12 -24.09
CA GLU J 61 41.70 -5.57 -24.00
C GLU J 61 42.41 -6.12 -25.23
N GLY J 62 43.59 -6.71 -25.02
CA GLY J 62 44.33 -7.37 -26.07
C GLY J 62 45.57 -6.67 -26.57
N PHE J 63 45.96 -5.54 -25.99
CA PHE J 63 47.01 -4.69 -26.54
C PHE J 63 48.19 -4.63 -25.56
N VAL J 64 49.12 -3.70 -25.85
CA VAL J 64 50.38 -3.63 -25.13
C VAL J 64 50.13 -3.42 -23.63
N ARG J 65 51.15 -3.76 -22.83
CA ARG J 65 51.12 -3.57 -21.39
C ARG J 65 51.02 -2.08 -21.06
N ILE J 66 51.02 -1.79 -19.76
CA ILE J 66 51.03 -0.39 -19.32
C ILE J 66 52.42 0.23 -19.42
N GLU J 67 53.49 -0.58 -19.49
CA GLU J 67 54.81 0.02 -19.61
C GLU J 67 55.01 0.72 -20.96
N GLU J 68 54.59 0.10 -22.05
CA GLU J 68 54.65 0.73 -23.38
C GLU J 68 53.21 1.03 -23.79
N SER J 69 52.71 2.19 -23.37
CA SER J 69 51.29 2.49 -23.43
C SER J 69 50.87 3.28 -24.66
N ASP J 70 51.63 4.33 -25.02
CA ASP J 70 51.29 5.15 -26.17
C ASP J 70 51.15 4.29 -27.42
N MET J 71 50.06 4.52 -28.17
CA MET J 71 49.92 3.99 -29.52
C MET J 71 49.18 5.01 -30.37
N TYR J 72 49.51 5.02 -31.66
CA TYR J 72 48.99 6.01 -32.60
C TYR J 72 47.76 5.45 -33.31
N LEU J 73 47.05 6.34 -34.02
CA LEU J 73 45.86 5.97 -34.78
C LEU J 73 46.01 6.43 -36.23
N PHE J 74 46.01 5.47 -37.15
CA PHE J 74 46.14 5.77 -38.56
C PHE J 74 44.88 5.32 -39.26
N PRO J 75 44.11 6.22 -39.85
CA PRO J 75 42.87 5.81 -40.50
C PRO J 75 43.07 5.41 -41.96
N ASP J 76 42.19 4.51 -42.41
CA ASP J 76 42.13 4.13 -43.83
C ASP J 76 41.18 5.10 -44.49
N LEU J 77 41.73 6.08 -45.22
CA LEU J 77 40.97 7.17 -45.80
C LEU J 77 39.73 6.72 -46.55
N ASP J 78 39.69 5.46 -46.99
CA ASP J 78 38.61 4.98 -47.84
C ASP J 78 37.34 4.65 -47.08
N THR J 79 37.42 4.44 -45.77
CA THR J 79 36.23 4.14 -44.98
C THR J 79 35.69 5.43 -44.35
N TRP J 80 35.09 6.26 -45.19
CA TRP J 80 34.44 7.49 -44.79
C TRP J 80 32.94 7.39 -45.02
N VAL J 81 32.15 7.67 -43.98
CA VAL J 81 30.71 7.87 -44.11
C VAL J 81 30.31 8.97 -43.13
N VAL J 82 29.14 9.56 -43.37
CA VAL J 82 28.54 10.54 -42.47
C VAL J 82 27.38 9.88 -41.74
N PHE J 83 27.38 9.98 -40.40
CA PHE J 83 26.30 9.44 -39.59
C PHE J 83 25.04 10.26 -39.81
N PRO J 84 24.06 9.73 -40.49
CA PRO J 84 22.91 10.56 -40.90
C PRO J 84 21.95 10.83 -39.76
N TRP J 85 22.34 10.55 -38.51
CA TRP J 85 21.41 10.79 -37.40
C TRP J 85 21.78 11.96 -36.49
N THR J 86 23.04 12.36 -36.39
CA THR J 86 23.33 13.66 -35.81
C THR J 86 23.05 14.69 -36.91
N ALA J 87 21.90 15.35 -36.81
CA ALA J 87 21.30 16.11 -37.91
C ALA J 87 21.50 17.60 -37.69
N GLU J 88 22.60 18.11 -38.25
CA GLU J 88 22.97 19.52 -38.31
C GLU J 88 23.39 20.11 -36.96
N LYS J 89 23.03 19.45 -35.87
CA LYS J 89 23.50 19.89 -34.56
C LYS J 89 24.97 19.51 -34.39
N GLY J 90 25.22 18.21 -34.38
CA GLY J 90 26.53 17.64 -34.23
C GLY J 90 26.81 16.68 -35.36
N LYS J 91 26.44 17.04 -36.58
CA LYS J 91 26.66 16.19 -37.75
C LYS J 91 28.02 15.51 -37.69
N VAL J 92 28.02 14.19 -37.83
CA VAL J 92 29.19 13.36 -37.55
C VAL J 92 29.56 12.55 -38.78
N ALA J 93 30.87 12.36 -38.97
CA ALA J 93 31.43 11.37 -39.88
C ALA J 93 32.42 10.50 -39.11
N ARG J 94 32.93 9.45 -39.76
CA ARG J 94 33.87 8.56 -39.11
C ARG J 94 34.91 8.08 -40.11
N MET J 95 35.99 7.51 -39.56
CA MET J 95 36.97 6.72 -40.29
C MET J 95 37.33 5.49 -39.47
N ILE J 96 37.66 4.41 -40.15
CA ILE J 96 38.13 3.19 -39.51
C ILE J 96 39.66 3.25 -39.48
N CYS J 97 40.24 2.87 -38.35
CA CYS J 97 41.63 3.15 -38.07
C CYS J 97 42.43 1.86 -37.89
N ASP J 98 43.71 1.92 -38.24
CA ASP J 98 44.66 0.84 -38.06
C ASP J 98 45.72 1.28 -37.06
N ILE J 99 46.20 0.32 -36.27
CA ILE J 99 47.01 0.60 -35.10
C ILE J 99 48.49 0.48 -35.45
N TYR J 100 49.23 1.57 -35.24
CA TYR J 100 50.66 1.61 -35.50
C TYR J 100 51.42 1.97 -34.22
N ASN J 101 52.51 1.25 -33.97
CA ASN J 101 53.35 1.50 -32.79
C ASN J 101 54.23 2.74 -33.02
N PRO J 102 54.57 3.50 -31.94
CA PRO J 102 55.19 4.83 -32.09
C PRO J 102 56.35 4.93 -33.08
N ASP J 103 56.96 3.81 -33.46
CA ASP J 103 58.04 3.90 -34.42
C ASP J 103 57.55 3.76 -35.86
N MET J 104 56.28 4.14 -36.11
CA MET J 104 55.63 4.12 -37.41
C MET J 104 55.49 2.73 -37.98
N THR J 105 55.77 1.68 -37.17
CA THR J 105 55.64 0.36 -37.72
C THR J 105 54.40 -0.27 -37.09
N PRO J 106 53.68 -1.11 -37.81
CA PRO J 106 52.38 -1.59 -37.34
C PRO J 106 52.47 -2.40 -36.06
N PHE J 107 51.32 -2.53 -35.41
CA PHE J 107 51.17 -3.37 -34.23
C PHE J 107 50.75 -4.77 -34.66
N ALA J 108 51.48 -5.78 -34.18
CA ALA J 108 51.21 -7.16 -34.55
C ALA J 108 49.96 -7.71 -33.89
N GLY J 109 49.32 -6.97 -32.99
CA GLY J 109 48.09 -7.43 -32.36
C GLY J 109 46.85 -6.82 -32.98
N ASP J 110 47.04 -5.80 -33.80
CA ASP J 110 45.95 -5.19 -34.55
C ASP J 110 45.24 -6.25 -35.37
N PRO J 111 43.94 -6.46 -35.17
CA PRO J 111 43.23 -7.49 -35.96
C PRO J 111 43.07 -7.12 -37.42
N ARG J 112 42.71 -5.87 -37.71
CA ARG J 112 42.61 -5.44 -39.11
C ARG J 112 43.96 -5.46 -39.81
N ALA J 113 45.06 -5.37 -39.05
CA ALA J 113 46.38 -5.49 -39.64
C ALA J 113 46.65 -6.92 -40.09
N ASN J 114 46.24 -7.91 -39.28
CA ASN J 114 46.42 -9.30 -39.69
C ASN J 114 45.55 -9.66 -40.90
N LEU J 115 44.36 -9.06 -41.01
CA LEU J 115 43.58 -9.27 -42.22
C LEU J 115 44.14 -8.46 -43.38
N LYS J 116 44.73 -7.30 -43.10
CA LYS J 116 45.55 -6.57 -44.06
C LYS J 116 46.96 -7.14 -44.14
N ARG J 117 47.20 -8.30 -43.55
CA ARG J 117 48.44 -9.04 -43.69
C ARG J 117 48.24 -10.45 -44.21
N VAL J 118 47.09 -11.08 -43.91
CA VAL J 118 46.75 -12.35 -44.56
C VAL J 118 46.15 -12.17 -45.95
N LEU J 119 45.78 -10.94 -46.32
CA LEU J 119 45.23 -10.62 -47.65
C LEU J 119 46.26 -10.70 -48.76
N LYS J 120 47.45 -11.23 -48.46
CA LYS J 120 48.54 -11.34 -49.40
C LYS J 120 49.10 -12.75 -49.43
N GLU J 121 48.23 -13.75 -49.24
CA GLU J 121 48.57 -15.16 -49.44
C GLU J 121 47.85 -15.77 -50.63
N MET J 122 46.59 -15.41 -50.85
CA MET J 122 45.93 -15.73 -52.11
C MET J 122 46.51 -14.92 -53.25
N GLU J 123 46.88 -13.67 -52.97
CA GLU J 123 47.61 -12.85 -53.94
C GLU J 123 48.88 -13.57 -54.38
N GLU J 124 49.56 -14.22 -53.42
CA GLU J 124 50.73 -15.02 -53.73
C GLU J 124 50.41 -16.26 -54.57
N LEU J 125 49.13 -16.59 -54.73
CA LEU J 125 48.69 -17.63 -55.65
C LEU J 125 47.71 -17.14 -56.69
N GLY J 126 47.57 -15.82 -56.87
CA GLY J 126 46.79 -15.28 -57.97
C GLY J 126 45.29 -15.21 -57.77
N PHE J 127 44.81 -14.43 -56.81
CA PHE J 127 43.38 -14.30 -56.60
C PHE J 127 42.97 -12.84 -56.40
N THR J 128 41.86 -12.48 -57.05
CA THR J 128 41.40 -11.10 -57.05
C THR J 128 40.94 -10.67 -55.67
N GLU J 129 39.91 -11.34 -55.14
CA GLU J 129 39.27 -10.92 -53.90
C GLU J 129 38.78 -12.14 -53.14
N PHE J 130 38.56 -11.95 -51.85
CA PHE J 130 37.92 -12.93 -50.99
C PHE J 130 36.62 -12.28 -50.53
N ASN J 131 35.54 -12.56 -51.24
CA ASN J 131 34.25 -11.94 -50.99
C ASN J 131 33.54 -12.60 -49.82
N LEU J 132 32.61 -11.85 -49.22
CA LEU J 132 31.88 -12.34 -48.05
C LEU J 132 30.64 -11.49 -47.83
N GLY J 133 29.48 -12.13 -47.76
CA GLY J 133 28.27 -11.46 -47.34
C GLY J 133 27.57 -12.19 -46.21
N PRO J 134 27.53 -11.59 -45.02
CA PRO J 134 26.93 -12.26 -43.87
C PRO J 134 25.45 -11.95 -43.67
N GLU J 135 24.76 -12.95 -43.11
CA GLU J 135 23.43 -12.83 -42.54
C GLU J 135 23.58 -12.69 -41.03
N PRO J 136 23.65 -11.48 -40.48
CA PRO J 136 23.73 -11.33 -39.03
C PRO J 136 22.35 -11.34 -38.37
N GLU J 137 22.12 -12.32 -37.49
CA GLU J 137 20.83 -12.52 -36.83
C GLU J 137 20.96 -12.12 -35.37
N PHE J 138 19.98 -11.35 -34.88
CA PHE J 138 20.04 -10.75 -33.55
C PHE J 138 18.67 -10.87 -32.85
N PHE J 139 18.70 -10.86 -31.53
CA PHE J 139 17.49 -10.89 -30.71
C PHE J 139 17.10 -9.46 -30.31
N LEU J 140 15.92 -9.32 -29.69
CA LEU J 140 15.40 -8.01 -29.28
C LEU J 140 14.63 -8.11 -27.97
N PHE J 141 15.01 -7.28 -27.00
CA PHE J 141 14.48 -7.29 -25.64
C PHE J 141 13.91 -5.93 -25.27
N LYS J 142 12.80 -5.93 -24.54
CA LYS J 142 12.16 -4.70 -24.09
C LYS J 142 12.93 -4.07 -22.93
N LEU J 143 12.70 -2.78 -22.71
CA LEU J 143 13.38 -1.98 -21.70
C LEU J 143 12.39 -1.53 -20.61
N ASP J 144 12.94 -1.08 -19.48
CA ASP J 144 12.15 -0.65 -18.32
C ASP J 144 12.23 0.87 -18.18
N GLU J 145 11.67 1.38 -17.08
CA GLU J 145 11.72 2.82 -16.82
C GLU J 145 13.13 3.30 -16.52
N ASN J 146 14.05 2.40 -16.22
CA ASN J 146 15.45 2.74 -16.00
C ASN J 146 16.27 2.72 -17.28
N ARG J 147 15.62 2.46 -18.42
CA ARG J 147 16.31 2.21 -19.70
C ARG J 147 17.39 1.14 -19.53
N ARG J 148 17.00 0.02 -18.90
CA ARG J 148 17.87 -1.11 -18.70
C ARG J 148 17.28 -2.32 -19.39
N PRO J 149 18.06 -3.05 -20.19
CA PRO J 149 17.51 -4.23 -20.86
C PRO J 149 16.91 -5.22 -19.88
N THR J 150 15.76 -5.77 -20.26
CA THR J 150 14.98 -6.68 -19.44
C THR J 150 14.97 -8.04 -20.12
N LEU J 151 14.10 -8.93 -19.64
CA LEU J 151 14.11 -10.31 -20.12
C LEU J 151 13.07 -10.60 -21.20
N GLU J 152 12.00 -9.82 -21.30
CA GLU J 152 10.95 -10.15 -22.24
C GLU J 152 11.28 -9.61 -23.63
N LEU J 153 10.70 -10.24 -24.65
CA LEU J 153 11.10 -10.03 -26.03
C LEU J 153 10.05 -9.25 -26.81
N ASN J 154 10.52 -8.43 -27.75
CA ASN J 154 9.69 -7.38 -28.33
C ASN J 154 8.46 -7.93 -29.01
N ASP J 155 8.56 -9.13 -29.60
CA ASP J 155 7.39 -9.84 -30.06
C ASP J 155 7.66 -11.32 -29.93
N SER J 156 6.59 -12.10 -29.79
CA SER J 156 6.66 -13.56 -29.84
C SER J 156 6.17 -13.95 -31.23
N GLY J 157 7.10 -13.96 -32.18
CA GLY J 157 6.78 -14.21 -33.57
C GLY J 157 7.63 -15.33 -34.15
N GLY J 158 7.48 -15.51 -35.47
CA GLY J 158 8.16 -16.57 -36.17
C GLY J 158 8.57 -16.15 -37.56
N TYR J 159 9.28 -17.04 -38.23
CA TYR J 159 9.89 -16.76 -39.53
C TYR J 159 8.89 -16.14 -40.49
N PHE J 160 9.26 -14.98 -41.02
CA PHE J 160 8.50 -14.25 -42.03
C PHE J 160 7.15 -13.75 -41.54
N ASP J 161 6.88 -13.81 -40.24
CA ASP J 161 5.57 -13.42 -39.74
C ASP J 161 5.32 -11.92 -39.95
N LEU J 162 4.04 -11.57 -39.93
CA LEU J 162 3.58 -10.22 -40.22
C LEU J 162 3.19 -9.48 -38.96
N ALA J 163 3.17 -8.16 -39.06
CA ALA J 163 2.53 -7.35 -38.04
C ALA J 163 1.04 -7.71 -37.99
N PRO J 164 0.44 -7.87 -36.81
CA PRO J 164 1.02 -7.62 -35.48
C PRO J 164 1.50 -8.85 -34.71
N THR J 165 2.16 -9.81 -35.37
CA THR J 165 2.84 -10.88 -34.65
C THR J 165 4.32 -10.58 -34.48
N ASP J 166 4.97 -10.16 -35.57
CA ASP J 166 6.28 -9.53 -35.53
C ASP J 166 6.11 -8.03 -35.25
N LEU J 167 6.67 -7.58 -34.13
CA LEU J 167 6.55 -6.20 -33.69
C LEU J 167 7.77 -5.35 -34.03
N GLY J 168 8.77 -5.92 -34.69
CA GLY J 168 9.91 -5.17 -35.20
C GLY J 168 9.81 -4.82 -36.66
N GLU J 169 8.63 -4.93 -37.26
CA GLU J 169 8.48 -4.70 -38.69
C GLU J 169 8.80 -3.25 -39.06
N ASN J 170 8.36 -2.31 -38.24
CA ASN J 170 8.66 -0.90 -38.43
C ASN J 170 10.04 -0.52 -37.94
N CYS J 171 10.72 -1.41 -37.21
CA CYS J 171 12.02 -1.13 -36.63
C CYS J 171 13.18 -1.60 -37.49
N ARG J 172 13.11 -2.81 -38.05
CA ARG J 172 14.11 -3.19 -39.05
C ARG J 172 14.07 -2.25 -40.24
N ARG J 173 12.86 -1.91 -40.71
CA ARG J 173 12.74 -0.82 -41.68
C ARG J 173 13.48 0.41 -41.19
N ASP J 174 13.09 0.91 -40.02
CA ASP J 174 13.78 2.04 -39.41
C ASP J 174 15.24 1.73 -39.10
N ILE J 175 15.68 0.50 -39.31
CA ILE J 175 17.11 0.17 -39.33
C ILE J 175 17.66 0.14 -40.75
N VAL J 176 17.01 -0.62 -41.65
CA VAL J 176 17.63 -0.93 -42.93
C VAL J 176 17.87 0.32 -43.76
N LEU J 177 16.95 1.28 -43.69
CA LEU J 177 17.14 2.51 -44.46
C LEU J 177 18.20 3.40 -43.84
N GLU J 178 18.39 3.32 -42.53
CA GLU J 178 19.54 3.99 -41.93
C GLU J 178 20.84 3.47 -42.52
N LEU J 179 20.93 2.15 -42.70
CA LEU J 179 22.10 1.58 -43.36
C LEU J 179 22.08 1.86 -44.86
N GLU J 180 20.90 1.88 -45.48
CA GLU J 180 20.80 2.26 -46.89
C GLU J 180 21.28 3.69 -47.09
N GLU J 181 20.83 4.60 -46.24
CA GLU J 181 21.36 5.96 -46.29
C GLU J 181 22.86 5.99 -46.03
N MET J 182 23.37 5.06 -45.23
CA MET J 182 24.79 4.98 -44.94
C MET J 182 25.55 4.12 -45.95
N GLY J 183 24.89 3.71 -47.02
CA GLY J 183 25.56 3.08 -48.14
C GLY J 183 25.59 1.58 -48.13
N PHE J 184 24.55 0.92 -47.61
CA PHE J 184 24.53 -0.53 -47.48
C PHE J 184 23.69 -1.16 -48.59
N GLU J 185 24.21 -2.25 -49.15
CA GLU J 185 23.52 -2.98 -50.19
C GLU J 185 22.55 -3.98 -49.55
N ILE J 186 21.45 -3.44 -49.00
CA ILE J 186 20.52 -4.24 -48.22
C ILE J 186 19.73 -5.17 -49.11
N GLU J 187 19.57 -6.42 -48.67
CA GLU J 187 18.89 -7.44 -49.48
C GLU J 187 17.47 -7.73 -49.01
N ALA J 188 17.27 -8.03 -47.72
CA ALA J 188 15.92 -8.34 -47.23
C ALA J 188 15.87 -8.20 -45.71
N SER J 189 14.86 -7.50 -45.22
CA SER J 189 14.62 -7.32 -43.79
C SER J 189 13.41 -8.17 -43.40
N HIS J 190 13.60 -9.04 -42.41
CA HIS J 190 12.57 -10.00 -42.03
C HIS J 190 12.80 -10.47 -40.60
N HIS J 191 11.97 -11.41 -40.17
CA HIS J 191 12.00 -12.02 -38.86
C HIS J 191 12.46 -13.47 -39.00
N GLU J 192 13.12 -13.98 -37.96
CA GLU J 192 13.71 -15.30 -37.98
C GLU J 192 12.81 -16.28 -37.21
N VAL J 193 13.34 -17.48 -36.96
CA VAL J 193 12.53 -18.59 -36.45
C VAL J 193 12.03 -18.31 -35.04
N ALA J 194 12.95 -18.11 -34.10
CA ALA J 194 12.61 -18.00 -32.69
C ALA J 194 11.98 -16.63 -32.39
N PRO J 195 11.40 -16.44 -31.20
CA PRO J 195 10.75 -15.15 -30.91
C PRO J 195 11.75 -14.01 -30.78
N GLY J 196 11.40 -12.88 -31.39
CA GLY J 196 12.21 -11.68 -31.30
C GLY J 196 13.52 -11.72 -32.05
N GLN J 197 13.82 -12.80 -32.75
CA GLN J 197 15.02 -12.90 -33.56
C GLN J 197 14.74 -12.33 -34.95
N HIS J 198 15.47 -11.29 -35.33
CA HIS J 198 15.29 -10.65 -36.62
C HIS J 198 16.60 -10.71 -37.40
N GLU J 199 16.48 -10.85 -38.72
CA GLU J 199 17.62 -10.92 -39.62
C GLU J 199 17.55 -9.78 -40.63
N ILE J 200 18.69 -9.13 -40.84
CA ILE J 200 18.90 -8.21 -41.95
C ILE J 200 20.17 -8.63 -42.67
N ASP J 201 20.07 -8.82 -43.99
CA ASP J 201 21.17 -9.33 -44.79
C ASP J 201 21.41 -8.40 -45.98
N PHE J 202 22.67 -8.31 -46.40
CA PHE J 202 23.08 -7.35 -47.42
C PHE J 202 24.08 -8.00 -48.37
N LYS J 203 24.41 -7.26 -49.44
CA LYS J 203 25.24 -7.79 -50.52
C LYS J 203 26.69 -7.87 -50.07
N TYR J 204 27.43 -8.82 -50.66
CA TYR J 204 28.78 -9.18 -50.27
C TYR J 204 29.79 -8.15 -50.77
N GLU J 205 31.04 -8.29 -50.31
CA GLU J 205 32.03 -7.26 -50.52
C GLU J 205 33.43 -7.81 -50.27
N ASP J 206 34.42 -6.99 -50.62
CA ASP J 206 35.81 -7.27 -50.30
C ASP J 206 35.96 -7.59 -48.83
N ALA J 207 37.01 -8.38 -48.51
CA ALA J 207 37.18 -8.90 -47.17
C ALA J 207 37.25 -7.80 -46.12
N ILE J 208 38.20 -6.88 -46.25
CA ILE J 208 38.39 -5.89 -45.20
C ILE J 208 37.21 -4.92 -45.11
N THR J 209 36.57 -4.61 -46.24
CA THR J 209 35.53 -3.60 -46.24
C THR J 209 34.16 -4.14 -45.85
N ALA J 210 34.03 -5.47 -45.75
CA ALA J 210 32.78 -6.10 -45.32
C ALA J 210 32.75 -6.35 -43.82
N CYS J 211 33.87 -6.80 -43.23
CA CYS J 211 34.00 -6.70 -41.78
C CYS J 211 33.87 -5.25 -41.32
N ASP J 212 34.48 -4.33 -42.08
CA ASP J 212 34.23 -2.91 -41.85
C ASP J 212 32.75 -2.59 -41.95
N SER J 213 32.01 -3.33 -42.78
CA SER J 213 30.57 -3.16 -42.85
C SER J 213 29.82 -3.88 -41.75
N ILE J 214 30.43 -4.88 -41.12
CA ILE J 214 29.79 -5.54 -39.98
C ILE J 214 29.70 -4.60 -38.79
N GLN J 215 30.84 -4.03 -38.39
CA GLN J 215 30.87 -3.21 -37.17
C GLN J 215 29.95 -2.00 -37.31
N THR J 216 29.81 -1.48 -38.52
CA THR J 216 28.76 -0.50 -38.80
C THR J 216 27.39 -1.10 -38.50
N PHE J 217 27.04 -2.20 -39.18
CA PHE J 217 25.75 -2.84 -38.98
C PHE J 217 25.52 -3.16 -37.52
N LYS J 218 26.53 -3.72 -36.85
CA LYS J 218 26.38 -4.06 -35.44
C LYS J 218 26.10 -2.81 -34.61
N LEU J 219 26.78 -1.70 -34.90
CA LEU J 219 26.45 -0.45 -34.22
C LEU J 219 25.06 0.04 -34.58
N VAL J 220 24.76 0.13 -35.88
CA VAL J 220 23.53 0.76 -36.32
C VAL J 220 22.30 0.05 -35.73
N VAL J 221 22.37 -1.28 -35.59
CA VAL J 221 21.22 -2.03 -35.13
C VAL J 221 20.91 -1.69 -33.67
N LYS J 222 21.88 -1.86 -32.78
CA LYS J 222 21.60 -1.62 -31.36
C LYS J 222 21.47 -0.15 -31.03
N THR J 223 21.76 0.75 -31.97
CA THR J 223 21.58 2.18 -31.73
C THR J 223 20.18 2.64 -32.16
N ILE J 224 19.72 2.22 -33.33
CA ILE J 224 18.32 2.44 -33.69
C ILE J 224 17.41 1.72 -32.71
N ALA J 225 17.87 0.59 -32.18
CA ALA J 225 17.06 -0.17 -31.22
C ALA J 225 16.79 0.65 -29.97
N ARG J 226 17.86 1.13 -29.31
CA ARG J 226 17.68 1.95 -28.12
C ARG J 226 16.78 3.15 -28.42
N LYS J 227 16.73 3.58 -29.68
CA LYS J 227 15.77 4.60 -30.08
C LYS J 227 14.36 4.05 -30.06
N HIS J 228 14.19 2.79 -30.44
CA HIS J 228 12.89 2.12 -30.52
C HIS J 228 12.52 1.37 -29.23
N GLY J 229 13.01 1.85 -28.09
CA GLY J 229 12.61 1.31 -26.80
C GLY J 229 13.17 -0.05 -26.44
N LEU J 230 13.83 -0.73 -27.37
CA LEU J 230 14.35 -2.06 -27.12
C LEU J 230 15.87 -2.02 -26.93
N HIS J 231 16.43 -3.17 -26.57
CA HIS J 231 17.87 -3.36 -26.49
C HIS J 231 18.25 -4.49 -27.44
N ALA J 232 19.15 -4.21 -28.36
CA ALA J 232 19.65 -5.24 -29.27
C ALA J 232 20.90 -5.86 -28.69
N THR J 233 21.08 -7.15 -28.98
CA THR J 233 22.27 -7.87 -28.57
C THR J 233 22.47 -9.04 -29.53
N PHE J 234 23.73 -9.35 -29.81
CA PHE J 234 24.11 -10.44 -30.69
C PHE J 234 24.62 -11.65 -29.91
N MET J 235 24.18 -11.79 -28.67
CA MET J 235 24.51 -12.95 -27.88
C MET J 235 24.00 -14.21 -28.58
N PRO J 236 24.76 -15.30 -28.56
CA PRO J 236 24.44 -16.45 -29.43
C PRO J 236 23.25 -17.30 -29.02
N LYS J 237 23.11 -17.62 -27.73
CA LYS J 237 22.03 -18.49 -27.26
C LYS J 237 21.43 -17.89 -26.00
N PRO J 238 20.58 -16.87 -26.15
CA PRO J 238 20.04 -16.19 -24.96
C PRO J 238 19.06 -17.03 -24.19
N LEU J 239 18.30 -17.87 -24.86
CA LEU J 239 17.23 -18.65 -24.27
C LEU J 239 17.56 -20.12 -24.43
N PHE J 240 16.59 -20.97 -24.12
CA PHE J 240 16.71 -22.41 -24.29
C PHE J 240 15.62 -22.93 -25.22
N GLY J 241 15.92 -24.03 -25.91
CA GLY J 241 14.93 -24.70 -26.72
C GLY J 241 14.44 -23.97 -27.94
N VAL J 242 14.92 -22.74 -28.18
CA VAL J 242 14.55 -21.97 -29.36
C VAL J 242 15.81 -21.67 -30.16
N ASN J 243 15.61 -21.39 -31.46
CA ASN J 243 16.74 -21.19 -32.37
C ASN J 243 17.73 -20.19 -31.80
N GLY J 244 19.02 -20.50 -31.98
CA GLY J 244 20.06 -19.55 -31.66
C GLY J 244 20.32 -18.59 -32.81
N SER J 245 21.09 -17.56 -32.53
CA SER J 245 21.42 -16.57 -33.54
C SER J 245 22.74 -16.92 -34.21
N GLY J 246 22.87 -16.51 -35.48
CA GLY J 246 24.04 -16.87 -36.25
C GLY J 246 24.52 -15.80 -37.22
N MET J 247 25.84 -15.69 -37.38
CA MET J 247 26.47 -14.77 -38.31
C MET J 247 26.99 -15.59 -39.49
N HIS J 248 26.10 -15.87 -40.45
CA HIS J 248 26.40 -16.80 -41.52
C HIS J 248 27.56 -16.30 -42.39
N PHE J 249 28.33 -17.24 -42.93
CA PHE J 249 29.55 -16.90 -43.67
C PHE J 249 29.47 -17.42 -45.10
N ASN J 250 28.85 -16.63 -45.98
CA ASN J 250 28.89 -16.87 -47.41
C ASN J 250 30.20 -16.32 -47.95
N MET J 251 31.02 -17.18 -48.54
CA MET J 251 32.34 -16.80 -49.00
C MET J 251 32.56 -17.23 -50.45
N SER J 252 33.40 -16.48 -51.14
CA SER J 252 33.73 -16.76 -52.53
C SER J 252 34.97 -15.98 -52.91
N LEU J 253 35.74 -16.53 -53.84
CA LEU J 253 36.93 -15.88 -54.36
C LEU J 253 36.69 -15.46 -55.81
N PHE J 254 37.40 -14.43 -56.25
CA PHE J 254 37.34 -13.99 -57.63
C PHE J 254 38.67 -14.24 -58.33
N ASN J 255 38.59 -14.52 -59.63
CA ASN J 255 39.77 -14.88 -60.41
C ASN J 255 39.58 -14.33 -61.82
N GLU J 256 40.26 -13.23 -62.12
CA GLU J 256 40.28 -12.60 -63.44
C GLU J 256 38.86 -12.32 -63.94
N LYS J 257 38.18 -11.42 -63.22
CA LYS J 257 36.80 -11.04 -63.52
C LYS J 257 35.88 -12.26 -63.62
N GLY J 258 36.15 -13.26 -62.78
CA GLY J 258 35.29 -14.43 -62.73
C GLY J 258 35.29 -15.06 -61.35
N ASN J 259 34.09 -15.30 -60.82
CA ASN J 259 33.98 -16.10 -59.61
C ASN J 259 34.67 -17.44 -59.84
N ALA J 260 35.64 -17.75 -58.97
CA ALA J 260 36.47 -18.92 -59.18
C ALA J 260 35.75 -20.22 -58.85
N PHE J 261 34.64 -20.16 -58.12
CA PHE J 261 33.92 -21.36 -57.73
C PHE J 261 33.05 -21.92 -58.85
N PHE J 262 32.69 -21.09 -59.83
CA PHE J 262 31.85 -21.48 -60.95
C PHE J 262 32.58 -22.45 -61.86
N ASP J 263 32.09 -23.69 -61.94
CA ASP J 263 32.48 -24.60 -63.02
C ASP J 263 31.22 -25.15 -63.66
N GLU J 264 30.86 -24.61 -64.82
CA GLU J 264 29.94 -25.28 -65.72
C GLU J 264 30.32 -26.75 -65.91
N SER J 265 31.62 -27.04 -66.00
CA SER J 265 32.08 -28.42 -66.18
C SER J 265 31.59 -29.31 -65.04
N GLY J 266 31.79 -28.88 -63.80
CA GLY J 266 31.30 -29.65 -62.66
C GLY J 266 29.78 -29.77 -62.70
N GLU J 267 29.29 -30.97 -62.37
CA GLU J 267 27.85 -31.24 -62.48
C GLU J 267 27.05 -30.24 -61.68
N LEU J 268 27.39 -30.07 -60.42
CA LEU J 268 26.76 -29.10 -59.53
C LEU J 268 27.37 -27.70 -59.62
N GLU J 269 27.66 -27.30 -60.85
CA GLU J 269 28.10 -25.94 -61.21
C GLU J 269 29.27 -25.45 -60.36
N LEU J 270 30.07 -26.34 -59.78
CA LEU J 270 31.12 -25.92 -58.86
C LEU J 270 32.49 -26.39 -59.34
N SER J 271 33.50 -25.54 -59.12
CA SER J 271 34.83 -25.75 -59.63
C SER J 271 35.58 -26.80 -58.80
N GLN J 272 36.63 -27.36 -59.40
CA GLN J 272 37.52 -28.26 -58.68
C GLN J 272 38.42 -27.52 -57.69
N THR J 273 38.21 -26.22 -57.52
CA THR J 273 38.91 -25.39 -56.55
C THR J 273 38.05 -25.06 -55.34
N ALA J 274 36.77 -24.76 -55.56
CA ALA J 274 35.81 -24.70 -54.45
C ALA J 274 35.88 -25.96 -53.61
N TYR J 275 36.00 -27.12 -54.26
CA TYR J 275 35.99 -28.38 -53.55
C TYR J 275 37.27 -28.60 -52.75
N HIS J 276 38.40 -28.07 -53.22
CA HIS J 276 39.61 -28.10 -52.41
C HIS J 276 39.49 -27.15 -51.22
N PHE J 277 38.94 -25.96 -51.44
CA PHE J 277 38.69 -24.99 -50.37
C PHE J 277 37.93 -25.63 -49.21
N LEU J 278 36.82 -26.32 -49.53
CA LEU J 278 35.98 -26.90 -48.50
C LEU J 278 36.76 -27.88 -47.63
N ALA J 279 37.53 -28.77 -48.27
CA ALA J 279 38.36 -29.70 -47.53
C ALA J 279 39.31 -28.98 -46.58
N GLY J 280 39.73 -27.77 -46.94
CA GLY J 280 40.56 -26.99 -46.05
C GLY J 280 39.93 -26.78 -44.69
N MET J 281 38.71 -26.25 -44.66
CA MET J 281 38.04 -26.03 -43.38
C MET J 281 37.57 -27.32 -42.75
N LEU J 282 36.83 -28.15 -43.50
CA LEU J 282 36.28 -29.36 -42.90
C LEU J 282 37.37 -30.26 -42.31
N LYS J 283 38.59 -30.15 -42.83
CA LYS J 283 39.73 -30.68 -42.10
C LYS J 283 39.99 -29.86 -40.84
N HIS J 284 40.22 -28.55 -41.02
CA HIS J 284 40.60 -27.67 -39.91
C HIS J 284 39.44 -27.27 -39.02
N ALA J 285 38.22 -27.74 -39.30
CA ALA J 285 37.02 -27.22 -38.64
C ALA J 285 37.15 -27.21 -37.12
N ARG J 286 37.68 -28.29 -36.55
CA ARG J 286 37.68 -28.42 -35.09
C ARG J 286 38.67 -27.48 -34.43
N GLY J 287 39.79 -27.20 -35.09
CA GLY J 287 40.84 -26.43 -34.43
C GLY J 287 40.57 -24.95 -34.33
N TYR J 288 39.72 -24.40 -35.20
CA TYR J 288 39.57 -22.96 -35.30
C TYR J 288 38.19 -22.45 -34.87
N THR J 289 37.33 -23.31 -34.34
CA THR J 289 36.01 -22.83 -33.92
C THR J 289 36.06 -22.08 -32.59
N ALA J 290 37.16 -22.15 -31.85
CA ALA J 290 37.35 -21.22 -30.73
C ALA J 290 37.43 -19.79 -31.24
N VAL J 291 37.92 -19.61 -32.46
CA VAL J 291 37.90 -18.29 -33.10
C VAL J 291 36.48 -17.96 -33.55
N THR J 292 35.79 -18.91 -34.18
CA THR J 292 34.48 -18.62 -34.72
C THR J 292 33.42 -18.49 -33.64
N ASN J 293 33.54 -19.25 -32.54
CA ASN J 293 32.58 -19.22 -31.45
C ASN J 293 33.35 -18.94 -30.17
N PRO J 294 33.69 -17.68 -29.90
CA PRO J 294 34.68 -17.36 -28.87
C PRO J 294 34.15 -17.22 -27.45
N THR J 295 32.85 -17.34 -27.24
CA THR J 295 32.31 -17.22 -25.89
C THR J 295 31.82 -18.57 -25.40
N ILE J 296 31.74 -18.68 -24.07
CA ILE J 296 31.27 -19.93 -23.46
C ILE J 296 29.86 -20.25 -23.92
N ASN J 297 29.00 -19.22 -23.98
CA ASN J 297 27.59 -19.45 -24.31
C ASN J 297 27.40 -19.95 -25.73
N SER J 298 28.29 -19.55 -26.65
CA SER J 298 28.21 -20.00 -28.03
C SER J 298 28.05 -21.52 -28.14
N PHE J 299 28.64 -22.25 -27.21
CA PHE J 299 28.62 -23.70 -27.20
C PHE J 299 27.38 -24.26 -26.52
N LYS J 300 26.34 -23.44 -26.42
CA LYS J 300 25.01 -23.90 -26.06
C LYS J 300 24.05 -23.64 -27.21
N ARG J 301 24.53 -23.11 -28.33
CA ARG J 301 23.74 -22.95 -29.54
C ARG J 301 24.10 -23.98 -30.61
N LEU J 302 25.32 -24.51 -30.59
CA LEU J 302 25.70 -25.52 -31.56
C LEU J 302 25.21 -26.88 -31.08
N VAL J 303 23.92 -26.96 -30.74
CA VAL J 303 23.27 -28.23 -30.39
C VAL J 303 22.34 -28.59 -31.53
N PRO J 304 22.08 -29.87 -31.76
CA PRO J 304 21.23 -30.25 -32.90
C PRO J 304 19.78 -29.86 -32.66
N GLY J 305 19.05 -29.61 -33.75
CA GLY J 305 17.64 -29.34 -33.73
C GLY J 305 17.27 -27.91 -34.06
N TYR J 306 18.18 -26.96 -33.83
CA TYR J 306 17.91 -25.53 -33.97
C TYR J 306 18.60 -24.95 -35.20
N GLU J 307 18.62 -25.72 -36.29
CA GLU J 307 19.19 -25.32 -37.57
C GLU J 307 20.67 -24.98 -37.46
N ALA J 308 21.29 -25.24 -36.32
CA ALA J 308 22.65 -24.82 -36.08
C ALA J 308 23.59 -26.00 -36.22
N PRO J 309 24.69 -25.81 -36.95
CA PRO J 309 25.60 -26.93 -37.25
C PRO J 309 26.21 -27.51 -35.98
N CYS J 310 25.94 -28.80 -35.77
CA CYS J 310 26.46 -29.54 -34.64
C CYS J 310 27.54 -30.54 -35.01
N TYR J 311 27.81 -30.72 -36.30
CA TYR J 311 28.74 -31.73 -36.78
C TYR J 311 29.45 -31.19 -38.02
N ILE J 312 30.59 -31.79 -38.34
CA ILE J 312 31.46 -31.30 -39.40
C ILE J 312 31.11 -32.03 -40.70
N ALA J 313 30.38 -31.36 -41.59
CA ALA J 313 30.03 -31.94 -42.89
C ALA J 313 29.39 -30.87 -43.77
N TRP J 314 28.97 -31.30 -44.96
CA TRP J 314 28.40 -30.41 -45.98
C TRP J 314 27.36 -31.15 -46.81
N SER J 315 26.47 -30.38 -47.43
CA SER J 315 25.49 -30.93 -48.37
C SER J 315 24.81 -29.79 -49.13
N GLY J 316 24.12 -30.17 -50.20
CA GLY J 316 23.50 -29.19 -51.08
C GLY J 316 22.17 -28.69 -50.54
N LYS J 317 21.92 -27.39 -50.74
CA LYS J 317 20.73 -26.65 -50.31
C LYS J 317 20.24 -27.14 -48.96
N ASN J 318 21.16 -27.42 -48.05
CA ASN J 318 20.86 -28.14 -46.82
C ASN J 318 21.26 -27.31 -45.62
N ARG J 319 20.39 -27.29 -44.60
CA ARG J 319 20.55 -26.36 -43.49
C ARG J 319 20.95 -27.01 -42.18
N SER J 320 21.14 -28.33 -42.15
CA SER J 320 21.82 -29.00 -41.05
C SER J 320 23.35 -28.90 -41.10
N PRO J 321 24.01 -28.99 -42.26
CA PRO J 321 25.47 -29.21 -42.26
C PRO J 321 26.26 -28.00 -41.80
N LEU J 322 27.51 -28.26 -41.42
CA LEU J 322 28.44 -27.19 -41.08
C LEU J 322 28.60 -26.21 -42.23
N VAL J 323 28.67 -26.73 -43.46
CA VAL J 323 28.77 -25.90 -44.66
C VAL J 323 27.60 -26.22 -45.56
N ARG J 324 26.84 -25.20 -45.93
CA ARG J 324 25.69 -25.33 -46.82
C ARG J 324 26.03 -24.82 -48.20
N VAL J 325 25.45 -25.46 -49.21
CA VAL J 325 25.66 -25.06 -50.59
C VAL J 325 24.38 -24.45 -51.15
N PRO J 326 24.24 -23.11 -51.15
CA PRO J 326 23.03 -22.50 -51.70
C PRO J 326 22.82 -22.88 -53.16
N SER J 327 21.57 -23.17 -53.51
CA SER J 327 21.27 -23.74 -54.83
C SER J 327 21.50 -22.75 -55.96
N SER J 328 21.11 -21.49 -55.76
CA SER J 328 21.35 -20.47 -56.78
C SER J 328 22.84 -20.18 -56.87
N ARG J 329 23.44 -20.49 -58.01
CA ARG J 329 24.88 -20.25 -58.18
C ARG J 329 25.16 -19.08 -59.10
N GLY J 330 24.74 -19.13 -60.36
CA GLY J 330 25.02 -18.08 -61.32
C GLY J 330 26.39 -17.45 -61.16
N LEU J 331 26.44 -16.12 -61.16
CA LEU J 331 27.61 -15.40 -60.70
C LEU J 331 27.76 -15.44 -59.18
N SER J 332 26.65 -15.69 -58.46
CA SER J 332 26.58 -15.56 -57.01
C SER J 332 26.87 -16.88 -56.30
N THR J 333 27.75 -17.70 -56.86
CA THR J 333 28.12 -18.99 -56.29
C THR J 333 28.83 -18.79 -54.96
N ARG J 334 28.33 -19.41 -53.90
CA ARG J 334 28.87 -19.23 -52.56
C ARG J 334 28.85 -20.53 -51.79
N LEU J 335 29.64 -20.57 -50.72
CA LEU J 335 29.72 -21.72 -49.82
C LEU J 335 29.50 -21.20 -48.40
N GLU J 336 28.53 -21.78 -47.70
CA GLU J 336 27.99 -21.20 -46.47
C GLU J 336 28.41 -22.02 -45.25
N LEU J 337 29.53 -21.63 -44.64
CA LEU J 337 29.92 -22.13 -43.33
C LEU J 337 29.10 -21.38 -42.27
N ARG J 338 28.16 -22.09 -41.65
CA ARG J 338 27.17 -21.47 -40.77
C ARG J 338 27.42 -21.78 -39.29
N SER J 339 28.64 -22.16 -38.93
CA SER J 339 28.96 -22.51 -37.54
C SER J 339 29.51 -21.34 -36.74
N VAL J 340 29.15 -20.11 -37.11
CA VAL J 340 29.68 -18.90 -36.49
C VAL J 340 28.52 -18.12 -35.88
N ASP J 341 28.83 -17.32 -34.86
CA ASP J 341 27.87 -16.48 -34.18
C ASP J 341 28.43 -15.06 -34.05
N PRO J 342 27.55 -14.06 -33.96
CA PRO J 342 28.04 -12.68 -33.98
C PRO J 342 28.62 -12.24 -32.66
N SER J 343 29.40 -13.12 -32.04
CA SER J 343 30.29 -12.78 -30.95
C SER J 343 31.75 -12.75 -31.39
N ALA J 344 32.07 -13.45 -32.48
CA ALA J 344 33.44 -13.60 -32.92
C ALA J 344 33.98 -12.27 -33.47
N ASN J 345 35.25 -12.31 -33.87
CA ASN J 345 35.95 -11.13 -34.34
C ASN J 345 35.97 -11.15 -35.86
N PRO J 346 35.30 -10.21 -36.54
CA PRO J 346 35.29 -10.23 -38.01
C PRO J 346 36.68 -10.23 -38.62
N TYR J 347 37.54 -9.29 -38.20
CA TYR J 347 38.89 -9.20 -38.74
C TYR J 347 39.79 -10.37 -38.35
N LEU J 348 39.29 -11.34 -37.59
CA LEU J 348 40.11 -12.45 -37.13
C LEU J 348 39.59 -13.81 -37.57
N ALA J 349 38.28 -13.98 -37.75
CA ALA J 349 37.77 -15.23 -38.28
C ALA J 349 38.16 -15.40 -39.75
N MET J 350 38.05 -14.32 -40.53
CA MET J 350 38.34 -14.40 -41.96
C MET J 350 39.79 -14.77 -42.23
N ALA J 351 40.72 -14.22 -41.43
CA ALA J 351 42.11 -14.65 -41.54
C ALA J 351 42.27 -16.11 -41.19
N VAL J 352 41.34 -16.65 -40.39
CA VAL J 352 41.41 -18.05 -39.98
C VAL J 352 40.78 -18.97 -41.02
N LEU J 353 39.79 -18.49 -41.77
CA LEU J 353 39.21 -19.34 -42.82
C LEU J 353 40.07 -19.33 -44.08
N LEU J 354 40.60 -18.18 -44.47
CA LEU J 354 41.47 -18.12 -45.63
C LEU J 354 42.68 -19.02 -45.43
N LYS J 355 43.48 -18.74 -44.40
CA LYS J 355 44.70 -19.50 -44.13
C LYS J 355 44.47 -21.00 -44.11
N ALA J 356 43.38 -21.43 -43.48
CA ALA J 356 43.09 -22.86 -43.38
C ALA J 356 42.44 -23.37 -44.66
N GLY J 357 41.41 -22.67 -45.13
CA GLY J 357 40.69 -23.11 -46.32
C GLY J 357 41.53 -23.10 -47.58
N LEU J 358 42.58 -22.29 -47.65
CA LEU J 358 43.52 -22.39 -48.74
C LEU J 358 44.75 -23.20 -48.36
N SER J 359 44.78 -23.74 -47.14
CA SER J 359 45.70 -24.83 -46.84
C SER J 359 45.13 -26.19 -47.25
N GLY J 360 43.93 -26.20 -47.85
CA GLY J 360 43.39 -27.39 -48.46
C GLY J 360 43.34 -27.22 -49.96
N ILE J 361 43.85 -26.08 -50.41
CA ILE J 361 44.11 -25.80 -51.81
C ILE J 361 45.60 -25.83 -52.11
N LYS J 362 46.39 -25.12 -51.29
CA LYS J 362 47.85 -25.22 -51.36
C LYS J 362 48.32 -26.63 -51.04
N ASP J 363 47.54 -27.39 -50.26
CA ASP J 363 47.82 -28.79 -49.99
C ASP J 363 46.99 -29.72 -50.86
N GLU J 364 46.06 -29.16 -51.64
CA GLU J 364 45.24 -29.91 -52.58
C GLU J 364 44.47 -31.03 -51.88
N LEU J 365 43.87 -30.69 -50.75
CA LEU J 365 43.07 -31.65 -50.01
C LEU J 365 41.76 -31.92 -50.73
N THR J 366 41.21 -33.12 -50.53
CA THR J 366 39.98 -33.52 -51.18
C THR J 366 38.88 -33.75 -50.14
N PRO J 367 37.64 -33.35 -50.43
CA PRO J 367 36.59 -33.37 -49.41
C PRO J 367 35.82 -34.68 -49.41
N PRO J 368 35.26 -35.06 -48.28
CA PRO J 368 34.41 -36.27 -48.22
C PRO J 368 33.01 -36.05 -48.79
N ALA J 369 32.13 -37.04 -48.60
CA ALA J 369 30.83 -37.05 -49.25
C ALA J 369 29.94 -35.90 -48.78
N PRO J 370 29.08 -35.38 -49.67
CA PRO J 370 28.01 -34.48 -49.22
C PRO J 370 26.92 -35.29 -48.53
N VAL J 371 26.86 -35.27 -47.21
CA VAL J 371 25.84 -36.06 -46.52
C VAL J 371 24.52 -35.30 -46.66
N ASP J 372 23.75 -35.67 -47.66
CA ASP J 372 22.60 -34.88 -48.12
C ASP J 372 21.31 -35.29 -47.40
N ARG J 373 21.35 -35.17 -46.08
CA ARG J 373 20.21 -35.51 -45.25
C ARG J 373 20.21 -34.59 -44.03
N ASN J 374 19.16 -34.70 -43.21
CA ASN J 374 19.14 -34.06 -41.90
C ASN J 374 20.14 -34.78 -41.01
N ILE J 375 21.24 -34.10 -40.67
CA ILE J 375 22.33 -34.77 -39.96
C ILE J 375 22.05 -34.92 -38.47
N TYR J 376 21.16 -34.10 -37.91
CA TYR J 376 20.79 -34.27 -36.51
C TYR J 376 20.20 -35.64 -36.28
N GLY J 377 19.44 -36.14 -37.26
CA GLY J 377 18.80 -37.44 -37.15
C GLY J 377 19.74 -38.57 -37.51
N MET J 378 20.96 -38.53 -37.02
CA MET J 378 21.88 -39.66 -37.11
C MET J 378 22.07 -40.27 -35.74
N ASN J 379 22.33 -41.58 -35.71
CA ASN J 379 22.52 -42.27 -34.45
C ASN J 379 23.84 -41.82 -33.82
N GLU J 380 23.98 -42.11 -32.51
CA GLU J 380 25.23 -41.83 -31.82
C GLU J 380 26.44 -42.36 -32.59
N GLU J 381 26.28 -43.48 -33.31
CA GLU J 381 27.37 -44.10 -34.02
C GLU J 381 27.15 -44.26 -35.51
N GLU J 382 25.97 -43.94 -36.03
CA GLU J 382 25.77 -43.98 -37.48
C GLU J 382 26.68 -43.00 -38.19
N ARG J 383 26.93 -41.83 -37.56
CA ARG J 383 27.73 -40.79 -38.19
C ARG J 383 29.22 -41.02 -38.08
N GLU J 384 29.66 -42.09 -37.42
CA GLU J 384 31.08 -42.36 -37.36
C GLU J 384 31.55 -43.24 -38.50
N ALA J 385 30.73 -44.21 -38.95
CA ALA J 385 31.06 -44.97 -40.15
C ALA J 385 31.11 -44.06 -41.37
N THR J 386 30.20 -43.10 -41.45
CA THR J 386 30.25 -42.07 -42.48
C THR J 386 31.53 -41.25 -42.41
N GLY J 387 32.18 -41.22 -41.25
CA GLY J 387 33.43 -40.49 -41.10
C GLY J 387 33.26 -39.03 -40.80
N ILE J 388 32.09 -38.61 -40.31
CA ILE J 388 31.83 -37.23 -39.95
C ILE J 388 31.89 -37.14 -38.43
N TYR J 389 32.94 -36.47 -37.92
CA TYR J 389 33.11 -36.27 -36.49
C TYR J 389 32.29 -35.07 -36.04
N ASP J 390 32.50 -34.61 -34.80
CA ASP J 390 31.72 -33.51 -34.27
C ASP J 390 32.60 -32.32 -33.87
N LEU J 391 31.95 -31.17 -33.80
CA LEU J 391 32.59 -29.91 -33.42
C LEU J 391 32.83 -29.87 -31.91
N PRO J 392 33.85 -29.12 -31.45
CA PRO J 392 34.15 -29.07 -30.02
C PRO J 392 32.99 -28.57 -29.16
N GLU J 393 32.99 -29.04 -27.90
CA GLU J 393 31.86 -28.92 -26.99
C GLU J 393 31.98 -27.71 -26.07
N SER J 394 33.04 -27.64 -25.25
CA SER J 394 33.22 -26.50 -24.35
C SER J 394 34.35 -25.63 -24.86
N LEU J 395 34.46 -24.43 -24.28
CA LEU J 395 35.49 -23.49 -24.73
C LEU J 395 36.87 -23.99 -24.38
N GLY J 396 37.05 -24.45 -23.13
CA GLY J 396 38.29 -25.13 -22.78
C GLY J 396 38.63 -26.23 -23.78
N HIS J 397 37.61 -26.95 -24.24
CA HIS J 397 37.81 -27.89 -25.34
C HIS J 397 38.22 -27.14 -26.61
N ALA J 398 37.44 -26.12 -26.97
CA ALA J 398 37.72 -25.38 -28.20
C ALA J 398 39.05 -24.65 -28.14
N LEU J 399 39.52 -24.29 -26.95
CA LEU J 399 40.81 -23.61 -26.86
C LEU J 399 41.96 -24.58 -27.10
N ILE J 400 41.86 -25.80 -26.57
CA ILE J 400 42.91 -26.80 -26.78
C ILE J 400 43.05 -27.10 -28.28
N GLU J 401 41.92 -27.31 -28.96
CA GLU J 401 41.95 -27.62 -30.39
C GLU J 401 42.78 -26.61 -31.17
N LEU J 402 42.70 -25.33 -30.79
CA LEU J 402 43.53 -24.30 -31.41
C LEU J 402 45.01 -24.63 -31.26
N GLU J 403 45.42 -25.01 -30.05
CA GLU J 403 46.85 -25.16 -29.74
C GLU J 403 47.52 -26.15 -30.68
N LYS J 404 46.86 -27.27 -30.99
CA LYS J 404 47.43 -28.28 -31.87
C LYS J 404 47.45 -27.85 -33.33
N ASN J 405 46.65 -26.87 -33.74
CA ASN J 405 46.57 -26.48 -35.14
C ASN J 405 47.50 -25.32 -35.42
N GLU J 406 48.46 -25.53 -36.31
CA GLU J 406 49.49 -24.56 -36.64
C GLU J 406 49.15 -23.70 -37.85
N ILE J 407 48.40 -24.24 -38.80
CA ILE J 407 48.08 -23.51 -40.02
C ILE J 407 47.39 -22.19 -39.67
N ILE J 408 46.32 -22.27 -38.87
CA ILE J 408 45.61 -21.05 -38.48
C ILE J 408 46.40 -20.28 -37.42
N LYS J 409 47.08 -20.99 -36.52
CA LYS J 409 47.86 -20.33 -35.46
C LYS J 409 48.83 -19.32 -36.04
N ASP J 410 49.42 -19.66 -37.20
CA ASP J 410 50.30 -18.74 -37.90
C ASP J 410 49.55 -17.77 -38.80
N GLY J 411 48.25 -17.95 -38.96
CA GLY J 411 47.43 -16.92 -39.56
C GLY J 411 46.81 -15.98 -38.56
N LEU J 412 46.90 -16.35 -37.28
CA LEU J 412 46.35 -15.58 -36.17
C LEU J 412 47.27 -14.45 -35.71
N GLY J 413 48.52 -14.43 -36.16
CA GLY J 413 49.55 -13.66 -35.49
C GLY J 413 49.96 -14.37 -34.21
N GLU J 414 51.04 -13.89 -33.62
CA GLU J 414 51.54 -14.52 -32.40
C GLU J 414 51.22 -13.73 -31.13
N HIS J 415 51.37 -12.40 -31.15
CA HIS J 415 50.91 -11.62 -30.01
C HIS J 415 49.41 -11.77 -29.81
N ILE J 416 48.66 -11.98 -30.90
CA ILE J 416 47.22 -12.18 -30.79
C ILE J 416 46.93 -13.54 -30.17
N PHE J 417 47.54 -14.60 -30.71
CA PHE J 417 47.38 -15.94 -30.15
C PHE J 417 47.86 -16.00 -28.71
N GLU J 418 48.91 -15.25 -28.37
CA GLU J 418 49.44 -15.28 -27.02
C GLU J 418 48.51 -14.56 -26.04
N HIS J 419 47.86 -13.49 -26.49
CA HIS J 419 47.00 -12.68 -25.64
C HIS J 419 45.52 -13.04 -25.77
N PHE J 420 45.19 -14.08 -26.53
CA PHE J 420 43.80 -14.52 -26.68
C PHE J 420 43.51 -15.83 -25.98
N ILE J 421 44.46 -16.78 -25.95
CA ILE J 421 44.24 -17.98 -25.16
C ILE J 421 44.32 -17.66 -23.67
N GLU J 422 45.19 -16.72 -23.30
CA GLU J 422 45.28 -16.27 -21.92
C GLU J 422 43.98 -15.62 -21.48
N ALA J 423 43.39 -14.79 -22.34
CA ALA J 423 42.21 -14.02 -21.98
C ALA J 423 40.93 -14.84 -22.05
N LYS J 424 40.92 -15.95 -22.79
CA LYS J 424 39.73 -16.79 -22.82
C LYS J 424 39.78 -17.89 -21.76
N THR J 425 40.97 -18.42 -21.47
CA THR J 425 41.12 -19.30 -20.31
C THR J 425 40.68 -18.59 -19.04
N ILE J 426 41.13 -17.35 -18.84
CA ILE J 426 40.72 -16.62 -17.65
C ILE J 426 39.21 -16.42 -17.63
N GLU J 427 38.58 -16.39 -18.82
CA GLU J 427 37.12 -16.41 -18.88
C GLU J 427 36.58 -17.78 -18.53
N CYS J 428 37.09 -18.82 -19.19
CA CYS J 428 36.57 -20.18 -19.00
C CYS J 428 36.74 -20.66 -17.57
N ASP J 429 37.65 -20.06 -16.79
CA ASP J 429 37.89 -20.51 -15.43
C ASP J 429 36.81 -20.01 -14.47
N MET J 430 36.44 -18.73 -14.58
CA MET J 430 35.30 -18.20 -13.83
C MET J 430 34.10 -19.13 -13.93
N PHE J 431 33.77 -19.52 -15.16
CA PHE J 431 32.63 -20.40 -15.39
C PHE J 431 32.83 -21.75 -14.75
N ARG J 432 34.07 -22.26 -14.74
CA ARG J 432 34.32 -23.61 -14.28
C ARG J 432 34.30 -23.73 -12.75
N THR J 433 34.29 -22.60 -12.03
CA THR J 433 34.33 -22.63 -10.57
C THR J 433 33.15 -21.94 -9.91
N ALA J 434 32.41 -21.10 -10.62
CA ALA J 434 31.26 -20.43 -10.04
C ALA J 434 30.10 -21.41 -9.90
N VAL J 435 29.25 -21.15 -8.90
CA VAL J 435 28.07 -21.98 -8.65
C VAL J 435 26.87 -21.26 -9.25
N HIS J 436 26.26 -21.89 -10.25
CA HIS J 436 25.15 -21.28 -10.96
C HIS J 436 23.85 -21.49 -10.19
N PRO J 437 22.81 -20.71 -10.50
CA PRO J 437 21.50 -21.02 -9.91
C PRO J 437 21.01 -22.41 -10.27
N TRP J 438 21.27 -22.83 -11.51
CA TRP J 438 20.93 -24.19 -11.93
C TRP J 438 21.44 -25.23 -10.93
N GLU J 439 22.63 -25.00 -10.36
CA GLU J 439 23.21 -25.95 -9.43
C GLU J 439 22.42 -26.03 -8.14
N ARG J 440 22.18 -24.90 -7.48
CA ARG J 440 21.32 -24.92 -6.31
C ARG J 440 19.94 -25.48 -6.63
N GLU J 441 19.41 -25.13 -7.80
CA GLU J 441 18.10 -25.63 -8.20
C GLU J 441 18.06 -27.15 -8.22
N GLN J 442 19.08 -27.77 -8.83
CA GLN J 442 19.06 -29.21 -9.04
C GLN J 442 19.46 -30.01 -7.80
N TYR J 443 20.14 -29.40 -6.83
CA TYR J 443 20.87 -30.17 -5.83
C TYR J 443 20.62 -29.78 -4.38
N LEU J 444 19.94 -28.67 -4.09
CA LEU J 444 19.91 -28.18 -2.70
C LEU J 444 18.91 -28.95 -1.84
N GLU J 445 17.64 -28.99 -2.25
CA GLU J 445 16.63 -29.65 -1.42
C GLU J 445 16.82 -31.16 -1.40
N ILE J 446 17.16 -31.76 -2.55
CA ILE J 446 17.16 -33.21 -2.61
C ILE J 446 18.46 -33.82 -2.11
N TYR J 447 19.55 -33.06 -2.06
CA TYR J 447 20.80 -33.59 -1.48
C TYR J 447 21.08 -32.89 -0.15
N LYS K 6 25.32 -61.26 17.74
CA LYS K 6 24.28 -61.18 16.72
C LYS K 6 22.94 -60.90 17.35
N TYR K 7 22.00 -60.46 16.52
CA TYR K 7 20.59 -60.38 16.86
C TYR K 7 19.81 -61.29 15.93
N THR K 8 18.60 -61.66 16.34
CA THR K 8 17.77 -62.59 15.57
C THR K 8 16.32 -62.13 15.59
N LYS K 9 15.49 -62.81 14.79
CA LYS K 9 14.05 -62.55 14.78
C LYS K 9 13.46 -62.73 16.16
N GLU K 10 13.98 -63.71 16.92
CA GLU K 10 13.58 -63.89 18.32
C GLU K 10 13.87 -62.64 19.13
N ASP K 11 15.05 -62.05 18.94
CA ASP K 11 15.37 -60.79 19.61
C ASP K 11 14.43 -59.69 19.17
N ILE K 12 14.27 -59.51 17.85
CA ILE K 12 13.56 -58.35 17.32
C ILE K 12 12.09 -58.37 17.74
N PHE K 13 11.44 -59.54 17.63
CA PHE K 13 10.03 -59.63 17.97
C PHE K 13 9.78 -59.28 19.44
N ARG K 14 10.76 -59.57 20.31
CA ARG K 14 10.71 -59.09 21.68
C ARG K 14 10.81 -57.57 21.74
N PHE K 15 11.65 -56.99 20.87
CA PHE K 15 11.90 -55.55 20.94
C PHE K 15 10.63 -54.75 20.65
N ALA K 16 9.71 -55.29 19.85
CA ALA K 16 8.44 -54.61 19.62
C ALA K 16 7.62 -54.56 20.90
N ASP K 17 7.54 -55.67 21.62
CA ASP K 17 6.70 -55.75 22.81
C ASP K 17 7.28 -54.97 23.98
N GLU K 18 8.62 -54.93 24.11
CA GLU K 18 9.23 -54.31 25.28
C GLU K 18 9.19 -52.79 25.21
N GLN K 19 9.65 -52.21 24.11
CA GLN K 19 9.62 -50.77 23.94
C GLN K 19 8.24 -50.25 23.54
N ASN K 20 7.29 -51.15 23.29
CA ASN K 20 6.00 -50.81 22.71
C ASN K 20 6.17 -49.94 21.47
N VAL K 21 7.16 -50.28 20.64
CA VAL K 21 7.22 -49.67 19.32
C VAL K 21 5.96 -50.08 18.58
N LYS K 22 5.37 -49.14 17.87
CA LYS K 22 4.12 -49.39 17.16
C LYS K 22 4.27 -49.43 15.66
N PHE K 23 5.36 -48.87 15.12
CA PHE K 23 5.57 -48.79 13.69
C PHE K 23 7.00 -49.17 13.37
N ILE K 24 7.18 -49.97 12.32
CA ILE K 24 8.49 -50.37 11.84
C ILE K 24 8.73 -49.71 10.48
N ARG K 25 9.90 -49.09 10.32
CA ARG K 25 10.31 -48.52 9.05
C ARG K 25 11.28 -49.49 8.38
N LEU K 26 10.94 -49.94 7.18
CA LEU K 26 11.90 -50.62 6.33
C LEU K 26 12.64 -49.57 5.52
N GLN K 27 13.95 -49.45 5.74
CA GLN K 27 14.77 -48.48 5.05
C GLN K 27 15.80 -49.17 4.17
N PHE K 28 16.07 -48.57 3.02
CA PHE K 28 17.11 -49.03 2.12
C PHE K 28 17.53 -47.86 1.25
N THR K 29 18.68 -47.99 0.62
CA THR K 29 19.30 -46.90 -0.13
C THR K 29 19.22 -47.19 -1.62
N ASP K 30 18.83 -46.18 -2.39
CA ASP K 30 18.85 -46.29 -3.84
C ASP K 30 20.28 -46.04 -4.32
N ILE K 31 20.45 -45.82 -5.62
CA ILE K 31 21.79 -45.76 -6.20
C ILE K 31 22.57 -44.55 -5.68
N LEU K 32 21.94 -43.39 -5.63
CA LEU K 32 22.66 -42.12 -5.52
C LEU K 32 23.01 -41.71 -4.09
N GLY K 33 22.69 -42.53 -3.10
CA GLY K 33 22.83 -42.12 -1.71
C GLY K 33 21.58 -41.55 -1.10
N ILE K 34 20.50 -41.48 -1.86
CA ILE K 34 19.21 -41.01 -1.35
C ILE K 34 18.52 -42.17 -0.63
N ILE K 35 18.35 -42.03 0.68
CA ILE K 35 17.72 -43.08 1.48
C ILE K 35 16.20 -43.00 1.31
N LYS K 36 15.57 -44.16 1.14
CA LYS K 36 14.13 -44.26 0.91
C LYS K 36 13.56 -45.39 1.76
N ASN K 37 12.32 -45.22 2.22
CA ASN K 37 11.80 -46.07 3.27
C ASN K 37 10.32 -46.38 3.02
N VAL K 38 9.81 -47.39 3.73
CA VAL K 38 8.39 -47.71 3.83
C VAL K 38 8.07 -48.00 5.30
N GLU K 39 6.99 -47.41 5.80
CA GLU K 39 6.59 -47.55 7.19
C GLU K 39 5.50 -48.60 7.33
N ILE K 40 5.75 -49.59 8.17
CA ILE K 40 4.79 -50.67 8.42
C ILE K 40 4.48 -50.69 9.92
N PRO K 41 3.37 -51.34 10.33
CA PRO K 41 3.09 -51.46 11.77
C PRO K 41 3.97 -52.51 12.42
N VAL K 42 3.72 -52.79 13.70
CA VAL K 42 4.13 -54.07 14.27
C VAL K 42 3.24 -55.20 13.77
N SER K 43 2.11 -54.85 13.15
CA SER K 43 1.13 -55.84 12.75
C SER K 43 1.69 -56.76 11.67
N GLN K 44 2.46 -56.21 10.72
CA GLN K 44 3.11 -57.02 9.70
C GLN K 44 4.58 -57.27 10.02
N LEU K 45 5.01 -56.98 11.25
CA LEU K 45 6.41 -57.17 11.66
C LEU K 45 6.92 -58.54 11.23
N LYS K 46 6.13 -59.58 11.48
CA LYS K 46 6.45 -60.91 10.98
C LYS K 46 6.67 -60.88 9.47
N LYS K 47 5.66 -60.40 8.73
CA LYS K 47 5.70 -60.43 7.27
C LYS K 47 6.99 -59.82 6.72
N ALA K 48 7.37 -58.64 7.23
CA ALA K 48 8.59 -58.01 6.73
C ALA K 48 9.84 -58.76 7.16
N LEU K 49 9.83 -59.33 8.38
CA LEU K 49 10.93 -60.19 8.77
C LEU K 49 10.88 -61.53 8.05
N ASP K 50 9.69 -61.94 7.61
CA ASP K 50 9.49 -63.15 6.82
C ASP K 50 10.00 -63.00 5.39
N ASN K 51 10.47 -61.82 5.01
CA ASN K 51 11.01 -61.56 3.66
C ASN K 51 9.95 -61.80 2.60
N LYS K 52 8.73 -61.37 2.89
CA LYS K 52 7.60 -61.49 1.98
C LYS K 52 7.01 -60.13 1.61
N ILE K 53 7.81 -59.06 1.74
CA ILE K 53 7.34 -57.70 1.54
C ILE K 53 8.10 -57.10 0.35
N MET K 54 7.35 -56.63 -0.65
CA MET K 54 7.90 -56.21 -1.93
C MET K 54 7.39 -54.83 -2.31
N PHE K 55 8.03 -54.25 -3.33
CA PHE K 55 7.82 -52.86 -3.72
C PHE K 55 7.84 -52.77 -5.25
N ASP K 56 7.91 -51.53 -5.75
CA ASP K 56 8.05 -51.27 -7.19
C ASP K 56 9.50 -50.88 -7.45
N GLY K 57 10.17 -51.62 -8.32
CA GLY K 57 11.57 -51.38 -8.61
C GLY K 57 11.81 -50.49 -9.81
N SER K 58 10.73 -50.16 -10.54
CA SER K 58 10.83 -49.22 -11.64
C SER K 58 10.79 -47.77 -11.18
N SER K 59 10.24 -47.51 -10.00
CA SER K 59 10.16 -46.17 -9.46
C SER K 59 11.32 -45.81 -8.54
N ILE K 60 12.08 -46.81 -8.10
CA ILE K 60 13.38 -46.54 -7.50
C ILE K 60 14.38 -46.37 -8.63
N GLU K 61 15.02 -45.21 -8.68
CA GLU K 61 15.84 -44.88 -9.85
C GLU K 61 17.13 -45.68 -9.84
N GLY K 62 17.47 -46.25 -10.98
CA GLY K 62 18.67 -47.04 -11.13
C GLY K 62 18.54 -48.49 -10.75
N PHE K 63 17.39 -48.94 -10.26
CA PHE K 63 17.27 -50.32 -9.80
C PHE K 63 17.01 -51.28 -10.96
N VAL K 64 15.84 -51.21 -11.57
CA VAL K 64 15.43 -52.21 -12.55
C VAL K 64 14.44 -51.56 -13.51
N ARG K 65 14.10 -52.26 -14.59
CA ARG K 65 13.21 -51.71 -15.59
C ARG K 65 11.75 -52.01 -15.25
N ILE K 66 10.85 -51.44 -16.04
CA ILE K 66 9.42 -51.62 -15.82
C ILE K 66 9.00 -53.07 -16.06
N GLU K 67 9.67 -53.75 -16.99
CA GLU K 67 9.22 -55.06 -17.43
C GLU K 67 9.37 -56.12 -16.35
N GLU K 68 10.31 -55.93 -15.43
CA GLU K 68 10.56 -56.87 -14.33
C GLU K 68 10.60 -56.11 -13.01
N SER K 69 9.57 -55.29 -12.76
CA SER K 69 9.62 -54.33 -11.67
C SER K 69 9.62 -55.01 -10.30
N ASP K 70 8.61 -55.83 -10.04
CA ASP K 70 8.39 -56.41 -8.70
C ASP K 70 9.67 -57.01 -8.13
N MET K 71 10.06 -56.53 -6.95
CA MET K 71 11.21 -57.08 -6.22
C MET K 71 10.96 -56.95 -4.72
N TYR K 72 11.76 -57.66 -3.94
CA TYR K 72 11.54 -57.85 -2.52
C TYR K 72 12.44 -56.97 -1.66
N LEU K 73 12.05 -56.87 -0.39
CA LEU K 73 12.84 -56.24 0.67
C LEU K 73 13.24 -57.30 1.68
N PHE K 74 14.54 -57.45 1.92
CA PHE K 74 15.03 -58.41 2.91
C PHE K 74 15.75 -57.67 4.03
N PRO K 75 15.21 -57.64 5.24
CA PRO K 75 15.75 -56.75 6.28
C PRO K 75 17.01 -57.30 6.94
N ASP K 76 17.67 -56.39 7.64
CA ASP K 76 18.74 -56.70 8.58
C ASP K 76 18.17 -56.63 10.01
N LEU K 77 18.87 -57.28 10.93
CA LEU K 77 18.44 -57.33 12.32
C LEU K 77 19.43 -56.69 13.29
N ASP K 78 20.62 -56.33 12.83
CA ASP K 78 21.52 -55.49 13.60
C ASP K 78 21.14 -54.02 13.48
N THR K 79 20.59 -53.64 12.33
CA THR K 79 20.17 -52.28 12.06
C THR K 79 18.90 -51.91 12.76
N TRP K 80 18.45 -52.74 13.70
CA TRP K 80 17.32 -52.38 14.52
C TRP K 80 17.69 -51.25 15.47
N VAL K 81 16.92 -50.17 15.41
CA VAL K 81 16.99 -49.08 16.38
C VAL K 81 15.69 -48.31 16.23
N VAL K 82 15.32 -47.59 17.28
CA VAL K 82 14.02 -46.94 17.38
C VAL K 82 14.20 -45.42 17.35
N PHE K 83 13.32 -44.73 16.61
CA PHE K 83 13.40 -43.29 16.42
C PHE K 83 12.91 -42.56 17.67
N PRO K 84 13.81 -42.02 18.49
CA PRO K 84 13.38 -41.47 19.79
C PRO K 84 12.61 -40.18 19.69
N TRP K 85 12.51 -39.57 18.50
CA TRP K 85 11.76 -38.32 18.39
C TRP K 85 10.26 -38.55 18.24
N THR K 86 9.80 -39.80 18.34
CA THR K 86 8.41 -40.14 18.06
C THR K 86 7.82 -41.09 19.10
N ALA K 87 8.30 -41.01 20.34
CA ALA K 87 7.52 -41.58 21.43
C ALA K 87 6.23 -40.82 21.63
N GLU K 88 6.16 -39.57 21.14
CA GLU K 88 4.95 -38.77 21.17
C GLU K 88 3.78 -39.49 20.51
N LYS K 89 3.87 -39.70 19.20
CA LYS K 89 2.71 -40.16 18.44
C LYS K 89 2.52 -41.66 18.56
N GLY K 90 3.44 -42.42 17.99
CA GLY K 90 3.50 -43.86 18.12
C GLY K 90 4.92 -44.27 17.82
N LYS K 91 5.53 -45.03 18.74
CA LYS K 91 6.96 -45.29 18.67
C LYS K 91 7.32 -45.89 17.32
N VAL K 92 8.36 -45.37 16.72
CA VAL K 92 8.79 -45.82 15.40
C VAL K 92 10.06 -46.64 15.57
N ALA K 93 10.28 -47.54 14.61
CA ALA K 93 11.45 -48.40 14.62
C ALA K 93 11.94 -48.51 13.19
N ARG K 94 13.11 -49.10 13.02
CA ARG K 94 13.65 -49.17 11.67
C ARG K 94 14.66 -50.30 11.57
N MET K 95 14.72 -50.88 10.38
CA MET K 95 15.76 -51.81 9.97
C MET K 95 16.26 -51.40 8.59
N ILE K 96 17.48 -51.80 8.26
CA ILE K 96 18.14 -51.42 7.02
C ILE K 96 18.18 -52.67 6.14
N CYS K 97 17.33 -52.68 5.11
CA CYS K 97 17.07 -53.88 4.34
C CYS K 97 18.23 -54.19 3.39
N ASP K 98 18.08 -55.29 2.66
CA ASP K 98 18.91 -55.65 1.53
C ASP K 98 17.99 -56.05 0.38
N ILE K 99 18.32 -55.62 -0.84
CA ILE K 99 17.44 -55.86 -1.98
C ILE K 99 17.76 -57.19 -2.62
N TYR K 100 16.71 -57.88 -3.06
CA TYR K 100 16.76 -59.22 -3.65
C TYR K 100 15.78 -59.28 -4.81
N ASN K 101 16.20 -59.96 -5.87
CA ASN K 101 15.27 -60.23 -6.96
C ASN K 101 14.19 -61.20 -6.49
N PRO K 102 13.01 -61.16 -7.11
CA PRO K 102 11.89 -62.01 -6.63
C PRO K 102 12.22 -63.49 -6.48
N ASP K 103 13.39 -63.93 -6.93
CA ASP K 103 13.77 -65.34 -6.87
C ASP K 103 14.79 -65.62 -5.76
N MET K 104 14.73 -64.88 -4.68
CA MET K 104 15.48 -65.15 -3.45
C MET K 104 17.00 -64.98 -3.65
N THR K 105 17.43 -64.25 -4.70
CA THR K 105 18.82 -63.98 -5.05
C THR K 105 19.16 -62.48 -4.97
N PRO K 106 20.41 -62.12 -4.64
CA PRO K 106 20.72 -60.70 -4.37
C PRO K 106 20.57 -59.83 -5.62
N PHE K 107 20.10 -58.61 -5.40
CA PHE K 107 20.17 -57.62 -6.46
C PHE K 107 21.58 -57.05 -6.56
N ALA K 108 22.08 -56.97 -7.79
CA ALA K 108 23.37 -56.33 -8.02
C ALA K 108 23.24 -54.81 -8.14
N GLY K 109 22.07 -54.31 -8.55
CA GLY K 109 21.77 -52.90 -8.42
C GLY K 109 21.50 -52.46 -7.00
N ASP K 110 21.77 -53.35 -6.05
CA ASP K 110 21.67 -53.06 -4.63
C ASP K 110 23.02 -52.53 -4.16
N PRO K 111 23.14 -51.25 -3.78
CA PRO K 111 24.46 -50.72 -3.45
C PRO K 111 25.05 -51.27 -2.16
N ARG K 112 24.24 -51.61 -1.15
CA ARG K 112 24.79 -52.21 0.06
C ARG K 112 25.33 -53.60 -0.23
N ALA K 113 24.74 -54.32 -1.19
CA ALA K 113 25.22 -55.63 -1.55
C ALA K 113 26.56 -55.57 -2.28
N ASN K 114 26.83 -54.46 -2.96
CA ASN K 114 28.13 -54.29 -3.62
C ASN K 114 29.26 -54.33 -2.60
N LEU K 115 29.07 -53.69 -1.45
CA LEU K 115 30.15 -53.57 -0.47
C LEU K 115 30.41 -54.91 0.21
N LYS K 116 29.35 -55.63 0.57
CA LYS K 116 29.53 -56.97 1.11
C LYS K 116 30.33 -57.85 0.16
N ARG K 117 30.01 -57.80 -1.14
CA ARG K 117 30.72 -58.61 -2.13
C ARG K 117 32.19 -58.22 -2.20
N VAL K 118 32.47 -56.91 -2.24
CA VAL K 118 33.85 -56.44 -2.32
C VAL K 118 34.57 -56.57 -0.98
N LEU K 119 33.84 -56.59 0.13
CA LEU K 119 34.49 -56.76 1.43
C LEU K 119 35.11 -58.15 1.56
N LYS K 120 34.60 -59.13 0.81
CA LYS K 120 35.17 -60.48 0.84
C LYS K 120 36.50 -60.56 0.10
N GLU K 121 36.93 -59.49 -0.56
CA GLU K 121 38.21 -59.46 -1.24
C GLU K 121 39.35 -59.06 -0.32
N MET K 122 39.08 -58.86 0.97
CA MET K 122 40.12 -58.66 1.97
C MET K 122 40.22 -59.79 2.97
N GLU K 123 39.16 -60.60 3.10
CA GLU K 123 39.23 -61.80 3.92
C GLU K 123 40.27 -62.78 3.41
N GLU K 124 40.60 -62.72 2.12
CA GLU K 124 41.60 -63.60 1.52
C GLU K 124 43.01 -63.04 1.63
N LEU K 125 43.14 -61.72 1.71
CA LEU K 125 44.40 -61.09 2.09
C LEU K 125 44.52 -60.96 3.61
N GLY K 126 43.55 -61.49 4.35
CA GLY K 126 43.64 -61.56 5.80
C GLY K 126 43.43 -60.26 6.54
N PHE K 127 42.21 -59.71 6.50
CA PHE K 127 41.89 -58.50 7.25
C PHE K 127 40.43 -58.57 7.69
N THR K 128 40.21 -58.59 9.00
CA THR K 128 38.88 -58.85 9.53
C THR K 128 37.90 -57.74 9.18
N GLU K 129 38.31 -56.49 9.37
CA GLU K 129 37.40 -55.35 9.29
C GLU K 129 37.96 -54.35 8.30
N PHE K 130 37.07 -53.46 7.86
CA PHE K 130 37.47 -52.24 7.15
C PHE K 130 36.86 -51.06 7.92
N ASN K 131 37.69 -50.42 8.73
CA ASN K 131 37.21 -49.33 9.57
C ASN K 131 37.16 -48.02 8.79
N LEU K 132 36.11 -47.24 9.02
CA LEU K 132 35.95 -45.97 8.33
C LEU K 132 35.31 -44.96 9.28
N GLY K 133 35.98 -43.83 9.48
CA GLY K 133 35.45 -42.76 10.29
C GLY K 133 35.22 -41.48 9.50
N PRO K 134 33.96 -41.17 9.25
CA PRO K 134 33.62 -39.99 8.43
C PRO K 134 33.36 -38.72 9.23
N GLU K 135 33.61 -37.60 8.56
CA GLU K 135 33.32 -36.26 9.09
C GLU K 135 32.42 -35.52 8.11
N PRO K 136 31.15 -35.91 7.99
CA PRO K 136 30.26 -35.29 6.99
C PRO K 136 29.87 -33.88 7.43
N GLU K 137 30.27 -32.90 6.61
CA GLU K 137 30.18 -31.48 6.95
C GLU K 137 29.03 -30.83 6.18
N PHE K 138 28.20 -30.05 6.88
CA PHE K 138 26.98 -29.50 6.30
C PHE K 138 26.81 -28.02 6.64
N PHE K 139 25.98 -27.36 5.83
CA PHE K 139 25.54 -25.98 6.06
C PHE K 139 24.18 -25.98 6.77
N LEU K 140 23.74 -24.79 7.17
CA LEU K 140 22.40 -24.62 7.76
C LEU K 140 21.78 -23.33 7.26
N PHE K 141 20.77 -23.45 6.40
CA PHE K 141 20.07 -22.31 5.83
C PHE K 141 18.74 -22.12 6.56
N LYS K 142 18.50 -20.90 7.03
CA LYS K 142 17.24 -20.59 7.67
C LYS K 142 16.08 -20.91 6.73
N LEU K 143 14.88 -21.06 7.27
CA LEU K 143 13.71 -21.30 6.44
C LEU K 143 12.90 -20.02 6.29
N ASP K 144 12.10 -19.97 5.24
CA ASP K 144 11.14 -18.88 5.08
C ASP K 144 9.85 -19.22 5.82
N GLU K 145 8.90 -18.29 5.80
CA GLU K 145 7.64 -18.52 6.51
C GLU K 145 6.83 -19.65 5.90
N ASN K 146 7.16 -20.06 4.67
CA ASN K 146 6.45 -21.14 3.98
C ASN K 146 7.20 -22.46 4.08
N ARG K 147 8.13 -22.56 5.03
CA ARG K 147 8.85 -23.78 5.40
C ARG K 147 9.74 -24.32 4.27
N ARG K 148 9.97 -23.57 3.19
CA ARG K 148 10.87 -24.08 2.16
C ARG K 148 12.20 -23.32 2.17
N PRO K 149 13.32 -24.03 2.10
CA PRO K 149 14.66 -23.46 2.34
C PRO K 149 14.94 -22.12 1.66
N THR K 150 15.43 -21.15 2.44
CA THR K 150 15.71 -19.82 1.94
C THR K 150 17.19 -19.72 1.56
N LEU K 151 17.56 -18.54 1.05
CA LEU K 151 18.92 -18.28 0.61
C LEU K 151 19.87 -17.98 1.75
N GLU K 152 19.37 -17.41 2.86
CA GLU K 152 20.23 -16.94 3.92
C GLU K 152 20.80 -18.12 4.71
N LEU K 153 21.66 -17.80 5.67
CA LEU K 153 22.31 -18.77 6.53
C LEU K 153 22.04 -18.41 7.99
N ASN K 154 22.03 -19.43 8.85
CA ASN K 154 21.65 -19.22 10.24
C ASN K 154 22.61 -18.28 10.94
N ASP K 155 23.88 -18.66 11.03
CA ASP K 155 24.89 -17.81 11.63
C ASP K 155 25.93 -17.41 10.58
N SER K 156 26.76 -16.45 10.94
CA SER K 156 27.84 -15.99 10.08
C SER K 156 29.17 -16.25 10.79
N GLY K 157 29.32 -17.44 11.36
CA GLY K 157 30.50 -17.77 12.12
C GLY K 157 31.56 -18.51 11.33
N GLY K 158 32.72 -18.70 11.97
CA GLY K 158 33.84 -19.39 11.37
C GLY K 158 34.17 -20.68 12.09
N TYR K 159 35.41 -21.15 11.90
CA TYR K 159 35.86 -22.41 12.46
C TYR K 159 35.99 -22.29 13.97
N PHE K 160 35.23 -23.13 14.70
CA PHE K 160 35.31 -23.30 16.14
C PHE K 160 34.69 -22.16 16.94
N ASP K 161 33.84 -21.34 16.34
CA ASP K 161 33.34 -20.16 17.04
C ASP K 161 32.28 -20.55 18.07
N LEU K 162 31.68 -19.54 18.69
CA LEU K 162 30.81 -19.70 19.83
C LEU K 162 29.52 -18.91 19.65
N ALA K 163 28.46 -19.37 20.31
CA ALA K 163 27.31 -18.52 20.52
C ALA K 163 27.77 -17.23 21.21
N PRO K 164 27.22 -16.07 20.82
CA PRO K 164 26.07 -15.93 19.92
C PRO K 164 26.37 -15.91 18.41
N THR K 165 27.64 -15.85 18.01
CA THR K 165 27.95 -15.84 16.58
C THR K 165 27.97 -17.26 16.00
N ASP K 166 27.34 -18.22 16.69
CA ASP K 166 27.16 -19.59 16.23
C ASP K 166 25.74 -19.97 16.65
N LEU K 167 24.78 -19.69 15.77
CA LEU K 167 23.37 -19.89 16.12
C LEU K 167 22.98 -21.36 16.10
N GLY K 168 23.58 -22.16 15.24
CA GLY K 168 23.32 -23.58 15.27
C GLY K 168 24.08 -24.27 16.39
N GLU K 169 24.00 -23.68 17.58
CA GLU K 169 24.68 -24.21 18.75
C GLU K 169 23.78 -25.12 19.57
N ASN K 170 22.50 -24.77 19.70
CA ASN K 170 21.54 -25.71 20.27
C ASN K 170 20.95 -26.64 19.22
N CYS K 171 21.20 -26.38 17.94
CA CYS K 171 20.79 -27.28 16.89
C CYS K 171 21.76 -28.44 16.70
N ARG K 172 22.97 -28.34 17.25
CA ARG K 172 23.86 -29.49 17.21
C ARG K 172 23.75 -30.32 18.49
N ARG K 173 23.70 -29.66 19.65
CA ARG K 173 23.32 -30.35 20.87
C ARG K 173 22.09 -31.23 20.64
N ASP K 174 21.04 -30.64 20.07
CA ASP K 174 19.82 -31.41 19.79
C ASP K 174 20.06 -32.46 18.72
N ILE K 175 20.96 -32.19 17.77
CA ILE K 175 21.29 -33.20 16.75
C ILE K 175 22.11 -34.32 17.37
N VAL K 176 23.07 -33.98 18.22
CA VAL K 176 23.91 -35.01 18.83
C VAL K 176 23.10 -35.83 19.82
N LEU K 177 22.25 -35.16 20.62
CA LEU K 177 21.40 -35.85 21.59
C LEU K 177 20.64 -37.01 20.95
N GLU K 178 19.84 -36.70 19.93
CA GLU K 178 19.08 -37.74 19.25
C GLU K 178 19.99 -38.75 18.57
N LEU K 179 21.23 -38.37 18.24
CA LEU K 179 22.21 -39.35 17.77
C LEU K 179 22.70 -40.23 18.92
N GLU K 180 23.03 -39.61 20.06
CA GLU K 180 23.50 -40.38 21.21
C GLU K 180 22.46 -41.40 21.66
N GLU K 181 21.18 -41.02 21.60
CA GLU K 181 20.13 -41.99 21.89
C GLU K 181 20.15 -43.14 20.90
N MET K 182 20.44 -42.85 19.64
CA MET K 182 20.34 -43.85 18.58
C MET K 182 21.68 -44.58 18.38
N GLY K 183 22.28 -45.03 19.48
CA GLY K 183 23.43 -45.91 19.44
C GLY K 183 24.72 -45.32 18.89
N PHE K 184 24.81 -44.01 18.72
CA PHE K 184 26.00 -43.39 18.14
C PHE K 184 27.03 -43.03 19.21
N GLU K 185 28.27 -43.47 19.01
CA GLU K 185 29.40 -42.94 19.77
C GLU K 185 29.86 -41.67 19.06
N ILE K 186 29.53 -40.51 19.62
CA ILE K 186 29.76 -39.22 18.97
C ILE K 186 31.04 -38.62 19.52
N GLU K 187 31.83 -37.99 18.64
CA GLU K 187 33.14 -37.44 19.01
C GLU K 187 33.08 -35.96 19.34
N ALA K 188 32.68 -35.11 18.39
CA ALA K 188 32.82 -33.68 18.59
C ALA K 188 31.83 -32.92 17.73
N SER K 189 31.21 -31.90 18.31
CA SER K 189 30.22 -31.06 17.64
C SER K 189 30.75 -29.64 17.58
N HIS K 190 31.18 -29.21 16.39
CA HIS K 190 31.80 -27.90 16.26
C HIS K 190 31.47 -27.27 14.91
N HIS K 191 31.81 -25.99 14.79
CA HIS K 191 31.62 -25.18 13.60
C HIS K 191 32.74 -25.48 12.60
N GLU K 192 32.54 -25.08 11.36
CA GLU K 192 33.54 -25.29 10.33
C GLU K 192 33.93 -23.95 9.70
N VAL K 193 34.79 -24.02 8.68
CA VAL K 193 35.50 -22.83 8.20
C VAL K 193 34.53 -21.81 7.63
N ALA K 194 33.58 -22.26 6.82
CA ALA K 194 32.76 -21.35 6.04
C ALA K 194 31.56 -20.85 6.85
N PRO K 195 30.94 -19.75 6.41
CA PRO K 195 29.71 -19.29 7.06
C PRO K 195 28.70 -20.40 7.23
N GLY K 196 28.21 -20.56 8.46
CA GLY K 196 27.16 -21.53 8.74
C GLY K 196 27.54 -22.96 8.44
N GLN K 197 28.83 -23.29 8.51
CA GLN K 197 29.31 -24.63 8.23
C GLN K 197 29.44 -25.41 9.53
N HIS K 198 28.94 -26.64 9.52
CA HIS K 198 28.91 -27.48 10.71
C HIS K 198 29.51 -28.84 10.41
N GLU K 199 30.34 -29.33 11.32
CA GLU K 199 30.88 -30.68 11.28
C GLU K 199 30.49 -31.39 12.57
N ILE K 200 30.11 -32.66 12.45
CA ILE K 200 29.70 -33.47 13.60
C ILE K 200 30.41 -34.81 13.49
N ASP K 201 31.56 -34.91 14.15
CA ASP K 201 32.40 -36.10 14.06
C ASP K 201 31.85 -37.22 14.95
N PHE K 202 31.87 -38.44 14.43
CA PHE K 202 31.57 -39.62 15.22
C PHE K 202 32.63 -40.68 14.97
N LYS K 203 32.91 -41.49 16.00
CA LYS K 203 33.91 -42.53 15.88
C LYS K 203 33.53 -43.53 14.79
N TYR K 204 34.52 -44.30 14.36
CA TYR K 204 34.46 -45.26 13.28
C TYR K 204 33.98 -46.61 13.77
N GLU K 205 33.39 -47.37 12.85
CA GLU K 205 33.11 -48.80 13.04
C GLU K 205 33.35 -49.48 11.70
N ASP K 206 32.99 -50.77 11.62
CA ASP K 206 33.29 -51.54 10.42
C ASP K 206 32.61 -50.93 9.18
N ALA K 207 33.13 -51.30 8.00
CA ALA K 207 32.75 -50.65 6.75
C ALA K 207 31.25 -50.62 6.55
N ILE K 208 30.56 -51.73 6.81
CA ILE K 208 29.12 -51.80 6.55
C ILE K 208 28.29 -51.32 7.72
N THR K 209 28.92 -50.84 8.79
CA THR K 209 28.19 -50.15 9.85
C THR K 209 28.40 -48.65 9.82
N ALA K 210 29.59 -48.21 9.39
CA ALA K 210 29.84 -46.77 9.22
C ALA K 210 28.86 -46.17 8.22
N CYS K 211 28.70 -46.80 7.06
CA CYS K 211 27.77 -46.27 6.07
C CYS K 211 26.32 -46.41 6.51
N ASP K 212 26.01 -47.44 7.29
CA ASP K 212 24.74 -47.43 8.02
C ASP K 212 24.64 -46.19 8.90
N SER K 213 25.65 -45.97 9.72
CA SER K 213 25.74 -44.80 10.59
C SER K 213 25.99 -43.49 9.81
N ILE K 214 26.00 -43.48 8.48
CA ILE K 214 26.07 -42.22 7.74
C ILE K 214 24.69 -41.87 7.21
N GLN K 215 24.08 -42.77 6.43
CA GLN K 215 22.73 -42.52 5.96
C GLN K 215 21.74 -42.40 7.11
N THR K 216 22.09 -42.94 8.28
CA THR K 216 21.31 -42.67 9.48
C THR K 216 21.55 -41.24 9.95
N PHE K 217 22.82 -40.84 10.02
CA PHE K 217 23.20 -39.55 10.61
C PHE K 217 22.60 -38.38 9.83
N LYS K 218 22.50 -38.52 8.51
CA LYS K 218 21.98 -37.40 7.73
C LYS K 218 20.47 -37.28 7.87
N LEU K 219 19.76 -38.41 7.89
CA LEU K 219 18.36 -38.40 8.30
C LEU K 219 18.16 -37.72 9.65
N VAL K 220 19.20 -37.73 10.50
CA VAL K 220 19.10 -37.07 11.81
C VAL K 220 19.11 -35.55 11.65
N VAL K 221 20.12 -35.01 10.95
CA VAL K 221 20.27 -33.56 10.91
C VAL K 221 19.08 -32.91 10.17
N LYS K 222 18.70 -33.46 9.02
CA LYS K 222 17.71 -32.77 8.20
C LYS K 222 16.32 -32.76 8.82
N THR K 223 15.99 -33.73 9.66
CA THR K 223 14.74 -33.63 10.40
C THR K 223 14.88 -32.88 11.71
N ILE K 224 16.07 -32.86 12.31
CA ILE K 224 16.23 -32.14 13.58
C ILE K 224 16.54 -30.67 13.34
N ALA K 225 17.36 -30.35 12.34
CA ALA K 225 17.49 -28.95 11.94
C ALA K 225 16.14 -28.38 11.55
N ARG K 226 15.36 -29.14 10.79
CA ARG K 226 14.02 -28.65 10.46
C ARG K 226 13.06 -28.70 11.63
N LYS K 227 13.54 -29.06 12.83
CA LYS K 227 12.84 -28.70 14.05
C LYS K 227 13.28 -27.34 14.58
N HIS K 228 14.38 -26.81 14.07
CA HIS K 228 14.88 -25.49 14.44
C HIS K 228 14.58 -24.42 13.39
N GLY K 229 13.77 -24.73 12.38
CA GLY K 229 13.50 -23.77 11.33
C GLY K 229 14.61 -23.59 10.34
N LEU K 230 15.50 -24.57 10.20
CA LEU K 230 16.63 -24.51 9.30
C LEU K 230 16.61 -25.73 8.38
N HIS K 231 17.06 -25.56 7.15
CA HIS K 231 17.12 -26.66 6.18
C HIS K 231 18.52 -27.25 6.22
N ALA K 232 18.68 -28.33 6.98
CA ALA K 232 19.93 -29.08 6.91
C ALA K 232 20.11 -29.65 5.50
N THR K 233 21.20 -29.28 4.85
CA THR K 233 21.53 -29.76 3.52
C THR K 233 23.01 -30.12 3.49
N PHE K 234 23.39 -30.92 2.49
CA PHE K 234 24.75 -31.44 2.36
C PHE K 234 25.28 -31.21 0.96
N MET K 235 25.10 -30.00 0.43
CA MET K 235 25.68 -29.68 -0.86
C MET K 235 27.19 -29.47 -0.70
N PRO K 236 27.97 -29.66 -1.76
CA PRO K 236 29.42 -29.49 -1.62
C PRO K 236 29.88 -28.03 -1.64
N LYS K 237 29.23 -27.19 -2.45
CA LYS K 237 29.57 -25.77 -2.51
C LYS K 237 28.34 -24.95 -2.89
N PRO K 238 27.41 -24.80 -1.96
CA PRO K 238 26.21 -24.00 -2.27
C PRO K 238 26.53 -22.56 -2.63
N LEU K 239 27.42 -21.93 -1.88
CA LEU K 239 27.83 -20.56 -2.13
C LEU K 239 29.23 -20.56 -2.76
N PHE K 240 29.40 -19.77 -3.81
CA PHE K 240 30.71 -19.61 -4.41
C PHE K 240 31.59 -18.71 -3.55
N GLY K 241 32.87 -19.06 -3.45
CA GLY K 241 33.84 -18.21 -2.80
C GLY K 241 34.09 -18.51 -1.35
N VAL K 242 33.53 -19.59 -0.81
CA VAL K 242 33.74 -19.99 0.58
C VAL K 242 33.93 -21.50 0.59
N ASN K 243 34.38 -22.00 1.74
CA ASN K 243 34.77 -23.40 1.86
C ASN K 243 33.70 -24.35 1.33
N GLY K 244 34.11 -25.22 0.42
CA GLY K 244 33.31 -26.40 0.15
C GLY K 244 33.21 -27.27 1.39
N SER K 245 32.08 -27.94 1.54
CA SER K 245 31.87 -28.86 2.65
C SER K 245 32.06 -30.27 2.12
N GLY K 246 33.11 -30.93 2.59
CA GLY K 246 33.42 -32.29 2.19
C GLY K 246 33.30 -33.29 3.31
N MET K 247 33.07 -34.55 2.95
CA MET K 247 32.86 -35.63 3.91
C MET K 247 34.14 -36.44 4.01
N HIS K 248 35.02 -36.06 4.94
CA HIS K 248 36.28 -36.77 5.14
C HIS K 248 36.05 -38.27 5.24
N PHE K 249 37.05 -39.04 4.83
CA PHE K 249 37.02 -40.50 4.90
C PHE K 249 38.30 -40.97 5.60
N ASN K 250 38.21 -41.23 6.90
CA ASN K 250 39.31 -41.78 7.68
C ASN K 250 39.14 -43.28 7.79
N MET K 251 40.09 -44.05 7.25
CA MET K 251 39.91 -45.49 7.15
C MET K 251 41.18 -46.24 7.56
N SER K 252 40.98 -47.49 7.99
CA SER K 252 42.06 -48.32 8.50
C SER K 252 41.80 -49.79 8.14
N LEU K 253 42.89 -50.55 8.06
CA LEU K 253 42.85 -52.01 7.99
C LEU K 253 43.18 -52.61 9.35
N PHE K 254 42.56 -53.74 9.64
CA PHE K 254 42.75 -54.41 10.92
C PHE K 254 42.86 -55.91 10.72
N ASN K 255 43.71 -56.54 11.54
CA ASN K 255 43.98 -57.97 11.44
C ASN K 255 43.98 -58.56 12.86
N GLU K 256 42.85 -59.15 13.24
CA GLU K 256 42.67 -59.81 14.54
C GLU K 256 43.19 -58.93 15.69
N LYS K 257 42.52 -57.80 15.86
CA LYS K 257 42.83 -56.85 16.93
C LYS K 257 44.26 -56.35 16.81
N GLY K 258 44.59 -55.85 15.61
CA GLY K 258 45.84 -55.15 15.41
C GLY K 258 45.76 -54.24 14.20
N ASN K 259 46.10 -52.96 14.38
CA ASN K 259 46.02 -52.01 13.28
C ASN K 259 47.07 -52.36 12.23
N ALA K 260 46.62 -52.71 11.03
CA ALA K 260 47.52 -53.11 9.97
C ALA K 260 48.26 -51.93 9.36
N PHE K 261 47.86 -50.70 9.67
CA PHE K 261 48.59 -49.51 9.24
C PHE K 261 49.65 -49.09 10.22
N PHE K 262 49.46 -49.40 11.50
CA PHE K 262 50.46 -49.10 12.51
C PHE K 262 51.61 -50.08 12.44
N ASP K 263 52.82 -49.57 12.26
CA ASP K 263 54.04 -50.31 12.53
C ASP K 263 55.12 -49.27 12.77
N GLU K 264 55.55 -49.11 14.02
CA GLU K 264 56.38 -47.98 14.41
C GLU K 264 57.84 -48.19 13.98
N SER K 265 58.02 -48.38 12.69
CA SER K 265 59.35 -48.13 12.15
C SER K 265 59.34 -47.30 10.88
N GLY K 266 58.35 -47.47 10.01
CA GLY K 266 58.53 -47.01 8.65
C GLY K 266 58.16 -45.56 8.36
N GLU K 267 59.16 -44.70 8.51
CA GLU K 267 59.24 -43.32 8.03
C GLU K 267 58.18 -42.39 8.62
N LEU K 268 57.04 -42.95 9.07
CA LEU K 268 56.01 -42.18 9.79
C LEU K 268 55.23 -43.07 10.75
N GLU K 269 55.86 -44.14 11.26
CA GLU K 269 55.21 -45.24 11.97
C GLU K 269 54.19 -45.97 11.11
N LEU K 270 54.11 -45.64 9.83
CA LEU K 270 53.09 -46.21 8.97
C LEU K 270 53.56 -47.54 8.40
N SER K 271 52.66 -48.53 8.41
CA SER K 271 52.99 -49.85 7.91
C SER K 271 53.28 -49.80 6.42
N GLN K 272 53.78 -50.93 5.90
CA GLN K 272 54.03 -51.02 4.47
C GLN K 272 52.75 -51.38 3.72
N THR K 273 51.92 -52.26 4.29
CA THR K 273 50.57 -52.40 3.76
C THR K 273 49.78 -51.12 3.95
N ALA K 274 50.17 -50.26 4.88
CA ALA K 274 49.63 -48.91 4.93
C ALA K 274 50.13 -48.09 3.75
N TYR K 275 51.45 -47.91 3.66
CA TYR K 275 52.04 -47.25 2.49
C TYR K 275 51.54 -47.89 1.19
N HIS K 276 51.50 -49.23 1.16
CA HIS K 276 51.01 -49.93 -0.02
C HIS K 276 49.58 -49.54 -0.36
N PHE K 277 48.76 -49.33 0.68
CA PHE K 277 47.38 -48.93 0.48
C PHE K 277 47.29 -47.60 -0.25
N LEU K 278 48.29 -46.72 -0.05
CA LEU K 278 48.22 -45.37 -0.60
C LEU K 278 48.48 -45.35 -2.10
N ALA K 279 49.53 -46.07 -2.53
CA ALA K 279 49.85 -46.11 -3.96
C ALA K 279 48.68 -46.60 -4.79
N GLY K 280 47.88 -47.52 -4.25
CA GLY K 280 46.69 -47.97 -4.95
C GLY K 280 45.65 -46.88 -5.12
N MET K 281 45.56 -45.97 -4.15
CA MET K 281 44.67 -44.84 -4.29
C MET K 281 45.29 -43.72 -5.12
N LEU K 282 46.62 -43.60 -5.09
CA LEU K 282 47.27 -42.47 -5.74
C LEU K 282 47.06 -42.53 -7.25
N LYS K 283 47.32 -43.69 -7.85
CA LYS K 283 47.27 -43.78 -9.30
C LYS K 283 45.82 -43.89 -9.78
N HIS K 284 44.99 -44.66 -9.08
CA HIS K 284 43.58 -44.73 -9.44
C HIS K 284 42.77 -43.54 -8.94
N ALA K 285 43.41 -42.55 -8.31
CA ALA K 285 42.67 -41.40 -7.81
C ALA K 285 41.93 -40.70 -8.94
N ARG K 286 42.60 -40.49 -10.06
CA ARG K 286 41.93 -39.96 -11.25
C ARG K 286 40.69 -40.78 -11.58
N GLY K 287 40.76 -42.09 -11.39
CA GLY K 287 39.67 -42.97 -11.73
C GLY K 287 38.42 -42.77 -10.91
N TYR K 288 38.50 -42.92 -9.59
CA TYR K 288 37.32 -42.95 -8.73
C TYR K 288 36.75 -41.57 -8.42
N THR K 289 37.22 -40.50 -9.07
CA THR K 289 36.77 -39.17 -8.71
C THR K 289 35.39 -38.82 -9.26
N ALA K 290 34.73 -39.75 -9.95
CA ALA K 290 33.34 -39.54 -10.35
C ALA K 290 32.35 -40.15 -9.38
N VAL K 291 32.73 -41.22 -8.69
CA VAL K 291 31.84 -41.81 -7.70
C VAL K 291 31.95 -41.07 -6.37
N THR K 292 33.17 -40.88 -5.88
CA THR K 292 33.36 -40.14 -4.63
C THR K 292 32.93 -38.69 -4.74
N ASN K 293 32.80 -38.18 -5.96
CA ASN K 293 32.34 -36.81 -6.21
C ASN K 293 31.36 -36.86 -7.39
N PRO K 294 30.13 -37.33 -7.15
CA PRO K 294 29.18 -37.56 -8.25
C PRO K 294 28.26 -36.37 -8.54
N THR K 295 28.82 -35.20 -8.74
CA THR K 295 27.97 -34.04 -8.92
C THR K 295 28.73 -32.91 -9.59
N ILE K 296 28.04 -32.24 -10.50
CA ILE K 296 28.54 -31.02 -11.13
C ILE K 296 29.05 -30.05 -10.08
N ASN K 297 28.33 -29.92 -8.97
CA ASN K 297 28.59 -28.88 -7.99
C ASN K 297 29.82 -29.16 -7.12
N SER K 298 30.32 -30.40 -7.10
CA SER K 298 31.49 -30.70 -6.28
C SER K 298 32.79 -30.27 -6.96
N PHE K 299 32.82 -30.25 -8.29
CA PHE K 299 33.99 -29.72 -8.99
C PHE K 299 34.08 -28.21 -8.88
N LYS K 300 33.06 -27.58 -8.29
CA LYS K 300 33.19 -26.22 -7.82
C LYS K 300 33.81 -26.19 -6.43
N ARG K 301 33.62 -27.27 -5.66
CA ARG K 301 34.27 -27.42 -4.37
C ARG K 301 35.73 -27.83 -4.50
N LEU K 302 36.03 -28.80 -5.38
CA LEU K 302 37.37 -29.37 -5.57
C LEU K 302 38.35 -28.39 -6.19
N VAL K 303 37.93 -27.14 -6.33
CA VAL K 303 38.84 -26.03 -6.61
C VAL K 303 39.84 -25.92 -5.46
N PRO K 304 41.00 -25.31 -5.67
CA PRO K 304 41.91 -25.06 -4.55
C PRO K 304 41.57 -23.77 -3.83
N GLY K 305 42.14 -23.64 -2.63
CA GLY K 305 41.97 -22.48 -1.79
C GLY K 305 41.11 -22.71 -0.57
N TYR K 306 40.27 -23.73 -0.57
CA TYR K 306 39.31 -23.92 0.51
C TYR K 306 39.53 -25.26 1.22
N GLU K 307 40.79 -25.57 1.53
CA GLU K 307 41.16 -26.71 2.35
C GLU K 307 40.67 -28.02 1.76
N ALA K 308 40.46 -28.03 0.44
CA ALA K 308 39.94 -29.17 -0.31
C ALA K 308 40.96 -29.63 -1.33
N PRO K 309 41.04 -30.94 -1.59
CA PRO K 309 42.09 -31.43 -2.49
C PRO K 309 41.83 -31.04 -3.94
N CYS K 310 42.87 -30.54 -4.60
CA CYS K 310 42.82 -30.18 -6.00
C CYS K 310 43.80 -30.97 -6.86
N TYR K 311 44.84 -31.55 -6.27
CA TYR K 311 45.82 -32.34 -6.98
C TYR K 311 46.06 -33.64 -6.24
N ILE K 312 46.51 -34.65 -6.98
CA ILE K 312 46.64 -36.00 -6.46
C ILE K 312 48.07 -36.14 -5.95
N ALA K 313 48.23 -35.91 -4.65
CA ALA K 313 49.50 -36.09 -3.94
C ALA K 313 49.17 -36.38 -2.48
N TRP K 314 50.20 -36.55 -1.66
CA TRP K 314 50.00 -36.91 -0.27
C TRP K 314 51.00 -36.18 0.62
N SER K 315 50.63 -36.04 1.89
CA SER K 315 51.46 -35.38 2.89
C SER K 315 51.03 -35.87 4.28
N GLY K 316 51.78 -35.43 5.29
CA GLY K 316 51.41 -35.65 6.67
C GLY K 316 51.05 -34.37 7.38
N LYS K 317 49.95 -34.39 8.13
CA LYS K 317 49.42 -33.25 8.89
C LYS K 317 48.86 -32.16 7.99
N ASN K 318 49.02 -32.30 6.67
CA ASN K 318 48.69 -31.25 5.72
C ASN K 318 47.28 -31.45 5.17
N ARG K 319 46.58 -30.33 4.94
CA ARG K 319 45.21 -30.36 4.47
C ARG K 319 45.09 -30.03 2.99
N SER K 320 46.20 -29.81 2.31
CA SER K 320 46.17 -29.52 0.88
C SER K 320 45.95 -30.76 0.02
N PRO K 321 46.73 -31.84 0.16
CA PRO K 321 46.74 -32.88 -0.87
C PRO K 321 45.50 -33.75 -0.80
N LEU K 322 45.44 -34.73 -1.70
CA LEU K 322 44.30 -35.64 -1.73
C LEU K 322 44.22 -36.46 -0.44
N VAL K 323 45.36 -36.73 0.20
CA VAL K 323 45.40 -37.48 1.44
C VAL K 323 46.17 -36.71 2.50
N ARG K 324 45.53 -36.47 3.63
CA ARG K 324 46.19 -36.11 4.87
C ARG K 324 46.39 -37.38 5.68
N VAL K 325 47.50 -37.46 6.40
CA VAL K 325 47.62 -38.51 7.40
C VAL K 325 47.69 -37.85 8.76
N PRO K 326 46.64 -37.93 9.57
CA PRO K 326 46.65 -37.28 10.88
C PRO K 326 47.81 -37.78 11.73
N SER K 327 48.33 -36.90 12.58
CA SER K 327 49.47 -37.20 13.42
C SER K 327 49.08 -37.90 14.72
N SER K 328 47.81 -38.23 14.92
CA SER K 328 47.39 -39.06 16.05
C SER K 328 47.49 -40.52 15.63
N ARG K 329 48.27 -41.30 16.38
CA ARG K 329 48.63 -42.63 15.96
C ARG K 329 48.36 -43.65 17.05
N GLY K 330 48.90 -44.85 16.88
CA GLY K 330 48.49 -46.00 17.68
C GLY K 330 47.38 -46.77 16.96
N LEU K 331 46.25 -46.94 17.63
CA LEU K 331 45.05 -47.43 16.95
C LEU K 331 44.35 -46.31 16.19
N SER K 332 44.74 -45.06 16.43
CA SER K 332 44.18 -43.91 15.74
C SER K 332 44.83 -43.67 14.39
N THR K 333 45.77 -44.51 13.98
CA THR K 333 46.40 -44.37 12.67
C THR K 333 45.36 -44.45 11.57
N ARG K 334 45.30 -43.40 10.75
CA ARG K 334 44.32 -43.34 9.68
C ARG K 334 44.94 -42.75 8.42
N LEU K 335 44.26 -43.00 7.30
CA LEU K 335 44.48 -42.29 6.06
C LEU K 335 43.23 -41.48 5.76
N GLU K 336 43.43 -40.24 5.33
CA GLU K 336 42.35 -39.28 5.19
C GLU K 336 42.27 -38.78 3.75
N LEU K 337 41.45 -39.45 2.94
CA LEU K 337 41.06 -38.93 1.65
C LEU K 337 40.08 -37.78 1.84
N ARG K 338 40.29 -36.68 1.11
CA ARG K 338 39.52 -35.48 1.34
C ARG K 338 38.67 -35.05 0.16
N SER K 339 38.68 -35.81 -0.94
CA SER K 339 37.85 -35.45 -2.09
C SER K 339 36.40 -35.85 -1.90
N VAL K 340 36.15 -36.95 -1.19
CA VAL K 340 34.79 -37.38 -0.88
C VAL K 340 33.98 -36.27 -0.22
N ASP K 341 32.92 -35.84 -0.88
CA ASP K 341 31.99 -34.87 -0.32
C ASP K 341 30.76 -35.60 0.21
N PRO K 342 29.87 -34.90 0.93
CA PRO K 342 28.67 -35.55 1.46
C PRO K 342 27.60 -35.87 0.42
N SER K 343 27.91 -35.79 -0.87
CA SER K 343 26.95 -36.16 -1.90
C SER K 343 27.30 -37.46 -2.60
N ALA K 344 28.23 -38.23 -2.06
CA ALA K 344 28.62 -39.50 -2.65
C ALA K 344 27.59 -40.57 -2.27
N ASN K 345 27.94 -41.85 -2.49
CA ASN K 345 27.19 -42.96 -1.96
C ASN K 345 28.15 -43.77 -1.10
N PRO K 346 27.93 -43.86 0.22
CA PRO K 346 28.92 -44.50 1.09
C PRO K 346 29.17 -45.97 0.75
N TYR K 347 28.14 -46.66 0.22
CA TYR K 347 28.35 -48.03 -0.19
C TYR K 347 29.20 -48.10 -1.46
N LEU K 348 28.99 -47.18 -2.40
CA LEU K 348 29.78 -47.15 -3.61
C LEU K 348 31.18 -46.57 -3.38
N ALA K 349 31.32 -45.67 -2.42
CA ALA K 349 32.60 -45.02 -2.18
C ALA K 349 33.56 -45.93 -1.43
N MET K 350 33.07 -46.65 -0.41
CA MET K 350 33.90 -47.63 0.27
C MET K 350 34.41 -48.70 -0.68
N ALA K 351 33.48 -49.37 -1.38
CA ALA K 351 33.85 -50.50 -2.23
C ALA K 351 34.79 -50.08 -3.34
N VAL K 352 34.71 -48.83 -3.78
CA VAL K 352 35.61 -48.36 -4.83
C VAL K 352 37.01 -48.10 -4.29
N LEU K 353 37.14 -47.67 -3.03
CA LEU K 353 38.46 -47.43 -2.48
C LEU K 353 39.18 -48.75 -2.18
N LEU K 354 38.48 -49.70 -1.54
CA LEU K 354 39.10 -50.98 -1.22
C LEU K 354 39.72 -51.63 -2.46
N LYS K 355 38.95 -51.73 -3.55
CA LYS K 355 39.51 -52.29 -4.77
C LYS K 355 40.48 -51.35 -5.47
N ALA K 356 40.63 -50.11 -4.98
CA ALA K 356 41.74 -49.28 -5.41
C ALA K 356 42.94 -49.44 -4.48
N GLY K 357 42.71 -49.59 -3.19
CA GLY K 357 43.80 -49.74 -2.24
C GLY K 357 44.25 -51.17 -2.02
N LEU K 358 43.31 -52.12 -2.10
CA LEU K 358 43.73 -53.52 -2.18
C LEU K 358 44.42 -53.82 -3.50
N SER K 359 44.24 -52.96 -4.51
CA SER K 359 45.11 -52.98 -5.68
C SER K 359 46.55 -52.66 -5.30
N GLY K 360 46.74 -51.98 -4.18
CA GLY K 360 48.05 -51.67 -3.66
C GLY K 360 48.60 -52.67 -2.68
N ILE K 361 47.99 -53.85 -2.54
CA ILE K 361 48.61 -54.92 -1.77
C ILE K 361 48.93 -56.15 -2.62
N LYS K 362 48.30 -56.32 -3.77
CA LYS K 362 48.69 -57.37 -4.70
C LYS K 362 49.50 -56.83 -5.89
N ASP K 363 49.66 -55.52 -6.00
CA ASP K 363 50.70 -54.93 -6.85
C ASP K 363 51.61 -54.00 -6.06
N GLU K 364 51.04 -53.10 -5.27
CA GLU K 364 51.68 -52.29 -4.23
C GLU K 364 52.47 -51.09 -4.75
N LEU K 365 52.80 -51.07 -6.04
CA LEU K 365 53.16 -49.88 -6.81
C LEU K 365 53.88 -48.74 -6.08
N THR K 366 54.89 -49.06 -5.24
CA THR K 366 55.90 -48.10 -4.76
C THR K 366 55.37 -46.69 -4.52
N PRO K 367 54.57 -46.47 -3.47
CA PRO K 367 53.82 -45.19 -3.34
C PRO K 367 54.73 -43.98 -3.43
N PRO K 368 54.23 -42.90 -4.03
CA PRO K 368 55.08 -41.73 -4.30
C PRO K 368 55.40 -40.96 -3.03
N ALA K 369 56.26 -39.96 -3.21
CA ALA K 369 56.95 -39.26 -2.14
C ALA K 369 56.03 -38.28 -1.41
N PRO K 370 56.36 -37.94 -0.15
CA PRO K 370 55.55 -36.95 0.56
C PRO K 370 55.76 -35.54 0.05
N VAL K 371 54.78 -35.03 -0.69
CA VAL K 371 54.73 -33.61 -0.98
C VAL K 371 54.32 -32.92 0.31
N ASP K 372 55.28 -32.27 0.98
CA ASP K 372 55.06 -31.79 2.34
C ASP K 372 55.16 -30.26 2.46
N ARG K 373 55.04 -29.54 1.35
CA ARG K 373 54.81 -28.10 1.38
C ARG K 373 53.31 -27.85 1.32
N ASN K 374 52.90 -26.60 1.09
CA ASN K 374 51.51 -26.29 0.78
C ASN K 374 51.32 -26.43 -0.72
N ILE K 375 50.64 -27.50 -1.13
CA ILE K 375 50.57 -27.82 -2.55
C ILE K 375 49.64 -26.89 -3.33
N TYR K 376 48.74 -26.19 -2.63
CA TYR K 376 47.89 -25.19 -3.31
C TYR K 376 48.75 -24.18 -4.06
N GLY K 377 49.62 -23.49 -3.33
CA GLY K 377 50.42 -22.43 -3.90
C GLY K 377 51.65 -22.90 -4.65
N MET K 378 51.44 -23.54 -5.80
CA MET K 378 52.53 -23.85 -6.71
C MET K 378 52.14 -23.39 -8.11
N ASN K 379 52.92 -23.77 -9.12
CA ASN K 379 52.65 -23.41 -10.50
C ASN K 379 52.46 -24.69 -11.33
N GLU K 380 52.12 -24.50 -12.60
CA GLU K 380 52.13 -25.62 -13.52
C GLU K 380 53.55 -26.07 -13.86
N GLU K 381 54.55 -25.26 -13.52
CA GLU K 381 55.94 -25.69 -13.63
C GLU K 381 56.38 -26.58 -12.49
N GLU K 382 55.53 -26.76 -11.48
CA GLU K 382 55.81 -27.63 -10.35
C GLU K 382 54.85 -28.80 -10.22
N ARG K 383 53.60 -28.64 -10.65
CA ARG K 383 52.75 -29.80 -10.87
C ARG K 383 53.36 -30.69 -11.95
N GLU K 384 53.94 -30.07 -12.99
CA GLU K 384 54.72 -30.82 -13.96
C GLU K 384 55.93 -31.48 -13.30
N ALA K 385 56.48 -30.85 -12.25
CA ALA K 385 57.72 -31.33 -11.66
C ALA K 385 57.51 -32.64 -10.93
N THR K 386 56.67 -32.64 -9.90
CA THR K 386 56.34 -33.88 -9.20
C THR K 386 55.58 -34.83 -10.10
N GLY K 387 55.07 -34.36 -11.23
CA GLY K 387 54.17 -35.17 -12.02
C GLY K 387 52.91 -35.51 -11.27
N ILE K 388 52.54 -34.70 -10.28
CA ILE K 388 51.31 -34.91 -9.53
C ILE K 388 50.16 -34.82 -10.52
N TYR K 389 49.51 -35.94 -10.77
CA TYR K 389 48.27 -35.93 -11.52
C TYR K 389 47.32 -34.92 -10.91
N ASP K 390 46.69 -34.11 -11.75
CA ASP K 390 45.67 -33.19 -11.28
C ASP K 390 44.31 -33.84 -11.39
N LEU K 391 43.40 -33.46 -10.48
CA LEU K 391 42.10 -34.09 -10.41
C LEU K 391 41.30 -33.69 -11.63
N PRO K 392 40.12 -34.28 -11.85
CA PRO K 392 39.35 -33.94 -13.06
C PRO K 392 38.76 -32.53 -13.01
N GLU K 393 38.53 -31.98 -14.20
CA GLU K 393 38.03 -30.61 -14.34
C GLU K 393 36.53 -30.53 -14.07
N SER K 394 35.78 -31.55 -14.47
CA SER K 394 34.33 -31.54 -14.37
C SER K 394 33.84 -32.98 -14.30
N LEU K 395 32.55 -33.13 -14.01
CA LEU K 395 31.94 -34.46 -14.03
C LEU K 395 32.16 -35.14 -15.37
N GLY K 396 31.99 -34.38 -16.47
CA GLY K 396 32.24 -34.89 -17.80
C GLY K 396 33.56 -35.64 -17.93
N HIS K 397 34.66 -34.96 -17.59
CA HIS K 397 35.96 -35.61 -17.62
C HIS K 397 36.15 -36.60 -16.47
N ALA K 398 35.29 -36.56 -15.46
CA ALA K 398 35.37 -37.52 -14.37
C ALA K 398 34.83 -38.89 -14.75
N LEU K 399 33.94 -38.95 -15.74
CA LEU K 399 33.35 -40.23 -16.14
C LEU K 399 34.25 -41.00 -17.09
N ILE K 400 34.71 -40.35 -18.17
CA ILE K 400 35.64 -40.99 -19.09
C ILE K 400 36.90 -41.43 -18.36
N GLU K 401 37.30 -40.70 -17.32
CA GLU K 401 38.42 -41.14 -16.50
C GLU K 401 38.07 -42.41 -15.73
N LEU K 402 36.84 -42.49 -15.19
CA LEU K 402 36.44 -43.68 -14.46
C LEU K 402 36.32 -44.89 -15.38
N GLU K 403 35.87 -44.69 -16.62
CA GLU K 403 35.64 -45.80 -17.53
C GLU K 403 36.93 -46.29 -18.20
N LYS K 404 38.09 -45.91 -17.68
CA LYS K 404 39.35 -46.53 -18.07
C LYS K 404 39.99 -47.34 -16.96
N ASN K 405 39.45 -47.27 -15.74
CA ASN K 405 39.83 -48.15 -14.64
C ASN K 405 38.85 -49.32 -14.64
N GLU K 406 39.27 -50.47 -15.15
CA GLU K 406 38.40 -51.64 -15.10
C GLU K 406 38.55 -52.43 -13.80
N ILE K 407 39.35 -51.94 -12.85
CA ILE K 407 39.31 -52.50 -11.50
C ILE K 407 38.36 -51.71 -10.61
N ILE K 408 38.19 -50.41 -10.88
CA ILE K 408 37.14 -49.64 -10.24
C ILE K 408 35.78 -50.03 -10.83
N LYS K 409 35.72 -50.14 -12.15
CA LYS K 409 34.49 -50.63 -12.79
C LYS K 409 34.13 -52.01 -12.28
N ASP K 410 35.13 -52.88 -12.10
CA ASP K 410 34.86 -54.18 -11.49
C ASP K 410 34.40 -54.06 -10.05
N GLY K 411 34.77 -52.99 -9.36
CA GLY K 411 34.29 -52.77 -8.00
C GLY K 411 32.81 -52.46 -7.93
N LEU K 412 32.30 -51.73 -8.93
CA LEU K 412 30.91 -51.29 -8.95
C LEU K 412 29.97 -52.31 -9.56
N GLY K 413 30.43 -53.54 -9.82
CA GLY K 413 29.62 -54.47 -10.58
C GLY K 413 29.38 -53.94 -11.98
N GLU K 414 28.19 -54.21 -12.52
CA GLU K 414 27.84 -53.61 -13.80
C GLU K 414 26.43 -53.02 -13.87
N HIS K 415 25.48 -53.49 -13.07
CA HIS K 415 24.17 -52.83 -13.04
C HIS K 415 24.30 -51.43 -12.43
N ILE K 416 25.13 -51.31 -11.39
CA ILE K 416 25.43 -49.99 -10.84
C ILE K 416 26.21 -49.17 -11.86
N PHE K 417 27.06 -49.80 -12.66
CA PHE K 417 27.91 -49.05 -13.58
C PHE K 417 27.12 -48.51 -14.77
N GLU K 418 26.33 -49.35 -15.43
CA GLU K 418 25.63 -48.92 -16.64
C GLU K 418 24.44 -48.02 -16.35
N HIS K 419 23.98 -47.96 -15.09
CA HIS K 419 22.98 -46.98 -14.70
C HIS K 419 23.62 -45.67 -14.24
N PHE K 420 24.77 -45.74 -13.56
CA PHE K 420 25.44 -44.53 -13.08
C PHE K 420 25.87 -43.64 -14.25
N ILE K 421 26.77 -44.15 -15.08
CA ILE K 421 27.31 -43.36 -16.18
C ILE K 421 26.22 -42.91 -17.14
N GLU K 422 25.04 -43.55 -17.09
CA GLU K 422 23.95 -43.14 -17.96
C GLU K 422 23.26 -41.88 -17.42
N ALA K 423 22.69 -41.96 -16.22
CA ALA K 423 22.01 -40.79 -15.65
C ALA K 423 22.97 -39.65 -15.36
N LYS K 424 24.26 -39.96 -15.18
CA LYS K 424 25.26 -38.89 -15.04
C LYS K 424 25.66 -38.33 -16.39
N THR K 425 25.61 -39.13 -17.46
CA THR K 425 25.69 -38.58 -18.80
C THR K 425 24.55 -37.60 -19.04
N ILE K 426 23.33 -38.01 -18.72
CA ILE K 426 22.15 -37.17 -18.89
C ILE K 426 22.30 -35.89 -18.07
N GLU K 427 22.51 -36.04 -16.76
CA GLU K 427 22.59 -34.90 -15.85
C GLU K 427 23.61 -33.88 -16.33
N CYS K 428 24.84 -34.33 -16.59
CA CYS K 428 25.87 -33.42 -17.10
C CYS K 428 25.48 -32.86 -18.47
N ASP K 429 24.87 -33.68 -19.32
CA ASP K 429 24.39 -33.18 -20.61
C ASP K 429 23.36 -32.08 -20.43
N MET K 430 22.56 -32.15 -19.37
CA MET K 430 21.48 -31.18 -19.16
C MET K 430 22.03 -29.81 -18.81
N PHE K 431 23.13 -29.75 -18.06
CA PHE K 431 23.74 -28.48 -17.67
C PHE K 431 24.61 -27.91 -18.78
N ARG K 432 25.34 -28.78 -19.49
CA ARG K 432 26.10 -28.37 -20.66
C ARG K 432 25.23 -27.62 -21.66
N THR K 433 23.95 -27.98 -21.76
CA THR K 433 23.02 -27.27 -22.61
C THR K 433 22.38 -26.07 -21.92
N ALA K 434 22.13 -26.18 -20.63
CA ALA K 434 21.34 -25.17 -19.91
C ALA K 434 22.04 -23.82 -19.90
N VAL K 435 21.23 -22.76 -19.86
CA VAL K 435 21.71 -21.38 -19.93
C VAL K 435 21.24 -20.66 -18.67
N HIS K 436 22.20 -20.24 -17.85
CA HIS K 436 21.95 -19.64 -16.55
C HIS K 436 22.43 -18.19 -16.51
N PRO K 437 21.84 -17.36 -15.63
CA PRO K 437 22.08 -15.91 -15.69
C PRO K 437 23.54 -15.46 -15.74
N TRP K 438 24.48 -16.31 -15.36
CA TRP K 438 25.89 -15.95 -15.49
C TRP K 438 26.23 -15.66 -16.96
N GLU K 439 25.75 -16.51 -17.87
CA GLU K 439 25.89 -16.22 -19.29
C GLU K 439 24.99 -15.07 -19.75
N ARG K 440 24.12 -14.56 -18.87
CA ARG K 440 23.25 -13.43 -19.21
C ARG K 440 23.87 -12.10 -18.83
N GLU K 441 24.41 -11.98 -17.61
CA GLU K 441 25.11 -10.75 -17.23
C GLU K 441 26.34 -10.53 -18.09
N GLN K 442 27.25 -11.52 -18.10
CA GLN K 442 28.55 -11.37 -18.71
C GLN K 442 28.51 -11.20 -20.23
N TYR K 443 27.34 -11.39 -20.87
CA TYR K 443 27.33 -11.45 -22.32
C TYR K 443 26.28 -10.58 -23.01
N LEU K 444 25.16 -10.30 -22.34
CA LEU K 444 23.97 -9.81 -23.06
C LEU K 444 24.12 -8.34 -23.49
N GLU K 445 24.21 -7.43 -22.53
CA GLU K 445 24.38 -6.02 -22.86
C GLU K 445 25.74 -5.78 -23.45
N ILE K 446 26.78 -6.32 -22.80
CA ILE K 446 28.17 -6.07 -23.16
C ILE K 446 28.39 -6.32 -24.65
N TYR K 447 27.94 -7.48 -25.13
CA TYR K 447 27.96 -7.73 -26.56
C TYR K 447 26.72 -7.17 -27.25
N LYS L 6 45.06 -26.13 43.99
CA LYS L 6 45.21 -26.91 42.78
C LYS L 6 44.07 -27.91 42.61
N TYR L 7 43.88 -28.41 41.40
CA TYR L 7 42.81 -29.32 41.05
C TYR L 7 43.39 -30.66 40.64
N THR L 8 42.74 -31.75 41.05
CA THR L 8 43.22 -33.10 40.79
C THR L 8 42.51 -33.70 39.57
N LYS L 9 43.27 -34.49 38.79
CA LYS L 9 42.75 -35.05 37.55
C LYS L 9 41.61 -36.03 37.79
N GLU L 10 41.63 -36.75 38.91
CA GLU L 10 40.58 -37.74 39.18
C GLU L 10 39.29 -37.10 39.68
N ASP L 11 39.37 -36.21 40.67
CA ASP L 11 38.14 -35.63 41.20
C ASP L 11 37.42 -34.76 40.20
N ILE L 12 37.95 -34.61 38.99
CA ILE L 12 37.23 -33.99 37.88
C ILE L 12 36.42 -35.03 37.11
N PHE L 13 37.09 -36.13 36.75
CA PHE L 13 36.43 -37.26 36.10
C PHE L 13 35.12 -37.64 36.80
N ARG L 14 35.14 -37.71 38.12
CA ARG L 14 33.95 -38.01 38.90
C ARG L 14 33.25 -36.76 39.45
N PHE L 15 33.78 -35.56 39.15
CA PHE L 15 32.98 -34.34 39.23
C PHE L 15 31.88 -34.30 38.18
N ALA L 16 31.90 -35.23 37.22
CA ALA L 16 30.82 -35.38 36.27
C ALA L 16 29.65 -36.14 36.88
N ASP L 17 29.90 -37.35 37.38
CA ASP L 17 28.86 -38.19 37.97
C ASP L 17 28.19 -37.50 39.15
N GLU L 18 28.75 -36.36 39.58
CA GLU L 18 28.20 -35.59 40.68
C GLU L 18 27.24 -34.50 40.24
N GLN L 19 27.38 -33.98 39.02
CA GLN L 19 26.49 -32.94 38.52
C GLN L 19 25.90 -33.28 37.16
N ASN L 20 25.99 -34.55 36.75
CA ASN L 20 25.54 -35.10 35.45
C ASN L 20 25.66 -34.10 34.31
N VAL L 21 26.90 -33.65 34.12
CA VAL L 21 27.18 -32.65 33.10
C VAL L 21 27.26 -33.36 31.75
N LYS L 22 26.22 -33.21 30.95
CA LYS L 22 26.03 -34.03 29.75
C LYS L 22 26.98 -33.68 28.61
N PHE L 23 27.81 -32.63 28.72
CA PHE L 23 28.75 -32.29 27.65
C PHE L 23 29.94 -31.54 28.22
N ILE L 24 30.99 -31.41 27.39
CA ILE L 24 32.24 -30.73 27.75
C ILE L 24 32.64 -29.80 26.61
N ARG L 25 32.91 -28.53 26.92
CA ARG L 25 33.33 -27.54 25.94
C ARG L 25 34.81 -27.23 26.15
N LEU L 26 35.61 -27.42 25.10
CA LEU L 26 37.02 -27.07 25.12
C LEU L 26 37.22 -25.76 24.38
N GLN L 27 37.78 -24.76 25.08
CA GLN L 27 37.88 -23.40 24.51
C GLN L 27 39.25 -22.79 24.80
N PHE L 28 39.72 -21.98 23.85
CA PHE L 28 41.02 -21.32 23.93
C PHE L 28 40.90 -19.95 23.25
N THR L 29 42.04 -19.27 23.10
CA THR L 29 42.07 -17.91 22.56
C THR L 29 43.05 -17.82 21.39
N ASP L 30 42.60 -17.21 20.30
CA ASP L 30 43.46 -16.94 19.16
C ASP L 30 44.18 -15.61 19.35
N ILE L 31 44.95 -15.20 18.34
CA ILE L 31 45.82 -14.04 18.50
C ILE L 31 45.01 -12.75 18.54
N LEU L 32 43.87 -12.70 17.85
CA LEU L 32 43.01 -11.52 17.87
C LEU L 32 42.11 -11.46 19.09
N GLY L 33 42.22 -12.41 20.02
CA GLY L 33 41.45 -12.38 21.24
C GLY L 33 40.08 -13.04 21.17
N ILE L 34 39.88 -13.98 20.24
CA ILE L 34 38.57 -14.53 19.95
C ILE L 34 38.45 -15.92 20.55
N ILE L 35 37.42 -16.11 21.37
CA ILE L 35 37.18 -17.39 22.05
C ILE L 35 36.70 -18.40 21.01
N LYS L 36 37.54 -19.38 20.71
CA LYS L 36 37.13 -20.52 19.89
C LYS L 36 36.74 -21.69 20.79
N ASN L 37 36.06 -22.68 20.21
CA ASN L 37 35.40 -23.70 21.02
C ASN L 37 35.13 -24.95 20.20
N VAL L 38 34.93 -26.07 20.91
CA VAL L 38 34.45 -27.31 20.31
C VAL L 38 33.76 -28.17 21.38
N GLU L 39 32.57 -28.67 21.07
CA GLU L 39 31.79 -29.45 22.01
C GLU L 39 32.16 -30.93 21.91
N ILE L 40 32.23 -31.61 23.06
CA ILE L 40 32.49 -33.05 23.13
C ILE L 40 31.69 -33.60 24.32
N PRO L 41 31.26 -34.85 24.27
CA PRO L 41 30.34 -35.38 25.30
C PRO L 41 31.06 -35.82 26.57
N VAL L 42 30.24 -36.21 27.55
CA VAL L 42 30.73 -36.75 28.81
C VAL L 42 31.53 -38.03 28.58
N SER L 43 31.21 -38.75 27.51
CA SER L 43 31.97 -39.95 27.15
C SER L 43 33.44 -39.62 26.91
N GLN L 44 33.69 -38.72 25.95
CA GLN L 44 35.05 -38.40 25.51
C GLN L 44 35.82 -37.55 26.51
N LEU L 45 35.24 -37.25 27.68
CA LEU L 45 35.97 -36.56 28.75
C LEU L 45 37.34 -37.16 28.97
N LYS L 46 37.42 -38.50 28.99
CA LYS L 46 38.70 -39.17 29.19
C LYS L 46 39.71 -38.80 28.10
N LYS L 47 39.25 -38.64 26.86
CA LYS L 47 40.17 -38.43 25.75
C LYS L 47 40.80 -37.04 25.79
N ALA L 48 40.09 -36.05 26.34
CA ALA L 48 40.64 -34.69 26.36
C ALA L 48 41.54 -34.47 27.56
N LEU L 49 41.34 -35.22 28.65
CA LEU L 49 42.28 -35.20 29.77
C LEU L 49 43.55 -35.96 29.40
N ASP L 50 43.40 -37.02 28.61
CA ASP L 50 44.52 -37.62 27.88
C ASP L 50 44.96 -36.78 26.69
N ASN L 51 44.32 -35.63 26.46
CA ASN L 51 44.87 -34.59 25.61
C ASN L 51 45.10 -35.04 24.17
N LYS L 52 44.35 -36.05 23.72
CA LYS L 52 44.49 -36.60 22.37
C LYS L 52 43.55 -35.91 21.39
N ILE L 53 43.38 -34.61 21.60
CA ILE L 53 42.36 -33.79 20.96
C ILE L 53 43.05 -32.97 19.87
N MET L 54 42.94 -33.42 18.62
CA MET L 54 43.47 -32.68 17.50
C MET L 54 42.39 -31.75 16.94
N PHE L 55 42.84 -30.79 16.16
CA PHE L 55 41.93 -29.89 15.47
C PHE L 55 42.66 -29.34 14.26
N ASP L 56 42.04 -28.37 13.59
CA ASP L 56 42.59 -27.73 12.40
C ASP L 56 43.17 -26.37 12.79
N GLY L 57 44.44 -26.39 13.21
CA GLY L 57 45.15 -25.17 13.55
C GLY L 57 45.52 -24.30 12.36
N SER L 58 45.21 -24.74 11.15
CA SER L 58 45.39 -23.91 9.98
C SER L 58 44.27 -22.89 9.84
N SER L 59 43.07 -23.23 10.29
CA SER L 59 41.89 -22.38 10.16
C SER L 59 41.71 -21.44 11.35
N ILE L 60 42.78 -21.11 12.05
CA ILE L 60 42.78 -20.12 13.12
C ILE L 60 43.89 -19.12 12.84
N GLU L 61 43.52 -17.85 12.71
CA GLU L 61 44.48 -16.81 12.36
C GLU L 61 45.49 -16.60 13.48
N GLY L 62 46.77 -16.54 13.11
CA GLY L 62 47.86 -16.46 14.07
C GLY L 62 48.51 -17.78 14.40
N PHE L 63 48.10 -18.86 13.77
CA PHE L 63 48.58 -20.21 14.09
C PHE L 63 49.32 -20.77 12.88
N VAL L 64 49.68 -22.06 12.98
CA VAL L 64 50.62 -22.66 12.04
C VAL L 64 50.06 -22.67 10.62
N ARG L 65 50.96 -22.83 9.65
CA ARG L 65 50.59 -22.95 8.25
C ARG L 65 49.79 -24.23 8.02
N ILE L 66 49.27 -24.39 6.80
CA ILE L 66 48.47 -25.56 6.48
C ILE L 66 49.33 -26.77 6.07
N GLU L 67 50.61 -26.56 5.75
CA GLU L 67 51.49 -27.71 5.51
C GLU L 67 51.69 -28.53 6.78
N GLU L 68 51.71 -27.87 7.93
CA GLU L 68 51.73 -28.53 9.24
C GLU L 68 50.54 -27.97 10.00
N SER L 69 49.37 -28.58 9.79
CA SER L 69 48.11 -28.02 10.29
C SER L 69 47.77 -28.48 11.70
N ASP L 70 48.06 -29.73 12.01
CA ASP L 70 47.55 -30.31 13.24
C ASP L 70 48.19 -29.70 14.47
N MET L 71 47.37 -29.47 15.49
CA MET L 71 47.80 -29.09 16.82
C MET L 71 46.97 -29.90 17.82
N TYR L 72 47.37 -29.85 19.09
CA TYR L 72 46.67 -30.53 20.15
C TYR L 72 46.12 -29.52 21.15
N LEU L 73 45.16 -29.96 21.95
CA LEU L 73 44.50 -29.13 22.96
C LEU L 73 44.67 -29.76 24.34
N PHE L 74 45.41 -29.09 25.22
CA PHE L 74 45.67 -29.63 26.55
C PHE L 74 44.90 -28.76 27.55
N PRO L 75 43.90 -29.30 28.25
CA PRO L 75 43.07 -28.45 29.11
C PRO L 75 43.73 -28.13 30.45
N ASP L 76 43.64 -26.87 30.85
CA ASP L 76 44.00 -26.45 32.21
C ASP L 76 42.94 -26.94 33.17
N LEU L 77 43.24 -28.00 33.91
CA LEU L 77 42.24 -28.64 34.76
C LEU L 77 41.73 -27.72 35.85
N ASP L 78 42.42 -26.61 36.14
CA ASP L 78 41.96 -25.68 37.17
C ASP L 78 40.75 -24.87 36.71
N THR L 79 40.53 -24.72 35.41
CA THR L 79 39.46 -23.85 34.89
C THR L 79 38.21 -24.69 34.60
N TRP L 80 37.48 -25.02 35.67
CA TRP L 80 36.18 -25.69 35.58
C TRP L 80 35.09 -24.78 36.12
N VAL L 81 34.06 -24.56 35.29
CA VAL L 81 32.78 -24.00 35.72
C VAL L 81 31.71 -24.68 34.88
N VAL L 82 30.47 -24.64 35.37
CA VAL L 82 29.34 -25.21 34.64
C VAL L 82 28.39 -24.08 34.28
N PHE L 83 27.79 -24.18 33.10
CA PHE L 83 26.96 -23.11 32.57
C PHE L 83 25.58 -23.13 33.22
N PRO L 84 25.18 -22.08 33.93
CA PRO L 84 23.89 -22.08 34.62
C PRO L 84 22.70 -21.76 33.74
N TRP L 85 22.84 -21.86 32.42
CA TRP L 85 21.70 -21.69 31.52
C TRP L 85 21.39 -22.90 30.65
N THR L 86 22.33 -23.84 30.49
CA THR L 86 22.02 -25.17 29.97
C THR L 86 21.88 -26.09 31.17
N ALA L 87 20.66 -26.52 31.47
CA ALA L 87 20.36 -27.19 32.73
C ALA L 87 19.37 -28.32 32.49
N GLU L 88 19.77 -29.53 32.91
CA GLU L 88 18.94 -30.74 32.96
C GLU L 88 18.63 -31.32 31.57
N LYS L 89 18.96 -30.57 30.52
CA LYS L 89 18.77 -30.99 29.14
C LYS L 89 20.11 -31.20 28.45
N GLY L 90 20.94 -30.16 28.44
CA GLY L 90 22.27 -30.17 27.88
C GLY L 90 23.27 -29.53 28.82
N LYS L 91 23.13 -29.76 30.13
CA LYS L 91 24.04 -29.18 31.13
C LYS L 91 25.49 -29.26 30.67
N VAL L 92 26.14 -28.11 30.60
CA VAL L 92 27.42 -27.94 29.93
C VAL L 92 28.54 -27.76 30.94
N ALA L 93 29.68 -28.39 30.67
CA ALA L 93 30.92 -28.16 31.38
C ALA L 93 31.90 -27.38 30.52
N ARG L 94 32.86 -26.76 31.19
CA ARG L 94 33.82 -25.86 30.56
C ARG L 94 35.23 -26.16 31.05
N MET L 95 36.20 -26.01 30.14
CA MET L 95 37.61 -26.09 30.51
C MET L 95 38.44 -25.33 29.49
N ILE L 96 39.48 -24.65 29.97
CA ILE L 96 40.36 -23.83 29.13
C ILE L 96 41.62 -24.61 28.82
N CYS L 97 42.08 -24.50 27.57
CA CYS L 97 43.12 -25.38 27.04
C CYS L 97 44.37 -24.59 26.68
N ASP L 98 45.45 -25.34 26.47
CA ASP L 98 46.71 -24.82 25.98
C ASP L 98 47.04 -25.50 24.65
N ILE L 99 47.42 -24.70 23.66
CA ILE L 99 47.90 -25.22 22.39
C ILE L 99 49.36 -25.62 22.55
N TYR L 100 49.65 -26.90 22.33
CA TYR L 100 51.00 -27.42 22.18
C TYR L 100 51.15 -28.05 20.81
N ASN L 101 52.39 -28.07 20.34
CA ASN L 101 52.70 -28.64 19.04
C ASN L 101 52.58 -30.18 19.05
N PRO L 102 52.49 -30.79 17.86
CA PRO L 102 52.59 -32.27 17.79
C PRO L 102 53.84 -32.85 18.41
N ASP L 103 54.94 -32.10 18.51
CA ASP L 103 56.10 -32.62 19.22
C ASP L 103 55.90 -32.65 20.73
N MET L 104 54.68 -32.47 21.22
CA MET L 104 54.35 -32.41 22.64
C MET L 104 54.77 -31.05 23.27
N THR L 105 55.49 -30.19 22.53
CA THR L 105 56.07 -28.93 22.98
C THR L 105 55.04 -27.80 22.89
N PRO L 106 55.04 -26.89 23.84
CA PRO L 106 54.04 -25.81 23.85
C PRO L 106 54.15 -24.93 22.61
N PHE L 107 53.00 -24.52 22.09
CA PHE L 107 52.98 -23.68 20.89
C PHE L 107 53.66 -22.35 21.15
N ALA L 108 54.59 -21.99 20.27
CA ALA L 108 55.17 -20.65 20.28
C ALA L 108 54.13 -19.58 20.00
N GLY L 109 52.94 -19.96 19.51
CA GLY L 109 51.89 -19.02 19.24
C GLY L 109 50.67 -19.21 20.12
N ASP L 110 50.79 -20.02 21.16
CA ASP L 110 49.72 -20.18 22.14
C ASP L 110 49.75 -18.95 23.02
N PRO L 111 48.74 -18.08 22.95
CA PRO L 111 48.77 -16.85 23.76
C PRO L 111 48.84 -17.12 25.25
N ARG L 112 48.33 -18.26 25.70
CA ARG L 112 48.33 -18.60 27.12
C ARG L 112 49.65 -19.19 27.57
N ALA L 113 50.46 -19.72 26.65
CA ALA L 113 51.81 -20.15 26.96
C ALA L 113 52.80 -18.98 26.97
N ASN L 114 52.39 -17.83 26.45
CA ASN L 114 53.20 -16.63 26.58
C ASN L 114 53.03 -16.00 27.96
N LEU L 115 51.78 -15.82 28.38
CA LEU L 115 51.52 -15.16 29.66
C LEU L 115 52.05 -16.01 30.83
N LYS L 116 51.85 -17.32 30.79
CA LYS L 116 52.45 -18.19 31.79
C LYS L 116 53.97 -18.14 31.78
N ARG L 117 54.58 -17.56 30.73
CA ARG L 117 56.02 -17.56 30.55
C ARG L 117 56.68 -16.34 31.19
N VAL L 118 56.15 -15.14 30.97
CA VAL L 118 56.69 -13.95 31.62
C VAL L 118 56.28 -14.00 33.09
N LEU L 119 55.48 -15.00 33.46
CA LEU L 119 55.04 -15.14 34.83
C LEU L 119 56.15 -15.63 35.75
N LYS L 120 57.24 -16.16 35.19
CA LYS L 120 58.40 -16.53 35.99
C LYS L 120 59.54 -15.53 35.84
N GLU L 121 59.40 -14.54 34.95
CA GLU L 121 60.37 -13.46 34.91
C GLU L 121 60.21 -12.51 36.08
N MET L 122 59.03 -12.48 36.71
CA MET L 122 58.87 -11.79 37.98
C MET L 122 59.12 -12.70 39.17
N GLU L 123 58.83 -14.00 39.02
CA GLU L 123 59.10 -14.98 40.07
C GLU L 123 60.57 -15.00 40.47
N GLU L 124 61.44 -14.53 39.58
CA GLU L 124 62.87 -14.48 39.78
C GLU L 124 63.37 -13.13 40.27
N LEU L 125 62.47 -12.19 40.51
CA LEU L 125 62.77 -10.95 41.22
C LEU L 125 62.04 -10.87 42.55
N GLY L 126 61.48 -11.98 43.03
CA GLY L 126 60.83 -12.02 44.32
C GLY L 126 59.45 -11.40 44.34
N PHE L 127 58.53 -11.92 43.53
CA PHE L 127 57.14 -11.47 43.52
C PHE L 127 56.22 -12.68 43.51
N THR L 128 55.19 -12.65 44.36
CA THR L 128 54.27 -13.78 44.44
C THR L 128 53.28 -13.79 43.27
N GLU L 129 52.56 -12.68 43.07
CA GLU L 129 51.48 -12.61 42.11
C GLU L 129 51.55 -11.28 41.38
N PHE L 130 50.88 -11.23 40.23
CA PHE L 130 50.62 -9.99 39.49
C PHE L 130 49.11 -9.83 39.44
N ASN L 131 48.56 -9.04 40.36
CA ASN L 131 47.12 -8.88 40.45
C ASN L 131 46.61 -7.91 39.39
N LEU L 132 45.37 -8.12 38.97
CA LEU L 132 44.66 -7.20 38.10
C LEU L 132 43.18 -7.55 38.09
N GLY L 133 42.34 -6.52 38.18
CA GLY L 133 40.95 -6.63 37.86
C GLY L 133 40.58 -5.47 36.95
N PRO L 134 40.09 -5.77 35.75
CA PRO L 134 39.71 -4.72 34.81
C PRO L 134 38.30 -4.19 35.06
N GLU L 135 38.08 -2.97 34.58
CA GLU L 135 36.75 -2.39 34.55
C GLU L 135 36.32 -2.31 33.09
N PRO L 136 35.87 -3.43 32.50
CA PRO L 136 35.62 -3.45 31.05
C PRO L 136 34.21 -3.00 30.69
N GLU L 137 34.12 -2.01 29.81
CA GLU L 137 32.89 -1.33 29.50
C GLU L 137 32.31 -1.83 28.17
N PHE L 138 30.98 -1.87 28.10
CA PHE L 138 30.29 -2.31 26.89
C PHE L 138 29.06 -1.42 26.65
N PHE L 139 28.52 -1.51 25.44
CA PHE L 139 27.30 -0.82 25.05
C PHE L 139 26.13 -1.80 25.02
N LEU L 140 24.96 -1.31 24.63
CA LEU L 140 23.81 -2.19 24.35
C LEU L 140 23.01 -1.57 23.21
N PHE L 141 22.67 -2.40 22.23
CA PHE L 141 21.89 -2.01 21.07
C PHE L 141 20.65 -2.90 20.96
N LYS L 142 19.61 -2.37 20.32
CA LYS L 142 18.33 -3.07 20.18
C LYS L 142 18.33 -3.96 18.95
N LEU L 143 17.59 -5.06 19.04
CA LEU L 143 17.49 -6.04 17.96
C LEU L 143 16.20 -5.81 17.16
N ASP L 144 15.87 -6.75 16.28
CA ASP L 144 14.75 -6.58 15.38
C ASP L 144 14.07 -7.93 15.13
N GLU L 145 13.02 -7.90 14.30
CA GLU L 145 12.32 -9.13 13.94
C GLU L 145 13.26 -10.17 13.35
N ASN L 146 14.29 -9.72 12.63
CA ASN L 146 15.33 -10.63 12.18
C ASN L 146 16.18 -11.16 13.33
N ARG L 147 16.12 -10.51 14.49
CA ARG L 147 17.05 -10.75 15.60
C ARG L 147 18.50 -10.50 15.17
N ARG L 148 18.70 -9.35 14.52
CA ARG L 148 20.00 -8.82 14.12
C ARG L 148 20.18 -7.41 14.67
N PRO L 149 21.40 -7.00 15.02
CA PRO L 149 21.58 -5.73 15.73
C PRO L 149 21.25 -4.52 14.86
N THR L 150 21.23 -3.35 15.50
CA THR L 150 20.83 -2.10 14.85
C THR L 150 21.77 -0.97 15.30
N LEU L 151 21.38 0.26 14.96
CA LEU L 151 22.13 1.45 15.30
C LEU L 151 21.65 2.14 16.57
N GLU L 152 20.44 1.85 17.03
CA GLU L 152 19.91 2.47 18.24
C GLU L 152 20.24 1.65 19.47
N LEU L 153 20.29 2.32 20.61
CA LEU L 153 20.83 1.78 21.83
C LEU L 153 19.71 1.36 22.77
N ASN L 154 20.08 0.65 23.84
CA ASN L 154 19.04 0.11 24.73
C ASN L 154 18.37 1.22 25.52
N ASP L 155 19.14 2.19 26.00
CA ASP L 155 18.57 3.37 26.64
C ASP L 155 19.53 4.53 26.45
N SER L 156 18.96 5.73 26.43
CA SER L 156 19.76 6.96 26.36
C SER L 156 19.88 7.52 27.78
N GLY L 157 20.74 6.88 28.56
CA GLY L 157 20.91 7.25 29.95
C GLY L 157 22.19 8.04 30.20
N GLY L 158 22.37 8.41 31.47
CA GLY L 158 23.61 8.99 31.94
C GLY L 158 24.33 8.05 32.89
N TYR L 159 25.48 8.52 33.35
CA TYR L 159 26.21 7.81 34.38
C TYR L 159 25.35 7.65 35.63
N PHE L 160 25.15 6.40 36.05
CA PHE L 160 24.44 6.03 37.29
C PHE L 160 22.94 6.26 37.26
N ASP L 161 22.34 6.53 36.11
CA ASP L 161 20.92 6.88 36.08
C ASP L 161 20.07 5.71 36.58
N LEU L 162 18.87 6.05 37.07
CA LEU L 162 17.89 5.07 37.56
C LEU L 162 16.89 4.64 36.49
N ALA L 163 16.31 3.47 36.72
CA ALA L 163 15.20 3.03 35.90
C ALA L 163 14.02 3.98 36.11
N PRO L 164 13.33 4.40 35.03
CA PRO L 164 13.51 3.90 33.67
C PRO L 164 14.45 4.67 32.75
N THR L 165 15.31 5.56 33.28
CA THR L 165 16.32 6.15 32.41
C THR L 165 17.28 5.08 31.92
N ASP L 166 17.85 4.30 32.83
CA ASP L 166 18.60 3.10 32.47
C ASP L 166 17.66 1.90 32.44
N LEU L 167 17.88 1.01 31.48
CA LEU L 167 16.96 -0.09 31.22
C LEU L 167 17.58 -1.47 31.40
N GLY L 168 18.90 -1.60 31.23
CA GLY L 168 19.55 -2.86 31.51
C GLY L 168 19.50 -3.25 32.97
N GLU L 169 18.90 -2.40 33.78
CA GLU L 169 18.91 -2.55 35.23
C GLU L 169 18.49 -3.94 35.66
N ASN L 170 17.53 -4.55 34.97
CA ASN L 170 17.22 -5.94 35.23
C ASN L 170 17.89 -6.88 34.24
N CYS L 171 18.33 -6.39 33.08
CA CYS L 171 19.26 -7.16 32.27
C CYS L 171 20.60 -7.31 32.99
N ARG L 172 21.07 -6.23 33.61
CA ARG L 172 22.29 -6.31 34.41
C ARG L 172 22.14 -7.32 35.55
N ARG L 173 21.03 -7.22 36.28
CA ARG L 173 20.79 -8.15 37.37
C ARG L 173 20.88 -9.60 36.91
N ASP L 174 20.40 -9.87 35.69
CA ASP L 174 20.44 -11.24 35.20
C ASP L 174 21.80 -11.60 34.61
N ILE L 175 22.63 -10.60 34.27
CA ILE L 175 24.01 -10.90 33.92
C ILE L 175 24.81 -11.25 35.17
N VAL L 176 24.65 -10.46 36.23
CA VAL L 176 25.52 -10.58 37.39
C VAL L 176 25.29 -11.91 38.10
N LEU L 177 24.03 -12.23 38.41
CA LEU L 177 23.77 -13.44 39.18
C LEU L 177 24.14 -14.70 38.41
N GLU L 178 24.17 -14.61 37.08
CA GLU L 178 24.67 -15.71 36.27
C GLU L 178 26.20 -15.79 36.33
N LEU L 179 26.86 -14.65 36.50
CA LEU L 179 28.28 -14.65 36.80
C LEU L 179 28.51 -15.18 38.22
N GLU L 180 27.76 -14.65 39.19
CA GLU L 180 27.99 -15.00 40.58
C GLU L 180 27.70 -16.48 40.85
N GLU L 181 26.66 -17.02 40.21
CA GLU L 181 26.41 -18.46 40.33
C GLU L 181 27.59 -19.27 39.83
N MET L 182 28.38 -18.74 38.90
CA MET L 182 29.54 -19.40 38.34
C MET L 182 30.81 -19.13 39.15
N GLY L 183 30.69 -18.65 40.38
CA GLY L 183 31.85 -18.43 41.22
C GLY L 183 32.58 -17.14 40.95
N PHE L 184 31.85 -16.04 40.91
CA PHE L 184 32.40 -14.71 40.75
C PHE L 184 32.06 -13.89 41.98
N GLU L 185 32.94 -12.96 42.33
CA GLU L 185 32.68 -12.02 43.43
C GLU L 185 32.41 -10.65 42.78
N ILE L 186 31.14 -10.27 42.75
CA ILE L 186 30.68 -9.12 41.99
C ILE L 186 30.77 -7.88 42.86
N GLU L 187 31.57 -6.90 42.44
CA GLU L 187 31.82 -5.73 43.26
C GLU L 187 30.74 -4.67 43.09
N ALA L 188 30.19 -4.50 41.89
CA ALA L 188 29.15 -3.51 41.64
C ALA L 188 28.62 -3.64 40.21
N SER L 189 27.50 -2.96 39.96
CA SER L 189 26.86 -2.90 38.65
C SER L 189 26.10 -1.59 38.53
N HIS L 190 26.19 -0.93 37.36
CA HIS L 190 25.63 0.41 37.19
C HIS L 190 25.47 0.73 35.71
N HIS L 191 25.24 2.01 35.42
CA HIS L 191 25.15 2.55 34.06
C HIS L 191 26.24 3.60 33.86
N GLU L 192 27.08 3.39 32.85
CA GLU L 192 28.24 4.23 32.58
C GLU L 192 27.81 5.52 31.86
N VAL L 193 28.79 6.42 31.68
CA VAL L 193 28.57 7.77 31.16
C VAL L 193 27.74 7.75 29.89
N ALA L 194 28.10 6.87 28.95
CA ALA L 194 27.53 6.95 27.60
C ALA L 194 26.13 6.36 27.57
N PRO L 195 25.16 7.05 26.97
CA PRO L 195 23.84 6.46 26.73
C PRO L 195 23.91 5.12 26.02
N GLY L 196 23.46 4.07 26.68
CA GLY L 196 23.55 2.73 26.15
C GLY L 196 24.75 1.94 26.64
N GLN L 197 25.57 2.53 27.50
CA GLN L 197 26.81 1.92 27.97
C GLN L 197 26.70 1.59 29.45
N HIS L 198 27.21 0.41 29.82
CA HIS L 198 27.09 -0.13 31.17
C HIS L 198 28.46 -0.59 31.65
N GLU L 199 28.55 -0.95 32.93
CA GLU L 199 29.80 -1.43 33.48
C GLU L 199 29.49 -2.37 34.64
N ILE L 200 30.24 -3.47 34.71
CA ILE L 200 30.25 -4.37 35.86
C ILE L 200 31.70 -4.76 36.13
N ASP L 201 32.15 -4.60 37.37
CA ASP L 201 33.51 -4.93 37.74
C ASP L 201 33.52 -5.98 38.84
N PHE L 202 34.70 -6.56 39.05
CA PHE L 202 34.85 -7.73 39.92
C PHE L 202 36.22 -7.68 40.57
N LYS L 203 36.41 -8.53 41.58
CA LYS L 203 37.67 -8.54 42.32
C LYS L 203 38.82 -8.95 41.41
N TYR L 204 39.99 -8.37 41.67
CA TYR L 204 41.20 -8.70 40.93
C TYR L 204 41.62 -10.15 41.18
N GLU L 205 42.67 -10.60 40.51
CA GLU L 205 43.13 -11.97 40.66
C GLU L 205 44.49 -12.12 39.99
N ASP L 206 45.09 -13.29 40.18
CA ASP L 206 46.37 -13.64 39.56
C ASP L 206 46.31 -13.45 38.05
N ALA L 207 47.47 -13.29 37.42
CA ALA L 207 47.52 -12.78 36.05
C ALA L 207 46.70 -13.64 35.09
N ILE L 208 47.03 -14.93 34.98
CA ILE L 208 46.31 -15.75 34.03
C ILE L 208 44.90 -16.07 34.53
N THR L 209 44.71 -16.13 35.84
CA THR L 209 43.41 -16.49 36.39
C THR L 209 42.40 -15.34 36.32
N ALA L 210 42.83 -14.14 35.96
CA ALA L 210 41.88 -13.05 35.73
C ALA L 210 41.52 -12.92 34.25
N CYS L 211 42.51 -13.05 33.37
CA CYS L 211 42.23 -13.03 31.94
C CYS L 211 41.50 -14.30 31.50
N ASP L 212 41.80 -15.44 32.14
CA ASP L 212 40.96 -16.63 31.98
C ASP L 212 39.53 -16.37 32.41
N SER L 213 39.30 -15.31 33.19
CA SER L 213 37.96 -14.90 33.58
C SER L 213 37.38 -13.80 32.70
N ILE L 214 38.23 -12.98 32.07
CA ILE L 214 37.74 -11.89 31.23
C ILE L 214 36.96 -12.45 30.05
N GLN L 215 37.43 -13.55 29.47
CA GLN L 215 36.69 -14.16 28.37
C GLN L 215 35.37 -14.74 28.83
N THR L 216 35.29 -15.16 30.09
CA THR L 216 34.03 -15.65 30.64
C THR L 216 33.03 -14.52 30.82
N PHE L 217 33.50 -13.37 31.32
CA PHE L 217 32.65 -12.19 31.45
C PHE L 217 32.07 -11.77 30.11
N LYS L 218 32.92 -11.72 29.08
CA LYS L 218 32.47 -11.28 27.76
C LYS L 218 31.45 -12.25 27.17
N LEU L 219 31.67 -13.56 27.33
CA LEU L 219 30.76 -14.54 26.76
C LEU L 219 29.40 -14.52 27.44
N VAL L 220 29.37 -14.23 28.74
CA VAL L 220 28.10 -14.21 29.45
C VAL L 220 27.32 -12.94 29.11
N VAL L 221 28.01 -11.81 28.98
CA VAL L 221 27.33 -10.55 28.71
C VAL L 221 26.70 -10.56 27.32
N LYS L 222 27.38 -11.16 26.34
CA LYS L 222 26.81 -11.21 24.99
C LYS L 222 25.61 -12.15 24.91
N THR L 223 25.67 -13.31 25.58
CA THR L 223 24.55 -14.25 25.51
C THR L 223 23.40 -13.90 26.44
N ILE L 224 23.65 -13.14 27.50
CA ILE L 224 22.56 -12.73 28.37
C ILE L 224 21.90 -11.45 27.83
N ALA L 225 22.64 -10.64 27.08
CA ALA L 225 22.02 -9.55 26.34
C ALA L 225 21.00 -10.10 25.34
N ARG L 226 21.39 -11.10 24.56
CA ARG L 226 20.46 -11.68 23.59
C ARG L 226 19.36 -12.50 24.26
N LYS L 227 19.59 -12.98 25.49
CA LYS L 227 18.50 -13.61 26.22
C LYS L 227 17.47 -12.59 26.68
N HIS L 228 17.87 -11.32 26.80
CA HIS L 228 16.97 -10.22 27.13
C HIS L 228 16.93 -9.20 26.01
N GLY L 229 16.94 -9.70 24.77
CA GLY L 229 16.51 -8.94 23.60
C GLY L 229 17.56 -8.10 22.91
N LEU L 230 18.72 -7.87 23.51
CA LEU L 230 19.63 -6.84 23.05
C LEU L 230 20.93 -7.42 22.49
N HIS L 231 21.65 -6.59 21.74
CA HIS L 231 22.97 -6.92 21.23
C HIS L 231 24.03 -6.22 22.07
N ALA L 232 25.04 -6.98 22.49
CA ALA L 232 26.14 -6.45 23.28
C ALA L 232 27.36 -6.25 22.38
N THR L 233 27.96 -5.07 22.46
CA THR L 233 29.20 -4.78 21.76
C THR L 233 30.27 -4.34 22.74
N PHE L 234 31.52 -4.72 22.44
CA PHE L 234 32.68 -4.21 23.12
C PHE L 234 33.49 -3.32 22.21
N MET L 235 32.85 -2.81 21.16
CA MET L 235 33.51 -1.93 20.23
C MET L 235 33.95 -0.69 20.98
N PRO L 236 35.21 -0.26 20.87
CA PRO L 236 35.66 0.87 21.70
C PRO L 236 34.94 2.19 21.43
N LYS L 237 34.42 2.41 20.22
CA LYS L 237 33.85 3.70 19.85
C LYS L 237 32.83 3.51 18.74
N PRO L 238 31.63 3.01 19.07
CA PRO L 238 30.60 2.83 18.04
C PRO L 238 29.79 4.08 17.69
N LEU L 239 29.99 5.19 18.40
CA LEU L 239 29.33 6.44 18.04
C LEU L 239 30.37 7.56 18.02
N PHE L 240 29.89 8.77 17.82
CA PHE L 240 30.70 9.96 17.91
C PHE L 240 30.27 10.80 19.11
N GLY L 241 31.22 11.57 19.64
CA GLY L 241 30.92 12.59 20.62
C GLY L 241 30.36 12.11 21.93
N VAL L 242 30.64 10.86 22.32
CA VAL L 242 30.20 10.33 23.61
C VAL L 242 31.25 9.34 24.10
N ASN L 243 31.34 9.22 25.43
CA ASN L 243 32.36 8.39 26.06
C ASN L 243 32.46 7.01 25.41
N GLY L 244 33.70 6.54 25.25
CA GLY L 244 33.93 5.22 24.72
C GLY L 244 34.10 4.18 25.81
N SER L 245 34.08 2.92 25.39
CA SER L 245 34.20 1.80 26.31
C SER L 245 35.67 1.40 26.45
N GLY L 246 36.07 1.07 27.67
CA GLY L 246 37.47 0.82 27.93
C GLY L 246 37.78 -0.08 29.10
N MET L 247 38.66 -1.05 28.87
CA MET L 247 39.08 -2.04 29.85
C MET L 247 40.19 -1.45 30.73
N HIS L 248 39.79 -0.74 31.79
CA HIS L 248 40.73 -0.23 32.77
C HIS L 248 41.63 -1.36 33.27
N PHE L 249 42.89 -1.03 33.58
CA PHE L 249 43.88 -2.04 33.97
C PHE L 249 44.51 -1.65 35.31
N ASN L 250 43.86 -2.07 36.40
CA ASN L 250 44.38 -1.84 37.74
C ASN L 250 45.31 -2.98 38.12
N MET L 251 46.57 -2.66 38.38
CA MET L 251 47.58 -3.68 38.59
C MET L 251 48.32 -3.44 39.90
N SER L 252 48.78 -4.54 40.50
CA SER L 252 49.56 -4.52 41.72
C SER L 252 50.26 -5.86 41.84
N LEU L 253 51.41 -5.87 42.52
CA LEU L 253 52.18 -7.08 42.73
C LEU L 253 52.12 -7.47 44.20
N PHE L 254 52.51 -8.71 44.49
CA PHE L 254 52.43 -9.25 45.84
C PHE L 254 53.76 -9.86 46.22
N ASN L 255 54.14 -9.67 47.49
CA ASN L 255 55.43 -10.16 48.00
C ASN L 255 55.22 -10.71 49.41
N GLU L 256 55.09 -12.03 49.51
CA GLU L 256 55.08 -12.76 50.78
C GLU L 256 53.99 -12.21 51.73
N LYS L 257 52.75 -12.35 51.31
CA LYS L 257 51.61 -11.68 51.94
C LYS L 257 51.91 -10.18 52.12
N GLY L 258 52.09 -9.51 50.98
CA GLY L 258 52.36 -8.09 50.98
C GLY L 258 52.07 -7.45 49.63
N ASN L 259 51.53 -6.24 49.63
CA ASN L 259 51.17 -5.53 48.41
C ASN L 259 52.33 -4.61 48.04
N ALA L 260 53.07 -4.99 47.00
CA ALA L 260 54.36 -4.38 46.71
C ALA L 260 54.30 -2.89 46.43
N PHE L 261 53.11 -2.30 46.33
CA PHE L 261 52.97 -0.85 46.15
C PHE L 261 52.71 -0.12 47.45
N PHE L 262 52.36 -0.85 48.51
CA PHE L 262 51.99 -0.25 49.77
C PHE L 262 53.22 0.14 50.57
N ASP L 263 53.28 1.40 51.00
CA ASP L 263 54.25 1.88 51.97
C ASP L 263 53.41 2.46 53.11
N GLU L 264 53.10 1.60 54.09
CA GLU L 264 52.10 1.85 55.11
C GLU L 264 52.16 3.26 55.71
N SER L 265 53.36 3.84 55.76
CA SER L 265 53.56 5.13 56.42
C SER L 265 54.33 6.11 55.54
N GLY L 266 54.18 6.02 54.22
CA GLY L 266 54.80 6.97 53.34
C GLY L 266 54.07 8.30 53.37
N GLU L 267 54.44 9.16 52.41
CA GLU L 267 53.61 10.31 52.11
C GLU L 267 52.61 9.98 51.01
N LEU L 268 53.05 9.27 49.97
CA LEU L 268 52.16 8.79 48.94
C LEU L 268 51.76 7.34 49.14
N GLU L 269 52.30 6.67 50.17
CA GLU L 269 52.09 5.24 50.39
C GLU L 269 52.43 4.44 49.13
N LEU L 270 53.35 4.97 48.34
CA LEU L 270 53.68 4.45 47.02
C LEU L 270 55.13 4.01 47.05
N SER L 271 55.34 2.71 47.23
CA SER L 271 56.68 2.15 47.34
C SER L 271 57.55 2.61 46.18
N GLN L 272 58.84 2.79 46.45
CA GLN L 272 59.76 3.16 45.37
C GLN L 272 60.02 1.98 44.42
N THR L 273 59.28 0.89 44.63
CA THR L 273 59.09 -0.13 43.61
C THR L 273 57.83 0.12 42.80
N ALA L 274 56.82 0.77 43.39
CA ALA L 274 55.68 1.22 42.61
C ALA L 274 56.09 2.29 41.62
N TYR L 275 56.83 3.29 42.08
CA TYR L 275 57.28 4.37 41.21
C TYR L 275 58.12 3.84 40.07
N HIS L 276 59.00 2.87 40.35
CA HIS L 276 59.82 2.31 39.29
C HIS L 276 59.00 1.46 38.33
N PHE L 277 57.91 0.85 38.81
CA PHE L 277 56.94 0.25 37.90
C PHE L 277 56.25 1.30 37.06
N LEU L 278 55.90 2.44 37.67
CA LEU L 278 55.27 3.54 36.93
C LEU L 278 56.12 3.96 35.74
N ALA L 279 57.38 4.31 35.99
CA ALA L 279 58.29 4.68 34.91
C ALA L 279 58.36 3.59 33.84
N GLY L 280 58.43 2.33 34.27
CA GLY L 280 58.60 1.24 33.32
C GLY L 280 57.58 1.26 32.20
N MET L 281 56.30 1.32 32.55
CA MET L 281 55.25 1.36 31.54
C MET L 281 55.20 2.70 30.83
N LEU L 282 55.33 3.81 31.58
CA LEU L 282 55.18 5.13 31.00
C LEU L 282 56.28 5.47 30.01
N LYS L 283 57.44 4.81 30.11
CA LYS L 283 58.51 5.01 29.13
C LYS L 283 58.15 4.34 27.81
N HIS L 284 57.79 3.09 27.87
CA HIS L 284 57.44 2.29 26.71
C HIS L 284 56.03 2.53 26.23
N ALA L 285 55.27 3.44 26.88
CA ALA L 285 53.86 3.66 26.51
C ALA L 285 53.68 3.78 25.01
N ARG L 286 54.44 4.67 24.37
CA ARG L 286 54.24 5.00 22.96
C ARG L 286 54.26 3.79 22.03
N GLY L 287 54.82 2.66 22.46
CA GLY L 287 55.11 1.59 21.53
C GLY L 287 54.40 0.27 21.74
N TYR L 288 53.77 0.07 22.90
CA TYR L 288 53.03 -1.15 23.14
C TYR L 288 51.51 -0.93 23.06
N THR L 289 51.08 0.21 22.53
CA THR L 289 49.64 0.47 22.41
C THR L 289 49.01 -0.42 21.35
N ALA L 290 49.72 -0.67 20.25
CA ALA L 290 49.22 -1.53 19.17
C ALA L 290 48.92 -2.93 19.70
N VAL L 291 49.43 -3.25 20.89
CA VAL L 291 49.06 -4.47 21.58
C VAL L 291 47.88 -4.28 22.53
N THR L 292 47.61 -3.03 22.94
CA THR L 292 46.49 -2.76 23.83
C THR L 292 45.34 -2.01 23.17
N ASN L 293 45.60 -1.32 22.05
CA ASN L 293 44.56 -0.71 21.24
C ASN L 293 44.70 -1.20 19.79
N PRO L 294 44.51 -2.51 19.55
CA PRO L 294 44.87 -3.07 18.24
C PRO L 294 43.95 -2.67 17.10
N THR L 295 42.74 -2.19 17.39
CA THR L 295 41.84 -1.84 16.31
C THR L 295 42.16 -0.45 15.77
N ILE L 296 41.87 -0.27 14.47
CA ILE L 296 41.83 1.09 13.92
C ILE L 296 40.88 1.94 14.74
N ASN L 297 39.77 1.32 15.17
CA ASN L 297 38.73 2.03 15.90
C ASN L 297 39.16 2.41 17.31
N SER L 298 40.05 1.63 17.92
CA SER L 298 40.55 1.98 19.26
C SER L 298 41.09 3.40 19.29
N PHE L 299 41.75 3.83 18.22
CA PHE L 299 42.31 5.16 18.13
C PHE L 299 41.27 6.22 17.82
N LYS L 300 40.02 5.83 17.57
CA LYS L 300 38.91 6.77 17.54
C LYS L 300 38.37 7.04 18.93
N ARG L 301 38.87 6.34 19.94
CA ARG L 301 38.58 6.60 21.35
C ARG L 301 39.68 7.43 22.01
N LEU L 302 40.93 7.23 21.62
CA LEU L 302 42.05 7.92 22.24
C LEU L 302 42.06 9.39 21.82
N VAL L 303 41.11 10.15 22.36
CA VAL L 303 40.91 11.58 22.09
C VAL L 303 40.35 12.19 23.37
N PRO L 304 40.59 13.48 23.63
CA PRO L 304 40.20 14.05 24.91
C PRO L 304 38.69 14.15 25.14
N GLY L 305 38.31 14.68 26.30
CA GLY L 305 36.95 15.04 26.59
C GLY L 305 36.03 13.90 27.00
N TYR L 306 36.36 12.66 26.67
CA TYR L 306 35.50 11.52 26.95
C TYR L 306 36.10 10.60 28.00
N GLU L 307 36.86 11.18 28.94
CA GLU L 307 37.50 10.45 30.03
C GLU L 307 38.40 9.34 29.49
N ALA L 308 39.07 9.60 28.37
CA ALA L 308 39.94 8.65 27.73
C ALA L 308 41.38 9.18 27.73
N PRO L 309 42.37 8.32 28.00
CA PRO L 309 43.76 8.78 28.11
C PRO L 309 44.31 9.16 26.75
N CYS L 310 44.65 10.44 26.59
CA CYS L 310 45.16 10.94 25.32
C CYS L 310 46.66 11.17 25.33
N TYR L 311 47.28 11.41 26.48
CA TYR L 311 48.71 11.70 26.54
C TYR L 311 49.37 10.90 27.64
N ILE L 312 50.63 10.55 27.41
CA ILE L 312 51.43 9.76 28.33
C ILE L 312 51.74 10.60 29.56
N ALA L 313 51.10 10.29 30.68
CA ALA L 313 51.29 11.02 31.93
C ALA L 313 50.63 10.23 33.05
N TRP L 314 50.67 10.79 34.25
CA TRP L 314 50.08 10.11 35.40
C TRP L 314 49.76 11.13 36.49
N SER L 315 48.70 10.84 37.24
CA SER L 315 48.34 11.59 38.43
C SER L 315 47.39 10.75 39.26
N GLY L 316 46.92 11.31 40.37
CA GLY L 316 46.10 10.59 41.33
C GLY L 316 44.66 11.08 41.34
N LYS L 317 43.74 10.14 41.60
CA LYS L 317 42.28 10.35 41.69
C LYS L 317 41.79 11.29 40.60
N ASN L 318 42.41 11.19 39.42
CA ASN L 318 42.18 12.06 38.29
C ASN L 318 42.00 11.18 37.06
N ARG L 319 41.00 11.47 36.25
CA ARG L 319 40.63 10.57 35.16
C ARG L 319 41.11 11.04 33.80
N SER L 320 41.84 12.15 33.73
CA SER L 320 42.51 12.62 32.53
C SER L 320 43.78 11.84 32.16
N PRO L 321 44.62 11.42 33.11
CA PRO L 321 45.93 10.87 32.74
C PRO L 321 45.85 9.48 32.14
N LEU L 322 46.96 9.10 31.50
CA LEU L 322 47.13 7.72 31.03
C LEU L 322 47.11 6.76 32.21
N VAL L 323 47.89 7.06 33.25
CA VAL L 323 47.94 6.24 34.46
C VAL L 323 47.26 7.02 35.58
N ARG L 324 46.16 6.49 36.08
CA ARG L 324 45.42 7.08 37.19
C ARG L 324 45.72 6.32 38.47
N VAL L 325 45.95 7.07 39.56
CA VAL L 325 46.19 6.49 40.88
C VAL L 325 44.90 6.65 41.68
N PRO L 326 44.17 5.56 41.96
CA PRO L 326 42.96 5.69 42.78
C PRO L 326 43.31 5.82 44.26
N SER L 327 42.57 6.69 44.95
CA SER L 327 43.01 7.18 46.26
C SER L 327 43.01 6.09 47.32
N SER L 328 42.04 5.18 47.29
CA SER L 328 41.98 4.13 48.30
C SER L 328 43.17 3.18 48.14
N ARG L 329 43.87 2.92 49.25
CA ARG L 329 45.02 2.02 49.24
C ARG L 329 44.79 0.77 50.08
N GLY L 330 44.59 0.93 51.39
CA GLY L 330 44.54 -0.23 52.30
C GLY L 330 45.60 -1.26 51.97
N LEU L 331 45.19 -2.53 51.87
CA LEU L 331 45.99 -3.52 51.16
C LEU L 331 45.72 -3.53 49.67
N SER L 332 44.67 -2.82 49.24
CA SER L 332 44.18 -2.83 47.86
C SER L 332 44.72 -1.68 47.03
N THR L 333 45.95 -1.26 47.30
CA THR L 333 46.55 -0.15 46.56
C THR L 333 46.79 -0.56 45.11
N ARG L 334 46.61 0.40 44.20
CA ARG L 334 46.73 0.14 42.78
C ARG L 334 47.18 1.40 42.06
N LEU L 335 47.88 1.20 40.95
CA LEU L 335 48.04 2.22 39.93
C LEU L 335 47.24 1.76 38.71
N GLU L 336 46.40 2.63 38.17
CA GLU L 336 45.40 2.25 37.19
C GLU L 336 45.72 2.89 35.85
N LEU L 337 46.03 2.06 34.86
CA LEU L 337 46.15 2.50 33.47
C LEU L 337 44.78 2.39 32.82
N ARG L 338 44.47 3.34 31.93
CA ARG L 338 43.13 3.40 31.34
C ARG L 338 43.15 3.44 29.81
N SER L 339 44.23 2.95 29.18
CA SER L 339 44.38 3.03 27.73
C SER L 339 44.13 1.70 27.04
N VAL L 340 43.28 0.85 27.61
CA VAL L 340 42.96 -0.45 27.03
C VAL L 340 41.44 -0.55 26.86
N ASP L 341 41.00 -0.85 25.65
CA ASP L 341 39.58 -1.14 25.45
C ASP L 341 39.38 -2.65 25.31
N PRO L 342 38.19 -3.20 25.65
CA PRO L 342 38.05 -4.66 25.67
C PRO L 342 38.07 -5.27 24.28
N SER L 343 39.12 -4.92 23.54
CA SER L 343 39.43 -5.47 22.23
C SER L 343 40.82 -6.06 22.16
N ALA L 344 41.76 -5.54 22.95
CA ALA L 344 43.09 -6.10 23.02
C ALA L 344 43.04 -7.53 23.55
N ASN L 345 44.18 -8.21 23.46
CA ASN L 345 44.33 -9.62 23.78
C ASN L 345 44.95 -9.75 25.18
N PRO L 346 44.13 -9.89 26.23
CA PRO L 346 44.68 -9.80 27.59
C PRO L 346 45.78 -10.78 27.89
N TYR L 347 45.71 -12.00 27.34
CA TYR L 347 46.81 -12.95 27.50
C TYR L 347 48.13 -12.37 27.04
N LEU L 348 48.08 -11.42 26.09
CA LEU L 348 49.27 -10.77 25.58
C LEU L 348 49.46 -9.35 26.06
N ALA L 349 48.40 -8.69 26.53
CA ALA L 349 48.55 -7.35 27.09
C ALA L 349 49.39 -7.39 28.37
N MET L 350 49.05 -8.30 29.29
CA MET L 350 49.82 -8.44 30.52
C MET L 350 51.27 -8.80 30.22
N ALA L 351 51.48 -9.76 29.31
CA ALA L 351 52.84 -10.10 28.88
C ALA L 351 53.61 -8.88 28.43
N VAL L 352 52.93 -7.92 27.82
CA VAL L 352 53.55 -6.67 27.38
C VAL L 352 53.81 -5.74 28.56
N LEU L 353 52.87 -5.66 29.50
CA LEU L 353 52.98 -4.65 30.55
C LEU L 353 53.84 -5.12 31.71
N LEU L 354 53.79 -6.42 32.05
CA LEU L 354 54.77 -6.94 32.98
C LEU L 354 56.18 -6.77 32.44
N LYS L 355 56.42 -7.24 31.20
CA LYS L 355 57.75 -7.21 30.60
C LYS L 355 58.35 -5.80 30.64
N ALA L 356 57.63 -4.84 30.07
CA ALA L 356 58.13 -3.48 29.91
C ALA L 356 57.87 -2.61 31.12
N GLY L 357 57.16 -3.12 32.13
CA GLY L 357 56.93 -2.39 33.35
C GLY L 357 57.86 -2.86 34.45
N LEU L 358 58.09 -4.17 34.52
CA LEU L 358 59.22 -4.65 35.32
C LEU L 358 60.54 -4.34 34.66
N SER L 359 60.52 -3.75 33.47
CA SER L 359 61.72 -3.18 32.86
C SER L 359 62.07 -1.83 33.47
N GLY L 360 61.21 -1.27 34.32
CA GLY L 360 61.49 -0.02 34.98
C GLY L 360 61.85 -0.22 36.44
N ILE L 361 61.66 -1.42 36.94
CA ILE L 361 62.21 -1.82 38.24
C ILE L 361 63.54 -2.53 38.07
N LYS L 362 63.58 -3.53 37.18
CA LYS L 362 64.86 -4.18 36.85
C LYS L 362 65.88 -3.16 36.38
N ASP L 363 65.43 -2.09 35.74
CA ASP L 363 66.32 -1.00 35.34
C ASP L 363 66.27 0.17 36.32
N GLU L 364 65.49 0.06 37.40
CA GLU L 364 65.39 1.09 38.43
C GLU L 364 65.09 2.46 37.81
N LEU L 365 64.21 2.46 36.82
CA LEU L 365 63.88 3.70 36.12
C LEU L 365 63.07 4.62 37.03
N THR L 366 63.29 5.93 36.88
CA THR L 366 62.62 6.92 37.71
C THR L 366 61.48 7.57 36.93
N PRO L 367 60.29 7.65 37.51
CA PRO L 367 59.11 8.09 36.75
C PRO L 367 59.17 9.57 36.43
N PRO L 368 58.44 10.01 35.42
CA PRO L 368 58.25 11.45 35.19
C PRO L 368 57.26 12.01 36.20
N ALA L 369 57.04 13.32 36.11
CA ALA L 369 56.29 14.03 37.13
C ALA L 369 54.82 13.66 37.10
N PRO L 370 54.12 13.78 38.24
CA PRO L 370 52.66 13.82 38.19
C PRO L 370 52.20 15.15 37.63
N VAL L 371 51.28 15.09 36.67
CA VAL L 371 50.61 16.30 36.22
C VAL L 371 49.22 16.29 36.86
N ASP L 372 49.07 16.90 38.03
CA ASP L 372 47.81 16.75 38.72
C ASP L 372 46.84 17.86 38.32
N ARG L 373 46.72 18.07 37.02
CA ARG L 373 45.71 18.91 36.41
C ARG L 373 45.10 18.13 35.25
N ASN L 374 43.93 18.56 34.82
CA ASN L 374 43.28 17.91 33.69
C ASN L 374 44.10 18.19 32.43
N ILE L 375 44.51 17.12 31.74
CA ILE L 375 45.52 17.27 30.71
C ILE L 375 44.95 17.90 29.45
N TYR L 376 43.67 17.68 29.17
CA TYR L 376 43.09 18.17 27.92
C TYR L 376 43.14 19.69 27.82
N GLY L 377 43.08 20.38 28.96
CA GLY L 377 43.10 21.82 28.96
C GLY L 377 44.48 22.43 28.87
N MET L 378 45.46 21.68 28.38
CA MET L 378 46.83 22.17 28.22
C MET L 378 47.07 22.55 26.76
N ASN L 379 47.87 23.60 26.55
CA ASN L 379 48.09 24.16 25.21
C ASN L 379 48.81 23.18 24.29
N GLU L 380 48.76 23.48 22.99
CA GLU L 380 49.24 22.58 21.96
C GLU L 380 50.70 22.17 22.20
N GLU L 381 51.59 23.16 22.35
CA GLU L 381 52.98 22.88 22.67
C GLU L 381 53.30 23.21 24.12
N GLU L 382 52.29 23.25 24.97
CA GLU L 382 52.53 23.43 26.40
C GLU L 382 53.09 22.15 26.99
N ARG L 383 52.33 21.05 26.87
CA ARG L 383 52.73 19.77 27.44
C ARG L 383 54.11 19.33 26.98
N GLU L 384 54.68 20.01 26.00
CA GLU L 384 56.06 19.80 25.61
C GLU L 384 57.04 20.46 26.56
N ALA L 385 56.64 21.54 27.23
CA ALA L 385 57.50 22.14 28.25
C ALA L 385 57.53 21.28 29.50
N THR L 386 56.37 20.76 29.92
CA THR L 386 56.31 19.77 30.99
C THR L 386 56.74 18.39 30.53
N GLY L 387 57.10 18.23 29.26
CA GLY L 387 57.73 17.02 28.78
C GLY L 387 56.81 15.91 28.36
N ILE L 388 55.50 16.03 28.56
CA ILE L 388 54.59 14.94 28.23
C ILE L 388 54.27 14.98 26.74
N TYR L 389 54.73 13.96 26.01
CA TYR L 389 54.43 13.80 24.58
C TYR L 389 53.04 13.16 24.45
N ASP L 390 52.70 12.72 23.25
CA ASP L 390 51.37 12.17 23.01
C ASP L 390 51.44 10.71 22.56
N LEU L 391 50.27 10.07 22.63
CA LEU L 391 50.06 8.69 22.22
C LEU L 391 49.92 8.62 20.70
N PRO L 392 50.23 7.47 20.11
CA PRO L 392 50.03 7.29 18.67
C PRO L 392 48.66 7.75 18.19
N GLU L 393 48.66 8.40 17.03
CA GLU L 393 47.46 8.98 16.43
C GLU L 393 46.66 7.98 15.60
N SER L 394 47.33 7.05 14.92
CA SER L 394 46.67 6.07 14.07
C SER L 394 47.37 4.73 14.22
N LEU L 395 46.75 3.69 13.67
CA LEU L 395 47.31 2.35 13.82
C LEU L 395 48.66 2.25 13.12
N GLY L 396 48.76 2.80 11.90
CA GLY L 396 50.04 2.94 11.25
C GLY L 396 51.05 3.58 12.17
N HIS L 397 50.70 4.73 12.74
CA HIS L 397 51.62 5.42 13.65
C HIS L 397 52.00 4.53 14.83
N ALA L 398 51.04 3.80 15.39
CA ALA L 398 51.32 2.97 16.56
C ALA L 398 52.11 1.73 16.20
N LEU L 399 51.97 1.24 14.96
CA LEU L 399 52.66 0.02 14.57
C LEU L 399 54.16 0.23 14.43
N ILE L 400 54.56 1.36 13.85
CA ILE L 400 55.98 1.67 13.73
C ILE L 400 56.64 1.67 15.10
N GLU L 401 55.98 2.29 16.08
CA GLU L 401 56.54 2.37 17.43
C GLU L 401 56.76 0.99 18.03
N LEU L 402 55.89 0.03 17.71
CA LEU L 402 56.08 -1.33 18.21
C LEU L 402 57.23 -2.02 17.51
N GLU L 403 57.24 -1.98 16.17
CA GLU L 403 58.33 -2.60 15.41
C GLU L 403 59.68 -2.07 15.85
N LYS L 404 59.72 -0.85 16.39
CA LYS L 404 60.94 -0.29 16.93
C LYS L 404 61.08 -0.55 18.43
N ASN L 405 60.20 -1.34 19.02
CA ASN L 405 60.31 -1.71 20.42
C ASN L 405 60.77 -3.16 20.53
N GLU L 406 61.83 -3.39 21.31
CA GLU L 406 62.37 -4.72 21.56
C GLU L 406 62.06 -5.22 22.95
N ILE L 407 61.70 -4.33 23.89
CA ILE L 407 61.35 -4.76 25.23
C ILE L 407 60.07 -5.57 25.21
N ILE L 408 59.06 -5.08 24.50
CA ILE L 408 57.80 -5.80 24.46
C ILE L 408 57.80 -6.86 23.37
N LYS L 409 58.63 -6.70 22.33
CA LYS L 409 58.67 -7.68 21.25
C LYS L 409 59.14 -9.04 21.78
N ASP L 410 60.24 -9.04 22.52
CA ASP L 410 60.70 -10.27 23.15
C ASP L 410 59.83 -10.68 24.32
N GLY L 411 58.98 -9.78 24.81
CA GLY L 411 57.96 -10.13 25.79
C GLY L 411 56.67 -10.46 25.08
N LEU L 412 56.79 -10.79 23.79
CA LEU L 412 55.64 -11.05 22.94
C LEU L 412 55.75 -12.32 22.12
N GLY L 413 56.95 -12.82 21.85
CA GLY L 413 57.10 -14.04 21.09
C GLY L 413 57.45 -13.79 19.64
N GLU L 414 58.19 -14.74 19.06
CA GLU L 414 58.66 -14.62 17.68
C GLU L 414 57.62 -15.09 16.66
N HIS L 415 56.86 -16.14 16.98
CA HIS L 415 55.74 -16.50 16.12
C HIS L 415 54.60 -15.52 16.24
N ILE L 416 54.51 -14.81 17.36
CA ILE L 416 53.38 -13.93 17.63
C ILE L 416 53.61 -12.55 17.02
N PHE L 417 54.76 -11.95 17.28
CA PHE L 417 55.09 -10.66 16.65
C PHE L 417 55.19 -10.77 15.14
N GLU L 418 55.32 -11.97 14.61
CA GLU L 418 55.43 -12.19 13.17
C GLU L 418 54.07 -12.35 12.50
N HIS L 419 53.20 -13.19 13.08
CA HIS L 419 51.85 -13.33 12.57
C HIS L 419 50.96 -12.14 12.93
N PHE L 420 51.36 -11.32 13.89
CA PHE L 420 50.58 -10.17 14.31
C PHE L 420 50.89 -8.91 13.51
N ILE L 421 52.15 -8.73 13.09
CA ILE L 421 52.48 -7.53 12.33
C ILE L 421 52.12 -7.69 10.86
N GLU L 422 51.98 -8.91 10.36
CA GLU L 422 51.45 -9.12 9.03
C GLU L 422 49.93 -8.97 9.01
N ALA L 423 49.29 -9.15 10.16
CA ALA L 423 47.84 -9.30 10.20
C ALA L 423 47.11 -7.95 10.26
N LYS L 424 47.60 -7.02 11.07
CA LYS L 424 46.91 -5.74 11.23
C LYS L 424 47.30 -4.72 10.18
N THR L 425 48.34 -4.97 9.40
CA THR L 425 48.73 -4.04 8.35
C THR L 425 47.76 -4.11 7.18
N ILE L 426 47.44 -5.32 6.71
CA ILE L 426 46.38 -5.48 5.72
C ILE L 426 45.06 -4.92 6.25
N GLU L 427 44.75 -5.22 7.51
CA GLU L 427 43.54 -4.70 8.13
C GLU L 427 43.57 -3.18 8.18
N CYS L 428 44.74 -2.60 8.40
CA CYS L 428 44.89 -1.16 8.26
C CYS L 428 44.95 -0.75 6.81
N ASP L 429 45.41 -1.63 5.93
CA ASP L 429 45.43 -1.33 4.49
C ASP L 429 44.02 -1.18 3.94
N MET L 430 43.16 -2.18 4.19
CA MET L 430 41.76 -2.11 3.79
C MET L 430 41.16 -0.76 4.12
N PHE L 431 41.26 -0.38 5.39
CA PHE L 431 40.82 0.95 5.83
C PHE L 431 41.39 2.04 4.93
N ARG L 432 42.68 1.94 4.62
CA ARG L 432 43.34 3.03 3.88
C ARG L 432 42.88 3.07 2.43
N THR L 433 42.67 1.92 1.80
CA THR L 433 42.35 1.92 0.37
C THR L 433 40.88 2.24 0.12
N ALA L 434 39.98 1.72 0.95
CA ALA L 434 38.56 1.86 0.70
C ALA L 434 38.10 3.30 0.86
N VAL L 435 37.06 3.67 0.13
CA VAL L 435 36.47 5.00 0.23
C VAL L 435 35.21 4.91 1.09
N HIS L 436 35.19 5.69 2.17
CA HIS L 436 34.10 5.71 3.13
C HIS L 436 33.02 6.66 2.63
N PRO L 437 31.81 6.58 3.18
CA PRO L 437 30.77 7.53 2.74
C PRO L 437 31.11 8.97 3.08
N TRP L 438 31.90 9.20 4.14
CA TRP L 438 32.30 10.55 4.52
C TRP L 438 32.94 11.30 3.38
N GLU L 439 33.63 10.60 2.50
CA GLU L 439 34.30 11.26 1.37
C GLU L 439 33.32 11.60 0.26
N ARG L 440 32.31 10.75 0.04
CA ARG L 440 31.28 11.10 -0.93
C ARG L 440 30.37 12.19 -0.40
N GLU L 441 30.09 12.20 0.90
CA GLU L 441 29.32 13.29 1.47
C GLU L 441 30.07 14.61 1.34
N GLN L 442 31.30 14.66 1.82
CA GLN L 442 32.01 15.94 1.90
C GLN L 442 32.30 16.49 0.51
N TYR L 443 32.87 15.66 -0.37
CA TYR L 443 33.55 16.15 -1.57
C TYR L 443 32.78 15.95 -2.87
N LEU L 444 31.76 15.09 -2.91
CA LEU L 444 31.05 14.88 -4.17
C LEU L 444 30.38 16.16 -4.63
N GLU L 445 29.56 16.79 -3.78
CA GLU L 445 28.77 17.92 -4.27
C GLU L 445 29.64 19.16 -4.52
N ILE L 446 30.46 19.59 -3.55
CA ILE L 446 31.23 20.83 -3.75
C ILE L 446 32.34 20.64 -4.78
N TYR L 447 33.32 19.80 -4.47
CA TYR L 447 34.44 19.56 -5.38
C TYR L 447 33.92 18.95 -6.68
PB ADP M . -17.31 50.89 2.67
O1B ADP M . -15.91 50.35 2.59
O2B ADP M . -18.38 49.87 2.95
O3B ADP M . -17.45 52.16 3.48
PA ADP M . -17.39 50.31 -0.05
O1A ADP M . -16.35 50.90 -0.99
O2A ADP M . -17.20 48.93 0.50
O3A ADP M . -17.64 51.34 1.16
O5' ADP M . -18.81 50.37 -0.79
C5' ADP M . -19.00 51.11 -1.99
C4' ADP M . -20.47 50.95 -2.36
O4' ADP M . -21.29 52.00 -1.84
C3' ADP M . -20.64 50.95 -3.86
O3' ADP M . -21.04 49.63 -4.26
C2' ADP M . -21.73 51.96 -4.16
O2' ADP M . -22.72 51.35 -4.99
C1' ADP M . -22.30 52.32 -2.80
N9 ADP M . -22.65 53.75 -2.69
C8 ADP M . -21.77 54.74 -2.42
N7 ADP M . -22.39 55.95 -2.36
C5 ADP M . -23.70 55.74 -2.59
C6 ADP M . -24.90 56.59 -2.68
N6 ADP M . -24.84 57.94 -2.49
N1 ADP M . -26.09 55.98 -2.94
C2 ADP M . -26.17 54.66 -3.12
N3 ADP M . -25.11 53.83 -3.07
C4 ADP M . -23.86 54.30 -2.81
O3A P3S N . -17.07 46.68 2.85
PA P3S N . -16.87 47.18 4.26
O1A P3S N . -15.64 48.04 4.33
O2A P3S N . -18.07 48.02 4.65
NE P3S N . -16.71 45.79 5.26
SD P3S N . -16.24 45.80 6.74
OE P3S N . -17.30 46.80 6.67
CE P3S N . -16.05 46.85 8.22
CG P3S N . -16.03 44.05 7.23
CB P3S N . -17.20 43.26 6.63
CA P3S N . -17.89 42.46 7.74
N P3S N . -17.31 41.14 7.91
C P3S N . -19.36 42.32 7.42
OT P3S N . -20.09 41.53 8.10
O P3S N . -19.84 42.97 6.45
PB ADP O . 28.56 45.22 1.40
O1B ADP O . 29.96 45.40 0.90
O2B ADP O . 27.96 43.86 1.12
O3B ADP O . 28.30 45.75 2.78
PA ADP O . 27.20 45.81 -1.01
O1A ADP O . 28.33 46.04 -1.98
O2A ADP O . 26.49 44.48 -0.98
O3A ADP O . 27.69 46.19 0.47
O5' ADP O . 26.15 47.01 -1.19
C5' ADP O . 26.70 48.33 -1.15
C4' ADP O . 25.68 49.31 -0.63
O4' ADP O . 26.29 50.56 -0.27
C3' ADP O . 24.66 49.61 -1.71
O3' ADP O . 23.39 49.10 -1.29
C2' ADP O . 24.61 51.12 -1.80
O2' ADP O . 23.24 51.58 -1.80
C1' ADP O . 25.36 51.59 -0.57
N9 ADP O . 26.01 52.92 -0.74
C8 ADP O . 27.12 53.20 -1.45
N7 ADP O . 27.41 54.53 -1.37
C5 ADP O . 26.48 55.11 -0.59
C6 ADP O . 26.18 56.47 -0.09
N6 ADP O . 26.97 57.53 -0.41
N1 ADP O . 25.10 56.63 0.70
C2 ADP O . 24.31 55.60 1.03
N3 ADP O . 24.51 54.34 0.62
C4 ADP O . 25.56 54.04 -0.18
O3A P3S P . 27.29 41.38 2.31
PA P3S P . 26.61 42.22 3.36
O1A P3S P . 27.52 43.37 3.76
O2A P3S P . 25.30 42.75 2.80
NE P3S P . 26.26 41.28 4.74
SD P3S P . 27.05 39.99 4.98
OE P3S P . 28.13 40.97 4.88
CE P3S P . 28.29 39.00 4.08
CG P3S P . 26.21 38.90 6.20
CB P3S P . 25.60 39.60 7.43
CA P3S P . 24.20 38.98 7.71
N P3S P . 23.53 38.70 6.43
C P3S P . 23.36 39.93 8.56
OT P3S P . 22.58 39.49 9.49
O P3S P . 23.44 41.18 8.36
PB ADP Q . -4.94 20.92 49.76
O1B ADP Q . -3.72 21.53 49.11
O2B ADP Q . -5.90 20.25 48.80
O3B ADP Q . -5.61 21.82 50.76
PA ADP Q . -3.99 18.30 50.15
O1A ADP Q . -3.91 18.34 48.64
O2A ADP Q . -4.87 17.30 50.85
O3A ADP Q . -4.34 19.76 50.69
O5' ADP Q . -2.48 18.15 50.70
C5' ADP Q . -2.14 17.14 51.63
C4' ADP Q . -0.70 17.35 52.06
O4' ADP Q . -0.58 18.37 53.07
C3' ADP Q . -0.16 16.07 52.67
O3' ADP Q . 0.80 15.47 51.80
C2' ADP Q . 0.49 16.49 53.98
O2' ADP Q . 1.82 16.00 54.08
C1' ADP Q . 0.47 18.02 53.97
N9 ADP Q . 0.22 18.47 55.36
C8 ADP Q . -0.96 18.40 55.99
N7 ADP Q . -0.84 18.88 57.26
C5 ADP Q . 0.43 19.23 57.45
C6 ADP Q . 1.22 19.80 58.56
N6 ADP Q . 0.65 20.09 59.76
N1 ADP Q . 2.54 20.03 58.35
C2 ADP Q . 3.12 19.76 57.17
N3 ADP Q . 2.47 19.24 56.12
C4 ADP Q . 1.14 18.96 56.19
O3A P3S R . -5.68 21.60 46.16
PA P3S R . -4.38 21.03 45.69
O1A P3S R . -3.26 21.63 46.50
O2A P3S R . -4.35 19.53 45.94
NE P3S R . -4.08 21.32 44.03
SD P3S R . -4.93 22.30 43.17
OE P3S R . -4.66 23.06 44.39
CE P3S R . -6.47 23.26 43.28
CG P3S R . -4.36 22.32 41.43
CB P3S R . -2.85 22.57 41.57
CA P3S R . -2.33 23.44 40.42
N P3S R . -2.34 22.67 39.18
C P3S R . -0.94 23.95 40.76
OT P3S R . -0.59 25.13 40.44
O P3S R . -0.14 23.20 41.39
PB ADP S . -42.93 1.04 32.67
O1B ADP S . -41.97 0.81 31.53
O2B ADP S . -43.91 -0.08 32.86
O3B ADP S . -43.53 2.42 32.71
PA ADP S . -40.84 -0.14 34.09
O1A ADP S . -39.77 0.14 33.06
O2A ADP S . -41.52 -1.48 34.09
O3A ADP S . -41.99 0.97 33.96
O5' ADP S . -40.26 0.16 35.56
C5' ADP S . -41.16 0.13 36.67
C4' ADP S . -40.76 1.18 37.69
O4' ADP S . -41.91 1.69 38.39
C3' ADP S . -39.81 0.62 38.74
O3' ADP S . -38.55 1.27 38.64
C2' ADP S . -40.45 0.97 40.09
O2' ADP S . -39.49 1.56 40.96
C1' ADP S . -41.53 1.98 39.74
N9 ADP S . -42.65 1.90 40.72
C8 ADP S . -43.62 0.96 40.78
N7 ADP S . -44.47 1.22 41.80
C5 ADP S . -44.04 2.33 42.43
C6 ADP S . -44.47 3.15 43.59
N6 ADP S . -45.56 2.85 44.33
N1 ADP S . -43.73 4.24 43.90
C2 ADP S . -42.65 4.58 43.19
N3 ADP S . -42.21 3.88 42.14
C4 ADP S . -42.85 2.77 41.71
O3A P3S T . -41.65 1.35 28.63
PA P3S T . -40.78 2.45 29.23
O1A P3S T . -39.59 1.77 29.85
O2A P3S T . -41.61 3.18 30.26
NE P3S T . -40.24 3.58 28.06
SD P3S T . -40.40 3.28 26.57
OE P3S T . -41.80 3.27 27.00
CE P3S T . -40.87 1.77 25.64
CG P3S T . -39.27 4.34 25.58
CB P3S T . -39.62 5.84 25.69
CA P3S T . -38.47 6.67 25.06
N P3S T . -37.30 5.84 24.84
C P3S T . -38.10 7.83 25.98
OT P3S T . -38.56 7.87 27.16
O P3S T . -37.35 8.75 25.55
PB ADP U . -40.13 -36.07 4.81
O1B ADP U . -38.69 -36.20 4.40
O2B ADP U . -40.67 -34.67 4.90
O3B ADP U . -41.04 -37.05 4.11
PA ADP U . -39.12 -35.91 7.39
O1A ADP U . -38.50 -34.67 6.82
O2A ADP U . -38.26 -37.01 7.95
O3A ADP U . -40.16 -36.56 6.34
O5' ADP U . -40.17 -35.45 8.51
C5' ADP U . -40.01 -35.85 9.86
C4' ADP U . -41.12 -35.17 10.63
O4' ADP U . -42.39 -35.81 10.43
C3' ADP U . -40.82 -35.24 12.12
O3' ADP U . -40.48 -33.93 12.57
C2' ADP U . -42.11 -35.70 12.75
O2' ADP U . -42.49 -34.83 13.82
C1' ADP U . -43.14 -35.65 11.63
N9 ADP U . -44.13 -36.73 11.84
C8 ADP U . -43.88 -38.04 11.89
N7 ADP U . -45.00 -38.75 12.13
C5 ADP U . -46.01 -37.87 12.25
C6 ADP U . -47.46 -37.94 12.51
N6 ADP U . -48.09 -39.12 12.69
N1 ADP U . -48.15 -36.77 12.57
C2 ADP U . -47.55 -35.59 12.39
N3 ADP U . -46.23 -35.44 12.15
C4 ADP U . -45.43 -36.53 12.08
O3A P3S V . -37.40 -33.44 4.57
PA P3S V . -37.80 -33.33 3.12
O1A P3S V . -36.95 -34.28 2.31
O2A P3S V . -39.25 -33.71 2.95
NE P3S V . -37.57 -31.74 2.52
SD P3S V . -37.24 -31.63 1.01
OE P3S V . -38.53 -32.29 0.99
CE P3S V . -37.05 -32.71 -0.44
CG P3S V . -36.59 -29.96 0.62
CB P3S V . -37.86 -29.10 0.69
CA P3S V . -37.82 -27.92 -0.29
N P3S V . -36.51 -27.30 -0.36
C P3S V . -38.89 -26.94 0.17
OT P3S V . -39.48 -26.20 -0.66
O P3S V . -39.19 -26.91 1.40
PB ADP W . 2.27 -53.26 -5.04
O1B ADP W . 3.44 -54.07 -4.53
O2B ADP W . 2.37 -51.80 -4.68
O3B ADP W . 1.91 -53.56 -6.48
PA ADP W . 0.86 -53.49 -2.62
O1A ADP W . 1.85 -54.38 -1.91
O2A ADP W . 0.90 -52.00 -2.37
O3A ADP W . 1.00 -53.77 -4.20
O5' ADP W . -0.62 -54.02 -2.32
C5' ADP W . -0.86 -55.38 -1.99
C4' ADP W . -2.35 -55.65 -2.15
O4' ADP W . -2.61 -56.95 -2.72
C3' ADP W . -3.04 -55.61 -0.80
O3' ADP W . -3.93 -54.49 -0.74
C2' ADP W . -3.85 -56.89 -0.73
O2' ADP W . -5.17 -56.56 -0.30
C1' ADP W . -3.85 -57.41 -2.16
N9 ADP W . -3.96 -58.90 -2.25
C8 ADP W . -3.03 -59.79 -1.86
N7 ADP W . -3.45 -61.06 -2.07
C5 ADP W . -4.67 -61.00 -2.63
C6 ADP W . -5.67 -61.98 -3.11
N6 ADP W . -5.41 -63.32 -3.03
N1 ADP W . -6.83 -61.52 -3.62
C2 ADP W . -7.08 -60.20 -3.70
N3 ADP W . -6.22 -59.26 -3.28
C4 ADP W . -5.01 -59.58 -2.74
O3A P3S X . 0.23 -48.85 -6.22
PA P3S X . 1.37 -49.63 -6.83
O1A P3S X . 2.60 -49.44 -5.97
O2A P3S X . 1.03 -51.10 -6.90
NE P3S X . 1.63 -49.11 -8.44
SD P3S X . 2.55 -47.92 -8.74
OE P3S X . 3.42 -49.07 -8.42
CE P3S X . 4.11 -47.15 -8.19
CG P3S X . 1.91 -47.04 -10.20
CB P3S X . 0.37 -47.09 -10.32
CA P3S X . -0.06 -45.79 -11.03
N P3S X . 0.04 -44.69 -10.10
C P3S X . -1.48 -45.88 -11.59
OT P3S X . -2.05 -44.84 -12.04
O P3S X . -2.10 -46.98 -11.63
PB ADP Y . -26.10 -12.41 -45.78
O1B ADP Y . -24.96 -13.41 -45.70
O2B ADP Y . -26.33 -11.59 -44.54
O3B ADP Y . -27.36 -12.98 -46.39
PA ADP Y . -24.44 -10.34 -46.66
O1A ADP Y . -23.95 -10.44 -45.23
O2A ADP Y . -24.80 -9.01 -47.25
O3A ADP Y . -25.64 -11.38 -46.90
O5' ADP Y . -23.36 -11.05 -47.61
C5' ADP Y . -22.98 -10.50 -48.86
C4' ADP Y . -21.83 -11.35 -49.38
O4' ADP Y . -22.26 -12.30 -50.36
C3' ADP Y . -20.79 -10.47 -50.04
O3' ADP Y . -19.58 -10.56 -49.29
C2' ADP Y . -20.60 -11.02 -51.44
O2' ADP Y . -19.21 -11.19 -51.70
C1' ADP Y . -21.30 -12.37 -51.42
N9 ADP Y . -22.01 -12.62 -52.70
C8 ADP Y . -23.11 -11.98 -53.10
N7 ADP Y . -23.54 -12.44 -54.31
C5 ADP Y . -22.67 -13.39 -54.71
C6 ADP Y . -22.55 -14.27 -55.89
N6 ADP Y . -23.45 -14.20 -56.90
N1 ADP Y . -21.52 -15.14 -55.92
C2 ADP Y . -20.63 -15.21 -54.91
N3 ADP Y . -20.68 -14.43 -53.81
C4 ADP Y . -21.66 -13.51 -53.64
O3A P3S Z . -25.85 -12.54 -41.64
PA P3S Z . -24.52 -13.20 -41.90
O1A P3S Z . -23.50 -12.12 -42.17
O2A P3S Z . -24.63 -14.09 -43.12
NE P3S Z . -24.03 -14.09 -40.52
SD P3S Z . -25.05 -14.76 -39.56
OE P3S Z . -25.40 -15.23 -40.90
CE P3S Z . -26.80 -15.23 -39.49
CG P3S Z . -24.23 -15.39 -38.04
CB P3S Z . -23.39 -16.62 -38.44
CA P3S Z . -22.61 -17.20 -37.25
N P3S Z . -22.11 -16.14 -36.37
C P3S Z . -21.45 -18.05 -37.77
OT P3S Z . -21.11 -19.12 -37.18
O P3S Z . -20.85 -17.68 -38.82
PB ADP AA . -44.57 21.69 -21.07
O1B ADP AA . -43.34 21.68 -20.21
O2B ADP AA . -45.23 23.03 -21.17
O3B ADP AA . -45.51 20.54 -20.86
PA ADP AA . -42.51 21.82 -22.99
O1A ADP AA . -41.47 21.01 -22.24
O2A ADP AA . -42.40 23.32 -22.98
O3A ADP AA . -43.98 21.39 -22.54
O5' ADP AA . -42.58 21.33 -24.51
C5' ADP AA . -43.71 21.77 -25.26
C4' ADP AA . -44.03 20.75 -26.35
O4' ADP AA . -45.37 20.91 -26.83
C3' ADP AA . -43.12 20.96 -27.56
O3' ADP AA . -42.46 19.74 -27.88
C2' ADP AA . -44.05 21.35 -28.69
O2' ADP AA . -43.62 20.80 -29.93
C1' ADP AA . -45.36 20.73 -28.24
N9 ADP AA . -46.53 21.33 -28.94
C8 ADP AA . -46.83 22.63 -29.04
N7 ADP AA . -47.98 22.81 -29.75
C5 ADP AA . -48.42 21.59 -30.12
C6 ADP AA . -49.57 21.05 -30.89
N6 ADP AA . -50.51 21.84 -31.44
N1 ADP AA . -49.64 19.71 -31.04
C2 ADP AA . -48.71 18.89 -30.52
N3 ADP AA . -47.65 19.31 -29.81
C4 ADP AA . -47.45 20.62 -29.59
O3A P3S BA . -42.69 20.66 -17.66
PA P3S BA . -42.66 19.27 -18.25
O1A P3S BA . -41.32 19.10 -18.92
O2A P3S BA . -43.77 19.20 -19.26
NE P3S BA . -42.84 18.05 -17.06
SD P3S BA . -42.22 18.28 -15.67
OE P3S BA . -43.40 19.16 -15.68
CE P3S BA . -41.60 19.66 -14.65
CG P3S BA . -41.74 16.69 -14.91
CB P3S BA . -42.75 15.59 -15.31
CA P3S BA . -42.12 14.23 -14.98
N P3S BA . -40.66 14.33 -14.96
C P3S BA . -42.54 13.19 -16.02
OT P3S BA . -43.21 13.57 -17.02
O P3S BA . -42.21 11.98 -15.87
PB ADP CA . 47.71 10.93 -22.63
O1B ADP CA . 49.16 10.51 -22.83
O2B ADP CA . 47.54 11.62 -21.32
O3B ADP CA . 46.70 9.83 -22.92
PA ADP CA . 45.84 12.67 -23.90
O1A ADP CA . 45.41 12.48 -25.34
O2A ADP CA . 44.93 12.17 -22.81
O3A ADP CA . 47.34 12.08 -23.70
O5' ADP CA . 46.02 14.24 -23.64
C5' ADP CA . 46.52 15.14 -24.65
C4' ADP CA . 47.03 16.41 -23.97
O4' ADP CA . 48.43 16.63 -24.17
C3' ADP CA . 46.34 17.65 -24.53
O3' ADP CA . 45.29 18.09 -23.66
C2' ADP CA . 47.44 18.70 -24.63
O2' ADP CA . 47.06 19.85 -23.87
C1' ADP CA . 48.68 18.04 -24.07
N9 ADP CA . 49.89 18.47 -24.83
C8 ADP CA . 50.33 17.98 -26.00
N7 ADP CA . 51.45 18.59 -26.43
C5 ADP CA . 51.77 19.53 -25.52
C6 ADP CA . 52.85 20.53 -25.35
N6 ADP CA . 53.82 20.65 -26.28
N1 ADP CA . 52.82 21.31 -24.25
C2 ADP CA . 51.85 21.19 -23.33
N3 ADP CA . 50.84 20.31 -23.40
C4 ADP CA . 50.74 19.45 -24.46
O3A P3S DA . 45.03 8.21 -21.26
PA P3S DA . 45.07 9.36 -20.25
O1A P3S DA . 46.51 9.72 -20.03
O2A P3S DA . 44.30 10.53 -20.79
NE P3S DA . 44.37 8.91 -18.75
SD P3S DA . 44.34 7.42 -18.30
OE P3S DA . 45.71 7.54 -18.79
CE P3S DA . 44.54 5.78 -19.06
CG P3S DA . 43.46 7.26 -16.70
CB P3S DA . 44.32 7.76 -15.52
CA P3S DA . 43.88 6.99 -14.26
N P3S DA . 42.60 6.33 -14.49
C P3S DA . 43.74 7.93 -13.06
OT P3S DA . 43.52 7.46 -11.90
O P3S DA . 43.84 9.19 -13.21
PB ADP EA . 20.12 -17.71 -46.89
O1B ADP EA . 21.29 -18.53 -46.40
O2B ADP EA . 19.09 -17.39 -45.83
O3B ADP EA . 19.52 -18.20 -48.19
PA ADP EA . 20.01 -14.87 -47.08
O1A ADP EA . 19.66 -14.66 -45.64
O2A ADP EA . 18.92 -14.78 -48.13
O3A ADP EA . 20.76 -16.28 -47.26
O5' ADP EA . 21.22 -13.88 -47.48
C5' ADP EA . 22.11 -14.33 -48.50
C4' ADP EA . 23.53 -13.82 -48.28
O4' ADP EA . 24.45 -14.43 -49.20
C3' ADP EA . 23.61 -12.32 -48.52
O3' ADP EA . 24.24 -11.72 -47.40
C2' ADP EA . 24.50 -12.17 -49.74
O2' ADP EA . 25.31 -11.00 -49.65
C1' ADP EA . 25.34 -13.43 -49.69
N9 ADP EA . 25.89 -13.77 -51.03
C8 ADP EA . 25.20 -13.85 -52.18
N7 ADP EA . 26.01 -14.17 -53.22
C5 ADP EA . 27.25 -14.30 -52.75
C6 ADP EA . 28.60 -14.61 -53.31
N6 ADP EA . 28.79 -14.88 -54.62
N1 ADP EA . 29.64 -14.64 -52.45
C2 ADP EA . 29.50 -14.38 -51.14
N3 ADP EA . 28.31 -14.08 -50.57
C4 ADP EA . 27.18 -14.02 -51.31
O3A P3S FA . 17.87 -18.28 -43.21
PA P3S FA . 19.30 -18.16 -42.75
O1A P3S FA . 20.19 -18.87 -43.74
O2A P3S FA . 19.63 -16.68 -42.73
NE P3S FA . 19.54 -18.85 -41.20
SD P3S FA . 18.42 -19.70 -40.55
OE P3S FA . 18.64 -20.46 -41.78
CE P3S FA . 16.67 -20.12 -40.93
CG P3S FA . 18.70 -19.83 -38.73
CB P3S FA . 19.88 -20.76 -38.36
CA P3S FA . 20.14 -20.67 -36.84
N P3S FA . 19.48 -19.49 -36.26
C P3S FA . 21.65 -20.63 -36.59
OT P3S FA . 22.11 -20.55 -35.41
O P3S FA . 22.44 -20.69 -37.58
PB ADP GA . 40.46 -33.88 11.73
O1B ADP GA . 41.94 -34.17 11.60
O2B ADP GA . 39.68 -34.33 10.53
O3B ADP GA . 40.14 -32.49 12.22
PA ADP GA . 38.32 -34.88 13.27
O1A ADP GA . 38.18 -34.86 14.78
O2A ADP GA . 37.57 -33.87 12.46
O3A ADP GA . 39.89 -34.87 12.87
O5' ADP GA . 37.89 -36.35 12.77
C5' ADP GA . 37.46 -37.36 13.68
C4' ADP GA . 37.09 -38.64 12.94
O4' ADP GA . 38.22 -39.49 12.70
C3' ADP GA . 36.11 -39.46 13.77
O3' ADP GA . 34.80 -39.35 13.21
C2' ADP GA . 36.61 -40.88 13.71
O2' ADP GA . 35.57 -41.74 13.23
C1' ADP GA . 37.78 -40.85 12.74
N9 ADP GA . 38.85 -41.78 13.20
C8 ADP GA . 39.57 -41.65 14.34
N7 ADP GA . 40.47 -42.66 14.48
C5 ADP GA . 40.33 -43.47 13.42
C6 ADP GA . 40.98 -44.72 12.95
N6 ADP GA . 41.96 -45.30 13.68
N1 ADP GA . 40.55 -45.25 11.79
C2 ADP GA . 39.57 -44.67 11.07
N3 ADP GA . 38.94 -43.53 11.43
C4 ADP GA . 39.27 -42.89 12.58
O3A P3S HA . 37.52 -31.49 10.69
PA P3S HA . 38.44 -31.10 9.56
O1A P3S HA . 39.44 -30.09 10.07
O2A P3S HA . 39.20 -32.31 9.10
NE P3S HA . 37.59 -30.38 8.25
SD P3S HA . 38.32 -29.33 7.36
OE P3S HA . 39.16 -30.53 7.28
CE P3S HA . 39.99 -28.71 6.97
CG P3S HA . 37.16 -28.41 6.29
CB P3S HA . 37.06 -29.23 4.98
CA P3S HA . 36.93 -28.28 3.79
N P3S HA . 35.85 -27.32 4.02
C P3S HA . 36.69 -29.08 2.52
OT P3S HA . 36.70 -30.35 2.57
O P3S HA . 36.48 -28.49 1.42
PB ADP IA . 36.60 3.01 39.60
O1B ADP IA . 37.86 3.22 38.81
O2B ADP IA . 35.32 3.17 38.82
O3B ADP IA . 36.58 3.71 40.94
PA ADP IA . 35.47 0.39 39.93
O1A ADP IA . 34.76 0.42 41.27
O2A ADP IA . 34.67 0.56 38.66
O3A ADP IA . 36.69 1.44 39.96
O5' ADP IA . 36.34 -0.97 39.87
C5' ADP IA . 37.53 -1.02 40.65
C4' ADP IA . 38.51 -2.07 40.14
O4' ADP IA . 39.79 -1.96 40.77
C3' ADP IA . 38.00 -3.48 40.45
O3' ADP IA . 37.65 -4.16 39.24
C2' ADP IA . 39.16 -4.19 41.12
O2' ADP IA . 39.38 -5.48 40.54
C1' ADP IA . 40.36 -3.27 40.90
N9 ADP IA . 41.31 -3.42 42.04
C8 ADP IA . 41.00 -3.20 43.34
N7 ADP IA . 42.07 -3.44 44.14
C5 ADP IA . 43.09 -3.84 43.36
C6 ADP IA . 44.49 -4.27 43.58
N6 ADP IA . 45.04 -4.30 44.81
N1 ADP IA . 45.21 -4.61 42.49
C2 ADP IA . 44.69 -4.58 41.25
N3 ADP IA . 43.42 -4.20 40.99
C4 ADP IA . 42.57 -3.84 41.98
O3A P3S JA . 34.15 4.26 36.37
PA P3S JA . 35.39 3.84 35.64
O1A P3S JA . 36.61 3.98 36.53
O2A P3S JA . 35.24 2.41 35.17
NE P3S JA . 35.65 4.78 34.24
SD P3S JA . 34.85 6.07 34.01
OE P3S JA . 35.51 6.33 35.30
CE P3S JA . 33.51 7.03 34.78
CG P3S JA . 35.06 6.52 32.24
CB P3S JA . 36.21 5.68 31.64
CA P3S JA . 36.32 6.03 30.16
N P3S JA . 35.02 5.99 29.53
C P3S JA . 37.28 5.07 29.45
OT P3S JA . 37.33 5.07 28.19
O P3S JA . 38.03 4.31 30.12
#